data_7CGB
#
_entry.id   7CGB
#
_cell.length_a   1.00
_cell.length_b   1.00
_cell.length_c   1.00
_cell.angle_alpha   90.00
_cell.angle_beta   90.00
_cell.angle_gamma   90.00
#
_symmetry.space_group_name_H-M   'P 1'
#
_entity_poly.entity_id   1
_entity_poly.type   'polypeptide(L)'
_entity_poly.pdbx_seq_one_letter_code
;MSFSQAVSGLNAAATNLDVIGNNIANSATYGFKSGTASFADMFAGSKVGLGVKVAGITQDFTDGTTTNTGRGLDVAISQN
GFFRLVDSNGSVFYSRNGQFKLDENRNLVNMQGMQLTGYPATGTPPTIQQGANPAPITIPNTLMAAKSTTTASMQINLNS
TDPVPSKTPFSVSDADSYNKKGTVTVYDSQGNAHDMNVYFVKTKDNEWAVYTHDSSDPAATAPTTASTTLKFNENGILES
GGTVNITTGTINGATAATFSLSFLNSMQQNTGANNIVATNQNGYKPGDLVSYQINNDGTVVGNYSNEQEQVLGQIVLANF
ANNEGLASQGDNVWAATQASGVALLGTAGSGNFGKLTNGALEASNVDLSKELVNMIVAQRNYQSNAQTIKTQDQILNTLV
NLR
;
_entity_poly.pdbx_strand_id   DL,DM,DN,DO,DP,DQ,DR,DS,DT,DU,DV,DW,DX,DY,DZ,EA,EB,EC,ED,EE,EF,EG
#
# COMPACT_ATOMS: atom_id res chain seq x y z
N SER A 2 34.60 -80.05 50.34
CA SER A 2 35.48 -79.03 50.95
C SER A 2 35.14 -77.67 50.36
N PHE A 3 36.00 -76.69 50.58
CA PHE A 3 35.81 -75.35 50.01
C PHE A 3 36.64 -75.25 48.74
N SER A 4 37.16 -76.35 48.20
CA SER A 4 37.92 -76.20 46.95
C SER A 4 36.97 -75.71 45.88
N GLN A 5 35.83 -76.38 45.76
CA GLN A 5 34.84 -75.93 44.76
C GLN A 5 34.47 -74.56 45.21
N ALA A 6 34.62 -74.26 46.53
CA ALA A 6 34.17 -72.88 46.72
C ALA A 6 35.27 -71.89 46.38
N VAL A 7 36.47 -72.10 46.91
CA VAL A 7 37.55 -71.14 46.69
C VAL A 7 37.99 -71.14 45.23
N SER A 8 37.98 -72.31 44.58
CA SER A 8 38.31 -72.37 43.17
C SER A 8 37.31 -71.57 42.34
N GLY A 9 36.02 -71.74 42.63
CA GLY A 9 35.01 -70.96 41.93
C GLY A 9 35.15 -69.47 42.22
N LEU A 10 35.54 -69.13 43.46
CA LEU A 10 35.75 -67.74 43.81
C LEU A 10 36.86 -67.13 42.96
N ASN A 11 37.99 -67.83 42.86
CA ASN A 11 39.09 -67.32 42.06
C ASN A 11 38.70 -67.20 40.59
N ALA A 12 38.01 -68.20 40.05
CA ALA A 12 37.62 -68.16 38.66
C ALA A 12 36.67 -66.99 38.37
N ALA A 13 35.66 -66.80 39.23
CA ALA A 13 34.72 -65.70 39.03
C ALA A 13 35.41 -64.36 39.21
N ALA A 14 36.33 -64.26 40.17
CA ALA A 14 37.06 -63.01 40.37
C ALA A 14 37.89 -62.66 39.14
N THR A 15 38.57 -63.65 38.57
CA THR A 15 39.37 -63.40 37.37
C THR A 15 38.49 -63.03 36.18
N ASN A 16 37.32 -63.67 36.05
CA ASN A 16 36.42 -63.32 34.96
C ASN A 16 35.89 -61.89 35.14
N LEU A 17 35.56 -61.52 36.38
CA LEU A 17 35.16 -60.15 36.66
C LEU A 17 36.29 -59.19 36.31
N ASP A 18 37.53 -59.57 36.62
CA ASP A 18 38.69 -58.75 36.30
C ASP A 18 38.83 -58.55 34.80
N VAL A 19 38.68 -59.61 34.01
CA VAL A 19 38.87 -59.45 32.57
C VAL A 19 37.74 -58.61 31.98
N ILE A 20 36.51 -58.79 32.47
CA ILE A 20 35.42 -57.92 32.01
C ILE A 20 35.73 -56.46 32.33
N GLY A 21 36.16 -56.20 33.55
CA GLY A 21 36.46 -54.82 33.94
C GLY A 21 37.57 -54.22 33.10
N ASN A 22 38.62 -55.00 32.82
CA ASN A 22 39.69 -54.49 31.96
C ASN A 22 39.20 -54.20 30.55
N ASN A 23 38.42 -55.12 29.98
CA ASN A 23 37.91 -54.91 28.62
C ASN A 23 37.10 -53.62 28.54
N ILE A 24 36.28 -53.35 29.55
CA ILE A 24 35.39 -52.20 29.43
C ILE A 24 36.04 -50.94 29.99
N ALA A 25 37.14 -51.08 30.73
CA ALA A 25 37.93 -49.92 31.10
C ALA A 25 38.74 -49.42 29.90
N ASN A 26 39.27 -50.35 29.12
CA ASN A 26 40.02 -50.01 27.91
C ASN A 26 39.12 -49.68 26.72
N SER A 27 37.83 -49.41 26.93
CA SER A 27 36.89 -49.21 25.83
C SER A 27 37.17 -47.96 25.02
N ALA A 28 38.04 -47.07 25.48
CA ALA A 28 38.40 -45.88 24.72
C ALA A 28 39.72 -46.03 23.98
N THR A 29 40.38 -47.18 24.10
CA THR A 29 41.65 -47.39 23.43
C THR A 29 41.46 -47.51 21.92
N TYR A 30 42.41 -46.96 21.17
CA TYR A 30 42.36 -46.98 19.71
C TYR A 30 42.74 -48.33 19.12
N GLY A 31 43.26 -49.25 19.92
CA GLY A 31 43.72 -50.52 19.37
C GLY A 31 43.46 -51.72 20.25
N PHE A 32 42.53 -51.60 21.20
CA PHE A 32 42.28 -52.71 22.10
C PHE A 32 41.46 -53.79 21.41
N LYS A 33 41.51 -54.99 22.00
CA LYS A 33 40.70 -56.12 21.57
C LYS A 33 40.09 -56.77 22.80
N SER A 34 39.01 -57.53 22.57
CA SER A 34 38.29 -58.15 23.67
C SER A 34 39.12 -59.25 24.31
N GLY A 35 38.56 -59.86 25.35
CA GLY A 35 39.22 -60.96 26.03
C GLY A 35 38.23 -61.74 26.85
N THR A 36 38.45 -63.05 26.97
CA THR A 36 37.55 -63.91 27.78
C THR A 36 38.35 -65.06 28.37
N ALA A 37 38.44 -65.14 29.70
CA ALA A 37 39.24 -66.26 30.28
C ALA A 37 38.57 -67.57 29.86
N SER A 38 39.36 -68.54 29.41
CA SER A 38 38.74 -69.79 28.90
C SER A 38 37.99 -70.61 29.97
N PHE A 39 38.63 -70.84 31.12
CA PHE A 39 38.15 -71.64 32.30
C PHE A 39 37.91 -73.12 31.97
N ALA A 40 38.80 -73.98 32.46
CA ALA A 40 38.69 -75.43 32.20
C ALA A 40 38.57 -76.17 33.52
N ASP A 41 37.43 -76.83 33.73
CA ASP A 41 37.15 -77.56 34.98
C ASP A 41 38.11 -78.74 35.09
N MET A 42 38.56 -79.10 36.29
CA MET A 42 39.49 -80.25 36.37
C MET A 42 39.04 -81.25 37.43
N PHE A 43 39.44 -82.51 37.26
CA PHE A 43 39.09 -83.63 38.18
C PHE A 43 40.35 -84.38 38.65
N ALA A 44 40.14 -85.54 39.23
CA ALA A 44 41.26 -86.33 39.72
C ALA A 44 40.74 -87.76 39.86
N GLY A 45 41.09 -88.43 40.96
CA GLY A 45 40.65 -89.82 41.17
C GLY A 45 39.13 -89.93 41.31
N SER A 46 38.48 -88.91 41.86
CA SER A 46 37.01 -88.96 42.02
C SER A 46 36.37 -88.61 40.69
N LYS A 47 35.05 -88.78 40.63
CA LYS A 47 34.33 -88.37 39.41
C LYS A 47 33.70 -87.00 39.68
N VAL A 48 33.97 -86.42 40.85
CA VAL A 48 33.32 -85.12 41.23
C VAL A 48 34.08 -83.93 40.65
N GLY A 49 33.35 -82.86 40.31
CA GLY A 49 33.92 -81.63 39.77
C GLY A 49 34.88 -81.03 40.76
N LEU A 50 36.02 -80.53 40.31
CA LEU A 50 36.99 -79.96 41.29
C LEU A 50 37.13 -78.47 41.10
N GLY A 51 36.16 -77.83 40.45
CA GLY A 51 36.21 -76.36 40.36
C GLY A 51 36.97 -75.84 39.17
N VAL A 52 36.41 -74.86 38.51
CA VAL A 52 37.05 -74.27 37.30
C VAL A 52 38.43 -73.72 37.65
N LYS A 53 39.44 -74.03 36.84
CA LYS A 53 40.80 -73.45 36.96
C LYS A 53 41.02 -72.66 35.66
N VAL A 54 41.06 -71.32 35.71
CA VAL A 54 41.13 -70.59 34.41
C VAL A 54 42.46 -70.97 33.75
N ALA A 55 42.39 -71.61 32.58
CA ALA A 55 43.60 -72.03 31.85
C ALA A 55 44.37 -70.80 31.39
N GLY A 56 43.65 -69.83 30.82
CA GLY A 56 44.30 -68.59 30.37
C GLY A 56 43.27 -67.55 30.04
N ILE A 57 43.67 -66.28 29.97
CA ILE A 57 42.72 -65.22 29.56
C ILE A 57 42.87 -65.15 28.05
N THR A 58 42.06 -65.90 27.29
CA THR A 58 42.35 -65.81 25.87
C THR A 58 41.96 -64.45 25.33
N GLN A 59 42.73 -63.97 24.36
CA GLN A 59 42.47 -62.70 23.70
C GLN A 59 41.66 -62.95 22.42
N ASP A 60 41.54 -61.92 21.59
CA ASP A 60 40.86 -62.02 20.32
C ASP A 60 41.54 -61.08 19.34
N PHE A 61 41.27 -61.26 18.05
CA PHE A 61 41.89 -60.43 17.03
C PHE A 61 40.90 -59.95 15.98
N THR A 62 39.61 -59.88 16.32
CA THR A 62 38.64 -59.33 15.39
C THR A 62 38.90 -57.84 15.17
N ASP A 63 38.53 -57.37 13.99
CA ASP A 63 38.71 -55.97 13.65
C ASP A 63 37.65 -55.10 14.31
N GLY A 64 37.94 -53.80 14.38
CA GLY A 64 37.01 -52.84 14.94
C GLY A 64 36.63 -51.79 13.91
N THR A 65 35.77 -50.86 14.34
CA THR A 65 35.32 -49.79 13.47
C THR A 65 36.49 -48.94 13.00
N THR A 66 36.58 -48.74 11.69
CA THR A 66 37.64 -47.94 11.10
C THR A 66 37.19 -46.47 11.02
N THR A 67 37.00 -45.89 12.21
CA THR A 67 36.53 -44.52 12.30
C THR A 67 37.57 -43.55 11.76
N ASN A 68 37.10 -42.51 11.09
CA ASN A 68 38.00 -41.49 10.55
C ASN A 68 38.20 -40.38 11.57
N THR A 69 39.40 -39.78 11.55
CA THR A 69 39.73 -38.68 12.43
C THR A 69 40.12 -37.42 11.68
N GLY A 70 40.62 -37.55 10.45
CA GLY A 70 41.02 -36.40 9.66
C GLY A 70 42.48 -36.02 9.78
N ARG A 71 43.23 -36.66 10.67
CA ARG A 71 44.65 -36.37 10.82
C ARG A 71 45.41 -37.01 9.66
N GLY A 72 46.65 -36.56 9.45
CA GLY A 72 47.45 -37.06 8.35
C GLY A 72 48.34 -38.23 8.69
N LEU A 73 48.97 -38.20 9.87
CA LEU A 73 49.94 -39.22 10.27
C LEU A 73 49.26 -40.35 11.04
N ASP A 74 48.33 -41.03 10.36
CA ASP A 74 47.65 -42.17 10.95
C ASP A 74 47.11 -43.07 9.85
N VAL A 75 47.45 -44.36 9.92
CA VAL A 75 46.97 -45.35 8.96
C VAL A 75 46.60 -46.62 9.71
N ALA A 76 45.70 -47.40 9.11
CA ALA A 76 45.24 -48.64 9.71
C ALA A 76 45.08 -49.70 8.63
N ILE A 77 45.53 -50.92 8.92
CA ILE A 77 45.45 -51.99 7.92
C ILE A 77 44.02 -52.52 7.89
N SER A 78 43.42 -52.57 6.70
CA SER A 78 42.01 -52.93 6.58
C SER A 78 41.75 -54.40 6.92
N GLN A 79 42.76 -55.25 6.81
CA GLN A 79 42.63 -56.68 7.05
C GLN A 79 43.61 -57.12 8.12
N ASN A 80 43.87 -58.42 8.18
CA ASN A 80 44.92 -58.92 9.06
C ASN A 80 46.27 -58.33 8.66
N GLY A 81 47.10 -58.08 9.67
CA GLY A 81 48.39 -57.46 9.46
C GLY A 81 48.62 -56.39 10.50
N PHE A 82 49.87 -56.25 10.93
CA PHE A 82 50.23 -55.36 12.03
C PHE A 82 51.27 -54.34 11.56
N PHE A 83 51.69 -53.51 12.51
CA PHE A 83 52.84 -52.61 12.36
C PHE A 83 53.98 -53.12 13.23
N ARG A 84 55.20 -52.96 12.73
CA ARG A 84 56.39 -53.48 13.39
C ARG A 84 57.19 -52.32 13.98
N LEU A 85 57.56 -52.47 15.26
CA LEU A 85 58.23 -51.43 16.02
C LEU A 85 59.49 -52.00 16.66
N VAL A 86 60.47 -51.13 16.89
CA VAL A 86 61.68 -51.52 17.61
C VAL A 86 61.98 -50.44 18.64
N ASP A 87 62.31 -50.87 19.85
CA ASP A 87 62.62 -49.95 20.93
C ASP A 87 64.13 -49.64 20.91
N SER A 88 64.57 -48.82 21.85
CA SER A 88 65.98 -48.46 21.92
C SER A 88 66.83 -49.65 22.36
N ASN A 89 66.32 -50.49 23.25
CA ASN A 89 67.08 -51.65 23.71
C ASN A 89 67.31 -52.65 22.59
N GLY A 90 66.39 -52.73 21.62
CA GLY A 90 66.60 -53.59 20.48
C GLY A 90 65.48 -54.59 20.21
N SER A 91 64.60 -54.80 21.18
CA SER A 91 63.54 -55.79 21.01
C SER A 91 62.55 -55.34 19.94
N VAL A 92 61.83 -56.32 19.40
CA VAL A 92 60.88 -56.10 18.32
C VAL A 92 59.46 -56.30 18.86
N PHE A 93 58.54 -55.46 18.40
CA PHE A 93 57.15 -55.51 18.83
C PHE A 93 56.26 -55.28 17.61
N TYR A 94 54.97 -55.57 17.77
CA TYR A 94 53.99 -55.36 16.71
C TYR A 94 52.67 -54.92 17.32
N SER A 95 51.97 -54.04 16.62
CA SER A 95 50.67 -53.55 17.11
C SER A 95 49.94 -52.77 16.02
N ARG A 96 48.75 -52.29 16.38
CA ARG A 96 47.82 -51.66 15.46
C ARG A 96 47.56 -50.19 15.76
N ASN A 97 48.32 -49.57 16.68
CA ASN A 97 48.13 -48.15 16.92
C ASN A 97 48.49 -47.35 15.68
N GLY A 98 47.49 -46.73 15.08
CA GLY A 98 47.68 -46.02 13.83
C GLY A 98 48.42 -44.71 14.00
N GLN A 99 48.48 -44.20 15.22
CA GLN A 99 49.14 -42.93 15.48
C GLN A 99 50.64 -43.05 15.23
N PHE A 100 51.23 -41.99 14.67
CA PHE A 100 52.65 -41.98 14.35
C PHE A 100 53.15 -40.54 14.40
N LYS A 101 54.04 -40.25 15.34
CA LYS A 101 54.66 -38.94 15.45
C LYS A 101 56.16 -39.05 15.22
N LEU A 102 56.81 -37.90 15.12
CA LEU A 102 58.24 -37.81 14.83
C LEU A 102 58.96 -37.24 16.04
N ASP A 103 60.02 -37.94 16.48
CA ASP A 103 60.77 -37.53 17.65
C ASP A 103 61.82 -36.49 17.26
N GLU A 104 62.77 -36.24 18.18
CA GLU A 104 63.86 -35.30 17.93
C GLU A 104 64.60 -35.61 16.64
N ASN A 105 64.87 -36.89 16.38
CA ASN A 105 65.64 -37.30 15.21
C ASN A 105 64.75 -37.65 14.02
N ARG A 106 63.50 -37.18 14.02
CA ARG A 106 62.57 -37.38 12.91
C ARG A 106 62.39 -38.85 12.60
N ASN A 107 61.83 -39.58 13.58
CA ASN A 107 61.58 -41.00 13.44
C ASN A 107 60.09 -41.25 13.64
N LEU A 108 59.49 -42.05 12.75
CA LEU A 108 58.10 -42.43 12.91
C LEU A 108 57.93 -43.20 14.22
N VAL A 109 57.23 -42.58 15.17
CA VAL A 109 57.19 -43.06 16.55
C VAL A 109 55.79 -42.81 17.10
N ASN A 110 55.32 -43.73 17.94
CA ASN A 110 54.04 -43.58 18.62
C ASN A 110 54.23 -42.81 19.93
N MET A 111 53.21 -42.84 20.79
CA MET A 111 53.28 -42.17 22.09
C MET A 111 54.43 -42.66 22.96
N GLN A 112 54.59 -43.97 23.10
CA GLN A 112 55.52 -44.51 24.08
C GLN A 112 56.96 -44.53 23.61
N GLY A 113 57.30 -43.77 22.57
CA GLY A 113 58.69 -43.69 22.13
C GLY A 113 59.18 -44.87 21.35
N MET A 114 58.31 -45.60 20.68
CA MET A 114 58.67 -46.80 19.93
C MET A 114 58.86 -46.44 18.46
N GLN A 115 60.04 -46.71 17.93
CA GLN A 115 60.32 -46.38 16.54
C GLN A 115 59.63 -47.36 15.60
N LEU A 116 59.48 -46.93 14.34
CA LEU A 116 58.81 -47.71 13.31
C LEU A 116 59.82 -48.22 12.30
N THR A 117 59.83 -49.53 12.08
CA THR A 117 60.71 -50.14 11.10
C THR A 117 60.04 -50.10 9.72
N GLY A 118 60.81 -50.38 8.68
CA GLY A 118 60.28 -50.33 7.33
C GLY A 118 61.37 -50.56 6.31
N TYR A 119 60.94 -50.75 5.06
CA TYR A 119 61.90 -51.02 4.01
C TYR A 119 62.68 -49.77 3.67
N PRO A 120 64.01 -49.78 3.77
CA PRO A 120 64.80 -48.60 3.42
C PRO A 120 64.78 -48.34 1.93
N ALA A 121 65.16 -47.13 1.55
CA ALA A 121 65.22 -46.71 0.16
C ALA A 121 66.66 -46.32 -0.17
N THR A 122 67.21 -46.95 -1.21
CA THR A 122 68.57 -46.67 -1.66
C THR A 122 68.57 -46.48 -3.17
N GLY A 123 69.53 -45.71 -3.64
CA GLY A 123 69.71 -45.45 -5.06
C GLY A 123 69.46 -44.00 -5.42
N THR A 124 69.61 -43.72 -6.71
CA THR A 124 69.39 -42.37 -7.24
C THR A 124 68.67 -42.52 -8.58
N PRO A 125 67.33 -42.38 -8.60
CA PRO A 125 66.47 -42.11 -7.45
C PRO A 125 66.32 -43.30 -6.50
N PRO A 126 66.12 -43.04 -5.21
CA PRO A 126 65.99 -44.13 -4.25
C PRO A 126 64.82 -45.04 -4.57
N THR A 127 65.01 -46.33 -4.30
CA THR A 127 64.01 -47.35 -4.58
C THR A 127 63.90 -48.26 -3.36
N ILE A 128 62.74 -48.88 -3.20
CA ILE A 128 62.47 -49.73 -2.04
C ILE A 128 63.19 -51.06 -2.22
N GLN A 129 63.96 -51.45 -1.21
CA GLN A 129 64.62 -52.75 -1.19
C GLN A 129 63.70 -53.77 -0.50
N GLN A 130 62.94 -54.48 -1.35
CA GLN A 130 61.94 -55.42 -0.87
C GLN A 130 62.56 -56.60 -0.13
N GLY A 131 63.81 -56.92 -0.44
CA GLY A 131 64.46 -58.05 0.18
C GLY A 131 65.36 -57.70 1.35
N ALA A 132 65.70 -56.43 1.50
CA ALA A 132 66.59 -56.00 2.56
C ALA A 132 65.87 -56.04 3.90
N ASN A 133 66.64 -56.31 4.96
CA ASN A 133 66.02 -56.41 6.32
C ASN A 133 65.55 -54.99 6.64
N PRO A 134 64.25 -54.66 7.31
CA PRO A 134 63.53 -53.42 7.63
C PRO A 134 64.41 -52.51 8.48
N ALA A 135 64.27 -51.20 8.27
CA ALA A 135 65.02 -50.21 9.00
C ALA A 135 64.11 -49.13 9.56
N PRO A 136 64.50 -48.48 10.65
CA PRO A 136 63.69 -47.38 11.19
C PRO A 136 63.62 -46.23 10.19
N ILE A 137 62.39 -45.84 9.85
CA ILE A 137 62.20 -44.73 8.92
C ILE A 137 62.63 -43.44 9.58
N THR A 138 63.49 -42.69 8.90
CA THR A 138 63.95 -41.39 9.39
C THR A 138 63.75 -40.40 8.25
N ILE A 139 62.68 -39.62 8.32
CA ILE A 139 62.40 -38.63 7.29
C ILE A 139 63.47 -37.54 7.39
N PRO A 140 64.24 -37.32 6.33
CA PRO A 140 65.33 -36.35 6.40
C PRO A 140 64.88 -34.97 5.97
N ASN A 141 65.64 -33.97 6.43
CA ASN A 141 65.49 -32.58 6.00
C ASN A 141 66.58 -32.20 4.99
N THR A 142 67.26 -33.19 4.43
CA THR A 142 68.36 -32.93 3.52
C THR A 142 67.85 -32.38 2.20
N LEU A 143 68.79 -31.91 1.37
CA LEU A 143 68.48 -31.37 0.05
C LEU A 143 68.88 -32.41 -0.99
N MET A 144 67.95 -32.74 -1.87
CA MET A 144 68.18 -33.79 -2.86
C MET A 144 69.22 -33.34 -3.88
N ALA A 145 69.81 -34.32 -4.55
CA ALA A 145 70.90 -34.06 -5.47
C ALA A 145 70.37 -33.65 -6.85
N ALA A 146 71.13 -32.78 -7.51
CA ALA A 146 70.79 -32.33 -8.85
C ALA A 146 71.15 -33.39 -9.88
N LYS A 147 70.48 -33.33 -11.03
CA LYS A 147 70.71 -34.27 -12.12
C LYS A 147 70.59 -33.54 -13.45
N SER A 148 71.54 -33.81 -14.34
CA SER A 148 71.57 -33.14 -15.63
C SER A 148 70.43 -33.62 -16.53
N THR A 149 70.11 -32.79 -17.51
CA THR A 149 69.11 -33.16 -18.51
C THR A 149 69.73 -34.13 -19.52
N THR A 150 69.08 -35.27 -19.71
CA THR A 150 69.59 -36.31 -20.59
C THR A 150 68.68 -36.61 -21.77
N THR A 151 67.37 -36.69 -21.55
CA THR A 151 66.42 -37.03 -22.60
C THR A 151 65.37 -35.92 -22.68
N ALA A 152 65.42 -35.13 -23.74
CA ALA A 152 64.44 -34.07 -23.98
C ALA A 152 63.49 -34.52 -25.09
N SER A 153 62.20 -34.25 -24.90
CA SER A 153 61.17 -34.63 -25.86
C SER A 153 60.40 -33.40 -26.27
N MET A 154 60.28 -33.19 -27.58
CA MET A 154 59.55 -32.06 -28.17
C MET A 154 58.62 -32.58 -29.24
N GLN A 155 57.38 -32.10 -29.24
CA GLN A 155 56.41 -32.43 -30.27
C GLN A 155 55.98 -31.15 -30.97
N ILE A 156 56.26 -31.06 -32.27
CA ILE A 156 55.95 -29.88 -33.06
C ILE A 156 55.15 -30.32 -34.29
N ASN A 157 54.12 -29.54 -34.64
CA ASN A 157 53.29 -29.81 -35.81
C ASN A 157 53.60 -28.75 -36.86
N LEU A 158 54.29 -29.16 -37.92
CA LEU A 158 54.76 -28.23 -38.94
C LEU A 158 53.71 -28.08 -40.04
N ASN A 159 53.69 -26.91 -40.67
CA ASN A 159 52.70 -26.57 -41.67
C ASN A 159 53.29 -26.72 -43.07
N SER A 160 52.48 -27.26 -43.99
CA SER A 160 52.96 -27.52 -45.34
C SER A 160 53.29 -26.23 -46.08
N THR A 161 52.47 -25.20 -45.93
CA THR A 161 52.61 -23.96 -46.68
C THR A 161 53.68 -23.02 -46.10
N ASP A 162 54.59 -23.53 -45.27
CA ASP A 162 55.66 -22.69 -44.76
C ASP A 162 56.52 -22.18 -45.91
N PRO A 163 56.89 -20.91 -45.88
CA PRO A 163 57.75 -20.35 -46.93
C PRO A 163 59.21 -20.76 -46.73
N VAL A 164 60.04 -20.32 -47.67
CA VAL A 164 61.48 -20.54 -47.60
C VAL A 164 62.11 -19.31 -46.98
N PRO A 165 63.07 -19.45 -46.06
CA PRO A 165 63.73 -18.26 -45.51
C PRO A 165 64.40 -17.44 -46.60
N SER A 166 64.24 -16.12 -46.51
CA SER A 166 64.75 -15.23 -47.53
C SER A 166 66.25 -15.00 -47.42
N LYS A 167 66.76 -14.83 -46.20
CA LYS A 167 68.20 -14.63 -46.00
C LYS A 167 68.90 -15.99 -45.95
N THR A 168 69.72 -16.28 -46.95
CA THR A 168 70.40 -17.57 -47.04
C THR A 168 71.32 -17.84 -45.84
N PRO A 169 72.12 -16.89 -45.35
CA PRO A 169 72.87 -17.17 -44.11
C PRO A 169 71.93 -17.19 -42.92
N PHE A 170 72.32 -17.97 -41.91
CA PHE A 170 71.48 -18.21 -40.75
C PHE A 170 72.07 -17.57 -39.50
N SER A 171 71.20 -16.95 -38.71
CA SER A 171 71.55 -16.46 -37.38
C SER A 171 70.32 -16.57 -36.51
N VAL A 172 70.39 -16.01 -35.30
CA VAL A 172 69.28 -16.05 -34.37
C VAL A 172 68.54 -14.72 -34.27
N SER A 173 69.22 -13.58 -34.41
CA SER A 173 68.54 -12.29 -34.40
C SER A 173 67.78 -12.05 -35.69
N ASP A 174 68.38 -12.42 -36.82
CA ASP A 174 67.74 -12.22 -38.13
C ASP A 174 66.52 -13.12 -38.25
N ALA A 175 65.34 -12.51 -38.34
CA ALA A 175 64.09 -13.27 -38.27
C ALA A 175 63.90 -14.15 -39.49
N ASP A 176 64.08 -13.59 -40.69
CA ASP A 176 63.80 -14.33 -41.92
C ASP A 176 64.88 -15.34 -42.27
N SER A 177 65.82 -15.62 -41.36
CA SER A 177 66.73 -16.74 -41.52
C SER A 177 66.12 -18.06 -41.08
N TYR A 178 65.02 -18.02 -40.33
CA TYR A 178 64.34 -19.22 -39.87
C TYR A 178 62.84 -19.09 -40.10
N ASN A 179 62.18 -20.24 -40.22
CA ASN A 179 60.74 -20.29 -40.42
C ASN A 179 59.96 -20.51 -39.14
N LYS A 180 60.51 -21.25 -38.18
CA LYS A 180 59.84 -21.46 -36.91
C LYS A 180 60.89 -21.54 -35.81
N LYS A 181 60.56 -20.99 -34.64
CA LYS A 181 61.48 -20.97 -33.52
C LYS A 181 60.80 -21.57 -32.29
N GLY A 182 61.51 -22.49 -31.62
CA GLY A 182 61.06 -23.03 -30.36
C GLY A 182 62.22 -23.04 -29.37
N THR A 183 61.89 -23.28 -28.11
CA THR A 183 62.92 -23.18 -27.09
C THR A 183 62.54 -24.03 -25.89
N VAL A 184 63.49 -24.82 -25.41
CA VAL A 184 63.31 -25.66 -24.23
C VAL A 184 64.24 -25.16 -23.13
N THR A 185 64.00 -25.66 -21.92
CA THR A 185 64.82 -25.35 -20.76
C THR A 185 65.44 -26.64 -20.22
N VAL A 186 66.77 -26.68 -20.17
CA VAL A 186 67.49 -27.84 -19.67
C VAL A 186 68.28 -27.42 -18.44
N TYR A 187 68.90 -28.41 -17.80
CA TYR A 187 69.69 -28.17 -16.59
C TYR A 187 70.95 -29.01 -16.60
N ASP A 188 72.02 -28.44 -16.06
CA ASP A 188 73.30 -29.14 -15.96
C ASP A 188 73.26 -30.17 -14.84
N SER A 189 74.42 -30.77 -14.59
CA SER A 189 74.53 -31.74 -13.50
C SER A 189 74.28 -31.09 -12.14
N GLN A 190 74.61 -29.80 -12.03
CA GLN A 190 74.40 -29.08 -10.77
C GLN A 190 73.06 -28.35 -10.72
N GLY A 191 72.22 -28.48 -11.73
CA GLY A 191 70.88 -27.92 -11.71
C GLY A 191 70.78 -26.50 -12.23
N ASN A 192 71.89 -25.88 -12.62
CA ASN A 192 71.82 -24.54 -13.19
C ASN A 192 71.01 -24.55 -14.49
N ALA A 193 70.25 -23.49 -14.69
CA ALA A 193 69.33 -23.40 -15.83
C ALA A 193 70.09 -23.12 -17.12
N HIS A 194 69.56 -23.65 -18.22
CA HIS A 194 70.07 -23.37 -19.54
C HIS A 194 68.90 -23.33 -20.51
N ASP A 195 69.04 -22.50 -21.54
CA ASP A 195 67.95 -22.23 -22.47
C ASP A 195 68.40 -22.66 -23.87
N MET A 196 67.71 -23.63 -24.45
CA MET A 196 68.12 -24.22 -25.72
C MET A 196 67.16 -23.77 -26.81
N ASN A 197 67.68 -23.09 -27.83
CA ASN A 197 66.88 -22.59 -28.93
C ASN A 197 67.02 -23.52 -30.13
N VAL A 198 65.89 -23.87 -30.73
CA VAL A 198 65.82 -24.76 -31.88
C VAL A 198 65.06 -24.05 -32.99
N TYR A 199 65.65 -24.03 -34.19
CA TYR A 199 65.07 -23.30 -35.32
C TYR A 199 64.83 -24.24 -36.48
N PHE A 200 63.62 -24.19 -37.03
CA PHE A 200 63.22 -25.01 -38.17
C PHE A 200 63.15 -24.11 -39.40
N VAL A 201 63.88 -24.49 -40.46
CA VAL A 201 63.79 -23.83 -41.75
C VAL A 201 63.37 -24.89 -42.77
N LYS A 202 62.75 -24.44 -43.85
CA LYS A 202 62.28 -25.33 -44.91
C LYS A 202 63.37 -25.37 -45.99
N THR A 203 64.08 -26.49 -46.12
CA THR A 203 65.05 -26.57 -47.21
C THR A 203 64.33 -26.57 -48.55
N LYS A 204 63.35 -27.46 -48.72
CA LYS A 204 62.32 -27.39 -49.74
C LYS A 204 61.19 -28.32 -49.31
N ASP A 205 60.33 -28.68 -50.25
CA ASP A 205 59.10 -29.40 -49.93
C ASP A 205 59.37 -30.64 -49.10
N ASN A 206 58.89 -30.62 -47.86
CA ASN A 206 58.80 -31.78 -46.98
C ASN A 206 60.15 -32.18 -46.36
N GLU A 207 61.12 -31.28 -46.27
CA GLU A 207 62.25 -31.54 -45.37
C GLU A 207 62.82 -30.23 -44.85
N TRP A 208 63.05 -30.20 -43.55
CA TRP A 208 63.42 -29.03 -42.79
C TRP A 208 64.84 -29.22 -42.27
N ALA A 209 65.53 -28.10 -42.09
CA ALA A 209 66.85 -28.04 -41.46
C ALA A 209 66.69 -27.40 -40.09
N VAL A 210 67.25 -28.04 -39.06
CA VAL A 210 67.07 -27.62 -37.68
C VAL A 210 68.43 -27.18 -37.15
N TYR A 211 68.49 -25.91 -36.77
CA TYR A 211 69.62 -25.34 -36.06
C TYR A 211 69.37 -25.39 -34.56
N THR A 212 70.46 -25.44 -33.78
CA THR A 212 70.35 -25.35 -32.34
C THR A 212 71.38 -24.37 -31.82
N HIS A 213 71.06 -23.73 -30.69
CA HIS A 213 71.99 -22.78 -30.08
C HIS A 213 71.68 -22.68 -28.59
N ASP A 214 72.71 -22.34 -27.81
CA ASP A 214 72.56 -22.09 -26.39
C ASP A 214 72.68 -20.58 -26.15
N SER A 215 71.55 -19.94 -25.86
CA SER A 215 71.55 -18.50 -25.58
C SER A 215 71.78 -18.18 -24.11
N SER A 216 71.39 -19.08 -23.20
CA SER A 216 71.68 -18.88 -21.79
C SER A 216 73.18 -18.84 -21.54
N ASP A 217 73.91 -19.75 -22.17
CA ASP A 217 75.36 -19.75 -22.12
C ASP A 217 75.90 -19.00 -23.34
N PRO A 218 76.32 -17.75 -23.20
CA PRO A 218 76.78 -16.98 -24.35
C PRO A 218 78.23 -17.19 -24.73
N ALA A 219 78.92 -18.16 -24.11
CA ALA A 219 80.30 -18.45 -24.48
C ALA A 219 80.41 -19.02 -25.88
N ALA A 220 79.39 -19.72 -26.36
CA ALA A 220 79.40 -20.24 -27.71
C ALA A 220 79.04 -19.14 -28.71
N THR A 221 79.17 -19.45 -30.00
CA THR A 221 78.88 -18.51 -31.06
C THR A 221 77.50 -18.81 -31.66
N ALA A 222 77.19 -18.10 -32.74
CA ALA A 222 75.93 -18.33 -33.43
C ALA A 222 75.92 -19.73 -34.04
N PRO A 223 74.73 -20.33 -34.19
CA PRO A 223 74.66 -21.67 -34.80
C PRO A 223 75.22 -21.66 -36.22
N THR A 224 76.33 -22.38 -36.39
CA THR A 224 77.02 -22.37 -37.68
C THR A 224 76.23 -23.15 -38.73
N THR A 225 75.89 -24.39 -38.43
CA THR A 225 75.19 -25.26 -39.36
C THR A 225 73.95 -25.85 -38.72
N ALA A 226 72.99 -26.22 -39.55
CA ALA A 226 71.77 -26.88 -39.07
C ALA A 226 72.15 -28.21 -38.45
N SER A 227 72.06 -28.30 -37.13
CA SER A 227 72.58 -29.45 -36.40
C SER A 227 71.82 -30.74 -36.71
N THR A 228 70.64 -30.67 -37.32
CA THR A 228 69.98 -31.90 -37.76
C THR A 228 68.99 -31.55 -38.87
N THR A 229 68.29 -32.56 -39.36
CA THR A 229 67.31 -32.36 -40.42
C THR A 229 66.14 -33.31 -40.19
N LEU A 230 65.00 -32.92 -40.73
CA LEU A 230 63.77 -33.69 -40.60
C LEU A 230 63.15 -33.90 -41.98
N LYS A 231 62.79 -35.13 -42.28
CA LYS A 231 62.12 -35.47 -43.52
C LYS A 231 60.72 -35.99 -43.20
N PHE A 232 59.73 -35.57 -43.99
CA PHE A 232 58.35 -35.97 -43.77
C PHE A 232 57.90 -36.93 -44.85
N ASN A 233 56.96 -37.80 -44.49
CA ASN A 233 56.38 -38.73 -45.44
C ASN A 233 55.64 -37.98 -46.53
N GLU A 234 55.39 -38.69 -47.64
CA GLU A 234 54.59 -38.12 -48.72
C GLU A 234 53.23 -37.66 -48.21
N ASN A 235 52.64 -38.43 -47.29
CA ASN A 235 51.45 -37.96 -46.59
C ASN A 235 51.77 -36.83 -45.63
N GLY A 236 52.91 -36.90 -44.94
CA GLY A 236 53.28 -35.88 -44.00
C GLY A 236 53.69 -36.41 -42.64
N ILE A 237 53.96 -37.72 -42.56
CA ILE A 237 54.41 -38.32 -41.32
C ILE A 237 55.93 -38.25 -41.22
N LEU A 238 56.44 -38.26 -39.99
CA LEU A 238 57.88 -38.24 -39.77
C LEU A 238 58.54 -39.45 -40.42
N GLU A 239 59.65 -39.22 -41.12
CA GLU A 239 60.40 -40.28 -41.77
C GLU A 239 61.64 -40.68 -40.98
N SER A 240 62.55 -39.75 -40.74
CA SER A 240 63.81 -40.07 -40.08
C SER A 240 64.53 -38.78 -39.72
N GLY A 241 65.58 -38.92 -38.91
CA GLY A 241 66.42 -37.79 -38.56
C GLY A 241 65.86 -36.87 -37.50
N GLY A 242 64.71 -37.22 -36.91
CA GLY A 242 64.10 -36.36 -35.92
C GLY A 242 64.79 -36.38 -34.57
N THR A 243 65.53 -37.44 -34.28
CA THR A 243 66.20 -37.61 -32.99
C THR A 243 67.69 -37.36 -33.16
N VAL A 244 68.25 -36.50 -32.31
CA VAL A 244 69.67 -36.16 -32.39
C VAL A 244 70.15 -35.78 -31.00
N ASN A 245 71.37 -36.22 -30.67
CA ASN A 245 71.99 -35.89 -29.39
C ASN A 245 72.90 -34.68 -29.55
N ILE A 246 72.83 -33.76 -28.60
CA ILE A 246 73.56 -32.50 -28.67
C ILE A 246 74.14 -32.19 -27.29
N THR A 247 75.36 -31.65 -27.28
CA THR A 247 76.05 -31.20 -26.09
C THR A 247 76.36 -29.71 -26.23
N THR A 248 76.12 -28.95 -25.17
CA THR A 248 76.27 -27.50 -25.18
C THR A 248 77.61 -27.09 -24.57
N GLY A 249 77.76 -25.80 -24.31
CA GLY A 249 78.92 -25.27 -23.61
C GLY A 249 78.81 -25.44 -22.11
N THR A 250 79.66 -24.72 -21.36
CA THR A 250 79.74 -24.91 -19.92
C THR A 250 79.70 -23.55 -19.21
N ILE A 251 79.24 -23.57 -17.97
CA ILE A 251 79.19 -22.38 -17.11
C ILE A 251 79.76 -22.74 -15.76
N ASN A 252 80.73 -21.96 -15.29
CA ASN A 252 81.30 -22.06 -13.95
C ASN A 252 81.74 -23.50 -13.65
N GLY A 253 82.52 -24.05 -14.56
CA GLY A 253 83.07 -25.39 -14.40
C GLY A 253 82.08 -26.52 -14.45
N ALA A 254 80.78 -26.24 -14.47
CA ALA A 254 79.78 -27.28 -14.58
C ALA A 254 79.81 -27.91 -15.97
N THR A 255 79.40 -29.18 -16.03
CA THR A 255 79.43 -29.91 -17.29
C THR A 255 78.38 -29.35 -18.25
N ALA A 256 78.35 -29.93 -19.45
CA ALA A 256 77.41 -29.52 -20.48
C ALA A 256 76.08 -30.26 -20.30
N ALA A 257 75.20 -30.13 -21.28
CA ALA A 257 73.91 -30.81 -21.28
C ALA A 257 73.88 -31.74 -22.49
N THR A 258 73.94 -33.04 -22.23
CA THR A 258 73.89 -34.05 -23.28
C THR A 258 72.43 -34.49 -23.44
N PHE A 259 71.72 -33.88 -24.38
CA PHE A 259 70.30 -34.17 -24.55
C PHE A 259 70.06 -34.78 -25.92
N SER A 260 69.32 -35.89 -25.94
CA SER A 260 68.93 -36.55 -27.19
C SER A 260 67.50 -36.14 -27.51
N LEU A 261 67.37 -35.03 -28.21
CA LEU A 261 66.06 -34.48 -28.53
C LEU A 261 65.40 -35.33 -29.61
N SER A 262 64.12 -35.65 -29.40
CA SER A 262 63.34 -36.49 -30.30
C SER A 262 62.04 -35.78 -30.64
N PHE A 263 61.81 -35.53 -31.93
CA PHE A 263 60.57 -34.92 -32.40
C PHE A 263 59.58 -35.98 -32.87
N LEU A 264 59.23 -36.87 -31.94
CA LEU A 264 58.31 -37.95 -32.27
C LEU A 264 56.92 -37.40 -32.56
N ASN A 265 56.19 -38.12 -33.42
CA ASN A 265 54.81 -37.80 -33.78
C ASN A 265 54.69 -36.37 -34.30
N SER A 266 55.66 -35.96 -35.11
CA SER A 266 55.61 -34.70 -35.83
C SER A 266 54.96 -34.93 -37.19
N MET A 267 54.11 -33.99 -37.60
CA MET A 267 53.35 -34.12 -38.82
C MET A 267 53.37 -32.81 -39.60
N GLN A 268 53.22 -32.94 -40.92
CA GLN A 268 53.12 -31.80 -41.84
C GLN A 268 51.83 -31.99 -42.63
N GLN A 269 50.72 -31.50 -42.08
CA GLN A 269 49.42 -31.58 -42.73
C GLN A 269 48.86 -30.22 -43.08
N ASN A 270 49.71 -29.18 -43.11
CA ASN A 270 49.26 -27.80 -43.26
C ASN A 270 48.26 -27.44 -42.16
N THR A 271 48.73 -27.59 -40.92
CA THR A 271 47.92 -27.37 -39.74
C THR A 271 47.99 -25.92 -39.26
N GLY A 272 47.72 -24.98 -40.17
CA GLY A 272 47.74 -23.58 -39.81
C GLY A 272 49.15 -23.03 -39.74
N ALA A 273 49.66 -22.85 -38.53
CA ALA A 273 51.01 -22.33 -38.31
C ALA A 273 51.78 -23.31 -37.44
N ASN A 274 53.11 -23.24 -37.54
CA ASN A 274 53.97 -24.11 -36.76
C ASN A 274 53.93 -23.72 -35.30
N ASN A 275 53.75 -24.71 -34.43
CA ASN A 275 53.66 -24.48 -32.99
C ASN A 275 54.00 -25.77 -32.26
N ILE A 276 54.30 -25.62 -30.97
CA ILE A 276 54.63 -26.76 -30.13
C ILE A 276 53.37 -27.27 -29.46
N VAL A 277 53.36 -28.56 -29.14
CA VAL A 277 52.23 -29.15 -28.41
C VAL A 277 52.66 -29.93 -27.17
N ALA A 278 53.92 -30.36 -27.06
CA ALA A 278 54.37 -31.06 -25.86
C ALA A 278 55.87 -30.90 -25.74
N THR A 279 56.34 -30.81 -24.50
CA THR A 279 57.76 -30.62 -24.22
C THR A 279 58.06 -31.11 -22.82
N ASN A 280 59.13 -31.88 -22.68
CA ASN A 280 59.54 -32.35 -21.36
C ASN A 280 61.03 -32.65 -21.36
N GLN A 281 61.61 -32.67 -20.15
CA GLN A 281 63.02 -32.95 -19.96
C GLN A 281 63.21 -33.49 -18.55
N ASN A 282 64.47 -33.78 -18.20
CA ASN A 282 64.80 -34.48 -16.96
C ASN A 282 65.96 -33.81 -16.24
N GLY A 283 65.90 -32.49 -16.06
CA GLY A 283 66.87 -31.77 -15.26
C GLY A 283 66.17 -30.86 -14.27
N TYR A 284 66.85 -30.58 -13.16
CA TYR A 284 66.28 -29.70 -12.15
C TYR A 284 67.36 -29.22 -11.19
N LYS A 285 67.15 -28.04 -10.61
CA LYS A 285 67.97 -27.59 -9.50
C LYS A 285 67.63 -28.43 -8.26
N PRO A 286 68.58 -28.61 -7.34
CA PRO A 286 68.29 -29.36 -6.11
C PRO A 286 67.15 -28.75 -5.32
N GLY A 287 66.31 -29.59 -4.72
CA GLY A 287 65.15 -29.12 -3.99
C GLY A 287 65.21 -29.54 -2.54
N ASP A 288 64.44 -28.83 -1.72
CA ASP A 288 64.40 -29.05 -0.28
C ASP A 288 63.02 -29.56 0.12
N LEU A 289 62.99 -30.41 1.14
CA LEU A 289 61.74 -31.03 1.58
C LEU A 289 60.77 -29.97 2.07
N VAL A 290 59.65 -29.84 1.37
CA VAL A 290 58.62 -28.87 1.74
C VAL A 290 57.56 -29.57 2.57
N SER A 291 56.94 -30.61 2.00
CA SER A 291 55.92 -31.36 2.72
C SER A 291 56.16 -32.86 2.56
N TYR A 292 55.26 -33.67 3.11
CA TYR A 292 55.36 -35.12 2.94
C TYR A 292 53.97 -35.71 3.16
N GLN A 293 53.80 -36.93 2.69
CA GLN A 293 52.53 -37.62 2.80
C GLN A 293 52.78 -39.12 2.73
N ILE A 294 51.71 -39.87 3.00
CA ILE A 294 51.75 -41.33 2.96
C ILE A 294 50.70 -41.83 2.00
N ASN A 295 51.03 -42.86 1.24
CA ASN A 295 50.11 -43.50 0.30
C ASN A 295 49.77 -44.88 0.82
N ASN A 296 48.52 -45.29 0.61
CA ASN A 296 47.99 -46.51 1.22
C ASN A 296 48.63 -47.78 0.67
N ASP A 297 49.62 -47.68 -0.22
CA ASP A 297 50.40 -48.85 -0.61
C ASP A 297 51.53 -49.15 0.35
N GLY A 298 51.87 -48.21 1.24
CA GLY A 298 52.91 -48.43 2.21
C GLY A 298 54.02 -47.39 2.18
N THR A 299 54.23 -46.77 1.02
CA THR A 299 55.39 -45.92 0.80
C THR A 299 55.08 -44.48 1.20
N VAL A 300 55.89 -43.95 2.12
CA VAL A 300 55.89 -42.52 2.35
C VAL A 300 56.55 -41.81 1.17
N VAL A 301 56.22 -40.54 0.99
CA VAL A 301 56.82 -39.75 -0.09
C VAL A 301 56.88 -38.29 0.32
N GLY A 302 58.04 -37.68 0.10
CA GLY A 302 58.24 -36.27 0.39
C GLY A 302 58.14 -35.44 -0.88
N ASN A 303 57.50 -34.28 -0.74
CA ASN A 303 57.28 -33.33 -1.83
C ASN A 303 58.19 -32.14 -1.60
N TYR A 304 59.00 -31.81 -2.60
CA TYR A 304 60.05 -30.81 -2.49
C TYR A 304 59.65 -29.57 -3.30
N SER A 305 60.51 -28.55 -3.26
CA SER A 305 60.26 -27.31 -3.96
C SER A 305 60.64 -27.36 -5.43
N ASN A 306 61.39 -28.38 -5.86
CA ASN A 306 61.72 -28.57 -7.26
C ASN A 306 60.64 -29.33 -8.02
N GLU A 307 59.45 -29.44 -7.44
CA GLU A 307 58.34 -30.20 -8.03
C GLU A 307 58.79 -31.62 -8.35
N GLN A 308 59.48 -32.24 -7.39
CA GLN A 308 59.92 -33.62 -7.50
C GLN A 308 59.54 -34.37 -6.23
N GLU A 309 59.03 -35.59 -6.40
CA GLU A 309 58.61 -36.43 -5.29
C GLU A 309 59.67 -37.50 -5.06
N GLN A 310 60.00 -37.73 -3.78
CA GLN A 310 61.01 -38.72 -3.45
C GLN A 310 60.48 -39.68 -2.39
N VAL A 311 60.62 -40.98 -2.65
CA VAL A 311 60.21 -41.98 -1.68
C VAL A 311 61.29 -42.12 -0.61
N LEU A 312 60.86 -42.20 0.65
CA LEU A 312 61.78 -42.27 1.78
C LEU A 312 61.54 -43.51 2.65
N GLY A 313 60.92 -44.53 2.10
CA GLY A 313 60.69 -45.78 2.81
C GLY A 313 59.24 -46.20 2.73
N GLN A 314 59.00 -47.49 3.00
CA GLN A 314 57.66 -48.04 2.99
C GLN A 314 57.47 -48.92 4.22
N ILE A 315 56.22 -49.12 4.58
CA ILE A 315 55.84 -49.75 5.84
C ILE A 315 55.99 -51.26 5.72
N VAL A 316 56.38 -51.90 6.82
CA VAL A 316 56.39 -53.35 6.92
C VAL A 316 55.18 -53.79 7.71
N LEU A 317 54.74 -55.02 7.47
CA LEU A 317 53.58 -55.58 8.13
C LEU A 317 54.00 -56.81 8.95
N ALA A 318 53.02 -57.51 9.52
CA ALA A 318 53.34 -58.65 10.37
C ALA A 318 52.14 -59.57 10.47
N ASN A 319 52.40 -60.88 10.45
CA ASN A 319 51.40 -61.90 10.71
C ASN A 319 52.12 -63.11 11.27
N PHE A 320 51.47 -63.83 12.18
CA PHE A 320 52.10 -64.96 12.84
C PHE A 320 51.37 -66.25 12.49
N ALA A 321 52.13 -67.34 12.47
CA ALA A 321 51.52 -68.66 12.35
C ALA A 321 50.70 -68.98 13.58
N ASN A 322 51.26 -68.57 14.72
CA ASN A 322 50.58 -68.78 16.02
C ASN A 322 49.97 -67.45 16.47
N ASN A 323 48.70 -67.22 16.12
CA ASN A 323 47.98 -66.08 16.66
C ASN A 323 47.30 -66.49 17.96
N GLU A 324 46.47 -65.56 18.49
CA GLU A 324 45.71 -65.77 19.76
C GLU A 324 46.66 -66.18 20.89
N GLY A 325 47.97 -65.95 20.72
CA GLY A 325 48.96 -66.29 21.72
C GLY A 325 50.04 -65.23 21.77
N LEU A 326 49.82 -64.13 21.06
CA LEU A 326 50.80 -63.05 21.01
C LEU A 326 50.97 -62.43 22.39
N ALA A 327 52.23 -62.13 22.71
CA ALA A 327 52.58 -61.61 24.03
C ALA A 327 52.32 -60.11 24.06
N SER A 328 51.16 -59.75 24.58
CA SER A 328 50.89 -58.36 24.94
C SER A 328 51.81 -57.95 26.07
N GLN A 329 52.46 -56.79 25.92
CA GLN A 329 53.59 -56.48 26.79
C GLN A 329 53.40 -55.14 27.50
N GLY A 330 52.26 -54.94 28.14
CA GLY A 330 51.99 -53.69 28.83
C GLY A 330 51.06 -52.80 28.06
N ASP A 331 51.61 -51.81 27.36
CA ASP A 331 50.82 -50.97 26.47
C ASP A 331 50.49 -51.78 25.22
N ASN A 332 49.96 -51.10 24.20
CA ASN A 332 49.55 -51.79 22.97
C ASN A 332 50.81 -52.20 22.21
N VAL A 333 51.46 -53.24 22.69
CA VAL A 333 52.61 -53.86 22.03
C VAL A 333 52.47 -55.37 22.11
N TRP A 334 52.73 -56.05 21.00
CA TRP A 334 52.77 -57.50 20.94
C TRP A 334 54.16 -57.93 20.49
N ALA A 335 54.75 -58.87 21.22
CA ALA A 335 56.10 -59.33 20.96
C ALA A 335 56.11 -60.82 20.68
N ALA A 336 56.91 -61.22 19.69
CA ALA A 336 57.12 -62.64 19.44
C ALA A 336 57.88 -63.26 20.59
N THR A 337 57.40 -64.42 21.05
CA THR A 337 57.99 -65.10 22.19
C THR A 337 58.08 -66.59 21.90
N GLN A 338 58.46 -67.35 22.92
CA GLN A 338 58.61 -68.82 22.80
C GLN A 338 57.26 -69.43 22.41
N ALA A 339 57.26 -70.31 21.41
CA ALA A 339 56.08 -71.03 20.93
C ALA A 339 54.97 -70.08 20.47
N SER A 340 55.35 -68.86 20.08
CA SER A 340 54.40 -67.87 19.61
C SER A 340 54.36 -67.77 18.09
N GLY A 341 55.10 -68.62 17.39
CA GLY A 341 55.26 -68.48 15.96
C GLY A 341 56.52 -67.73 15.59
N VAL A 342 56.54 -67.25 14.34
CA VAL A 342 57.67 -66.51 13.81
C VAL A 342 57.15 -65.28 13.08
N ALA A 343 58.10 -64.46 12.63
CA ALA A 343 57.81 -63.13 12.08
C ALA A 343 56.87 -63.18 10.88
N LEU A 344 57.22 -63.99 9.87
CA LEU A 344 56.48 -64.03 8.61
C LEU A 344 56.25 -62.62 8.06
N LEU A 345 57.33 -61.90 7.78
CA LEU A 345 57.23 -60.53 7.32
C LEU A 345 56.56 -60.46 5.96
N GLY A 346 56.17 -59.26 5.56
CA GLY A 346 55.55 -59.05 4.27
C GLY A 346 55.53 -57.61 3.83
N THR A 347 54.57 -57.25 2.98
CA THR A 347 54.43 -55.89 2.46
C THR A 347 52.97 -55.47 2.56
N ALA A 348 52.74 -54.17 2.36
CA ALA A 348 51.40 -53.59 2.44
C ALA A 348 50.63 -53.68 1.13
N GLY A 349 51.24 -54.22 0.08
CA GLY A 349 50.59 -54.30 -1.21
C GLY A 349 49.52 -55.36 -1.32
N SER A 350 49.91 -56.63 -1.17
CA SER A 350 48.98 -57.73 -1.40
C SER A 350 49.30 -58.94 -0.52
N GLY A 351 48.76 -60.14 -0.75
CA GLY A 351 49.21 -61.28 0.11
C GLY A 351 48.41 -61.55 1.39
N ASN A 352 48.96 -62.30 2.36
CA ASN A 352 48.21 -62.67 3.60
C ASN A 352 48.01 -61.42 4.45
N PHE A 353 48.15 -60.27 3.80
CA PHE A 353 48.11 -58.95 4.40
C PHE A 353 47.07 -58.07 3.69
N GLY A 354 46.63 -57.05 4.40
CA GLY A 354 45.60 -56.15 3.91
C GLY A 354 46.15 -54.95 3.18
N LYS A 355 45.26 -54.00 2.91
CA LYS A 355 45.60 -52.74 2.28
C LYS A 355 45.34 -51.59 3.25
N LEU A 356 46.25 -50.63 3.28
CA LEU A 356 46.20 -49.59 4.28
C LEU A 356 45.01 -48.67 4.06
N THR A 357 44.66 -47.94 5.12
CA THR A 357 43.64 -46.90 5.12
C THR A 357 44.27 -45.68 5.76
N ASN A 358 44.34 -44.59 5.01
CA ASN A 358 44.98 -43.36 5.45
C ASN A 358 43.97 -42.46 6.15
N GLY A 359 44.47 -41.70 7.13
CA GLY A 359 43.63 -40.75 7.84
C GLY A 359 42.50 -41.37 8.62
N ALA A 360 42.73 -42.48 9.31
CA ALA A 360 41.69 -43.15 10.09
C ALA A 360 42.36 -43.98 11.17
N LEU A 361 41.56 -44.38 12.16
CA LEU A 361 42.04 -45.18 13.26
C LEU A 361 41.12 -46.37 13.45
N GLU A 362 41.52 -47.28 14.34
CA GLU A 362 40.71 -48.45 14.68
C GLU A 362 39.83 -48.11 15.89
N ALA A 363 38.99 -49.05 16.28
CA ALA A 363 38.12 -48.91 17.44
C ALA A 363 38.59 -49.83 18.56
N SER A 364 37.83 -49.85 19.65
CA SER A 364 38.21 -50.65 20.81
C SER A 364 37.87 -52.12 20.63
N ASN A 365 37.11 -52.46 19.60
CA ASN A 365 36.67 -53.83 19.32
C ASN A 365 35.85 -54.38 20.49
N VAL A 366 35.25 -53.50 21.28
CA VAL A 366 34.43 -53.88 22.43
C VAL A 366 33.19 -53.01 22.44
N ASP A 367 32.02 -53.64 22.47
CA ASP A 367 30.79 -52.88 22.61
C ASP A 367 30.42 -52.74 24.09
N LEU A 368 29.20 -52.26 24.34
CA LEU A 368 28.79 -51.91 25.70
C LEU A 368 27.92 -52.99 26.33
N SER A 369 26.84 -53.36 25.64
CA SER A 369 25.76 -54.16 26.24
C SER A 369 26.18 -55.54 26.72
N LYS A 370 26.84 -56.31 25.85
CA LYS A 370 27.22 -57.67 26.22
C LYS A 370 28.12 -57.67 27.44
N GLU A 371 29.06 -56.72 27.50
CA GLU A 371 29.99 -56.68 28.62
C GLU A 371 29.27 -56.37 29.92
N LEU A 372 28.28 -55.46 29.88
CA LEU A 372 27.50 -55.18 31.07
C LEU A 372 26.70 -56.40 31.52
N VAL A 373 26.07 -57.11 30.59
CA VAL A 373 25.28 -58.26 31.01
C VAL A 373 26.19 -59.36 31.55
N ASN A 374 27.37 -59.54 30.96
CA ASN A 374 28.33 -60.48 31.54
C ASN A 374 28.82 -60.03 32.90
N MET A 375 28.97 -58.72 33.10
CA MET A 375 29.33 -58.20 34.42
C MET A 375 28.29 -58.59 35.46
N ILE A 376 27.08 -58.16 35.11
CA ILE A 376 25.83 -58.45 35.87
C ILE A 376 25.80 -59.97 35.89
N VAL A 377 26.11 -60.59 34.75
CA VAL A 377 26.17 -62.08 34.75
C VAL A 377 27.29 -62.50 35.70
N ALA A 378 28.44 -61.83 35.61
CA ALA A 378 29.59 -62.18 36.49
C ALA A 378 29.25 -61.93 37.95
N GLN A 379 28.53 -60.85 38.23
CA GLN A 379 28.11 -60.37 39.55
C GLN A 379 27.18 -61.42 40.10
N ARG A 380 26.25 -61.93 39.33
CA ARG A 380 25.38 -62.98 39.89
C ARG A 380 26.27 -64.21 40.15
N ASN A 381 27.17 -64.53 39.21
CA ASN A 381 28.12 -65.64 39.37
C ASN A 381 28.96 -65.42 40.63
N TYR A 382 29.45 -64.19 40.85
CA TYR A 382 30.20 -63.87 42.06
C TYR A 382 29.24 -63.90 43.22
N GLN A 383 28.07 -63.30 43.08
CA GLN A 383 27.16 -63.37 44.22
C GLN A 383 26.73 -64.79 44.51
N SER A 384 26.51 -65.63 43.54
CA SER A 384 26.03 -66.98 43.87
C SER A 384 27.14 -67.69 44.57
N ASN A 385 28.34 -67.57 44.06
CA ASN A 385 29.45 -68.31 44.66
C ASN A 385 29.59 -67.86 46.10
N ALA A 386 29.46 -66.56 46.35
CA ALA A 386 29.50 -66.12 47.75
C ALA A 386 28.45 -66.89 48.51
N GLN A 387 27.25 -67.06 47.94
CA GLN A 387 26.14 -67.81 48.54
C GLN A 387 26.40 -69.30 48.59
N THR A 388 27.42 -69.85 47.96
CA THR A 388 27.64 -71.28 48.20
C THR A 388 28.77 -71.42 49.21
N ILE A 389 29.18 -70.35 49.85
CA ILE A 389 30.19 -70.55 50.90
C ILE A 389 29.44 -70.59 52.21
N LYS A 390 28.33 -69.88 52.31
CA LYS A 390 27.60 -69.93 53.58
C LYS A 390 27.21 -71.37 53.83
N THR A 391 26.44 -71.90 52.93
CA THR A 391 25.96 -73.27 53.01
C THR A 391 27.20 -74.13 53.02
N GLN A 392 28.38 -73.59 52.86
CA GLN A 392 29.52 -74.48 52.99
C GLN A 392 30.07 -74.30 54.39
N ASP A 393 29.81 -73.16 54.99
CA ASP A 393 30.31 -73.05 56.35
C ASP A 393 29.24 -73.59 57.25
N GLN A 394 27.96 -73.23 57.01
CA GLN A 394 26.79 -73.68 57.80
C GLN A 394 26.85 -75.18 58.07
N ILE A 395 27.41 -75.93 57.13
CA ILE A 395 27.59 -77.38 57.37
C ILE A 395 28.65 -77.48 58.45
N LEU A 396 29.87 -77.08 58.09
CA LEU A 396 31.02 -77.11 59.01
C LEU A 396 30.65 -76.43 60.32
N ASN A 397 29.69 -75.50 60.30
CA ASN A 397 29.37 -74.92 61.60
C ASN A 397 28.53 -75.87 62.42
N THR A 398 27.58 -76.59 61.86
CA THR A 398 26.84 -77.50 62.76
C THR A 398 27.76 -78.59 63.24
N LEU A 399 28.61 -79.11 62.38
CA LEU A 399 29.43 -80.26 62.86
C LEU A 399 30.19 -79.96 64.14
N VAL A 400 30.83 -78.83 64.24
CA VAL A 400 31.59 -78.51 65.47
C VAL A 400 30.61 -78.39 66.63
N ASN A 401 29.40 -77.89 66.45
CA ASN A 401 28.53 -77.67 67.62
C ASN A 401 27.82 -78.92 68.09
N LEU A 402 28.01 -80.09 67.51
CA LEU A 402 27.36 -81.24 68.18
C LEU A 402 28.43 -82.05 68.90
N SER B 2 6.22 -81.61 50.51
CA SER B 2 6.97 -80.65 51.36
C SER B 2 7.77 -79.70 50.48
N PHE B 3 8.79 -80.22 49.81
CA PHE B 3 9.62 -79.35 48.95
C PHE B 3 9.25 -79.61 47.50
N SER B 4 8.65 -80.77 47.21
CA SER B 4 8.20 -81.09 45.83
C SER B 4 7.29 -79.98 45.28
N GLN B 5 6.20 -79.64 45.97
CA GLN B 5 5.30 -78.59 45.42
C GLN B 5 6.07 -77.29 45.26
N ALA B 6 7.18 -77.11 45.99
CA ALA B 6 7.86 -75.84 45.85
C ALA B 6 8.79 -75.85 44.63
N VAL B 7 9.60 -76.90 44.49
CA VAL B 7 10.54 -76.96 43.38
C VAL B 7 9.81 -77.16 42.06
N SER B 8 8.67 -77.87 42.10
CA SER B 8 7.88 -78.04 40.89
C SER B 8 7.34 -76.70 40.40
N GLY B 9 6.75 -75.91 41.30
CA GLY B 9 6.32 -74.57 40.92
C GLY B 9 7.48 -73.70 40.50
N LEU B 10 8.63 -73.87 41.17
CA LEU B 10 9.85 -73.13 40.83
C LEU B 10 10.22 -73.36 39.36
N ASN B 11 10.35 -74.63 38.97
CA ASN B 11 10.76 -74.95 37.61
C ASN B 11 9.68 -74.58 36.60
N ALA B 12 8.41 -74.74 36.98
CA ALA B 12 7.32 -74.35 36.08
C ALA B 12 7.38 -72.86 35.78
N ALA B 13 7.56 -72.04 36.81
CA ALA B 13 7.67 -70.60 36.64
C ALA B 13 8.89 -70.26 35.81
N ALA B 14 9.99 -70.97 36.03
CA ALA B 14 11.19 -70.75 35.22
C ALA B 14 10.92 -71.02 33.75
N THR B 15 10.21 -72.10 33.45
CA THR B 15 9.88 -72.41 32.06
C THR B 15 8.96 -71.35 31.47
N ASN B 16 7.97 -70.89 32.22
CA ASN B 16 7.10 -69.82 31.74
C ASN B 16 7.90 -68.57 31.41
N LEU B 17 8.83 -68.20 32.30
CA LEU B 17 9.64 -67.00 32.07
C LEU B 17 10.53 -67.18 30.85
N ASP B 18 11.08 -68.37 30.66
CA ASP B 18 11.91 -68.63 29.48
C ASP B 18 11.09 -68.51 28.21
N VAL B 19 9.87 -69.03 28.22
CA VAL B 19 8.99 -68.91 27.05
C VAL B 19 8.69 -67.45 26.77
N ILE B 20 8.40 -66.67 27.81
CA ILE B 20 8.14 -65.24 27.62
C ILE B 20 9.38 -64.54 27.06
N GLY B 21 10.56 -64.89 27.55
CA GLY B 21 11.78 -64.29 27.03
C GLY B 21 11.99 -64.61 25.56
N ASN B 22 11.72 -65.85 25.17
CA ASN B 22 11.82 -66.22 23.76
C ASN B 22 10.81 -65.43 22.92
N ASN B 23 9.59 -65.28 23.43
CA ASN B 23 8.57 -64.53 22.70
C ASN B 23 9.00 -63.07 22.52
N ILE B 24 9.60 -62.48 23.55
CA ILE B 24 10.11 -61.12 23.44
C ILE B 24 11.24 -61.05 22.42
N ALA B 25 12.17 -62.01 22.48
CA ALA B 25 13.35 -61.97 21.61
C ALA B 25 12.96 -62.11 20.14
N ASN B 26 12.01 -63.01 19.84
CA ASN B 26 11.65 -63.29 18.46
C ASN B 26 10.58 -62.34 17.96
N SER B 27 10.36 -61.23 18.66
CA SER B 27 9.36 -60.25 18.24
C SER B 27 9.72 -59.57 16.92
N ALA B 28 10.90 -59.80 16.38
CA ALA B 28 11.29 -59.25 15.09
C ALA B 28 11.28 -60.26 13.97
N THR B 29 11.12 -61.56 14.28
CA THR B 29 11.09 -62.58 13.25
C THR B 29 9.73 -62.59 12.57
N TYR B 30 9.73 -62.43 11.24
CA TYR B 30 8.48 -62.32 10.50
C TYR B 30 7.61 -63.58 10.67
N GLY B 31 8.12 -64.71 10.20
CA GLY B 31 7.38 -65.94 10.30
C GLY B 31 7.55 -66.64 11.64
N PHE B 32 6.99 -66.05 12.70
CA PHE B 32 7.08 -66.61 14.03
C PHE B 32 5.68 -66.80 14.62
N LYS B 33 5.54 -67.85 15.42
CA LYS B 33 4.31 -68.14 16.14
C LYS B 33 4.59 -68.07 17.63
N SER B 34 3.85 -67.23 18.34
CA SER B 34 4.09 -67.01 19.76
C SER B 34 3.87 -68.30 20.55
N GLY B 35 4.81 -68.63 21.42
CA GLY B 35 4.69 -69.82 22.23
C GLY B 35 3.96 -69.56 23.54
N THR B 36 3.40 -70.65 24.03
CA THR B 36 2.68 -70.67 25.32
C THR B 36 2.97 -72.01 26.01
N ALA B 37 2.47 -72.18 27.23
CA ALA B 37 2.70 -73.47 27.89
C ALA B 37 1.41 -73.95 28.54
N SER B 38 1.26 -75.25 28.71
CA SER B 38 0.05 -75.81 29.34
C SER B 38 0.52 -76.63 30.55
N PHE B 39 -0.08 -76.44 31.73
CA PHE B 39 0.49 -77.11 32.92
C PHE B 39 -0.53 -78.00 33.61
N ALA B 40 -0.06 -79.07 34.24
CA ALA B 40 -0.96 -80.01 34.95
C ALA B 40 -0.41 -80.38 36.33
N ASP B 41 -1.35 -80.56 37.25
CA ASP B 41 -1.26 -80.85 38.70
C ASP B 41 -1.12 -82.35 38.88
N MET B 42 0.05 -82.83 39.23
CA MET B 42 0.17 -84.29 39.41
C MET B 42 -0.57 -84.67 40.70
N PHE B 43 -1.20 -85.84 40.75
CA PHE B 43 -1.82 -86.27 42.03
C PHE B 43 -1.43 -87.72 42.32
N ALA B 44 -1.96 -88.29 43.40
CA ALA B 44 -1.57 -89.61 43.87
C ALA B 44 -2.60 -90.07 44.89
N GLY B 45 -2.24 -91.07 45.70
CA GLY B 45 -3.16 -91.58 46.70
C GLY B 45 -3.63 -90.53 47.68
N SER B 46 -2.71 -89.66 48.11
CA SER B 46 -3.09 -88.56 48.99
C SER B 46 -3.95 -87.55 48.24
N LYS B 47 -4.97 -87.03 48.91
CA LYS B 47 -5.86 -86.07 48.28
C LYS B 47 -5.13 -84.77 47.96
N VAL B 48 -4.15 -84.40 48.78
CA VAL B 48 -3.41 -83.17 48.55
C VAL B 48 -2.54 -83.32 47.31
N GLY B 49 -2.42 -82.25 46.53
CA GLY B 49 -1.59 -82.26 45.35
C GLY B 49 -0.13 -82.43 45.66
N LEU B 50 0.60 -83.11 44.77
CA LEU B 50 2.05 -83.39 44.97
C LEU B 50 2.90 -82.27 44.35
N GLY B 51 2.27 -81.28 43.71
CA GLY B 51 3.01 -80.20 43.10
C GLY B 51 2.41 -79.78 41.77
N VAL B 52 3.27 -79.63 40.76
CA VAL B 52 2.83 -79.28 39.42
C VAL B 52 3.82 -79.88 38.41
N LYS B 53 3.29 -80.33 37.26
CA LYS B 53 4.11 -80.88 36.15
C LYS B 53 3.73 -80.17 34.86
N VAL B 54 4.68 -79.49 34.20
CA VAL B 54 4.37 -78.76 32.98
C VAL B 54 3.79 -79.73 31.97
N ALA B 55 2.52 -79.51 31.60
CA ALA B 55 1.88 -80.38 30.61
C ALA B 55 2.61 -80.28 29.28
N GLY B 56 3.06 -79.08 28.91
CA GLY B 56 3.87 -78.93 27.73
C GLY B 56 3.73 -77.57 27.08
N ILE B 57 4.82 -77.06 26.51
CA ILE B 57 4.75 -75.80 25.78
C ILE B 57 4.09 -76.03 24.44
N THR B 58 3.15 -75.15 24.09
CA THR B 58 2.32 -75.29 22.90
C THR B 58 2.57 -74.08 22.00
N GLN B 59 2.90 -74.35 20.75
CA GLN B 59 2.99 -73.29 19.77
C GLN B 59 1.58 -72.78 19.43
N ASP B 60 1.53 -71.55 18.94
CA ASP B 60 0.25 -70.93 18.55
C ASP B 60 0.37 -70.48 17.11
N PHE B 61 -0.12 -71.30 16.19
CA PHE B 61 0.10 -71.10 14.76
C PHE B 61 -0.90 -70.13 14.13
N THR B 62 -1.50 -69.25 14.92
CA THR B 62 -2.33 -68.21 14.37
C THR B 62 -1.48 -67.25 13.52
N ASP B 63 -2.15 -66.48 12.67
CA ASP B 63 -1.48 -65.64 11.70
C ASP B 63 -1.37 -64.20 12.18
N GLY B 64 -0.28 -63.55 11.75
CA GLY B 64 -0.10 -62.12 11.98
C GLY B 64 -0.66 -61.30 10.83
N THR B 65 -0.55 -59.98 11.00
CA THR B 65 -0.99 -59.05 9.97
C THR B 65 -0.03 -59.05 8.80
N THR B 66 -0.55 -58.72 7.62
CA THR B 66 0.27 -58.66 6.42
C THR B 66 0.90 -57.28 6.31
N THR B 67 2.23 -57.23 6.38
CA THR B 67 2.98 -55.99 6.28
C THR B 67 3.49 -55.87 4.85
N ASN B 68 3.08 -54.81 4.16
CA ASN B 68 3.54 -54.58 2.80
C ASN B 68 5.01 -54.18 2.79
N THR B 69 5.75 -54.70 1.82
CA THR B 69 7.17 -54.38 1.64
C THR B 69 7.44 -53.73 0.29
N GLY B 70 6.91 -54.29 -0.79
CA GLY B 70 7.12 -53.74 -2.11
C GLY B 70 8.21 -54.41 -2.92
N ARG B 71 8.84 -55.45 -2.40
CA ARG B 71 9.87 -56.17 -3.14
C ARG B 71 9.26 -57.28 -3.97
N GLY B 72 10.06 -57.84 -4.87
CA GLY B 72 9.59 -58.86 -5.77
C GLY B 72 9.51 -60.26 -5.19
N LEU B 73 10.66 -60.78 -4.74
CA LEU B 73 10.77 -62.18 -4.34
C LEU B 73 10.27 -62.42 -2.92
N ASP B 74 9.03 -62.06 -2.63
CA ASP B 74 8.46 -62.29 -1.30
C ASP B 74 6.95 -62.32 -1.39
N VAL B 75 6.35 -63.31 -0.71
CA VAL B 75 4.91 -63.46 -0.64
C VAL B 75 4.52 -63.83 0.78
N ALA B 76 3.28 -63.54 1.14
CA ALA B 76 2.76 -63.80 2.49
C ALA B 76 1.52 -64.65 2.40
N ILE B 77 1.44 -65.69 3.23
CA ILE B 77 0.31 -66.60 3.19
C ILE B 77 -0.79 -66.06 4.10
N SER B 78 -1.98 -65.84 3.53
CA SER B 78 -3.06 -65.19 4.27
C SER B 78 -3.80 -66.12 5.22
N GLN B 79 -3.73 -67.43 5.02
CA GLN B 79 -4.42 -68.39 5.87
C GLN B 79 -3.45 -69.56 6.13
N ASN B 80 -3.98 -70.68 6.61
CA ASN B 80 -3.15 -71.84 6.87
C ASN B 80 -2.50 -72.33 5.57
N GLY B 81 -1.20 -72.61 5.64
CA GLY B 81 -0.45 -73.06 4.49
C GLY B 81 1.05 -72.96 4.72
N PHE B 82 1.79 -73.96 4.28
CA PHE B 82 3.23 -74.04 4.56
C PHE B 82 3.98 -74.26 3.27
N PHE B 83 5.01 -73.43 3.03
CA PHE B 83 5.93 -73.68 1.93
C PHE B 83 6.67 -74.99 2.16
N ARG B 84 6.67 -75.88 1.17
CA ARG B 84 7.41 -77.13 1.29
C ARG B 84 8.83 -76.89 0.79
N LEU B 85 9.80 -76.99 1.70
CA LEU B 85 11.19 -76.69 1.41
C LEU B 85 12.03 -77.96 1.34
N VAL B 86 13.02 -77.94 0.46
CA VAL B 86 13.96 -79.05 0.28
C VAL B 86 15.37 -78.50 0.42
N ASP B 87 16.15 -79.09 1.32
CA ASP B 87 17.51 -78.62 1.57
C ASP B 87 18.44 -79.15 0.48
N SER B 88 19.74 -78.95 0.66
CA SER B 88 20.71 -79.49 -0.29
C SER B 88 20.88 -80.99 -0.14
N ASN B 89 20.63 -81.54 1.05
CA ASN B 89 20.81 -82.95 1.33
C ASN B 89 19.53 -83.76 1.15
N GLY B 90 18.54 -83.19 0.45
CA GLY B 90 17.34 -83.91 0.11
C GLY B 90 16.27 -83.98 1.17
N SER B 91 16.53 -83.48 2.38
CA SER B 91 15.54 -83.53 3.43
C SER B 91 14.37 -82.61 3.12
N VAL B 92 13.24 -82.88 3.79
CA VAL B 92 12.00 -82.14 3.58
C VAL B 92 11.66 -81.38 4.85
N PHE B 93 11.21 -80.14 4.67
CA PHE B 93 10.76 -79.30 5.78
C PHE B 93 9.56 -78.48 5.32
N TYR B 94 8.90 -77.85 6.28
CA TYR B 94 7.79 -76.94 6.00
C TYR B 94 8.06 -75.62 6.69
N SER B 95 8.00 -74.53 5.93
CA SER B 95 8.38 -73.21 6.40
C SER B 95 7.23 -72.24 6.23
N ARG B 96 7.29 -71.16 7.02
CA ARG B 96 6.35 -70.05 6.92
C ARG B 96 7.03 -68.74 6.56
N ASN B 97 8.34 -68.74 6.40
CA ASN B 97 9.06 -67.52 6.02
C ASN B 97 8.57 -67.02 4.67
N GLY B 98 8.30 -65.72 4.60
CA GLY B 98 7.77 -65.10 3.40
C GLY B 98 8.79 -64.45 2.49
N GLN B 99 10.09 -64.63 2.74
CA GLN B 99 11.13 -63.97 1.98
C GLN B 99 11.92 -64.99 1.18
N PHE B 100 12.30 -64.61 -0.04
CA PHE B 100 13.04 -65.51 -0.92
C PHE B 100 14.08 -64.71 -1.70
N LYS B 101 15.12 -65.41 -2.14
CA LYS B 101 16.21 -64.81 -2.93
C LYS B 101 16.44 -65.63 -4.20
N LEU B 102 17.48 -65.26 -4.93
CA LEU B 102 17.92 -65.96 -6.12
C LEU B 102 19.36 -66.39 -5.98
N ASP B 103 19.79 -67.27 -6.88
CA ASP B 103 21.16 -67.77 -6.94
C ASP B 103 21.67 -67.65 -8.36
N GLU B 104 22.97 -67.90 -8.53
CA GLU B 104 23.53 -67.98 -9.88
C GLU B 104 22.92 -69.13 -10.67
N ASN B 105 22.36 -70.12 -9.97
CA ASN B 105 21.55 -71.17 -10.59
C ASN B 105 20.11 -70.74 -10.79
N ARG B 106 19.74 -69.55 -10.32
CA ARG B 106 18.40 -68.99 -10.53
C ARG B 106 17.32 -69.91 -9.95
N ASN B 107 17.41 -70.14 -8.64
CA ASN B 107 16.45 -70.96 -7.91
C ASN B 107 15.83 -70.16 -6.78
N LEU B 108 14.52 -70.31 -6.60
CA LEU B 108 13.86 -69.74 -5.44
C LEU B 108 14.48 -70.31 -4.17
N VAL B 109 14.94 -69.43 -3.29
CA VAL B 109 15.73 -69.86 -2.14
C VAL B 109 15.63 -68.80 -1.06
N ASN B 110 15.59 -69.25 0.20
CA ASN B 110 15.56 -68.36 1.35
C ASN B 110 16.98 -68.02 1.79
N MET B 111 17.12 -67.44 2.98
CA MET B 111 18.36 -66.86 3.46
C MET B 111 19.48 -67.87 3.70
N GLN B 112 19.24 -69.16 3.52
CA GLN B 112 20.24 -70.16 3.90
C GLN B 112 20.77 -70.99 2.74
N GLY B 113 19.95 -71.25 1.72
CA GLY B 113 20.37 -72.12 0.64
C GLY B 113 19.39 -73.25 0.44
N MET B 114 18.17 -73.07 0.96
CA MET B 114 17.16 -74.12 0.99
C MET B 114 16.14 -73.83 -0.12
N GLN B 115 16.10 -74.71 -1.12
CA GLN B 115 15.30 -74.47 -2.32
C GLN B 115 13.82 -74.81 -2.07
N LEU B 116 12.94 -73.92 -2.52
CA LEU B 116 11.51 -74.15 -2.45
C LEU B 116 11.06 -75.01 -3.61
N THR B 117 10.02 -75.82 -3.39
CA THR B 117 9.51 -76.75 -4.38
C THR B 117 8.22 -76.24 -5.00
N GLY B 118 7.85 -76.84 -6.12
CA GLY B 118 6.60 -76.51 -6.78
C GLY B 118 6.37 -77.40 -7.97
N TYR B 119 5.24 -77.18 -8.63
CA TYR B 119 4.91 -77.95 -9.83
C TYR B 119 5.71 -77.43 -11.02
N PRO B 120 6.55 -78.25 -11.62
CA PRO B 120 7.28 -77.79 -12.81
C PRO B 120 6.37 -77.65 -14.01
N ALA B 121 6.76 -76.76 -14.92
CA ALA B 121 6.01 -76.50 -16.15
C ALA B 121 6.88 -76.90 -17.33
N THR B 122 6.37 -77.81 -18.16
CA THR B 122 7.11 -78.28 -19.32
C THR B 122 6.24 -78.20 -20.58
N GLY B 123 6.78 -78.67 -21.70
CA GLY B 123 6.07 -78.62 -22.96
C GLY B 123 6.13 -77.26 -23.60
N THR B 124 5.55 -77.18 -24.81
CA THR B 124 5.48 -75.91 -25.54
C THR B 124 4.10 -75.75 -26.15
N PRO B 125 3.37 -74.67 -25.82
CA PRO B 125 3.76 -73.68 -24.81
C PRO B 125 3.69 -74.25 -23.39
N PRO B 126 4.61 -73.85 -22.52
CA PRO B 126 4.67 -74.45 -21.18
C PRO B 126 3.38 -74.25 -20.41
N THR B 127 3.03 -75.26 -19.63
CA THR B 127 1.83 -75.24 -18.80
C THR B 127 2.11 -76.07 -17.56
N ILE B 128 1.43 -75.74 -16.47
CA ILE B 128 1.66 -76.44 -15.20
C ILE B 128 1.15 -77.86 -15.31
N GLN B 129 2.06 -78.83 -15.18
CA GLN B 129 1.68 -80.24 -15.11
C GLN B 129 1.34 -80.55 -13.66
N GLN B 130 0.03 -80.46 -13.37
CA GLN B 130 -0.51 -80.69 -12.00
C GLN B 130 -0.07 -82.08 -11.53
N GLY B 131 0.35 -82.92 -12.49
CA GLY B 131 0.82 -84.28 -12.16
C GLY B 131 2.33 -84.32 -11.98
N ALA B 132 3.05 -83.28 -12.40
CA ALA B 132 4.52 -83.30 -12.25
C ALA B 132 4.84 -83.33 -10.76
N ASN B 133 5.79 -84.18 -10.36
CA ASN B 133 6.17 -84.29 -8.92
C ASN B 133 6.78 -82.97 -8.47
N PRO B 134 6.49 -82.48 -7.23
CA PRO B 134 7.08 -81.24 -6.73
C PRO B 134 8.60 -81.25 -6.87
N ALA B 135 9.11 -80.34 -7.70
CA ALA B 135 10.51 -80.20 -8.04
C ALA B 135 10.99 -78.80 -7.66
N PRO B 136 12.30 -78.60 -7.46
CA PRO B 136 12.81 -77.26 -7.15
C PRO B 136 12.42 -76.23 -8.19
N ILE B 137 11.69 -75.19 -7.76
CA ILE B 137 11.27 -74.15 -8.67
C ILE B 137 12.48 -73.41 -9.20
N THR B 138 12.52 -73.23 -10.52
CA THR B 138 13.66 -72.58 -11.17
C THR B 138 13.13 -71.56 -12.17
N ILE B 139 13.64 -70.33 -12.10
CA ILE B 139 13.30 -69.29 -13.05
C ILE B 139 14.48 -69.14 -14.00
N PRO B 140 14.46 -69.77 -15.17
CA PRO B 140 15.64 -69.77 -16.03
C PRO B 140 15.78 -68.47 -16.80
N ASN B 141 17.02 -68.19 -17.20
CA ASN B 141 17.34 -67.11 -18.12
C ASN B 141 17.33 -67.58 -19.57
N THR B 142 16.57 -68.63 -19.88
CA THR B 142 16.59 -69.24 -21.20
C THR B 142 16.08 -68.26 -22.25
N LEU B 143 16.62 -68.40 -23.46
CA LEU B 143 16.23 -67.56 -24.60
C LEU B 143 15.06 -68.22 -25.29
N MET B 144 13.92 -67.53 -25.32
CA MET B 144 12.70 -68.06 -25.92
C MET B 144 12.91 -68.20 -27.43
N ALA B 145 12.45 -69.32 -27.99
CA ALA B 145 12.45 -69.50 -29.43
C ALA B 145 11.19 -68.86 -30.01
N ALA B 146 11.09 -68.88 -31.35
CA ALA B 146 9.96 -68.26 -32.01
C ALA B 146 8.85 -69.26 -32.27
N LYS B 147 7.66 -68.74 -32.56
CA LYS B 147 6.51 -69.55 -32.95
C LYS B 147 5.90 -68.94 -34.20
N SER B 148 5.62 -69.78 -35.18
CA SER B 148 5.20 -69.29 -36.49
C SER B 148 3.79 -68.73 -36.44
N THR B 149 3.48 -67.86 -37.41
CA THR B 149 2.15 -67.32 -37.55
C THR B 149 1.21 -68.40 -38.07
N THR B 150 0.08 -68.59 -37.38
CA THR B 150 -0.89 -69.62 -37.74
C THR B 150 -2.19 -69.06 -38.26
N THR B 151 -2.84 -68.19 -37.51
CA THR B 151 -4.08 -67.54 -37.92
C THR B 151 -3.90 -66.04 -37.90
N ALA B 152 -4.40 -65.38 -38.94
CA ALA B 152 -4.31 -63.92 -39.04
C ALA B 152 -5.67 -63.37 -39.44
N SER B 153 -5.99 -62.20 -38.90
CA SER B 153 -7.25 -61.54 -39.19
C SER B 153 -6.99 -60.17 -39.77
N MET B 154 -7.66 -59.89 -40.90
CA MET B 154 -7.48 -58.66 -41.65
C MET B 154 -8.83 -57.96 -41.69
N GLN B 155 -8.88 -56.69 -41.32
CA GLN B 155 -10.10 -55.91 -41.44
C GLN B 155 -9.89 -54.78 -42.44
N ILE B 156 -10.94 -54.49 -43.22
CA ILE B 156 -10.84 -53.50 -44.27
C ILE B 156 -12.21 -53.01 -44.68
N ASN B 157 -12.33 -51.71 -44.95
CA ASN B 157 -13.54 -51.10 -45.46
C ASN B 157 -13.23 -50.37 -46.77
N LEU B 158 -14.15 -50.42 -47.71
CA LEU B 158 -13.90 -49.93 -49.05
C LEU B 158 -15.03 -49.02 -49.51
N ASN B 159 -14.80 -48.37 -50.65
CA ASN B 159 -15.81 -47.52 -51.28
C ASN B 159 -16.56 -48.31 -52.33
N SER B 160 -17.89 -48.16 -52.36
CA SER B 160 -18.72 -49.00 -53.21
C SER B 160 -18.66 -48.59 -54.68
N THR B 161 -18.47 -47.30 -54.97
CA THR B 161 -18.50 -46.77 -56.32
C THR B 161 -17.10 -46.49 -56.86
N ASP B 162 -16.12 -47.25 -56.40
CA ASP B 162 -14.76 -47.03 -56.87
C ASP B 162 -14.59 -47.55 -58.29
N PRO B 163 -14.15 -46.71 -59.22
CA PRO B 163 -13.92 -47.16 -60.60
C PRO B 163 -12.75 -48.14 -60.68
N VAL B 164 -12.80 -48.96 -61.73
CA VAL B 164 -11.78 -49.99 -61.94
C VAL B 164 -10.45 -49.32 -62.25
N PRO B 165 -9.32 -49.96 -61.93
CA PRO B 165 -8.03 -49.34 -62.23
C PRO B 165 -7.79 -49.19 -63.72
N SER B 166 -7.02 -48.15 -64.06
CA SER B 166 -6.72 -47.88 -65.47
C SER B 166 -5.82 -48.97 -66.06
N LYS B 167 -4.79 -49.37 -65.31
CA LYS B 167 -3.86 -50.37 -65.81
C LYS B 167 -4.50 -51.75 -65.77
N THR B 168 -4.81 -52.30 -66.94
CA THR B 168 -5.39 -53.63 -67.03
C THR B 168 -4.46 -54.72 -66.48
N PRO B 169 -3.14 -54.74 -66.80
CA PRO B 169 -2.28 -55.80 -66.25
C PRO B 169 -1.84 -55.46 -64.84
N PHE B 170 -2.38 -56.19 -63.86
CA PHE B 170 -1.99 -55.97 -62.48
C PHE B 170 -0.63 -56.60 -62.20
N SER B 171 0.19 -55.90 -61.43
CA SER B 171 1.52 -56.36 -61.05
C SER B 171 1.99 -55.52 -59.87
N VAL B 172 3.25 -55.69 -59.49
CA VAL B 172 3.85 -54.92 -58.40
C VAL B 172 4.54 -53.70 -58.98
N SER B 173 4.28 -53.42 -60.25
CA SER B 173 4.95 -52.30 -60.93
C SER B 173 4.28 -50.97 -60.62
N ASP B 174 2.99 -50.86 -60.96
CA ASP B 174 2.26 -49.60 -60.85
C ASP B 174 1.23 -49.67 -59.73
N ALA B 175 1.05 -48.53 -59.05
CA ALA B 175 -0.03 -48.39 -58.07
C ALA B 175 -1.39 -48.27 -58.74
N ASP B 176 -1.42 -47.92 -60.03
CA ASP B 176 -2.66 -47.84 -60.78
C ASP B 176 -3.08 -49.19 -61.36
N SER B 177 -2.32 -50.25 -61.08
CA SER B 177 -2.67 -51.60 -61.48
C SER B 177 -3.62 -52.27 -60.49
N TYR B 178 -3.99 -51.58 -59.41
CA TYR B 178 -4.88 -52.12 -58.40
C TYR B 178 -5.63 -50.98 -57.74
N ASN B 179 -6.75 -51.32 -57.10
CA ASN B 179 -7.53 -50.33 -56.39
C ASN B 179 -7.02 -50.05 -54.99
N LYS B 180 -6.17 -50.91 -54.43
CA LYS B 180 -5.67 -50.68 -53.08
C LYS B 180 -4.45 -51.56 -52.84
N LYS B 181 -3.48 -51.03 -52.09
CA LYS B 181 -2.33 -51.78 -51.63
C LYS B 181 -2.23 -51.67 -50.11
N GLY B 182 -2.08 -52.82 -49.45
CA GLY B 182 -1.84 -52.85 -48.02
C GLY B 182 -0.65 -53.75 -47.69
N THR B 183 -0.19 -53.64 -46.46
CA THR B 183 0.98 -54.37 -46.02
C THR B 183 0.68 -55.05 -44.69
N VAL B 184 1.08 -56.32 -44.57
CA VAL B 184 0.98 -57.06 -43.32
C VAL B 184 2.31 -57.76 -43.09
N THR B 185 2.58 -58.08 -41.83
CA THR B 185 3.81 -58.79 -41.47
C THR B 185 3.43 -60.00 -40.63
N VAL B 186 3.88 -61.17 -41.07
CA VAL B 186 3.62 -62.42 -40.37
C VAL B 186 4.96 -63.00 -39.92
N TYR B 187 4.89 -64.12 -39.22
CA TYR B 187 6.06 -64.67 -38.54
C TYR B 187 6.22 -66.14 -38.89
N ASP B 188 7.43 -66.51 -39.32
CA ASP B 188 7.73 -67.90 -39.61
C ASP B 188 8.11 -68.62 -38.32
N SER B 189 8.49 -69.90 -38.46
CA SER B 189 8.90 -70.68 -37.29
C SER B 189 10.15 -70.14 -36.63
N GLN B 190 11.01 -69.43 -37.36
CA GLN B 190 12.21 -68.82 -36.80
C GLN B 190 11.99 -67.36 -36.41
N GLY B 191 10.77 -66.85 -36.55
CA GLY B 191 10.47 -65.50 -36.15
C GLY B 191 10.92 -64.41 -37.11
N ASN B 192 11.43 -64.78 -38.27
CA ASN B 192 11.77 -63.79 -39.28
C ASN B 192 10.49 -63.16 -39.82
N ALA B 193 10.51 -61.83 -39.93
CA ALA B 193 9.35 -61.11 -40.44
C ALA B 193 9.13 -61.43 -41.91
N HIS B 194 7.87 -61.65 -42.28
CA HIS B 194 7.49 -61.88 -43.67
C HIS B 194 6.49 -60.81 -44.06
N ASP B 195 6.89 -59.92 -44.96
CA ASP B 195 6.07 -58.77 -45.36
C ASP B 195 5.21 -59.19 -46.55
N MET B 196 3.96 -59.52 -46.27
CA MET B 196 3.00 -59.86 -47.31
C MET B 196 2.31 -58.57 -47.75
N ASN B 197 2.52 -58.19 -49.00
CA ASN B 197 1.81 -57.05 -49.58
C ASN B 197 0.54 -57.55 -50.26
N VAL B 198 -0.60 -57.11 -49.76
CA VAL B 198 -1.87 -57.48 -50.35
C VAL B 198 -2.31 -56.38 -51.30
N TYR B 199 -3.01 -56.78 -52.36
CA TYR B 199 -3.50 -55.83 -53.35
C TYR B 199 -4.94 -56.19 -53.68
N PHE B 200 -5.72 -55.16 -53.98
CA PHE B 200 -7.15 -55.30 -54.22
C PHE B 200 -7.50 -54.58 -55.51
N VAL B 201 -8.08 -55.32 -56.46
CA VAL B 201 -8.50 -54.79 -57.75
C VAL B 201 -9.99 -55.05 -57.86
N LYS B 202 -10.80 -54.00 -57.78
CA LYS B 202 -12.24 -54.16 -57.91
C LYS B 202 -12.59 -54.33 -59.39
N THR B 203 -13.09 -55.52 -59.75
CA THR B 203 -13.35 -55.78 -61.16
C THR B 203 -14.65 -55.13 -61.59
N LYS B 204 -15.69 -55.23 -60.76
CA LYS B 204 -16.90 -54.46 -60.92
C LYS B 204 -17.51 -54.27 -59.53
N ASP B 205 -18.71 -53.70 -59.48
CA ASP B 205 -19.37 -53.47 -58.21
C ASP B 205 -19.56 -54.79 -57.47
N ASN B 206 -19.21 -54.78 -56.18
CA ASN B 206 -19.41 -55.92 -55.28
C ASN B 206 -18.55 -57.12 -55.64
N GLU B 207 -17.38 -56.89 -56.25
CA GLU B 207 -16.40 -57.98 -56.41
C GLU B 207 -15.01 -57.39 -56.62
N TRP B 208 -14.09 -57.76 -55.71
CA TRP B 208 -12.71 -57.32 -55.74
C TRP B 208 -11.82 -58.56 -55.73
N ALA B 209 -10.98 -58.70 -56.76
CA ALA B 209 -9.93 -59.71 -56.73
C ALA B 209 -8.84 -59.29 -55.75
N VAL B 210 -8.38 -60.23 -54.93
CA VAL B 210 -7.38 -59.97 -53.90
C VAL B 210 -6.17 -60.83 -54.19
N TYR B 211 -5.00 -60.20 -54.25
CA TYR B 211 -3.75 -60.83 -54.59
C TYR B 211 -2.76 -60.63 -53.45
N THR B 212 -1.82 -61.57 -53.32
CA THR B 212 -0.77 -61.49 -52.32
C THR B 212 0.60 -61.49 -53.00
N HIS B 213 1.55 -60.82 -52.35
CA HIS B 213 2.92 -60.74 -52.88
C HIS B 213 3.89 -60.85 -51.72
N ASP B 214 4.94 -61.65 -51.90
CA ASP B 214 5.99 -61.76 -50.90
C ASP B 214 7.12 -60.79 -51.22
N SER B 215 7.46 -59.95 -50.24
CA SER B 215 8.57 -59.02 -50.37
C SER B 215 9.75 -59.40 -49.48
N SER B 216 9.66 -60.49 -48.73
CA SER B 216 10.74 -60.96 -47.88
C SER B 216 11.66 -61.95 -48.57
N ASP B 217 11.37 -62.29 -49.83
CA ASP B 217 12.25 -63.13 -50.64
C ASP B 217 12.79 -62.29 -51.78
N PRO B 218 14.12 -62.13 -51.90
CA PRO B 218 14.63 -61.29 -52.99
C PRO B 218 14.27 -61.80 -54.37
N ALA B 219 14.15 -63.11 -54.55
CA ALA B 219 13.78 -63.70 -55.82
C ALA B 219 12.30 -64.05 -55.92
N ALA B 220 11.46 -63.43 -55.08
CA ALA B 220 10.04 -63.72 -55.10
C ALA B 220 9.40 -63.23 -56.40
N THR B 221 8.24 -63.81 -56.71
CA THR B 221 7.54 -63.51 -57.94
C THR B 221 6.29 -62.68 -57.67
N ALA B 222 5.98 -61.80 -58.61
CA ALA B 222 4.79 -60.97 -58.49
C ALA B 222 3.53 -61.83 -58.58
N PRO B 223 2.44 -61.42 -57.93
CA PRO B 223 1.19 -62.18 -58.04
C PRO B 223 0.71 -62.26 -59.48
N THR B 224 0.10 -63.40 -59.81
CA THR B 224 -0.35 -63.68 -61.16
C THR B 224 -1.87 -63.67 -61.29
N THR B 225 -2.57 -64.46 -60.49
CA THR B 225 -4.03 -64.50 -60.52
C THR B 225 -4.56 -64.14 -59.13
N ALA B 226 -5.86 -63.94 -59.05
CA ALA B 226 -6.50 -63.56 -57.80
C ALA B 226 -6.32 -64.62 -56.73
N SER B 227 -5.63 -64.27 -55.64
CA SER B 227 -5.49 -65.20 -54.53
C SER B 227 -6.85 -65.54 -53.92
N THR B 228 -7.77 -64.58 -53.90
CA THR B 228 -9.14 -64.83 -53.50
C THR B 228 -10.04 -63.78 -54.14
N THR B 229 -11.34 -63.94 -53.94
CA THR B 229 -12.32 -62.99 -54.45
C THR B 229 -13.21 -62.54 -53.29
N LEU B 230 -13.37 -61.22 -53.17
CA LEU B 230 -14.26 -60.63 -52.18
C LEU B 230 -15.50 -60.16 -52.92
N LYS B 231 -16.55 -60.97 -52.87
CA LYS B 231 -17.86 -60.58 -53.35
C LYS B 231 -18.69 -60.13 -52.16
N PHE B 232 -19.32 -58.97 -52.26
CA PHE B 232 -20.01 -58.37 -51.13
C PHE B 232 -21.51 -58.39 -51.36
N ASN B 233 -22.25 -58.39 -50.25
CA ASN B 233 -23.69 -58.51 -50.27
C ASN B 233 -24.34 -57.21 -50.74
N GLU B 234 -25.66 -57.24 -50.87
CA GLU B 234 -26.45 -56.03 -51.06
C GLU B 234 -26.29 -55.04 -49.91
N ASN B 235 -25.94 -55.51 -48.71
CA ASN B 235 -25.71 -54.65 -47.56
C ASN B 235 -24.21 -54.45 -47.32
N GLY B 236 -23.40 -54.79 -48.31
CA GLY B 236 -21.97 -54.67 -48.20
C GLY B 236 -21.27 -55.77 -47.43
N ILE B 237 -22.00 -56.77 -46.96
CA ILE B 237 -21.42 -57.85 -46.18
C ILE B 237 -20.67 -58.79 -47.11
N LEU B 238 -19.48 -59.21 -46.68
CA LEU B 238 -18.67 -60.12 -47.47
C LEU B 238 -19.39 -61.45 -47.68
N GLU B 239 -19.37 -61.95 -48.91
CA GLU B 239 -20.11 -63.15 -49.28
C GLU B 239 -19.21 -64.33 -49.60
N SER B 240 -18.20 -64.15 -50.45
CA SER B 240 -17.38 -65.26 -50.93
C SER B 240 -15.92 -64.96 -50.66
N GLY B 241 -15.12 -66.03 -50.64
CA GLY B 241 -13.69 -65.90 -50.42
C GLY B 241 -13.32 -65.30 -49.08
N GLY B 242 -14.06 -65.65 -48.02
CA GLY B 242 -13.81 -65.07 -46.71
C GLY B 242 -12.53 -65.53 -46.04
N THR B 243 -12.05 -66.73 -46.37
CA THR B 243 -10.85 -67.29 -45.77
C THR B 243 -9.91 -67.74 -46.88
N VAL B 244 -8.62 -67.45 -46.71
CA VAL B 244 -7.60 -67.88 -47.66
C VAL B 244 -6.42 -68.43 -46.87
N ASN B 245 -5.58 -69.22 -47.54
CA ASN B 245 -4.40 -69.82 -46.92
C ASN B 245 -3.19 -69.44 -47.77
N ILE B 246 -2.19 -68.80 -47.14
CA ILE B 246 -1.04 -68.28 -47.87
C ILE B 246 0.23 -68.89 -47.30
N THR B 247 1.22 -69.06 -48.17
CA THR B 247 2.53 -69.58 -47.81
C THR B 247 3.60 -68.63 -48.32
N THR B 248 4.62 -68.42 -47.49
CA THR B 248 5.70 -67.50 -47.79
C THR B 248 6.90 -68.26 -48.37
N GLY B 249 8.03 -67.56 -48.51
CA GLY B 249 9.27 -68.17 -48.93
C GLY B 249 10.09 -68.68 -47.75
N THR B 250 11.35 -68.99 -48.04
CA THR B 250 12.28 -69.51 -47.05
C THR B 250 13.31 -68.45 -46.70
N ILE B 251 13.69 -68.41 -45.42
CA ILE B 251 14.61 -67.40 -44.91
C ILE B 251 15.86 -68.12 -44.41
N ASN B 252 16.85 -68.25 -45.28
CA ASN B 252 18.18 -68.75 -44.92
C ASN B 252 18.15 -70.01 -44.08
N GLY B 253 17.63 -71.10 -44.63
CA GLY B 253 17.54 -72.35 -43.92
C GLY B 253 16.32 -72.51 -43.04
N ALA B 254 15.38 -71.58 -43.09
CA ALA B 254 14.14 -71.67 -42.32
C ALA B 254 12.99 -72.08 -43.22
N THR B 255 11.93 -72.57 -42.59
CA THR B 255 10.74 -72.99 -43.32
C THR B 255 9.95 -71.76 -43.77
N ALA B 256 8.80 -72.02 -44.40
CA ALA B 256 7.92 -70.95 -44.85
C ALA B 256 6.88 -70.66 -43.78
N ALA B 257 6.11 -69.60 -43.99
CA ALA B 257 5.07 -69.19 -43.06
C ALA B 257 3.72 -69.47 -43.70
N THR B 258 3.08 -70.57 -43.29
CA THR B 258 1.74 -70.90 -43.75
C THR B 258 0.75 -70.32 -42.75
N PHE B 259 -0.14 -69.44 -43.24
CA PHE B 259 -1.09 -68.78 -42.36
C PHE B 259 -2.43 -68.66 -43.05
N SER B 260 -3.49 -68.80 -42.24
CA SER B 260 -4.85 -68.61 -42.72
C SER B 260 -5.27 -67.17 -42.47
N LEU B 261 -5.52 -66.44 -43.55
CA LEU B 261 -6.00 -65.06 -43.49
C LEU B 261 -7.51 -65.06 -43.52
N SER B 262 -8.12 -64.37 -42.55
CA SER B 262 -9.56 -64.25 -42.46
C SER B 262 -9.96 -62.80 -42.66
N PHE B 263 -10.82 -62.56 -43.65
CA PHE B 263 -11.38 -61.25 -43.95
C PHE B 263 -12.75 -61.05 -43.31
N LEU B 264 -12.98 -61.70 -42.18
CA LEU B 264 -14.30 -61.67 -41.55
C LEU B 264 -14.68 -60.24 -41.18
N ASN B 265 -15.96 -59.91 -41.40
CA ASN B 265 -16.52 -58.60 -41.11
C ASN B 265 -15.79 -57.48 -41.84
N SER B 266 -15.55 -57.66 -43.14
CA SER B 266 -15.05 -56.58 -43.98
C SER B 266 -16.18 -56.11 -44.90
N MET B 267 -16.43 -54.80 -44.90
CA MET B 267 -17.54 -54.24 -45.65
C MET B 267 -17.02 -53.22 -46.67
N GLN B 268 -17.96 -52.66 -47.44
CA GLN B 268 -17.64 -51.64 -48.42
C GLN B 268 -18.93 -50.86 -48.68
N GLN B 269 -19.01 -49.63 -48.15
CA GLN B 269 -20.26 -48.88 -48.17
C GLN B 269 -20.01 -47.42 -48.51
N ASN B 270 -19.12 -47.16 -49.46
CA ASN B 270 -18.83 -45.81 -49.92
C ASN B 270 -18.45 -44.88 -48.78
N THR B 271 -17.68 -45.40 -47.82
CA THR B 271 -17.23 -44.60 -46.67
C THR B 271 -15.84 -44.04 -46.93
N GLY B 272 -15.83 -42.91 -47.64
CA GLY B 272 -14.58 -42.27 -48.00
C GLY B 272 -13.71 -43.11 -48.90
N ALA B 273 -12.44 -43.26 -48.53
CA ALA B 273 -11.49 -44.03 -49.32
C ALA B 273 -11.38 -45.46 -48.80
N ASN B 274 -10.77 -46.31 -49.61
CA ASN B 274 -10.55 -47.70 -49.24
C ASN B 274 -9.38 -47.75 -48.27
N ASN B 275 -9.60 -48.28 -47.07
CA ASN B 275 -8.61 -48.21 -46.01
C ASN B 275 -8.61 -49.51 -45.20
N ILE B 276 -7.40 -49.96 -44.84
CA ILE B 276 -7.28 -51.06 -43.90
C ILE B 276 -7.76 -50.59 -42.53
N VAL B 277 -8.37 -51.51 -41.79
CA VAL B 277 -8.93 -51.20 -40.47
C VAL B 277 -8.03 -51.72 -39.35
N ALA B 278 -7.82 -53.04 -39.30
CA ALA B 278 -7.03 -53.62 -38.22
C ALA B 278 -6.42 -54.93 -38.70
N THR B 279 -5.13 -55.10 -38.44
CA THR B 279 -4.39 -56.27 -38.89
C THR B 279 -3.77 -56.97 -37.70
N ASN B 280 -3.87 -58.30 -37.65
CA ASN B 280 -3.23 -59.00 -36.54
C ASN B 280 -2.96 -60.44 -36.94
N GLN B 281 -2.03 -61.07 -36.20
CA GLN B 281 -1.70 -62.47 -36.34
C GLN B 281 -1.11 -62.96 -35.03
N ASN B 282 -0.99 -64.28 -34.89
CA ASN B 282 -0.54 -64.92 -33.67
C ASN B 282 0.88 -65.46 -33.78
N GLY B 283 1.76 -64.72 -34.46
CA GLY B 283 3.16 -65.08 -34.60
C GLY B 283 4.04 -64.04 -33.94
N TYR B 284 5.18 -64.48 -33.40
CA TYR B 284 6.12 -63.59 -32.74
C TYR B 284 7.55 -64.06 -32.97
N LYS B 285 8.48 -63.12 -32.81
CA LYS B 285 9.90 -63.38 -32.95
C LYS B 285 10.45 -63.90 -31.62
N PRO B 286 11.71 -64.35 -31.59
CA PRO B 286 12.33 -64.74 -30.32
C PRO B 286 12.48 -63.55 -29.39
N GLY B 287 12.71 -63.87 -28.11
CA GLY B 287 12.86 -62.85 -27.08
C GLY B 287 13.42 -63.39 -25.79
N ASP B 288 13.92 -62.51 -24.92
CA ASP B 288 14.53 -62.91 -23.66
C ASP B 288 13.73 -62.37 -22.48
N LEU B 289 13.88 -63.04 -21.35
CA LEU B 289 13.16 -62.69 -20.14
C LEU B 289 13.60 -61.33 -19.62
N VAL B 290 12.65 -60.52 -19.19
CA VAL B 290 12.96 -59.19 -18.66
C VAL B 290 12.34 -58.93 -17.29
N SER B 291 11.24 -59.59 -16.91
CA SER B 291 10.62 -59.36 -15.62
C SER B 291 9.77 -60.57 -15.26
N TYR B 292 9.39 -60.65 -13.99
CA TYR B 292 8.62 -61.79 -13.49
C TYR B 292 7.74 -61.34 -12.34
N GLN B 293 6.44 -61.30 -12.57
CA GLN B 293 5.49 -61.08 -11.49
C GLN B 293 4.96 -62.43 -10.99
N ILE B 294 4.40 -62.41 -9.79
CA ILE B 294 3.86 -63.61 -9.16
C ILE B 294 2.41 -63.31 -8.80
N ASN B 295 1.48 -64.04 -9.42
CA ASN B 295 0.07 -63.84 -9.17
C ASN B 295 -0.31 -64.38 -7.78
N ASN B 296 -1.59 -64.24 -7.43
CA ASN B 296 -2.08 -64.62 -6.11
C ASN B 296 -2.53 -66.08 -6.05
N ASP B 297 -2.35 -66.84 -7.14
CA ASP B 297 -2.70 -68.25 -7.16
C ASP B 297 -1.49 -69.15 -7.02
N GLY B 298 -0.31 -68.61 -6.74
CA GLY B 298 0.89 -69.39 -6.57
C GLY B 298 1.69 -69.63 -7.83
N THR B 299 1.17 -69.24 -8.99
CA THR B 299 1.87 -69.45 -10.26
C THR B 299 3.01 -68.45 -10.37
N VAL B 300 4.08 -68.85 -11.04
CA VAL B 300 5.20 -67.97 -11.34
C VAL B 300 5.18 -67.64 -12.82
N VAL B 301 5.07 -66.35 -13.13
CA VAL B 301 4.90 -65.88 -14.50
C VAL B 301 6.11 -65.04 -14.90
N GLY B 302 6.57 -65.23 -16.12
CA GLY B 302 7.68 -64.47 -16.64
C GLY B 302 7.25 -63.63 -17.83
N ASN B 303 7.94 -62.50 -18.01
CA ASN B 303 7.67 -61.57 -19.09
C ASN B 303 8.91 -61.43 -19.97
N TYR B 304 8.71 -61.39 -21.28
CA TYR B 304 9.80 -61.48 -22.23
C TYR B 304 9.77 -60.29 -23.18
N SER B 305 10.93 -60.03 -23.79
CA SER B 305 11.08 -58.85 -24.63
C SER B 305 10.18 -58.87 -25.86
N ASN B 306 9.69 -60.04 -26.26
CA ASN B 306 8.74 -60.15 -27.36
C ASN B 306 7.30 -60.25 -26.87
N GLU B 307 7.03 -59.71 -25.68
CA GLU B 307 5.68 -59.63 -25.12
C GLU B 307 5.03 -61.01 -25.03
N GLN B 308 5.76 -61.94 -24.40
CA GLN B 308 5.29 -63.31 -24.23
C GLN B 308 5.26 -63.66 -22.75
N GLU B 309 4.56 -64.77 -22.45
CA GLU B 309 4.46 -65.27 -21.08
C GLU B 309 4.68 -66.78 -21.11
N GLN B 310 5.59 -67.26 -20.26
CA GLN B 310 5.84 -68.69 -20.10
C GLN B 310 5.92 -68.98 -18.60
N VAL B 311 4.88 -69.59 -18.06
CA VAL B 311 4.89 -69.92 -16.64
C VAL B 311 6.04 -70.89 -16.34
N LEU B 312 6.57 -70.79 -15.12
CA LEU B 312 7.72 -71.59 -14.72
C LEU B 312 7.47 -72.41 -13.47
N GLY B 313 6.27 -72.38 -12.90
CA GLY B 313 5.96 -73.19 -11.74
C GLY B 313 4.87 -72.56 -10.89
N GLN B 314 4.09 -73.42 -10.24
CA GLN B 314 3.10 -73.00 -9.26
C GLN B 314 3.56 -73.37 -7.86
N ILE B 315 3.23 -72.52 -6.91
CA ILE B 315 3.65 -72.71 -5.52
C ILE B 315 2.67 -73.65 -4.83
N VAL B 316 3.20 -74.69 -4.20
CA VAL B 316 2.41 -75.70 -3.52
C VAL B 316 2.35 -75.36 -2.03
N LEU B 317 1.15 -75.40 -1.46
CA LEU B 317 0.95 -75.14 -0.04
C LEU B 317 0.54 -76.44 0.66
N ALA B 318 1.06 -76.64 1.85
CA ALA B 318 0.83 -77.86 2.62
C ALA B 318 -0.15 -77.62 3.75
N ASN B 319 -0.65 -78.71 4.32
CA ASN B 319 -1.57 -78.67 5.44
C ASN B 319 -1.44 -79.99 6.20
N PHE B 320 -1.84 -80.02 7.47
CA PHE B 320 -1.73 -81.30 8.25
C PHE B 320 -3.03 -81.54 9.00
N ALA B 321 -3.38 -82.83 9.19
CA ALA B 321 -4.58 -83.24 9.97
C ALA B 321 -4.52 -82.53 11.33
N ASN B 322 -3.32 -82.36 11.90
CA ASN B 322 -3.11 -81.65 13.19
C ASN B 322 -1.98 -80.60 13.05
N ASN B 323 -2.31 -79.32 13.22
CA ASN B 323 -1.36 -78.20 12.98
C ASN B 323 -0.91 -77.64 14.33
N GLU B 324 0.42 -77.74 14.58
CA GLU B 324 1.37 -77.42 15.68
C GLU B 324 2.34 -78.57 16.01
N GLY B 325 1.90 -79.82 15.87
CA GLY B 325 2.74 -80.97 16.12
C GLY B 325 4.09 -80.84 15.46
N LEU B 326 4.20 -79.87 14.54
CA LEU B 326 5.45 -79.65 13.81
C LEU B 326 6.51 -79.11 14.75
N ALA B 327 7.56 -79.90 14.98
CA ALA B 327 8.68 -79.47 15.80
C ALA B 327 9.70 -78.75 14.92
N SER B 328 10.04 -77.52 15.30
CA SER B 328 10.98 -76.73 14.52
C SER B 328 12.39 -77.31 14.64
N GLN B 329 13.21 -77.03 13.62
CA GLN B 329 14.58 -77.50 13.56
C GLN B 329 15.56 -76.34 13.46
N GLY B 330 15.37 -75.32 14.28
CA GLY B 330 16.26 -74.18 14.25
C GLY B 330 15.67 -72.98 13.52
N ASP B 331 16.07 -72.80 12.26
CA ASP B 331 15.64 -71.68 11.47
C ASP B 331 14.13 -71.80 11.18
N ASN B 332 13.61 -70.87 10.39
CA ASN B 332 12.17 -70.80 10.16
C ASN B 332 11.72 -71.99 9.32
N VAL B 333 11.76 -73.17 9.93
CA VAL B 333 11.34 -74.43 9.30
C VAL B 333 10.57 -75.24 10.35
N TRP B 334 10.08 -76.40 9.91
CA TRP B 334 9.40 -77.34 10.80
C TRP B 334 9.65 -78.74 10.27
N ALA B 335 8.97 -79.72 10.85
CA ALA B 335 9.09 -81.11 10.41
C ALA B 335 7.93 -81.94 10.91
N ALA B 336 7.17 -82.55 9.99
CA ALA B 336 6.07 -83.41 10.37
C ALA B 336 6.59 -84.71 10.98
N THR B 337 5.96 -85.08 12.10
CA THR B 337 6.31 -86.31 12.86
C THR B 337 5.06 -87.17 13.02
N GLN B 338 5.20 -88.38 13.57
CA GLN B 338 3.94 -89.12 13.83
C GLN B 338 3.29 -88.28 14.91
N ALA B 339 1.97 -88.06 14.74
CA ALA B 339 1.09 -87.14 15.51
C ALA B 339 1.32 -85.69 15.04
N SER B 340 1.27 -85.52 13.72
CA SER B 340 1.35 -84.19 13.07
C SER B 340 0.88 -84.31 11.61
N GLY B 341 0.01 -85.29 11.24
CA GLY B 341 -0.49 -85.30 9.89
C GLY B 341 0.58 -85.68 8.88
N VAL B 342 0.23 -85.47 7.60
CA VAL B 342 1.09 -85.76 6.48
C VAL B 342 1.18 -84.50 5.62
N ALA B 343 2.09 -84.51 4.64
CA ALA B 343 2.32 -83.33 3.81
C ALA B 343 1.03 -82.78 3.22
N LEU B 344 0.23 -83.65 2.61
CA LEU B 344 -1.10 -83.29 2.09
C LEU B 344 -1.02 -82.08 1.16
N LEU B 345 -0.19 -82.21 0.12
CA LEU B 345 0.09 -81.10 -0.76
C LEU B 345 -1.15 -80.72 -1.57
N GLY B 346 -1.12 -79.51 -2.12
CA GLY B 346 -2.22 -79.02 -2.93
C GLY B 346 -1.87 -77.65 -3.46
N THR B 347 -2.72 -77.17 -4.38
CA THR B 347 -2.51 -75.89 -5.00
C THR B 347 -2.91 -74.76 -4.06
N ALA B 348 -2.80 -73.53 -4.53
CA ALA B 348 -3.13 -72.36 -3.74
C ALA B 348 -4.50 -71.77 -4.08
N GLY B 349 -5.24 -72.40 -4.99
CA GLY B 349 -6.53 -71.87 -5.41
C GLY B 349 -7.58 -71.86 -4.33
N SER B 350 -8.01 -73.05 -3.91
CA SER B 350 -9.10 -73.16 -2.94
C SER B 350 -8.84 -74.39 -2.07
N GLY B 351 -9.85 -74.77 -1.28
CA GLY B 351 -9.73 -75.90 -0.39
C GLY B 351 -9.42 -75.50 1.03
N ASN B 352 -8.24 -75.87 1.51
CA ASN B 352 -7.74 -75.46 2.82
C ASN B 352 -6.44 -74.70 2.68
N PHE B 353 -6.27 -74.04 1.53
CA PHE B 353 -5.07 -73.24 1.25
C PHE B 353 -5.52 -71.85 0.83
N GLY B 354 -5.19 -70.85 1.63
CA GLY B 354 -5.66 -69.51 1.41
C GLY B 354 -4.93 -68.79 0.29
N LYS B 355 -5.39 -67.56 0.04
CA LYS B 355 -4.80 -66.74 -1.01
C LYS B 355 -3.43 -66.22 -0.61
N LEU B 356 -2.59 -65.97 -1.60
CA LEU B 356 -1.28 -65.39 -1.38
C LEU B 356 -1.30 -63.91 -1.77
N THR B 357 -0.22 -63.20 -1.40
CA THR B 357 -0.08 -61.80 -1.74
C THR B 357 1.39 -61.49 -1.97
N ASN B 358 1.71 -60.98 -3.17
CA ASN B 358 3.08 -60.67 -3.50
C ASN B 358 3.51 -59.36 -2.85
N GLY B 359 4.82 -59.25 -2.61
CA GLY B 359 5.38 -58.05 -2.01
C GLY B 359 4.86 -57.74 -0.62
N ALA B 360 4.74 -58.77 0.21
CA ALA B 360 4.26 -58.60 1.56
C ALA B 360 4.78 -59.75 2.42
N LEU B 361 4.85 -59.52 3.73
CA LEU B 361 5.32 -60.52 4.67
C LEU B 361 4.34 -60.63 5.83
N GLU B 362 4.55 -61.64 6.66
CA GLU B 362 3.64 -61.96 7.76
C GLU B 362 4.22 -61.48 9.08
N ALA B 363 3.37 -60.90 9.91
CA ALA B 363 3.80 -60.32 11.17
C ALA B 363 4.20 -61.39 12.18
N SER B 364 4.82 -60.95 13.27
CA SER B 364 5.33 -61.85 14.31
C SER B 364 4.29 -62.20 15.35
N ASN B 365 3.04 -61.75 15.17
CA ASN B 365 1.85 -62.14 15.92
C ASN B 365 2.04 -62.07 17.44
N VAL B 366 3.02 -61.30 17.91
CA VAL B 366 3.25 -61.10 19.33
C VAL B 366 2.61 -59.77 19.73
N ASP B 367 1.73 -59.84 20.73
CA ASP B 367 1.08 -58.65 21.27
C ASP B 367 1.82 -58.20 22.53
N LEU B 368 2.71 -57.22 22.37
CA LEU B 368 3.74 -56.95 23.38
C LEU B 368 3.15 -56.79 24.77
N SER B 369 1.98 -56.15 24.87
CA SER B 369 1.33 -55.98 26.17
C SER B 369 0.99 -57.33 26.80
N LYS B 370 0.58 -58.29 25.97
CA LYS B 370 0.22 -59.61 26.50
C LYS B 370 1.43 -60.29 27.13
N GLU B 371 2.57 -60.32 26.42
CA GLU B 371 3.75 -60.92 27.01
C GLU B 371 4.21 -60.13 28.23
N LEU B 372 4.11 -58.80 28.20
CA LEU B 372 4.56 -58.02 29.35
C LEU B 372 3.72 -58.31 30.59
N VAL B 373 2.39 -58.38 30.45
CA VAL B 373 1.55 -58.62 31.61
C VAL B 373 1.71 -60.05 32.12
N ASN B 374 1.79 -61.03 31.21
CA ASN B 374 2.04 -62.39 31.65
C ASN B 374 3.42 -62.51 32.27
N MET B 375 4.36 -61.69 31.81
CA MET B 375 5.69 -61.66 32.38
C MET B 375 5.67 -61.11 33.80
N ILE B 376 4.86 -60.06 34.02
CA ILE B 376 4.73 -59.50 35.36
C ILE B 376 4.11 -60.52 36.30
N VAL B 377 3.04 -61.21 35.86
CA VAL B 377 2.41 -62.17 36.75
C VAL B 377 3.32 -63.37 36.99
N ALA B 378 4.15 -63.73 36.00
CA ALA B 378 5.12 -64.79 36.20
C ALA B 378 6.21 -64.35 37.17
N GLN B 379 6.61 -63.08 37.09
CA GLN B 379 7.47 -62.49 38.11
C GLN B 379 6.88 -62.67 39.50
N ARG B 380 5.60 -62.37 39.66
CA ARG B 380 4.98 -62.34 40.98
C ARG B 380 4.88 -63.72 41.63
N ASN B 381 4.24 -64.69 40.96
CA ASN B 381 3.98 -65.99 41.59
C ASN B 381 5.28 -66.74 41.84
N TYR B 382 6.30 -66.46 41.03
CA TYR B 382 7.60 -67.07 41.22
C TYR B 382 8.20 -66.66 42.57
N GLN B 383 8.08 -65.38 42.90
CA GLN B 383 8.48 -64.91 44.23
C GLN B 383 7.64 -65.57 45.31
N SER B 384 6.35 -65.81 45.04
CA SER B 384 5.50 -66.49 46.00
C SER B 384 6.00 -67.91 46.27
N ASN B 385 6.41 -68.61 45.21
CA ASN B 385 7.00 -69.93 45.39
C ASN B 385 8.29 -69.83 46.19
N ALA B 386 9.09 -68.80 45.94
CA ALA B 386 10.31 -68.60 46.71
C ALA B 386 10.01 -68.40 48.19
N GLN B 387 8.92 -67.65 48.36
CA GLN B 387 8.28 -67.33 49.65
C GLN B 387 7.81 -68.66 50.18
N THR B 388 7.23 -69.48 49.32
CA THR B 388 6.85 -70.82 49.80
C THR B 388 8.15 -71.55 50.16
N ILE B 389 9.21 -71.46 49.36
CA ILE B 389 10.45 -72.16 49.78
C ILE B 389 10.96 -71.56 51.08
N LYS B 390 10.91 -70.24 51.24
CA LYS B 390 11.42 -69.66 52.50
C LYS B 390 10.60 -70.20 53.66
N THR B 391 9.28 -70.23 53.54
CA THR B 391 8.49 -70.75 54.67
C THR B 391 8.82 -72.21 54.91
N GLN B 392 8.96 -73.02 53.86
CA GLN B 392 9.25 -74.44 54.13
C GLN B 392 10.61 -74.56 54.82
N ASP B 393 11.60 -73.82 54.35
CA ASP B 393 12.93 -73.90 54.98
C ASP B 393 12.83 -73.42 56.43
N GLN B 394 12.09 -72.36 56.73
CA GLN B 394 12.01 -71.91 58.14
C GLN B 394 11.41 -73.04 58.96
N ILE B 395 10.36 -73.70 58.49
CA ILE B 395 9.77 -74.77 59.31
C ILE B 395 10.82 -75.85 59.54
N LEU B 396 11.51 -76.24 58.49
CA LEU B 396 12.50 -77.32 58.68
C LEU B 396 13.61 -76.86 59.61
N ASN B 397 14.05 -75.63 59.49
CA ASN B 397 15.13 -75.09 60.35
C ASN B 397 14.67 -75.10 61.80
N THR B 398 13.44 -74.70 62.13
CA THR B 398 13.06 -74.77 63.56
C THR B 398 13.08 -76.23 64.02
N LEU B 399 12.59 -77.13 63.19
CA LEU B 399 12.62 -78.53 63.64
C LEU B 399 14.05 -78.98 63.88
N VAL B 400 15.01 -78.68 63.00
CA VAL B 400 16.37 -79.17 63.32
C VAL B 400 16.90 -78.47 64.57
N ASN B 401 16.59 -77.20 64.76
CA ASN B 401 17.09 -76.44 65.94
C ASN B 401 16.47 -76.87 67.26
N LEU B 402 15.36 -77.63 67.27
CA LEU B 402 14.81 -78.13 68.55
C LEU B 402 15.93 -78.66 69.44
N SER C 2 -6.35 -59.74 66.10
CA SER C 2 -5.17 -60.54 65.67
C SER C 2 -5.28 -60.88 64.18
N PHE C 3 -4.96 -62.13 63.86
CA PHE C 3 -5.02 -62.54 62.45
C PHE C 3 -6.43 -62.34 61.93
N SER C 4 -7.47 -62.55 62.75
CA SER C 4 -8.83 -62.39 62.19
C SER C 4 -9.05 -60.95 61.72
N GLN C 5 -8.73 -59.97 62.57
CA GLN C 5 -8.94 -58.56 62.17
C GLN C 5 -8.07 -58.27 60.97
N ALA C 6 -6.82 -58.70 61.06
CA ALA C 6 -5.88 -58.39 59.98
C ALA C 6 -6.38 -58.99 58.68
N VAL C 7 -6.65 -60.30 58.56
CA VAL C 7 -7.05 -60.86 57.22
C VAL C 7 -8.27 -60.15 56.61
N SER C 8 -9.28 -59.86 57.43
CA SER C 8 -10.57 -59.30 56.95
C SER C 8 -10.38 -57.97 56.23
N GLY C 9 -9.53 -57.08 56.75
CA GLY C 9 -9.35 -55.78 56.08
C GLY C 9 -8.83 -55.93 54.66
N LEU C 10 -7.81 -56.77 54.45
CA LEU C 10 -7.24 -56.97 53.10
C LEU C 10 -8.31 -57.58 52.19
N ASN C 11 -9.11 -58.50 52.75
CA ASN C 11 -10.22 -59.09 51.96
C ASN C 11 -11.13 -57.94 51.52
N ALA C 12 -11.34 -56.96 52.41
CA ALA C 12 -12.16 -55.79 52.07
C ALA C 12 -11.50 -55.02 50.91
N ALA C 13 -10.19 -54.81 51.01
CA ALA C 13 -9.46 -54.09 49.94
C ALA C 13 -9.57 -54.88 48.63
N ALA C 14 -9.44 -56.20 48.74
CA ALA C 14 -9.51 -57.08 47.54
C ALA C 14 -10.87 -56.91 46.86
N THR C 15 -11.96 -56.96 47.63
CA THR C 15 -13.30 -56.81 47.00
C THR C 15 -13.41 -55.41 46.41
N ASN C 16 -12.94 -54.41 47.13
CA ASN C 16 -13.02 -52.98 46.70
C ASN C 16 -12.21 -52.73 45.42
N LEU C 17 -10.96 -53.17 45.38
CA LEU C 17 -10.09 -52.90 44.19
C LEU C 17 -10.66 -53.54 42.92
N ASP C 18 -11.19 -54.76 43.05
CA ASP C 18 -11.77 -55.44 41.86
C ASP C 18 -12.96 -54.62 41.36
N VAL C 19 -13.78 -54.12 42.29
CA VAL C 19 -14.96 -53.30 41.91
C VAL C 19 -14.46 -52.03 41.22
N ILE C 20 -13.38 -51.42 41.73
CA ILE C 20 -12.88 -50.16 41.10
C ILE C 20 -12.16 -50.39 39.76
N GLY C 21 -11.83 -51.63 39.38
CA GLY C 21 -11.22 -51.83 38.05
C GLY C 21 -12.22 -51.71 36.89
N ASN C 22 -12.78 -52.86 36.47
CA ASN C 22 -13.80 -53.13 35.46
C ASN C 22 -14.48 -51.83 35.01
N ASN C 23 -14.75 -50.93 35.94
CA ASN C 23 -15.35 -49.65 35.58
C ASN C 23 -14.43 -48.86 34.65
N ILE C 24 -13.13 -48.90 34.89
CA ILE C 24 -12.19 -48.22 34.01
C ILE C 24 -12.18 -48.86 32.62
N ALA C 25 -12.14 -50.20 32.57
CA ALA C 25 -12.01 -50.89 31.29
C ALA C 25 -13.22 -50.67 30.41
N ASN C 26 -14.42 -50.57 30.99
CA ASN C 26 -15.64 -50.41 30.21
C ASN C 26 -15.94 -48.96 29.89
N SER C 27 -14.94 -48.09 29.91
CA SER C 27 -15.15 -46.67 29.64
C SER C 27 -15.56 -46.39 28.20
N ALA C 28 -15.44 -47.36 27.30
CA ALA C 28 -15.79 -47.15 25.90
C ALA C 28 -17.04 -47.89 25.45
N THR C 29 -17.38 -49.04 26.04
CA THR C 29 -18.62 -49.69 25.70
C THR C 29 -19.81 -48.83 26.13
N TYR C 30 -20.87 -48.86 25.33
CA TYR C 30 -21.92 -47.86 25.40
C TYR C 30 -22.98 -48.18 26.44
N GLY C 31 -23.53 -49.40 26.41
CA GLY C 31 -24.65 -49.71 27.26
C GLY C 31 -24.27 -50.05 28.70
N PHE C 32 -22.98 -49.99 29.01
CA PHE C 32 -22.50 -50.34 30.33
C PHE C 32 -22.98 -49.32 31.36
N LYS C 33 -23.26 -49.82 32.56
CA LYS C 33 -23.66 -48.99 33.69
C LYS C 33 -22.62 -49.11 34.80
N SER C 34 -22.34 -47.99 35.46
CA SER C 34 -21.33 -47.97 36.51
C SER C 34 -21.72 -48.90 37.66
N GLY C 35 -20.72 -49.31 38.43
CA GLY C 35 -20.93 -50.21 39.54
C GLY C 35 -19.99 -49.98 40.70
N THR C 36 -20.53 -49.99 41.92
CA THR C 36 -19.75 -49.75 43.13
C THR C 36 -20.12 -50.78 44.19
N ALA C 37 -19.13 -51.15 45.01
CA ALA C 37 -19.35 -52.09 46.08
C ALA C 37 -20.02 -51.38 47.27
N SER C 38 -20.35 -52.18 48.29
CA SER C 38 -20.95 -51.66 49.52
C SER C 38 -20.67 -52.66 50.62
N PHE C 39 -19.92 -52.24 51.65
CA PHE C 39 -19.51 -53.16 52.74
C PHE C 39 -19.50 -52.53 54.13
N ALA C 40 -20.21 -53.19 55.05
CA ALA C 40 -20.38 -52.80 56.47
C ALA C 40 -19.28 -53.44 57.32
N ASP C 41 -19.47 -53.39 58.64
CA ASP C 41 -18.51 -53.87 59.66
C ASP C 41 -19.05 -55.07 60.43
N MET C 42 -18.24 -56.11 60.62
CA MET C 42 -18.73 -57.31 61.38
C MET C 42 -18.42 -57.12 62.86
N PHE C 43 -19.20 -57.74 63.76
CA PHE C 43 -18.94 -57.61 65.21
C PHE C 43 -19.24 -58.96 65.85
N ALA C 44 -18.52 -59.35 66.90
CA ALA C 44 -18.71 -60.70 67.50
C ALA C 44 -19.77 -60.71 68.59
N GLY C 45 -19.89 -61.84 69.29
CA GLY C 45 -20.80 -62.00 70.43
C GLY C 45 -20.23 -61.18 71.56
N SER C 46 -18.97 -60.77 71.38
CA SER C 46 -18.18 -60.00 72.38
C SER C 46 -18.11 -58.52 71.97
N LYS C 47 -17.07 -57.79 72.41
CA LYS C 47 -17.16 -56.34 72.14
C LYS C 47 -15.87 -55.66 71.68
N VAL C 48 -14.86 -56.33 71.14
CA VAL C 48 -13.67 -55.49 70.79
C VAL C 48 -13.48 -55.27 69.29
N GLY C 49 -14.49 -55.40 68.43
CA GLY C 49 -14.29 -55.16 66.97
C GLY C 49 -14.02 -56.45 66.22
N LEU C 50 -14.17 -56.50 64.88
CA LEU C 50 -13.97 -57.75 64.10
C LEU C 50 -13.83 -57.74 62.56
N GLY C 51 -13.73 -56.67 61.74
CA GLY C 51 -13.47 -56.97 60.32
C GLY C 51 -14.41 -56.28 59.40
N VAL C 52 -13.86 -55.42 58.56
CA VAL C 52 -14.73 -54.76 57.56
C VAL C 52 -15.24 -55.93 56.74
N LYS C 53 -16.56 -56.11 56.70
CA LYS C 53 -17.19 -57.22 55.95
C LYS C 53 -18.05 -56.61 54.85
N VAL C 54 -17.87 -57.05 53.60
CA VAL C 54 -18.66 -56.44 52.48
C VAL C 54 -20.09 -57.02 52.45
N ALA C 55 -21.05 -56.36 51.78
CA ALA C 55 -22.45 -56.84 51.79
C ALA C 55 -23.12 -56.90 50.41
N GLY C 56 -22.93 -55.90 49.53
CA GLY C 56 -23.61 -55.82 48.27
C GLY C 56 -22.70 -55.21 47.22
N ILE C 57 -23.12 -55.37 45.97
CA ILE C 57 -22.42 -54.81 44.82
C ILE C 57 -23.48 -54.12 43.95
N THR C 58 -23.68 -52.83 44.18
CA THR C 58 -24.76 -52.12 43.52
C THR C 58 -24.27 -51.53 42.21
N GLN C 59 -25.22 -51.15 41.36
CA GLN C 59 -24.95 -50.56 40.06
C GLN C 59 -25.45 -49.13 40.06
N ASP C 60 -25.30 -48.48 38.91
CA ASP C 60 -25.88 -47.16 38.68
C ASP C 60 -26.77 -47.25 37.45
N PHE C 61 -27.81 -46.42 37.43
CA PHE C 61 -28.75 -46.44 36.32
C PHE C 61 -29.07 -45.05 35.81
N THR C 62 -28.22 -44.07 36.11
CA THR C 62 -28.38 -42.74 35.54
C THR C 62 -28.10 -42.77 34.05
N ASP C 63 -28.83 -41.97 33.30
CA ASP C 63 -28.65 -41.93 31.85
C ASP C 63 -27.39 -41.16 31.51
N GLY C 64 -26.55 -41.74 30.66
CA GLY C 64 -25.33 -41.09 30.22
C GLY C 64 -25.61 -40.03 29.17
N THR C 65 -24.55 -39.49 28.62
CA THR C 65 -24.67 -38.43 27.61
C THR C 65 -25.05 -39.06 26.27
N THR C 66 -26.14 -38.57 25.68
CA THR C 66 -26.58 -39.06 24.39
C THR C 66 -25.81 -38.34 23.29
N THR C 67 -25.02 -39.08 22.53
CA THR C 67 -24.15 -38.51 21.51
C THR C 67 -24.72 -38.82 20.12
N ASN C 68 -24.82 -37.79 19.29
CA ASN C 68 -25.29 -37.95 17.92
C ASN C 68 -24.24 -38.65 17.08
N THR C 69 -24.69 -39.47 16.14
CA THR C 69 -23.79 -40.15 15.22
C THR C 69 -24.28 -40.03 13.78
N GLY C 70 -25.57 -39.75 13.61
CA GLY C 70 -26.16 -39.63 12.30
C GLY C 70 -26.50 -40.95 11.62
N ARG C 71 -26.28 -42.07 12.28
CA ARG C 71 -26.58 -43.37 11.69
C ARG C 71 -28.09 -43.53 11.52
N GLY C 72 -28.48 -44.31 10.51
CA GLY C 72 -29.87 -44.45 10.12
C GLY C 72 -30.80 -44.95 11.20
N LEU C 73 -30.43 -46.02 11.89
CA LEU C 73 -31.26 -46.63 12.93
C LEU C 73 -30.40 -46.91 14.15
N ASP C 74 -30.48 -46.03 15.14
CA ASP C 74 -29.77 -46.21 16.40
C ASP C 74 -30.45 -45.36 17.46
N VAL C 75 -31.02 -46.03 18.46
CA VAL C 75 -31.94 -45.40 19.40
C VAL C 75 -31.44 -45.55 20.82
N ALA C 76 -31.54 -44.48 21.59
CA ALA C 76 -31.21 -44.48 23.01
C ALA C 76 -32.37 -43.89 23.79
N ILE C 77 -32.56 -44.38 25.01
CA ILE C 77 -33.63 -43.92 25.88
C ILE C 77 -33.19 -42.65 26.61
N SER C 78 -34.14 -41.94 27.21
CA SER C 78 -33.86 -40.70 27.91
C SER C 78 -33.97 -40.80 29.42
N GLN C 79 -34.93 -41.56 29.95
CA GLN C 79 -35.03 -41.80 31.38
C GLN C 79 -35.31 -43.28 31.58
N ASN C 80 -35.71 -43.65 32.80
CA ASN C 80 -35.90 -45.05 33.14
C ASN C 80 -36.71 -45.80 32.08
N GLY C 81 -36.12 -46.85 31.54
CA GLY C 81 -36.72 -47.63 30.48
C GLY C 81 -35.78 -48.74 30.06
N PHE C 82 -36.29 -49.64 29.23
CA PHE C 82 -35.51 -50.81 28.89
C PHE C 82 -36.01 -51.41 27.57
N PHE C 83 -35.06 -51.85 26.75
CA PHE C 83 -35.38 -52.62 25.56
C PHE C 83 -35.59 -54.08 25.92
N ARG C 84 -36.59 -54.70 25.30
CA ARG C 84 -36.91 -56.11 25.52
C ARG C 84 -36.58 -56.88 24.24
N LEU C 85 -35.70 -57.87 24.35
CA LEU C 85 -35.24 -58.65 23.22
C LEU C 85 -35.51 -60.13 23.45
N VAL C 86 -35.59 -60.88 22.35
CA VAL C 86 -35.79 -62.32 22.38
C VAL C 86 -34.50 -63.02 21.99
N ASP C 87 -34.12 -64.04 22.76
CA ASP C 87 -32.97 -64.86 22.44
C ASP C 87 -33.38 -65.93 21.42
N SER C 88 -32.38 -66.63 20.88
CA SER C 88 -32.65 -67.68 19.91
C SER C 88 -33.49 -68.80 20.53
N ASN C 89 -33.19 -69.17 21.77
CA ASN C 89 -33.90 -70.26 22.44
C ASN C 89 -35.27 -69.85 22.96
N GLY C 90 -35.70 -68.61 22.72
CA GLY C 90 -36.99 -68.13 23.16
C GLY C 90 -36.97 -67.32 24.43
N SER C 91 -35.89 -67.37 25.20
CA SER C 91 -35.80 -66.58 26.42
C SER C 91 -35.74 -65.09 26.09
N VAL C 92 -36.23 -64.28 27.02
CA VAL C 92 -36.32 -62.83 26.84
C VAL C 92 -35.28 -62.16 27.72
N PHE C 93 -34.46 -61.31 27.10
CA PHE C 93 -33.46 -60.51 27.80
C PHE C 93 -33.87 -59.04 27.79
N TYR C 94 -33.27 -58.30 28.70
CA TYR C 94 -33.55 -56.88 28.87
C TYR C 94 -32.25 -56.10 28.76
N SER C 95 -32.27 -55.02 27.99
CA SER C 95 -31.04 -54.32 27.63
C SER C 95 -31.29 -52.83 27.54
N ARG C 96 -30.22 -52.11 27.24
CA ARG C 96 -30.28 -50.65 27.09
C ARG C 96 -29.56 -50.14 25.84
N ASN C 97 -28.61 -50.89 25.28
CA ASN C 97 -27.92 -50.45 24.07
C ASN C 97 -28.89 -50.46 22.89
N GLY C 98 -28.57 -49.64 21.89
CA GLY C 98 -29.48 -49.48 20.77
C GLY C 98 -28.85 -49.56 19.39
N GLN C 99 -27.67 -50.16 19.29
CA GLN C 99 -27.01 -50.36 17.99
C GLN C 99 -27.77 -51.46 17.24
N PHE C 100 -28.63 -51.05 16.32
CA PHE C 100 -29.55 -51.95 15.65
C PHE C 100 -29.26 -51.98 14.15
N LYS C 101 -29.50 -53.13 13.54
CA LYS C 101 -29.31 -53.29 12.11
C LYS C 101 -30.36 -54.25 11.57
N LEU C 102 -30.63 -54.13 10.27
CA LEU C 102 -31.62 -54.98 9.62
C LEU C 102 -31.02 -56.36 9.34
N ASP C 103 -31.89 -57.29 8.95
CA ASP C 103 -31.49 -58.67 8.71
C ASP C 103 -32.22 -59.18 7.47
N GLU C 104 -31.76 -60.33 6.96
CA GLU C 104 -32.43 -60.93 5.81
C GLU C 104 -33.89 -61.26 6.11
N ASN C 105 -34.20 -61.66 7.33
CA ASN C 105 -35.58 -61.86 7.74
C ASN C 105 -36.26 -60.56 8.14
N ARG C 106 -35.60 -59.42 7.89
CA ARG C 106 -36.18 -58.11 8.13
C ARG C 106 -36.55 -57.90 9.60
N ASN C 107 -35.83 -58.58 10.48
CA ASN C 107 -36.02 -58.45 11.92
C ASN C 107 -34.86 -57.66 12.47
N LEU C 108 -35.17 -56.51 13.09
CA LEU C 108 -34.12 -55.69 13.69
C LEU C 108 -33.36 -56.49 14.73
N VAL C 109 -32.05 -56.30 14.78
CA VAL C 109 -31.17 -57.13 15.59
C VAL C 109 -30.06 -56.26 16.15
N ASN C 110 -29.61 -56.61 17.36
CA ASN C 110 -28.43 -56.02 17.94
C ASN C 110 -27.19 -56.68 17.34
N MET C 111 -26.02 -56.39 17.89
CA MET C 111 -24.82 -56.96 17.32
C MET C 111 -24.57 -58.42 17.78
N GLN C 112 -25.43 -58.98 18.63
CA GLN C 112 -25.21 -60.32 19.16
C GLN C 112 -26.37 -61.28 18.85
N GLY C 113 -27.17 -61.00 17.83
CA GLY C 113 -28.14 -61.94 17.33
C GLY C 113 -29.52 -61.88 17.96
N MET C 114 -29.73 -61.04 18.97
CA MET C 114 -31.05 -60.91 19.59
C MET C 114 -31.92 -59.96 18.79
N GLN C 115 -33.16 -60.37 18.53
CA GLN C 115 -34.09 -59.61 17.71
C GLN C 115 -34.87 -58.62 18.55
N LEU C 116 -35.16 -57.46 17.94
CA LEU C 116 -35.92 -56.41 18.63
C LEU C 116 -37.41 -56.74 18.61
N THR C 117 -38.01 -56.82 19.79
CA THR C 117 -39.42 -57.20 19.91
C THR C 117 -40.31 -55.98 19.72
N GLY C 118 -41.59 -56.14 19.98
CA GLY C 118 -42.54 -55.05 19.89
C GLY C 118 -43.90 -55.55 19.46
N TYR C 119 -44.87 -54.64 19.51
CA TYR C 119 -46.23 -54.96 19.09
C TYR C 119 -46.29 -55.04 17.57
N PRO C 120 -46.73 -56.15 17.00
CA PRO C 120 -46.85 -56.23 15.53
C PRO C 120 -47.94 -55.31 15.02
N ALA C 121 -47.94 -55.11 13.70
CA ALA C 121 -48.89 -54.24 13.03
C ALA C 121 -49.80 -55.07 12.14
N THR C 122 -51.11 -54.90 12.32
CA THR C 122 -52.09 -55.65 11.54
C THR C 122 -53.08 -54.70 10.87
N GLY C 123 -54.11 -55.26 10.25
CA GLY C 123 -55.16 -54.46 9.65
C GLY C 123 -54.82 -54.01 8.23
N THR C 124 -55.88 -53.72 7.48
CA THR C 124 -55.76 -53.21 6.11
C THR C 124 -56.63 -51.96 5.99
N PRO C 125 -56.02 -50.76 5.96
CA PRO C 125 -54.60 -50.44 6.00
C PRO C 125 -53.94 -50.79 7.34
N PRO C 126 -52.62 -50.90 7.37
CA PRO C 126 -51.94 -51.33 8.60
C PRO C 126 -52.27 -50.43 9.78
N THR C 127 -52.45 -51.06 10.94
CA THR C 127 -52.74 -50.35 12.17
C THR C 127 -52.06 -51.09 13.32
N ILE C 128 -52.18 -50.55 14.52
CA ILE C 128 -51.53 -51.10 15.70
C ILE C 128 -52.58 -51.67 16.63
N GLN C 129 -52.46 -52.94 16.96
CA GLN C 129 -53.28 -53.57 17.98
C GLN C 129 -52.52 -53.61 19.31
N GLN C 130 -53.25 -53.91 20.38
CA GLN C 130 -52.68 -53.94 21.72
C GLN C 130 -52.76 -55.29 22.40
N GLY C 131 -53.66 -56.19 21.97
CA GLY C 131 -53.78 -57.48 22.60
C GLY C 131 -52.67 -58.46 22.25
N ALA C 132 -52.01 -58.27 21.11
CA ALA C 132 -50.95 -59.17 20.69
C ALA C 132 -49.71 -58.96 21.54
N ASN C 133 -49.11 -60.06 22.00
CA ASN C 133 -47.91 -59.97 22.81
C ASN C 133 -46.74 -59.49 21.96
N PRO C 134 -45.73 -58.89 22.60
CA PRO C 134 -44.59 -58.38 21.83
C PRO C 134 -43.89 -59.48 21.04
N ALA C 135 -43.49 -59.13 19.83
CA ALA C 135 -42.86 -60.07 18.91
C ALA C 135 -41.83 -59.31 18.09
N PRO C 136 -40.85 -60.02 17.50
CA PRO C 136 -39.90 -59.34 16.62
C PRO C 136 -40.60 -58.65 15.47
N ILE C 137 -40.08 -57.49 15.09
CA ILE C 137 -40.69 -56.65 14.08
C ILE C 137 -40.10 -56.99 12.72
N THR C 138 -40.95 -56.93 11.69
CA THR C 138 -40.54 -57.26 10.32
C THR C 138 -40.67 -56.03 9.43
N ILE C 139 -39.78 -55.95 8.44
CA ILE C 139 -39.78 -54.86 7.48
C ILE C 139 -39.78 -55.48 6.08
N PRO C 140 -40.86 -56.14 5.68
CA PRO C 140 -40.83 -56.92 4.44
C PRO C 140 -40.66 -56.05 3.20
N ASN C 141 -39.99 -56.62 2.19
CA ASN C 141 -39.85 -55.99 0.88
C ASN C 141 -41.00 -56.31 -0.05
N THR C 142 -41.97 -56.94 0.60
CA THR C 142 -43.26 -57.36 0.05
C THR C 142 -43.81 -56.16 -0.72
N LEU C 143 -44.15 -56.33 -1.99
CA LEU C 143 -44.73 -55.17 -2.72
C LEU C 143 -46.15 -54.87 -2.29
N MET C 144 -46.66 -53.75 -2.78
CA MET C 144 -47.90 -53.23 -2.24
C MET C 144 -48.95 -53.18 -3.35
N ALA C 145 -50.13 -53.72 -3.06
CA ALA C 145 -51.20 -53.75 -4.03
C ALA C 145 -51.93 -52.41 -4.07
N ALA C 146 -52.61 -52.16 -5.19
CA ALA C 146 -53.37 -50.93 -5.34
C ALA C 146 -54.56 -50.94 -4.38
N LYS C 147 -55.25 -49.80 -4.33
CA LYS C 147 -56.43 -49.66 -3.46
C LYS C 147 -57.40 -48.73 -4.14
N SER C 148 -58.57 -49.26 -4.51
CA SER C 148 -59.62 -48.41 -5.06
C SER C 148 -60.05 -47.38 -4.03
N THR C 149 -60.17 -46.13 -4.47
CA THR C 149 -60.55 -45.07 -3.57
C THR C 149 -61.98 -45.27 -3.08
N THR C 150 -62.18 -45.04 -1.79
CA THR C 150 -63.50 -45.16 -1.16
C THR C 150 -64.20 -43.84 -0.97
N THR C 151 -63.51 -42.72 -1.13
CA THR C 151 -64.13 -41.41 -1.02
C THR C 151 -63.32 -40.42 -1.86
N ALA C 152 -63.98 -39.34 -2.26
CA ALA C 152 -63.33 -38.25 -2.98
C ALA C 152 -64.07 -36.96 -2.66
N SER C 153 -63.35 -35.97 -2.19
CA SER C 153 -63.94 -34.69 -1.82
C SER C 153 -63.41 -33.59 -2.71
N MET C 154 -64.23 -32.55 -2.90
CA MET C 154 -63.79 -31.37 -3.65
C MET C 154 -64.61 -30.17 -3.20
N GLN C 155 -63.92 -29.14 -2.71
CA GLN C 155 -64.55 -27.87 -2.40
C GLN C 155 -64.43 -26.94 -3.60
N ILE C 156 -65.56 -26.44 -4.07
CA ILE C 156 -65.60 -25.60 -5.27
C ILE C 156 -66.24 -24.26 -4.90
N ASN C 157 -65.64 -23.18 -5.40
CA ASN C 157 -66.18 -21.83 -5.21
C ASN C 157 -66.51 -21.30 -6.60
N LEU C 158 -67.78 -20.96 -6.81
CA LEU C 158 -68.31 -20.69 -8.14
C LEU C 158 -68.69 -19.22 -8.28
N ASN C 159 -68.40 -18.65 -9.43
CA ASN C 159 -68.84 -17.29 -9.74
C ASN C 159 -70.36 -17.24 -9.76
N SER C 160 -70.94 -16.43 -8.88
CA SER C 160 -72.38 -16.34 -8.78
C SER C 160 -73.02 -15.67 -9.98
N THR C 161 -72.27 -14.87 -10.74
CA THR C 161 -72.83 -14.09 -11.84
C THR C 161 -72.55 -14.71 -13.20
N ASP C 162 -72.08 -15.96 -13.25
CA ASP C 162 -71.89 -16.61 -14.53
C ASP C 162 -73.24 -16.86 -15.22
N PRO C 163 -73.40 -16.42 -16.46
CA PRO C 163 -74.66 -16.66 -17.17
C PRO C 163 -74.81 -18.13 -17.55
N VAL C 164 -76.05 -18.50 -17.81
CA VAL C 164 -76.36 -19.87 -18.24
C VAL C 164 -75.69 -20.13 -19.58
N PRO C 165 -75.05 -21.28 -19.80
CA PRO C 165 -74.45 -21.57 -21.10
C PRO C 165 -75.49 -21.53 -22.22
N SER C 166 -75.06 -21.05 -23.39
CA SER C 166 -75.98 -20.79 -24.49
C SER C 166 -76.56 -22.09 -25.04
N LYS C 167 -75.70 -22.98 -25.53
CA LYS C 167 -76.14 -24.21 -26.18
C LYS C 167 -76.59 -25.19 -25.09
N THR C 168 -77.91 -25.32 -24.93
CA THR C 168 -78.44 -26.04 -23.76
C THR C 168 -78.07 -27.52 -23.73
N PRO C 169 -78.20 -28.31 -24.80
CA PRO C 169 -77.85 -29.74 -24.67
C PRO C 169 -76.38 -29.92 -24.37
N PHE C 170 -76.08 -30.87 -23.48
CA PHE C 170 -74.73 -31.04 -22.96
C PHE C 170 -73.87 -31.92 -23.87
N SER C 171 -73.08 -31.30 -24.74
CA SER C 171 -72.02 -32.00 -25.44
C SER C 171 -70.76 -31.96 -24.60
N VAL C 172 -69.90 -32.97 -24.76
CA VAL C 172 -68.76 -33.14 -23.88
C VAL C 172 -67.48 -32.94 -24.70
N SER C 173 -67.56 -32.05 -25.70
CA SER C 173 -66.39 -31.69 -26.49
C SER C 173 -66.25 -30.20 -26.74
N ASP C 174 -67.28 -29.39 -26.43
CA ASP C 174 -67.26 -27.96 -26.67
C ASP C 174 -67.41 -27.22 -25.35
N ALA C 175 -66.61 -26.16 -25.17
CA ALA C 175 -66.62 -25.41 -23.93
C ALA C 175 -67.85 -24.54 -23.76
N ASP C 176 -68.57 -24.23 -24.83
CA ASP C 176 -69.73 -23.35 -24.74
C ASP C 176 -70.89 -24.00 -23.99
N SER C 177 -70.97 -25.33 -23.96
CA SER C 177 -72.11 -26.01 -23.36
C SER C 177 -71.99 -26.13 -21.85
N TYR C 178 -70.82 -25.90 -21.28
CA TYR C 178 -70.62 -26.03 -19.84
C TYR C 178 -69.89 -24.80 -19.30
N ASN C 179 -70.01 -24.61 -17.99
CA ASN C 179 -69.33 -23.52 -17.30
C ASN C 179 -67.95 -23.91 -16.79
N LYS C 180 -67.81 -25.11 -16.22
CA LYS C 180 -66.54 -25.51 -15.62
C LYS C 180 -66.14 -26.91 -16.08
N LYS C 181 -64.84 -27.09 -16.33
CA LYS C 181 -64.26 -28.40 -16.63
C LYS C 181 -63.14 -28.64 -15.63
N GLY C 182 -63.23 -29.74 -14.88
CA GLY C 182 -62.20 -30.13 -13.95
C GLY C 182 -61.80 -31.58 -14.16
N THR C 183 -60.68 -31.96 -13.52
CA THR C 183 -60.15 -33.30 -13.68
C THR C 183 -59.57 -33.79 -12.35
N VAL C 184 -59.88 -35.04 -12.01
CA VAL C 184 -59.30 -35.71 -10.85
C VAL C 184 -58.92 -37.13 -11.26
N THR C 185 -58.18 -37.80 -10.38
CA THR C 185 -57.66 -39.13 -10.65
C THR C 185 -58.14 -40.12 -9.60
N VAL C 186 -58.58 -41.30 -10.06
CA VAL C 186 -58.93 -42.39 -9.16
C VAL C 186 -58.24 -43.66 -9.65
N TYR C 187 -58.12 -44.63 -8.75
CA TYR C 187 -57.34 -45.82 -9.02
C TYR C 187 -58.13 -47.07 -8.66
N ASP C 188 -57.72 -48.18 -9.25
CA ASP C 188 -58.34 -49.48 -9.04
C ASP C 188 -57.62 -50.21 -7.89
N SER C 189 -57.92 -51.50 -7.71
CA SER C 189 -57.22 -52.29 -6.65
C SER C 189 -55.87 -52.80 -7.17
N GLN C 190 -55.87 -53.52 -8.31
CA GLN C 190 -54.66 -54.16 -8.90
C GLN C 190 -53.57 -53.18 -9.35
N GLY C 191 -53.91 -52.09 -10.04
CA GLY C 191 -52.88 -51.16 -10.56
C GLY C 191 -53.23 -50.67 -11.96
N ASN C 192 -54.03 -49.59 -12.03
CA ASN C 192 -54.58 -49.02 -13.28
C ASN C 192 -54.91 -47.53 -13.03
N ALA C 193 -55.68 -46.89 -13.90
CA ALA C 193 -55.99 -45.49 -13.65
C ALA C 193 -57.34 -45.14 -14.28
N HIS C 194 -58.01 -44.15 -13.69
CA HIS C 194 -59.26 -43.63 -14.25
C HIS C 194 -59.30 -42.13 -14.00
N ASP C 195 -59.25 -41.35 -15.08
CA ASP C 195 -59.30 -39.90 -14.99
C ASP C 195 -60.74 -39.45 -15.02
N MET C 196 -61.25 -39.00 -13.88
CA MET C 196 -62.62 -38.51 -13.77
C MET C 196 -62.64 -37.06 -14.21
N ASN C 197 -63.21 -36.82 -15.38
CA ASN C 197 -63.42 -35.46 -15.88
C ASN C 197 -64.81 -35.01 -15.46
N VAL C 198 -64.87 -33.87 -14.79
CA VAL C 198 -66.11 -33.38 -14.22
C VAL C 198 -66.49 -32.08 -14.94
N TYR C 199 -67.79 -31.88 -15.09
CA TYR C 199 -68.31 -30.73 -15.83
C TYR C 199 -69.37 -30.06 -14.98
N PHE C 200 -69.45 -28.73 -15.08
CA PHE C 200 -70.39 -27.95 -14.30
C PHE C 200 -71.15 -27.02 -15.23
N VAL C 201 -72.48 -27.08 -15.16
CA VAL C 201 -73.36 -26.19 -15.92
C VAL C 201 -74.31 -25.51 -14.94
N LYS C 202 -74.34 -24.19 -14.95
CA LYS C 202 -75.32 -23.48 -14.14
C LYS C 202 -76.67 -23.50 -14.82
N THR C 203 -77.74 -23.71 -14.04
CA THR C 203 -79.08 -23.74 -14.59
C THR C 203 -79.87 -22.48 -14.27
N LYS C 204 -79.97 -22.12 -13.00
CA LYS C 204 -80.66 -20.90 -12.59
C LYS C 204 -79.98 -20.40 -11.31
N ASP C 205 -80.65 -19.51 -10.59
CA ASP C 205 -80.01 -18.83 -9.47
C ASP C 205 -79.75 -19.80 -8.32
N ASN C 206 -78.47 -20.19 -8.19
CA ASN C 206 -77.96 -21.10 -7.16
C ASN C 206 -78.36 -22.56 -7.40
N GLU C 207 -78.49 -22.98 -8.66
CA GLU C 207 -78.63 -24.39 -9.00
C GLU C 207 -77.66 -24.76 -10.11
N TRP C 208 -76.95 -25.86 -9.92
CA TRP C 208 -75.94 -26.34 -10.86
C TRP C 208 -76.16 -27.82 -11.12
N ALA C 209 -75.87 -28.24 -12.36
CA ALA C 209 -75.85 -29.65 -12.74
C ALA C 209 -74.41 -30.04 -13.00
N VAL C 210 -73.96 -31.09 -12.34
CA VAL C 210 -72.58 -31.52 -12.38
C VAL C 210 -72.53 -32.91 -13.01
N TYR C 211 -71.78 -33.04 -14.09
CA TYR C 211 -71.65 -34.26 -14.87
C TYR C 211 -70.30 -34.91 -14.59
N THR C 212 -70.29 -36.25 -14.59
CA THR C 212 -69.05 -37.01 -14.43
C THR C 212 -68.82 -37.84 -15.68
N HIS C 213 -67.55 -38.00 -16.05
CA HIS C 213 -67.22 -38.80 -17.22
C HIS C 213 -65.82 -39.37 -17.05
N ASP C 214 -65.53 -40.40 -17.85
CA ASP C 214 -64.24 -41.07 -17.83
C ASP C 214 -63.52 -40.84 -19.15
N SER C 215 -62.26 -40.39 -19.06
CA SER C 215 -61.39 -40.28 -20.22
C SER C 215 -60.50 -41.50 -20.37
N SER C 216 -60.60 -42.47 -19.47
CA SER C 216 -59.87 -43.72 -19.57
C SER C 216 -60.74 -44.89 -20.03
N ASP C 217 -62.03 -44.66 -20.25
CA ASP C 217 -62.95 -45.70 -20.71
C ASP C 217 -63.57 -45.27 -22.03
N PRO C 218 -62.98 -45.63 -23.18
CA PRO C 218 -63.60 -45.25 -24.46
C PRO C 218 -64.96 -45.88 -24.66
N ALA C 219 -65.18 -47.09 -24.13
CA ALA C 219 -66.48 -47.73 -24.25
C ALA C 219 -67.57 -46.99 -23.49
N ALA C 220 -67.22 -46.36 -22.38
CA ALA C 220 -68.20 -45.58 -21.62
C ALA C 220 -68.69 -44.40 -22.44
N THR C 221 -69.97 -44.07 -22.29
CA THR C 221 -70.59 -43.00 -23.05
C THR C 221 -70.74 -41.74 -22.21
N ALA C 222 -70.92 -40.62 -22.88
CA ALA C 222 -71.16 -39.36 -22.22
C ALA C 222 -72.57 -39.34 -21.61
N PRO C 223 -72.72 -39.07 -20.32
CA PRO C 223 -74.07 -39.07 -19.72
C PRO C 223 -74.92 -37.96 -20.31
N THR C 224 -76.24 -38.20 -20.33
CA THR C 224 -77.20 -37.26 -20.87
C THR C 224 -77.99 -36.55 -19.78
N THR C 225 -78.63 -37.30 -18.89
CA THR C 225 -79.34 -36.70 -17.77
C THR C 225 -78.34 -36.17 -16.74
N ALA C 226 -78.81 -35.21 -15.94
CA ALA C 226 -77.94 -34.57 -14.95
C ALA C 226 -77.46 -35.62 -13.96
N SER C 227 -76.16 -35.91 -14.00
CA SER C 227 -75.59 -36.93 -13.13
C SER C 227 -75.75 -36.56 -11.66
N THR C 228 -75.40 -35.33 -11.31
CA THR C 228 -75.54 -34.83 -9.94
C THR C 228 -76.10 -33.42 -9.98
N THR C 229 -76.79 -33.04 -8.91
CA THR C 229 -77.38 -31.71 -8.79
C THR C 229 -76.91 -31.04 -7.52
N LEU C 230 -76.70 -29.73 -7.59
CA LEU C 230 -76.28 -28.92 -6.45
C LEU C 230 -77.23 -27.74 -6.33
N LYS C 231 -77.82 -27.58 -5.14
CA LYS C 231 -78.67 -26.44 -4.84
C LYS C 231 -77.99 -25.65 -3.73
N PHE C 232 -77.57 -24.43 -4.05
CA PHE C 232 -76.90 -23.59 -3.07
C PHE C 232 -77.90 -22.75 -2.30
N ASN C 233 -77.41 -22.13 -1.22
CA ASN C 233 -78.22 -21.26 -0.40
C ASN C 233 -78.03 -19.81 -0.83
N GLU C 234 -79.02 -18.98 -0.52
CA GLU C 234 -78.97 -17.56 -0.83
C GLU C 234 -77.82 -16.85 -0.14
N ASN C 235 -77.13 -17.50 0.78
CA ASN C 235 -75.93 -16.95 1.41
C ASN C 235 -74.65 -17.61 0.90
N GLY C 236 -74.74 -18.30 -0.25
CA GLY C 236 -73.61 -19.01 -0.79
C GLY C 236 -73.34 -20.36 -0.17
N ILE C 237 -74.15 -20.79 0.80
CA ILE C 237 -73.97 -22.06 1.47
C ILE C 237 -74.64 -23.15 0.63
N LEU C 238 -74.28 -24.40 0.90
CA LEU C 238 -74.94 -25.51 0.24
C LEU C 238 -76.25 -25.84 0.96
N GLU C 239 -77.28 -26.17 0.18
CA GLU C 239 -78.58 -26.51 0.73
C GLU C 239 -78.86 -28.00 0.70
N SER C 240 -78.69 -28.67 -0.44
CA SER C 240 -79.01 -30.07 -0.53
C SER C 240 -78.22 -30.71 -1.67
N GLY C 241 -78.15 -32.04 -1.64
CA GLY C 241 -77.52 -32.81 -2.69
C GLY C 241 -76.04 -32.54 -2.88
N GLY C 242 -75.28 -32.47 -1.78
CA GLY C 242 -73.87 -32.16 -1.88
C GLY C 242 -72.96 -33.37 -1.78
N THR C 243 -73.52 -34.57 -1.97
CA THR C 243 -72.74 -35.79 -1.88
C THR C 243 -73.40 -36.92 -2.65
N VAL C 244 -72.70 -37.49 -3.62
CA VAL C 244 -73.28 -38.50 -4.51
C VAL C 244 -72.29 -39.64 -4.70
N ASN C 245 -72.80 -40.88 -4.70
CA ASN C 245 -71.98 -42.04 -4.99
C ASN C 245 -71.57 -42.02 -6.46
N ILE C 246 -70.29 -42.32 -6.72
CA ILE C 246 -69.73 -42.33 -8.06
C ILE C 246 -68.99 -43.64 -8.26
N THR C 247 -69.13 -44.21 -9.47
CA THR C 247 -68.48 -45.45 -9.83
C THR C 247 -67.81 -45.30 -11.18
N THR C 248 -66.64 -45.92 -11.34
CA THR C 248 -65.84 -45.79 -12.54
C THR C 248 -65.97 -47.05 -13.41
N GLY C 249 -65.14 -47.14 -14.44
CA GLY C 249 -65.13 -48.29 -15.32
C GLY C 249 -64.23 -49.40 -14.83
N THR C 250 -64.11 -50.43 -15.66
CA THR C 250 -63.32 -51.61 -15.33
C THR C 250 -62.49 -52.04 -16.54
N ILE C 251 -61.18 -52.15 -16.34
CA ILE C 251 -60.25 -52.62 -17.37
C ILE C 251 -59.28 -53.60 -16.75
N ASN C 252 -58.94 -54.65 -17.51
CA ASN C 252 -57.92 -55.63 -17.11
C ASN C 252 -58.24 -56.30 -15.78
N GLY C 253 -59.52 -56.56 -15.54
CA GLY C 253 -59.93 -57.38 -14.41
C GLY C 253 -59.68 -56.77 -13.05
N ALA C 254 -60.26 -55.60 -12.80
CA ALA C 254 -60.12 -54.96 -11.50
C ALA C 254 -61.38 -54.15 -11.21
N THR C 255 -61.71 -54.05 -9.93
CA THR C 255 -62.93 -53.35 -9.53
C THR C 255 -62.82 -51.86 -9.82
N ALA C 256 -63.97 -51.20 -9.84
CA ALA C 256 -64.05 -49.77 -10.12
C ALA C 256 -63.93 -48.97 -8.82
N ALA C 257 -63.71 -47.67 -8.99
CA ALA C 257 -63.64 -46.74 -7.85
C ALA C 257 -65.07 -46.42 -7.43
N THR C 258 -65.65 -47.32 -6.63
CA THR C 258 -67.00 -47.15 -6.10
C THR C 258 -66.90 -46.29 -4.84
N PHE C 259 -66.74 -44.99 -5.04
CA PHE C 259 -66.55 -44.08 -3.92
C PHE C 259 -67.72 -43.15 -3.76
N SER C 260 -67.64 -42.24 -2.79
CA SER C 260 -68.62 -41.18 -2.60
C SER C 260 -67.91 -39.85 -2.82
N LEU C 261 -68.47 -39.01 -3.69
CA LEU C 261 -67.89 -37.72 -4.01
C LEU C 261 -68.66 -36.66 -3.25
N SER C 262 -67.93 -35.80 -2.55
CA SER C 262 -68.49 -34.82 -1.64
C SER C 262 -68.23 -33.42 -2.15
N PHE C 263 -69.26 -32.57 -2.09
CA PHE C 263 -69.17 -31.15 -2.41
C PHE C 263 -69.28 -30.28 -1.18
N LEU C 264 -69.07 -30.86 0.01
CA LEU C 264 -69.27 -30.14 1.25
C LEU C 264 -68.32 -28.96 1.36
N ASN C 265 -68.77 -27.91 2.06
CA ASN C 265 -68.01 -26.67 2.24
C ASN C 265 -67.70 -26.03 0.89
N SER C 266 -68.77 -25.76 0.15
CA SER C 266 -68.69 -25.10 -1.15
C SER C 266 -69.44 -23.77 -1.08
N MET C 267 -68.78 -22.72 -1.57
CA MET C 267 -69.31 -21.37 -1.50
C MET C 267 -69.68 -20.88 -2.90
N GLN C 268 -70.76 -20.12 -2.98
CA GLN C 268 -71.16 -19.41 -4.20
C GLN C 268 -71.35 -17.95 -3.78
N GLN C 269 -70.25 -17.19 -3.81
CA GLN C 269 -70.24 -15.83 -3.27
C GLN C 269 -69.59 -14.86 -4.26
N ASN C 270 -69.74 -15.14 -5.56
CA ASN C 270 -69.15 -14.29 -6.61
C ASN C 270 -67.66 -14.09 -6.35
N THR C 271 -66.96 -15.19 -6.07
CA THR C 271 -65.57 -15.14 -5.64
C THR C 271 -64.63 -14.99 -6.84
N GLY C 272 -64.89 -13.95 -7.62
CA GLY C 272 -64.14 -13.74 -8.85
C GLY C 272 -64.72 -14.55 -9.97
N ALA C 273 -64.09 -15.69 -10.28
CA ALA C 273 -64.65 -16.64 -11.23
C ALA C 273 -64.80 -17.99 -10.55
N ASN C 274 -65.26 -18.99 -11.29
CA ASN C 274 -65.43 -20.33 -10.74
C ASN C 274 -64.06 -21.01 -10.64
N ASN C 275 -63.76 -21.58 -9.47
CA ASN C 275 -62.48 -22.22 -9.26
C ASN C 275 -62.60 -23.19 -8.09
N ILE C 276 -61.92 -24.32 -8.20
CA ILE C 276 -61.88 -25.32 -7.14
C ILE C 276 -60.63 -25.08 -6.30
N VAL C 277 -60.83 -24.88 -4.99
CA VAL C 277 -59.72 -24.57 -4.09
C VAL C 277 -59.05 -25.82 -3.52
N ALA C 278 -59.75 -26.96 -3.49
CA ALA C 278 -59.16 -28.17 -2.96
C ALA C 278 -59.95 -29.38 -3.48
N THR C 279 -59.23 -30.45 -3.78
CA THR C 279 -59.86 -31.72 -4.17
C THR C 279 -58.87 -32.84 -3.87
N ASN C 280 -59.41 -34.00 -3.50
CA ASN C 280 -58.56 -35.13 -3.15
C ASN C 280 -59.40 -36.40 -3.09
N GLN C 281 -58.70 -37.53 -3.01
CA GLN C 281 -59.31 -38.84 -2.86
C GLN C 281 -58.54 -39.66 -1.83
N ASN C 282 -58.84 -40.95 -1.71
CA ASN C 282 -58.23 -41.77 -0.68
C ASN C 282 -57.56 -43.03 -1.21
N GLY C 283 -57.52 -43.22 -2.53
CA GLY C 283 -56.85 -44.35 -3.14
C GLY C 283 -55.44 -44.01 -3.57
N TYR C 284 -54.78 -45.01 -4.14
CA TYR C 284 -53.40 -44.88 -4.61
C TYR C 284 -53.08 -46.06 -5.52
N LYS C 285 -51.84 -46.14 -5.94
CA LYS C 285 -51.36 -47.09 -6.93
C LYS C 285 -50.37 -48.06 -6.31
N PRO C 286 -50.11 -49.19 -6.97
CA PRO C 286 -49.13 -50.16 -6.45
C PRO C 286 -47.69 -49.72 -6.72
N GLY C 287 -46.78 -50.28 -5.94
CA GLY C 287 -45.38 -49.92 -6.04
C GLY C 287 -44.57 -50.66 -4.99
N ASP C 288 -43.32 -50.25 -4.86
CA ASP C 288 -42.39 -50.90 -3.94
C ASP C 288 -41.99 -49.95 -2.81
N LEU C 289 -41.35 -50.53 -1.80
CA LEU C 289 -40.82 -49.78 -0.67
C LEU C 289 -39.59 -48.98 -1.10
N VAL C 290 -39.49 -47.75 -0.59
CA VAL C 290 -38.39 -46.86 -0.93
C VAL C 290 -37.53 -46.53 0.28
N SER C 291 -38.14 -46.13 1.39
CA SER C 291 -37.38 -45.69 2.55
C SER C 291 -38.02 -46.25 3.81
N TYR C 292 -37.18 -46.46 4.82
CA TYR C 292 -37.61 -46.88 6.14
C TYR C 292 -36.81 -46.11 7.17
N GLN C 293 -37.48 -45.68 8.23
CA GLN C 293 -36.84 -44.91 9.28
C GLN C 293 -37.67 -45.08 10.55
N ILE C 294 -37.14 -44.57 11.65
CA ILE C 294 -37.74 -44.74 12.98
C ILE C 294 -38.18 -43.39 13.50
N ASN C 295 -39.42 -43.31 13.96
CA ASN C 295 -39.93 -42.07 14.53
C ASN C 295 -39.49 -41.93 15.98
N ASN C 296 -39.78 -40.77 16.55
CA ASN C 296 -39.35 -40.47 17.91
C ASN C 296 -40.09 -41.26 18.97
N ASP C 297 -41.15 -42.00 18.60
CA ASP C 297 -41.90 -42.78 19.57
C ASP C 297 -41.84 -44.27 19.27
N GLY C 298 -40.89 -44.71 18.43
CA GLY C 298 -40.71 -46.10 18.10
C GLY C 298 -41.58 -46.60 16.97
N THR C 299 -42.47 -45.77 16.43
CA THR C 299 -43.33 -46.18 15.33
C THR C 299 -42.54 -46.26 14.03
N VAL C 300 -42.13 -47.46 13.64
CA VAL C 300 -41.39 -47.64 12.40
C VAL C 300 -42.37 -47.55 11.23
N VAL C 301 -41.99 -46.80 10.20
CA VAL C 301 -42.87 -46.48 9.08
C VAL C 301 -42.28 -47.04 7.80
N GLY C 302 -43.16 -47.45 6.90
CA GLY C 302 -42.75 -47.87 5.57
C GLY C 302 -43.23 -46.92 4.49
N ASN C 303 -42.31 -46.15 3.91
CA ASN C 303 -42.63 -45.22 2.85
C ASN C 303 -42.39 -45.88 1.50
N TYR C 304 -43.36 -45.76 0.61
CA TYR C 304 -43.33 -46.51 -0.64
C TYR C 304 -43.29 -45.55 -1.83
N SER C 305 -43.09 -46.12 -3.02
CA SER C 305 -42.95 -45.34 -4.24
C SER C 305 -44.21 -44.55 -4.59
N ASN C 306 -45.35 -44.88 -3.98
CA ASN C 306 -46.62 -44.29 -4.34
C ASN C 306 -47.00 -43.15 -3.41
N GLU C 307 -46.01 -42.38 -2.94
CA GLU C 307 -46.17 -41.42 -1.85
C GLU C 307 -47.12 -41.93 -0.76
N GLN C 308 -46.97 -43.21 -0.39
CA GLN C 308 -47.77 -43.83 0.64
C GLN C 308 -46.89 -44.25 1.81
N GLU C 309 -47.49 -44.23 3.00
CA GLU C 309 -46.83 -44.65 4.23
C GLU C 309 -47.65 -45.75 4.89
N GLN C 310 -46.96 -46.76 5.41
CA GLN C 310 -47.59 -47.85 6.14
C GLN C 310 -46.78 -48.12 7.40
N VAL C 311 -47.42 -47.90 8.56
CA VAL C 311 -46.74 -48.14 9.83
C VAL C 311 -46.37 -49.62 9.93
N LEU C 312 -45.16 -49.89 10.44
CA LEU C 312 -44.66 -51.24 10.55
C LEU C 312 -44.58 -51.72 11.99
N GLY C 313 -45.27 -51.07 12.90
CA GLY C 313 -45.26 -51.43 14.30
C GLY C 313 -44.55 -50.40 15.14
N GLN C 314 -44.53 -50.67 16.45
CA GLN C 314 -43.87 -49.81 17.42
C GLN C 314 -43.08 -50.66 18.41
N ILE C 315 -41.90 -50.17 18.77
CA ILE C 315 -41.07 -50.85 19.77
C ILE C 315 -41.71 -50.63 21.14
N VAL C 316 -42.30 -51.68 21.69
CA VAL C 316 -42.92 -51.59 23.01
C VAL C 316 -41.81 -51.60 24.07
N LEU C 317 -41.83 -50.60 24.94
CA LEU C 317 -40.86 -50.49 26.02
C LEU C 317 -41.34 -51.31 27.22
N ALA C 318 -40.52 -51.33 28.26
CA ALA C 318 -40.86 -52.05 29.48
C ALA C 318 -40.11 -51.43 30.65
N ASN C 319 -40.85 -50.87 31.59
CA ASN C 319 -40.27 -50.34 32.80
C ASN C 319 -40.25 -51.43 33.88
N PHE C 320 -39.68 -51.11 35.02
CA PHE C 320 -39.50 -52.09 36.08
C PHE C 320 -39.97 -51.52 37.42
N ALA C 321 -40.48 -52.41 38.26
CA ALA C 321 -40.89 -52.01 39.60
C ALA C 321 -39.71 -51.87 40.55
N ASN C 322 -38.55 -52.43 40.20
CA ASN C 322 -37.37 -52.33 41.04
C ASN C 322 -36.14 -52.51 40.16
N ASN C 323 -35.40 -51.43 39.90
CA ASN C 323 -34.14 -51.54 39.21
C ASN C 323 -33.05 -51.99 40.17
N GLU C 324 -31.81 -52.03 39.67
CA GLU C 324 -30.63 -52.48 40.41
C GLU C 324 -30.84 -53.84 41.08
N GLY C 325 -31.81 -54.63 40.62
CA GLY C 325 -32.03 -55.95 41.15
C GLY C 325 -31.84 -57.02 40.09
N LEU C 326 -31.76 -56.58 38.84
CA LEU C 326 -31.55 -57.50 37.73
C LEU C 326 -30.15 -58.08 37.78
N ALA C 327 -29.90 -59.06 36.92
CA ALA C 327 -28.59 -59.69 36.82
C ALA C 327 -28.03 -59.46 35.42
N SER C 328 -26.74 -59.10 35.36
CA SER C 328 -26.08 -58.95 34.07
C SER C 328 -25.71 -60.31 33.49
N GLN C 329 -25.74 -60.41 32.16
CA GLN C 329 -25.46 -61.68 31.49
C GLN C 329 -24.34 -61.54 30.48
N GLY C 330 -23.23 -60.95 30.90
CA GLY C 330 -22.09 -60.83 30.01
C GLY C 330 -22.10 -59.55 29.22
N ASP C 331 -22.60 -59.61 27.99
CA ASP C 331 -22.69 -58.42 27.15
C ASP C 331 -23.89 -57.59 27.61
N ASN C 332 -24.28 -56.61 26.79
CA ASN C 332 -25.24 -55.62 27.24
C ASN C 332 -26.64 -56.19 27.40
N VAL C 333 -26.82 -57.10 28.36
CA VAL C 333 -28.13 -57.69 28.62
C VAL C 333 -28.30 -57.88 30.12
N TRP C 334 -29.48 -57.51 30.61
CA TRP C 334 -29.90 -57.79 31.98
C TRP C 334 -31.11 -58.71 31.97
N ALA C 335 -31.23 -59.52 33.01
CA ALA C 335 -32.34 -60.43 33.19
C ALA C 335 -33.03 -60.15 34.52
N ALA C 336 -34.36 -60.20 34.49
CA ALA C 336 -35.17 -59.99 35.69
C ALA C 336 -35.21 -61.29 36.50
N THR C 337 -34.89 -61.19 37.78
CA THR C 337 -34.85 -62.33 38.68
C THR C 337 -35.74 -62.03 39.89
N GLN C 338 -35.60 -62.87 40.92
CA GLN C 338 -36.31 -62.61 42.17
C GLN C 338 -35.88 -61.27 42.76
N ALA C 339 -36.86 -60.54 43.30
CA ALA C 339 -36.63 -59.20 43.85
C ALA C 339 -36.02 -58.28 42.80
N SER C 340 -36.52 -58.37 41.57
CA SER C 340 -36.05 -57.51 40.49
C SER C 340 -37.16 -56.88 39.66
N GLY C 341 -38.42 -57.24 39.86
CA GLY C 341 -39.53 -56.62 39.18
C GLY C 341 -40.20 -57.57 38.21
N VAL C 342 -41.10 -57.00 37.42
CA VAL C 342 -41.85 -57.74 36.41
C VAL C 342 -41.77 -56.99 35.08
N ALA C 343 -42.50 -57.48 34.07
CA ALA C 343 -42.40 -56.94 32.72
C ALA C 343 -42.79 -55.46 32.65
N LEU C 344 -44.04 -55.14 32.96
CA LEU C 344 -44.54 -53.76 32.95
C LEU C 344 -44.27 -53.09 31.60
N LEU C 345 -44.82 -53.67 30.55
CA LEU C 345 -44.59 -53.17 29.21
C LEU C 345 -45.37 -51.88 28.97
N GLY C 346 -45.09 -51.25 27.84
CA GLY C 346 -45.76 -50.02 27.48
C GLY C 346 -45.04 -49.32 26.34
N THR C 347 -45.60 -48.18 25.94
CA THR C 347 -45.05 -47.38 24.86
C THR C 347 -44.27 -46.18 25.42
N ALA C 348 -43.44 -45.58 24.58
CA ALA C 348 -42.64 -44.44 24.98
C ALA C 348 -43.41 -43.13 24.96
N GLY C 349 -44.62 -43.12 24.41
CA GLY C 349 -45.38 -41.89 24.30
C GLY C 349 -45.80 -41.32 25.65
N SER C 350 -46.18 -42.19 26.58
CA SER C 350 -46.70 -41.75 27.87
C SER C 350 -46.31 -42.77 28.92
N GLY C 351 -46.93 -42.68 30.10
CA GLY C 351 -46.64 -43.60 31.18
C GLY C 351 -45.31 -43.30 31.84
N ASN C 352 -44.85 -44.26 32.64
CA ASN C 352 -43.58 -44.18 33.33
C ASN C 352 -42.39 -44.50 32.42
N PHE C 353 -42.60 -44.51 31.11
CA PHE C 353 -41.58 -44.88 30.15
C PHE C 353 -40.96 -43.65 29.53
N GLY C 354 -39.66 -43.72 29.24
CA GLY C 354 -38.91 -42.59 28.76
C GLY C 354 -39.19 -42.19 27.33
N LYS C 355 -38.24 -41.45 26.74
CA LYS C 355 -38.34 -40.99 25.37
C LYS C 355 -37.15 -41.51 24.58
N LEU C 356 -37.37 -41.74 23.29
CA LEU C 356 -36.38 -42.37 22.43
C LEU C 356 -35.79 -41.34 21.47
N THR C 357 -34.51 -41.51 21.16
CA THR C 357 -33.79 -40.65 20.24
C THR C 357 -33.78 -41.27 18.86
N ASN C 358 -34.02 -40.44 17.83
CA ASN C 358 -34.06 -40.95 16.47
C ASN C 358 -32.71 -41.54 16.06
N GLY C 359 -31.67 -40.70 15.99
CA GLY C 359 -30.33 -41.20 15.84
C GLY C 359 -29.41 -40.68 16.93
N ALA C 360 -29.01 -41.58 17.83
CA ALA C 360 -28.15 -41.25 18.97
C ALA C 360 -27.90 -42.54 19.74
N LEU C 361 -26.94 -42.49 20.64
CA LEU C 361 -26.59 -43.62 21.48
C LEU C 361 -26.55 -43.17 22.94
N GLU C 362 -26.17 -44.09 23.82
CA GLU C 362 -26.03 -43.80 25.24
C GLU C 362 -24.62 -44.17 25.66
N ALA C 363 -23.92 -43.22 26.27
CA ALA C 363 -22.54 -43.46 26.68
C ALA C 363 -22.50 -44.34 27.92
N SER C 364 -21.28 -44.61 28.38
CA SER C 364 -21.07 -45.51 29.52
C SER C 364 -21.27 -44.82 30.86
N ASN C 365 -21.62 -43.53 30.87
CA ASN C 365 -21.79 -42.67 32.04
C ASN C 365 -20.66 -42.83 33.05
N VAL C 366 -19.49 -43.22 32.57
CA VAL C 366 -18.29 -43.34 33.40
C VAL C 366 -17.32 -42.25 32.95
N ASP C 367 -17.33 -41.14 33.67
CA ASP C 367 -16.36 -40.06 33.47
C ASP C 367 -15.12 -40.45 34.26
N LEU C 368 -14.11 -40.97 33.56
CA LEU C 368 -13.06 -41.76 34.18
C LEU C 368 -12.32 -41.02 35.30
N SER C 369 -12.30 -39.68 35.25
CA SER C 369 -11.50 -38.90 36.18
C SER C 369 -11.70 -39.35 37.63
N LYS C 370 -12.92 -39.24 38.13
CA LYS C 370 -13.22 -39.55 39.53
C LYS C 370 -12.90 -40.99 39.91
N GLU C 371 -12.82 -41.90 38.94
CA GLU C 371 -12.39 -43.27 39.22
C GLU C 371 -10.87 -43.40 39.40
N LEU C 372 -10.07 -42.66 38.65
CA LEU C 372 -8.62 -42.82 38.78
C LEU C 372 -8.14 -42.55 40.20
N VAL C 373 -8.68 -41.51 40.84
CA VAL C 373 -8.33 -41.27 42.24
C VAL C 373 -8.87 -42.39 43.12
N ASN C 374 -10.10 -42.85 42.84
CA ASN C 374 -10.71 -43.91 43.64
C ASN C 374 -9.83 -45.15 43.67
N MET C 375 -9.09 -45.40 42.58
CA MET C 375 -8.15 -46.50 42.56
C MET C 375 -7.08 -46.32 43.63
N ILE C 376 -6.42 -45.16 43.62
CA ILE C 376 -5.21 -44.99 44.41
C ILE C 376 -5.49 -45.16 45.89
N VAL C 377 -6.49 -44.44 46.40
CA VAL C 377 -6.86 -44.56 47.80
C VAL C 377 -7.15 -46.02 48.14
N ALA C 378 -7.90 -46.71 47.28
CA ALA C 378 -8.19 -48.11 47.52
C ALA C 378 -6.90 -48.89 47.69
N GLN C 379 -5.97 -48.72 46.76
CA GLN C 379 -4.67 -49.36 46.87
C GLN C 379 -4.04 -49.07 48.23
N ARG C 380 -4.02 -47.79 48.63
CA ARG C 380 -3.42 -47.44 49.90
C ARG C 380 -4.13 -48.14 51.05
N ASN C 381 -5.46 -48.20 51.15
CA ASN C 381 -6.05 -48.84 52.39
C ASN C 381 -5.59 -50.30 52.58
N TYR C 382 -5.19 -50.88 51.46
CA TYR C 382 -4.59 -52.23 51.45
C TYR C 382 -3.28 -52.18 52.21
N GLN C 383 -2.51 -51.11 52.02
CA GLN C 383 -1.19 -51.01 52.72
C GLN C 383 -1.39 -50.97 54.23
N SER C 384 -2.42 -50.33 54.73
CA SER C 384 -2.51 -50.30 56.20
C SER C 384 -2.93 -51.67 56.67
N ASN C 385 -3.77 -52.35 55.93
CA ASN C 385 -4.02 -53.74 56.40
C ASN C 385 -2.72 -54.56 56.38
N ALA C 386 -1.87 -54.38 55.36
CA ALA C 386 -0.59 -55.11 55.33
C ALA C 386 0.22 -54.77 56.59
N GLN C 387 0.18 -53.54 57.09
CA GLN C 387 1.01 -53.29 58.30
C GLN C 387 0.50 -54.04 59.51
N THR C 388 -0.80 -54.11 59.70
CA THR C 388 -1.22 -54.81 60.91
C THR C 388 -0.82 -56.27 60.85
N ILE C 389 -0.90 -56.95 59.71
CA ILE C 389 -0.49 -58.39 59.78
C ILE C 389 0.97 -58.49 60.12
N LYS C 390 1.81 -57.64 59.53
CA LYS C 390 3.24 -57.77 59.87
C LYS C 390 3.41 -57.52 61.37
N THR C 391 2.79 -56.50 61.91
CA THR C 391 2.95 -56.31 63.37
C THR C 391 2.31 -57.47 64.10
N GLN C 392 1.42 -58.20 63.48
CA GLN C 392 0.83 -59.29 64.28
C GLN C 392 1.79 -60.47 64.26
N ASP C 393 2.32 -60.76 63.07
CA ASP C 393 3.32 -61.85 62.88
C ASP C 393 4.56 -61.54 63.73
N GLN C 394 4.99 -60.28 63.81
CA GLN C 394 6.19 -59.98 64.60
C GLN C 394 5.93 -60.30 66.06
N ILE C 395 4.78 -59.90 66.61
CA ILE C 395 4.55 -60.21 68.05
C ILE C 395 4.55 -61.72 68.24
N LEU C 396 3.87 -62.42 67.35
CA LEU C 396 3.81 -63.89 67.49
C LEU C 396 5.21 -64.48 67.41
N ASN C 397 6.03 -63.99 66.50
CA ASN C 397 7.40 -64.51 66.29
C ASN C 397 8.19 -64.32 67.57
N THR C 398 8.12 -63.16 68.22
CA THR C 398 8.92 -63.02 69.47
C THR C 398 8.42 -64.05 70.48
N LEU C 399 7.11 -64.20 70.60
CA LEU C 399 6.64 -65.20 71.58
C LEU C 399 7.16 -66.59 71.25
N VAL C 400 7.10 -67.03 70.00
CA VAL C 400 7.59 -68.42 69.75
C VAL C 400 9.08 -68.50 70.02
N ASN C 401 9.85 -67.48 69.66
CA ASN C 401 11.30 -67.54 69.88
C ASN C 401 11.57 -67.62 71.39
N LEU C 402 10.85 -66.86 72.20
CA LEU C 402 11.08 -66.93 73.65
C LEU C 402 10.82 -68.37 74.11
N SER D 2 10.78 -38.64 74.77
CA SER D 2 10.67 -39.96 74.10
C SER D 2 9.50 -39.94 73.11
N PHE D 3 8.68 -40.98 73.23
CA PHE D 3 7.55 -41.14 72.30
C PHE D 3 6.64 -39.94 72.39
N SER D 4 6.35 -39.44 73.60
CA SER D 4 5.37 -38.34 73.67
C SER D 4 5.82 -37.13 72.87
N GLN D 5 7.05 -36.64 73.05
CA GLN D 5 7.37 -35.42 72.29
C GLN D 5 7.34 -35.73 70.81
N ALA D 6 7.92 -36.86 70.42
CA ALA D 6 7.92 -37.08 68.96
C ALA D 6 6.50 -37.23 68.41
N VAL D 7 5.63 -37.92 69.13
CA VAL D 7 4.26 -38.15 68.59
C VAL D 7 3.50 -36.83 68.52
N SER D 8 3.60 -36.06 69.60
CA SER D 8 2.82 -34.81 69.74
C SER D 8 3.13 -33.98 68.53
N GLY D 9 4.40 -34.00 68.20
CA GLY D 9 4.92 -33.30 67.02
C GLY D 9 4.08 -33.62 65.80
N LEU D 10 3.73 -34.89 65.65
CA LEU D 10 2.91 -35.40 64.54
C LEU D 10 1.54 -34.74 64.60
N ASN D 11 0.95 -34.62 65.78
CA ASN D 11 -0.38 -33.99 65.87
C ASN D 11 -0.27 -32.57 65.38
N ALA D 12 0.75 -31.84 65.84
CA ALA D 12 0.87 -30.43 65.41
C ALA D 12 1.06 -30.34 63.89
N ALA D 13 1.95 -31.17 63.34
CA ALA D 13 2.21 -31.07 61.89
C ALA D 13 0.96 -31.42 61.11
N ALA D 14 0.24 -32.45 61.56
CA ALA D 14 -1.00 -32.93 60.91
C ALA D 14 -2.05 -31.82 60.94
N THR D 15 -2.16 -31.15 62.08
CA THR D 15 -3.16 -30.07 62.22
C THR D 15 -2.83 -29.01 61.18
N ASN D 16 -1.56 -28.62 61.10
CA ASN D 16 -1.21 -27.54 60.16
C ASN D 16 -1.50 -27.99 58.73
N LEU D 17 -1.10 -29.21 58.40
CA LEU D 17 -1.28 -29.67 56.99
C LEU D 17 -2.77 -29.71 56.66
N ASP D 18 -3.61 -30.17 57.59
CA ASP D 18 -5.08 -30.28 57.37
C ASP D 18 -5.68 -28.89 57.16
N VAL D 19 -5.27 -27.87 57.93
CA VAL D 19 -5.84 -26.52 57.66
C VAL D 19 -5.41 -26.06 56.25
N ILE D 20 -4.16 -26.34 55.87
CA ILE D 20 -3.68 -25.97 54.51
C ILE D 20 -4.52 -26.71 53.45
N GLY D 21 -4.84 -27.98 53.71
CA GLY D 21 -5.66 -28.88 52.85
C GLY D 21 -7.08 -28.35 52.71
N ASN D 22 -7.61 -27.78 53.79
CA ASN D 22 -8.95 -27.13 53.85
C ASN D 22 -8.95 -25.95 52.88
N ASN D 23 -7.84 -25.21 52.81
CA ASN D 23 -7.77 -24.09 51.85
C ASN D 23 -7.89 -24.52 50.36
N ILE D 24 -7.10 -25.48 49.85
CA ILE D 24 -7.02 -25.79 48.42
C ILE D 24 -8.40 -26.13 47.87
N ALA D 25 -9.13 -27.00 48.56
CA ALA D 25 -10.40 -27.48 48.04
C ALA D 25 -11.43 -26.37 47.96
N ASN D 26 -11.37 -25.40 48.87
CA ASN D 26 -12.32 -24.29 48.88
C ASN D 26 -11.79 -23.07 48.14
N SER D 27 -10.91 -23.27 47.16
CA SER D 27 -10.32 -22.16 46.43
C SER D 27 -11.29 -21.46 45.50
N ALA D 28 -12.53 -21.93 45.38
CA ALA D 28 -13.51 -21.30 44.50
C ALA D 28 -14.81 -20.94 45.20
N THR D 29 -15.02 -21.37 46.45
CA THR D 29 -16.23 -20.99 47.17
C THR D 29 -16.28 -19.48 47.34
N TYR D 30 -17.47 -18.91 47.16
CA TYR D 30 -17.61 -17.46 47.18
C TYR D 30 -17.57 -16.92 48.61
N GLY D 31 -18.52 -17.35 49.44
CA GLY D 31 -18.55 -16.87 50.82
C GLY D 31 -17.64 -17.67 51.73
N PHE D 32 -16.34 -17.65 51.45
CA PHE D 32 -15.37 -18.43 52.20
C PHE D 32 -14.29 -17.53 52.79
N LYS D 33 -13.76 -17.94 53.94
CA LYS D 33 -12.66 -17.25 54.60
C LYS D 33 -11.52 -18.24 54.78
N SER D 34 -10.36 -17.92 54.22
CA SER D 34 -9.22 -18.83 54.24
C SER D 34 -8.70 -19.03 55.65
N GLY D 35 -8.93 -20.23 56.21
CA GLY D 35 -8.49 -20.50 57.56
C GLY D 35 -7.03 -20.93 57.63
N THR D 36 -6.53 -20.96 58.86
CA THR D 36 -5.17 -21.39 59.15
C THR D 36 -5.10 -21.83 60.61
N ALA D 37 -4.02 -22.51 60.96
CA ALA D 37 -3.86 -23.09 62.28
C ALA D 37 -2.98 -22.21 63.16
N SER D 38 -3.05 -22.46 64.46
CA SER D 38 -2.23 -21.79 65.46
C SER D 38 -1.87 -22.81 66.52
N PHE D 39 -0.61 -22.86 66.94
CA PHE D 39 -0.22 -23.79 68.04
C PHE D 39 0.97 -23.28 68.87
N ALA D 40 0.76 -23.18 70.19
CA ALA D 40 1.78 -22.69 71.14
C ALA D 40 2.15 -23.82 72.11
N ASP D 41 3.46 -24.01 72.29
CA ASP D 41 4.05 -25.12 73.09
C ASP D 41 3.53 -25.17 74.53
N MET D 42 3.08 -26.36 74.95
CA MET D 42 2.67 -26.65 76.35
C MET D 42 3.81 -27.45 76.98
N PHE D 43 4.40 -26.93 78.07
CA PHE D 43 5.57 -27.55 78.74
C PHE D 43 5.10 -28.44 79.88
N ALA D 44 5.96 -28.62 80.90
CA ALA D 44 5.59 -29.52 82.03
C ALA D 44 6.49 -29.23 83.21
N GLY D 45 6.17 -29.83 84.36
CA GLY D 45 6.96 -29.64 85.58
C GLY D 45 8.40 -30.07 85.44
N SER D 46 8.89 -30.33 84.21
CA SER D 46 10.31 -30.74 84.13
C SER D 46 11.13 -29.76 83.30
N LYS D 47 12.45 -29.95 83.33
CA LYS D 47 13.41 -29.12 82.54
C LYS D 47 13.11 -29.38 81.06
N VAL D 48 12.85 -30.63 80.71
CA VAL D 48 12.56 -31.02 79.30
C VAL D 48 11.10 -30.67 78.99
N GLY D 49 10.88 -29.81 78.00
CA GLY D 49 9.52 -29.40 77.62
C GLY D 49 8.79 -30.58 77.02
N LEU D 50 7.51 -30.78 77.30
CA LEU D 50 6.96 -32.06 76.80
C LEU D 50 5.91 -31.88 75.69
N GLY D 51 6.25 -31.27 74.57
CA GLY D 51 5.20 -31.28 73.53
C GLY D 51 5.06 -30.04 72.66
N VAL D 52 3.80 -29.68 72.42
CA VAL D 52 3.30 -28.62 71.51
C VAL D 52 1.75 -28.56 71.63
N LYS D 53 1.04 -27.76 70.85
CA LYS D 53 -0.43 -27.75 71.10
C LYS D 53 -1.17 -27.43 69.81
N VAL D 54 -2.24 -26.68 69.98
CA VAL D 54 -3.08 -26.06 68.93
C VAL D 54 -3.84 -24.99 69.71
N ALA D 55 -3.38 -23.75 69.64
CA ALA D 55 -4.05 -22.70 70.43
C ALA D 55 -5.50 -22.58 69.95
N GLY D 56 -5.70 -22.56 68.63
CA GLY D 56 -7.03 -22.46 68.02
C GLY D 56 -6.94 -22.59 66.51
N ILE D 57 -8.07 -22.51 65.81
CA ILE D 57 -8.09 -22.54 64.32
C ILE D 57 -8.66 -21.18 63.90
N THR D 58 -7.85 -20.31 63.28
CA THR D 58 -8.39 -18.99 63.00
C THR D 58 -8.71 -18.86 61.52
N GLN D 59 -9.38 -17.76 61.17
CA GLN D 59 -9.75 -17.48 59.79
C GLN D 59 -9.33 -16.06 59.45
N ASP D 60 -8.55 -15.91 58.39
CA ASP D 60 -8.16 -14.58 57.92
C ASP D 60 -9.40 -13.88 57.36
N PHE D 61 -9.90 -12.90 58.11
CA PHE D 61 -11.15 -12.23 57.76
C PHE D 61 -10.94 -11.05 56.81
N THR D 62 -9.76 -10.92 56.22
CA THR D 62 -9.52 -9.88 55.23
C THR D 62 -10.39 -10.14 54.02
N ASP D 63 -11.34 -9.24 53.77
CA ASP D 63 -12.31 -9.43 52.69
C ASP D 63 -11.60 -9.50 51.34
N GLY D 64 -12.10 -10.37 50.48
CA GLY D 64 -11.52 -10.58 49.16
C GLY D 64 -12.01 -9.58 48.13
N THR D 65 -11.99 -9.99 46.88
CA THR D 65 -12.39 -9.13 45.77
C THR D 65 -13.90 -9.19 45.57
N THR D 66 -14.45 -8.10 45.06
CA THR D 66 -15.87 -8.01 44.70
C THR D 66 -15.98 -8.18 43.20
N THR D 67 -16.46 -9.35 42.77
CA THR D 67 -16.59 -9.65 41.36
C THR D 67 -17.81 -8.93 40.78
N ASN D 68 -17.97 -9.06 39.47
CA ASN D 68 -19.09 -8.46 38.74
C ASN D 68 -19.86 -9.57 38.06
N THR D 69 -21.16 -9.66 38.35
CA THR D 69 -22.02 -10.67 37.74
C THR D 69 -23.21 -10.09 37.00
N GLY D 70 -23.60 -8.84 37.26
CA GLY D 70 -24.70 -8.22 36.58
C GLY D 70 -26.08 -8.64 37.04
N ARG D 71 -26.19 -9.67 37.86
CA ARG D 71 -27.50 -10.11 38.33
C ARG D 71 -28.06 -9.10 39.33
N GLY D 72 -29.39 -9.12 39.46
CA GLY D 72 -30.07 -8.21 40.37
C GLY D 72 -29.91 -8.60 41.83
N LEU D 73 -30.25 -9.84 42.16
CA LEU D 73 -30.23 -10.31 43.55
C LEU D 73 -28.86 -10.84 43.93
N ASP D 74 -27.85 -10.00 43.71
CA ASP D 74 -26.50 -10.26 44.22
C ASP D 74 -26.05 -9.02 44.97
N VAL D 75 -25.45 -9.22 46.14
CA VAL D 75 -25.05 -8.13 47.01
C VAL D 75 -23.63 -8.36 47.50
N ALA D 76 -22.92 -7.27 47.74
CA ALA D 76 -21.54 -7.33 48.18
C ALA D 76 -21.39 -6.55 49.48
N ILE D 77 -20.42 -6.98 50.29
CA ILE D 77 -20.08 -6.33 51.55
C ILE D 77 -18.64 -5.88 51.46
N SER D 78 -18.43 -4.56 51.44
CA SER D 78 -17.10 -4.01 51.20
C SER D 78 -16.20 -4.03 52.42
N GLN D 79 -16.76 -4.18 53.62
CA GLN D 79 -16.00 -4.12 54.87
C GLN D 79 -16.66 -5.04 55.87
N ASN D 80 -16.36 -4.85 57.16
CA ASN D 80 -17.00 -5.63 58.21
C ASN D 80 -18.51 -5.52 58.09
N GLY D 81 -19.19 -6.66 58.17
CA GLY D 81 -20.63 -6.71 58.00
C GLY D 81 -21.09 -8.10 57.63
N PHE D 82 -22.21 -8.54 58.19
CA PHE D 82 -22.67 -9.91 58.02
C PHE D 82 -24.15 -9.91 57.65
N PHE D 83 -24.59 -11.03 57.09
CA PHE D 83 -25.99 -11.25 56.78
C PHE D 83 -26.56 -12.23 57.79
N ARG D 84 -27.63 -11.84 58.47
CA ARG D 84 -28.28 -12.68 59.46
C ARG D 84 -29.38 -13.47 58.75
N LEU D 85 -29.25 -14.80 58.76
CA LEU D 85 -30.19 -15.68 58.09
C LEU D 85 -30.89 -16.54 59.13
N VAL D 86 -32.09 -17.01 58.78
CA VAL D 86 -32.83 -17.92 59.66
C VAL D 86 -33.06 -19.23 58.94
N ASP D 87 -33.01 -20.31 59.72
CA ASP D 87 -33.38 -21.63 59.24
C ASP D 87 -34.91 -21.75 59.18
N SER D 88 -35.38 -22.84 58.60
CA SER D 88 -36.83 -23.05 58.52
C SER D 88 -37.44 -23.25 59.91
N ASN D 89 -36.75 -23.98 60.77
CA ASN D 89 -37.26 -24.25 62.12
C ASN D 89 -37.27 -23.01 63.01
N GLY D 90 -36.51 -21.97 62.67
CA GLY D 90 -36.45 -20.76 63.46
C GLY D 90 -35.08 -20.43 64.00
N SER D 91 -34.06 -21.27 63.76
CA SER D 91 -32.71 -20.96 64.22
C SER D 91 -32.16 -19.75 63.45
N VAL D 92 -31.04 -19.24 63.94
CA VAL D 92 -30.41 -18.05 63.35
C VAL D 92 -28.93 -18.33 63.14
N PHE D 93 -28.45 -18.06 61.93
CA PHE D 93 -27.04 -18.16 61.58
C PHE D 93 -26.60 -16.86 60.92
N TYR D 94 -25.30 -16.76 60.66
CA TYR D 94 -24.73 -15.56 60.05
C TYR D 94 -23.78 -15.97 58.94
N SER D 95 -23.88 -15.29 57.80
CA SER D 95 -23.11 -15.69 56.62
C SER D 95 -22.69 -14.44 55.85
N ARG D 96 -21.86 -14.67 54.82
CA ARG D 96 -21.37 -13.60 53.97
C ARG D 96 -21.69 -13.78 52.50
N ASN D 97 -22.23 -14.93 52.09
CA ASN D 97 -22.50 -15.17 50.68
C ASN D 97 -23.54 -14.19 50.15
N GLY D 98 -23.30 -13.72 48.92
CA GLY D 98 -24.20 -12.77 48.30
C GLY D 98 -25.12 -13.39 47.26
N GLN D 99 -25.26 -14.71 47.30
CA GLN D 99 -26.11 -15.43 46.36
C GLN D 99 -27.52 -15.52 46.94
N PHE D 100 -28.48 -14.88 46.27
CA PHE D 100 -29.85 -14.87 46.75
C PHE D 100 -30.80 -14.87 45.56
N LYS D 101 -32.02 -15.33 45.81
CA LYS D 101 -33.02 -15.45 44.77
C LYS D 101 -34.40 -15.59 45.40
N LEU D 102 -35.43 -15.19 44.65
CA LEU D 102 -36.80 -15.41 45.10
C LEU D 102 -37.10 -16.91 45.10
N ASP D 103 -37.97 -17.32 46.00
CA ASP D 103 -38.39 -18.71 46.09
C ASP D 103 -39.78 -18.88 45.50
N GLU D 104 -40.32 -20.09 45.64
CA GLU D 104 -41.67 -20.36 45.15
C GLU D 104 -42.72 -19.56 45.92
N ASN D 105 -42.43 -19.21 47.17
CA ASN D 105 -43.38 -18.51 48.02
C ASN D 105 -43.06 -17.02 48.15
N ARG D 106 -42.29 -16.47 47.21
CA ARG D 106 -42.01 -15.04 47.15
C ARG D 106 -41.29 -14.55 48.41
N ASN D 107 -40.36 -15.36 48.91
CA ASN D 107 -39.46 -14.97 49.98
C ASN D 107 -38.05 -15.00 49.43
N LEU D 108 -37.30 -13.91 49.65
CA LEU D 108 -35.91 -13.88 49.20
C LEU D 108 -35.10 -14.93 49.94
N VAL D 109 -34.46 -15.81 49.18
CA VAL D 109 -33.82 -17.00 49.74
C VAL D 109 -32.47 -17.22 49.06
N ASN D 110 -31.52 -17.76 49.81
CA ASN D 110 -30.20 -18.08 49.30
C ASN D 110 -30.25 -19.40 48.52
N MET D 111 -29.09 -19.97 48.22
CA MET D 111 -29.00 -21.24 47.53
C MET D 111 -29.27 -22.42 48.46
N GLN D 112 -29.43 -22.21 49.76
CA GLN D 112 -29.56 -23.30 50.72
C GLN D 112 -30.96 -23.40 51.31
N GLY D 113 -31.95 -22.74 50.73
CA GLY D 113 -33.29 -22.77 51.27
C GLY D 113 -33.53 -21.87 52.46
N MET D 114 -32.53 -21.10 52.88
CA MET D 114 -32.66 -20.20 54.02
C MET D 114 -33.05 -18.81 53.55
N GLN D 115 -34.06 -18.23 54.20
CA GLN D 115 -34.55 -16.91 53.83
C GLN D 115 -33.78 -15.84 54.58
N LEU D 116 -33.32 -14.84 53.84
CA LEU D 116 -32.57 -13.73 54.43
C LEU D 116 -33.52 -12.88 55.27
N THR D 117 -32.99 -12.29 56.35
CA THR D 117 -33.79 -11.54 57.29
C THR D 117 -33.50 -10.04 57.20
N GLY D 118 -34.54 -9.25 57.41
CA GLY D 118 -34.41 -7.81 57.35
C GLY D 118 -35.49 -7.12 58.14
N TYR D 119 -35.34 -5.81 58.28
CA TYR D 119 -36.31 -5.03 59.04
C TYR D 119 -37.66 -5.03 58.33
N PRO D 120 -38.76 -5.07 59.08
CA PRO D 120 -40.08 -5.09 58.44
C PRO D 120 -40.47 -3.73 57.90
N ALA D 121 -41.52 -3.73 57.07
CA ALA D 121 -42.09 -2.52 56.50
C ALA D 121 -43.59 -2.54 56.76
N THR D 122 -44.09 -1.46 57.36
CA THR D 122 -45.50 -1.34 57.70
C THR D 122 -46.01 0.04 57.32
N GLY D 123 -47.32 0.14 57.15
CA GLY D 123 -47.97 1.41 56.87
C GLY D 123 -48.37 1.54 55.41
N THR D 124 -49.14 2.60 55.16
CA THR D 124 -49.59 2.93 53.81
C THR D 124 -49.45 4.44 53.62
N PRO D 125 -48.35 4.88 53.00
CA PRO D 125 -47.26 4.09 52.41
C PRO D 125 -46.39 3.38 53.44
N PRO D 126 -45.80 2.26 53.05
CA PRO D 126 -45.00 1.48 54.00
C PRO D 126 -43.77 2.26 54.47
N THR D 127 -43.36 1.96 55.70
CA THR D 127 -42.17 2.56 56.29
C THR D 127 -41.49 1.51 57.15
N ILE D 128 -40.20 1.74 57.43
CA ILE D 128 -39.36 0.79 58.13
C ILE D 128 -39.27 1.22 59.59
N GLN D 129 -39.61 0.32 60.50
CA GLN D 129 -39.40 0.56 61.92
C GLN D 129 -38.02 0.06 62.30
N GLN D 130 -37.09 0.99 62.54
CA GLN D 130 -35.68 0.63 62.87
C GLN D 130 -35.60 -0.40 63.98
N GLY D 131 -36.25 -0.15 65.11
CA GLY D 131 -36.14 -1.05 66.27
C GLY D 131 -36.67 -2.46 66.03
N ALA D 132 -37.78 -2.57 65.30
CA ALA D 132 -38.52 -3.83 65.02
C ALA D 132 -37.61 -5.07 64.87
N ASN D 133 -37.93 -6.16 65.60
CA ASN D 133 -37.15 -7.39 65.47
C ASN D 133 -37.09 -7.81 64.00
N PRO D 134 -35.91 -8.03 63.44
CA PRO D 134 -35.82 -8.44 62.04
C PRO D 134 -36.55 -9.76 61.79
N ALA D 135 -37.17 -9.84 60.62
CA ALA D 135 -38.00 -10.98 60.23
C ALA D 135 -37.73 -11.28 58.78
N PRO D 136 -38.08 -12.48 58.30
CA PRO D 136 -37.91 -12.79 56.88
C PRO D 136 -38.67 -11.81 56.00
N ILE D 137 -38.06 -11.46 54.87
CA ILE D 137 -38.59 -10.46 53.96
C ILE D 137 -39.35 -11.16 52.84
N THR D 138 -40.43 -10.53 52.39
CA THR D 138 -41.29 -11.07 51.34
C THR D 138 -41.48 -10.04 50.24
N ILE D 139 -41.83 -10.52 49.05
CA ILE D 139 -42.13 -9.65 47.92
C ILE D 139 -43.50 -10.07 47.35
N PRO D 140 -44.60 -9.64 47.97
CA PRO D 140 -45.92 -10.00 47.44
C PRO D 140 -46.16 -9.43 46.06
N ASN D 141 -46.95 -10.16 45.27
CA ASN D 141 -47.28 -9.75 43.91
C ASN D 141 -48.72 -9.27 43.79
N THR D 142 -49.34 -8.89 44.91
CA THR D 142 -50.71 -8.40 44.87
C THR D 142 -50.76 -7.03 44.21
N LEU D 143 -51.97 -6.61 43.85
CA LEU D 143 -52.15 -5.31 43.23
C LEU D 143 -51.82 -4.20 44.23
N MET D 144 -51.52 -3.03 43.69
CA MET D 144 -51.35 -1.82 44.50
C MET D 144 -52.69 -1.07 44.46
N ALA D 145 -53.42 -1.14 45.56
CA ALA D 145 -54.79 -0.62 45.58
C ALA D 145 -54.81 0.89 45.42
N ALA D 146 -55.98 1.40 45.06
CA ALA D 146 -56.15 2.83 44.87
C ALA D 146 -56.12 3.55 46.22
N LYS D 147 -55.76 4.83 46.17
CA LYS D 147 -55.69 5.64 47.39
C LYS D 147 -56.22 7.02 47.07
N SER D 148 -57.19 7.48 47.88
CA SER D 148 -57.77 8.79 47.66
C SER D 148 -56.71 9.87 47.85
N THR D 149 -56.75 10.89 47.00
CA THR D 149 -55.88 12.04 47.18
C THR D 149 -56.29 12.78 48.44
N THR D 150 -55.35 13.02 49.34
CA THR D 150 -55.63 13.62 50.62
C THR D 150 -54.96 14.96 50.85
N THR D 151 -53.75 15.17 50.31
CA THR D 151 -53.04 16.42 50.48
C THR D 151 -52.52 16.87 49.13
N ALA D 152 -52.74 18.15 48.81
CA ALA D 152 -52.26 18.74 47.58
C ALA D 152 -51.56 20.05 47.89
N SER D 153 -50.35 20.23 47.35
CA SER D 153 -49.58 21.45 47.52
C SER D 153 -49.32 22.06 46.16
N MET D 154 -49.48 23.38 46.07
CA MET D 154 -49.36 24.10 44.80
C MET D 154 -48.72 25.45 45.08
N GLN D 155 -47.41 25.54 44.86
CA GLN D 155 -46.70 26.80 44.99
C GLN D 155 -46.89 27.64 43.73
N ILE D 156 -46.97 28.95 43.90
CA ILE D 156 -47.20 29.87 42.79
C ILE D 156 -46.36 31.13 42.96
N ASN D 157 -45.84 31.64 41.85
CA ASN D 157 -45.11 32.90 41.82
C ASN D 157 -45.85 33.83 40.87
N LEU D 158 -46.72 34.66 41.44
CA LEU D 158 -47.57 35.54 40.65
C LEU D 158 -46.86 36.83 40.29
N ASN D 159 -47.41 37.54 39.30
CA ASN D 159 -46.87 38.83 38.89
C ASN D 159 -47.44 39.93 39.77
N SER D 160 -46.57 40.75 40.35
CA SER D 160 -47.03 41.79 41.28
C SER D 160 -47.83 42.86 40.55
N THR D 161 -47.30 43.36 39.44
CA THR D 161 -47.96 44.40 38.66
C THR D 161 -48.98 43.85 37.68
N ASP D 162 -49.47 42.63 37.89
CA ASP D 162 -50.47 42.05 37.02
C ASP D 162 -51.74 42.90 37.04
N PRO D 163 -52.27 43.29 35.89
CA PRO D 163 -53.47 44.14 35.88
C PRO D 163 -54.69 43.40 36.41
N VAL D 164 -55.56 44.15 37.06
CA VAL D 164 -56.83 43.58 37.53
C VAL D 164 -57.69 43.20 36.34
N PRO D 165 -58.36 42.05 36.35
CA PRO D 165 -59.23 41.70 35.22
C PRO D 165 -60.31 42.74 34.99
N SER D 166 -60.64 42.95 33.72
CA SER D 166 -61.57 44.02 33.35
C SER D 166 -63.00 43.69 33.74
N LYS D 167 -63.55 42.61 33.19
CA LYS D 167 -64.93 42.23 33.46
C LYS D 167 -65.02 41.63 34.86
N THR D 168 -65.42 42.48 35.80
CA THR D 168 -65.54 42.05 37.20
C THR D 168 -66.48 40.85 37.40
N PRO D 169 -67.67 40.78 36.78
CA PRO D 169 -68.48 39.56 36.93
C PRO D 169 -67.75 38.32 36.45
N PHE D 170 -67.45 37.42 37.38
CA PHE D 170 -66.59 36.28 37.07
C PHE D 170 -67.31 35.26 36.20
N SER D 171 -66.55 34.64 35.31
CA SER D 171 -67.05 33.56 34.46
C SER D 171 -66.09 32.37 34.51
N VAL D 172 -66.66 31.17 34.40
CA VAL D 172 -65.85 29.95 34.47
C VAL D 172 -65.04 29.69 33.21
N SER D 173 -65.40 30.34 32.10
CA SER D 173 -64.72 30.07 30.84
C SER D 173 -64.37 31.35 30.08
N ASP D 174 -64.01 32.41 30.81
CA ASP D 174 -63.54 33.65 30.20
C ASP D 174 -62.12 33.91 30.70
N ALA D 175 -61.15 33.89 29.79
CA ALA D 175 -59.76 34.09 30.17
C ALA D 175 -59.53 35.48 30.75
N ASP D 176 -60.14 36.51 30.16
CA ASP D 176 -60.02 37.87 30.67
C ASP D 176 -60.70 38.04 32.02
N SER D 177 -61.63 37.16 32.37
CA SER D 177 -62.30 37.22 33.67
C SER D 177 -61.45 36.70 34.81
N TYR D 178 -60.21 36.34 34.55
CA TYR D 178 -59.29 35.89 35.60
C TYR D 178 -57.87 36.24 35.18
N ASN D 179 -56.93 35.91 36.05
CA ASN D 179 -55.52 36.16 35.79
C ASN D 179 -54.74 34.90 35.44
N LYS D 180 -54.96 33.81 36.19
CA LYS D 180 -54.24 32.57 35.95
C LYS D 180 -55.20 31.39 35.98
N LYS D 181 -54.94 30.41 35.12
CA LYS D 181 -55.67 29.15 35.15
C LYS D 181 -54.68 28.00 35.29
N GLY D 182 -54.95 27.09 36.21
CA GLY D 182 -54.13 25.90 36.37
C GLY D 182 -54.99 24.71 36.73
N THR D 183 -54.37 23.53 36.85
CA THR D 183 -55.13 22.37 37.31
C THR D 183 -54.21 21.44 38.08
N VAL D 184 -54.79 20.75 39.05
CA VAL D 184 -54.10 19.74 39.85
C VAL D 184 -54.90 18.45 39.78
N THR D 185 -54.22 17.33 39.59
CA THR D 185 -54.89 16.05 39.49
C THR D 185 -55.07 15.44 40.88
N VAL D 186 -56.29 14.99 41.16
CA VAL D 186 -56.62 14.31 42.40
C VAL D 186 -57.34 13.02 42.03
N TYR D 187 -57.28 12.04 42.93
CA TYR D 187 -57.85 10.72 42.68
C TYR D 187 -58.87 10.39 43.76
N ASP D 188 -59.90 9.61 43.39
CA ASP D 188 -60.96 9.23 44.36
C ASP D 188 -60.87 7.73 44.66
N SER D 189 -61.79 7.20 45.48
CA SER D 189 -61.83 5.76 45.83
C SER D 189 -62.07 4.94 44.56
N GLN D 190 -62.94 5.44 43.68
CA GLN D 190 -63.25 4.74 42.39
C GLN D 190 -62.03 4.80 41.45
N GLY D 191 -61.22 5.86 41.57
CA GLY D 191 -60.01 6.01 40.75
C GLY D 191 -60.24 6.91 39.56
N ASN D 192 -61.45 7.47 39.47
CA ASN D 192 -61.80 8.41 38.36
C ASN D 192 -61.01 9.71 38.57
N ALA D 193 -59.82 9.79 37.98
CA ALA D 193 -58.94 10.95 38.08
C ALA D 193 -59.74 12.23 37.82
N HIS D 194 -59.84 13.08 38.83
CA HIS D 194 -60.42 14.42 38.68
C HIS D 194 -59.29 15.41 38.42
N ASP D 195 -59.55 16.37 37.55
CA ASP D 195 -58.58 17.41 37.22
C ASP D 195 -59.13 18.72 37.79
N MET D 196 -58.86 18.95 39.07
CA MET D 196 -59.40 20.11 39.78
C MET D 196 -58.78 21.37 39.21
N ASN D 197 -59.58 22.19 38.54
CA ASN D 197 -59.09 23.43 37.99
C ASN D 197 -59.11 24.54 39.04
N VAL D 198 -58.13 25.44 38.93
CA VAL D 198 -57.99 26.58 39.83
C VAL D 198 -57.87 27.84 39.00
N TYR D 199 -58.67 28.86 39.36
CA TYR D 199 -58.67 30.15 38.70
C TYR D 199 -58.23 31.20 39.69
N PHE D 200 -57.21 31.97 39.33
CA PHE D 200 -56.62 32.98 40.21
C PHE D 200 -56.93 34.36 39.65
N VAL D 201 -57.51 35.23 40.49
CA VAL D 201 -57.84 36.59 40.11
C VAL D 201 -57.18 37.54 41.11
N LYS D 202 -56.86 38.74 40.67
CA LYS D 202 -56.33 39.79 41.54
C LYS D 202 -57.36 40.90 41.65
N THR D 203 -58.01 40.98 42.81
CA THR D 203 -59.04 42.00 43.03
C THR D 203 -58.46 43.34 43.43
N LYS D 204 -57.42 43.36 44.26
CA LYS D 204 -56.78 44.60 44.67
C LYS D 204 -55.31 44.31 44.97
N ASP D 205 -54.63 45.29 45.57
CA ASP D 205 -53.21 45.17 45.83
C ASP D 205 -52.91 44.09 46.86
N ASN D 206 -51.83 43.35 46.62
CA ASN D 206 -51.22 42.42 47.56
C ASN D 206 -52.14 41.29 48.00
N GLU D 207 -53.30 41.12 47.35
CA GLU D 207 -54.16 40.00 47.69
C GLU D 207 -54.85 39.49 46.44
N TRP D 208 -55.20 38.21 46.48
CA TRP D 208 -55.78 37.51 45.35
C TRP D 208 -56.91 36.61 45.82
N ALA D 209 -57.79 36.26 44.89
CA ALA D 209 -58.88 35.34 45.15
C ALA D 209 -58.73 34.11 44.27
N VAL D 210 -59.11 32.95 44.81
CA VAL D 210 -58.90 31.67 44.17
C VAL D 210 -60.24 30.94 44.11
N TYR D 211 -60.64 30.53 42.92
CA TYR D 211 -61.86 29.77 42.69
C TYR D 211 -61.48 28.37 42.22
N THR D 212 -61.95 27.36 42.92
CA THR D 212 -61.72 25.98 42.53
C THR D 212 -62.96 25.41 41.85
N HIS D 213 -62.74 24.66 40.78
CA HIS D 213 -63.83 24.11 39.99
C HIS D 213 -63.49 22.68 39.58
N ASP D 214 -64.51 21.86 39.38
CA ASP D 214 -64.33 20.49 38.94
C ASP D 214 -64.81 20.34 37.50
N SER D 215 -63.95 19.81 36.64
CA SER D 215 -64.30 19.58 35.25
C SER D 215 -64.51 18.11 34.91
N SER D 216 -63.94 17.26 35.77
CA SER D 216 -64.01 15.78 35.66
C SER D 216 -65.42 15.31 36.06
N ASP D 217 -66.26 16.24 36.51
CA ASP D 217 -67.65 15.88 36.90
C ASP D 217 -68.61 16.70 36.05
N PRO D 218 -69.59 16.08 35.35
CA PRO D 218 -70.54 16.82 34.53
C PRO D 218 -71.50 17.59 35.45
N ALA D 219 -71.87 16.96 36.56
CA ALA D 219 -72.77 17.52 37.56
C ALA D 219 -72.13 18.66 38.35
N ALA D 220 -70.83 18.89 38.20
CA ALA D 220 -70.17 19.99 38.89
C ALA D 220 -70.68 21.33 38.38
N THR D 221 -70.82 22.29 39.29
CA THR D 221 -71.37 23.60 38.97
C THR D 221 -70.25 24.64 38.96
N ALA D 222 -70.36 25.59 38.04
CA ALA D 222 -69.36 26.64 37.91
C ALA D 222 -69.38 27.53 39.17
N PRO D 223 -68.26 27.68 39.86
CA PRO D 223 -68.25 28.51 41.08
C PRO D 223 -68.23 29.99 40.75
N THR D 224 -68.82 30.76 41.66
CA THR D 224 -68.78 32.21 41.57
C THR D 224 -68.40 32.83 42.91
N THR D 225 -68.57 32.05 43.98
CA THR D 225 -68.19 32.51 45.30
C THR D 225 -66.69 32.30 45.53
N ALA D 226 -66.15 33.00 46.51
CA ALA D 226 -64.74 32.85 46.84
C ALA D 226 -64.49 31.51 47.49
N SER D 227 -63.50 30.78 46.98
CA SER D 227 -63.09 29.53 47.59
C SER D 227 -61.88 29.71 48.50
N THR D 228 -60.95 30.58 48.12
CA THR D 228 -59.83 30.91 48.97
C THR D 228 -59.43 32.36 48.73
N THR D 229 -58.87 32.99 49.75
CA THR D 229 -58.27 34.31 49.63
C THR D 229 -56.81 34.22 50.05
N LEU D 230 -55.97 35.05 49.44
CA LEU D 230 -54.54 35.06 49.72
C LEU D 230 -54.12 36.50 49.95
N LYS D 231 -53.58 36.78 51.13
CA LYS D 231 -53.12 38.11 51.49
C LYS D 231 -51.60 38.07 51.64
N PHE D 232 -50.92 39.04 51.02
CA PHE D 232 -49.46 38.99 50.96
C PHE D 232 -48.83 40.19 51.67
N ASN D 233 -47.52 40.30 51.57
CA ASN D 233 -46.73 41.33 52.22
C ASN D 233 -46.21 42.32 51.18
N GLU D 234 -45.78 43.48 51.64
CA GLU D 234 -45.10 44.44 50.80
C GLU D 234 -43.71 43.98 50.38
N ASN D 235 -43.23 42.88 50.96
CA ASN D 235 -42.04 42.19 50.49
C ASN D 235 -42.38 40.98 49.63
N GLY D 236 -43.66 40.69 49.43
CA GLY D 236 -44.12 39.55 48.68
C GLY D 236 -44.37 38.30 49.49
N ILE D 237 -44.00 38.29 50.78
CA ILE D 237 -44.16 37.10 51.59
C ILE D 237 -45.65 36.83 51.85
N LEU D 238 -46.03 35.56 51.81
CA LEU D 238 -47.39 35.16 52.11
C LEU D 238 -47.66 35.22 53.61
N GLU D 239 -48.86 35.68 53.97
CA GLU D 239 -49.30 35.70 55.37
C GLU D 239 -50.53 34.84 55.61
N SER D 240 -51.60 35.04 54.86
CA SER D 240 -52.88 34.43 55.20
C SER D 240 -53.44 33.69 54.00
N GLY D 241 -54.33 32.74 54.29
CA GLY D 241 -55.01 31.99 53.25
C GLY D 241 -54.23 30.83 52.66
N GLY D 242 -53.28 30.27 53.40
CA GLY D 242 -52.46 29.21 52.88
C GLY D 242 -53.08 27.82 52.89
N THR D 243 -54.31 27.67 53.41
CA THR D 243 -54.95 26.36 53.49
C THR D 243 -56.40 26.47 53.05
N VAL D 244 -56.94 25.34 52.58
CA VAL D 244 -58.35 25.23 52.24
C VAL D 244 -58.70 23.75 52.20
N ASN D 245 -59.98 23.44 52.39
CA ASN D 245 -60.49 22.08 52.32
C ASN D 245 -61.45 21.97 51.15
N ILE D 246 -61.17 21.03 50.25
CA ILE D 246 -61.92 20.90 49.00
C ILE D 246 -62.49 19.49 48.89
N THR D 247 -63.77 19.40 48.56
CA THR D 247 -64.46 18.12 48.34
C THR D 247 -64.75 17.98 46.85
N THR D 248 -64.26 16.91 46.24
CA THR D 248 -64.51 16.68 44.83
C THR D 248 -65.88 16.04 44.62
N GLY D 249 -66.41 16.22 43.42
CA GLY D 249 -67.68 15.61 43.08
C GLY D 249 -67.53 14.12 42.78
N THR D 250 -68.50 13.37 43.30
CA THR D 250 -68.54 11.89 43.27
C THR D 250 -69.00 11.39 41.89
N ILE D 251 -68.20 11.58 40.84
CA ILE D 251 -68.65 11.08 39.51
C ILE D 251 -68.65 9.55 39.53
N ASN D 252 -69.71 8.94 38.99
CA ASN D 252 -69.93 7.47 38.81
C ASN D 252 -70.01 6.69 40.12
N GLY D 253 -70.47 7.29 41.21
CA GLY D 253 -70.52 6.51 42.47
C GLY D 253 -69.17 6.48 43.16
N ALA D 254 -68.22 7.20 42.57
CA ALA D 254 -66.86 7.32 43.14
C ALA D 254 -67.08 8.00 44.50
N THR D 255 -66.61 7.41 45.60
CA THR D 255 -66.84 8.11 46.89
C THR D 255 -66.12 9.44 46.77
N ALA D 256 -66.81 10.51 47.16
CA ALA D 256 -66.28 11.88 46.97
C ALA D 256 -64.91 12.01 47.62
N ALA D 257 -63.99 12.62 46.89
CA ALA D 257 -62.62 12.82 47.40
C ALA D 257 -62.59 14.11 48.21
N THR D 258 -62.38 14.01 49.53
CA THR D 258 -62.27 15.20 50.37
C THR D 258 -60.82 15.33 50.79
N PHE D 259 -60.21 16.47 50.47
CA PHE D 259 -58.77 16.63 50.67
C PHE D 259 -58.49 18.07 51.09
N SER D 260 -57.22 18.32 51.40
CA SER D 260 -56.74 19.63 51.78
C SER D 260 -55.78 20.16 50.72
N LEU D 261 -55.88 21.46 50.45
CA LEU D 261 -55.04 22.13 49.47
C LEU D 261 -54.32 23.28 50.15
N SER D 262 -53.07 23.49 49.77
CA SER D 262 -52.24 24.51 50.37
C SER D 262 -51.53 25.32 49.30
N PHE D 263 -51.20 26.56 49.63
CA PHE D 263 -50.47 27.46 48.75
C PHE D 263 -49.23 28.00 49.44
N LEU D 264 -48.59 27.17 50.26
CA LEU D 264 -47.47 27.62 51.08
C LEU D 264 -46.27 27.98 50.20
N ASN D 265 -45.47 28.93 50.70
CA ASN D 265 -44.24 29.38 50.05
C ASN D 265 -44.53 29.98 48.67
N SER D 266 -45.71 30.57 48.52
CA SER D 266 -46.07 31.29 47.31
C SER D 266 -45.68 32.75 47.44
N MET D 267 -45.03 33.28 46.40
CA MET D 267 -44.45 34.61 46.46
C MET D 267 -44.72 35.36 45.16
N GLN D 268 -45.52 36.41 45.23
CA GLN D 268 -45.74 37.30 44.09
C GLN D 268 -44.79 38.48 44.21
N GLN D 269 -43.77 38.51 43.34
CA GLN D 269 -42.78 39.58 43.39
C GLN D 269 -42.40 40.07 42.00
N ASN D 270 -43.39 40.22 41.11
CA ASN D 270 -43.17 40.78 39.78
C ASN D 270 -42.14 39.97 39.00
N THR D 271 -42.17 38.65 39.18
CA THR D 271 -41.20 37.76 38.53
C THR D 271 -41.64 37.39 37.12
N GLY D 272 -41.85 38.41 36.29
CA GLY D 272 -42.26 38.17 34.92
C GLY D 272 -43.77 38.06 34.77
N ALA D 273 -44.26 36.82 34.68
CA ALA D 273 -45.69 36.57 34.56
C ALA D 273 -46.05 35.42 35.49
N ASN D 274 -47.30 34.96 35.38
CA ASN D 274 -47.77 33.87 36.22
C ASN D 274 -47.15 32.56 35.76
N ASN D 275 -46.63 31.79 36.72
CA ASN D 275 -46.00 30.50 36.40
C ASN D 275 -46.01 29.59 37.62
N ILE D 276 -46.61 28.41 37.46
CA ILE D 276 -46.58 27.40 38.52
C ILE D 276 -45.19 26.78 38.56
N VAL D 277 -44.60 26.72 39.76
CA VAL D 277 -43.25 26.19 39.92
C VAL D 277 -43.21 24.88 40.67
N ALA D 278 -44.28 24.49 41.37
CA ALA D 278 -44.27 23.24 42.11
C ALA D 278 -45.71 22.83 42.42
N THR D 279 -46.00 21.54 42.22
CA THR D 279 -47.32 20.99 42.51
C THR D 279 -47.17 19.50 42.79
N ASN D 280 -47.83 19.03 43.84
CA ASN D 280 -47.74 17.62 44.17
C ASN D 280 -48.95 17.17 44.98
N GLN D 281 -49.21 15.87 44.93
CA GLN D 281 -50.21 15.22 45.76
C GLN D 281 -49.71 13.81 46.08
N ASN D 282 -50.42 13.14 46.99
CA ASN D 282 -50.00 11.83 47.48
C ASN D 282 -50.84 10.69 46.91
N GLY D 283 -51.70 10.96 45.93
CA GLY D 283 -52.55 9.96 45.34
C GLY D 283 -51.86 9.17 44.23
N TYR D 284 -52.48 8.05 43.90
CA TYR D 284 -51.99 7.21 42.80
C TYR D 284 -53.12 6.28 42.36
N LYS D 285 -53.06 5.89 41.09
CA LYS D 285 -54.08 5.04 40.50
C LYS D 285 -53.79 3.57 40.82
N PRO D 286 -54.80 2.71 40.77
CA PRO D 286 -54.58 1.29 41.01
C PRO D 286 -53.66 0.69 39.97
N GLY D 287 -52.94 -0.36 40.39
CA GLY D 287 -51.96 -0.99 39.52
C GLY D 287 -51.36 -2.21 40.18
N ASP D 288 -50.44 -2.83 39.45
CA ASP D 288 -49.82 -4.07 39.86
C ASP D 288 -48.32 -3.93 39.66
N LEU D 289 -47.56 -4.81 40.33
CA LEU D 289 -46.10 -4.72 40.34
C LEU D 289 -45.54 -4.82 38.92
N VAL D 290 -44.46 -4.07 38.68
CA VAL D 290 -43.77 -4.07 37.40
C VAL D 290 -42.33 -4.53 37.52
N SER D 291 -41.59 -3.99 38.50
CA SER D 291 -40.20 -4.36 38.68
C SER D 291 -39.82 -4.19 40.14
N TYR D 292 -38.67 -4.75 40.51
CA TYR D 292 -38.15 -4.63 41.86
C TYR D 292 -36.63 -4.57 41.78
N GLN D 293 -36.02 -3.95 42.79
CA GLN D 293 -34.58 -3.79 42.79
C GLN D 293 -34.08 -3.63 44.22
N ILE D 294 -32.78 -3.79 44.40
CA ILE D 294 -32.09 -3.62 45.67
C ILE D 294 -31.16 -2.43 45.52
N ASN D 295 -31.34 -1.42 46.38
CA ASN D 295 -30.44 -0.28 46.37
C ASN D 295 -29.35 -0.46 47.42
N ASN D 296 -28.27 0.31 47.27
CA ASN D 296 -27.03 0.09 48.00
C ASN D 296 -27.12 0.44 49.48
N ASP D 297 -28.20 1.07 49.95
CA ASP D 297 -28.32 1.41 51.36
C ASP D 297 -29.00 0.33 52.17
N GLY D 298 -29.33 -0.80 51.57
CA GLY D 298 -29.88 -1.94 52.27
C GLY D 298 -31.36 -2.17 52.09
N THR D 299 -32.08 -1.24 51.45
CA THR D 299 -33.51 -1.40 51.29
C THR D 299 -33.83 -2.14 50.00
N VAL D 300 -35.11 -2.42 49.81
CA VAL D 300 -35.64 -3.01 48.58
C VAL D 300 -36.77 -2.12 48.07
N VAL D 301 -36.75 -1.81 46.78
CA VAL D 301 -37.70 -0.87 46.19
C VAL D 301 -38.44 -1.58 45.07
N GLY D 302 -39.78 -1.55 45.13
CA GLY D 302 -40.61 -2.07 44.07
C GLY D 302 -41.24 -0.94 43.29
N ASN D 303 -41.05 -0.96 41.97
CA ASN D 303 -41.60 0.01 41.05
C ASN D 303 -42.85 -0.58 40.43
N TYR D 304 -43.97 0.11 40.57
CA TYR D 304 -45.27 -0.38 40.14
C TYR D 304 -45.72 0.35 38.88
N SER D 305 -46.87 -0.09 38.36
CA SER D 305 -47.39 0.46 37.11
C SER D 305 -47.86 1.90 37.24
N ASN D 306 -48.07 2.39 38.46
CA ASN D 306 -48.53 3.75 38.69
C ASN D 306 -47.38 4.64 39.16
N GLU D 307 -46.19 4.40 38.60
CA GLU D 307 -44.95 5.11 38.94
C GLU D 307 -44.79 5.33 40.45
N GLN D 308 -45.25 4.37 41.24
CA GLN D 308 -45.09 4.44 42.69
C GLN D 308 -44.01 3.46 43.13
N GLU D 309 -43.16 3.93 44.03
CA GLU D 309 -42.14 3.08 44.65
C GLU D 309 -42.60 2.65 46.04
N GLN D 310 -42.38 1.37 46.34
CA GLN D 310 -42.77 0.82 47.64
C GLN D 310 -41.54 0.21 48.29
N VAL D 311 -41.29 0.58 49.55
CA VAL D 311 -40.25 -0.05 50.33
C VAL D 311 -40.83 -1.28 51.02
N LEU D 312 -40.15 -2.41 50.88
CA LEU D 312 -40.60 -3.66 51.47
C LEU D 312 -39.64 -4.13 52.58
N GLY D 313 -39.03 -3.18 53.26
CA GLY D 313 -38.07 -3.48 54.31
C GLY D 313 -36.65 -3.25 53.84
N GLN D 314 -35.73 -3.32 54.82
CA GLN D 314 -34.32 -3.11 54.53
C GLN D 314 -33.51 -4.27 55.11
N ILE D 315 -32.33 -4.48 54.55
CA ILE D 315 -31.53 -5.66 54.84
C ILE D 315 -30.64 -5.33 56.05
N VAL D 316 -30.90 -6.00 57.17
CA VAL D 316 -30.13 -5.72 58.38
C VAL D 316 -28.74 -6.33 58.28
N LEU D 317 -27.81 -5.77 59.06
CA LEU D 317 -26.45 -6.26 59.18
C LEU D 317 -26.16 -6.59 60.64
N ALA D 318 -25.07 -7.31 60.87
CA ALA D 318 -24.71 -7.71 62.23
C ALA D 318 -23.19 -7.85 62.30
N ASN D 319 -22.52 -6.81 62.80
CA ASN D 319 -21.10 -6.88 63.10
C ASN D 319 -20.90 -7.35 64.52
N PHE D 320 -20.12 -8.41 64.69
CA PHE D 320 -19.97 -9.07 65.97
C PHE D 320 -18.95 -8.37 66.85
N ALA D 321 -19.03 -8.66 68.15
CA ALA D 321 -18.08 -8.10 69.10
C ALA D 321 -16.69 -8.66 68.89
N ASN D 322 -16.58 -9.98 68.78
CA ASN D 322 -15.30 -10.65 68.60
C ASN D 322 -15.46 -11.78 67.59
N ASN D 323 -14.70 -11.72 66.51
CA ASN D 323 -14.69 -12.77 65.51
C ASN D 323 -13.76 -13.91 65.97
N GLU D 324 -13.45 -14.82 65.06
CA GLU D 324 -12.68 -16.03 65.32
C GLU D 324 -13.24 -16.84 66.49
N GLY D 325 -14.47 -16.56 66.92
CA GLY D 325 -15.17 -17.40 67.86
C GLY D 325 -16.38 -18.01 67.19
N LEU D 326 -16.65 -17.54 65.97
CA LEU D 326 -17.77 -18.01 65.18
C LEU D 326 -17.46 -19.40 64.63
N ALA D 327 -18.16 -20.41 65.13
CA ALA D 327 -17.96 -21.77 64.64
C ALA D 327 -18.81 -22.00 63.40
N SER D 328 -18.16 -22.41 62.32
CA SER D 328 -18.87 -22.68 61.08
C SER D 328 -19.79 -23.87 61.23
N GLN D 329 -20.95 -23.80 60.58
CA GLN D 329 -21.97 -24.84 60.64
C GLN D 329 -22.26 -25.32 59.22
N GLY D 330 -21.72 -26.47 58.87
CA GLY D 330 -21.98 -27.07 57.56
C GLY D 330 -21.57 -26.17 56.42
N ASP D 331 -22.56 -25.59 55.73
CA ASP D 331 -22.31 -24.68 54.64
C ASP D 331 -21.73 -23.36 55.16
N ASN D 332 -21.52 -22.42 54.24
CA ASN D 332 -20.81 -21.19 54.57
C ASN D 332 -21.66 -20.26 55.43
N VAL D 333 -21.99 -20.69 56.65
CA VAL D 333 -22.70 -19.86 57.62
C VAL D 333 -21.99 -19.99 58.96
N TRP D 334 -22.25 -19.04 59.85
CA TRP D 334 -21.67 -19.03 61.17
C TRP D 334 -22.77 -18.85 62.21
N ALA D 335 -22.53 -19.40 63.40
CA ALA D 335 -23.50 -19.37 64.49
C ALA D 335 -22.87 -18.69 65.69
N ALA D 336 -23.64 -17.84 66.36
CA ALA D 336 -23.15 -17.13 67.53
C ALA D 336 -22.96 -18.08 68.70
N THR D 337 -22.01 -17.74 69.56
CA THR D 337 -21.67 -18.52 70.75
C THR D 337 -20.81 -17.64 71.64
N GLN D 338 -20.22 -18.24 72.68
CA GLN D 338 -19.29 -17.51 73.52
C GLN D 338 -18.10 -17.03 72.72
N ALA D 339 -17.40 -16.03 73.26
CA ALA D 339 -16.27 -15.37 72.61
C ALA D 339 -16.69 -14.68 71.32
N SER D 340 -18.00 -14.61 71.08
CA SER D 340 -18.54 -13.87 69.94
C SER D 340 -19.64 -12.92 70.43
N GLY D 341 -20.32 -13.31 71.50
CA GLY D 341 -21.36 -12.48 72.07
C GLY D 341 -22.60 -12.45 71.21
N VAL D 342 -23.49 -11.52 71.55
CA VAL D 342 -24.70 -11.29 70.76
C VAL D 342 -24.31 -10.58 69.48
N ALA D 343 -25.25 -10.50 68.53
CA ALA D 343 -24.93 -10.06 67.19
C ALA D 343 -24.49 -8.60 67.14
N LEU D 344 -25.14 -7.74 67.93
CA LEU D 344 -24.98 -6.29 67.82
C LEU D 344 -25.40 -5.81 66.43
N LEU D 345 -26.70 -5.91 66.19
CA LEU D 345 -27.28 -5.62 64.88
C LEU D 345 -27.09 -4.14 64.52
N GLY D 346 -27.51 -3.79 63.31
CA GLY D 346 -27.42 -2.42 62.84
C GLY D 346 -27.59 -2.30 61.35
N THR D 347 -28.01 -1.11 60.89
CA THR D 347 -28.23 -0.91 59.46
C THR D 347 -26.90 -0.85 58.71
N ALA D 348 -26.99 -1.04 57.40
CA ALA D 348 -25.78 -1.18 56.58
C ALA D 348 -25.07 0.16 56.36
N GLY D 349 -25.83 1.22 56.15
CA GLY D 349 -25.25 2.46 55.66
C GLY D 349 -24.20 3.06 56.59
N SER D 350 -24.53 3.17 57.87
CA SER D 350 -23.65 3.80 58.84
C SER D 350 -23.38 2.86 60.02
N GLY D 351 -22.71 3.39 61.02
CA GLY D 351 -22.40 2.62 62.21
C GLY D 351 -21.02 1.99 62.13
N ASN D 352 -20.93 0.71 62.50
CA ASN D 352 -19.67 -0.03 62.51
C ASN D 352 -19.71 -1.15 61.47
N PHE D 353 -20.22 -0.85 60.28
CA PHE D 353 -20.42 -1.84 59.24
C PHE D 353 -19.81 -1.33 57.94
N GLY D 354 -19.97 -2.12 56.87
CA GLY D 354 -19.45 -1.79 55.58
C GLY D 354 -20.51 -1.34 54.60
N LYS D 355 -20.08 -1.11 53.36
CA LYS D 355 -20.97 -0.67 52.31
C LYS D 355 -21.55 -1.86 51.56
N LEU D 356 -22.51 -1.60 50.69
CA LEU D 356 -23.16 -2.62 49.88
C LEU D 356 -22.92 -2.33 48.40
N THR D 357 -23.19 -3.34 47.58
CA THR D 357 -23.15 -3.19 46.13
C THR D 357 -24.16 -4.16 45.55
N ASN D 358 -25.07 -3.66 44.73
CA ASN D 358 -26.15 -4.47 44.16
C ASN D 358 -25.70 -5.13 42.85
N GLY D 359 -25.34 -6.40 42.96
CA GLY D 359 -24.83 -7.19 41.86
C GLY D 359 -23.33 -7.28 41.95
N ALA D 360 -22.85 -8.34 42.61
CA ALA D 360 -21.45 -8.59 42.88
C ALA D 360 -21.39 -9.88 43.68
N LEU D 361 -20.17 -10.35 43.92
CA LEU D 361 -19.96 -11.49 44.81
C LEU D 361 -18.60 -11.36 45.46
N GLU D 362 -18.44 -12.06 46.58
CA GLU D 362 -17.21 -12.02 47.37
C GLU D 362 -16.34 -13.21 47.00
N ALA D 363 -15.05 -12.97 46.80
CA ALA D 363 -14.13 -14.01 46.38
C ALA D 363 -13.78 -14.89 47.58
N SER D 364 -12.85 -15.82 47.37
CA SER D 364 -12.48 -16.78 48.40
C SER D 364 -11.30 -16.33 49.26
N ASN D 365 -10.70 -15.18 48.95
CA ASN D 365 -9.60 -14.58 49.72
C ASN D 365 -8.48 -15.59 50.03
N VAL D 366 -8.29 -16.59 49.18
CA VAL D 366 -7.26 -17.59 49.34
C VAL D 366 -6.34 -17.57 48.12
N ASP D 367 -5.05 -17.73 48.35
CA ASP D 367 -4.05 -17.69 47.29
C ASP D 367 -3.31 -19.02 47.23
N LEU D 368 -3.22 -19.58 46.02
CA LEU D 368 -2.55 -20.85 45.82
C LEU D 368 -1.04 -20.71 45.93
N SER D 369 -0.48 -19.66 45.30
CA SER D 369 0.96 -19.48 45.31
C SER D 369 1.51 -19.39 46.71
N LYS D 370 0.76 -18.77 47.63
CA LYS D 370 1.09 -18.78 49.04
C LYS D 370 0.99 -20.17 49.64
N GLU D 371 0.01 -20.96 49.20
CA GLU D 371 -0.43 -22.13 49.95
C GLU D 371 0.41 -23.37 49.62
N LEU D 372 0.82 -23.51 48.36
CA LEU D 372 1.57 -24.70 47.97
C LEU D 372 2.88 -24.82 48.73
N VAL D 373 3.62 -23.71 48.88
CA VAL D 373 4.91 -23.78 49.56
C VAL D 373 4.72 -24.12 51.03
N ASN D 374 3.64 -23.64 51.63
CA ASN D 374 3.26 -24.12 52.95
C ASN D 374 3.04 -25.62 52.94
N MET D 375 2.43 -26.15 51.88
CA MET D 375 2.20 -27.58 51.82
C MET D 375 3.53 -28.34 51.72
N ILE D 376 4.51 -27.77 51.01
CA ILE D 376 5.83 -28.41 50.92
C ILE D 376 6.49 -28.45 52.30
N VAL D 377 6.51 -27.31 53.00
CA VAL D 377 7.17 -27.32 54.30
C VAL D 377 6.41 -28.23 55.26
N ALA D 378 5.09 -28.36 55.08
CA ALA D 378 4.32 -29.30 55.89
C ALA D 378 4.72 -30.74 55.59
N GLN D 379 4.95 -31.02 54.30
CA GLN D 379 5.40 -32.37 53.86
C GLN D 379 6.78 -32.62 54.46
N ARG D 380 7.69 -31.64 54.34
CA ARG D 380 9.05 -31.77 54.91
C ARG D 380 8.98 -31.72 56.43
N ASN D 381 8.22 -30.78 57.00
CA ASN D 381 8.21 -30.72 58.48
C ASN D 381 7.58 -31.98 59.07
N TYR D 382 6.52 -32.50 58.45
CA TYR D 382 5.92 -33.72 59.07
C TYR D 382 6.95 -34.85 59.03
N GLN D 383 7.66 -34.99 57.91
CA GLN D 383 8.68 -36.07 57.79
C GLN D 383 9.71 -35.89 58.90
N SER D 384 10.17 -34.66 59.10
CA SER D 384 11.15 -34.40 60.16
C SER D 384 10.58 -34.84 61.50
N ASN D 385 9.35 -35.34 61.54
CA ASN D 385 8.87 -35.84 62.86
C ASN D 385 8.81 -37.37 62.84
N ALA D 386 8.76 -37.89 61.62
CA ALA D 386 8.87 -39.34 61.38
C ALA D 386 10.24 -39.75 61.87
N GLN D 387 11.29 -38.98 61.54
CA GLN D 387 12.64 -39.37 61.99
C GLN D 387 12.69 -39.38 63.51
N THR D 388 12.13 -38.40 64.20
CA THR D 388 12.28 -38.52 65.67
C THR D 388 11.52 -39.74 66.19
N ILE D 389 10.32 -40.01 65.70
CA ILE D 389 9.68 -41.24 66.26
C ILE D 389 10.48 -42.47 65.87
N LYS D 390 11.00 -42.54 64.65
CA LYS D 390 11.74 -43.77 64.27
C LYS D 390 12.99 -43.89 65.15
N THR D 391 13.74 -42.81 65.37
CA THR D 391 14.97 -42.98 66.18
C THR D 391 14.57 -43.16 67.64
N GLN D 392 13.33 -42.82 67.97
CA GLN D 392 12.90 -42.97 69.37
C GLN D 392 12.47 -44.41 69.58
N ASP D 393 12.12 -45.11 68.50
CA ASP D 393 11.67 -46.51 68.68
C ASP D 393 12.85 -47.44 68.43
N GLN D 394 13.73 -47.09 67.50
CA GLN D 394 14.86 -48.00 67.18
C GLN D 394 15.65 -48.28 68.43
N ILE D 395 16.04 -47.20 69.13
CA ILE D 395 16.83 -47.30 70.40
C ILE D 395 16.13 -48.30 71.33
N LEU D 396 14.79 -48.23 71.42
CA LEU D 396 14.06 -49.15 72.32
C LEU D 396 14.19 -50.57 71.80
N ASN D 397 14.17 -50.75 70.48
CA ASN D 397 14.37 -52.10 69.90
C ASN D 397 15.74 -52.60 70.32
N THR D 398 16.73 -51.72 70.44
CA THR D 398 18.06 -52.20 70.90
C THR D 398 17.95 -52.76 72.31
N LEU D 399 17.27 -52.05 73.18
CA LEU D 399 17.17 -52.48 74.60
C LEU D 399 16.46 -53.82 74.72
N VAL D 400 15.35 -54.01 74.03
CA VAL D 400 14.64 -55.31 74.23
C VAL D 400 15.55 -56.44 73.72
N ASN D 401 16.23 -56.25 72.60
CA ASN D 401 17.06 -57.35 72.07
C ASN D 401 18.23 -57.62 73.01
N LEU D 402 18.80 -56.58 73.59
CA LEU D 402 19.98 -56.74 74.47
C LEU D 402 19.70 -57.79 75.53
N SER E 2 35.65 -39.90 64.13
CA SER E 2 34.30 -39.66 64.61
C SER E 2 33.56 -38.69 63.70
N PHE E 3 32.39 -38.23 64.15
CA PHE E 3 31.61 -37.28 63.36
C PHE E 3 32.30 -35.94 63.21
N SER E 4 33.26 -35.62 64.08
CA SER E 4 33.85 -34.28 64.10
C SER E 4 34.47 -33.92 62.75
N GLN E 5 35.16 -34.88 62.13
CA GLN E 5 35.79 -34.63 60.85
C GLN E 5 34.78 -34.31 59.75
N ALA E 6 33.52 -34.71 59.93
CA ALA E 6 32.51 -34.57 58.88
C ALA E 6 31.39 -33.61 59.27
N VAL E 7 30.76 -33.81 60.43
CA VAL E 7 29.55 -33.07 60.75
C VAL E 7 29.79 -31.57 60.71
N SER E 8 30.92 -31.11 61.26
CA SER E 8 31.26 -29.70 61.19
C SER E 8 31.24 -29.21 59.75
N GLY E 9 31.95 -29.91 58.87
CA GLY E 9 31.91 -29.56 57.46
C GLY E 9 30.49 -29.58 56.92
N LEU E 10 29.71 -30.58 57.32
CA LEU E 10 28.30 -30.61 56.94
C LEU E 10 27.63 -29.31 57.33
N ASN E 11 27.78 -28.90 58.60
CA ASN E 11 27.26 -27.61 59.03
C ASN E 11 27.79 -26.49 58.15
N ALA E 12 29.11 -26.50 57.93
CA ALA E 12 29.71 -25.51 57.03
C ALA E 12 28.99 -25.51 55.69
N ALA E 13 28.79 -26.68 55.11
CA ALA E 13 28.10 -26.77 53.84
C ALA E 13 26.75 -26.07 53.90
N ALA E 14 25.97 -26.33 54.96
CA ALA E 14 24.68 -25.69 55.08
C ALA E 14 24.82 -24.18 55.08
N THR E 15 25.80 -23.67 55.84
CA THR E 15 26.03 -22.23 55.85
C THR E 15 26.36 -21.75 54.44
N ASN E 16 27.22 -22.47 53.74
CA ASN E 16 27.57 -22.08 52.38
C ASN E 16 26.33 -22.03 51.50
N LEU E 17 25.36 -22.91 51.75
CA LEU E 17 24.11 -22.84 51.01
C LEU E 17 23.27 -21.66 51.50
N ASP E 18 23.20 -21.48 52.82
CA ASP E 18 22.30 -20.46 53.37
C ASP E 18 22.68 -19.08 52.87
N VAL E 19 23.98 -18.74 52.91
CA VAL E 19 24.42 -17.45 52.43
C VAL E 19 24.08 -17.25 50.97
N ILE E 20 24.00 -18.32 50.19
CA ILE E 20 23.52 -18.20 48.81
C ILE E 20 22.03 -17.90 48.78
N GLY E 21 21.24 -18.66 49.55
CA GLY E 21 19.80 -18.49 49.51
C GLY E 21 19.38 -17.07 49.83
N ASN E 22 19.96 -16.50 50.89
CA ASN E 22 19.69 -15.11 51.22
C ASN E 22 19.96 -14.19 50.03
N ASN E 23 21.10 -14.39 49.37
CA ASN E 23 21.41 -13.58 48.20
C ASN E 23 20.35 -13.77 47.11
N ILE E 24 19.83 -14.98 46.98
CA ILE E 24 18.74 -15.21 46.04
C ILE E 24 17.51 -14.43 46.47
N ALA E 25 17.21 -14.45 47.77
CA ALA E 25 16.05 -13.72 48.26
C ALA E 25 16.27 -12.22 48.21
N ASN E 26 17.49 -11.76 48.48
CA ASN E 26 17.82 -10.35 48.49
C ASN E 26 18.09 -9.78 47.10
N SER E 27 17.68 -10.47 46.04
CA SER E 27 17.96 -10.02 44.69
C SER E 27 17.08 -8.85 44.26
N ALA E 28 16.12 -8.43 45.08
CA ALA E 28 15.25 -7.32 44.73
C ALA E 28 15.41 -6.10 45.61
N THR E 29 16.09 -6.21 46.75
CA THR E 29 16.29 -5.06 47.61
C THR E 29 17.23 -4.06 46.95
N TYR E 30 17.12 -2.80 47.38
CA TYR E 30 17.82 -1.71 46.71
C TYR E 30 19.20 -1.45 47.27
N GLY E 31 19.42 -1.63 48.57
CA GLY E 31 20.70 -1.38 49.18
C GLY E 31 21.52 -2.59 49.55
N PHE E 32 21.22 -3.75 48.99
CA PHE E 32 21.90 -4.98 49.41
C PHE E 32 23.33 -5.02 48.89
N LYS E 33 24.15 -5.83 49.57
CA LYS E 33 25.47 -6.19 49.10
C LYS E 33 25.61 -7.71 49.21
N SER E 34 26.07 -8.34 48.13
CA SER E 34 26.17 -9.79 48.11
C SER E 34 27.19 -10.27 49.14
N GLY E 35 26.96 -11.48 49.64
CA GLY E 35 27.82 -12.05 50.67
C GLY E 35 28.18 -13.49 50.35
N THR E 36 29.39 -13.86 50.75
CA THR E 36 29.89 -15.22 50.63
C THR E 36 30.47 -15.64 51.97
N ALA E 37 31.00 -16.87 52.02
CA ALA E 37 31.58 -17.40 53.24
C ALA E 37 33.06 -17.70 53.04
N SER E 38 33.79 -17.70 54.15
CA SER E 38 35.20 -18.09 54.16
C SER E 38 35.41 -19.07 55.30
N PHE E 39 36.18 -20.11 55.03
CA PHE E 39 36.38 -21.24 55.93
C PHE E 39 37.85 -21.35 56.33
N ALA E 40 38.12 -22.27 57.23
CA ALA E 40 39.48 -22.52 57.69
C ALA E 40 39.53 -23.89 58.36
N ASP E 41 40.61 -24.62 58.09
CA ASP E 41 40.78 -25.95 58.66
C ASP E 41 41.25 -25.86 60.11
N MET E 42 41.33 -27.01 60.77
CA MET E 42 41.81 -27.10 62.13
C MET E 42 42.86 -28.20 62.22
N PHE E 43 43.71 -28.11 63.23
CA PHE E 43 44.74 -29.11 63.47
C PHE E 43 44.92 -29.31 64.97
N ALA E 44 44.83 -30.57 65.41
CA ALA E 44 45.09 -30.93 66.79
C ALA E 44 46.59 -31.15 66.98
N GLY E 45 46.96 -31.74 68.11
CA GLY E 45 48.36 -32.09 68.33
C GLY E 45 48.89 -33.02 67.26
N SER E 46 48.08 -34.00 66.85
CA SER E 46 48.43 -34.87 65.74
C SER E 46 48.34 -34.11 64.42
N LYS E 47 48.93 -34.70 63.38
CA LYS E 47 48.94 -34.10 62.05
C LYS E 47 47.70 -34.48 61.24
N VAL E 48 46.63 -34.88 61.91
CA VAL E 48 45.37 -35.20 61.25
C VAL E 48 44.43 -34.01 61.40
N GLY E 49 43.71 -33.69 60.32
CA GLY E 49 42.77 -32.58 60.36
C GLY E 49 41.64 -32.82 61.32
N LEU E 50 41.03 -31.74 61.81
CA LEU E 50 39.91 -31.84 62.74
C LEU E 50 38.56 -31.53 62.09
N GLY E 51 38.55 -31.09 60.84
CA GLY E 51 37.32 -30.71 60.19
C GLY E 51 37.45 -29.36 59.53
N VAL E 52 36.39 -28.56 59.56
CA VAL E 52 36.45 -27.20 59.04
C VAL E 52 35.38 -26.37 59.74
N LYS E 53 35.74 -25.15 60.10
CA LYS E 53 34.82 -24.19 60.70
C LYS E 53 34.77 -22.95 59.83
N VAL E 54 33.61 -22.30 59.80
CA VAL E 54 33.47 -21.09 59.00
C VAL E 54 34.36 -20.00 59.59
N ALA E 55 35.32 -19.53 58.81
CA ALA E 55 36.15 -18.42 59.25
C ALA E 55 35.35 -17.14 59.39
N GLY E 56 34.31 -16.98 58.58
CA GLY E 56 33.40 -15.86 58.71
C GLY E 56 32.72 -15.51 57.39
N ILE E 57 31.61 -14.79 57.51
CA ILE E 57 30.89 -14.31 56.34
C ILE E 57 31.53 -13.02 55.86
N THR E 58 31.87 -12.97 54.57
CA THR E 58 32.45 -11.78 53.97
C THR E 58 31.44 -11.16 53.01
N GLN E 59 31.49 -9.84 52.88
CA GLN E 59 30.59 -9.13 52.00
C GLN E 59 31.38 -8.35 50.95
N ASP E 60 30.81 -8.29 49.75
CA ASP E 60 31.40 -7.54 48.66
C ASP E 60 30.90 -6.11 48.75
N PHE E 61 31.74 -5.16 48.35
CA PHE E 61 31.42 -3.74 48.45
C PHE E 61 31.70 -3.01 47.13
N THR E 62 31.42 -3.67 46.01
CA THR E 62 31.41 -2.96 44.75
C THR E 62 30.12 -2.15 44.62
N ASP E 63 30.03 -1.36 43.56
CA ASP E 63 28.90 -0.47 43.34
C ASP E 63 27.96 -1.04 42.28
N GLY E 64 26.67 -1.06 42.59
CA GLY E 64 25.65 -1.49 41.66
C GLY E 64 25.21 -0.36 40.74
N THR E 65 24.37 -0.73 39.78
CA THR E 65 23.87 0.25 38.82
C THR E 65 22.92 1.22 39.51
N THR E 66 22.99 2.49 39.09
CA THR E 66 22.14 3.54 39.65
C THR E 66 20.84 3.57 38.84
N THR E 67 19.87 2.80 39.31
CA THR E 67 18.57 2.76 38.65
C THR E 67 17.86 4.09 38.85
N ASN E 68 17.35 4.67 37.77
CA ASN E 68 16.64 5.93 37.83
C ASN E 68 15.17 5.69 38.14
N THR E 69 14.65 6.43 39.11
CA THR E 69 13.26 6.27 39.53
C THR E 69 12.44 7.53 39.37
N GLY E 70 13.05 8.70 39.52
CA GLY E 70 12.36 9.97 39.33
C GLY E 70 11.76 10.58 40.58
N ARG E 71 12.09 10.09 41.76
CA ARG E 71 11.61 10.66 43.00
C ARG E 71 12.57 11.73 43.49
N GLY E 72 12.00 12.81 44.04
CA GLY E 72 12.83 13.92 44.49
C GLY E 72 13.75 13.54 45.65
N LEU E 73 13.22 12.84 46.63
CA LEU E 73 14.00 12.51 47.82
C LEU E 73 14.70 11.17 47.68
N ASP E 74 15.39 10.96 46.56
CA ASP E 74 16.16 9.75 46.32
C ASP E 74 17.58 10.14 45.92
N VAL E 75 18.56 9.52 46.58
CA VAL E 75 19.97 9.81 46.33
C VAL E 75 20.76 8.51 46.35
N ALA E 76 21.82 8.47 45.55
CA ALA E 76 22.64 7.27 45.40
C ALA E 76 24.11 7.65 45.40
N ILE E 77 24.93 6.88 46.11
CA ILE E 77 26.35 7.17 46.26
C ILE E 77 27.04 6.63 45.02
N SER E 78 28.25 7.11 44.73
CA SER E 78 29.03 6.66 43.57
C SER E 78 30.29 5.90 43.93
N GLN E 79 30.93 6.21 45.04
CA GLN E 79 32.13 5.49 45.50
C GLN E 79 32.02 5.32 47.02
N ASN E 80 33.16 5.06 47.66
CA ASN E 80 33.22 4.87 49.10
C ASN E 80 32.41 5.92 49.85
N GLY E 81 31.44 5.47 50.63
CA GLY E 81 30.59 6.35 51.40
C GLY E 81 29.40 5.63 51.97
N PHE E 82 28.85 6.19 53.04
CA PHE E 82 27.69 5.62 53.71
C PHE E 82 26.87 6.73 54.34
N PHE E 83 25.55 6.65 54.19
CA PHE E 83 24.67 7.50 54.97
C PHE E 83 24.67 7.06 56.43
N ARG E 84 24.37 8.03 57.30
CA ARG E 84 24.40 7.83 58.74
C ARG E 84 23.00 8.07 59.30
N LEU E 85 22.56 7.17 60.19
CA LEU E 85 21.21 7.20 60.73
C LEU E 85 21.25 6.95 62.23
N VAL E 86 20.23 7.43 62.91
CA VAL E 86 20.04 7.20 64.34
C VAL E 86 18.61 6.75 64.58
N ASP E 87 18.42 5.99 65.66
CA ASP E 87 17.12 5.45 66.01
C ASP E 87 16.46 6.30 67.09
N SER E 88 15.35 5.79 67.63
CA SER E 88 14.64 6.47 68.74
C SER E 88 15.55 6.42 69.98
N ASN E 89 16.14 5.25 70.24
CA ASN E 89 17.06 5.07 71.41
C ASN E 89 18.28 5.99 71.24
N GLY E 90 18.83 6.06 70.02
CA GLY E 90 19.98 6.95 69.77
C GLY E 90 21.23 6.23 69.26
N SER E 91 21.09 4.99 68.78
CA SER E 91 22.26 4.28 68.28
C SER E 91 22.65 4.82 66.91
N VAL E 92 23.91 4.58 66.54
CA VAL E 92 24.45 5.05 65.27
C VAL E 92 24.52 3.88 64.30
N PHE E 93 24.06 4.11 63.07
CA PHE E 93 24.09 3.10 62.03
C PHE E 93 24.50 3.74 60.72
N TYR E 94 25.04 2.92 59.83
CA TYR E 94 25.50 3.40 58.54
C TYR E 94 24.99 2.47 57.45
N SER E 95 24.59 3.03 56.32
CA SER E 95 23.95 2.26 55.27
C SER E 95 24.21 2.91 53.92
N ARG E 96 23.55 2.37 52.88
CA ARG E 96 23.61 2.91 51.54
C ARG E 96 22.25 2.98 50.86
N ASN E 97 21.18 2.56 51.52
CA ASN E 97 19.85 2.58 50.92
C ASN E 97 19.40 4.02 50.72
N GLY E 98 19.12 4.39 49.48
CA GLY E 98 18.72 5.74 49.16
C GLY E 98 17.23 5.96 49.11
N GLN E 99 16.50 5.29 49.99
CA GLN E 99 15.05 5.44 50.08
C GLN E 99 14.75 6.34 51.28
N PHE E 100 14.15 7.50 51.01
CA PHE E 100 13.89 8.50 52.05
C PHE E 100 12.46 9.00 51.94
N LYS E 101 11.92 9.40 53.08
CA LYS E 101 10.57 9.96 53.15
C LYS E 101 10.54 11.02 54.23
N LEU E 102 9.51 11.86 54.19
CA LEU E 102 9.33 12.89 55.20
C LEU E 102 8.48 12.29 56.33
N ASP E 103 7.98 13.13 57.23
CA ASP E 103 7.27 12.64 58.40
C ASP E 103 6.35 13.73 58.93
N GLU E 104 5.44 13.34 59.83
CA GLU E 104 4.62 14.33 60.52
C GLU E 104 5.48 15.28 61.36
N ASN E 105 6.55 14.77 61.96
CA ASN E 105 7.55 15.60 62.62
C ASN E 105 8.49 16.23 61.61
N ARG E 106 8.28 15.95 60.33
CA ARG E 106 8.98 16.62 59.23
C ARG E 106 10.49 16.39 59.33
N ASN E 107 10.86 15.11 59.27
CA ASN E 107 12.23 14.66 59.37
C ASN E 107 12.57 13.77 58.19
N LEU E 108 13.82 13.83 57.75
CA LEU E 108 14.31 12.96 56.67
C LEU E 108 14.46 11.55 57.24
N VAL E 109 13.48 10.70 56.97
CA VAL E 109 13.42 9.38 57.57
C VAL E 109 13.22 8.33 56.48
N ASN E 110 13.87 7.18 56.67
CA ASN E 110 13.80 6.08 55.73
C ASN E 110 12.56 5.22 56.00
N MET E 111 12.55 4.01 55.45
CA MET E 111 11.41 3.12 55.49
C MET E 111 11.24 2.40 56.82
N GLN E 112 12.08 2.71 57.81
CA GLN E 112 12.05 1.99 59.08
C GLN E 112 12.09 2.88 60.30
N GLY E 113 11.91 4.18 60.16
CA GLY E 113 11.91 5.08 61.29
C GLY E 113 13.27 5.58 61.72
N MET E 114 14.23 5.67 60.81
CA MET E 114 15.59 6.10 61.13
C MET E 114 15.81 7.49 60.53
N GLN E 115 16.02 8.48 61.39
CA GLN E 115 16.30 9.82 60.91
C GLN E 115 17.67 9.88 60.26
N LEU E 116 17.72 10.51 59.08
CA LEU E 116 18.99 10.77 58.43
C LEU E 116 19.71 11.89 59.15
N THR E 117 20.99 11.70 59.42
CA THR E 117 21.79 12.65 60.18
C THR E 117 22.73 13.39 59.25
N GLY E 118 22.98 14.65 59.57
CA GLY E 118 23.83 15.48 58.74
C GLY E 118 24.24 16.74 59.46
N TYR E 119 25.03 17.55 58.77
CA TYR E 119 25.54 18.79 59.34
C TYR E 119 24.39 19.76 59.58
N PRO E 120 24.30 20.38 60.74
CA PRO E 120 23.30 21.41 60.98
C PRO E 120 23.77 22.74 60.41
N ALA E 121 22.86 23.72 60.39
CA ALA E 121 23.17 25.04 59.86
C ALA E 121 22.72 26.10 60.86
N THR E 122 23.54 27.14 61.01
CA THR E 122 23.28 28.23 61.94
C THR E 122 23.59 29.55 61.26
N GLY E 123 23.37 30.64 61.99
CA GLY E 123 23.65 31.97 61.49
C GLY E 123 22.51 32.55 60.68
N THR E 124 22.71 33.82 60.29
CA THR E 124 21.74 34.54 59.47
C THR E 124 22.49 35.37 58.44
N PRO E 125 22.44 34.99 57.14
CA PRO E 125 21.73 33.84 56.58
C PRO E 125 22.30 32.50 57.03
N PRO E 126 21.43 31.49 57.15
CA PRO E 126 21.88 30.20 57.69
C PRO E 126 23.00 29.59 56.86
N THR E 127 23.97 28.98 57.54
CA THR E 127 25.07 28.30 56.88
C THR E 127 25.48 27.11 57.74
N ILE E 128 26.01 26.10 57.08
CA ILE E 128 26.31 24.83 57.73
C ILE E 128 27.67 24.92 58.41
N GLN E 129 27.94 23.98 59.30
CA GLN E 129 29.22 23.85 59.98
C GLN E 129 30.06 22.79 59.29
N GLN E 130 31.32 22.67 59.73
CA GLN E 130 32.26 21.76 59.10
C GLN E 130 32.87 20.74 60.06
N GLY E 131 32.62 20.84 61.35
CA GLY E 131 33.17 19.89 62.30
C GLY E 131 32.22 19.55 63.43
N ALA E 132 30.98 20.01 63.33
CA ALA E 132 29.99 19.76 64.37
C ALA E 132 29.49 18.31 64.32
N ASN E 133 29.12 17.79 65.47
CA ASN E 133 28.48 16.49 65.54
C ASN E 133 27.13 16.56 64.85
N PRO E 134 26.84 15.69 63.88
CA PRO E 134 25.60 15.82 63.11
C PRO E 134 24.37 15.65 63.98
N ALA E 135 23.30 16.33 63.57
CA ALA E 135 22.00 16.24 64.19
C ALA E 135 20.98 15.89 63.11
N PRO E 136 19.87 15.26 63.49
CA PRO E 136 18.88 14.85 62.48
C PRO E 136 18.41 16.03 61.65
N ILE E 137 18.29 15.81 60.36
CA ILE E 137 17.86 16.84 59.44
C ILE E 137 16.34 16.94 59.47
N THR E 138 15.83 18.16 59.38
CA THR E 138 14.40 18.40 59.46
C THR E 138 14.02 19.43 58.41
N ILE E 139 12.73 19.46 58.07
CA ILE E 139 12.20 20.42 57.09
C ILE E 139 11.10 21.21 57.77
N PRO E 140 11.44 22.22 58.58
CA PRO E 140 10.40 23.00 59.25
C PRO E 140 9.54 23.79 58.26
N ASN E 141 8.26 23.88 58.58
CA ASN E 141 7.31 24.65 57.79
C ASN E 141 7.18 26.09 58.28
N THR E 142 8.22 26.62 58.92
CA THR E 142 8.17 27.95 59.51
C THR E 142 8.28 29.02 58.44
N LEU E 143 8.29 30.27 58.89
CA LEU E 143 8.41 31.45 58.02
C LEU E 143 9.75 32.13 58.23
N MET E 144 10.30 32.65 57.15
CA MET E 144 11.52 33.44 57.27
C MET E 144 11.22 34.79 57.90
N ALA E 145 12.17 35.29 58.67
CA ALA E 145 12.08 36.60 59.30
C ALA E 145 12.64 37.66 58.36
N ALA E 146 12.04 38.85 58.42
CA ALA E 146 12.51 39.97 57.60
C ALA E 146 13.80 40.52 58.18
N LYS E 147 14.92 40.20 57.55
CA LYS E 147 16.24 40.64 58.00
C LYS E 147 16.55 41.97 57.33
N SER E 148 16.78 43.00 58.15
CA SER E 148 17.03 44.33 57.62
C SER E 148 18.38 44.41 56.93
N THR E 149 18.54 45.42 56.09
CA THR E 149 19.77 45.60 55.34
C THR E 149 20.87 46.14 56.24
N THR E 150 22.05 45.51 56.16
CA THR E 150 23.23 45.96 56.89
C THR E 150 24.32 46.48 55.97
N THR E 151 24.57 45.81 54.85
CA THR E 151 25.55 46.25 53.87
C THR E 151 24.90 46.31 52.50
N ALA E 152 25.48 47.12 51.63
CA ALA E 152 25.00 47.25 50.27
C ALA E 152 26.17 47.65 49.38
N SER E 153 26.23 47.05 48.20
CA SER E 153 27.27 47.30 47.23
C SER E 153 26.66 47.74 45.91
N MET E 154 27.27 48.74 45.29
CA MET E 154 26.77 49.28 44.02
C MET E 154 27.97 49.52 43.11
N GLN E 155 28.25 48.57 42.22
CA GLN E 155 29.29 48.74 41.23
C GLN E 155 28.70 49.43 40.00
N ILE E 156 29.29 50.55 39.62
CA ILE E 156 28.76 51.41 38.56
C ILE E 156 29.93 52.01 37.79
N ASN E 157 29.76 52.15 36.47
CA ASN E 157 30.78 52.80 35.64
C ASN E 157 30.39 54.24 35.38
N LEU E 158 31.38 55.12 35.47
CA LEU E 158 31.16 56.55 35.28
C LEU E 158 31.89 57.04 34.03
N ASN E 159 31.20 57.85 33.24
CA ASN E 159 31.82 58.43 32.05
C ASN E 159 32.72 59.59 32.46
N SER E 160 33.97 59.57 31.96
CA SER E 160 34.94 60.59 32.36
C SER E 160 34.67 61.91 31.66
N THR E 161 34.26 61.86 30.39
CA THR E 161 34.10 63.06 29.57
C THR E 161 32.70 63.66 29.65
N ASP E 162 31.84 63.15 30.54
CA ASP E 162 30.52 63.73 30.67
C ASP E 162 30.62 65.14 31.27
N PRO E 163 29.71 66.03 30.90
CA PRO E 163 29.79 67.42 31.36
C PRO E 163 29.14 67.62 32.72
N VAL E 164 29.47 68.77 33.31
CA VAL E 164 28.86 69.18 34.58
C VAL E 164 27.37 69.44 34.35
N PRO E 165 26.50 69.08 35.30
CA PRO E 165 25.07 69.38 35.12
C PRO E 165 24.82 70.87 34.95
N SER E 166 23.82 71.19 34.13
CA SER E 166 23.56 72.58 33.78
C SER E 166 23.13 73.39 34.99
N LYS E 167 22.02 72.99 35.62
CA LYS E 167 21.52 73.74 36.77
C LYS E 167 22.44 73.54 37.97
N THR E 168 23.04 74.64 38.43
CA THR E 168 24.02 74.53 39.52
C THR E 168 23.41 74.00 40.81
N PRO E 169 22.26 74.49 41.31
CA PRO E 169 21.66 73.85 42.48
C PRO E 169 21.12 72.47 42.13
N PHE E 170 21.11 71.59 43.12
CA PHE E 170 20.68 70.21 42.90
C PHE E 170 19.17 70.14 42.91
N SER E 171 18.57 69.96 41.73
CA SER E 171 17.15 69.72 41.64
C SER E 171 16.86 68.23 41.80
N VAL E 172 15.61 67.93 42.14
CA VAL E 172 15.16 66.55 42.33
C VAL E 172 14.04 66.17 41.38
N SER E 173 13.52 67.11 40.59
CA SER E 173 12.41 66.86 39.69
C SER E 173 12.85 66.65 38.24
N ASP E 174 13.91 67.31 37.80
CA ASP E 174 14.37 67.24 36.42
C ASP E 174 15.83 66.85 36.37
N ALA E 175 16.21 66.18 35.28
CA ALA E 175 17.53 65.57 35.15
C ALA E 175 18.62 66.55 34.72
N ASP E 176 18.28 67.82 34.45
CA ASP E 176 19.30 68.77 34.03
C ASP E 176 20.33 68.99 35.14
N SER E 177 19.93 68.86 36.40
CA SER E 177 20.78 69.20 37.53
C SER E 177 21.56 68.01 38.09
N TYR E 178 21.31 66.79 37.62
CA TYR E 178 22.06 65.63 38.07
C TYR E 178 22.52 64.81 36.88
N ASN E 179 23.71 64.24 36.99
CA ASN E 179 24.27 63.47 35.89
C ASN E 179 23.59 62.11 35.76
N LYS E 180 23.56 61.33 36.84
CA LYS E 180 23.04 59.97 36.73
C LYS E 180 22.19 59.63 37.95
N LYS E 181 20.99 59.10 37.72
CA LYS E 181 20.10 58.68 38.79
C LYS E 181 19.97 57.17 38.79
N GLY E 182 20.31 56.54 39.91
CA GLY E 182 20.11 55.11 40.09
C GLY E 182 19.23 54.85 41.30
N THR E 183 18.77 53.61 41.41
CA THR E 183 17.88 53.25 42.51
C THR E 183 18.22 51.85 42.99
N VAL E 184 18.32 51.69 44.31
CA VAL E 184 18.49 50.41 44.96
C VAL E 184 17.35 50.28 45.97
N THR E 185 17.17 49.08 46.51
CA THR E 185 16.10 48.82 47.46
C THR E 185 16.67 48.12 48.68
N VAL E 186 16.54 48.76 49.85
CA VAL E 186 16.97 48.19 51.11
C VAL E 186 15.74 47.75 51.88
N TYR E 187 15.97 47.02 52.97
CA TYR E 187 14.88 46.43 53.74
C TYR E 187 14.98 46.85 55.20
N ASP E 188 13.84 47.18 55.78
CA ASP E 188 13.76 47.64 57.16
C ASP E 188 13.62 46.43 58.10
N SER E 189 13.37 46.70 59.38
CA SER E 189 13.17 45.62 60.33
C SER E 189 11.83 44.92 60.12
N GLN E 190 10.76 45.70 59.93
CA GLN E 190 9.42 45.13 59.78
C GLN E 190 9.21 44.43 58.44
N GLY E 191 10.04 44.71 57.45
CA GLY E 191 9.91 44.07 56.15
C GLY E 191 9.35 44.93 55.04
N ASN E 192 9.21 46.24 55.25
CA ASN E 192 8.72 47.15 54.24
C ASN E 192 9.90 47.73 53.48
N ALA E 193 10.01 47.40 52.19
CA ALA E 193 11.15 47.81 51.41
C ALA E 193 11.19 49.32 51.24
N HIS E 194 12.40 49.88 51.26
CA HIS E 194 12.62 51.31 51.08
C HIS E 194 13.49 51.51 49.84
N ASP E 195 13.05 52.38 48.95
CA ASP E 195 13.80 52.65 47.73
C ASP E 195 14.78 53.80 47.95
N MET E 196 16.07 53.47 47.95
CA MET E 196 17.15 54.44 48.06
C MET E 196 17.50 54.92 46.66
N ASN E 197 17.14 56.16 46.35
CA ASN E 197 17.55 56.79 45.11
C ASN E 197 18.91 57.45 45.31
N VAL E 198 19.87 57.07 44.49
CA VAL E 198 21.21 57.65 44.51
C VAL E 198 21.35 58.59 43.32
N TYR E 199 21.83 59.79 43.59
CA TYR E 199 22.01 60.81 42.57
C TYR E 199 23.49 61.13 42.45
N PHE E 200 24.00 61.15 41.22
CA PHE E 200 25.41 61.32 40.94
C PHE E 200 25.58 62.59 40.14
N VAL E 201 26.38 63.52 40.66
CA VAL E 201 26.65 64.80 40.00
C VAL E 201 28.16 64.96 39.92
N LYS E 202 28.68 65.11 38.70
CA LYS E 202 30.10 65.41 38.55
C LYS E 202 30.32 66.90 38.74
N THR E 203 31.25 67.25 39.63
CA THR E 203 31.55 68.65 39.93
C THR E 203 32.78 69.14 39.18
N LYS E 204 33.86 68.37 39.18
CA LYS E 204 35.10 68.80 38.56
C LYS E 204 35.95 67.57 38.24
N ASP E 205 37.22 67.80 37.92
CA ASP E 205 38.15 66.74 37.54
C ASP E 205 38.16 65.59 38.55
N ASN E 206 37.83 64.39 38.04
CA ASN E 206 38.00 63.15 38.80
C ASN E 206 37.29 63.21 40.15
N GLU E 207 36.11 63.83 40.16
CA GLU E 207 35.36 64.00 41.40
C GLU E 207 33.89 63.84 41.11
N TRP E 208 33.16 63.31 42.09
CA TRP E 208 31.71 63.14 42.00
C TRP E 208 31.12 63.38 43.38
N ALA E 209 29.93 63.96 43.41
CA ALA E 209 29.14 64.02 44.64
C ALA E 209 27.93 63.12 44.48
N VAL E 210 27.68 62.28 45.49
CA VAL E 210 26.57 61.35 45.44
C VAL E 210 25.64 61.64 46.61
N TYR E 211 24.35 61.74 46.29
CA TYR E 211 23.29 62.12 47.21
C TYR E 211 22.37 60.92 47.39
N THR E 212 21.80 60.80 48.58
CA THR E 212 20.89 59.71 48.89
C THR E 212 19.53 60.26 49.27
N HIS E 213 18.48 59.63 48.75
CA HIS E 213 17.12 60.09 49.01
C HIS E 213 16.20 58.89 49.12
N ASP E 214 15.09 59.06 49.83
CA ASP E 214 14.06 58.04 49.93
C ASP E 214 12.79 58.51 49.26
N SER E 215 12.29 57.71 48.32
CA SER E 215 11.02 57.99 47.64
C SER E 215 9.88 57.17 48.21
N SER E 216 10.11 56.42 49.28
CA SER E 216 9.07 55.58 49.87
C SER E 216 8.30 56.31 50.98
N ASP E 217 9.02 56.93 51.90
CA ASP E 217 8.38 57.64 53.01
C ASP E 217 7.76 58.93 52.50
N PRO E 218 6.45 59.13 52.65
CA PRO E 218 5.84 60.39 52.19
C PRO E 218 6.37 61.62 52.89
N ALA E 219 6.91 61.49 54.11
CA ALA E 219 7.46 62.61 54.85
C ALA E 219 8.93 62.86 54.53
N ALA E 220 9.43 62.32 53.43
CA ALA E 220 10.84 62.50 53.07
C ALA E 220 11.11 63.94 52.67
N THR E 221 12.31 64.41 53.01
CA THR E 221 12.76 65.75 52.62
C THR E 221 13.51 65.66 51.30
N ALA E 222 14.12 66.77 50.88
CA ALA E 222 14.89 66.79 49.66
C ALA E 222 16.38 66.79 49.97
N PRO E 223 17.15 65.91 49.34
CA PRO E 223 18.60 65.87 49.60
C PRO E 223 19.27 67.14 49.09
N THR E 224 19.77 67.95 50.02
CA THR E 224 20.45 69.19 49.67
C THR E 224 21.97 69.06 49.75
N THR E 225 22.48 68.53 50.86
CA THR E 225 23.91 68.37 51.04
C THR E 225 24.38 67.05 50.44
N ALA E 226 25.70 66.89 50.38
CA ALA E 226 26.26 65.67 49.83
C ALA E 226 26.12 64.51 50.81
N SER E 227 25.51 63.42 50.35
CA SER E 227 25.57 62.20 51.12
C SER E 227 27.01 61.74 51.28
N THR E 228 27.78 61.79 50.20
CA THR E 228 29.24 61.74 50.29
C THR E 228 29.84 62.19 48.97
N THR E 229 31.17 62.15 48.88
CA THR E 229 31.91 62.66 47.73
C THR E 229 32.97 61.65 47.35
N LEU E 230 32.84 61.08 46.15
CA LEU E 230 33.84 60.18 45.62
C LEU E 230 34.93 60.98 44.90
N LYS E 231 36.18 60.60 45.14
CA LYS E 231 37.31 61.14 44.39
C LYS E 231 38.05 59.98 43.74
N PHE E 232 38.52 60.21 42.52
CA PHE E 232 39.00 59.13 41.67
C PHE E 232 40.48 59.33 41.36
N ASN E 233 41.20 58.21 41.32
CA ASN E 233 42.58 58.23 40.83
C ASN E 233 42.59 58.57 39.35
N GLU E 234 43.72 59.14 38.89
CA GLU E 234 43.84 59.53 37.50
C GLU E 234 43.61 58.35 36.55
N ASN E 235 43.93 57.14 36.99
CA ASN E 235 43.66 55.95 36.18
C ASN E 235 42.19 55.54 36.21
N GLY E 236 41.37 56.17 37.05
CA GLY E 236 39.97 55.79 37.18
C GLY E 236 39.68 54.86 38.33
N ILE E 237 40.68 54.48 39.11
CA ILE E 237 40.47 53.59 40.26
C ILE E 237 39.88 54.40 41.40
N LEU E 238 38.75 53.94 41.93
CA LEU E 238 38.18 54.58 43.11
C LEU E 238 39.09 54.33 44.30
N GLU E 239 39.43 55.40 45.03
CA GLU E 239 40.41 55.29 46.09
C GLU E 239 40.05 56.05 47.36
N SER E 240 38.90 56.73 47.42
CA SER E 240 38.56 57.50 48.59
C SER E 240 37.04 57.58 48.73
N GLY E 241 36.59 57.58 49.98
CA GLY E 241 35.17 57.66 50.29
C GLY E 241 34.37 56.51 49.73
N GLY E 242 34.97 55.32 49.71
CA GLY E 242 34.31 54.17 49.12
C GLY E 242 33.24 53.54 49.99
N THR E 243 33.25 53.79 51.29
CA THR E 243 32.29 53.19 52.21
C THR E 243 31.70 54.28 53.10
N VAL E 244 30.37 54.35 53.16
CA VAL E 244 29.66 55.32 53.98
C VAL E 244 28.52 54.62 54.70
N ASN E 245 27.82 55.36 55.55
CA ASN E 245 26.70 54.83 56.31
C ASN E 245 25.48 55.71 56.09
N ILE E 246 24.34 55.09 55.78
CA ILE E 246 23.12 55.80 55.44
C ILE E 246 21.98 55.28 56.29
N THR E 247 20.97 56.12 56.46
CA THR E 247 19.73 55.79 57.15
C THR E 247 18.56 55.90 56.18
N THR E 248 17.35 55.75 56.70
CA THR E 248 16.14 55.80 55.88
C THR E 248 14.99 56.30 56.74
N GLY E 249 13.79 56.27 56.17
CA GLY E 249 12.60 56.72 56.87
C GLY E 249 11.99 55.64 57.73
N THR E 250 10.84 55.96 58.32
CA THR E 250 10.11 55.07 59.22
C THR E 250 8.63 55.15 58.84
N ILE E 251 8.14 54.14 58.13
CA ILE E 251 6.76 54.10 57.66
C ILE E 251 5.97 53.10 58.49
N ASN E 252 4.85 53.55 59.06
CA ASN E 252 3.90 52.69 59.76
C ASN E 252 4.58 51.92 60.90
N GLY E 253 5.25 52.67 61.77
CA GLY E 253 5.88 52.07 62.94
C GLY E 253 6.98 51.09 62.62
N ALA E 254 7.85 51.44 61.69
CA ALA E 254 8.96 50.58 61.28
C ALA E 254 10.27 51.16 61.77
N THR E 255 11.14 50.29 62.28
CA THR E 255 12.44 50.71 62.77
C THR E 255 13.29 51.26 61.63
N ALA E 256 13.98 52.37 61.90
CA ALA E 256 14.85 52.97 60.89
C ALA E 256 15.98 52.01 60.55
N ALA E 257 16.25 51.86 59.25
CA ALA E 257 17.24 50.91 58.76
C ALA E 257 18.46 51.66 58.27
N THR E 258 19.58 51.47 58.94
CA THR E 258 20.87 52.00 58.51
C THR E 258 21.67 50.90 57.82
N PHE E 259 22.59 51.31 56.95
CA PHE E 259 23.39 50.35 56.23
C PHE E 259 24.70 50.99 55.80
N SER E 260 25.68 50.13 55.53
CA SER E 260 26.98 50.55 55.01
C SER E 260 26.97 50.37 53.50
N LEU E 261 27.08 51.48 52.78
CA LEU E 261 27.00 51.49 51.32
C LEU E 261 28.40 51.65 50.75
N SER E 262 28.72 50.82 49.75
CA SER E 262 30.04 50.79 49.16
C SER E 262 29.92 50.69 47.64
N PHE E 263 30.48 51.66 46.94
CA PHE E 263 30.56 51.63 45.48
C PHE E 263 31.91 51.09 45.00
N LEU E 264 32.31 49.92 45.47
CA LEU E 264 33.61 49.38 45.12
C LEU E 264 33.66 48.95 43.66
N ASN E 265 34.87 48.91 43.12
CA ASN E 265 35.13 48.47 41.75
C ASN E 265 34.42 49.32 40.71
N SER E 266 34.20 50.60 41.05
CA SER E 266 33.69 51.54 40.07
C SER E 266 34.79 51.91 39.09
N MET E 267 34.43 52.57 38.00
CA MET E 267 35.39 52.88 36.95
C MET E 267 34.99 54.18 36.26
N GLN E 268 35.90 55.14 36.23
CA GLN E 268 35.75 56.36 35.44
C GLN E 268 36.71 56.27 34.27
N GLN E 269 36.23 55.70 33.16
CA GLN E 269 37.09 55.47 32.01
C GLN E 269 36.38 55.76 30.69
N ASN E 270 35.49 56.75 30.69
CA ASN E 270 34.84 57.23 29.46
C ASN E 270 34.02 56.12 28.80
N THR E 271 33.56 55.19 29.63
CA THR E 271 32.84 54.01 29.14
C THR E 271 31.43 54.39 28.67
N GLY E 272 31.40 55.14 27.58
CA GLY E 272 30.14 55.57 26.98
C GLY E 272 29.30 56.40 27.94
N ALA E 273 28.17 55.85 28.36
CA ALA E 273 27.29 56.49 29.33
C ALA E 273 27.40 55.78 30.67
N ASN E 274 26.90 56.45 31.71
CA ASN E 274 26.93 55.88 33.05
C ASN E 274 25.93 54.74 33.16
N ASN E 275 26.42 53.59 33.60
CA ASN E 275 25.59 52.40 33.71
C ASN E 275 25.92 51.65 34.99
N ILE E 276 24.89 51.11 35.63
CA ILE E 276 25.03 50.39 36.88
C ILE E 276 25.44 48.97 36.57
N VAL E 277 26.67 48.59 36.95
CA VAL E 277 27.14 47.24 36.68
C VAL E 277 26.38 46.23 37.53
N ALA E 278 26.25 46.49 38.82
CA ALA E 278 25.65 45.51 39.71
C ALA E 278 25.21 46.19 41.01
N THR E 279 24.14 45.66 41.59
CA THR E 279 23.66 46.05 42.91
C THR E 279 23.47 44.82 43.77
N ASN E 280 23.87 44.93 45.04
CA ASN E 280 23.78 43.80 45.96
C ASN E 280 23.37 44.31 47.34
N GLN E 281 22.26 43.80 47.84
CA GLN E 281 21.81 44.09 49.21
C GLN E 281 21.38 42.80 49.86
N ASN E 282 21.47 42.76 51.20
CA ASN E 282 21.26 41.55 51.97
C ASN E 282 20.03 41.66 52.86
N GLY E 283 18.94 42.21 52.33
CA GLY E 283 17.68 42.25 53.04
C GLY E 283 16.59 41.54 52.28
N TYR E 284 15.55 41.09 52.98
CA TYR E 284 14.46 40.37 52.33
C TYR E 284 13.21 40.44 53.20
N LYS E 285 12.07 40.71 52.57
CA LYS E 285 10.78 40.76 53.24
C LYS E 285 10.35 39.35 53.63
N PRO E 286 9.41 39.20 54.57
CA PRO E 286 9.01 37.85 54.99
C PRO E 286 8.43 37.04 53.85
N GLY E 287 8.73 35.74 53.86
CA GLY E 287 8.26 34.84 52.82
C GLY E 287 7.57 33.60 53.36
N ASP E 288 7.60 32.52 52.60
CA ASP E 288 6.94 31.29 52.98
C ASP E 288 7.58 30.12 52.24
N LEU E 289 7.60 28.96 52.89
CA LEU E 289 8.18 27.76 52.29
C LEU E 289 7.24 27.21 51.22
N VAL E 290 7.81 26.87 50.05
CA VAL E 290 7.01 26.37 48.94
C VAL E 290 7.48 25.02 48.42
N SER E 291 8.73 24.63 48.61
CA SER E 291 9.22 23.34 48.13
C SER E 291 10.58 23.08 48.77
N TYR E 292 11.15 21.93 48.43
CA TYR E 292 12.45 21.53 48.95
C TYR E 292 13.12 20.61 47.93
N GLN E 293 14.44 20.54 48.00
CA GLN E 293 15.21 19.73 47.06
C GLN E 293 16.60 19.50 47.64
N ILE E 294 17.32 18.57 47.03
CA ILE E 294 18.67 18.22 47.42
C ILE E 294 19.59 18.45 46.23
N ASN E 295 20.64 19.22 46.43
CA ASN E 295 21.66 19.42 45.41
C ASN E 295 22.62 18.24 45.40
N ASN E 296 23.36 18.10 44.29
CA ASN E 296 24.25 16.95 44.13
C ASN E 296 25.35 16.93 45.18
N ASP E 297 25.79 18.10 45.66
CA ASP E 297 26.82 18.13 46.69
C ASP E 297 26.31 17.61 48.03
N GLY E 298 25.00 17.58 48.23
CA GLY E 298 24.42 17.07 49.44
C GLY E 298 23.88 18.11 50.41
N THR E 299 23.41 19.24 49.92
CA THR E 299 22.90 20.32 50.77
C THR E 299 21.40 20.41 50.58
N VAL E 300 20.65 20.10 51.65
CA VAL E 300 19.20 20.24 51.60
C VAL E 300 18.83 21.70 51.58
N VAL E 301 17.98 22.08 50.62
CA VAL E 301 17.61 23.47 50.41
C VAL E 301 16.09 23.56 50.36
N GLY E 302 15.54 24.52 51.10
CA GLY E 302 14.10 24.74 51.08
C GLY E 302 13.72 26.01 50.34
N ASN E 303 13.07 25.86 49.19
CA ASN E 303 12.69 27.02 48.39
C ASN E 303 11.62 27.82 49.11
N TYR E 304 11.77 29.14 49.08
CA TYR E 304 10.92 30.05 49.84
C TYR E 304 10.20 31.01 48.90
N SER E 305 9.14 31.62 49.43
CA SER E 305 8.32 32.55 48.66
C SER E 305 8.91 33.95 48.58
N ASN E 306 10.00 34.21 49.29
CA ASN E 306 10.65 35.52 49.28
C ASN E 306 11.92 35.51 48.43
N GLU E 307 11.88 34.80 47.30
CA GLU E 307 13.03 34.63 46.38
C GLU E 307 14.33 34.42 47.14
N GLN E 308 14.28 33.64 48.21
CA GLN E 308 15.46 33.24 48.97
C GLN E 308 15.34 31.77 49.29
N GLU E 309 16.38 31.21 49.90
CA GLU E 309 16.36 29.82 50.30
C GLU E 309 17.26 29.64 51.51
N GLN E 310 16.80 28.87 52.49
CA GLN E 310 17.64 28.52 53.63
C GLN E 310 18.52 27.32 53.28
N VAL E 311 19.28 26.86 54.26
CA VAL E 311 20.06 25.63 54.14
C VAL E 311 19.64 24.78 55.34
N LEU E 312 18.69 23.88 55.12
CA LEU E 312 18.16 23.10 56.22
C LEU E 312 19.05 21.95 56.64
N GLY E 313 20.27 21.87 56.14
CA GLY E 313 21.18 20.81 56.52
C GLY E 313 22.05 20.34 55.38
N GLN E 314 23.07 19.54 55.70
CA GLN E 314 23.95 18.98 54.67
C GLN E 314 24.14 17.51 54.96
N ILE E 315 24.01 16.68 53.92
CA ILE E 315 24.10 15.23 54.12
C ILE E 315 25.53 14.86 54.48
N VAL E 316 25.67 14.01 55.50
CA VAL E 316 26.97 13.60 56.01
C VAL E 316 27.19 12.13 55.66
N LEU E 317 28.35 11.85 55.08
CA LEU E 317 28.73 10.49 54.72
C LEU E 317 29.51 9.86 55.87
N ALA E 318 30.03 8.66 55.64
CA ALA E 318 30.85 7.98 56.66
C ALA E 318 31.74 6.98 55.93
N ASN E 319 33.04 7.24 55.91
CA ASN E 319 34.00 6.40 55.22
C ASN E 319 34.84 5.69 56.28
N PHE E 320 35.00 4.37 56.12
CA PHE E 320 35.67 3.54 57.12
C PHE E 320 36.96 2.99 56.50
N ALA E 321 38.06 3.12 57.23
CA ALA E 321 39.33 2.57 56.74
C ALA E 321 39.27 1.05 56.69
N ASN E 322 38.87 0.42 57.79
CA ASN E 322 38.62 -1.02 57.78
C ASN E 322 37.19 -1.29 57.31
N ASN E 323 37.01 -2.41 56.62
CA ASN E 323 35.69 -2.82 56.17
C ASN E 323 35.48 -4.27 56.52
N GLU E 324 34.29 -4.78 56.20
CA GLU E 324 33.86 -6.14 56.48
C GLU E 324 33.66 -6.37 57.97
N GLY E 325 33.98 -5.35 58.78
CA GLY E 325 33.64 -5.38 60.19
C GLY E 325 32.27 -4.81 60.48
N LEU E 326 31.63 -4.20 59.50
CA LEU E 326 30.33 -3.56 59.67
C LEU E 326 29.28 -4.64 59.87
N ALA E 327 28.82 -4.82 61.10
CA ALA E 327 27.86 -5.86 61.41
C ALA E 327 26.47 -5.41 61.00
N SER E 328 25.82 -6.14 60.11
CA SER E 328 24.46 -5.82 59.71
C SER E 328 23.52 -6.00 60.90
N GLN E 329 22.49 -5.18 60.95
CA GLN E 329 21.60 -5.12 62.12
C GLN E 329 20.15 -5.35 61.72
N GLY E 330 19.89 -6.40 60.96
CA GLY E 330 18.53 -6.71 60.58
C GLY E 330 18.11 -5.96 59.34
N ASP E 331 17.46 -4.80 59.54
CA ASP E 331 17.18 -3.87 58.45
C ASP E 331 18.48 -3.54 57.73
N ASN E 332 18.39 -3.04 56.50
CA ASN E 332 19.60 -2.87 55.70
C ASN E 332 20.44 -1.72 56.25
N VAL E 333 20.95 -1.91 57.47
CA VAL E 333 21.85 -0.96 58.11
C VAL E 333 23.01 -1.72 58.73
N TRP E 334 24.17 -1.07 58.77
CA TRP E 334 25.36 -1.62 59.36
C TRP E 334 25.71 -0.86 60.63
N ALA E 335 26.41 -1.55 61.52
CA ALA E 335 26.90 -0.95 62.77
C ALA E 335 28.40 -1.18 62.84
N ALA E 336 29.13 -0.11 63.17
CA ALA E 336 30.56 -0.22 63.40
C ALA E 336 30.83 -0.90 64.75
N THR E 337 31.73 -1.86 64.74
CA THR E 337 32.09 -2.62 65.92
C THR E 337 33.56 -2.39 66.26
N GLN E 338 34.05 -3.16 67.23
CA GLN E 338 35.45 -3.07 67.60
C GLN E 338 36.33 -3.46 66.42
N ALA E 339 37.40 -2.70 66.21
CA ALA E 339 38.38 -2.94 65.15
C ALA E 339 37.78 -2.67 63.77
N SER E 340 36.49 -2.34 63.72
CA SER E 340 35.88 -1.96 62.45
C SER E 340 36.30 -0.55 62.06
N GLY E 341 36.85 0.20 63.00
CA GLY E 341 37.31 1.56 62.75
C GLY E 341 36.33 2.59 63.28
N VAL E 342 36.85 3.80 63.46
CA VAL E 342 36.02 4.92 63.89
C VAL E 342 35.13 5.36 62.74
N ALA E 343 34.17 6.23 63.05
CA ALA E 343 33.24 6.70 62.03
C ALA E 343 33.97 7.43 60.91
N LEU E 344 34.94 8.28 61.25
CA LEU E 344 35.75 8.99 60.26
C LEU E 344 34.88 9.76 59.26
N LEU E 345 34.19 10.76 59.80
CA LEU E 345 33.22 11.51 59.03
C LEU E 345 33.89 12.28 57.90
N GLY E 346 33.06 12.92 57.08
CA GLY E 346 33.52 13.68 55.94
C GLY E 346 32.38 13.99 54.98
N THR E 347 32.44 15.17 54.36
CA THR E 347 31.36 15.61 53.49
C THR E 347 31.40 14.81 52.19
N ALA E 348 30.46 15.09 51.29
CA ALA E 348 30.34 14.38 50.02
C ALA E 348 31.25 14.93 48.94
N GLY E 349 31.93 16.04 49.18
CA GLY E 349 32.70 16.70 48.15
C GLY E 349 34.01 16.04 47.78
N SER E 350 34.94 15.97 48.72
CA SER E 350 36.32 15.61 48.39
C SER E 350 36.88 14.52 49.29
N GLY E 351 38.17 14.25 49.15
CA GLY E 351 38.88 13.27 49.99
C GLY E 351 38.74 11.86 49.44
N ASN E 352 38.02 11.02 50.16
CA ASN E 352 37.81 9.62 49.78
C ASN E 352 36.31 9.32 49.70
N PHE E 353 35.54 10.25 49.15
CA PHE E 353 34.10 10.14 49.08
C PHE E 353 33.64 10.30 47.63
N GLY E 354 32.38 9.93 47.39
CA GLY E 354 31.83 9.89 46.05
C GLY E 354 30.69 10.87 45.86
N LYS E 355 30.30 11.03 44.60
CA LYS E 355 29.21 11.91 44.23
C LYS E 355 27.87 11.32 44.65
N LEU E 356 26.89 12.20 44.84
CA LEU E 356 25.53 11.81 45.24
C LEU E 356 24.60 12.13 44.07
N THR E 357 24.31 11.11 43.27
CA THR E 357 23.36 11.27 42.17
C THR E 357 21.95 11.39 42.74
N ASN E 358 21.21 12.39 42.27
CA ASN E 358 19.85 12.62 42.74
C ASN E 358 18.86 11.85 41.90
N GLY E 359 17.86 11.26 42.57
CA GLY E 359 16.84 10.50 41.88
C GLY E 359 17.24 9.11 41.46
N ALA E 360 18.39 8.61 41.91
CA ALA E 360 18.87 7.29 41.56
C ALA E 360 18.98 6.43 42.81
N LEU E 361 18.92 5.12 42.60
CA LEU E 361 19.00 4.15 43.70
C LEU E 361 19.99 3.06 43.35
N GLU E 362 20.61 2.50 44.39
CA GLU E 362 21.57 1.42 44.23
C GLU E 362 20.89 0.16 43.70
N ALA E 363 21.67 -0.67 43.02
CA ALA E 363 21.18 -1.93 42.51
C ALA E 363 21.30 -3.00 43.60
N SER E 364 20.92 -4.24 43.28
CA SER E 364 20.96 -5.32 44.24
C SER E 364 22.34 -5.95 44.36
N ASN E 365 23.28 -5.60 43.48
CA ASN E 365 24.66 -6.05 43.51
C ASN E 365 24.80 -7.57 43.40
N VAL E 366 23.77 -8.25 42.88
CA VAL E 366 23.79 -9.69 42.71
C VAL E 366 23.40 -10.02 41.28
N ASP E 367 24.11 -10.98 40.68
CA ASP E 367 23.83 -11.45 39.33
C ASP E 367 23.45 -12.93 39.40
N LEU E 368 22.18 -13.21 39.08
CA LEU E 368 21.61 -14.53 39.36
C LEU E 368 22.40 -15.65 38.69
N SER E 369 22.97 -15.37 37.52
CA SER E 369 23.71 -16.41 36.80
C SER E 369 24.86 -16.95 37.64
N LYS E 370 25.45 -16.10 38.48
CA LYS E 370 26.57 -16.53 39.31
C LYS E 370 26.17 -17.47 40.44
N GLU E 371 25.05 -17.20 41.12
CA GLU E 371 24.69 -18.04 42.27
C GLU E 371 23.87 -19.25 41.86
N LEU E 372 23.22 -19.21 40.69
CA LEU E 372 22.46 -20.37 40.27
C LEU E 372 23.33 -21.60 40.05
N VAL E 373 24.64 -21.43 39.90
CA VAL E 373 25.53 -22.58 39.78
C VAL E 373 26.29 -22.85 41.09
N ASN E 374 26.59 -21.79 41.85
CA ASN E 374 27.15 -21.99 43.18
C ASN E 374 26.21 -22.80 44.05
N MET E 375 24.91 -22.60 43.89
CA MET E 375 23.92 -23.38 44.62
C MET E 375 24.04 -24.85 44.28
N ILE E 376 24.21 -25.17 43.00
CA ILE E 376 24.30 -26.57 42.58
C ILE E 376 25.57 -27.22 43.12
N VAL E 377 26.70 -26.51 43.01
CA VAL E 377 27.95 -27.11 43.48
C VAL E 377 27.94 -27.27 44.99
N ALA E 378 27.35 -26.30 45.71
CA ALA E 378 27.20 -26.43 47.15
C ALA E 378 26.31 -27.62 47.51
N GLN E 379 25.24 -27.83 46.74
CA GLN E 379 24.41 -29.00 46.99
C GLN E 379 25.23 -30.27 46.84
N ARG E 380 25.89 -30.43 45.69
CA ARG E 380 26.67 -31.65 45.47
C ARG E 380 27.69 -31.86 46.59
N ASN E 381 28.30 -30.78 47.06
CA ASN E 381 29.13 -30.88 48.26
C ASN E 381 28.32 -31.38 49.45
N TYR E 382 27.07 -30.98 49.56
CA TYR E 382 26.27 -31.38 50.72
C TYR E 382 25.99 -32.88 50.73
N GLN E 383 25.54 -33.43 49.59
CA GLN E 383 25.42 -34.90 49.53
C GLN E 383 26.76 -35.62 49.68
N SER E 384 27.87 -35.01 49.25
CA SER E 384 29.16 -35.64 49.51
C SER E 384 29.42 -35.76 51.01
N ASN E 385 29.20 -34.64 51.70
CA ASN E 385 29.35 -34.62 53.18
C ASN E 385 28.47 -35.73 53.75
N ALA E 386 27.20 -35.71 53.35
CA ALA E 386 26.23 -36.66 53.89
C ALA E 386 26.68 -38.10 53.67
N GLN E 387 27.25 -38.40 52.50
CA GLN E 387 27.84 -39.71 52.27
C GLN E 387 28.96 -39.99 53.26
N THR E 388 29.74 -38.98 53.63
CA THR E 388 30.74 -39.18 54.67
C THR E 388 30.10 -39.59 56.00
N ILE E 389 29.27 -38.64 56.42
CA ILE E 389 28.48 -38.78 57.66
C ILE E 389 27.62 -40.01 57.43
N LYS E 390 27.40 -40.48 56.22
CA LYS E 390 26.60 -41.71 56.08
C LYS E 390 27.62 -42.74 56.41
N THR E 391 28.77 -42.55 55.80
CA THR E 391 29.76 -43.60 56.13
C THR E 391 30.05 -43.58 57.63
N GLN E 392 30.11 -42.43 58.25
CA GLN E 392 30.46 -42.41 59.69
C GLN E 392 29.39 -43.18 60.44
N ASP E 393 28.12 -42.88 60.16
CA ASP E 393 27.00 -43.62 60.80
C ASP E 393 27.14 -45.11 60.47
N GLN E 394 27.40 -45.44 59.20
CA GLN E 394 27.55 -46.85 58.75
C GLN E 394 28.66 -47.58 59.53
N ILE E 395 29.81 -46.97 59.55
CA ILE E 395 30.97 -47.54 60.26
C ILE E 395 30.53 -47.81 61.70
N LEU E 396 30.11 -46.76 62.40
CA LEU E 396 29.79 -46.89 63.84
C LEU E 396 28.74 -47.97 64.01
N ASN E 397 27.81 -48.01 63.07
CA ASN E 397 26.71 -49.00 63.06
C ASN E 397 27.29 -50.40 63.05
N THR E 398 28.19 -50.72 62.12
CA THR E 398 28.70 -52.11 62.06
C THR E 398 29.39 -52.43 63.37
N LEU E 399 30.24 -51.53 63.83
CA LEU E 399 30.98 -51.82 65.07
C LEU E 399 30.01 -51.99 66.24
N VAL E 400 29.02 -51.10 66.36
CA VAL E 400 28.15 -51.24 67.56
C VAL E 400 27.37 -52.54 67.49
N ASN E 401 26.81 -52.88 66.34
CA ASN E 401 26.01 -54.15 66.33
C ASN E 401 26.92 -55.35 66.59
N LEU E 402 28.13 -55.34 66.04
CA LEU E 402 29.09 -56.47 66.22
C LEU E 402 29.20 -56.82 67.70
N SER F 2 39.38 -56.44 44.15
CA SER F 2 40.28 -55.30 44.00
C SER F 2 39.56 -54.11 43.37
N PHE F 3 40.20 -52.94 43.44
CA PHE F 3 39.62 -51.72 42.90
C PHE F 3 40.57 -50.91 42.04
N SER F 4 41.85 -51.28 41.95
CA SER F 4 42.82 -50.49 41.19
C SER F 4 42.39 -50.35 39.73
N GLN F 5 41.89 -51.44 39.16
CA GLN F 5 41.40 -51.43 37.79
C GLN F 5 40.23 -50.46 37.62
N ALA F 6 39.22 -50.60 38.47
CA ALA F 6 38.04 -49.74 38.36
C ALA F 6 38.41 -48.28 38.56
N VAL F 7 39.21 -47.99 39.58
CA VAL F 7 39.56 -46.59 39.84
C VAL F 7 40.39 -46.03 38.69
N SER F 8 41.24 -46.86 38.09
CA SER F 8 42.00 -46.41 36.93
C SER F 8 41.07 -46.06 35.77
N GLY F 9 40.04 -46.87 35.55
CA GLY F 9 39.06 -46.55 34.53
C GLY F 9 38.34 -45.24 34.83
N LEU F 10 37.97 -45.03 36.09
CA LEU F 10 37.34 -43.78 36.49
C LEU F 10 38.25 -42.59 36.23
N ASN F 11 39.53 -42.72 36.58
CA ASN F 11 40.47 -41.62 36.34
C ASN F 11 40.62 -41.33 34.87
N ALA F 12 40.71 -42.37 34.04
CA ALA F 12 40.85 -42.16 32.60
C ALA F 12 39.63 -41.43 32.03
N ALA F 13 38.43 -41.90 32.41
CA ALA F 13 37.22 -41.24 31.93
C ALA F 13 37.14 -39.80 32.43
N ALA F 14 37.52 -39.56 33.68
CA ALA F 14 37.48 -38.21 34.23
C ALA F 14 38.44 -37.29 33.49
N THR F 15 39.65 -37.76 33.21
CA THR F 15 40.61 -36.93 32.48
C THR F 15 40.13 -36.64 31.06
N ASN F 16 39.54 -37.64 30.40
CA ASN F 16 39.02 -37.40 29.05
C ASN F 16 37.90 -36.36 29.07
N LEU F 17 36.98 -36.50 30.03
CA LEU F 17 35.90 -35.54 30.12
C LEU F 17 36.43 -34.15 30.51
N ASP F 18 37.49 -34.11 31.31
CA ASP F 18 38.10 -32.84 31.69
C ASP F 18 38.72 -32.16 30.48
N VAL F 19 39.39 -32.93 29.62
CA VAL F 19 39.95 -32.36 28.39
C VAL F 19 38.83 -31.83 27.50
N ILE F 20 37.74 -32.59 27.38
CA ILE F 20 36.61 -32.14 26.57
C ILE F 20 36.03 -30.85 27.14
N GLY F 21 35.91 -30.78 28.46
CA GLY F 21 35.41 -29.57 29.09
C GLY F 21 36.32 -28.38 28.88
N ASN F 22 37.63 -28.61 28.94
CA ASN F 22 38.58 -27.55 28.67
C ASN F 22 38.42 -27.03 27.25
N ASN F 23 38.27 -27.95 26.29
CA ASN F 23 38.07 -27.56 24.90
C ASN F 23 36.79 -26.75 24.73
N ILE F 24 35.68 -27.23 25.30
CA ILE F 24 34.40 -26.54 25.12
C ILE F 24 34.43 -25.19 25.82
N ALA F 25 35.24 -25.07 26.88
CA ALA F 25 35.34 -23.79 27.58
C ALA F 25 36.18 -22.79 26.79
N ASN F 26 37.24 -23.26 26.14
CA ASN F 26 38.13 -22.38 25.36
C ASN F 26 37.69 -22.25 23.91
N SER F 27 36.40 -22.34 23.64
CA SER F 27 35.91 -22.23 22.27
C SER F 27 35.93 -20.82 21.74
N ALA F 28 36.45 -19.82 22.45
CA ALA F 28 36.47 -18.47 21.95
C ALA F 28 37.84 -17.81 21.99
N THR F 29 38.87 -18.51 22.48
CA THR F 29 40.21 -17.96 22.46
C THR F 29 40.77 -17.98 21.04
N TYR F 30 41.96 -17.41 20.87
CA TYR F 30 42.50 -17.16 19.55
C TYR F 30 43.70 -18.06 19.23
N GLY F 31 44.72 -18.06 20.08
CA GLY F 31 45.88 -18.90 19.84
C GLY F 31 45.71 -20.31 20.38
N PHE F 32 44.51 -20.86 20.27
CA PHE F 32 44.19 -22.14 20.89
C PHE F 32 44.33 -23.29 19.90
N LYS F 33 44.76 -24.43 20.41
CA LYS F 33 44.76 -25.69 19.67
C LYS F 33 43.97 -26.71 20.45
N SER F 34 43.09 -27.42 19.77
CA SER F 34 42.24 -28.41 20.44
C SER F 34 43.09 -29.49 21.08
N GLY F 35 42.70 -29.91 22.28
CA GLY F 35 43.40 -30.93 23.03
C GLY F 35 42.66 -32.25 22.93
N THR F 36 43.43 -33.33 22.72
CA THR F 36 42.87 -34.66 22.61
C THR F 36 43.64 -35.60 23.53
N ALA F 37 42.94 -36.56 24.10
CA ALA F 37 43.58 -37.52 24.99
C ALA F 37 44.03 -38.75 24.20
N SER F 38 44.88 -39.55 24.84
CA SER F 38 45.30 -40.82 24.29
C SER F 38 45.64 -41.75 25.45
N PHE F 39 45.07 -42.96 25.41
CA PHE F 39 45.18 -43.90 26.52
C PHE F 39 45.98 -45.12 26.06
N ALA F 40 46.24 -46.01 27.01
CA ALA F 40 46.96 -47.25 26.74
C ALA F 40 46.73 -48.21 27.88
N ASP F 41 46.49 -49.47 27.55
CA ASP F 41 46.31 -50.50 28.56
C ASP F 41 47.63 -50.83 29.23
N MET F 42 47.55 -51.55 30.35
CA MET F 42 48.74 -51.95 31.09
C MET F 42 48.65 -53.43 31.39
N PHE F 43 49.79 -54.12 31.32
CA PHE F 43 49.87 -55.55 31.60
C PHE F 43 51.01 -55.80 32.58
N ALA F 44 50.69 -56.41 33.72
CA ALA F 44 51.69 -56.83 34.68
C ALA F 44 52.27 -58.17 34.22
N GLY F 45 52.97 -58.86 35.12
CA GLY F 45 53.55 -60.16 34.78
C GLY F 45 52.53 -61.18 34.33
N SER F 46 51.30 -61.12 34.85
CA SER F 46 50.26 -62.01 34.41
C SER F 46 49.72 -61.57 33.05
N LYS F 47 48.85 -62.39 32.46
CA LYS F 47 48.31 -62.10 31.14
C LYS F 47 47.01 -61.29 31.20
N VAL F 48 46.44 -61.11 32.39
CA VAL F 48 45.22 -60.32 32.55
C VAL F 48 45.60 -58.85 32.65
N GLY F 49 44.80 -57.99 32.02
CA GLY F 49 45.08 -56.57 32.06
C GLY F 49 44.88 -56.00 33.45
N LEU F 50 45.64 -54.96 33.76
CA LEU F 50 45.58 -54.29 35.05
C LEU F 50 44.96 -52.90 34.95
N GLY F 51 43.99 -52.73 34.06
CA GLY F 51 43.33 -51.45 33.93
C GLY F 51 43.83 -50.63 32.76
N VAL F 52 43.76 -49.31 32.87
CA VAL F 52 44.14 -48.41 31.80
C VAL F 52 44.94 -47.26 32.37
N LYS F 53 45.77 -46.66 31.52
CA LYS F 53 46.54 -45.47 31.87
C LYS F 53 46.51 -44.52 30.68
N VAL F 54 46.37 -43.22 30.97
CA VAL F 54 46.39 -42.22 29.90
C VAL F 54 47.80 -42.15 29.33
N ALA F 55 47.92 -42.44 28.02
CA ALA F 55 49.22 -42.37 27.37
C ALA F 55 49.73 -40.93 27.34
N GLY F 56 48.84 -39.99 27.05
CA GLY F 56 49.24 -38.60 27.03
C GLY F 56 48.15 -37.72 26.46
N ILE F 57 48.51 -36.46 26.22
CA ILE F 57 47.63 -35.47 25.64
C ILE F 57 48.34 -34.86 24.44
N THR F 58 47.63 -34.77 23.31
CA THR F 58 48.17 -34.22 22.09
C THR F 58 47.34 -33.03 21.63
N GLN F 59 47.92 -32.25 20.72
CA GLN F 59 47.23 -31.14 20.12
C GLN F 59 46.98 -31.44 18.63
N ASP F 60 46.35 -30.50 17.95
CA ASP F 60 46.11 -30.60 16.51
C ASP F 60 46.21 -29.22 15.89
N PHE F 61 47.33 -28.95 15.24
CA PHE F 61 47.73 -27.59 14.87
C PHE F 61 47.15 -27.15 13.52
N THR F 62 46.04 -27.74 13.09
CA THR F 62 45.33 -27.21 11.94
C THR F 62 44.90 -25.77 12.23
N ASP F 63 45.24 -24.86 11.32
CA ASP F 63 45.00 -23.45 11.57
C ASP F 63 43.52 -23.12 11.54
N GLY F 64 43.14 -22.10 12.32
CA GLY F 64 41.77 -21.64 12.36
C GLY F 64 41.46 -20.63 11.29
N THR F 65 40.21 -20.17 11.30
CA THR F 65 39.76 -19.20 10.30
C THR F 65 40.35 -17.83 10.60
N THR F 66 41.01 -17.24 9.62
CA THR F 66 41.60 -15.92 9.76
C THR F 66 40.49 -14.88 9.71
N THR F 67 40.01 -14.48 10.88
CA THR F 67 38.89 -13.56 10.99
C THR F 67 39.41 -12.13 11.08
N ASN F 68 38.93 -11.26 10.19
CA ASN F 68 39.37 -9.88 10.16
C ASN F 68 38.87 -9.16 11.41
N THR F 69 39.72 -8.29 11.94
CA THR F 69 39.37 -7.47 13.10
C THR F 69 39.43 -5.97 12.85
N GLY F 70 40.29 -5.51 11.94
CA GLY F 70 40.37 -4.09 11.63
C GLY F 70 41.45 -3.37 12.41
N ARG F 71 41.88 -3.96 13.52
CA ARG F 71 42.93 -3.35 14.33
C ARG F 71 44.28 -3.48 13.61
N GLY F 72 45.01 -2.37 13.55
CA GLY F 72 46.27 -2.38 12.83
C GLY F 72 47.33 -3.25 13.49
N LEU F 73 47.40 -3.22 14.82
CA LEU F 73 48.42 -3.98 15.53
C LEU F 73 48.01 -5.43 15.72
N ASP F 74 47.67 -6.10 14.63
CA ASP F 74 47.33 -7.51 14.65
C ASP F 74 48.18 -8.27 13.63
N VAL F 75 48.24 -9.58 13.81
CA VAL F 75 48.99 -10.45 12.90
C VAL F 75 48.47 -11.86 13.08
N ALA F 76 48.49 -12.64 12.00
CA ALA F 76 48.05 -14.03 12.05
C ALA F 76 48.93 -14.85 11.11
N ILE F 77 49.58 -15.88 11.66
CA ILE F 77 50.36 -16.79 10.84
C ILE F 77 49.43 -17.82 10.21
N SER F 78 49.60 -18.05 8.91
CA SER F 78 48.68 -18.88 8.15
C SER F 78 49.18 -20.31 7.92
N GLN F 79 50.43 -20.61 8.25
CA GLN F 79 50.99 -21.93 8.06
C GLN F 79 51.83 -22.27 9.27
N ASN F 80 52.67 -23.29 9.16
CA ASN F 80 53.54 -23.70 10.26
C ASN F 80 54.44 -22.55 10.70
N GLY F 81 54.92 -22.63 11.93
CA GLY F 81 55.72 -21.58 12.51
C GLY F 81 55.08 -20.97 13.74
N PHE F 82 55.89 -20.50 14.68
CA PHE F 82 55.39 -19.97 15.93
C PHE F 82 56.05 -18.62 16.21
N PHE F 83 55.32 -17.77 16.92
CA PHE F 83 55.85 -16.49 17.37
C PHE F 83 56.72 -16.70 18.60
N ARG F 84 57.84 -15.98 18.64
CA ARG F 84 58.85 -16.11 19.68
C ARG F 84 58.70 -14.97 20.66
N LEU F 85 58.48 -15.30 21.93
CA LEU F 85 58.28 -14.33 23.00
C LEU F 85 59.31 -14.57 24.10
N VAL F 86 59.62 -13.52 24.85
CA VAL F 86 60.58 -13.63 25.95
C VAL F 86 59.96 -12.98 27.19
N ASP F 87 60.39 -13.46 28.35
CA ASP F 87 59.94 -12.98 29.64
C ASP F 87 61.04 -12.14 30.28
N SER F 88 60.75 -11.59 31.46
CA SER F 88 61.73 -10.77 32.17
C SER F 88 62.96 -11.59 32.55
N ASN F 89 62.76 -12.82 33.04
CA ASN F 89 63.88 -13.67 33.40
C ASN F 89 64.69 -14.12 32.19
N GLY F 90 64.15 -13.95 30.99
CA GLY F 90 64.83 -14.37 29.78
C GLY F 90 64.44 -15.72 29.24
N SER F 91 63.60 -16.47 29.94
CA SER F 91 63.15 -17.76 29.45
C SER F 91 62.24 -17.57 28.23
N VAL F 92 62.50 -18.33 27.18
CA VAL F 92 61.80 -18.13 25.92
C VAL F 92 60.49 -18.91 25.91
N PHE F 93 59.55 -18.44 25.09
CA PHE F 93 58.26 -19.09 24.92
C PHE F 93 57.83 -18.90 23.47
N TYR F 94 56.84 -19.69 23.06
CA TYR F 94 56.33 -19.62 21.70
C TYR F 94 54.81 -19.64 21.74
N SER F 95 54.19 -18.75 20.97
CA SER F 95 52.75 -18.58 20.94
C SER F 95 52.26 -18.47 19.51
N ARG F 96 50.95 -18.43 19.34
CA ARG F 96 50.34 -18.22 18.04
C ARG F 96 49.38 -17.04 18.03
N ASN F 97 48.78 -16.70 19.17
CA ASN F 97 47.98 -15.49 19.26
C ASN F 97 48.85 -14.28 18.96
N GLY F 98 48.30 -13.35 18.18
CA GLY F 98 49.12 -12.26 17.69
C GLY F 98 48.58 -10.86 17.93
N GLN F 99 47.56 -10.74 18.79
CA GLN F 99 47.04 -9.43 19.14
C GLN F 99 48.02 -8.77 20.12
N PHE F 100 48.78 -7.81 19.63
CA PHE F 100 49.81 -7.16 20.42
C PHE F 100 49.39 -5.77 20.86
N LYS F 101 49.92 -5.37 22.00
CA LYS F 101 49.76 -4.03 22.55
C LYS F 101 51.14 -3.39 22.68
N LEU F 102 51.18 -2.21 23.29
CA LEU F 102 52.42 -1.50 23.51
C LEU F 102 52.59 -1.19 25.00
N ASP F 103 53.82 -1.34 25.49
CA ASP F 103 54.14 -1.08 26.93
C ASP F 103 54.53 0.40 27.09
N GLU F 104 54.85 0.82 28.32
CA GLU F 104 55.23 2.23 28.61
C GLU F 104 56.61 2.52 27.98
N ASN F 105 57.36 1.47 27.67
CA ASN F 105 58.67 1.57 27.05
C ASN F 105 58.60 1.42 25.54
N ARG F 106 57.39 1.41 24.98
CA ARG F 106 57.16 1.29 23.54
C ARG F 106 57.75 -0.02 23.01
N ASN F 107 57.22 -1.14 23.50
CA ASN F 107 57.67 -2.46 23.11
C ASN F 107 56.49 -3.28 22.62
N LEU F 108 56.72 -4.06 21.56
CA LEU F 108 55.71 -5.00 21.10
C LEU F 108 55.51 -6.08 22.15
N VAL F 109 54.27 -6.27 22.57
CA VAL F 109 53.97 -7.16 23.69
C VAL F 109 52.53 -7.64 23.55
N ASN F 110 52.30 -8.90 23.94
CA ASN F 110 50.98 -9.47 23.89
C ASN F 110 50.16 -9.00 25.10
N MET F 111 49.01 -9.62 25.29
CA MET F 111 48.09 -9.27 26.37
C MET F 111 48.59 -9.65 27.75
N GLN F 112 49.69 -10.39 27.92
CA GLN F 112 50.10 -10.84 29.24
C GLN F 112 51.51 -10.39 29.59
N GLY F 113 51.93 -9.24 29.07
CA GLY F 113 53.19 -8.66 29.48
C GLY F 113 54.43 -9.37 28.97
N MET F 114 54.30 -10.21 27.94
CA MET F 114 55.44 -10.90 27.36
C MET F 114 55.91 -10.13 26.12
N GLN F 115 57.07 -9.49 26.23
CA GLN F 115 57.57 -8.68 25.13
C GLN F 115 58.01 -9.56 23.97
N LEU F 116 57.97 -8.98 22.78
CA LEU F 116 58.18 -9.71 21.53
C LEU F 116 59.62 -9.51 21.05
N THR F 117 60.21 -10.57 20.51
CA THR F 117 61.57 -10.55 20.01
C THR F 117 61.59 -10.52 18.48
N GLY F 118 62.78 -10.54 17.91
CA GLY F 118 62.95 -10.51 16.47
C GLY F 118 64.35 -10.05 16.12
N TYR F 119 64.63 -10.11 14.82
CA TYR F 119 65.94 -9.68 14.34
C TYR F 119 66.08 -8.18 14.50
N PRO F 120 67.11 -7.69 15.20
CA PRO F 120 67.32 -6.25 15.31
C PRO F 120 67.71 -5.65 13.96
N ALA F 121 67.38 -4.38 13.80
CA ALA F 121 67.71 -3.62 12.60
C ALA F 121 68.71 -2.52 12.96
N THR F 122 69.85 -2.52 12.27
CA THR F 122 70.90 -1.54 12.50
C THR F 122 71.43 -1.06 11.16
N GLY F 123 72.32 -0.08 11.21
CA GLY F 123 72.90 0.49 10.00
C GLY F 123 72.32 1.83 9.64
N THR F 124 72.84 2.39 8.56
CA THR F 124 72.38 3.69 8.06
C THR F 124 72.35 3.67 6.53
N PRO F 125 71.19 3.47 5.90
CA PRO F 125 69.89 3.25 6.53
C PRO F 125 69.79 1.91 7.26
N PRO F 126 69.00 1.85 8.34
CA PRO F 126 68.95 0.63 9.14
C PRO F 126 68.47 -0.56 8.32
N THR F 127 69.09 -1.71 8.59
CA THR F 127 68.72 -2.95 7.92
C THR F 127 68.74 -4.08 8.95
N ILE F 128 67.93 -5.10 8.66
CA ILE F 128 67.82 -6.24 9.56
C ILE F 128 68.97 -7.21 9.31
N GLN F 129 69.35 -7.94 10.37
CA GLN F 129 70.45 -8.89 10.32
C GLN F 129 69.91 -10.26 10.72
N GLN F 130 69.79 -11.14 9.72
CA GLN F 130 69.32 -12.50 9.99
C GLN F 130 70.29 -13.27 10.88
N GLY F 131 71.60 -13.03 10.72
CA GLY F 131 72.57 -13.73 11.54
C GLY F 131 72.57 -13.27 12.98
N ALA F 132 72.06 -12.07 13.24
CA ALA F 132 72.06 -11.53 14.59
C ALA F 132 71.13 -12.32 15.49
N ASN F 133 71.54 -12.47 16.75
CA ASN F 133 70.69 -13.10 17.74
C ASN F 133 69.44 -12.27 17.95
N PRO F 134 68.25 -12.87 17.95
CA PRO F 134 67.02 -12.10 18.15
C PRO F 134 67.03 -11.33 19.46
N ALA F 135 66.48 -10.12 19.40
CA ALA F 135 66.41 -9.21 20.54
C ALA F 135 65.00 -8.65 20.63
N PRO F 136 64.59 -8.20 21.82
CA PRO F 136 63.24 -7.64 21.96
C PRO F 136 63.05 -6.43 21.05
N ILE F 137 61.84 -6.32 20.51
CA ILE F 137 61.52 -5.28 19.54
C ILE F 137 60.86 -4.11 20.24
N THR F 138 61.36 -2.91 19.99
CA THR F 138 60.81 -1.69 20.55
C THR F 138 60.55 -0.68 19.44
N ILE F 139 59.59 0.21 19.68
CA ILE F 139 59.25 1.26 18.73
C ILE F 139 59.75 2.59 19.27
N PRO F 140 60.93 3.03 18.88
CA PRO F 140 61.47 4.28 19.43
C PRO F 140 60.78 5.50 18.83
N ASN F 141 60.37 6.42 19.69
CA ASN F 141 59.82 7.69 19.27
C ASN F 141 60.89 8.76 19.09
N THR F 142 62.14 8.35 18.88
CA THR F 142 63.24 9.29 18.77
C THR F 142 63.14 10.11 17.48
N LEU F 143 63.75 11.29 17.52
CA LEU F 143 63.83 12.13 16.34
C LEU F 143 64.86 11.58 15.36
N MET F 144 64.49 11.52 14.09
CA MET F 144 65.35 10.91 13.08
C MET F 144 66.56 11.82 12.83
N ALA F 145 67.55 11.30 12.12
CA ALA F 145 68.84 11.97 11.97
C ALA F 145 68.94 12.62 10.59
N ALA F 146 69.72 13.70 10.54
CA ALA F 146 69.96 14.40 9.28
C ALA F 146 71.01 13.67 8.46
N LYS F 147 70.77 13.55 7.16
CA LYS F 147 71.72 12.96 6.23
C LYS F 147 72.15 14.03 5.23
N SER F 148 73.45 14.32 5.19
CA SER F 148 73.97 15.25 4.20
C SER F 148 73.87 14.65 2.80
N THR F 149 73.45 15.47 1.85
CA THR F 149 73.31 15.00 0.47
C THR F 149 74.68 14.68 -0.11
N THR F 150 74.82 13.47 -0.66
CA THR F 150 76.08 13.03 -1.24
C THR F 150 75.93 12.50 -2.66
N THR F 151 74.71 12.31 -3.14
CA THR F 151 74.48 11.82 -4.49
C THR F 151 73.25 12.53 -5.05
N ALA F 152 73.24 12.73 -6.37
CA ALA F 152 72.10 13.34 -7.04
C ALA F 152 72.11 12.90 -8.49
N SER F 153 71.00 12.38 -8.97
CA SER F 153 70.87 11.93 -10.35
C SER F 153 69.65 12.58 -10.99
N MET F 154 69.85 13.19 -12.15
CA MET F 154 68.73 13.84 -12.83
C MET F 154 68.87 13.66 -14.33
N GLN F 155 67.80 13.20 -14.97
CA GLN F 155 67.77 13.01 -16.40
C GLN F 155 67.06 14.20 -17.05
N ILE F 156 67.74 14.84 -18.00
CA ILE F 156 67.18 15.93 -18.78
C ILE F 156 67.34 15.59 -20.25
N ASN F 157 66.36 15.97 -21.07
CA ASN F 157 66.32 15.60 -22.47
C ASN F 157 66.57 16.86 -23.29
N LEU F 158 67.83 17.03 -23.71
CA LEU F 158 68.21 18.24 -24.42
C LEU F 158 67.69 18.20 -25.86
N ASN F 159 67.74 19.36 -26.52
CA ASN F 159 67.18 19.54 -27.85
C ASN F 159 68.28 19.83 -28.86
N SER F 160 68.11 19.28 -30.06
CA SER F 160 69.07 19.52 -31.13
C SER F 160 68.91 20.90 -31.76
N THR F 161 67.69 21.41 -31.82
CA THR F 161 67.40 22.67 -32.49
C THR F 161 67.42 23.87 -31.55
N ASP F 162 68.19 23.82 -30.47
CA ASP F 162 68.30 24.95 -29.56
C ASP F 162 69.41 25.87 -30.06
N PRO F 163 69.08 27.10 -30.46
CA PRO F 163 70.12 28.01 -30.97
C PRO F 163 71.05 28.48 -29.86
N VAL F 164 72.24 28.92 -30.29
CA VAL F 164 73.26 29.42 -29.38
C VAL F 164 72.76 30.70 -28.72
N PRO F 165 72.95 30.86 -27.41
CA PRO F 165 72.54 32.10 -26.75
C PRO F 165 73.32 33.31 -27.26
N SER F 166 72.83 34.49 -26.91
CA SER F 166 73.35 35.75 -27.42
C SER F 166 74.45 36.33 -26.52
N LYS F 167 74.17 36.51 -25.24
CA LYS F 167 75.14 37.12 -24.33
C LYS F 167 76.34 36.19 -24.14
N THR F 168 77.47 36.54 -24.76
CA THR F 168 78.65 35.68 -24.74
C THR F 168 79.19 35.45 -23.33
N PRO F 169 79.29 36.45 -22.44
CA PRO F 169 79.68 36.14 -21.06
C PRO F 169 78.53 35.47 -20.32
N PHE F 170 78.89 34.55 -19.42
CA PHE F 170 77.88 33.83 -18.66
C PHE F 170 77.34 34.75 -17.56
N SER F 171 76.04 35.01 -17.60
CA SER F 171 75.37 35.79 -16.56
C SER F 171 74.07 35.10 -16.17
N VAL F 172 73.83 35.01 -14.86
CA VAL F 172 72.59 34.41 -14.37
C VAL F 172 71.43 35.38 -14.41
N SER F 173 71.67 36.67 -14.67
CA SER F 173 70.59 37.65 -14.76
C SER F 173 69.98 37.72 -16.14
N ASP F 174 70.77 37.52 -17.19
CA ASP F 174 70.27 37.54 -18.56
C ASP F 174 69.91 36.12 -18.99
N ALA F 175 68.65 35.93 -19.37
CA ALA F 175 68.20 34.63 -19.84
C ALA F 175 68.77 34.28 -21.20
N ASP F 176 69.28 35.27 -21.94
CA ASP F 176 69.82 35.04 -23.27
C ASP F 176 71.31 34.71 -23.26
N SER F 177 71.88 34.48 -22.07
CA SER F 177 73.25 34.01 -21.97
C SER F 177 73.35 32.50 -21.84
N TYR F 178 72.23 31.81 -21.62
CA TYR F 178 72.21 30.36 -21.46
C TYR F 178 70.99 29.80 -22.15
N ASN F 179 71.11 28.55 -22.61
CA ASN F 179 69.99 27.90 -23.28
C ASN F 179 68.91 27.47 -22.29
N LYS F 180 69.30 26.98 -21.12
CA LYS F 180 68.32 26.46 -20.17
C LYS F 180 68.85 26.58 -18.76
N LYS F 181 67.95 26.70 -17.79
CA LYS F 181 68.31 26.70 -16.38
C LYS F 181 67.46 25.67 -15.65
N GLY F 182 68.11 24.79 -14.89
CA GLY F 182 67.43 23.83 -14.05
C GLY F 182 67.86 24.00 -12.61
N THR F 183 67.03 23.52 -11.69
CA THR F 183 67.29 23.67 -10.27
C THR F 183 67.21 22.33 -9.57
N VAL F 184 67.90 22.24 -8.44
CA VAL F 184 67.85 21.07 -7.57
C VAL F 184 68.12 21.54 -6.15
N THR F 185 67.77 20.70 -5.17
CA THR F 185 68.00 21.00 -3.77
C THR F 185 68.80 19.89 -3.12
N VAL F 186 69.74 20.28 -2.25
CA VAL F 186 70.53 19.36 -1.47
C VAL F 186 70.48 19.80 -0.01
N TYR F 187 70.87 18.89 0.88
CA TYR F 187 70.71 19.09 2.31
C TYR F 187 72.05 19.01 3.01
N ASP F 188 72.26 19.72 4.12
CA ASP F 188 73.60 19.62 4.75
C ASP F 188 73.53 18.85 6.06
N SER F 189 74.61 18.93 6.85
CA SER F 189 74.66 18.29 8.19
C SER F 189 73.64 18.96 9.11
N GLN F 190 73.55 20.28 9.03
CA GLN F 190 72.63 21.07 9.91
C GLN F 190 71.17 20.67 9.64
N GLY F 191 70.85 20.39 8.36
CA GLY F 191 69.51 20.02 7.89
C GLY F 191 68.92 21.10 7.01
N ASN F 192 69.66 22.19 6.84
CA ASN F 192 69.16 23.30 6.00
C ASN F 192 69.20 22.89 4.53
N ALA F 193 68.27 23.40 3.73
CA ALA F 193 68.17 23.09 2.29
C ALA F 193 68.88 24.18 1.50
N HIS F 194 69.72 23.74 0.55
CA HIS F 194 70.52 24.62 -0.35
C HIS F 194 70.10 24.29 -1.78
N ASP F 195 69.85 25.32 -2.60
CA ASP F 195 69.42 25.12 -3.97
C ASP F 195 70.55 25.42 -4.94
N MET F 196 70.84 24.46 -5.81
CA MET F 196 71.79 24.62 -6.90
C MET F 196 71.06 24.86 -8.22
N ASN F 197 71.61 25.79 -8.99
CA ASN F 197 71.13 26.10 -10.33
C ASN F 197 72.20 25.68 -11.33
N VAL F 198 71.80 24.90 -12.32
CA VAL F 198 72.68 24.45 -13.39
C VAL F 198 72.20 25.06 -14.70
N TYR F 199 73.14 25.64 -15.43
CA TYR F 199 72.84 26.41 -16.63
C TYR F 199 73.46 25.71 -17.83
N PHE F 200 72.64 25.42 -18.84
CA PHE F 200 73.05 24.75 -20.07
C PHE F 200 73.18 25.80 -21.17
N VAL F 201 74.35 25.85 -21.81
CA VAL F 201 74.59 26.72 -22.95
C VAL F 201 75.21 25.89 -24.07
N LYS F 202 74.67 26.01 -25.27
CA LYS F 202 75.18 25.25 -26.42
C LYS F 202 76.41 25.96 -26.98
N THR F 203 77.59 25.42 -26.70
CA THR F 203 78.81 26.03 -27.21
C THR F 203 78.88 25.95 -28.72
N LYS F 204 78.56 24.80 -29.28
CA LYS F 204 78.53 24.59 -30.71
C LYS F 204 77.70 23.35 -30.99
N ASP F 205 77.74 22.85 -32.23
CA ASP F 205 76.83 21.81 -32.66
C ASP F 205 77.09 20.50 -31.92
N ASN F 206 76.21 20.19 -30.97
CA ASN F 206 76.26 18.97 -30.15
C ASN F 206 77.40 19.01 -29.12
N GLU F 207 77.67 20.20 -28.56
CA GLU F 207 78.52 20.32 -27.37
C GLU F 207 77.86 21.35 -26.45
N TRP F 208 77.58 20.94 -25.22
CA TRP F 208 76.98 21.81 -24.23
C TRP F 208 77.95 22.09 -23.09
N ALA F 209 77.76 23.23 -22.44
CA ALA F 209 78.52 23.61 -21.27
C ALA F 209 77.55 23.86 -20.12
N VAL F 210 77.87 23.33 -18.95
CA VAL F 210 77.01 23.43 -17.78
C VAL F 210 77.74 24.22 -16.71
N TYR F 211 77.04 25.19 -16.15
CA TYR F 211 77.53 26.03 -15.06
C TYR F 211 76.74 25.71 -13.80
N THR F 212 77.42 25.70 -12.66
CA THR F 212 76.79 25.37 -11.39
C THR F 212 76.93 26.54 -10.43
N HIS F 213 75.82 26.92 -9.80
CA HIS F 213 75.80 28.00 -8.84
C HIS F 213 74.93 27.61 -7.66
N ASP F 214 75.23 28.16 -6.49
CA ASP F 214 74.43 27.96 -5.29
C ASP F 214 73.62 29.23 -5.06
N SER F 215 72.29 29.10 -5.10
CA SER F 215 71.40 30.24 -4.98
C SER F 215 71.00 30.56 -3.55
N SER F 216 71.47 29.79 -2.57
CA SER F 216 71.11 30.02 -1.17
C SER F 216 72.14 30.84 -0.42
N ASP F 217 73.43 30.54 -0.57
CA ASP F 217 74.46 31.28 0.14
C ASP F 217 74.67 32.64 -0.50
N PRO F 218 74.59 33.74 0.27
CA PRO F 218 74.80 35.07 -0.32
C PRO F 218 76.26 35.42 -0.55
N ALA F 219 77.19 34.50 -0.27
CA ALA F 219 78.62 34.78 -0.39
C ALA F 219 79.21 34.32 -1.72
N ALA F 220 78.98 33.08 -2.10
CA ALA F 220 79.55 32.55 -3.34
C ALA F 220 78.99 33.28 -4.55
N THR F 221 79.86 33.56 -5.51
CA THR F 221 79.47 34.25 -6.73
C THR F 221 79.08 33.25 -7.82
N ALA F 222 78.47 33.77 -8.88
CA ALA F 222 78.11 32.93 -10.01
C ALA F 222 79.38 32.40 -10.69
N PRO F 223 79.33 31.19 -11.23
CA PRO F 223 80.54 30.62 -11.86
C PRO F 223 80.99 31.44 -13.05
N THR F 224 82.29 31.68 -13.12
CA THR F 224 82.85 32.42 -14.25
C THR F 224 83.12 31.49 -15.43
N THR F 225 83.50 30.25 -15.16
CA THR F 225 83.80 29.26 -16.19
C THR F 225 82.82 28.11 -16.07
N ALA F 226 82.49 27.50 -17.21
CA ALA F 226 81.56 26.39 -17.25
C ALA F 226 82.03 25.27 -16.33
N SER F 227 81.10 24.77 -15.51
CA SER F 227 81.45 23.72 -14.56
C SER F 227 81.85 22.42 -15.24
N THR F 228 81.19 22.05 -16.33
CA THR F 228 81.54 20.80 -17.01
C THR F 228 81.08 20.89 -18.45
N THR F 229 81.69 20.06 -19.30
CA THR F 229 81.29 19.95 -20.69
C THR F 229 80.52 18.65 -20.92
N LEU F 230 79.60 18.68 -21.87
CA LEU F 230 78.80 17.53 -22.26
C LEU F 230 78.84 17.37 -23.76
N LYS F 231 79.04 16.13 -24.21
CA LYS F 231 79.07 15.81 -25.63
C LYS F 231 78.06 14.71 -25.91
N PHE F 232 77.23 14.94 -26.93
CA PHE F 232 76.20 14.01 -27.32
C PHE F 232 76.64 13.20 -28.54
N ASN F 233 76.08 12.00 -28.67
CA ASN F 233 76.41 11.15 -29.80
C ASN F 233 76.01 11.83 -31.10
N GLU F 234 76.53 11.30 -32.21
CA GLU F 234 76.21 11.85 -33.52
C GLU F 234 74.71 11.81 -33.78
N ASN F 235 74.02 10.82 -33.21
CA ASN F 235 72.56 10.81 -33.22
C ASN F 235 71.95 11.53 -32.03
N GLY F 236 72.73 11.86 -31.00
CA GLY F 236 72.23 12.65 -29.89
C GLY F 236 72.13 11.92 -28.57
N ILE F 237 72.97 10.92 -28.36
CA ILE F 237 72.98 10.18 -27.11
C ILE F 237 74.19 10.63 -26.29
N LEU F 238 74.02 10.67 -24.96
CA LEU F 238 75.11 11.11 -24.09
C LEU F 238 76.32 10.21 -24.26
N GLU F 239 77.49 10.82 -24.44
CA GLU F 239 78.74 10.08 -24.62
C GLU F 239 79.59 10.02 -23.35
N SER F 240 79.94 11.18 -22.80
CA SER F 240 80.84 11.21 -21.65
C SER F 240 80.61 12.52 -20.90
N GLY F 241 81.27 12.65 -19.75
CA GLY F 241 81.14 13.85 -18.94
C GLY F 241 79.85 13.96 -18.17
N GLY F 242 79.06 12.91 -18.11
CA GLY F 242 77.75 12.97 -17.48
C GLY F 242 77.78 12.90 -15.96
N THR F 243 78.97 12.80 -15.39
CA THR F 243 79.11 12.76 -13.94
C THR F 243 80.13 13.80 -13.50
N VAL F 244 79.80 14.51 -12.43
CA VAL F 244 80.62 15.59 -11.88
C VAL F 244 80.59 15.46 -10.36
N ASN F 245 81.57 16.08 -9.71
CA ASN F 245 81.57 16.25 -8.26
C ASN F 245 81.42 17.73 -7.95
N ILE F 246 80.41 18.08 -7.16
CA ILE F 246 80.05 19.47 -6.93
C ILE F 246 80.01 19.74 -5.43
N THR F 247 80.68 20.81 -5.01
CA THR F 247 80.66 21.25 -3.62
C THR F 247 79.75 22.48 -3.49
N THR F 248 79.15 22.64 -2.32
CA THR F 248 78.25 23.75 -2.06
C THR F 248 78.92 24.76 -1.13
N GLY F 249 78.17 25.79 -0.74
CA GLY F 249 78.67 26.80 0.17
C GLY F 249 78.56 26.39 1.62
N THR F 250 78.16 27.37 2.42
CA THR F 250 78.10 27.18 3.88
C THR F 250 77.01 28.09 4.48
N ILE F 251 75.87 27.50 4.82
CA ILE F 251 74.79 28.27 5.49
C ILE F 251 75.06 28.08 6.98
N ASN F 252 75.45 29.16 7.67
CA ASN F 252 75.81 29.10 9.12
C ASN F 252 76.94 28.08 9.28
N GLY F 253 77.97 28.16 8.42
CA GLY F 253 79.12 27.23 8.44
C GLY F 253 78.73 25.80 8.10
N ALA F 254 78.11 25.62 6.94
CA ALA F 254 77.63 24.28 6.49
C ALA F 254 78.76 23.29 6.24
N THR F 255 78.57 22.08 6.75
CA THR F 255 79.47 20.99 6.34
C THR F 255 79.11 20.91 4.87
N ALA F 256 79.88 21.61 4.06
CA ALA F 256 79.57 21.74 2.63
C ALA F 256 79.37 20.35 2.05
N ALA F 257 78.12 20.02 1.72
CA ALA F 257 77.80 18.70 1.20
C ALA F 257 78.27 18.55 -0.24
N THR F 258 79.49 18.03 -0.43
CA THR F 258 80.01 17.76 -1.76
C THR F 258 79.40 16.46 -2.26
N PHE F 259 78.65 16.54 -3.35
CA PHE F 259 77.87 15.41 -3.85
C PHE F 259 78.32 15.04 -5.25
N SER F 260 77.97 13.82 -5.63
CA SER F 260 78.17 13.32 -6.99
C SER F 260 76.93 13.64 -7.81
N LEU F 261 77.06 14.58 -8.74
CA LEU F 261 76.00 14.96 -9.64
C LEU F 261 76.09 14.10 -10.90
N SER F 262 74.94 13.61 -11.36
CA SER F 262 74.94 12.78 -12.55
C SER F 262 73.78 13.16 -13.46
N PHE F 263 74.08 13.21 -14.76
CA PHE F 263 73.10 13.47 -15.82
C PHE F 263 73.06 12.21 -16.66
N LEU F 264 72.29 11.23 -16.21
CA LEU F 264 72.24 9.93 -16.86
C LEU F 264 71.00 9.83 -17.74
N ASN F 265 71.14 9.03 -18.80
CA ASN F 265 70.08 8.84 -19.79
C ASN F 265 69.68 10.17 -20.43
N SER F 266 70.61 11.12 -20.46
CA SER F 266 70.37 12.39 -21.14
C SER F 266 70.51 12.19 -22.64
N MET F 267 69.53 12.69 -23.40
CA MET F 267 69.43 12.42 -24.82
C MET F 267 69.05 13.69 -25.57
N GLN F 268 69.65 13.86 -26.75
CA GLN F 268 69.48 15.04 -27.60
C GLN F 268 68.83 14.60 -28.90
N GLN F 269 67.50 14.65 -28.95
CA GLN F 269 66.76 14.18 -30.11
C GLN F 269 65.65 15.15 -30.46
N ASN F 270 65.93 16.45 -30.35
CA ASN F 270 64.99 17.51 -30.68
C ASN F 270 63.67 17.34 -29.92
N THR F 271 63.78 17.10 -28.62
CA THR F 271 62.63 16.81 -27.77
C THR F 271 61.89 18.11 -27.42
N GLY F 272 61.36 18.76 -28.45
CA GLY F 272 60.61 19.99 -28.27
C GLY F 272 61.44 21.05 -27.58
N ALA F 273 61.12 21.34 -26.34
CA ALA F 273 61.90 22.24 -25.50
C ALA F 273 62.62 21.43 -24.43
N ASN F 274 63.79 21.91 -24.02
CA ASN F 274 64.57 21.24 -22.98
C ASN F 274 63.75 21.18 -21.69
N ASN F 275 63.72 20.01 -21.06
CA ASN F 275 62.90 19.82 -19.88
C ASN F 275 63.43 18.67 -19.04
N ILE F 276 63.23 18.78 -17.73
CA ILE F 276 63.56 17.70 -16.81
C ILE F 276 62.49 16.62 -16.90
N VAL F 277 62.90 15.37 -16.79
CA VAL F 277 61.96 14.25 -16.85
C VAL F 277 61.98 13.48 -15.55
N ALA F 278 63.10 13.51 -14.83
CA ALA F 278 63.22 12.79 -13.57
C ALA F 278 64.42 13.32 -12.81
N THR F 279 64.32 13.30 -11.48
CA THR F 279 65.41 13.71 -10.61
C THR F 279 65.24 13.06 -9.25
N ASN F 280 66.36 12.86 -8.56
CA ASN F 280 66.33 12.33 -7.20
C ASN F 280 67.69 12.56 -6.55
N GLN F 281 67.69 12.49 -5.21
CA GLN F 281 68.89 12.65 -4.41
C GLN F 281 68.78 11.73 -3.20
N ASN F 282 69.69 11.91 -2.23
CA ASN F 282 69.78 11.00 -1.10
C ASN F 282 69.58 11.67 0.25
N GLY F 283 70.05 12.90 0.44
CA GLY F 283 69.94 13.54 1.74
C GLY F 283 68.50 13.86 2.11
N TYR F 284 68.25 13.97 3.42
CA TYR F 284 66.94 14.28 3.93
C TYR F 284 67.05 15.01 5.25
N LYS F 285 66.51 16.24 5.30
CA LYS F 285 66.53 17.04 6.57
C LYS F 285 65.62 16.24 7.49
N PRO F 286 65.94 15.91 8.92
CA PRO F 286 65.33 15.04 9.93
C PRO F 286 63.86 15.32 10.14
N GLY F 287 63.11 14.24 10.35
CA GLY F 287 61.67 14.32 10.53
C GLY F 287 61.25 13.73 11.86
N ASP F 288 59.97 13.86 12.15
CA ASP F 288 59.38 13.38 13.40
C ASP F 288 58.48 12.20 13.13
N LEU F 289 58.56 11.18 13.99
CA LEU F 289 57.76 9.98 13.83
C LEU F 289 56.27 10.31 13.86
N VAL F 290 55.53 9.78 12.89
CA VAL F 290 54.11 10.08 12.81
C VAL F 290 53.27 8.80 12.89
N SER F 291 53.82 7.67 12.47
CA SER F 291 53.04 6.43 12.48
C SER F 291 53.98 5.24 12.31
N TYR F 292 53.40 4.04 12.34
CA TYR F 292 54.13 2.82 12.08
C TYR F 292 53.18 1.79 11.50
N GLN F 293 53.75 0.77 10.87
CA GLN F 293 52.96 -0.26 10.22
C GLN F 293 53.76 -1.56 10.24
N ILE F 294 53.04 -2.66 10.01
CA ILE F 294 53.64 -3.99 9.91
C ILE F 294 53.31 -4.53 8.52
N ASN F 295 54.34 -4.73 7.71
CA ASN F 295 54.14 -5.28 6.37
C ASN F 295 53.83 -6.77 6.47
N ASN F 296 53.20 -7.28 5.40
CA ASN F 296 52.78 -8.67 5.38
C ASN F 296 53.94 -9.66 5.39
N ASP F 297 55.17 -9.19 5.13
CA ASP F 297 56.36 -10.03 5.27
C ASP F 297 56.87 -10.09 6.69
N GLY F 298 56.27 -9.35 7.62
CA GLY F 298 56.69 -9.33 9.00
C GLY F 298 57.55 -8.15 9.39
N THR F 299 58.16 -7.46 8.42
CA THR F 299 58.96 -6.31 8.76
C THR F 299 58.09 -5.17 9.27
N VAL F 300 58.58 -4.48 10.29
CA VAL F 300 57.92 -3.29 10.81
C VAL F 300 58.58 -2.06 10.20
N VAL F 301 57.76 -1.10 9.82
CA VAL F 301 58.23 0.11 9.15
C VAL F 301 57.65 1.32 9.87
N GLY F 302 58.53 2.22 10.31
CA GLY F 302 58.13 3.48 10.91
C GLY F 302 58.07 4.57 9.86
N ASN F 303 57.01 5.38 9.93
CA ASN F 303 56.79 6.49 9.01
C ASN F 303 56.94 7.79 9.80
N TYR F 304 57.78 8.68 9.30
CA TYR F 304 58.11 9.93 9.97
C TYR F 304 57.56 11.11 9.19
N SER F 305 57.86 12.32 9.67
CA SER F 305 57.39 13.54 9.04
C SER F 305 58.26 13.97 7.87
N ASN F 306 59.41 13.31 7.66
CA ASN F 306 60.26 13.57 6.50
C ASN F 306 59.91 12.66 5.33
N GLU F 307 58.85 11.86 5.45
CA GLU F 307 58.43 10.89 4.44
C GLU F 307 59.57 9.92 4.14
N GLN F 308 60.28 9.50 5.18
CA GLN F 308 61.31 8.47 5.09
C GLN F 308 60.86 7.26 5.90
N GLU F 309 60.89 6.09 5.27
CA GLU F 309 60.43 4.85 5.88
C GLU F 309 61.63 4.15 6.53
N GLN F 310 61.48 3.81 7.80
CA GLN F 310 62.58 3.24 8.58
C GLN F 310 62.26 1.80 8.94
N VAL F 311 63.28 0.95 8.90
CA VAL F 311 63.14 -0.45 9.27
C VAL F 311 63.57 -0.60 10.73
N LEU F 312 62.66 -1.09 11.57
CA LEU F 312 62.92 -1.26 12.99
C LEU F 312 62.95 -2.73 13.41
N GLY F 313 62.99 -3.65 12.46
CA GLY F 313 63.07 -5.06 12.79
C GLY F 313 62.05 -5.90 12.05
N GLN F 314 62.35 -7.20 11.92
CA GLN F 314 61.44 -8.14 11.28
C GLN F 314 61.00 -9.18 12.31
N ILE F 315 59.73 -9.57 12.23
CA ILE F 315 59.21 -10.60 13.11
C ILE F 315 59.95 -11.90 12.86
N VAL F 316 60.35 -12.56 13.94
CA VAL F 316 61.04 -13.84 13.86
C VAL F 316 60.01 -14.95 14.03
N LEU F 317 60.23 -16.05 13.30
CA LEU F 317 59.37 -17.23 13.40
C LEU F 317 60.24 -18.45 13.65
N ALA F 318 59.67 -19.39 14.40
CA ALA F 318 60.35 -20.64 14.70
C ALA F 318 59.40 -21.80 14.44
N ASN F 319 59.99 -22.91 13.98
CA ASN F 319 59.22 -24.13 13.75
C ASN F 319 60.03 -25.29 14.28
N PHE F 320 59.32 -26.29 14.79
CA PHE F 320 59.95 -27.45 15.42
C PHE F 320 59.72 -28.69 14.60
N ALA F 321 60.71 -29.59 14.61
CA ALA F 321 60.56 -30.87 13.95
C ALA F 321 59.55 -31.77 14.65
N ASN F 322 59.12 -31.40 15.86
CA ASN F 322 58.15 -32.21 16.60
C ASN F 322 57.14 -31.28 17.25
N ASN F 323 55.95 -31.20 16.67
CA ASN F 323 54.85 -30.52 17.33
C ASN F 323 54.22 -31.47 18.34
N GLU F 324 53.08 -31.09 18.91
CA GLU F 324 52.39 -31.82 19.98
C GLU F 324 53.36 -32.34 21.05
N GLY F 325 54.47 -31.63 21.26
CA GLY F 325 55.42 -31.97 22.30
C GLY F 325 55.84 -30.72 23.05
N LEU F 326 55.33 -29.57 22.61
CA LEU F 326 55.64 -28.30 23.23
C LEU F 326 54.81 -28.16 24.50
N ALA F 327 55.48 -28.06 25.65
CA ALA F 327 54.78 -27.94 26.91
C ALA F 327 54.00 -26.64 26.98
N SER F 328 52.78 -26.71 27.51
CA SER F 328 51.93 -25.54 27.66
C SER F 328 52.18 -24.91 29.03
N GLN F 329 52.22 -23.58 29.06
CA GLN F 329 52.52 -22.82 30.27
C GLN F 329 51.40 -21.82 30.51
N GLY F 330 50.43 -22.22 31.34
CA GLY F 330 49.38 -21.31 31.75
C GLY F 330 48.58 -20.73 30.61
N ASP F 331 48.82 -19.45 30.30
CA ASP F 331 48.07 -18.76 29.27
C ASP F 331 48.46 -19.31 27.89
N ASN F 332 47.93 -18.69 26.84
CA ASN F 332 48.09 -19.22 25.49
C ASN F 332 49.52 -19.04 24.99
N VAL F 333 50.47 -19.72 25.63
CA VAL F 333 51.85 -19.77 25.19
C VAL F 333 52.35 -21.20 25.33
N TRP F 334 53.44 -21.50 24.63
CA TRP F 334 54.11 -22.79 24.72
C TRP F 334 55.55 -22.57 25.18
N ALA F 335 56.23 -23.66 25.50
CA ALA F 335 57.62 -23.62 25.92
C ALA F 335 58.37 -24.74 25.23
N ALA F 336 59.43 -24.40 24.50
CA ALA F 336 60.26 -25.41 23.89
C ALA F 336 60.91 -26.28 24.97
N THR F 337 61.01 -27.57 24.69
CA THR F 337 61.51 -28.52 25.67
C THR F 337 62.00 -29.76 24.92
N GLN F 338 62.28 -30.82 25.68
CA GLN F 338 62.71 -32.08 25.09
C GLN F 338 61.58 -32.66 24.24
N ALA F 339 61.96 -33.50 23.28
CA ALA F 339 61.04 -34.08 22.31
C ALA F 339 60.38 -33.02 21.44
N SER F 340 61.03 -31.88 21.26
CA SER F 340 60.53 -30.85 20.38
C SER F 340 61.58 -30.27 19.45
N GLY F 341 62.87 -30.42 19.75
CA GLY F 341 63.91 -29.90 18.89
C GLY F 341 64.33 -28.49 19.26
N VAL F 342 65.27 -27.97 18.46
CA VAL F 342 65.78 -26.62 18.63
C VAL F 342 64.76 -25.64 18.07
N ALA F 343 64.96 -24.35 18.35
CA ALA F 343 64.01 -23.34 17.89
C ALA F 343 63.91 -23.31 16.38
N LEU F 344 65.05 -23.41 15.70
CA LEU F 344 65.11 -23.36 14.23
C LEU F 344 64.42 -22.10 13.72
N LEU F 345 64.98 -20.96 14.11
CA LEU F 345 64.39 -19.68 13.78
C LEU F 345 64.48 -19.39 12.29
N GLY F 346 63.68 -18.44 11.84
CA GLY F 346 63.67 -18.09 10.43
C GLY F 346 62.67 -16.98 10.17
N THR F 347 62.58 -16.60 8.91
CA THR F 347 61.71 -15.53 8.47
C THR F 347 60.48 -16.10 7.75
N ALA F 348 59.55 -15.22 7.43
CA ALA F 348 58.32 -15.59 6.75
C ALA F 348 58.41 -15.45 5.23
N GLY F 349 59.50 -14.87 4.73
CA GLY F 349 59.63 -14.63 3.30
C GLY F 349 59.76 -15.89 2.47
N SER F 350 60.56 -16.83 2.93
CA SER F 350 60.84 -18.05 2.17
C SER F 350 60.93 -19.23 3.14
N GLY F 351 61.44 -20.35 2.64
CA GLY F 351 61.53 -21.55 3.42
C GLY F 351 60.16 -22.20 3.61
N ASN F 352 60.15 -23.27 4.40
CA ASN F 352 58.90 -23.94 4.74
C ASN F 352 58.03 -23.12 5.67
N PHE F 353 58.57 -22.05 6.26
CA PHE F 353 57.79 -21.19 7.13
C PHE F 353 56.70 -20.48 6.34
N GLY F 354 55.58 -20.22 7.00
CA GLY F 354 54.37 -19.76 6.34
C GLY F 354 54.31 -18.27 6.09
N LYS F 355 53.08 -17.77 5.99
CA LYS F 355 52.80 -16.40 5.58
C LYS F 355 52.01 -15.69 6.67
N LEU F 356 52.28 -14.39 6.82
CA LEU F 356 51.64 -13.57 7.85
C LEU F 356 50.61 -12.66 7.21
N THR F 357 49.41 -12.64 7.80
CA THR F 357 48.34 -11.73 7.38
C THR F 357 48.16 -10.67 8.44
N ASN F 358 48.12 -9.41 8.01
CA ASN F 358 47.98 -8.27 8.90
C ASN F 358 46.52 -7.86 9.04
N GLY F 359 46.17 -7.37 10.23
CA GLY F 359 44.83 -6.90 10.49
C GLY F 359 43.82 -7.97 10.85
N ALA F 360 44.27 -9.18 11.17
CA ALA F 360 43.35 -10.27 11.48
C ALA F 360 44.02 -11.22 12.46
N LEU F 361 43.20 -12.03 13.12
CA LEU F 361 43.66 -13.04 14.07
C LEU F 361 43.24 -14.41 13.58
N GLU F 362 43.46 -15.41 14.42
CA GLU F 362 43.18 -16.80 14.09
C GLU F 362 42.16 -17.38 15.06
N ALA F 363 41.29 -18.23 14.54
CA ALA F 363 40.25 -18.86 15.35
C ALA F 363 40.88 -19.92 16.25
N SER F 364 40.05 -20.66 16.99
CA SER F 364 40.53 -21.64 17.94
C SER F 364 40.49 -23.06 17.40
N ASN F 365 40.15 -23.25 16.13
CA ASN F 365 40.03 -24.55 15.47
C ASN F 365 39.13 -25.52 16.23
N VAL F 366 38.27 -25.00 17.11
CA VAL F 366 37.35 -25.82 17.90
C VAL F 366 35.95 -25.57 17.35
N ASP F 367 35.38 -26.59 16.71
CA ASP F 367 34.01 -26.54 16.23
C ASP F 367 33.11 -27.37 17.16
N LEU F 368 32.11 -26.71 17.73
CA LEU F 368 31.46 -27.19 18.96
C LEU F 368 30.87 -28.58 18.78
N SER F 369 30.31 -28.84 17.58
CA SER F 369 29.46 -30.01 17.37
C SER F 369 30.20 -31.30 17.68
N LYS F 370 31.44 -31.42 17.22
CA LYS F 370 32.13 -32.70 17.39
C LYS F 370 32.47 -32.97 18.84
N GLU F 371 33.00 -32.00 19.59
CA GLU F 371 33.38 -32.35 20.94
C GLU F 371 32.18 -32.48 21.86
N LEU F 372 31.06 -31.82 21.54
CA LEU F 372 29.92 -31.95 22.43
C LEU F 372 29.42 -33.40 22.48
N VAL F 373 29.67 -34.19 21.45
CA VAL F 373 29.22 -35.58 21.46
C VAL F 373 30.29 -36.52 22.02
N ASN F 374 31.58 -36.21 21.82
CA ASN F 374 32.58 -36.95 22.58
C ASN F 374 32.40 -36.75 24.07
N MET F 375 31.87 -35.59 24.48
CA MET F 375 31.49 -35.43 25.87
C MET F 375 30.44 -36.44 26.31
N ILE F 376 29.41 -36.67 25.49
CA ILE F 376 28.39 -37.66 25.80
C ILE F 376 29.01 -39.06 25.88
N VAL F 377 29.88 -39.37 24.92
CA VAL F 377 30.53 -40.68 24.90
C VAL F 377 31.36 -40.88 26.15
N ALA F 378 32.15 -39.88 26.52
CA ALA F 378 32.97 -39.98 27.73
C ALA F 378 32.11 -40.12 28.97
N GLN F 379 30.98 -39.41 29.01
CA GLN F 379 30.04 -39.58 30.11
C GLN F 379 29.54 -41.00 30.21
N ARG F 380 29.20 -41.60 29.06
CA ARG F 380 28.71 -42.98 29.07
C ARG F 380 29.78 -43.95 29.54
N ASN F 381 31.02 -43.76 29.08
CA ASN F 381 32.11 -44.60 29.56
C ASN F 381 32.32 -44.44 31.06
N TYR F 382 32.24 -43.21 31.57
CA TYR F 382 32.38 -43.00 33.00
C TYR F 382 31.26 -43.67 33.75
N GLN F 383 30.03 -43.62 33.21
CA GLN F 383 28.91 -44.31 33.82
C GLN F 383 29.16 -45.81 33.90
N SER F 384 29.70 -46.39 32.82
CA SER F 384 30.03 -47.81 32.83
C SER F 384 31.08 -48.13 33.91
N ASN F 385 32.11 -47.28 34.02
CA ASN F 385 33.15 -47.51 35.01
C ASN F 385 32.59 -47.39 36.43
N ALA F 386 31.68 -46.43 36.63
CA ALA F 386 31.01 -46.30 37.91
C ALA F 386 30.17 -47.54 38.21
N GLN F 387 29.53 -48.10 37.18
CA GLN F 387 28.82 -49.36 37.36
C GLN F 387 29.76 -50.46 37.82
N THR F 388 30.96 -50.52 37.23
CA THR F 388 31.93 -51.53 37.63
C THR F 388 32.31 -51.37 39.10
N ILE F 389 32.69 -50.15 39.49
CA ILE F 389 33.16 -49.95 40.87
C ILE F 389 32.02 -50.18 41.85
N LYS F 390 30.79 -49.81 41.46
CA LYS F 390 29.64 -50.07 42.32
C LYS F 390 29.43 -51.56 42.52
N THR F 391 29.38 -52.32 41.43
CA THR F 391 29.20 -53.77 41.52
C THR F 391 30.30 -54.39 42.37
N GLN F 392 31.53 -53.90 42.23
CA GLN F 392 32.61 -54.36 43.09
C GLN F 392 32.30 -54.04 44.54
N ASP F 393 31.69 -52.89 44.80
CA ASP F 393 31.32 -52.54 46.17
C ASP F 393 30.31 -53.52 46.75
N GLN F 394 29.23 -53.80 46.01
CA GLN F 394 28.25 -54.75 46.56
C GLN F 394 28.86 -56.14 46.69
N ILE F 395 29.77 -56.52 45.80
CA ILE F 395 30.29 -57.88 45.89
C ILE F 395 31.22 -58.00 47.09
N LEU F 396 32.01 -56.97 47.38
CA LEU F 396 32.80 -56.95 48.61
C LEU F 396 31.90 -56.95 49.84
N ASN F 397 30.77 -56.24 49.76
CA ASN F 397 29.82 -56.23 50.87
C ASN F 397 29.28 -57.63 51.12
N THR F 398 28.91 -58.35 50.05
CA THR F 398 28.36 -59.72 50.25
C THR F 398 29.38 -60.56 51.03
N LEU F 399 30.63 -60.52 50.60
CA LEU F 399 31.67 -61.27 51.34
C LEU F 399 31.76 -60.73 52.75
N VAL F 400 31.82 -59.40 52.92
CA VAL F 400 32.01 -58.88 54.30
C VAL F 400 30.81 -59.25 55.17
N ASN F 401 29.59 -59.13 54.66
CA ASN F 401 28.44 -59.42 55.56
C ASN F 401 28.37 -60.92 55.88
N LEU F 402 28.67 -61.81 54.94
CA LEU F 402 28.53 -63.25 55.27
C LEU F 402 29.54 -63.60 56.37
N SER G 2 17.12 -68.13 30.68
CA SER G 2 18.26 -67.48 31.32
C SER G 2 18.58 -66.15 30.65
N PHE G 3 19.82 -65.68 30.81
CA PHE G 3 20.23 -64.42 30.24
C PHE G 3 20.50 -64.50 28.74
N SER G 4 20.60 -65.70 28.18
CA SER G 4 21.01 -65.86 26.80
C SER G 4 20.03 -65.19 25.84
N GLN G 5 18.74 -65.35 26.08
CA GLN G 5 17.73 -64.77 25.20
C GLN G 5 17.85 -63.25 25.17
N ALA G 6 18.01 -62.63 26.33
CA ALA G 6 18.16 -61.18 26.39
C ALA G 6 19.43 -60.73 25.67
N VAL G 7 20.53 -61.45 25.87
CA VAL G 7 21.78 -61.09 25.21
C VAL G 7 21.62 -61.14 23.70
N SER G 8 20.95 -62.19 23.21
CA SER G 8 20.70 -62.30 21.78
C SER G 8 19.81 -61.16 21.29
N GLY G 9 18.81 -60.78 22.09
CA GLY G 9 17.95 -59.67 21.69
C GLY G 9 18.71 -58.37 21.56
N LEU G 10 19.58 -58.08 22.54
CA LEU G 10 20.41 -56.87 22.45
C LEU G 10 21.37 -56.94 21.27
N ASN G 11 21.95 -58.13 21.03
CA ASN G 11 22.83 -58.28 19.88
C ASN G 11 22.10 -58.03 18.57
N ALA G 12 20.85 -58.48 18.46
CA ALA G 12 20.06 -58.23 17.26
C ALA G 12 19.76 -56.74 17.11
N ALA G 13 19.28 -56.13 18.19
CA ALA G 13 18.90 -54.72 18.12
C ALA G 13 20.09 -53.80 17.86
N ALA G 14 21.28 -54.18 18.32
CA ALA G 14 22.45 -53.34 18.08
C ALA G 14 22.74 -53.23 16.59
N THR G 15 22.80 -54.36 15.89
CA THR G 15 23.02 -54.32 14.44
C THR G 15 21.83 -53.71 13.73
N ASN G 16 20.61 -53.91 14.25
CA ASN G 16 19.44 -53.30 13.64
C ASN G 16 19.53 -51.78 13.67
N LEU G 17 19.95 -51.21 14.79
CA LEU G 17 20.18 -49.77 14.84
C LEU G 17 21.39 -49.35 14.03
N ASP G 18 22.42 -50.18 13.96
CA ASP G 18 23.63 -49.81 13.22
C ASP G 18 23.34 -49.66 11.73
N VAL G 19 22.59 -50.61 11.15
CA VAL G 19 22.29 -50.50 9.73
C VAL G 19 21.41 -49.28 9.45
N ILE G 20 20.47 -49.01 10.35
CA ILE G 20 19.62 -47.83 10.21
C ILE G 20 20.46 -46.56 10.25
N GLY G 21 21.42 -46.50 11.17
CA GLY G 21 22.29 -45.35 11.25
C GLY G 21 23.11 -45.16 9.98
N ASN G 22 23.63 -46.25 9.44
CA ASN G 22 24.39 -46.13 8.21
C ASN G 22 23.53 -45.69 7.04
N ASN G 23 22.30 -46.20 6.94
CA ASN G 23 21.40 -45.75 5.88
C ASN G 23 21.10 -44.27 6.00
N ILE G 24 20.84 -43.80 7.23
CA ILE G 24 20.60 -42.37 7.42
C ILE G 24 21.83 -41.56 7.05
N ALA G 25 23.02 -42.05 7.39
CA ALA G 25 24.24 -41.31 7.05
C ALA G 25 24.42 -41.23 5.54
N ASN G 26 24.29 -42.35 4.83
CA ASN G 26 24.53 -42.41 3.40
C ASN G 26 23.37 -41.86 2.57
N SER G 27 22.46 -41.12 3.20
CA SER G 27 21.31 -40.56 2.50
C SER G 27 21.66 -39.39 1.59
N ALA G 28 22.94 -39.05 1.43
CA ALA G 28 23.32 -37.95 0.56
C ALA G 28 24.33 -38.36 -0.52
N THR G 29 24.85 -39.58 -0.48
CA THR G 29 25.76 -40.04 -1.50
C THR G 29 25.00 -40.30 -2.81
N TYR G 30 25.75 -40.29 -3.91
CA TYR G 30 25.15 -40.30 -5.24
C TYR G 30 24.97 -41.71 -5.81
N GLY G 31 25.29 -42.75 -5.05
CA GLY G 31 25.14 -44.09 -5.56
C GLY G 31 24.70 -45.13 -4.56
N PHE G 32 24.34 -44.70 -3.35
CA PHE G 32 24.02 -45.65 -2.29
C PHE G 32 22.73 -46.41 -2.59
N LYS G 33 22.72 -47.68 -2.22
CA LYS G 33 21.53 -48.51 -2.23
C LYS G 33 21.25 -48.97 -0.81
N SER G 34 20.07 -48.64 -0.29
CA SER G 34 19.76 -48.90 1.10
C SER G 34 19.76 -50.40 1.38
N GLY G 35 20.06 -50.75 2.64
CA GLY G 35 20.08 -52.12 3.08
C GLY G 35 19.06 -52.36 4.18
N THR G 36 18.66 -53.63 4.32
CA THR G 36 17.66 -54.01 5.30
C THR G 36 18.10 -55.28 5.99
N ALA G 37 17.75 -55.39 7.27
CA ALA G 37 18.14 -56.53 8.10
C ALA G 37 16.96 -57.47 8.28
N SER G 38 17.26 -58.76 8.29
CA SER G 38 16.26 -59.80 8.53
C SER G 38 16.82 -60.78 9.54
N PHE G 39 15.92 -61.35 10.34
CA PHE G 39 16.27 -62.16 11.49
C PHE G 39 15.57 -63.51 11.39
N ALA G 40 16.14 -64.49 12.08
CA ALA G 40 15.58 -65.83 12.13
C ALA G 40 15.68 -66.38 13.53
N ASP G 41 14.62 -67.08 13.97
CA ASP G 41 14.63 -67.65 15.31
C ASP G 41 15.54 -68.87 15.39
N MET G 42 15.97 -69.19 16.61
CA MET G 42 16.84 -70.32 16.87
C MET G 42 16.11 -71.36 17.71
N PHE G 43 16.32 -72.62 17.36
CA PHE G 43 15.79 -73.74 18.14
C PHE G 43 16.82 -74.86 18.10
N ALA G 44 17.43 -75.14 19.23
CA ALA G 44 18.41 -76.23 19.34
C ALA G 44 17.66 -77.53 19.58
N GLY G 45 18.40 -78.57 19.99
CA GLY G 45 17.80 -79.85 20.31
C GLY G 45 16.73 -79.73 21.38
N SER G 46 16.84 -78.71 22.22
CA SER G 46 15.82 -78.43 23.21
C SER G 46 14.51 -78.03 22.52
N LYS G 47 13.41 -78.28 23.21
CA LYS G 47 12.08 -78.03 22.66
C LYS G 47 11.62 -76.59 22.84
N VAL G 48 12.38 -75.77 23.56
CA VAL G 48 12.03 -74.37 23.80
C VAL G 48 13.03 -73.49 23.06
N GLY G 49 12.59 -72.28 22.71
CA GLY G 49 13.43 -71.39 21.94
C GLY G 49 14.62 -70.89 22.72
N LEU G 50 15.60 -70.34 21.97
CA LEU G 50 16.83 -69.82 22.55
C LEU G 50 17.14 -68.42 22.03
N GLY G 51 16.11 -67.66 21.68
CA GLY G 51 16.32 -66.29 21.25
C GLY G 51 16.28 -66.10 19.75
N VAL G 52 17.19 -65.27 19.23
CA VAL G 52 17.19 -64.95 17.80
C VAL G 52 18.62 -64.60 17.40
N LYS G 53 19.02 -65.06 16.21
CA LYS G 53 20.28 -64.69 15.60
C LYS G 53 20.01 -64.02 14.26
N VAL G 54 20.81 -63.00 13.94
CA VAL G 54 20.59 -62.24 12.72
C VAL G 54 20.73 -63.15 11.52
N ALA G 55 19.67 -63.19 10.69
CA ALA G 55 19.77 -63.92 9.43
C ALA G 55 20.73 -63.23 8.48
N GLY G 56 20.61 -61.90 8.37
CA GLY G 56 21.57 -61.15 7.59
C GLY G 56 20.94 -59.89 7.05
N ILE G 57 21.78 -59.04 6.46
CA ILE G 57 21.33 -57.82 5.83
C ILE G 57 21.52 -57.97 4.33
N THR G 58 20.60 -57.42 3.56
CA THR G 58 20.67 -57.43 2.12
C THR G 58 20.49 -56.01 1.59
N GLN G 59 21.27 -55.67 0.57
CA GLN G 59 21.08 -54.40 -0.10
C GLN G 59 19.74 -54.40 -0.83
N ASP G 60 19.30 -53.20 -1.21
CA ASP G 60 18.06 -53.03 -1.97
C ASP G 60 18.44 -52.30 -3.25
N PHE G 61 18.62 -53.06 -4.33
CA PHE G 61 19.07 -52.52 -5.61
C PHE G 61 17.95 -51.87 -6.40
N THR G 62 16.82 -51.58 -5.77
CA THR G 62 15.76 -50.84 -6.43
C THR G 62 16.28 -49.49 -6.89
N ASP G 63 15.95 -49.12 -8.13
CA ASP G 63 16.45 -47.90 -8.71
C ASP G 63 15.95 -46.69 -7.92
N GLY G 64 16.81 -45.69 -7.78
CA GLY G 64 16.46 -44.46 -7.10
C GLY G 64 16.06 -43.35 -8.07
N THR G 65 15.91 -42.16 -7.51
CA THR G 65 15.47 -41.01 -8.30
C THR G 65 16.64 -40.42 -9.06
N THR G 66 16.52 -40.38 -10.39
CA THR G 66 17.53 -39.71 -11.19
C THR G 66 17.46 -38.20 -10.97
N THR G 67 18.62 -37.55 -10.97
CA THR G 67 18.69 -36.12 -10.74
C THR G 67 19.57 -35.48 -11.80
N ASN G 68 19.36 -34.19 -12.02
CA ASN G 68 20.14 -33.45 -13.00
C ASN G 68 21.14 -32.54 -12.30
N THR G 69 22.36 -32.54 -12.81
CA THR G 69 23.42 -31.67 -12.31
C THR G 69 24.00 -30.75 -13.39
N GLY G 70 23.96 -31.16 -14.64
CA GLY G 70 24.31 -30.30 -15.76
C GLY G 70 25.76 -30.35 -16.19
N ARG G 71 26.60 -31.08 -15.47
CA ARG G 71 28.02 -31.12 -15.84
C ARG G 71 28.22 -31.97 -17.09
N GLY G 72 29.46 -32.06 -17.54
CA GLY G 72 29.78 -32.80 -18.76
C GLY G 72 30.14 -34.24 -18.52
N LEU G 73 31.04 -34.50 -17.57
CA LEU G 73 31.54 -35.84 -17.30
C LEU G 73 30.64 -36.47 -16.24
N ASP G 74 29.45 -36.89 -16.68
CA ASP G 74 28.42 -37.36 -15.77
C ASP G 74 27.35 -38.14 -16.53
N VAL G 75 27.00 -39.32 -16.01
CA VAL G 75 26.01 -40.19 -16.63
C VAL G 75 25.24 -40.89 -15.52
N ALA G 76 24.02 -41.34 -15.86
CA ALA G 76 23.20 -42.10 -14.92
C ALA G 76 22.47 -43.20 -15.67
N ILE G 77 22.38 -44.37 -15.06
CA ILE G 77 21.76 -45.51 -15.72
C ILE G 77 20.27 -45.56 -15.41
N SER G 78 19.47 -45.85 -16.44
CA SER G 78 18.02 -45.89 -16.31
C SER G 78 17.52 -47.17 -15.65
N GLN G 79 18.23 -48.28 -15.81
CA GLN G 79 17.82 -49.55 -15.25
C GLN G 79 19.06 -50.27 -14.73
N ASN G 80 18.93 -51.56 -14.48
CA ASN G 80 20.02 -52.32 -13.86
C ASN G 80 21.26 -52.33 -14.75
N GLY G 81 22.41 -52.48 -14.12
CA GLY G 81 23.69 -52.41 -14.80
C GLY G 81 24.70 -51.79 -13.85
N PHE G 82 25.97 -52.01 -14.13
CA PHE G 82 27.04 -51.48 -13.29
C PHE G 82 28.22 -51.06 -14.16
N PHE G 83 28.79 -49.90 -13.85
CA PHE G 83 29.97 -49.44 -14.57
C PHE G 83 31.16 -50.33 -14.26
N ARG G 84 31.99 -50.56 -15.27
CA ARG G 84 33.20 -51.36 -15.14
C ARG G 84 34.39 -50.44 -14.95
N LEU G 85 35.11 -50.61 -13.84
CA LEU G 85 36.25 -49.78 -13.50
C LEU G 85 37.47 -50.67 -13.30
N VAL G 86 38.63 -50.16 -13.67
CA VAL G 86 39.89 -50.90 -13.58
C VAL G 86 40.76 -50.21 -12.54
N ASP G 87 41.18 -50.97 -11.52
CA ASP G 87 42.06 -50.45 -10.49
C ASP G 87 43.49 -50.40 -11.00
N SER G 88 44.35 -49.69 -10.28
CA SER G 88 45.75 -49.59 -10.67
C SER G 88 46.45 -50.94 -10.63
N ASN G 89 46.16 -51.76 -9.61
CA ASN G 89 46.79 -53.07 -9.52
C ASN G 89 46.33 -54.00 -10.63
N GLY G 90 45.13 -53.81 -11.15
CA GLY G 90 44.57 -54.63 -12.21
C GLY G 90 43.26 -55.28 -11.88
N SER G 91 42.90 -55.38 -10.60
CA SER G 91 41.62 -55.96 -10.22
C SER G 91 40.48 -55.07 -10.70
N VAL G 92 39.42 -55.70 -11.17
CA VAL G 92 38.29 -54.99 -11.73
C VAL G 92 37.26 -54.73 -10.63
N PHE G 93 36.40 -53.74 -10.86
CA PHE G 93 35.36 -53.40 -9.91
C PHE G 93 34.14 -52.91 -10.67
N TYR G 94 32.98 -52.99 -10.01
CA TYR G 94 31.70 -52.67 -10.64
C TYR G 94 31.00 -51.62 -9.79
N SER G 95 30.95 -50.40 -10.29
CA SER G 95 30.41 -49.26 -9.55
C SER G 95 29.01 -48.90 -10.04
N ARG G 96 28.42 -47.91 -9.36
CA ARG G 96 27.15 -47.34 -9.76
C ARG G 96 27.20 -45.82 -9.84
N ASN G 97 28.26 -45.18 -9.33
CA ASN G 97 28.40 -43.74 -9.42
C ASN G 97 28.55 -43.32 -10.87
N GLY G 98 28.12 -42.08 -11.16
CA GLY G 98 28.24 -41.53 -12.49
C GLY G 98 29.19 -40.37 -12.56
N GLN G 99 29.88 -40.08 -11.47
CA GLN G 99 30.84 -38.98 -11.43
C GLN G 99 32.16 -39.42 -12.06
N PHE G 100 32.71 -38.57 -12.93
CA PHE G 100 33.95 -38.89 -13.61
C PHE G 100 34.74 -37.63 -13.85
N LYS G 101 36.04 -37.80 -14.09
CA LYS G 101 36.94 -36.68 -14.32
C LYS G 101 38.17 -37.17 -15.08
N LEU G 102 39.01 -36.22 -15.49
CA LEU G 102 40.21 -36.53 -16.24
C LEU G 102 41.44 -36.52 -15.33
N ASP G 103 42.62 -36.65 -15.92
CA ASP G 103 43.88 -36.68 -15.20
C ASP G 103 44.99 -36.24 -16.15
N GLU G 104 46.24 -36.39 -15.70
CA GLU G 104 47.38 -36.07 -16.56
C GLU G 104 47.42 -36.92 -17.82
N ASN G 105 47.19 -38.22 -17.70
CA ASN G 105 47.19 -39.13 -18.83
C ASN G 105 45.93 -39.03 -19.66
N ARG G 106 45.00 -38.16 -19.29
CA ARG G 106 43.76 -37.94 -20.04
C ARG G 106 42.89 -39.18 -20.08
N ASN G 107 42.97 -40.00 -19.04
CA ASN G 107 42.14 -41.19 -18.90
C ASN G 107 40.94 -40.88 -18.01
N LEU G 108 39.75 -41.27 -18.46
CA LEU G 108 38.56 -41.12 -17.64
C LEU G 108 38.72 -41.89 -16.34
N VAL G 109 38.36 -41.24 -15.22
CA VAL G 109 38.60 -41.81 -13.91
C VAL G 109 37.57 -41.21 -12.95
N ASN G 110 37.16 -42.00 -11.98
CA ASN G 110 36.21 -41.54 -10.96
C ASN G 110 36.95 -40.72 -9.91
N MET G 111 36.27 -40.41 -8.80
CA MET G 111 36.82 -39.52 -7.78
C MET G 111 37.94 -40.13 -6.98
N GLN G 112 38.24 -41.42 -7.13
CA GLN G 112 39.21 -42.09 -6.26
C GLN G 112 40.52 -42.41 -6.96
N GLY G 113 40.48 -42.73 -8.25
CA GLY G 113 41.68 -43.19 -8.94
C GLY G 113 41.40 -44.44 -9.75
N MET G 114 40.13 -44.77 -9.89
CA MET G 114 39.70 -45.98 -10.57
C MET G 114 39.49 -45.66 -12.05
N GLN G 115 40.38 -46.15 -12.91
CA GLN G 115 40.29 -45.84 -14.33
C GLN G 115 39.04 -46.46 -14.94
N LEU G 116 38.45 -45.75 -15.89
CA LEU G 116 37.26 -46.20 -16.59
C LEU G 116 37.66 -46.88 -17.90
N THR G 117 37.00 -47.98 -18.21
CA THR G 117 37.37 -48.82 -19.34
C THR G 117 36.22 -48.96 -20.32
N GLY G 118 36.56 -49.44 -21.52
CA GLY G 118 35.58 -49.62 -22.57
C GLY G 118 36.26 -50.15 -23.82
N TYR G 119 35.45 -50.30 -24.86
CA TYR G 119 35.98 -50.77 -26.14
C TYR G 119 36.81 -49.67 -26.77
N PRO G 120 38.09 -49.92 -27.07
CA PRO G 120 38.87 -48.92 -27.80
C PRO G 120 38.47 -48.89 -29.27
N ALA G 121 38.55 -47.71 -29.87
CA ALA G 121 38.23 -47.54 -31.28
C ALA G 121 39.51 -47.47 -32.09
N THR G 122 39.57 -48.24 -33.17
CA THR G 122 40.75 -48.32 -34.01
C THR G 122 40.35 -48.25 -35.48
N GLY G 123 41.33 -47.88 -36.32
CA GLY G 123 41.15 -47.79 -37.74
C GLY G 123 41.32 -46.36 -38.22
N THR G 124 41.06 -46.15 -39.50
CA THR G 124 41.13 -44.83 -40.12
C THR G 124 40.14 -44.77 -41.27
N PRO G 125 38.91 -44.24 -41.06
CA PRO G 125 38.40 -43.64 -39.82
C PRO G 125 38.23 -44.64 -38.67
N PRO G 126 38.68 -44.25 -37.47
CA PRO G 126 38.59 -45.15 -36.32
C PRO G 126 37.14 -45.51 -36.01
N THR G 127 36.94 -46.76 -35.61
CA THR G 127 35.61 -47.25 -35.28
C THR G 127 35.74 -48.29 -34.16
N ILE G 128 34.66 -48.46 -33.41
CA ILE G 128 34.66 -49.41 -32.30
C ILE G 128 34.80 -50.84 -32.83
N GLN G 129 35.24 -51.72 -31.94
CA GLN G 129 35.27 -53.16 -32.22
C GLN G 129 34.94 -53.90 -30.94
N GLN G 130 34.05 -54.88 -31.04
CA GLN G 130 33.67 -55.68 -29.88
C GLN G 130 34.61 -56.85 -29.64
N GLY G 131 35.54 -57.12 -30.57
CA GLY G 131 36.47 -58.22 -30.41
C GLY G 131 37.65 -57.93 -29.51
N ALA G 132 37.77 -56.71 -29.00
CA ALA G 132 38.86 -56.32 -28.12
C ALA G 132 38.39 -56.31 -26.68
N ASN G 133 39.29 -56.73 -25.78
CA ASN G 133 38.98 -56.70 -24.36
C ASN G 133 38.87 -55.26 -23.88
N PRO G 134 38.14 -55.03 -22.78
CA PRO G 134 38.01 -53.67 -22.26
C PRO G 134 39.38 -53.06 -21.96
N ALA G 135 39.53 -51.79 -22.35
CA ALA G 135 40.78 -51.07 -22.21
C ALA G 135 40.54 -49.71 -21.57
N PRO G 136 41.54 -49.16 -20.86
CA PRO G 136 41.34 -47.85 -20.21
C PRO G 136 41.06 -46.75 -21.22
N ILE G 137 39.86 -46.18 -21.17
CA ILE G 137 39.47 -45.15 -22.12
C ILE G 137 40.28 -43.89 -21.88
N THR G 138 40.78 -43.31 -22.97
CA THR G 138 41.53 -42.06 -22.88
C THR G 138 41.12 -41.16 -24.03
N ILE G 139 41.09 -39.85 -23.77
CA ILE G 139 40.87 -38.86 -24.80
C ILE G 139 42.22 -38.29 -25.19
N PRO G 140 42.82 -38.74 -26.28
CA PRO G 140 44.20 -38.35 -26.59
C PRO G 140 44.29 -36.89 -27.00
N ASN G 141 45.52 -36.38 -26.96
CA ASN G 141 45.85 -35.02 -27.36
C ASN G 141 46.45 -34.98 -28.76
N THR G 142 46.30 -36.06 -29.52
CA THR G 142 46.88 -36.17 -30.85
C THR G 142 46.12 -35.29 -31.83
N LEU G 143 46.81 -34.94 -32.93
CA LEU G 143 46.25 -34.09 -33.97
C LEU G 143 45.69 -34.99 -35.06
N MET G 144 44.36 -34.93 -35.26
CA MET G 144 43.70 -35.82 -36.19
C MET G 144 44.22 -35.63 -37.60
N ALA G 145 44.52 -36.74 -38.27
CA ALA G 145 45.08 -36.73 -39.60
C ALA G 145 44.02 -36.33 -40.63
N ALA G 146 44.50 -35.86 -41.77
CA ALA G 146 43.61 -35.45 -42.86
C ALA G 146 43.17 -36.67 -43.67
N LYS G 147 42.50 -36.41 -44.79
CA LYS G 147 42.01 -37.48 -45.66
C LYS G 147 41.75 -36.89 -47.03
N SER G 148 42.18 -37.59 -48.07
CA SER G 148 42.05 -37.08 -49.43
C SER G 148 40.60 -37.01 -49.87
N THR G 149 40.31 -36.08 -50.77
CA THR G 149 38.98 -36.00 -51.35
C THR G 149 38.75 -37.18 -52.28
N THR G 150 37.57 -37.79 -52.18
CA THR G 150 37.21 -38.92 -53.01
C THR G 150 36.13 -38.62 -54.03
N THR G 151 35.28 -37.63 -53.79
CA THR G 151 34.24 -37.26 -54.74
C THR G 151 33.88 -35.80 -54.54
N ALA G 152 33.06 -35.29 -55.45
CA ALA G 152 32.59 -33.91 -55.37
C ALA G 152 31.28 -33.81 -56.14
N SER G 153 30.18 -33.58 -55.43
CA SER G 153 28.88 -33.42 -56.05
C SER G 153 28.59 -31.92 -56.20
N MET G 154 28.35 -31.51 -57.45
CA MET G 154 28.19 -30.10 -57.77
C MET G 154 27.03 -29.96 -58.74
N GLN G 155 25.95 -29.34 -58.27
CA GLN G 155 24.77 -29.11 -59.10
C GLN G 155 24.93 -27.83 -59.91
N ILE G 156 24.34 -27.82 -61.11
CA ILE G 156 24.35 -26.62 -61.94
C ILE G 156 23.07 -26.55 -62.75
N ASN G 157 22.41 -25.39 -62.71
CA ASN G 157 21.24 -25.12 -63.55
C ASN G 157 21.64 -24.21 -64.69
N LEU G 158 21.14 -24.51 -65.89
CA LEU G 158 21.52 -23.79 -67.10
C LEU G 158 20.28 -23.26 -67.79
N ASN G 159 20.51 -22.31 -68.69
CA ASN G 159 19.44 -21.62 -69.41
C ASN G 159 19.48 -22.01 -70.88
N SER G 160 18.32 -21.98 -71.53
CA SER G 160 18.19 -22.42 -72.91
C SER G 160 18.31 -21.27 -73.91
N THR G 161 18.55 -20.04 -73.44
CA THR G 161 18.85 -18.92 -74.31
C THR G 161 20.32 -18.54 -74.28
N ASP G 162 21.18 -19.48 -73.89
CA ASP G 162 22.60 -19.21 -73.82
C ASP G 162 23.22 -19.25 -75.21
N PRO G 163 23.87 -18.18 -75.67
CA PRO G 163 24.55 -18.21 -76.97
C PRO G 163 25.95 -18.79 -76.86
N VAL G 164 26.45 -19.24 -78.01
CA VAL G 164 27.80 -19.81 -78.10
C VAL G 164 28.80 -18.72 -77.74
N PRO G 165 29.89 -19.05 -77.03
CA PRO G 165 30.90 -18.03 -76.73
C PRO G 165 31.51 -17.46 -78.00
N SER G 166 31.76 -16.15 -77.97
CA SER G 166 32.37 -15.48 -79.11
C SER G 166 33.79 -15.98 -79.34
N LYS G 167 34.56 -16.12 -78.26
CA LYS G 167 35.94 -16.57 -78.36
C LYS G 167 36.02 -18.03 -78.77
N THR G 168 36.37 -18.29 -80.03
CA THR G 168 36.51 -19.67 -80.52
C THR G 168 37.59 -20.45 -79.77
N PRO G 169 38.78 -19.90 -79.47
CA PRO G 169 39.74 -20.67 -78.68
C PRO G 169 39.43 -20.56 -77.20
N PHE G 170 40.16 -21.35 -76.41
CA PHE G 170 40.00 -21.35 -74.96
C PHE G 170 41.34 -21.04 -74.29
N SER G 171 41.28 -20.18 -73.27
CA SER G 171 42.44 -19.81 -72.47
C SER G 171 41.97 -19.62 -71.03
N VAL G 172 42.80 -18.99 -70.22
CA VAL G 172 42.43 -18.72 -68.83
C VAL G 172 41.73 -17.37 -68.73
N SER G 173 42.41 -16.30 -69.16
CA SER G 173 41.91 -14.95 -68.92
C SER G 173 40.79 -14.54 -69.85
N ASP G 174 40.53 -15.31 -70.91
CA ASP G 174 39.52 -14.92 -71.90
C ASP G 174 38.13 -15.14 -71.30
N ALA G 175 37.55 -14.09 -70.74
CA ALA G 175 36.25 -14.16 -70.09
C ALA G 175 35.10 -14.31 -71.09
N ASP G 176 35.38 -14.30 -72.39
CA ASP G 176 34.35 -14.47 -73.41
C ASP G 176 34.34 -15.86 -74.01
N SER G 177 35.24 -16.74 -73.58
CA SER G 177 35.32 -18.08 -74.15
C SER G 177 34.41 -19.08 -73.47
N TYR G 178 33.86 -18.75 -72.31
CA TYR G 178 32.99 -19.66 -71.56
C TYR G 178 31.75 -18.94 -71.10
N ASN G 179 30.60 -19.62 -71.20
CA ASN G 179 29.35 -19.08 -70.72
C ASN G 179 29.16 -19.22 -69.22
N LYS G 180 30.00 -19.99 -68.55
CA LYS G 180 29.93 -20.06 -67.09
C LYS G 180 31.28 -20.44 -66.52
N LYS G 181 31.57 -19.92 -65.34
CA LYS G 181 32.75 -20.32 -64.57
C LYS G 181 32.34 -20.64 -63.14
N GLY G 182 32.91 -21.70 -62.58
CA GLY G 182 32.63 -22.08 -61.21
C GLY G 182 33.90 -22.55 -60.52
N THR G 183 33.82 -22.62 -59.20
CA THR G 183 34.98 -22.98 -58.40
C THR G 183 34.57 -23.96 -57.31
N VAL G 184 35.37 -25.01 -57.14
CA VAL G 184 35.20 -25.97 -56.07
C VAL G 184 36.55 -26.11 -55.37
N THR G 185 36.51 -26.52 -54.10
CA THR G 185 37.73 -26.75 -53.34
C THR G 185 37.70 -28.15 -52.78
N VAL G 186 38.80 -28.89 -52.95
CA VAL G 186 38.94 -30.25 -52.45
C VAL G 186 40.23 -30.34 -51.64
N TYR G 187 40.53 -31.53 -51.14
CA TYR G 187 41.68 -31.71 -50.27
C TYR G 187 42.39 -33.02 -50.59
N ASP G 188 43.72 -32.99 -50.52
CA ASP G 188 44.54 -34.17 -50.74
C ASP G 188 44.67 -34.98 -49.45
N SER G 189 45.43 -36.06 -49.51
CA SER G 189 45.66 -36.88 -48.32
C SER G 189 46.40 -36.10 -47.24
N GLN G 190 47.36 -35.27 -47.61
CA GLN G 190 48.06 -34.45 -46.62
C GLN G 190 47.13 -33.42 -45.97
N GLY G 191 46.20 -32.86 -46.74
CA GLY G 191 45.25 -31.88 -46.23
C GLY G 191 45.28 -30.55 -46.95
N ASN G 192 46.22 -30.34 -47.87
CA ASN G 192 46.31 -29.07 -48.58
C ASN G 192 45.07 -28.85 -49.44
N ALA G 193 44.75 -27.57 -49.63
CA ALA G 193 43.57 -27.22 -50.41
C ALA G 193 43.88 -27.22 -51.90
N HIS G 194 42.91 -27.67 -52.70
CA HIS G 194 43.00 -27.67 -54.14
C HIS G 194 41.82 -26.87 -54.69
N ASP G 195 42.11 -25.94 -55.60
CA ASP G 195 41.11 -25.04 -56.17
C ASP G 195 40.81 -25.50 -57.59
N MET G 196 39.77 -26.31 -57.74
CA MET G 196 39.31 -26.79 -59.04
C MET G 196 38.43 -25.70 -59.66
N ASN G 197 38.98 -24.95 -60.62
CA ASN G 197 38.15 -24.00 -61.36
C ASN G 197 37.66 -24.68 -62.63
N VAL G 198 36.34 -24.73 -62.79
CA VAL G 198 35.70 -25.39 -63.92
C VAL G 198 35.05 -24.33 -64.80
N TYR G 199 34.98 -24.63 -66.09
CA TYR G 199 34.49 -23.69 -67.09
C TYR G 199 33.48 -24.40 -67.97
N PHE G 200 32.25 -23.90 -68.00
CA PHE G 200 31.21 -24.43 -68.87
C PHE G 200 31.16 -23.59 -70.14
N VAL G 201 31.42 -24.23 -71.28
CA VAL G 201 31.30 -23.61 -72.60
C VAL G 201 30.16 -24.32 -73.32
N LYS G 202 29.53 -23.62 -74.26
CA LYS G 202 28.47 -24.23 -75.05
C LYS G 202 28.98 -24.54 -76.45
N THR G 203 28.80 -25.78 -76.89
CA THR G 203 29.20 -26.16 -78.25
C THR G 203 28.04 -26.13 -79.22
N LYS G 204 26.86 -26.55 -78.78
CA LYS G 204 25.63 -26.41 -79.55
C LYS G 204 24.46 -26.45 -78.57
N ASP G 205 23.24 -26.56 -79.09
CA ASP G 205 22.09 -26.68 -78.22
C ASP G 205 22.12 -28.00 -77.46
N ASN G 206 21.98 -27.92 -76.14
CA ASN G 206 22.04 -29.09 -75.25
C ASN G 206 23.37 -29.83 -75.34
N GLU G 207 24.46 -29.10 -75.54
CA GLU G 207 25.79 -29.69 -75.50
C GLU G 207 26.74 -28.72 -74.82
N TRP G 208 27.18 -29.08 -73.62
CA TRP G 208 28.06 -28.24 -72.81
C TRP G 208 29.37 -28.98 -72.59
N ALA G 209 30.48 -28.30 -72.90
CA ALA G 209 31.81 -28.85 -72.65
C ALA G 209 32.35 -28.21 -71.38
N VAL G 210 32.78 -29.04 -70.44
CA VAL G 210 33.32 -28.56 -69.18
C VAL G 210 34.83 -28.78 -69.20
N TYR G 211 35.55 -27.68 -69.05
CA TYR G 211 36.99 -27.66 -68.85
C TYR G 211 37.27 -27.55 -67.35
N THR G 212 38.46 -27.97 -66.94
CA THR G 212 38.79 -27.91 -65.53
C THR G 212 40.29 -27.73 -65.36
N HIS G 213 40.67 -26.85 -64.44
CA HIS G 213 42.06 -26.68 -64.05
C HIS G 213 42.15 -26.61 -62.53
N ASP G 214 43.35 -26.77 -62.01
CA ASP G 214 43.63 -26.56 -60.59
C ASP G 214 44.38 -25.24 -60.47
N SER G 215 43.67 -24.17 -60.10
CA SER G 215 44.32 -22.87 -59.96
C SER G 215 45.28 -22.84 -58.79
N SER G 216 45.18 -23.81 -57.87
CA SER G 216 46.17 -23.92 -56.80
C SER G 216 47.56 -24.15 -57.36
N ASP G 217 47.69 -25.03 -58.35
CA ASP G 217 48.99 -25.29 -58.97
C ASP G 217 49.37 -24.11 -59.85
N PRO G 218 50.50 -23.45 -59.58
CA PRO G 218 50.92 -22.31 -60.42
C PRO G 218 51.78 -22.72 -61.60
N ALA G 219 52.34 -23.93 -61.55
CA ALA G 219 53.28 -24.40 -62.56
C ALA G 219 52.66 -25.42 -63.50
N ALA G 220 51.38 -25.24 -63.84
CA ALA G 220 50.68 -26.14 -64.74
C ALA G 220 50.23 -25.36 -65.99
N THR G 221 49.50 -26.04 -66.86
CA THR G 221 49.02 -25.45 -68.10
C THR G 221 47.52 -25.15 -68.01
N ALA G 222 47.06 -24.36 -68.98
CA ALA G 222 45.65 -24.03 -69.06
C ALA G 222 44.85 -25.26 -69.50
N PRO G 223 43.56 -25.33 -69.14
CA PRO G 223 42.73 -26.44 -69.62
C PRO G 223 42.49 -26.36 -71.11
N THR G 224 43.09 -27.28 -71.86
CA THR G 224 43.04 -27.28 -73.32
C THR G 224 41.94 -28.16 -73.88
N THR G 225 41.85 -29.42 -73.44
CA THR G 225 40.86 -30.36 -73.93
C THR G 225 39.67 -30.38 -72.98
N ALA G 226 38.48 -30.56 -73.57
CA ALA G 226 37.25 -30.61 -72.78
C ALA G 226 37.31 -31.74 -71.77
N SER G 227 37.28 -31.39 -70.47
CA SER G 227 37.36 -32.41 -69.44
C SER G 227 36.19 -33.37 -69.52
N THR G 228 34.99 -32.86 -69.83
CA THR G 228 33.84 -33.74 -70.03
C THR G 228 32.86 -33.03 -70.95
N THR G 229 31.92 -33.80 -71.49
CA THR G 229 30.81 -33.28 -72.27
C THR G 229 29.49 -33.69 -71.63
N LEU G 230 28.53 -32.78 -71.64
CA LEU G 230 27.22 -32.97 -71.03
C LEU G 230 26.15 -32.72 -72.07
N LYS G 231 25.23 -33.66 -72.18
CA LYS G 231 24.07 -33.54 -73.06
C LYS G 231 22.82 -33.33 -72.21
N PHE G 232 21.73 -32.94 -72.85
CA PHE G 232 20.48 -32.74 -72.15
C PHE G 232 19.34 -33.14 -73.07
N ASN G 233 18.13 -33.01 -72.55
CA ASN G 233 16.92 -33.44 -73.24
C ASN G 233 16.24 -32.26 -73.92
N GLU G 234 15.28 -32.59 -74.78
CA GLU G 234 14.30 -31.60 -75.19
C GLU G 234 13.64 -30.97 -73.97
N ASN G 235 13.43 -31.78 -72.92
CA ASN G 235 12.98 -31.32 -71.61
C ASN G 235 14.14 -30.85 -70.72
N GLY G 236 15.38 -30.90 -71.20
CA GLY G 236 16.50 -30.42 -70.42
C GLY G 236 16.97 -31.35 -69.33
N ILE G 237 16.63 -32.63 -69.43
CA ILE G 237 17.08 -33.62 -68.44
C ILE G 237 18.44 -34.16 -68.85
N LEU G 238 19.35 -34.27 -67.87
CA LEU G 238 20.69 -34.77 -68.10
C LEU G 238 20.70 -36.27 -68.35
N GLU G 239 21.12 -36.69 -69.54
CA GLU G 239 21.20 -38.13 -69.84
C GLU G 239 22.61 -38.68 -69.70
N SER G 240 23.62 -38.03 -70.27
CA SER G 240 24.91 -38.67 -70.41
C SER G 240 26.03 -37.73 -69.97
N GLY G 241 27.11 -38.32 -69.48
CA GLY G 241 28.30 -37.58 -69.11
C GLY G 241 28.26 -36.93 -67.76
N GLY G 242 27.19 -37.11 -66.99
CA GLY G 242 27.03 -36.41 -65.73
C GLY G 242 28.04 -36.75 -64.65
N THR G 243 28.81 -37.83 -64.82
CA THR G 243 29.83 -38.21 -63.87
C THR G 243 31.15 -38.41 -64.59
N VAL G 244 32.24 -38.03 -63.94
CA VAL G 244 33.57 -38.13 -64.55
C VAL G 244 34.62 -38.17 -63.46
N ASN G 245 35.62 -39.02 -63.65
CA ASN G 245 36.76 -39.05 -62.75
C ASN G 245 37.85 -38.10 -63.25
N ILE G 246 38.57 -37.50 -62.31
CA ILE G 246 39.58 -36.50 -62.64
C ILE G 246 40.69 -36.57 -61.62
N THR G 247 41.93 -36.46 -62.11
CA THR G 247 43.13 -36.38 -61.29
C THR G 247 43.77 -35.02 -61.49
N THR G 248 44.05 -34.33 -60.40
CA THR G 248 44.66 -33.01 -60.45
C THR G 248 46.18 -33.12 -60.38
N GLY G 249 46.85 -32.01 -60.14
CA GLY G 249 48.29 -31.98 -59.94
C GLY G 249 48.68 -32.03 -58.48
N THR G 250 49.99 -31.97 -58.25
CA THR G 250 50.53 -32.03 -56.91
C THR G 250 50.75 -30.62 -56.34
N ILE G 251 50.91 -30.55 -55.02
CA ILE G 251 51.25 -29.32 -54.33
C ILE G 251 52.34 -29.65 -53.31
N ASN G 252 53.58 -29.33 -53.65
CA ASN G 252 54.72 -29.35 -52.72
C ASN G 252 54.94 -30.75 -52.14
N GLY G 253 55.15 -31.72 -53.02
CA GLY G 253 55.45 -33.07 -52.57
C GLY G 253 54.29 -33.82 -51.95
N ALA G 254 53.05 -33.46 -52.31
CA ALA G 254 51.87 -34.11 -51.77
C ALA G 254 51.08 -34.74 -52.91
N THR G 255 50.28 -35.75 -52.57
CA THR G 255 49.53 -36.48 -53.57
C THR G 255 48.46 -35.60 -54.21
N ALA G 256 48.13 -35.93 -55.45
CA ALA G 256 47.06 -35.24 -56.15
C ALA G 256 45.70 -35.82 -55.73
N ALA G 257 44.70 -34.95 -55.65
CA ALA G 257 43.36 -35.36 -55.27
C ALA G 257 42.66 -35.94 -56.49
N THR G 258 42.51 -37.27 -56.52
CA THR G 258 41.78 -37.95 -57.57
C THR G 258 40.36 -38.21 -57.09
N PHE G 259 39.38 -37.72 -57.85
CA PHE G 259 38.01 -37.79 -57.38
C PHE G 259 37.05 -37.88 -58.56
N SER G 260 35.85 -38.36 -58.27
CA SER G 260 34.75 -38.42 -59.23
C SER G 260 33.79 -37.27 -58.95
N LEU G 261 33.37 -36.59 -60.01
CA LEU G 261 32.49 -35.44 -59.91
C LEU G 261 31.21 -35.76 -60.66
N SER G 262 30.08 -35.41 -60.04
CA SER G 262 28.76 -35.82 -60.50
C SER G 262 27.89 -34.61 -60.81
N PHE G 263 26.80 -34.86 -61.54
CA PHE G 263 25.88 -33.81 -61.95
C PHE G 263 24.42 -34.24 -61.88
N LEU G 264 24.04 -35.02 -60.88
CA LEU G 264 22.63 -35.40 -60.74
C LEU G 264 21.75 -34.17 -60.60
N ASN G 265 20.61 -34.21 -61.29
CA ASN G 265 19.58 -33.18 -61.31
C ASN G 265 20.05 -31.86 -61.91
N SER G 266 21.20 -31.85 -62.60
CA SER G 266 21.54 -30.69 -63.40
C SER G 266 20.51 -30.52 -64.50
N MET G 267 20.09 -29.27 -64.72
CA MET G 267 18.81 -29.04 -65.38
C MET G 267 18.88 -27.79 -66.23
N GLN G 268 18.01 -27.73 -67.25
CA GLN G 268 18.01 -26.64 -68.22
C GLN G 268 16.61 -26.46 -68.77
N GLN G 269 15.89 -25.45 -68.29
CA GLN G 269 14.56 -25.12 -68.81
C GLN G 269 14.39 -23.61 -68.94
N ASN G 270 15.44 -22.91 -69.38
CA ASN G 270 15.49 -21.45 -69.29
C ASN G 270 15.39 -20.99 -67.83
N THR G 271 16.37 -21.44 -67.04
CA THR G 271 16.40 -21.13 -65.61
C THR G 271 17.19 -19.84 -65.38
N GLY G 272 16.61 -18.75 -65.85
CA GLY G 272 17.23 -17.45 -65.70
C GLY G 272 18.61 -17.36 -66.32
N ALA G 273 19.63 -17.30 -65.48
CA ALA G 273 21.02 -17.27 -65.91
C ALA G 273 21.73 -18.49 -65.36
N ASN G 274 23.01 -18.63 -65.71
CA ASN G 274 23.81 -19.76 -65.26
C ASN G 274 24.20 -19.57 -63.80
N ASN G 275 23.98 -20.59 -62.98
CA ASN G 275 24.24 -20.49 -61.54
C ASN G 275 24.47 -21.89 -60.99
N ILE G 276 25.03 -21.92 -59.78
CA ILE G 276 25.27 -23.15 -59.04
C ILE G 276 24.26 -23.24 -57.90
N VAL G 277 23.83 -24.45 -57.59
CA VAL G 277 22.77 -24.65 -56.60
C VAL G 277 23.34 -25.36 -55.37
N ALA G 278 24.32 -26.24 -55.58
CA ALA G 278 24.88 -26.99 -54.46
C ALA G 278 26.27 -27.48 -54.83
N THR G 279 27.14 -27.55 -53.83
CA THR G 279 28.51 -28.03 -54.01
C THR G 279 28.97 -28.65 -52.70
N ASN G 280 29.49 -29.87 -52.77
CA ASN G 280 30.01 -30.53 -51.58
C ASN G 280 31.02 -31.59 -51.98
N GLN G 281 31.85 -31.97 -51.02
CA GLN G 281 32.89 -32.97 -51.22
C GLN G 281 33.12 -33.70 -49.90
N ASN G 282 34.08 -34.62 -49.91
CA ASN G 282 34.42 -35.42 -48.73
C ASN G 282 35.92 -35.44 -48.51
N GLY G 283 36.56 -34.28 -48.65
CA GLY G 283 37.97 -34.14 -48.35
C GLY G 283 38.17 -33.58 -46.95
N TYR G 284 39.24 -34.02 -46.29
CA TYR G 284 39.55 -33.61 -44.94
C TYR G 284 40.89 -32.89 -44.88
N LYS G 285 40.93 -31.83 -44.09
CA LYS G 285 42.16 -31.17 -43.66
C LYS G 285 42.32 -31.38 -42.16
N PRO G 286 43.54 -31.26 -41.62
CA PRO G 286 43.77 -31.63 -40.23
C PRO G 286 42.96 -30.80 -39.26
N GLY G 287 42.69 -31.39 -38.09
CA GLY G 287 41.91 -30.73 -37.07
C GLY G 287 42.44 -31.06 -35.69
N ASP G 288 42.08 -30.22 -34.73
CA ASP G 288 42.55 -30.34 -33.35
C ASP G 288 41.36 -30.47 -32.42
N LEU G 289 41.54 -31.25 -31.34
CA LEU G 289 40.46 -31.50 -30.40
C LEU G 289 39.92 -30.20 -29.83
N VAL G 290 38.59 -30.10 -29.78
CA VAL G 290 37.92 -28.91 -29.30
C VAL G 290 37.01 -29.19 -28.11
N SER G 291 36.25 -30.29 -28.15
CA SER G 291 35.32 -30.63 -27.09
C SER G 291 34.98 -32.11 -27.21
N TYR G 292 34.11 -32.58 -26.32
CA TYR G 292 33.64 -33.95 -26.34
C TYR G 292 32.35 -34.05 -25.56
N GLN G 293 31.60 -35.12 -25.82
CA GLN G 293 30.32 -35.32 -25.14
C GLN G 293 30.03 -36.82 -25.11
N ILE G 294 29.04 -37.19 -24.31
CA ILE G 294 28.64 -38.58 -24.12
C ILE G 294 27.20 -38.71 -24.61
N ASN G 295 26.99 -39.61 -25.57
CA ASN G 295 25.65 -39.83 -26.10
C ASN G 295 24.83 -40.67 -25.13
N ASN G 296 23.57 -40.88 -25.50
CA ASN G 296 22.66 -41.67 -24.67
C ASN G 296 23.02 -43.15 -24.63
N ASP G 297 23.79 -43.66 -25.60
CA ASP G 297 24.18 -45.06 -25.62
C ASP G 297 25.53 -45.31 -24.94
N GLY G 298 26.31 -44.27 -24.66
CA GLY G 298 27.56 -44.45 -23.96
C GLY G 298 28.77 -44.47 -24.87
N THR G 299 28.75 -43.66 -25.92
CA THR G 299 29.85 -43.57 -26.88
C THR G 299 30.49 -42.20 -26.76
N VAL G 300 31.76 -42.15 -26.39
CA VAL G 300 32.46 -40.87 -26.30
C VAL G 300 32.78 -40.39 -27.72
N VAL G 301 32.44 -39.14 -28.01
CA VAL G 301 32.65 -38.55 -29.33
C VAL G 301 33.38 -37.23 -29.14
N GLY G 302 34.55 -37.11 -29.77
CA GLY G 302 35.35 -35.90 -29.65
C GLY G 302 35.44 -35.10 -30.94
N ASN G 303 34.81 -33.93 -30.96
CA ASN G 303 34.87 -33.07 -32.13
C ASN G 303 36.27 -32.47 -32.27
N TYR G 304 36.57 -32.03 -33.49
CA TYR G 304 37.90 -31.50 -33.80
C TYR G 304 37.76 -30.11 -34.42
N SER G 305 38.90 -29.47 -34.67
CA SER G 305 38.94 -28.08 -35.10
C SER G 305 38.60 -27.90 -36.57
N ASN G 306 38.45 -28.99 -37.34
CA ASN G 306 38.03 -28.92 -38.72
C ASN G 306 36.57 -29.34 -38.89
N GLU G 307 35.83 -29.38 -37.78
CA GLU G 307 34.43 -29.81 -37.76
C GLU G 307 34.29 -31.21 -38.35
N GLN G 308 34.97 -32.16 -37.71
CA GLN G 308 34.94 -33.56 -38.12
C GLN G 308 34.89 -34.43 -36.89
N GLU G 309 33.91 -35.34 -36.85
CA GLU G 309 33.72 -36.20 -35.70
C GLU G 309 34.75 -37.34 -35.70
N GLN G 310 35.24 -37.68 -34.51
CA GLN G 310 36.17 -38.79 -34.34
C GLN G 310 35.79 -39.53 -33.05
N VAL G 311 35.10 -40.66 -33.20
CA VAL G 311 34.73 -41.46 -32.04
C VAL G 311 36.01 -42.00 -31.37
N LEU G 312 35.94 -42.17 -30.04
CA LEU G 312 37.13 -42.58 -29.31
C LEU G 312 36.83 -43.66 -28.25
N GLY G 313 35.71 -44.34 -28.35
CA GLY G 313 35.42 -45.43 -27.43
C GLY G 313 33.96 -45.47 -27.04
N GLN G 314 33.56 -46.60 -26.46
CA GLN G 314 32.21 -46.79 -25.98
C GLN G 314 32.25 -47.37 -24.57
N ILE G 315 31.27 -46.98 -23.75
CA ILE G 315 31.17 -47.42 -22.37
C ILE G 315 30.67 -48.85 -22.33
N VAL G 316 31.26 -49.66 -21.45
CA VAL G 316 30.82 -51.03 -21.24
C VAL G 316 29.98 -51.08 -19.96
N LEU G 317 28.95 -51.92 -19.98
CA LEU G 317 28.08 -52.12 -18.83
C LEU G 317 28.14 -53.56 -18.38
N ALA G 318 28.03 -53.76 -17.08
CA ALA G 318 28.06 -55.09 -16.46
C ALA G 318 26.66 -55.46 -16.01
N ASN G 319 26.49 -56.74 -15.67
CA ASN G 319 25.22 -57.25 -15.19
C ASN G 319 25.49 -58.54 -14.41
N PHE G 320 24.48 -58.94 -13.63
CA PHE G 320 24.59 -60.15 -12.82
C PHE G 320 23.27 -60.89 -12.83
N ALA G 321 23.35 -62.22 -12.90
CA ALA G 321 22.15 -63.05 -12.75
C ALA G 321 21.54 -62.88 -11.38
N ASN G 322 22.38 -62.73 -10.35
CA ASN G 322 21.93 -62.62 -8.97
C ASN G 322 22.64 -61.45 -8.30
N ASN G 323 21.91 -60.36 -8.06
CA ASN G 323 22.42 -59.29 -7.23
C ASN G 323 22.23 -59.66 -5.76
N GLU G 324 22.41 -58.69 -4.86
CA GLU G 324 22.33 -58.91 -3.42
C GLU G 324 23.38 -59.91 -2.93
N GLY G 325 24.37 -60.18 -3.76
CA GLY G 325 25.46 -61.07 -3.39
C GLY G 325 26.79 -60.38 -3.59
N LEU G 326 26.77 -59.23 -4.25
CA LEU G 326 27.97 -58.43 -4.44
C LEU G 326 28.44 -57.89 -3.09
N ALA G 327 29.75 -57.73 -2.97
CA ALA G 327 30.37 -57.27 -1.73
C ALA G 327 30.84 -55.83 -1.89
N SER G 328 30.44 -55.00 -0.93
CA SER G 328 30.90 -53.61 -0.92
C SER G 328 32.37 -53.55 -0.56
N GLN G 329 33.08 -52.62 -1.19
CA GLN G 329 34.52 -52.49 -1.01
C GLN G 329 34.88 -51.06 -0.60
N GLY G 330 34.12 -50.49 0.32
CA GLY G 330 34.41 -49.15 0.80
C GLY G 330 33.64 -48.08 0.06
N ASP G 331 34.31 -47.38 -0.86
CA ASP G 331 33.67 -46.33 -1.64
C ASP G 331 32.64 -46.92 -2.59
N ASN G 332 32.03 -46.09 -3.42
CA ASN G 332 30.87 -46.51 -4.19
C ASN G 332 31.24 -47.51 -5.27
N VAL G 333 31.62 -48.72 -4.87
CA VAL G 333 31.94 -49.81 -5.78
C VAL G 333 31.40 -51.12 -5.20
N TRP G 334 31.58 -52.19 -5.95
CA TRP G 334 31.34 -53.54 -5.48
C TRP G 334 32.42 -54.45 -6.09
N ALA G 335 32.25 -55.76 -5.91
CA ALA G 335 33.25 -56.71 -6.40
C ALA G 335 32.54 -58.00 -6.78
N ALA G 336 32.68 -58.40 -8.04
CA ALA G 336 32.08 -59.66 -8.48
C ALA G 336 32.71 -60.83 -7.76
N THR G 337 31.89 -61.59 -7.03
CA THR G 337 32.34 -62.74 -6.28
C THR G 337 31.36 -63.88 -6.49
N GLN G 338 31.51 -64.94 -5.71
CA GLN G 338 30.57 -66.04 -5.75
C GLN G 338 29.22 -65.60 -5.21
N ALA G 339 28.20 -66.43 -5.46
CA ALA G 339 26.81 -66.13 -5.09
C ALA G 339 26.32 -64.85 -5.72
N SER G 340 26.99 -64.36 -6.76
CA SER G 340 26.58 -63.16 -7.47
C SER G 340 26.52 -63.33 -8.98
N GLY G 341 27.10 -64.40 -9.52
CA GLY G 341 27.10 -64.59 -10.95
C GLY G 341 28.46 -64.35 -11.59
N VAL G 342 28.46 -63.86 -12.83
CA VAL G 342 29.67 -63.60 -13.58
C VAL G 342 29.62 -62.16 -14.09
N ALA G 343 30.65 -61.79 -14.87
CA ALA G 343 30.75 -60.43 -15.38
C ALA G 343 29.55 -60.06 -16.24
N LEU G 344 29.23 -60.91 -17.21
CA LEU G 344 28.10 -60.69 -18.13
C LEU G 344 28.19 -59.31 -18.77
N LEU G 345 29.31 -59.06 -19.44
CA LEU G 345 29.55 -57.76 -20.05
C LEU G 345 28.57 -57.51 -21.20
N GLY G 346 28.41 -56.24 -21.55
CA GLY G 346 27.53 -55.86 -22.64
C GLY G 346 27.55 -54.37 -22.84
N THR G 347 26.84 -53.93 -23.87
CA THR G 347 26.74 -52.52 -24.20
C THR G 347 25.39 -51.96 -23.76
N ALA G 348 25.36 -50.65 -23.54
CA ALA G 348 24.16 -50.00 -23.03
C ALA G 348 23.03 -49.99 -24.05
N GLY G 349 23.35 -50.27 -25.32
CA GLY G 349 22.37 -50.22 -26.39
C GLY G 349 21.14 -51.09 -26.17
N SER G 350 21.33 -52.41 -26.13
CA SER G 350 20.21 -53.32 -26.07
C SER G 350 20.43 -54.44 -25.06
N GLY G 351 19.55 -55.43 -25.08
CA GLY G 351 19.61 -56.53 -24.12
C GLY G 351 18.58 -56.33 -23.01
N ASN G 352 19.02 -56.53 -21.76
CA ASN G 352 18.19 -56.28 -20.60
C ASN G 352 18.71 -55.14 -19.75
N PHE G 353 19.69 -54.38 -20.25
CA PHE G 353 20.29 -53.28 -19.51
C PHE G 353 19.39 -52.05 -19.60
N GLY G 354 19.87 -50.93 -19.08
CA GLY G 354 19.16 -49.67 -19.18
C GLY G 354 19.81 -48.74 -20.18
N LYS G 355 19.60 -47.44 -20.04
CA LYS G 355 20.18 -46.45 -20.92
C LYS G 355 20.97 -45.42 -20.11
N LEU G 356 22.01 -44.88 -20.74
CA LEU G 356 22.93 -43.96 -20.10
C LEU G 356 22.49 -42.53 -20.37
N THR G 357 21.71 -41.96 -19.46
CA THR G 357 21.34 -40.56 -19.56
C THR G 357 22.54 -39.67 -19.26
N ASN G 358 22.82 -38.74 -20.16
CA ASN G 358 23.92 -37.81 -20.01
C ASN G 358 23.48 -36.58 -19.23
N GLY G 359 24.43 -35.97 -18.52
CA GLY G 359 24.13 -34.81 -17.71
C GLY G 359 23.21 -35.10 -16.55
N ALA G 360 23.47 -36.20 -15.85
CA ALA G 360 22.62 -36.60 -14.74
C ALA G 360 23.43 -37.45 -13.77
N LEU G 361 22.86 -37.62 -12.57
CA LEU G 361 23.44 -38.44 -11.53
C LEU G 361 22.32 -39.20 -10.83
N GLU G 362 22.71 -40.04 -9.88
CA GLU G 362 21.78 -40.93 -9.18
C GLU G 362 21.63 -40.48 -7.73
N ALA G 363 20.44 -40.70 -7.17
CA ALA G 363 20.18 -40.36 -5.78
C ALA G 363 20.64 -41.50 -4.87
N SER G 364 20.32 -41.41 -3.58
CA SER G 364 20.69 -42.41 -2.59
C SER G 364 19.53 -43.30 -2.17
N ASN G 365 18.33 -43.05 -2.68
CA ASN G 365 17.07 -43.80 -2.58
C ASN G 365 16.71 -44.19 -1.15
N VAL G 366 17.35 -43.61 -0.14
CA VAL G 366 16.97 -43.87 1.24
C VAL G 366 15.75 -43.03 1.58
N ASP G 367 14.72 -43.68 2.12
CA ASP G 367 13.50 -43.00 2.54
C ASP G 367 13.68 -42.61 4.01
N LEU G 368 13.88 -41.32 4.26
CA LEU G 368 14.07 -40.85 5.63
C LEU G 368 12.84 -41.15 6.48
N SER G 369 11.65 -40.89 5.93
CA SER G 369 10.42 -41.16 6.66
C SER G 369 10.27 -42.63 6.96
N LYS G 370 10.63 -43.49 6.01
CA LYS G 370 10.43 -44.92 6.19
C LYS G 370 11.45 -45.49 7.18
N GLU G 371 12.62 -44.87 7.25
CA GLU G 371 13.68 -45.42 8.06
C GLU G 371 13.58 -44.94 9.51
N LEU G 372 13.14 -43.69 9.69
CA LEU G 372 13.06 -43.08 11.02
C LEU G 372 12.03 -43.76 11.91
N VAL G 373 11.06 -44.47 11.31
CA VAL G 373 10.04 -45.15 12.07
C VAL G 373 10.48 -46.56 12.48
N ASN G 374 11.12 -47.30 11.57
CA ASN G 374 11.77 -48.55 11.98
C ASN G 374 12.82 -48.28 13.03
N MET G 375 13.43 -47.10 12.97
CA MET G 375 14.34 -46.65 14.03
C MET G 375 13.66 -46.70 15.39
N ILE G 376 12.49 -46.08 15.52
CA ILE G 376 11.78 -46.05 16.80
C ILE G 376 11.35 -47.46 17.20
N VAL G 377 10.86 -48.24 16.24
CA VAL G 377 10.42 -49.59 16.55
C VAL G 377 11.57 -50.42 17.11
N ALA G 378 12.74 -50.34 16.48
CA ALA G 378 13.90 -51.10 16.95
C ALA G 378 14.37 -50.59 18.31
N GLN G 379 14.32 -49.28 18.53
CA GLN G 379 14.65 -48.75 19.85
C GLN G 379 13.74 -49.34 20.93
N ARG G 380 12.44 -49.39 20.63
CA ARG G 380 11.50 -49.96 21.59
C ARG G 380 11.77 -51.44 21.83
N ASN G 381 12.13 -52.17 20.77
CA ASN G 381 12.47 -53.58 20.94
C ASN G 381 13.69 -53.75 21.86
N TYR G 382 14.70 -52.91 21.66
CA TYR G 382 15.90 -53.00 22.49
C TYR G 382 15.58 -52.71 23.95
N GLN G 383 14.75 -51.70 24.20
CA GLN G 383 14.38 -51.39 25.57
C GLN G 383 13.50 -52.49 26.16
N SER G 384 12.68 -53.12 25.33
CA SER G 384 11.86 -54.24 25.78
C SER G 384 12.73 -55.40 26.24
N ASN G 385 13.84 -55.63 25.53
CA ASN G 385 14.80 -56.63 25.98
C ASN G 385 15.55 -56.18 27.23
N ALA G 386 15.79 -54.89 27.38
CA ALA G 386 16.28 -54.38 28.66
C ALA G 386 15.33 -54.75 29.79
N GLN G 387 14.02 -54.75 29.50
CA GLN G 387 13.05 -55.16 30.51
C GLN G 387 13.26 -56.61 30.94
N THR G 388 13.50 -57.51 29.99
CA THR G 388 13.61 -58.92 30.36
C THR G 388 14.92 -59.20 31.09
N ILE G 389 16.00 -58.51 30.71
CA ILE G 389 17.23 -58.68 31.47
C ILE G 389 17.05 -58.12 32.88
N LYS G 390 16.31 -57.01 33.02
CA LYS G 390 15.94 -56.52 34.35
C LYS G 390 15.23 -57.58 35.17
N THR G 391 14.20 -58.20 34.62
CA THR G 391 13.42 -59.18 35.38
C THR G 391 14.27 -60.37 35.78
N GLN G 392 15.09 -60.87 34.85
CA GLN G 392 15.96 -62.00 35.17
C GLN G 392 16.93 -61.65 36.29
N ASP G 393 17.54 -60.46 36.21
CA ASP G 393 18.43 -60.00 37.27
C ASP G 393 17.71 -59.95 38.61
N GLN G 394 16.51 -59.39 38.63
CA GLN G 394 15.80 -59.21 39.90
C GLN G 394 15.44 -60.56 40.51
N ILE G 395 14.95 -61.50 39.69
CA ILE G 395 14.57 -62.79 40.26
C ILE G 395 15.81 -63.52 40.78
N LEU G 396 16.90 -63.53 40.02
CA LEU G 396 18.07 -64.27 40.49
C LEU G 396 18.66 -63.58 41.71
N ASN G 397 18.50 -62.26 41.80
CA ASN G 397 18.90 -61.54 43.01
C ASN G 397 18.07 -61.99 44.21
N THR G 398 16.77 -62.23 43.99
CA THR G 398 15.94 -62.79 45.05
C THR G 398 16.47 -64.14 45.49
N LEU G 399 16.82 -65.00 44.52
CA LEU G 399 17.39 -66.31 44.87
C LEU G 399 18.71 -66.17 45.63
N VAL G 400 19.51 -65.17 45.27
CA VAL G 400 20.78 -64.99 45.96
C VAL G 400 20.54 -64.65 47.43
N ASN G 401 19.60 -63.76 47.71
CA ASN G 401 19.28 -63.37 49.07
C ASN G 401 18.53 -64.46 49.84
N LEU G 402 18.12 -65.54 49.18
CA LEU G 402 17.47 -66.63 49.88
C LEU G 402 18.44 -67.34 50.84
N SER H 2 -7.44 -59.95 38.47
CA SER H 2 -6.24 -59.13 38.60
C SER H 2 -5.92 -58.43 37.29
N PHE H 3 -4.79 -58.81 36.67
CA PHE H 3 -4.40 -58.22 35.40
C PHE H 3 -5.38 -58.59 34.29
N SER H 4 -6.15 -59.67 34.47
CA SER H 4 -7.19 -60.01 33.51
C SER H 4 -8.22 -58.90 33.42
N GLN H 5 -8.44 -58.19 34.53
CA GLN H 5 -9.34 -57.04 34.52
C GLN H 5 -8.83 -55.95 33.60
N ALA H 6 -7.52 -55.81 33.48
CA ALA H 6 -6.93 -54.69 32.76
C ALA H 6 -6.65 -55.02 31.30
N VAL H 7 -6.25 -56.25 31.00
CA VAL H 7 -5.78 -56.58 29.66
C VAL H 7 -6.89 -56.46 28.63
N SER H 8 -8.14 -56.71 29.03
CA SER H 8 -9.26 -56.60 28.09
C SER H 8 -9.40 -55.17 27.58
N GLY H 9 -9.48 -54.21 28.50
CA GLY H 9 -9.49 -52.82 28.08
C GLY H 9 -8.20 -52.41 27.40
N LEU H 10 -7.09 -53.02 27.81
CA LEU H 10 -5.78 -52.72 27.24
C LEU H 10 -5.79 -52.97 25.74
N ASN H 11 -6.15 -54.19 25.35
CA ASN H 11 -6.14 -54.55 23.93
C ASN H 11 -7.33 -53.94 23.20
N ALA H 12 -8.44 -53.70 23.91
CA ALA H 12 -9.57 -53.02 23.28
C ALA H 12 -9.18 -51.61 22.85
N ALA H 13 -8.49 -50.88 23.71
CA ALA H 13 -7.95 -49.57 23.35
C ALA H 13 -6.89 -49.66 22.26
N ALA H 14 -6.08 -50.72 22.25
CA ALA H 14 -5.16 -50.90 21.13
C ALA H 14 -5.88 -51.05 19.79
N THR H 15 -6.92 -51.90 19.74
CA THR H 15 -7.66 -52.07 18.50
C THR H 15 -8.40 -50.80 18.11
N ASN H 16 -8.91 -50.06 19.10
CA ASN H 16 -9.53 -48.78 18.80
C ASN H 16 -8.55 -47.84 18.10
N LEU H 17 -7.31 -47.79 18.57
CA LEU H 17 -6.29 -46.97 17.93
C LEU H 17 -6.00 -47.45 16.52
N ASP H 18 -5.92 -48.77 16.33
CA ASP H 18 -5.64 -49.31 15.00
C ASP H 18 -6.74 -48.95 14.02
N VAL H 19 -8.00 -49.03 14.45
CA VAL H 19 -9.12 -48.68 13.57
C VAL H 19 -9.06 -47.20 13.19
N ILE H 20 -8.72 -46.34 14.15
CA ILE H 20 -8.61 -44.91 13.85
C ILE H 20 -7.47 -44.64 12.89
N GLY H 21 -6.35 -45.35 13.04
CA GLY H 21 -5.27 -45.22 12.08
C GLY H 21 -5.70 -45.63 10.68
N ASN H 22 -6.43 -46.74 10.59
CA ASN H 22 -7.02 -47.13 9.31
C ASN H 22 -7.87 -46.01 8.73
N ASN H 23 -8.75 -45.45 9.56
CA ASN H 23 -9.67 -44.41 9.08
C ASN H 23 -8.94 -43.18 8.59
N ILE H 24 -7.88 -42.77 9.28
CA ILE H 24 -7.17 -41.56 8.87
C ILE H 24 -6.31 -41.85 7.64
N ALA H 25 -5.87 -43.10 7.47
CA ALA H 25 -5.05 -43.43 6.31
C ALA H 25 -5.83 -43.26 5.01
N ASN H 26 -7.11 -43.67 5.01
CA ASN H 26 -7.97 -43.63 3.84
C ASN H 26 -8.60 -42.26 3.61
N SER H 27 -8.04 -41.19 4.15
CA SER H 27 -8.67 -39.88 4.03
C SER H 27 -8.70 -39.35 2.61
N ALA H 28 -8.00 -39.99 1.67
CA ALA H 28 -7.96 -39.53 0.28
C ALA H 28 -8.57 -40.50 -0.72
N THR H 29 -8.68 -41.79 -0.40
CA THR H 29 -9.31 -42.73 -1.31
C THR H 29 -10.77 -42.35 -1.52
N TYR H 30 -11.25 -42.47 -2.75
CA TYR H 30 -12.52 -41.89 -3.15
C TYR H 30 -13.72 -42.78 -2.88
N GLY H 31 -13.54 -43.93 -2.23
CA GLY H 31 -14.67 -44.80 -1.97
C GLY H 31 -14.69 -45.47 -0.61
N PHE H 32 -13.71 -45.17 0.22
CA PHE H 32 -13.60 -45.84 1.51
C PHE H 32 -14.75 -45.45 2.43
N LYS H 33 -15.23 -46.41 3.21
CA LYS H 33 -16.22 -46.17 4.25
C LYS H 33 -15.55 -46.31 5.61
N SER H 34 -15.70 -45.29 6.46
CA SER H 34 -15.03 -45.28 7.74
C SER H 34 -15.55 -46.37 8.65
N GLY H 35 -14.64 -47.00 9.41
CA GLY H 35 -15.00 -48.05 10.33
C GLY H 35 -14.82 -47.64 11.78
N THR H 36 -15.64 -48.22 12.65
CA THR H 36 -15.60 -47.97 14.08
C THR H 36 -15.81 -49.28 14.81
N ALA H 37 -15.10 -49.48 15.91
CA ALA H 37 -15.28 -50.66 16.73
C ALA H 37 -16.35 -50.42 17.78
N SER H 38 -16.95 -51.51 18.26
CA SER H 38 -17.93 -51.46 19.33
C SER H 38 -17.57 -52.52 20.36
N PHE H 39 -17.89 -52.22 21.61
CA PHE H 39 -17.48 -53.08 22.71
C PHE H 39 -18.68 -53.47 23.57
N ALA H 40 -18.46 -54.49 24.40
CA ALA H 40 -19.44 -54.93 25.38
C ALA H 40 -18.68 -55.59 26.52
N ASP H 41 -19.21 -55.42 27.73
CA ASP H 41 -18.53 -55.90 28.92
C ASP H 41 -18.61 -57.42 29.00
N MET H 42 -17.81 -57.99 29.91
CA MET H 42 -17.87 -59.42 30.21
C MET H 42 -18.37 -59.59 31.64
N PHE H 43 -19.25 -60.56 31.84
CA PHE H 43 -19.77 -60.86 33.17
C PHE H 43 -20.11 -62.34 33.22
N ALA H 44 -19.34 -63.09 34.00
CA ALA H 44 -19.57 -64.53 34.16
C ALA H 44 -20.72 -64.74 35.15
N GLY H 45 -20.86 -65.97 35.63
CA GLY H 45 -21.89 -66.26 36.62
C GLY H 45 -21.73 -65.47 37.91
N SER H 46 -20.53 -64.96 38.19
CA SER H 46 -20.31 -64.08 39.33
C SER H 46 -20.84 -62.69 39.02
N LYS H 47 -20.74 -61.80 40.01
CA LYS H 47 -21.23 -60.44 39.85
C LYS H 47 -20.11 -59.42 39.70
N VAL H 48 -18.91 -59.74 40.18
CA VAL H 48 -17.79 -58.82 40.03
C VAL H 48 -17.49 -58.63 38.55
N GLY H 49 -16.97 -57.44 38.21
CA GLY H 49 -16.64 -57.15 36.83
C GLY H 49 -15.53 -58.03 36.31
N LEU H 50 -15.52 -58.22 34.99
CA LEU H 50 -14.51 -59.11 34.36
C LEU H 50 -13.66 -58.33 33.35
N GLY H 51 -14.28 -57.41 32.60
CA GLY H 51 -13.55 -56.69 31.59
C GLY H 51 -14.42 -56.14 30.47
N VAL H 52 -13.92 -56.21 29.23
CA VAL H 52 -14.64 -55.68 28.07
C VAL H 52 -14.30 -56.53 26.87
N LYS H 53 -15.25 -56.66 25.96
CA LYS H 53 -15.09 -57.51 24.78
C LYS H 53 -15.33 -56.66 23.53
N VAL H 54 -14.43 -56.78 22.55
CA VAL H 54 -14.56 -56.07 21.29
C VAL H 54 -15.40 -56.95 20.36
N ALA H 55 -16.71 -56.77 20.43
CA ALA H 55 -17.63 -57.66 19.73
C ALA H 55 -17.60 -57.43 18.22
N GLY H 56 -17.97 -56.23 17.78
CA GLY H 56 -18.09 -55.98 16.37
C GLY H 56 -17.35 -54.78 15.84
N ILE H 57 -16.60 -54.97 14.75
CA ILE H 57 -15.95 -53.86 14.06
C ILE H 57 -16.85 -53.41 12.91
N THR H 58 -17.78 -52.51 13.20
CA THR H 58 -18.73 -52.07 12.19
C THR H 58 -18.11 -51.01 11.31
N GLN H 59 -18.82 -50.64 10.24
CA GLN H 59 -18.40 -49.56 9.37
C GLN H 59 -19.45 -48.45 9.39
N ASP H 60 -19.26 -47.48 8.52
CA ASP H 60 -20.17 -46.33 8.40
C ASP H 60 -20.46 -46.17 6.91
N PHE H 61 -21.65 -46.61 6.49
CA PHE H 61 -21.99 -46.72 5.09
C PHE H 61 -22.75 -45.53 4.54
N THR H 62 -22.60 -44.35 5.14
CA THR H 62 -23.23 -43.15 4.57
C THR H 62 -22.36 -42.59 3.47
N ASP H 63 -23.00 -41.95 2.50
CA ASP H 63 -22.27 -41.39 1.37
C ASP H 63 -21.58 -40.09 1.75
N GLY H 64 -20.38 -39.90 1.21
CA GLY H 64 -19.66 -38.65 1.38
C GLY H 64 -20.11 -37.63 0.35
N THR H 65 -19.36 -36.53 0.30
CA THR H 65 -19.65 -35.50 -0.69
C THR H 65 -19.27 -36.01 -2.08
N THR H 66 -19.86 -35.38 -3.10
CA THR H 66 -19.55 -35.70 -4.48
C THR H 66 -18.61 -34.64 -5.05
N THR H 67 -17.50 -35.10 -5.59
CA THR H 67 -16.43 -34.21 -6.03
C THR H 67 -16.37 -34.21 -7.56
N ASN H 68 -16.48 -33.02 -8.14
CA ASN H 68 -16.32 -32.88 -9.58
C ASN H 68 -14.84 -32.96 -9.94
N THR H 69 -14.56 -33.54 -11.10
CA THR H 69 -13.17 -33.70 -11.52
C THR H 69 -12.98 -33.22 -12.95
N GLY H 70 -14.05 -33.20 -13.74
CA GLY H 70 -14.02 -32.76 -15.11
C GLY H 70 -13.89 -33.87 -16.14
N ARG H 71 -13.45 -35.05 -15.71
CA ARG H 71 -13.33 -36.17 -16.63
C ARG H 71 -14.71 -36.70 -17.02
N GLY H 72 -14.74 -37.50 -18.08
CA GLY H 72 -15.98 -38.04 -18.58
C GLY H 72 -16.22 -39.49 -18.20
N LEU H 73 -15.16 -40.29 -18.22
CA LEU H 73 -15.28 -41.73 -17.98
C LEU H 73 -15.09 -42.04 -16.50
N ASP H 74 -15.98 -41.44 -15.69
CA ASP H 74 -16.02 -41.68 -14.26
C ASP H 74 -17.32 -41.12 -13.69
N VAL H 75 -17.94 -41.87 -12.80
CA VAL H 75 -19.27 -41.59 -12.28
C VAL H 75 -19.28 -41.80 -10.77
N ALA H 76 -20.42 -41.52 -10.15
CA ALA H 76 -20.54 -41.60 -8.71
C ALA H 76 -21.98 -41.87 -8.30
N ILE H 77 -22.16 -42.78 -7.35
CA ILE H 77 -23.49 -43.07 -6.81
C ILE H 77 -23.85 -42.03 -5.75
N SER H 78 -25.14 -41.85 -5.50
CA SER H 78 -25.62 -40.90 -4.52
C SER H 78 -26.28 -41.54 -3.30
N GLN H 79 -26.87 -42.73 -3.43
CA GLN H 79 -27.57 -43.38 -2.33
C GLN H 79 -27.15 -44.83 -2.22
N ASN H 80 -27.87 -45.61 -1.43
CA ASN H 80 -27.58 -47.04 -1.28
C ASN H 80 -27.63 -47.73 -2.63
N GLY H 81 -26.56 -48.45 -2.95
CA GLY H 81 -26.41 -49.09 -4.24
C GLY H 81 -24.95 -49.32 -4.56
N PHE H 82 -24.63 -50.45 -5.18
CA PHE H 82 -23.24 -50.84 -5.37
C PHE H 82 -22.99 -51.20 -6.83
N PHE H 83 -21.89 -50.69 -7.37
CA PHE H 83 -21.40 -51.15 -8.66
C PHE H 83 -21.08 -52.62 -8.59
N ARG H 84 -21.55 -53.38 -9.58
CA ARG H 84 -21.34 -54.82 -9.66
C ARG H 84 -20.24 -55.08 -10.67
N LEU H 85 -19.15 -55.70 -10.23
CA LEU H 85 -18.00 -55.97 -11.07
C LEU H 85 -17.74 -57.47 -11.14
N VAL H 86 -17.09 -57.88 -12.23
CA VAL H 86 -16.72 -59.27 -12.45
C VAL H 86 -15.21 -59.32 -12.68
N ASP H 87 -14.55 -60.27 -12.02
CA ASP H 87 -13.11 -60.43 -12.16
C ASP H 87 -12.82 -61.33 -13.36
N SER H 88 -11.55 -61.71 -13.52
CA SER H 88 -11.17 -62.62 -14.59
C SER H 88 -11.76 -64.01 -14.38
N ASN H 89 -11.75 -64.49 -13.14
CA ASN H 89 -12.18 -65.85 -12.83
C ASN H 89 -13.69 -65.99 -12.76
N GLY H 90 -14.44 -64.90 -12.80
CA GLY H 90 -15.88 -64.96 -12.81
C GLY H 90 -16.56 -64.66 -11.49
N SER H 91 -15.82 -64.56 -10.39
CA SER H 91 -16.41 -64.21 -9.11
C SER H 91 -16.87 -62.76 -9.13
N VAL H 92 -18.05 -62.52 -8.57
CA VAL H 92 -18.71 -61.23 -8.65
C VAL H 92 -18.42 -60.44 -7.37
N PHE H 93 -17.90 -59.23 -7.53
CA PHE H 93 -17.63 -58.33 -6.42
C PHE H 93 -18.49 -57.08 -6.56
N TYR H 94 -18.46 -56.26 -5.51
CA TYR H 94 -19.21 -55.02 -5.49
C TYR H 94 -18.30 -53.91 -4.96
N SER H 95 -18.51 -52.70 -5.47
CA SER H 95 -17.65 -51.58 -5.14
C SER H 95 -18.42 -50.28 -5.25
N ARG H 96 -17.88 -49.23 -4.63
CA ARG H 96 -18.45 -47.90 -4.71
C ARG H 96 -17.54 -46.87 -5.34
N ASN H 97 -16.26 -47.19 -5.56
CA ASN H 97 -15.40 -46.31 -6.34
C ASN H 97 -15.91 -46.25 -7.77
N GLY H 98 -15.97 -45.04 -8.32
CA GLY H 98 -16.63 -44.86 -9.60
C GLY H 98 -15.79 -44.21 -10.68
N GLN H 99 -14.47 -44.41 -10.64
CA GLN H 99 -13.60 -43.96 -11.71
C GLN H 99 -13.17 -45.16 -12.54
N PHE H 100 -13.26 -45.02 -13.85
CA PHE H 100 -13.07 -46.15 -14.76
C PHE H 100 -12.12 -45.79 -15.88
N LYS H 101 -11.46 -46.81 -16.41
CA LYS H 101 -10.49 -46.69 -17.49
C LYS H 101 -11.01 -47.52 -18.66
N LEU H 102 -10.23 -47.58 -19.73
CA LEU H 102 -10.58 -48.32 -20.94
C LEU H 102 -9.46 -49.29 -21.23
N ASP H 103 -9.78 -50.43 -21.84
CA ASP H 103 -8.76 -51.43 -22.12
C ASP H 103 -8.63 -51.68 -23.62
N GLU H 104 -7.76 -52.63 -23.96
CA GLU H 104 -7.59 -53.00 -25.36
C GLU H 104 -8.88 -53.56 -25.95
N ASN H 105 -9.59 -54.41 -25.21
CA ASN H 105 -10.82 -55.01 -25.69
C ASN H 105 -12.03 -54.09 -25.59
N ARG H 106 -11.82 -52.79 -25.40
CA ARG H 106 -12.89 -51.80 -25.35
C ARG H 106 -13.88 -52.07 -24.22
N ASN H 107 -13.40 -52.67 -23.14
CA ASN H 107 -14.24 -52.93 -21.97
C ASN H 107 -14.11 -51.78 -20.99
N LEU H 108 -14.93 -51.82 -19.93
CA LEU H 108 -14.89 -50.81 -18.88
C LEU H 108 -14.35 -51.47 -17.62
N VAL H 109 -13.22 -50.96 -17.12
CA VAL H 109 -12.57 -51.53 -15.95
C VAL H 109 -12.19 -50.41 -14.99
N ASN H 110 -11.96 -50.80 -13.75
CA ASN H 110 -11.42 -49.90 -12.73
C ASN H 110 -9.91 -49.80 -12.91
N MET H 111 -9.22 -49.24 -11.92
CA MET H 111 -7.77 -49.17 -11.98
C MET H 111 -7.11 -50.52 -11.82
N GLN H 112 -7.86 -51.56 -11.43
CA GLN H 112 -7.31 -52.88 -11.19
C GLN H 112 -7.60 -53.87 -12.31
N GLY H 113 -8.36 -53.48 -13.32
CA GLY H 113 -8.68 -54.38 -14.41
C GLY H 113 -9.93 -55.21 -14.22
N MET H 114 -10.82 -54.83 -13.31
CA MET H 114 -12.06 -55.55 -13.09
C MET H 114 -13.12 -55.01 -14.05
N GLN H 115 -13.61 -55.88 -14.92
CA GLN H 115 -14.58 -55.46 -15.92
C GLN H 115 -15.89 -55.04 -15.27
N LEU H 116 -16.53 -54.02 -15.84
CA LEU H 116 -17.79 -53.53 -15.32
C LEU H 116 -18.96 -54.28 -15.95
N THR H 117 -19.81 -54.86 -15.12
CA THR H 117 -20.97 -55.60 -15.59
C THR H 117 -22.08 -54.65 -16.00
N GLY H 118 -23.05 -55.19 -16.72
CA GLY H 118 -24.19 -54.38 -17.13
C GLY H 118 -25.13 -55.17 -18.02
N TYR H 119 -26.27 -54.55 -18.29
CA TYR H 119 -27.29 -55.17 -19.13
C TYR H 119 -26.80 -55.25 -20.58
N PRO H 120 -27.28 -56.23 -21.33
CA PRO H 120 -26.91 -56.33 -22.75
C PRO H 120 -27.62 -55.28 -23.59
N ALA H 121 -27.00 -54.97 -24.72
CA ALA H 121 -27.55 -54.01 -25.69
C ALA H 121 -27.52 -54.67 -27.06
N THR H 122 -28.63 -55.25 -27.47
CA THR H 122 -28.69 -55.98 -28.73
C THR H 122 -29.99 -55.64 -29.46
N GLY H 123 -29.95 -55.81 -30.77
CA GLY H 123 -31.09 -55.54 -31.64
C GLY H 123 -30.74 -54.56 -32.75
N THR H 124 -31.72 -54.38 -33.63
CA THR H 124 -31.60 -53.45 -34.75
C THR H 124 -32.81 -52.53 -34.76
N PRO H 125 -32.71 -51.32 -34.20
CA PRO H 125 -31.53 -50.74 -33.55
C PRO H 125 -31.24 -51.38 -32.19
N PRO H 126 -30.02 -51.21 -31.68
CA PRO H 126 -29.68 -51.82 -30.39
C PRO H 126 -30.64 -51.40 -29.29
N THR H 127 -31.06 -52.37 -28.49
CA THR H 127 -32.05 -52.17 -27.45
C THR H 127 -31.57 -52.85 -26.17
N ILE H 128 -31.92 -52.28 -25.03
CA ILE H 128 -31.55 -52.80 -23.73
C ILE H 128 -32.60 -53.82 -23.33
N GLN H 129 -32.21 -55.09 -23.31
CA GLN H 129 -33.08 -56.17 -22.85
C GLN H 129 -32.89 -56.32 -21.35
N GLN H 130 -33.84 -55.81 -20.57
CA GLN H 130 -33.71 -55.83 -19.11
C GLN H 130 -33.68 -57.26 -18.59
N GLY H 131 -34.63 -58.09 -19.02
CA GLY H 131 -34.72 -59.45 -18.53
C GLY H 131 -33.68 -60.39 -19.11
N ALA H 132 -32.41 -60.04 -18.95
CA ALA H 132 -31.32 -60.87 -19.44
C ALA H 132 -30.18 -60.83 -18.42
N ASN H 133 -29.34 -61.87 -18.47
CA ASN H 133 -28.21 -61.98 -17.55
C ASN H 133 -27.21 -60.86 -17.80
N PRO H 134 -26.76 -60.19 -16.75
CA PRO H 134 -25.77 -59.11 -16.93
C PRO H 134 -24.47 -59.63 -17.52
N ALA H 135 -23.87 -58.83 -18.38
CA ALA H 135 -22.63 -59.16 -19.07
C ALA H 135 -21.67 -57.99 -18.96
N PRO H 136 -20.37 -58.24 -19.11
CA PRO H 136 -19.41 -57.13 -19.09
C PRO H 136 -19.72 -56.13 -20.19
N ILE H 137 -19.53 -54.85 -19.87
CA ILE H 137 -19.89 -53.77 -20.78
C ILE H 137 -18.69 -53.45 -21.67
N THR H 138 -18.92 -53.41 -22.97
CA THR H 138 -17.90 -53.03 -23.93
C THR H 138 -18.45 -51.94 -24.84
N ILE H 139 -17.53 -51.15 -25.41
CA ILE H 139 -17.91 -50.08 -26.32
C ILE H 139 -17.18 -50.30 -27.64
N PRO H 140 -17.66 -51.22 -28.47
CA PRO H 140 -16.87 -51.67 -29.63
C PRO H 140 -16.53 -50.53 -30.57
N ASN H 141 -15.35 -50.64 -31.18
CA ASN H 141 -14.84 -49.64 -32.11
C ASN H 141 -15.14 -50.04 -33.55
N THR H 142 -16.28 -50.65 -33.79
CA THR H 142 -16.68 -51.08 -35.12
C THR H 142 -17.28 -49.89 -35.88
N LEU H 143 -17.93 -50.18 -37.00
CA LEU H 143 -18.52 -49.16 -37.86
C LEU H 143 -20.03 -49.22 -37.77
N MET H 144 -20.67 -48.05 -37.71
CA MET H 144 -22.12 -47.98 -37.78
C MET H 144 -22.60 -48.46 -39.14
N ALA H 145 -23.68 -49.24 -39.12
CA ALA H 145 -24.23 -49.79 -40.35
C ALA H 145 -25.25 -48.85 -40.97
N ALA H 146 -25.34 -48.90 -42.29
CA ALA H 146 -26.28 -48.06 -43.01
C ALA H 146 -27.72 -48.46 -42.67
N LYS H 147 -28.62 -47.48 -42.76
CA LYS H 147 -30.03 -47.71 -42.49
C LYS H 147 -30.84 -47.02 -43.58
N SER H 148 -31.36 -47.81 -44.51
CA SER H 148 -32.05 -47.25 -45.67
C SER H 148 -33.30 -46.48 -45.25
N THR H 149 -33.56 -45.38 -45.97
CA THR H 149 -34.70 -44.55 -45.65
C THR H 149 -35.99 -45.31 -45.87
N THR H 150 -36.90 -45.22 -44.89
CA THR H 150 -38.19 -45.89 -44.98
C THR H 150 -39.35 -44.98 -44.63
N THR H 151 -39.12 -43.69 -44.45
CA THR H 151 -40.18 -42.74 -44.12
C THR H 151 -39.74 -41.35 -44.54
N ALA H 152 -40.71 -40.55 -44.97
CA ALA H 152 -40.44 -39.17 -45.35
C ALA H 152 -41.65 -38.31 -45.00
N SER H 153 -41.40 -37.04 -44.70
CA SER H 153 -42.45 -36.07 -44.41
C SER H 153 -42.02 -34.71 -44.92
N MET H 154 -42.96 -33.98 -45.53
CA MET H 154 -42.69 -32.69 -46.14
C MET H 154 -43.92 -31.80 -46.03
N GLN H 155 -43.70 -30.54 -45.67
CA GLN H 155 -44.76 -29.56 -45.55
C GLN H 155 -44.50 -28.39 -46.49
N ILE H 156 -45.56 -27.93 -47.16
CA ILE H 156 -45.46 -26.88 -48.15
C ILE H 156 -46.62 -25.92 -47.98
N ASN H 157 -46.48 -24.70 -48.50
CA ASN H 157 -47.59 -23.78 -48.67
C ASN H 157 -47.73 -23.46 -50.14
N LEU H 158 -48.95 -23.20 -50.59
CA LEU H 158 -49.24 -22.95 -51.99
C LEU H 158 -50.01 -21.66 -52.15
N ASN H 159 -49.85 -21.03 -53.32
CA ASN H 159 -50.48 -19.75 -53.60
C ASN H 159 -51.88 -19.96 -54.17
N SER H 160 -52.84 -19.14 -53.71
CA SER H 160 -54.18 -19.19 -54.26
C SER H 160 -54.22 -18.63 -55.67
N THR H 161 -53.53 -17.52 -55.90
CA THR H 161 -53.52 -16.85 -57.20
C THR H 161 -52.49 -17.42 -58.15
N ASP H 162 -51.85 -18.52 -57.80
CA ASP H 162 -50.90 -19.17 -58.69
C ASP H 162 -51.62 -19.74 -59.90
N PRO H 163 -51.25 -19.38 -61.12
CA PRO H 163 -51.93 -19.93 -62.30
C PRO H 163 -51.34 -21.28 -62.70
N VAL H 164 -52.04 -21.93 -63.63
CA VAL H 164 -51.52 -23.20 -64.17
C VAL H 164 -50.27 -22.90 -64.98
N PRO H 165 -49.33 -23.85 -65.11
CA PRO H 165 -48.14 -23.60 -65.92
C PRO H 165 -48.50 -23.43 -67.39
N SER H 166 -47.65 -22.69 -68.10
CA SER H 166 -47.90 -22.39 -69.50
C SER H 166 -47.83 -23.65 -70.36
N LYS H 167 -46.66 -24.30 -70.38
CA LYS H 167 -46.47 -25.52 -71.14
C LYS H 167 -47.18 -26.65 -70.40
N THR H 168 -48.43 -26.92 -70.80
CA THR H 168 -49.23 -27.92 -70.11
C THR H 168 -48.62 -29.32 -70.12
N PRO H 169 -48.07 -29.87 -71.23
CA PRO H 169 -47.46 -31.19 -71.14
C PRO H 169 -46.25 -31.18 -70.22
N PHE H 170 -46.33 -31.91 -69.11
CA PHE H 170 -45.30 -31.82 -68.08
C PHE H 170 -43.98 -32.38 -68.58
N SER H 171 -42.90 -31.65 -68.32
CA SER H 171 -41.54 -32.07 -68.62
C SER H 171 -40.63 -31.63 -67.50
N VAL H 172 -39.76 -32.53 -67.05
CA VAL H 172 -38.89 -32.24 -65.91
C VAL H 172 -37.69 -31.37 -66.28
N SER H 173 -37.60 -30.93 -67.53
CA SER H 173 -36.45 -30.15 -67.98
C SER H 173 -36.66 -28.64 -67.79
N ASP H 174 -37.76 -28.11 -68.29
CA ASP H 174 -38.02 -26.68 -68.25
C ASP H 174 -38.72 -26.28 -66.96
N ALA H 175 -38.32 -25.12 -66.43
CA ALA H 175 -38.86 -24.66 -65.16
C ALA H 175 -40.33 -24.26 -65.27
N ASP H 176 -40.70 -23.56 -66.34
CA ASP H 176 -42.06 -23.08 -66.50
C ASP H 176 -43.08 -24.20 -66.69
N SER H 177 -42.62 -25.42 -66.98
CA SER H 177 -43.54 -26.54 -67.13
C SER H 177 -44.20 -26.95 -65.83
N TYR H 178 -43.69 -26.50 -64.69
CA TYR H 178 -44.28 -26.83 -63.40
C TYR H 178 -44.50 -25.53 -62.62
N ASN H 179 -44.97 -25.68 -61.38
CA ASN H 179 -45.13 -24.54 -60.48
C ASN H 179 -44.04 -24.47 -59.42
N LYS H 180 -43.72 -25.61 -58.78
CA LYS H 180 -42.74 -25.59 -57.70
C LYS H 180 -41.83 -26.81 -57.79
N LYS H 181 -40.59 -26.66 -57.35
CA LYS H 181 -39.63 -27.76 -57.25
C LYS H 181 -39.08 -27.84 -55.85
N GLY H 182 -39.09 -29.04 -55.27
CA GLY H 182 -38.46 -29.29 -53.99
C GLY H 182 -37.54 -30.49 -54.07
N THR H 183 -36.59 -30.61 -53.15
CA THR H 183 -35.61 -31.68 -53.19
C THR H 183 -35.56 -32.40 -51.85
N VAL H 184 -35.10 -33.65 -51.89
CA VAL H 184 -34.89 -34.44 -50.68
C VAL H 184 -33.81 -35.46 -50.99
N THR H 185 -33.12 -35.92 -49.94
CA THR H 185 -32.06 -36.92 -50.07
C THR H 185 -32.51 -38.22 -49.43
N VAL H 186 -32.37 -39.31 -50.16
CA VAL H 186 -32.73 -40.63 -49.67
C VAL H 186 -31.49 -41.51 -49.64
N TYR H 187 -31.39 -42.33 -48.60
CA TYR H 187 -30.26 -43.22 -48.42
C TYR H 187 -30.72 -44.66 -48.60
N ASP H 188 -30.00 -45.41 -49.43
CA ASP H 188 -30.33 -46.80 -49.69
C ASP H 188 -29.72 -47.69 -48.61
N SER H 189 -29.80 -49.01 -48.84
CA SER H 189 -29.22 -49.98 -47.93
C SER H 189 -27.72 -50.19 -48.17
N GLN H 190 -27.07 -49.29 -48.91
CA GLN H 190 -25.66 -49.40 -49.19
C GLN H 190 -24.89 -48.14 -48.76
N GLY H 191 -25.60 -47.09 -48.35
CA GLY H 191 -24.96 -45.84 -48.01
C GLY H 191 -24.79 -44.87 -49.15
N ASN H 192 -25.58 -45.01 -50.21
CA ASN H 192 -25.51 -44.13 -51.37
C ASN H 192 -26.67 -43.13 -51.31
N ALA H 193 -26.36 -41.86 -51.50
CA ALA H 193 -27.38 -40.82 -51.48
C ALA H 193 -27.97 -40.63 -52.88
N HIS H 194 -29.29 -40.72 -52.96
CA HIS H 194 -30.03 -40.40 -54.18
C HIS H 194 -30.84 -39.13 -53.93
N ASP H 195 -30.96 -38.31 -54.97
CA ASP H 195 -31.69 -37.05 -54.90
C ASP H 195 -33.06 -37.27 -55.51
N MET H 196 -34.11 -37.11 -54.70
CA MET H 196 -35.49 -37.22 -55.15
C MET H 196 -36.09 -35.83 -55.19
N ASN H 197 -36.56 -35.43 -56.37
CA ASN H 197 -37.16 -34.12 -56.57
C ASN H 197 -38.66 -34.26 -56.71
N VAL H 198 -39.39 -33.43 -56.00
CA VAL H 198 -40.84 -33.35 -56.07
C VAL H 198 -41.21 -32.11 -56.86
N TYR H 199 -42.16 -32.27 -57.78
CA TYR H 199 -42.58 -31.20 -58.67
C TYR H 199 -44.08 -30.97 -58.50
N PHE H 200 -44.45 -29.70 -58.33
CA PHE H 200 -45.81 -29.31 -58.04
C PHE H 200 -46.39 -28.56 -59.23
N VAL H 201 -47.52 -29.05 -59.73
CA VAL H 201 -48.26 -28.42 -60.83
C VAL H 201 -49.70 -28.29 -60.37
N LYS H 202 -50.26 -27.08 -60.47
CA LYS H 202 -51.64 -26.89 -60.07
C LYS H 202 -52.57 -27.32 -61.20
N THR H 203 -53.57 -28.15 -60.87
CA THR H 203 -54.53 -28.58 -61.88
C THR H 203 -55.71 -27.62 -61.95
N LYS H 204 -56.39 -27.42 -60.82
CA LYS H 204 -57.46 -26.45 -60.70
C LYS H 204 -57.37 -25.81 -59.32
N ASP H 205 -58.33 -24.97 -58.99
CA ASP H 205 -58.34 -24.32 -57.69
C ASP H 205 -58.40 -25.38 -56.58
N ASN H 206 -57.55 -25.21 -55.57
CA ASN H 206 -57.45 -26.10 -54.43
C ASN H 206 -57.06 -27.52 -54.81
N GLU H 207 -56.50 -27.73 -56.00
CA GLU H 207 -56.12 -29.06 -56.44
C GLU H 207 -54.77 -29.01 -57.13
N TRP H 208 -53.83 -29.82 -56.64
CA TRP H 208 -52.47 -29.84 -57.14
C TRP H 208 -52.06 -31.27 -57.48
N ALA H 209 -50.93 -31.39 -58.16
CA ALA H 209 -50.39 -32.68 -58.58
C ALA H 209 -48.88 -32.67 -58.35
N VAL H 210 -48.36 -33.81 -57.91
CA VAL H 210 -46.96 -33.95 -57.54
C VAL H 210 -46.33 -35.03 -58.39
N TYR H 211 -45.12 -34.75 -58.85
CA TYR H 211 -44.23 -35.66 -59.56
C TYR H 211 -43.04 -35.99 -58.67
N THR H 212 -42.57 -37.23 -58.76
CA THR H 212 -41.42 -37.69 -57.99
C THR H 212 -40.38 -38.24 -58.97
N HIS H 213 -39.25 -37.55 -59.10
CA HIS H 213 -38.22 -37.91 -60.06
C HIS H 213 -36.90 -38.17 -59.35
N ASP H 214 -36.19 -39.21 -59.77
CA ASP H 214 -34.88 -39.53 -59.24
C ASP H 214 -33.82 -38.80 -60.05
N SER H 215 -33.02 -37.97 -59.37
CA SER H 215 -32.03 -37.15 -60.05
C SER H 215 -30.66 -37.81 -60.13
N SER H 216 -30.38 -38.82 -59.31
CA SER H 216 -29.06 -39.43 -59.28
C SER H 216 -28.94 -40.64 -60.20
N ASP H 217 -30.03 -41.06 -60.84
CA ASP H 217 -29.97 -42.24 -61.71
C ASP H 217 -29.73 -41.82 -63.15
N PRO H 218 -28.58 -42.12 -63.73
CA PRO H 218 -28.34 -41.72 -65.13
C PRO H 218 -29.29 -42.37 -66.12
N ALA H 219 -29.76 -43.59 -65.85
CA ALA H 219 -30.63 -44.32 -66.76
C ALA H 219 -32.11 -44.17 -66.40
N ALA H 220 -32.44 -43.17 -65.60
CA ALA H 220 -33.82 -42.95 -65.20
C ALA H 220 -34.55 -42.11 -66.26
N THR H 221 -35.69 -42.60 -66.72
CA THR H 221 -36.49 -41.86 -67.69
C THR H 221 -37.25 -40.74 -66.99
N ALA H 222 -37.52 -39.68 -67.74
CA ALA H 222 -38.34 -38.59 -67.22
C ALA H 222 -39.77 -39.09 -67.01
N PRO H 223 -40.34 -38.88 -65.83
CA PRO H 223 -41.70 -39.37 -65.57
C PRO H 223 -42.72 -38.75 -66.52
N THR H 224 -43.71 -39.54 -66.90
CA THR H 224 -44.76 -39.12 -67.81
C THR H 224 -46.04 -38.74 -67.08
N THR H 225 -46.52 -39.57 -66.17
CA THR H 225 -47.71 -39.28 -65.40
C THR H 225 -47.33 -38.76 -64.02
N ALA H 226 -48.21 -37.93 -63.47
CA ALA H 226 -47.98 -37.36 -62.15
C ALA H 226 -47.94 -38.46 -61.10
N SER H 227 -47.08 -38.26 -60.09
CA SER H 227 -47.01 -39.22 -59.01
C SER H 227 -48.31 -39.30 -58.22
N THR H 228 -48.93 -38.16 -57.92
CA THR H 228 -50.19 -38.18 -57.17
C THR H 228 -50.91 -36.85 -57.42
N THR H 229 -52.19 -36.81 -57.07
CA THR H 229 -53.00 -35.60 -57.12
C THR H 229 -53.69 -35.41 -55.79
N LEU H 230 -53.64 -34.20 -55.25
CA LEU H 230 -54.21 -33.87 -53.95
C LEU H 230 -55.20 -32.72 -54.09
N LYS H 231 -56.16 -32.68 -53.16
CA LYS H 231 -57.24 -31.70 -53.18
C LYS H 231 -57.34 -31.02 -51.82
N PHE H 232 -57.91 -29.80 -51.83
CA PHE H 232 -57.97 -28.96 -50.65
C PHE H 232 -59.42 -28.58 -50.35
N ASN H 233 -59.61 -27.99 -49.17
CA ASN H 233 -60.89 -27.40 -48.80
C ASN H 233 -61.08 -26.07 -49.53
N GLU H 234 -62.34 -25.66 -49.64
CA GLU H 234 -62.63 -24.35 -50.24
C GLU H 234 -62.05 -23.20 -49.42
N ASN H 235 -61.75 -23.44 -48.15
CA ASN H 235 -61.17 -22.42 -47.28
C ASN H 235 -59.65 -22.51 -47.20
N GLY H 236 -59.02 -23.40 -47.97
CA GLY H 236 -57.58 -23.52 -48.00
C GLY H 236 -57.02 -24.71 -47.25
N ILE H 237 -57.84 -25.40 -46.48
CA ILE H 237 -57.37 -26.51 -45.65
C ILE H 237 -57.20 -27.76 -46.52
N LEU H 238 -56.17 -28.54 -46.23
CA LEU H 238 -55.96 -29.81 -46.91
C LEU H 238 -57.08 -30.77 -46.54
N GLU H 239 -57.62 -31.47 -47.54
CA GLU H 239 -58.70 -32.43 -47.33
C GLU H 239 -58.29 -33.85 -47.66
N SER H 240 -57.81 -34.11 -48.88
CA SER H 240 -57.55 -35.46 -49.34
C SER H 240 -56.08 -35.64 -49.71
N GLY H 241 -55.67 -36.90 -49.81
CA GLY H 241 -54.30 -37.24 -50.18
C GLY H 241 -53.26 -36.81 -49.17
N GLY H 242 -53.51 -37.08 -47.90
CA GLY H 242 -52.57 -36.72 -46.85
C GLY H 242 -51.42 -37.71 -46.73
N THR H 243 -51.44 -38.76 -47.55
CA THR H 243 -50.40 -39.77 -47.50
C THR H 243 -50.16 -40.33 -48.89
N VAL H 244 -48.89 -40.46 -49.26
CA VAL H 244 -48.49 -40.99 -50.56
C VAL H 244 -47.33 -41.96 -50.34
N ASN H 245 -47.12 -42.85 -51.31
CA ASN H 245 -46.07 -43.86 -51.22
C ASN H 245 -45.20 -43.78 -52.47
N ILE H 246 -43.88 -43.76 -52.28
CA ILE H 246 -42.93 -43.56 -53.36
C ILE H 246 -41.83 -44.61 -53.25
N THR H 247 -41.16 -44.86 -54.38
CA THR H 247 -39.98 -45.71 -54.43
C THR H 247 -38.93 -45.01 -55.28
N THR H 248 -37.67 -45.16 -54.88
CA THR H 248 -36.55 -44.52 -55.56
C THR H 248 -35.80 -45.54 -56.42
N GLY H 249 -34.67 -45.11 -56.99
CA GLY H 249 -33.91 -45.94 -57.90
C GLY H 249 -32.80 -46.72 -57.22
N THR H 250 -32.28 -47.71 -57.95
CA THR H 250 -31.22 -48.57 -57.48
C THR H 250 -29.95 -48.37 -58.31
N ILE H 251 -28.82 -48.22 -57.62
CA ILE H 251 -27.55 -47.91 -58.28
C ILE H 251 -26.43 -48.61 -57.53
N ASN H 252 -25.51 -49.20 -58.30
CA ASN H 252 -24.26 -49.75 -57.75
C ASN H 252 -24.51 -50.85 -56.72
N GLY H 253 -25.25 -51.88 -57.12
CA GLY H 253 -25.46 -53.03 -56.27
C GLY H 253 -26.13 -52.70 -54.94
N ALA H 254 -27.20 -51.91 -55.00
CA ALA H 254 -27.92 -51.49 -53.82
C ALA H 254 -29.36 -51.99 -53.90
N THR H 255 -30.21 -51.48 -53.00
CA THR H 255 -31.63 -51.76 -53.03
C THR H 255 -32.40 -50.45 -53.01
N ALA H 256 -33.52 -50.43 -53.73
CA ALA H 256 -34.37 -49.26 -53.80
C ALA H 256 -35.11 -49.09 -52.47
N ALA H 257 -35.32 -47.83 -52.09
CA ALA H 257 -36.02 -47.51 -50.86
C ALA H 257 -37.49 -47.23 -51.16
N THR H 258 -38.38 -48.00 -50.56
CA THR H 258 -39.82 -47.78 -50.64
C THR H 258 -40.28 -47.14 -49.35
N PHE H 259 -40.98 -46.02 -49.45
CA PHE H 259 -41.34 -45.27 -48.25
C PHE H 259 -42.61 -44.49 -48.52
N SER H 260 -43.00 -43.66 -47.54
CA SER H 260 -44.18 -42.84 -47.63
C SER H 260 -43.82 -41.38 -47.41
N LEU H 261 -44.81 -40.51 -47.64
CA LEU H 261 -44.64 -39.07 -47.58
C LEU H 261 -45.97 -38.43 -47.23
N SER H 262 -45.95 -37.50 -46.28
CA SER H 262 -47.13 -36.78 -45.86
C SER H 262 -47.01 -35.31 -46.24
N PHE H 263 -48.15 -34.62 -46.24
CA PHE H 263 -48.24 -33.19 -46.54
C PHE H 263 -49.17 -32.52 -45.55
N LEU H 264 -49.04 -32.87 -44.27
CA LEU H 264 -49.99 -32.42 -43.26
C LEU H 264 -50.02 -30.91 -43.16
N ASN H 265 -51.23 -30.34 -43.12
CA ASN H 265 -51.52 -28.93 -42.89
C ASN H 265 -51.01 -28.03 -44.00
N SER H 266 -50.65 -28.57 -45.16
CA SER H 266 -50.32 -27.71 -46.29
C SER H 266 -51.54 -26.88 -46.68
N MET H 267 -51.33 -25.58 -46.89
CA MET H 267 -52.43 -24.64 -47.06
C MET H 267 -52.28 -23.89 -48.38
N GLN H 268 -53.37 -23.24 -48.78
CA GLN H 268 -53.38 -22.39 -49.97
C GLN H 268 -54.35 -21.25 -49.68
N GLN H 269 -53.83 -20.15 -49.15
CA GLN H 269 -54.65 -19.02 -48.70
C GLN H 269 -54.03 -17.70 -49.11
N ASN H 270 -53.59 -17.62 -50.38
CA ASN H 270 -52.91 -16.43 -50.90
C ASN H 270 -51.66 -16.12 -50.07
N THR H 271 -50.87 -17.16 -49.83
CA THR H 271 -49.74 -17.08 -48.91
C THR H 271 -48.47 -16.57 -49.59
N GLY H 272 -48.57 -15.44 -50.29
CA GLY H 272 -47.41 -14.85 -50.92
C GLY H 272 -46.73 -15.77 -51.90
N ALA H 273 -45.54 -16.23 -51.54
CA ALA H 273 -44.79 -17.20 -52.32
C ALA H 273 -44.94 -18.59 -51.72
N ASN H 274 -44.47 -19.59 -52.46
CA ASN H 274 -44.62 -20.99 -52.09
C ASN H 274 -43.25 -21.61 -51.85
N ASN H 275 -43.10 -22.30 -50.72
CA ASN H 275 -41.84 -22.93 -50.37
C ASN H 275 -42.09 -24.09 -49.41
N ILE H 276 -41.10 -24.96 -49.26
CA ILE H 276 -41.15 -26.07 -48.31
C ILE H 276 -40.60 -25.59 -46.99
N VAL H 277 -41.32 -25.89 -45.90
CA VAL H 277 -40.97 -25.32 -44.59
C VAL H 277 -40.47 -26.42 -43.65
N ALA H 278 -40.89 -27.66 -43.87
CA ALA H 278 -40.55 -28.76 -42.97
C ALA H 278 -40.23 -29.99 -43.79
N THR H 279 -39.06 -30.59 -43.52
CA THR H 279 -38.65 -31.84 -44.15
C THR H 279 -38.08 -32.78 -43.09
N ASN H 280 -38.33 -34.07 -43.27
CA ASN H 280 -37.68 -35.06 -42.40
C ASN H 280 -37.77 -36.42 -43.06
N GLN H 281 -36.86 -37.31 -42.65
CA GLN H 281 -36.80 -38.67 -43.14
C GLN H 281 -36.08 -39.52 -42.09
N ASN H 282 -35.92 -40.81 -42.38
CA ASN H 282 -35.33 -41.76 -41.43
C ASN H 282 -34.15 -42.50 -42.02
N GLY H 283 -33.34 -41.82 -42.83
CA GLY H 283 -32.18 -42.43 -43.46
C GLY H 283 -30.90 -42.11 -42.70
N TYR H 284 -30.08 -43.14 -42.50
CA TYR H 284 -28.79 -43.02 -41.83
C TYR H 284 -27.67 -43.37 -42.79
N LYS H 285 -26.60 -42.64 -42.72
CA LYS H 285 -25.40 -42.90 -43.48
C LYS H 285 -24.36 -43.56 -42.58
N PRO H 286 -23.55 -44.48 -43.11
CA PRO H 286 -22.51 -45.11 -42.28
C PRO H 286 -21.48 -44.11 -41.78
N GLY H 287 -21.44 -43.91 -40.46
CA GLY H 287 -20.57 -42.93 -39.85
C GLY H 287 -19.52 -43.57 -38.95
N ASP H 288 -18.57 -42.74 -38.51
CA ASP H 288 -17.45 -43.18 -37.69
C ASP H 288 -17.65 -42.72 -36.25
N LEU H 289 -17.40 -43.63 -35.31
CA LEU H 289 -17.49 -43.28 -33.91
C LEU H 289 -16.43 -42.25 -33.54
N VAL H 290 -16.87 -41.11 -33.01
CA VAL H 290 -15.93 -40.03 -32.67
C VAL H 290 -16.02 -39.61 -31.22
N SER H 291 -17.11 -39.86 -30.51
CA SER H 291 -17.22 -39.45 -29.12
C SER H 291 -18.22 -40.34 -28.41
N TYR H 292 -18.09 -40.43 -27.08
CA TYR H 292 -18.96 -41.25 -26.25
C TYR H 292 -19.10 -40.59 -24.89
N GLN H 293 -20.16 -40.97 -24.19
CA GLN H 293 -20.50 -40.33 -22.93
C GLN H 293 -21.32 -41.31 -22.10
N ILE H 294 -21.60 -40.92 -20.86
CA ILE H 294 -22.42 -41.72 -19.94
C ILE H 294 -23.56 -40.84 -19.45
N ASN H 295 -24.78 -41.37 -19.54
CA ASN H 295 -25.95 -40.62 -19.11
C ASN H 295 -26.14 -40.77 -17.61
N ASN H 296 -27.26 -40.28 -17.09
CA ASN H 296 -27.58 -40.39 -15.67
C ASN H 296 -28.33 -41.66 -15.33
N ASP H 297 -28.68 -42.48 -16.33
CA ASP H 297 -29.37 -43.74 -16.11
C ASP H 297 -28.49 -44.94 -16.41
N GLY H 298 -27.18 -44.73 -16.59
CA GLY H 298 -26.24 -45.79 -16.85
C GLY H 298 -26.17 -46.26 -18.27
N THR H 299 -26.91 -45.66 -19.20
CA THR H 299 -26.88 -46.06 -20.59
C THR H 299 -25.69 -45.41 -21.28
N VAL H 300 -24.73 -46.23 -21.70
CA VAL H 300 -23.55 -45.73 -22.40
C VAL H 300 -23.94 -45.44 -23.85
N VAL H 301 -23.66 -44.22 -24.30
CA VAL H 301 -24.04 -43.77 -25.64
C VAL H 301 -22.78 -43.33 -26.37
N GLY H 302 -22.60 -43.85 -27.59
CA GLY H 302 -21.48 -43.44 -28.42
C GLY H 302 -21.92 -42.65 -29.63
N ASN H 303 -21.34 -41.47 -29.83
CA ASN H 303 -21.72 -40.61 -30.95
C ASN H 303 -20.84 -40.90 -32.15
N TYR H 304 -21.48 -41.00 -33.32
CA TYR H 304 -20.80 -41.34 -34.56
C TYR H 304 -20.77 -40.13 -35.48
N SER H 305 -19.85 -40.17 -36.45
CA SER H 305 -19.63 -39.03 -37.34
C SER H 305 -20.86 -38.70 -38.18
N ASN H 306 -21.81 -39.63 -38.29
CA ASN H 306 -23.05 -39.40 -39.01
C ASN H 306 -24.16 -38.83 -38.13
N GLU H 307 -23.78 -38.09 -37.08
CA GLU H 307 -24.69 -37.59 -36.05
C GLU H 307 -25.74 -38.63 -35.67
N GLN H 308 -25.30 -39.88 -35.54
CA GLN H 308 -26.13 -40.98 -35.06
C GLN H 308 -25.58 -41.49 -33.74
N GLU H 309 -26.44 -41.62 -32.75
CA GLU H 309 -26.06 -42.20 -31.48
C GLU H 309 -26.45 -43.68 -31.45
N GLN H 310 -25.96 -44.39 -30.43
CA GLN H 310 -26.27 -45.80 -30.29
C GLN H 310 -25.99 -46.22 -28.85
N VAL H 311 -27.02 -46.71 -28.17
CA VAL H 311 -26.84 -47.18 -26.80
C VAL H 311 -26.01 -48.45 -26.80
N LEU H 312 -24.99 -48.48 -25.94
CA LEU H 312 -24.06 -49.59 -25.88
C LEU H 312 -24.23 -50.44 -24.63
N GLY H 313 -25.22 -50.15 -23.80
CA GLY H 313 -25.47 -50.95 -22.61
C GLY H 313 -25.97 -50.08 -21.48
N GLN H 314 -26.44 -50.76 -20.44
CA GLN H 314 -26.93 -50.10 -19.24
C GLN H 314 -26.24 -50.71 -18.02
N ILE H 315 -25.88 -49.86 -17.07
CA ILE H 315 -25.13 -50.26 -15.89
C ILE H 315 -26.11 -50.61 -14.78
N VAL H 316 -25.94 -51.77 -14.19
CA VAL H 316 -26.80 -52.23 -13.11
C VAL H 316 -26.22 -51.78 -11.78
N LEU H 317 -27.08 -51.73 -10.76
CA LEU H 317 -26.67 -51.45 -9.40
C LEU H 317 -27.12 -52.58 -8.49
N ALA H 318 -26.50 -52.67 -7.32
CA ALA H 318 -26.77 -53.76 -6.38
C ALA H 318 -27.04 -53.20 -5.01
N ASN H 319 -28.25 -53.43 -4.49
CA ASN H 319 -28.57 -53.19 -3.10
C ASN H 319 -28.28 -54.46 -2.30
N PHE H 320 -28.65 -54.44 -1.02
CA PHE H 320 -28.44 -55.60 -0.18
C PHE H 320 -29.54 -55.67 0.87
N ALA H 321 -30.02 -56.89 1.13
CA ALA H 321 -31.02 -57.08 2.17
C ALA H 321 -30.53 -56.60 3.53
N ASN H 322 -29.21 -56.61 3.75
CA ASN H 322 -28.63 -56.11 4.99
C ASN H 322 -27.17 -55.76 4.70
N ASN H 323 -26.83 -54.48 4.85
CA ASN H 323 -25.45 -54.05 4.67
C ASN H 323 -24.61 -54.56 5.83
N GLU H 324 -23.32 -54.25 5.80
CA GLU H 324 -22.34 -54.58 6.84
C GLU H 324 -22.06 -56.07 6.94
N GLY H 325 -22.76 -56.89 6.15
CA GLY H 325 -22.41 -58.29 6.04
C GLY H 325 -21.37 -58.47 4.96
N LEU H 326 -21.15 -57.40 4.20
CA LEU H 326 -20.15 -57.43 3.14
C LEU H 326 -18.76 -57.61 3.72
N ALA H 327 -17.95 -58.41 3.04
CA ALA H 327 -16.57 -58.61 3.45
C ALA H 327 -15.65 -57.83 2.52
N SER H 328 -14.86 -56.91 3.08
CA SER H 328 -13.90 -56.18 2.29
C SER H 328 -12.87 -57.14 1.71
N GLN H 329 -12.45 -56.87 0.47
CA GLN H 329 -11.57 -57.78 -0.24
C GLN H 329 -10.25 -57.11 -0.58
N GLY H 330 -9.69 -56.36 0.36
CA GLY H 330 -8.42 -55.71 0.10
C GLY H 330 -8.61 -54.39 -0.60
N ASP H 331 -8.50 -54.40 -1.92
CA ASP H 331 -8.85 -53.26 -2.76
C ASP H 331 -10.29 -52.84 -2.46
N ASN H 332 -10.67 -51.62 -2.86
CA ASN H 332 -11.96 -51.08 -2.43
C ASN H 332 -13.12 -51.82 -3.11
N VAL H 333 -13.30 -53.08 -2.73
CA VAL H 333 -14.38 -53.92 -3.23
C VAL H 333 -14.90 -54.77 -2.07
N TRP H 334 -16.18 -55.08 -2.11
CA TRP H 334 -16.81 -55.93 -1.12
C TRP H 334 -17.38 -57.18 -1.77
N ALA H 335 -17.29 -58.29 -1.06
CA ALA H 335 -17.88 -59.55 -1.48
C ALA H 335 -19.08 -59.88 -0.59
N ALA H 336 -20.19 -60.25 -1.21
CA ALA H 336 -21.37 -60.64 -0.46
C ALA H 336 -21.17 -62.02 0.14
N THR H 337 -21.45 -62.13 1.44
CA THR H 337 -21.30 -63.38 2.18
C THR H 337 -22.60 -63.71 2.88
N GLN H 338 -22.54 -64.71 3.75
CA GLN H 338 -23.68 -65.00 4.61
C GLN H 338 -23.92 -63.82 5.54
N ALA H 339 -25.19 -63.62 5.92
CA ALA H 339 -25.61 -62.48 6.72
C ALA H 339 -25.34 -61.16 5.99
N SER H 340 -25.39 -61.19 4.66
CA SER H 340 -25.31 -59.98 3.85
C SER H 340 -26.42 -59.87 2.82
N GLY H 341 -27.26 -60.89 2.67
CA GLY H 341 -28.37 -60.83 1.74
C GLY H 341 -28.00 -61.26 0.34
N VAL H 342 -29.03 -61.37 -0.50
CA VAL H 342 -28.86 -61.73 -1.90
C VAL H 342 -28.44 -60.49 -2.67
N ALA H 343 -27.97 -60.68 -3.91
CA ALA H 343 -27.49 -59.57 -4.71
C ALA H 343 -28.59 -58.53 -4.95
N LEU H 344 -29.75 -58.98 -5.42
CA LEU H 344 -30.91 -58.11 -5.66
C LEU H 344 -30.54 -56.97 -6.61
N LEU H 345 -30.27 -57.33 -7.86
CA LEU H 345 -29.87 -56.37 -8.87
C LEU H 345 -31.04 -55.46 -9.24
N GLY H 346 -30.74 -54.42 -10.00
CA GLY H 346 -31.75 -53.49 -10.46
C GLY H 346 -31.14 -52.43 -11.34
N THR H 347 -32.00 -51.51 -11.79
CA THR H 347 -31.57 -50.42 -12.65
C THR H 347 -30.97 -49.31 -11.79
N ALA H 348 -30.70 -48.16 -12.41
CA ALA H 348 -30.06 -47.04 -11.73
C ALA H 348 -31.06 -46.12 -11.05
N GLY H 349 -31.99 -45.56 -11.81
CA GLY H 349 -32.87 -44.54 -11.26
C GLY H 349 -33.99 -45.06 -10.38
N SER H 350 -34.89 -45.86 -10.95
CA SER H 350 -36.12 -46.25 -10.27
C SER H 350 -35.82 -47.27 -9.16
N GLY H 351 -36.88 -47.72 -8.49
CA GLY H 351 -36.71 -48.69 -7.42
C GLY H 351 -36.07 -48.05 -6.20
N ASN H 352 -35.42 -48.89 -5.39
CA ASN H 352 -34.75 -48.44 -4.19
C ASN H 352 -33.34 -47.93 -4.45
N PHE H 353 -32.84 -48.06 -5.67
CA PHE H 353 -31.50 -47.61 -6.01
C PHE H 353 -31.47 -46.11 -6.21
N GLY H 354 -30.41 -45.49 -5.69
CA GLY H 354 -30.26 -44.04 -5.79
C GLY H 354 -29.80 -43.59 -7.16
N LYS H 355 -29.80 -42.28 -7.34
CA LYS H 355 -29.43 -41.70 -8.62
C LYS H 355 -27.90 -41.72 -8.80
N LEU H 356 -27.49 -41.72 -10.06
CA LEU H 356 -26.09 -41.83 -10.43
C LEU H 356 -25.70 -40.61 -11.25
N THR H 357 -24.52 -40.04 -10.97
CA THR H 357 -24.11 -38.80 -11.60
C THR H 357 -22.74 -38.99 -12.26
N ASN H 358 -22.63 -38.54 -13.50
CA ASN H 358 -21.41 -38.68 -14.27
C ASN H 358 -20.47 -37.50 -14.04
N GLY H 359 -19.21 -37.68 -14.46
CA GLY H 359 -18.23 -36.63 -14.33
C GLY H 359 -17.86 -36.28 -12.91
N ALA H 360 -18.12 -37.17 -11.96
CA ALA H 360 -17.84 -36.90 -10.55
C ALA H 360 -17.50 -38.21 -9.85
N LEU H 361 -16.88 -38.08 -8.69
CA LEU H 361 -16.55 -39.21 -7.84
C LEU H 361 -17.13 -38.99 -6.44
N GLU H 362 -17.03 -40.01 -5.61
CA GLU H 362 -17.38 -39.89 -4.20
C GLU H 362 -16.15 -39.55 -3.38
N ALA H 363 -16.39 -39.20 -2.12
CA ALA H 363 -15.34 -38.94 -1.16
C ALA H 363 -15.24 -40.10 -0.19
N SER H 364 -14.28 -40.01 0.72
CA SER H 364 -14.07 -41.05 1.72
C SER H 364 -14.99 -40.91 2.92
N ASN H 365 -15.86 -39.89 2.91
CA ASN H 365 -16.84 -39.56 3.96
C ASN H 365 -16.21 -39.43 5.34
N VAL H 366 -14.89 -39.37 5.43
CA VAL H 366 -14.20 -39.26 6.70
C VAL H 366 -13.50 -37.91 6.73
N ASP H 367 -13.84 -37.11 7.75
CA ASP H 367 -13.31 -35.77 7.96
C ASP H 367 -12.41 -35.75 9.19
N LEU H 368 -11.35 -34.97 9.12
CA LEU H 368 -10.24 -35.11 10.06
C LEU H 368 -10.67 -34.82 11.50
N SER H 369 -11.71 -34.01 11.68
CA SER H 369 -12.06 -33.54 13.02
C SER H 369 -12.37 -34.70 13.96
N LYS H 370 -13.29 -35.59 13.57
CA LYS H 370 -13.94 -36.45 14.54
C LYS H 370 -13.11 -37.67 14.96
N GLU H 371 -12.09 -38.05 14.20
CA GLU H 371 -11.24 -39.18 14.57
C GLU H 371 -9.85 -38.74 14.97
N LEU H 372 -9.63 -37.44 15.10
CA LEU H 372 -8.43 -36.94 15.77
C LEU H 372 -8.68 -36.68 17.24
N VAL H 373 -9.94 -36.58 17.65
CA VAL H 373 -10.28 -36.41 19.05
C VAL H 373 -10.53 -37.73 19.76
N ASN H 374 -11.16 -38.72 19.10
CA ASN H 374 -11.27 -40.04 19.71
C ASN H 374 -9.91 -40.68 19.91
N MET H 375 -8.91 -40.24 19.16
CA MET H 375 -7.58 -40.83 19.26
C MET H 375 -6.93 -40.48 20.59
N ILE H 376 -7.00 -39.20 20.98
CA ILE H 376 -6.42 -38.75 22.24
C ILE H 376 -7.14 -39.39 23.41
N VAL H 377 -8.48 -39.34 23.41
CA VAL H 377 -9.22 -39.93 24.52
C VAL H 377 -9.01 -41.43 24.57
N ALA H 378 -8.79 -42.06 23.41
CA ALA H 378 -8.50 -43.48 23.36
C ALA H 378 -7.20 -43.80 24.08
N GLN H 379 -6.14 -43.05 23.77
CA GLN H 379 -4.89 -43.29 24.50
C GLN H 379 -5.00 -42.91 25.97
N ARG H 380 -5.83 -41.93 26.30
CA ARG H 380 -6.11 -41.65 27.70
C ARG H 380 -6.72 -42.85 28.39
N ASN H 381 -7.71 -43.48 27.76
CA ASN H 381 -8.28 -44.71 28.31
C ASN H 381 -7.21 -45.77 28.46
N TYR H 382 -6.32 -45.87 27.48
CA TYR H 382 -5.34 -46.94 27.46
C TYR H 382 -4.36 -46.78 28.61
N GLN H 383 -3.90 -45.54 28.85
CA GLN H 383 -3.00 -45.29 29.99
C GLN H 383 -3.72 -45.46 31.32
N SER H 384 -4.99 -45.07 31.40
CA SER H 384 -5.73 -45.30 32.63
C SER H 384 -5.82 -46.78 32.93
N ASN H 385 -6.03 -47.59 31.89
CA ASN H 385 -5.99 -49.03 32.06
C ASN H 385 -4.61 -49.50 32.50
N ALA H 386 -3.56 -48.92 31.91
CA ALA H 386 -2.17 -49.26 32.23
C ALA H 386 -1.76 -48.89 33.64
N GLN H 387 -2.40 -47.94 34.29
CA GLN H 387 -2.08 -47.64 35.69
C GLN H 387 -2.52 -48.72 36.66
N THR H 388 -3.61 -49.43 36.34
CA THR H 388 -4.07 -50.49 37.22
C THR H 388 -3.03 -51.59 37.37
N ILE H 389 -2.21 -51.82 36.35
CA ILE H 389 -1.22 -52.88 36.48
C ILE H 389 -0.02 -52.43 37.31
N LYS H 390 0.29 -51.12 37.34
CA LYS H 390 1.18 -50.62 38.38
C LYS H 390 0.60 -50.82 39.77
N THR H 391 -0.66 -50.46 39.99
CA THR H 391 -1.14 -50.60 41.39
C THR H 391 -1.16 -52.07 41.79
N GLN H 392 -1.55 -52.96 40.88
CA GLN H 392 -1.55 -54.41 41.25
C GLN H 392 -0.12 -54.85 41.55
N ASP H 393 0.84 -54.41 40.74
CA ASP H 393 2.27 -54.78 40.93
C ASP H 393 2.74 -54.24 42.29
N GLN H 394 2.41 -52.99 42.61
CA GLN H 394 2.81 -52.40 43.92
C GLN H 394 2.21 -53.26 45.05
N ILE H 395 0.94 -53.65 44.91
CA ILE H 395 0.21 -54.46 45.92
C ILE H 395 0.94 -55.79 46.10
N LEU H 396 1.31 -56.48 45.02
CA LEU H 396 1.99 -57.77 45.23
C LEU H 396 3.35 -57.53 45.88
N ASN H 397 4.03 -56.50 45.41
CA ASN H 397 5.40 -56.20 45.91
C ASN H 397 5.33 -55.97 47.42
N THR H 398 4.36 -55.21 47.92
CA THR H 398 4.42 -55.02 49.39
C THR H 398 4.08 -56.36 50.04
N LEU H 399 3.16 -57.12 49.46
CA LEU H 399 2.80 -58.36 50.17
C LEU H 399 4.00 -59.31 50.21
N VAL H 400 4.70 -59.49 49.09
CA VAL H 400 5.85 -60.43 49.12
C VAL H 400 6.92 -59.89 50.08
N ASN H 401 7.17 -58.59 50.07
CA ASN H 401 8.24 -58.08 50.95
C ASN H 401 7.89 -58.33 52.41
N LEU H 402 6.63 -58.09 52.80
CA LEU H 402 6.29 -58.27 54.24
C LEU H 402 6.52 -59.73 54.65
N SER I 2 -6.02 -36.46 55.40
CA SER I 2 -6.73 -37.55 54.74
C SER I 2 -7.02 -37.23 53.29
N PHE I 3 -7.70 -38.14 52.60
CA PHE I 3 -8.04 -37.95 51.20
C PHE I 3 -9.41 -37.30 51.01
N SER I 4 -10.28 -37.37 52.02
CA SER I 4 -11.59 -36.73 51.92
C SER I 4 -11.46 -35.23 51.74
N GLN I 5 -10.33 -34.65 52.18
CA GLN I 5 -10.10 -33.23 52.02
C GLN I 5 -10.03 -32.85 50.54
N ALA I 6 -9.35 -33.69 49.75
CA ALA I 6 -9.02 -33.34 48.37
C ALA I 6 -9.94 -33.97 47.33
N VAL I 7 -10.54 -35.12 47.62
CA VAL I 7 -11.35 -35.80 46.60
C VAL I 7 -12.57 -34.96 46.26
N SER I 8 -13.22 -34.39 47.27
CA SER I 8 -14.41 -33.57 47.01
C SER I 8 -14.04 -32.31 46.24
N GLY I 9 -12.91 -31.69 46.59
CA GLY I 9 -12.47 -30.50 45.86
C GLY I 9 -12.16 -30.81 44.41
N LEU I 10 -11.48 -31.95 44.17
CA LEU I 10 -11.17 -32.35 42.81
C LEU I 10 -12.44 -32.65 42.01
N ASN I 11 -13.40 -33.32 42.64
CA ASN I 11 -14.66 -33.60 41.98
C ASN I 11 -15.39 -32.31 41.62
N ALA I 12 -15.45 -31.37 42.56
CA ALA I 12 -16.14 -30.11 42.31
C ALA I 12 -15.40 -29.23 41.32
N ALA I 13 -14.09 -29.41 41.16
CA ALA I 13 -13.34 -28.60 40.21
C ALA I 13 -13.49 -29.05 38.77
N ALA I 14 -14.01 -30.26 38.53
CA ALA I 14 -14.21 -30.76 37.17
C ALA I 14 -15.58 -30.39 36.61
N THR I 15 -16.61 -30.35 37.45
CA THR I 15 -17.90 -29.86 37.00
C THR I 15 -17.80 -28.41 36.55
N ASN I 16 -16.88 -27.64 37.11
CA ASN I 16 -16.68 -26.27 36.68
C ASN I 16 -16.18 -26.23 35.23
N LEU I 17 -15.19 -27.06 34.91
CA LEU I 17 -14.75 -27.20 33.53
C LEU I 17 -15.89 -27.65 32.63
N ASP I 18 -16.69 -28.60 33.10
CA ASP I 18 -17.79 -29.11 32.29
C ASP I 18 -18.78 -28.00 31.97
N VAL I 19 -19.14 -27.18 32.97
CA VAL I 19 -20.09 -26.10 32.75
C VAL I 19 -19.52 -25.07 31.79
N ILE I 20 -18.24 -24.69 31.96
CA ILE I 20 -17.69 -23.68 31.07
C ILE I 20 -17.59 -24.22 29.65
N GLY I 21 -17.27 -25.51 29.50
CA GLY I 21 -17.21 -26.10 28.18
C GLY I 21 -18.57 -26.13 27.52
N ASN I 22 -19.61 -26.49 28.27
CA ASN I 22 -20.96 -26.45 27.73
C ASN I 22 -21.36 -25.03 27.33
N ASN I 23 -20.92 -24.03 28.11
CA ASN I 23 -21.16 -22.65 27.72
C ASN I 23 -20.45 -22.30 26.42
N ILE I 24 -19.21 -22.76 26.27
CA ILE I 24 -18.44 -22.48 25.05
C ILE I 24 -19.12 -23.10 23.84
N ALA I 25 -19.57 -24.35 23.97
CA ALA I 25 -20.15 -25.05 22.83
C ALA I 25 -21.40 -24.36 22.33
N ASN I 26 -22.25 -23.90 23.23
CA ASN I 26 -23.52 -23.28 22.88
C ASN I 26 -23.41 -21.76 22.72
N SER I 27 -22.22 -21.26 22.39
CA SER I 27 -22.04 -19.82 22.21
C SER I 27 -22.81 -19.26 21.03
N ALA I 28 -23.33 -20.10 20.13
CA ALA I 28 -24.10 -19.66 18.99
C ALA I 28 -25.58 -20.00 19.07
N THR I 29 -26.01 -20.78 20.06
CA THR I 29 -27.42 -21.09 20.23
C THR I 29 -28.19 -19.80 20.51
N TYR I 30 -29.15 -19.48 19.63
CA TYR I 30 -29.79 -18.18 19.68
C TYR I 30 -30.59 -17.99 20.96
N GLY I 31 -31.32 -19.01 21.39
CA GLY I 31 -32.13 -18.90 22.58
C GLY I 31 -31.50 -19.51 23.80
N PHE I 32 -30.19 -19.30 23.98
CA PHE I 32 -29.44 -19.91 25.06
C PHE I 32 -29.12 -18.90 26.16
N LYS I 33 -29.13 -19.38 27.39
CA LYS I 33 -28.72 -18.60 28.55
C LYS I 33 -27.62 -19.37 29.28
N SER I 34 -26.51 -18.69 29.54
CA SER I 34 -25.33 -19.36 30.09
C SER I 34 -25.60 -19.82 31.52
N GLY I 35 -24.61 -20.50 32.10
CA GLY I 35 -24.73 -21.02 33.45
C GLY I 35 -23.38 -21.08 34.15
N THR I 36 -23.43 -21.40 35.44
CA THR I 36 -22.25 -21.54 36.27
C THR I 36 -22.63 -22.34 37.52
N ALA I 37 -21.64 -22.63 38.34
CA ALA I 37 -21.83 -23.47 39.51
C ALA I 37 -21.98 -22.61 40.77
N SER I 38 -22.54 -23.22 41.82
CA SER I 38 -22.69 -22.58 43.12
C SER I 38 -22.07 -23.48 44.17
N PHE I 39 -20.88 -23.14 44.62
CA PHE I 39 -20.14 -23.97 45.57
C PHE I 39 -20.55 -23.65 47.01
N ALA I 40 -20.18 -24.55 47.91
CA ALA I 40 -20.45 -24.42 49.33
C ALA I 40 -19.56 -25.39 50.09
N ASP I 41 -19.07 -24.96 51.24
CA ASP I 41 -18.16 -25.78 52.04
C ASP I 41 -18.94 -26.71 52.96
N MET I 42 -18.22 -27.65 53.56
CA MET I 42 -18.79 -28.59 54.52
C MET I 42 -18.00 -28.53 55.81
N PHE I 43 -18.68 -28.81 56.92
CA PHE I 43 -18.05 -28.81 58.24
C PHE I 43 -18.78 -29.79 59.13
N ALA I 44 -18.05 -30.79 59.63
CA ALA I 44 -18.60 -31.73 60.58
C ALA I 44 -18.54 -31.12 61.98
N GLY I 45 -18.76 -31.94 63.00
CA GLY I 45 -18.70 -31.47 64.37
C GLY I 45 -17.33 -31.02 64.82
N SER I 46 -16.28 -31.35 64.08
CA SER I 46 -14.93 -30.94 64.42
C SER I 46 -14.69 -29.49 63.98
N LYS I 47 -13.46 -29.03 64.15
CA LYS I 47 -13.08 -27.67 63.78
C LYS I 47 -12.39 -27.60 62.43
N VAL I 48 -11.74 -28.67 61.98
CA VAL I 48 -11.03 -28.67 60.71
C VAL I 48 -12.04 -28.73 59.57
N GLY I 49 -11.56 -28.49 58.35
CA GLY I 49 -12.40 -28.48 57.14
C GLY I 49 -12.74 -29.88 56.63
N LEU I 50 -13.59 -29.99 55.62
CA LEU I 50 -13.93 -31.33 55.10
C LEU I 50 -13.92 -31.27 53.59
N GLY I 51 -14.18 -30.10 53.00
CA GLY I 51 -14.22 -30.03 51.55
C GLY I 51 -15.29 -29.09 51.04
N VAL I 52 -15.42 -29.02 49.72
CA VAL I 52 -16.39 -28.14 49.07
C VAL I 52 -17.49 -29.00 48.45
N LYS I 53 -18.73 -28.56 48.62
CA LYS I 53 -19.89 -29.25 48.08
C LYS I 53 -20.57 -28.38 47.03
N VAL I 54 -21.12 -29.02 46.01
CA VAL I 54 -21.81 -28.31 44.93
C VAL I 54 -23.27 -28.15 45.34
N ALA I 55 -23.71 -26.90 45.48
CA ALA I 55 -25.10 -26.64 45.83
C ALA I 55 -26.02 -26.64 44.62
N GLY I 56 -25.45 -26.59 43.41
CA GLY I 56 -26.26 -26.63 42.21
C GLY I 56 -25.78 -25.70 41.11
N ILE I 57 -26.30 -25.87 39.91
CA ILE I 57 -25.94 -25.06 38.76
C ILE I 57 -26.99 -23.99 38.57
N THR I 58 -26.55 -22.73 38.54
CA THR I 58 -27.41 -21.60 38.26
C THR I 58 -27.20 -21.13 36.83
N GLN I 59 -28.15 -20.35 36.33
CA GLN I 59 -28.08 -19.83 34.97
C GLN I 59 -28.22 -18.31 34.98
N ASP I 60 -27.51 -17.66 34.07
CA ASP I 60 -27.56 -16.21 33.91
C ASP I 60 -28.71 -15.89 32.98
N PHE I 61 -29.86 -15.56 33.56
CA PHE I 61 -31.08 -15.31 32.80
C PHE I 61 -31.15 -13.90 32.23
N THR I 62 -30.02 -13.20 32.10
CA THR I 62 -30.03 -11.90 31.47
C THR I 62 -30.43 -12.02 30.00
N ASP I 63 -30.75 -10.89 29.40
CA ASP I 63 -31.19 -10.85 28.02
C ASP I 63 -30.00 -10.66 27.08
N GLY I 64 -30.10 -11.27 25.89
CA GLY I 64 -29.04 -11.24 24.92
C GLY I 64 -29.26 -10.17 23.85
N THR I 65 -28.21 -9.97 23.07
CA THR I 65 -28.22 -8.94 22.02
C THR I 65 -29.16 -9.37 20.91
N THR I 66 -30.27 -8.66 20.78
CA THR I 66 -31.27 -8.98 19.76
C THR I 66 -30.72 -8.57 18.40
N THR I 67 -30.20 -9.53 17.65
CA THR I 67 -29.64 -9.25 16.33
C THR I 67 -30.75 -9.31 15.28
N ASN I 68 -30.88 -8.24 14.49
CA ASN I 68 -31.86 -8.20 13.44
C ASN I 68 -31.54 -9.24 12.36
N THR I 69 -32.58 -9.84 11.81
CA THR I 69 -32.41 -10.83 10.75
C THR I 69 -33.27 -10.49 9.54
N GLY I 70 -34.40 -9.81 9.76
CA GLY I 70 -35.26 -9.37 8.70
C GLY I 70 -36.26 -10.40 8.21
N ARG I 71 -36.07 -11.67 8.55
CA ARG I 71 -37.01 -12.69 8.08
C ARG I 71 -38.26 -12.69 8.97
N GLY I 72 -39.41 -12.81 8.31
CA GLY I 72 -40.69 -12.47 8.91
C GLY I 72 -41.04 -13.11 10.24
N LEU I 73 -41.18 -14.43 10.26
CA LEU I 73 -41.69 -15.13 11.43
C LEU I 73 -40.61 -15.34 12.49
N ASP I 74 -39.92 -14.25 12.87
CA ASP I 74 -38.83 -14.31 13.85
C ASP I 74 -39.05 -13.22 14.90
N VAL I 75 -39.81 -13.54 15.93
CA VAL I 75 -40.05 -12.61 17.04
C VAL I 75 -38.96 -12.79 18.07
N ALA I 76 -38.57 -11.69 18.72
CA ALA I 76 -37.53 -11.72 19.74
C ALA I 76 -38.07 -11.12 21.02
N ILE I 77 -37.88 -11.83 22.13
CA ILE I 77 -38.34 -11.36 23.43
C ILE I 77 -37.30 -10.42 24.02
N SER I 78 -37.78 -9.25 24.47
CA SER I 78 -36.90 -8.19 24.96
C SER I 78 -36.51 -8.38 26.42
N GLN I 79 -37.50 -8.58 27.29
CA GLN I 79 -37.26 -8.69 28.72
C GLN I 79 -38.16 -9.82 29.25
N ASN I 80 -38.31 -9.87 30.58
CA ASN I 80 -38.94 -10.99 31.28
C ASN I 80 -40.15 -11.53 30.55
N GLY I 81 -40.11 -12.81 30.21
CA GLY I 81 -41.17 -13.48 29.49
C GLY I 81 -40.72 -14.83 28.99
N PHE I 82 -41.71 -15.66 28.65
CA PHE I 82 -41.44 -17.03 28.20
C PHE I 82 -42.53 -17.46 27.24
N PHE I 83 -42.15 -17.91 26.05
CA PHE I 83 -43.09 -18.54 25.14
C PHE I 83 -43.61 -19.83 25.75
N ARG I 84 -44.93 -20.01 25.70
CA ARG I 84 -45.57 -21.22 26.20
C ARG I 84 -45.84 -22.15 25.01
N LEU I 85 -45.38 -23.39 25.12
CA LEU I 85 -45.48 -24.36 24.03
C LEU I 85 -46.17 -25.62 24.54
N VAL I 86 -46.89 -26.28 23.64
CA VAL I 86 -47.53 -27.56 23.98
C VAL I 86 -46.90 -28.66 23.15
N ASP I 87 -47.32 -29.91 23.39
CA ASP I 87 -46.81 -31.04 22.62
C ASP I 87 -47.94 -31.98 22.24
N SER I 88 -47.59 -33.15 21.69
CA SER I 88 -48.60 -34.13 21.31
C SER I 88 -49.35 -34.65 22.53
N ASN I 89 -48.64 -34.88 23.62
CA ASN I 89 -49.20 -35.51 24.81
C ASN I 89 -49.77 -34.51 25.81
N GLY I 90 -49.77 -33.22 25.47
CA GLY I 90 -50.35 -32.20 26.33
C GLY I 90 -49.41 -31.59 27.33
N SER I 91 -48.18 -32.07 27.43
CA SER I 91 -47.22 -31.45 28.34
C SER I 91 -46.88 -30.04 27.85
N VAL I 92 -46.68 -29.13 28.81
CA VAL I 92 -46.47 -27.72 28.51
C VAL I 92 -45.03 -27.37 28.84
N PHE I 93 -44.33 -26.81 27.86
CA PHE I 93 -42.94 -26.36 28.01
C PHE I 93 -42.89 -24.84 27.86
N TYR I 94 -41.74 -24.27 28.19
CA TYR I 94 -41.53 -22.83 28.10
C TYR I 94 -40.16 -22.58 27.49
N SER I 95 -40.10 -21.63 26.55
CA SER I 95 -38.89 -21.43 25.76
C SER I 95 -38.67 -19.96 25.50
N ARG I 96 -37.47 -19.65 24.98
CA ARG I 96 -37.10 -18.31 24.60
C ARG I 96 -36.71 -18.17 23.14
N ASN I 97 -36.51 -19.28 22.42
CA ASN I 97 -36.16 -19.19 21.01
C ASN I 97 -37.30 -18.56 20.22
N GLY I 98 -36.94 -17.77 19.21
CA GLY I 98 -37.92 -16.99 18.49
C GLY I 98 -37.96 -17.19 16.99
N GLN I 99 -37.77 -18.42 16.53
CA GLN I 99 -37.93 -18.74 15.11
C GLN I 99 -38.98 -19.83 14.98
N PHE I 100 -40.16 -19.46 14.49
CA PHE I 100 -41.29 -20.37 14.36
C PHE I 100 -41.71 -20.47 12.90
N LYS I 101 -42.00 -21.69 12.46
CA LYS I 101 -42.44 -21.95 11.11
C LYS I 101 -43.94 -22.22 11.10
N LEU I 102 -44.48 -22.39 9.91
CA LEU I 102 -45.88 -22.75 9.70
C LEU I 102 -45.93 -24.13 9.08
N ASP I 103 -46.58 -25.08 9.74
CA ASP I 103 -46.54 -26.45 9.28
C ASP I 103 -47.51 -26.66 8.10
N GLU I 104 -47.45 -27.86 7.54
CA GLU I 104 -48.34 -28.23 6.45
C GLU I 104 -49.80 -28.26 6.87
N ASN I 105 -50.08 -28.35 8.17
CA ASN I 105 -51.43 -28.32 8.70
C ASN I 105 -51.86 -26.93 9.12
N ARG I 106 -51.05 -25.90 8.81
CA ARG I 106 -51.37 -24.51 9.09
C ARG I 106 -51.48 -24.21 10.57
N ASN I 107 -50.59 -24.78 11.38
CA ASN I 107 -50.48 -24.47 12.80
C ASN I 107 -49.09 -23.88 13.04
N LEU I 108 -49.04 -22.72 13.68
CA LEU I 108 -47.75 -22.12 14.01
C LEU I 108 -46.99 -23.02 14.96
N VAL I 109 -45.80 -23.44 14.55
CA VAL I 109 -45.06 -24.49 15.24
C VAL I 109 -43.60 -24.11 15.29
N ASN I 110 -42.95 -24.34 16.44
CA ASN I 110 -41.54 -24.03 16.57
C ASN I 110 -40.72 -24.93 15.65
N MET I 111 -39.41 -24.71 15.63
CA MET I 111 -38.61 -25.44 14.65
C MET I 111 -38.36 -26.88 15.06
N GLN I 112 -38.61 -27.24 16.33
CA GLN I 112 -38.48 -28.62 16.79
C GLN I 112 -39.75 -29.43 16.65
N GLY I 113 -40.87 -28.82 16.25
CA GLY I 113 -42.14 -29.50 16.14
C GLY I 113 -43.15 -29.19 17.23
N MET I 114 -42.76 -28.53 18.31
CA MET I 114 -43.70 -28.13 19.34
C MET I 114 -44.64 -27.06 18.83
N GLN I 115 -45.89 -27.12 19.26
CA GLN I 115 -46.92 -26.19 18.81
C GLN I 115 -46.93 -24.96 19.69
N LEU I 116 -46.70 -23.79 19.09
CA LEU I 116 -46.81 -22.53 19.81
C LEU I 116 -48.25 -22.32 20.25
N THR I 117 -48.43 -21.72 21.43
CA THR I 117 -49.73 -21.59 22.06
C THR I 117 -50.04 -20.13 22.33
N GLY I 118 -51.32 -19.76 22.19
CA GLY I 118 -51.75 -18.42 22.46
C GLY I 118 -53.26 -18.36 22.66
N TYR I 119 -53.76 -17.14 22.84
CA TYR I 119 -55.19 -16.95 23.03
C TYR I 119 -55.95 -17.29 21.75
N PRO I 120 -57.17 -17.79 21.87
CA PRO I 120 -57.97 -18.10 20.68
C PRO I 120 -58.55 -16.85 20.04
N ALA I 121 -58.98 -17.01 18.79
CA ALA I 121 -59.65 -15.96 18.03
C ALA I 121 -61.03 -16.47 17.64
N THR I 122 -62.05 -16.02 18.35
CA THR I 122 -63.41 -16.49 18.14
C THR I 122 -64.36 -15.30 18.10
N GLY I 123 -65.33 -15.36 17.19
CA GLY I 123 -66.31 -14.32 17.04
C GLY I 123 -66.38 -13.80 15.61
N THR I 124 -67.47 -13.08 15.34
CA THR I 124 -67.70 -12.45 14.04
C THR I 124 -67.91 -10.96 14.26
N PRO I 125 -66.91 -10.11 13.99
CA PRO I 125 -65.57 -10.44 13.47
C PRO I 125 -64.69 -11.13 14.50
N PRO I 126 -63.60 -11.77 14.05
CA PRO I 126 -62.73 -12.48 15.00
C PRO I 126 -62.21 -11.55 16.09
N THR I 127 -62.22 -12.06 17.32
CA THR I 127 -61.77 -11.31 18.48
C THR I 127 -61.09 -12.26 19.45
N ILE I 128 -60.19 -11.71 20.26
CA ILE I 128 -59.53 -12.48 21.29
C ILE I 128 -60.33 -12.38 22.58
N GLN I 129 -60.19 -13.41 23.42
CA GLN I 129 -60.90 -13.46 24.70
C GLN I 129 -59.91 -13.89 25.77
N GLN I 130 -59.62 -13.00 26.71
CA GLN I 130 -58.65 -13.30 27.76
C GLN I 130 -59.13 -14.44 28.65
N GLY I 131 -60.42 -14.45 28.98
CA GLY I 131 -60.97 -15.47 29.85
C GLY I 131 -61.19 -16.79 29.14
N ALA I 132 -60.20 -17.26 28.38
CA ALA I 132 -60.28 -18.51 27.66
C ALA I 132 -58.99 -19.29 27.84
N ASN I 133 -59.10 -20.62 27.84
CA ASN I 133 -57.94 -21.47 27.97
C ASN I 133 -57.05 -21.35 26.74
N PRO I 134 -55.75 -21.10 26.91
CA PRO I 134 -54.87 -20.95 25.75
C PRO I 134 -54.84 -22.22 24.90
N ALA I 135 -54.74 -22.02 23.59
CA ALA I 135 -54.80 -23.11 22.62
C ALA I 135 -53.77 -22.88 21.53
N PRO I 136 -53.36 -23.92 20.78
CA PRO I 136 -52.41 -23.71 19.70
C PRO I 136 -52.97 -22.78 18.64
N ILE I 137 -52.07 -22.01 18.03
CA ILE I 137 -52.43 -21.00 17.05
C ILE I 137 -52.37 -21.60 15.66
N THR I 138 -53.43 -21.37 14.88
CA THR I 138 -53.51 -21.88 13.51
C THR I 138 -53.61 -20.72 12.55
N ILE I 139 -53.20 -20.98 11.30
CA ILE I 139 -53.23 -19.97 10.25
C ILE I 139 -53.98 -20.55 9.06
N PRO I 140 -55.31 -20.64 9.12
CA PRO I 140 -56.06 -21.29 8.03
C PRO I 140 -55.91 -20.54 6.72
N ASN I 141 -55.95 -21.30 5.63
CA ASN I 141 -55.86 -20.77 4.27
C ASN I 141 -57.23 -20.78 3.59
N THR I 142 -58.28 -20.54 4.35
CA THR I 142 -59.64 -20.59 3.83
C THR I 142 -59.97 -19.30 3.10
N LEU I 143 -61.24 -19.12 2.75
CA LEU I 143 -61.72 -17.94 2.06
C LEU I 143 -62.67 -17.18 2.98
N MET I 144 -62.41 -15.89 3.17
CA MET I 144 -63.18 -15.09 4.10
C MET I 144 -64.55 -14.79 3.49
N ALA I 145 -65.60 -15.35 4.10
CA ALA I 145 -66.95 -15.13 3.62
C ALA I 145 -67.35 -13.67 3.78
N ALA I 146 -68.11 -13.17 2.81
CA ALA I 146 -68.48 -11.76 2.79
C ALA I 146 -69.46 -11.45 3.92
N LYS I 147 -69.50 -10.17 4.30
CA LYS I 147 -70.46 -9.68 5.29
C LYS I 147 -71.21 -8.51 4.66
N SER I 148 -72.53 -8.58 4.69
CA SER I 148 -73.36 -7.53 4.12
C SER I 148 -73.19 -6.24 4.90
N THR I 149 -73.17 -5.11 4.18
CA THR I 149 -73.14 -3.81 4.84
C THR I 149 -74.38 -3.62 5.68
N THR I 150 -74.19 -3.50 7.00
CA THR I 150 -75.30 -3.36 7.93
C THR I 150 -75.31 -2.01 8.62
N THR I 151 -74.41 -1.11 8.23
CA THR I 151 -74.39 0.24 8.79
C THR I 151 -73.78 1.17 7.75
N ALA I 152 -74.27 2.41 7.73
CA ALA I 152 -73.73 3.43 6.86
C ALA I 152 -73.71 4.76 7.59
N SER I 153 -72.59 5.47 7.48
CA SER I 153 -72.43 6.77 8.12
C SER I 153 -71.87 7.75 7.12
N MET I 154 -72.44 8.96 7.09
CA MET I 154 -72.00 10.00 6.18
C MET I 154 -71.92 11.31 6.94
N GLN I 155 -70.84 12.06 6.69
CA GLN I 155 -70.65 13.38 7.28
C GLN I 155 -70.62 14.40 6.15
N ILE I 156 -71.52 15.39 6.23
CA ILE I 156 -71.75 16.34 5.15
C ILE I 156 -71.65 17.74 5.71
N ASN I 157 -70.92 18.61 5.03
CA ASN I 157 -70.85 20.03 5.33
C ASN I 157 -71.52 20.78 4.19
N LEU I 158 -72.79 21.14 4.39
CA LEU I 158 -73.61 21.71 3.34
C LEU I 158 -73.45 23.23 3.28
N ASN I 159 -73.54 23.77 2.07
CA ASN I 159 -73.56 25.22 1.91
C ASN I 159 -74.90 25.78 2.38
N SER I 160 -74.86 27.02 2.86
CA SER I 160 -76.06 27.66 3.41
C SER I 160 -76.81 28.52 2.39
N THR I 161 -76.09 29.17 1.47
CA THR I 161 -76.72 30.13 0.58
C THR I 161 -77.18 29.53 -0.74
N ASP I 162 -77.03 28.22 -0.95
CA ASP I 162 -77.47 27.62 -2.20
C ASP I 162 -78.99 27.72 -2.33
N PRO I 163 -79.48 28.12 -3.49
CA PRO I 163 -80.93 28.32 -3.66
C PRO I 163 -81.69 27.01 -3.82
N VAL I 164 -83.01 27.08 -3.67
CA VAL I 164 -83.90 25.96 -3.95
C VAL I 164 -83.89 25.74 -5.46
N PRO I 165 -83.83 24.50 -5.95
CA PRO I 165 -83.78 24.28 -7.41
C PRO I 165 -85.02 24.77 -8.13
N SER I 166 -84.96 24.80 -9.46
CA SER I 166 -86.03 25.40 -10.26
C SER I 166 -87.23 24.48 -10.37
N LYS I 167 -87.05 23.28 -10.92
CA LYS I 167 -88.17 22.38 -11.13
C LYS I 167 -88.77 21.95 -9.79
N THR I 168 -90.09 22.03 -9.69
CA THR I 168 -90.76 21.78 -8.42
C THR I 168 -90.63 20.34 -7.94
N PRO I 169 -90.80 19.30 -8.79
CA PRO I 169 -90.57 17.94 -8.29
C PRO I 169 -89.13 17.50 -8.51
N PHE I 170 -88.72 16.45 -7.80
CA PHE I 170 -87.38 15.90 -7.96
C PHE I 170 -87.46 14.61 -8.75
N SER I 171 -86.58 14.48 -9.75
CA SER I 171 -86.44 13.26 -10.53
C SER I 171 -84.98 12.86 -10.56
N VAL I 172 -84.73 11.55 -10.72
CA VAL I 172 -83.37 11.03 -10.68
C VAL I 172 -82.53 11.62 -11.82
N SER I 173 -83.12 11.78 -13.00
CA SER I 173 -82.35 12.21 -14.16
C SER I 173 -82.08 13.71 -14.14
N ASP I 174 -83.07 14.51 -13.75
CA ASP I 174 -82.97 15.95 -13.88
C ASP I 174 -81.92 16.53 -12.94
N ALA I 175 -81.00 17.30 -13.51
CA ALA I 175 -79.89 17.85 -12.73
C ALA I 175 -80.37 18.96 -11.80
N ASP I 176 -81.19 19.87 -12.31
CA ASP I 176 -81.65 21.00 -11.51
C ASP I 176 -82.95 20.73 -10.76
N SER I 177 -83.23 19.47 -10.42
CA SER I 177 -84.30 19.14 -9.50
C SER I 177 -83.78 18.79 -8.10
N TYR I 178 -82.50 19.04 -7.85
CA TYR I 178 -81.88 18.75 -6.56
C TYR I 178 -80.67 19.67 -6.40
N ASN I 179 -79.91 19.45 -5.33
CA ASN I 179 -78.75 20.28 -5.04
C ASN I 179 -77.44 19.50 -5.08
N LYS I 180 -77.35 18.37 -4.38
CA LYS I 180 -76.09 17.64 -4.30
C LYS I 180 -76.34 16.15 -4.44
N LYS I 181 -75.56 15.49 -5.27
CA LYS I 181 -75.64 14.04 -5.46
C LYS I 181 -74.38 13.39 -4.91
N GLY I 182 -74.57 12.41 -4.01
CA GLY I 182 -73.49 11.59 -3.51
C GLY I 182 -73.82 10.12 -3.69
N THR I 183 -72.83 9.28 -3.43
CA THR I 183 -73.04 7.84 -3.55
C THR I 183 -72.23 7.11 -2.48
N VAL I 184 -72.71 5.92 -2.12
CA VAL I 184 -72.03 5.05 -1.18
C VAL I 184 -72.11 3.63 -1.72
N THR I 185 -71.16 2.80 -1.28
CA THR I 185 -71.11 1.40 -1.71
C THR I 185 -71.47 0.48 -0.55
N VAL I 186 -72.41 -0.42 -0.81
CA VAL I 186 -72.85 -1.40 0.17
C VAL I 186 -72.80 -2.78 -0.47
N TYR I 187 -72.92 -3.81 0.36
CA TYR I 187 -72.85 -5.19 -0.10
C TYR I 187 -74.01 -5.99 0.48
N ASP I 188 -74.51 -6.93 -0.31
CA ASP I 188 -75.44 -7.94 0.18
C ASP I 188 -74.67 -9.09 0.80
N SER I 189 -75.40 -10.05 1.38
CA SER I 189 -74.71 -11.17 2.01
C SER I 189 -74.33 -12.22 0.97
N GLN I 190 -73.78 -11.78 -0.16
CA GLN I 190 -73.07 -12.66 -1.08
C GLN I 190 -71.81 -12.06 -1.65
N GLY I 191 -71.58 -10.76 -1.55
CA GLY I 191 -70.46 -10.11 -2.18
C GLY I 191 -70.76 -9.39 -3.48
N ASN I 192 -71.99 -8.88 -3.65
CA ASN I 192 -72.37 -8.15 -4.84
C ASN I 192 -72.54 -6.68 -4.49
N ALA I 193 -71.84 -5.82 -5.22
CA ALA I 193 -71.81 -4.40 -4.90
C ALA I 193 -73.13 -3.73 -5.26
N HIS I 194 -73.59 -2.84 -4.40
CA HIS I 194 -74.73 -1.97 -4.67
C HIS I 194 -74.29 -0.53 -4.42
N ASP I 195 -74.45 0.31 -5.44
CA ASP I 195 -74.08 1.72 -5.35
C ASP I 195 -75.34 2.52 -5.04
N MET I 196 -75.56 2.79 -3.76
CA MET I 196 -76.72 3.54 -3.32
C MET I 196 -76.42 5.02 -3.46
N ASN I 197 -77.17 5.70 -4.31
CA ASN I 197 -77.01 7.14 -4.47
C ASN I 197 -77.97 7.89 -3.56
N VAL I 198 -77.54 9.07 -3.13
CA VAL I 198 -78.34 9.93 -2.28
C VAL I 198 -78.37 11.32 -2.91
N TYR I 199 -79.56 11.91 -2.89
CA TYR I 199 -79.78 13.23 -3.47
C TYR I 199 -80.28 14.16 -2.38
N PHE I 200 -79.61 15.30 -2.23
CA PHE I 200 -79.95 16.29 -1.23
C PHE I 200 -80.48 17.53 -1.94
N VAL I 201 -81.67 17.96 -1.53
CA VAL I 201 -82.30 19.15 -2.09
C VAL I 201 -82.76 20.04 -0.94
N LYS I 202 -82.37 21.31 -0.97
CA LYS I 202 -82.73 22.24 0.08
C LYS I 202 -84.18 22.65 -0.09
N THR I 203 -85.06 22.10 0.76
CA THR I 203 -86.48 22.40 0.61
C THR I 203 -86.78 23.83 1.02
N LYS I 204 -86.18 24.30 2.10
CA LYS I 204 -86.35 25.66 2.61
C LYS I 204 -85.17 25.95 3.52
N ASP I 205 -85.26 27.04 4.28
CA ASP I 205 -84.18 27.41 5.18
C ASP I 205 -83.98 26.34 6.24
N ASN I 206 -82.72 25.93 6.40
CA ASN I 206 -82.32 24.93 7.41
C ASN I 206 -83.09 23.63 7.30
N GLU I 207 -83.67 23.33 6.14
CA GLU I 207 -84.42 22.11 5.94
C GLU I 207 -84.05 21.49 4.60
N TRP I 208 -83.61 20.23 4.63
CA TRP I 208 -83.18 19.54 3.43
C TRP I 208 -83.90 18.21 3.32
N ALA I 209 -84.07 17.76 2.08
CA ALA I 209 -84.71 16.49 1.78
C ALA I 209 -83.68 15.56 1.13
N VAL I 210 -83.64 14.31 1.60
CA VAL I 210 -82.70 13.31 1.15
C VAL I 210 -83.48 12.18 0.51
N TYR I 211 -83.11 11.84 -0.73
CA TYR I 211 -83.73 10.75 -1.48
C TYR I 211 -82.68 9.68 -1.75
N THR I 212 -82.99 8.44 -1.38
CA THR I 212 -82.09 7.32 -1.64
C THR I 212 -82.57 6.52 -2.83
N HIS I 213 -81.64 6.13 -3.69
CA HIS I 213 -81.96 5.45 -4.93
C HIS I 213 -80.94 4.36 -5.21
N ASP I 214 -81.43 3.18 -5.60
CA ASP I 214 -80.54 2.10 -6.01
C ASP I 214 -80.14 2.26 -7.47
N SER I 215 -78.89 1.93 -7.76
CA SER I 215 -78.39 1.99 -9.12
C SER I 215 -77.82 0.67 -9.62
N SER I 216 -77.79 -0.36 -8.78
CA SER I 216 -77.30 -1.68 -9.17
C SER I 216 -78.40 -2.62 -9.63
N ASP I 217 -79.66 -2.20 -9.57
CA ASP I 217 -80.78 -3.06 -9.93
C ASP I 217 -81.76 -2.30 -10.82
N PRO I 218 -82.05 -2.81 -12.03
CA PRO I 218 -83.09 -2.19 -12.85
C PRO I 218 -84.48 -2.27 -12.24
N ALA I 219 -84.71 -3.22 -11.32
CA ALA I 219 -86.01 -3.37 -10.68
C ALA I 219 -86.36 -2.22 -9.76
N ALA I 220 -85.39 -1.38 -9.39
CA ALA I 220 -85.64 -0.23 -8.53
C ALA I 220 -86.24 0.91 -9.34
N THR I 221 -87.25 1.57 -8.76
CA THR I 221 -87.96 2.67 -9.39
C THR I 221 -87.44 4.00 -8.87
N ALA I 222 -87.74 5.06 -9.61
CA ALA I 222 -87.33 6.40 -9.22
C ALA I 222 -88.11 6.84 -8.00
N PRO I 223 -87.45 7.23 -6.90
CA PRO I 223 -88.18 7.64 -5.70
C PRO I 223 -88.87 8.98 -5.90
N THR I 224 -90.19 8.99 -5.72
CA THR I 224 -90.95 10.23 -5.81
C THR I 224 -91.16 10.89 -4.45
N THR I 225 -90.96 10.16 -3.37
CA THR I 225 -91.10 10.70 -2.03
C THR I 225 -89.73 10.83 -1.36
N ALA I 226 -89.60 11.83 -0.50
CA ALA I 226 -88.34 12.05 0.20
C ALA I 226 -88.07 10.92 1.17
N SER I 227 -86.87 10.34 1.08
CA SER I 227 -86.49 9.28 2.01
C SER I 227 -86.39 9.80 3.43
N THR I 228 -85.82 10.99 3.62
CA THR I 228 -85.64 11.55 4.95
C THR I 228 -85.64 13.07 4.82
N THR I 229 -85.88 13.75 5.94
CA THR I 229 -85.76 15.20 6.00
C THR I 229 -84.88 15.58 7.18
N LEU I 230 -83.94 16.49 6.93
CA LEU I 230 -82.99 16.94 7.94
C LEU I 230 -83.23 18.40 8.25
N LYS I 231 -83.07 18.74 9.53
CA LYS I 231 -83.28 20.10 10.02
C LYS I 231 -82.02 20.57 10.73
N PHE I 232 -81.79 21.88 10.70
CA PHE I 232 -80.53 22.44 11.18
C PHE I 232 -80.81 23.52 12.22
N ASN I 233 -79.87 23.66 13.16
CA ASN I 233 -79.97 24.63 14.24
C ASN I 233 -79.69 26.03 13.71
N GLU I 234 -79.87 27.02 14.58
CA GLU I 234 -79.62 28.41 14.21
C GLU I 234 -78.17 28.62 13.79
N ASN I 235 -77.23 28.03 14.53
CA ASN I 235 -75.81 28.13 14.20
C ASN I 235 -75.39 27.19 13.08
N GLY I 236 -76.33 26.52 12.42
CA GLY I 236 -76.00 25.56 11.39
C GLY I 236 -75.70 24.17 11.90
N ILE I 237 -75.99 23.88 13.16
CA ILE I 237 -75.76 22.57 13.73
C ILE I 237 -76.95 21.67 13.41
N LEU I 238 -76.68 20.37 13.24
CA LEU I 238 -77.76 19.42 13.04
C LEU I 238 -78.61 19.30 14.31
N GLU I 239 -79.91 19.14 14.12
CA GLU I 239 -80.85 19.03 15.24
C GLU I 239 -81.46 17.65 15.34
N SER I 240 -82.09 17.15 14.27
CA SER I 240 -82.81 15.89 14.33
C SER I 240 -82.81 15.24 12.95
N GLY I 241 -83.28 14.00 12.92
CA GLY I 241 -83.34 13.25 11.68
C GLY I 241 -82.04 12.64 11.23
N GLY I 242 -81.12 12.37 12.16
CA GLY I 242 -79.81 11.86 11.77
C GLY I 242 -79.83 10.51 11.11
N THR I 243 -80.66 9.59 11.62
CA THR I 243 -80.63 8.21 11.18
C THR I 243 -81.91 7.82 10.45
N VAL I 244 -81.78 6.85 9.55
CA VAL I 244 -82.91 6.32 8.80
C VAL I 244 -82.55 4.94 8.28
N ASN I 245 -83.53 4.04 8.27
CA ASN I 245 -83.32 2.69 7.75
C ASN I 245 -83.46 2.68 6.24
N ILE I 246 -82.59 1.92 5.58
CA ILE I 246 -82.55 1.83 4.12
C ILE I 246 -82.41 0.37 3.72
N THR I 247 -83.19 -0.04 2.72
CA THR I 247 -83.15 -1.40 2.20
C THR I 247 -82.72 -1.37 0.73
N THR I 248 -81.77 -2.24 0.39
CA THR I 248 -81.26 -2.31 -0.97
C THR I 248 -82.01 -3.40 -1.74
N GLY I 249 -81.66 -3.54 -3.03
CA GLY I 249 -82.26 -4.54 -3.89
C GLY I 249 -81.54 -5.87 -3.79
N THR I 250 -81.69 -6.68 -4.84
CA THR I 250 -81.08 -8.00 -4.87
C THR I 250 -80.54 -8.28 -6.26
N ILE I 251 -79.47 -9.08 -6.32
CA ILE I 251 -78.89 -9.55 -7.57
C ILE I 251 -78.71 -11.06 -7.47
N ASN I 252 -79.06 -11.76 -8.55
CA ASN I 252 -78.93 -13.21 -8.63
C ASN I 252 -79.72 -13.89 -7.52
N GLY I 253 -80.85 -13.31 -7.15
CA GLY I 253 -81.66 -13.86 -6.07
C GLY I 253 -80.96 -13.91 -4.73
N ALA I 254 -80.09 -12.94 -4.45
CA ALA I 254 -79.35 -12.93 -3.19
C ALA I 254 -80.25 -12.38 -2.08
N THR I 255 -79.65 -12.16 -0.91
CA THR I 255 -80.37 -11.60 0.22
C THR I 255 -80.31 -10.09 0.20
N ALA I 256 -81.44 -9.45 0.52
CA ALA I 256 -81.53 -8.01 0.59
C ALA I 256 -80.97 -7.53 1.92
N ALA I 257 -80.28 -6.40 1.88
CA ALA I 257 -79.61 -5.84 3.05
C ALA I 257 -80.37 -4.64 3.59
N THR I 258 -80.79 -4.74 4.84
CA THR I 258 -81.39 -3.62 5.56
C THR I 258 -80.36 -3.04 6.52
N PHE I 259 -80.22 -1.72 6.50
CA PHE I 259 -79.16 -1.13 7.29
C PHE I 259 -79.54 0.30 7.67
N SER I 260 -79.07 0.72 8.83
CA SER I 260 -79.27 2.11 9.22
C SER I 260 -78.22 2.99 8.54
N LEU I 261 -78.59 4.25 8.34
CA LEU I 261 -77.71 5.24 7.74
C LEU I 261 -77.85 6.52 8.55
N SER I 262 -76.73 7.07 8.99
CA SER I 262 -76.71 8.24 9.86
C SER I 262 -75.93 9.37 9.23
N PHE I 263 -76.55 10.54 9.13
CA PHE I 263 -75.89 11.76 8.67
C PHE I 263 -75.41 12.59 9.87
N LEU I 264 -74.60 11.94 10.70
CA LEU I 264 -74.17 12.56 11.95
C LEU I 264 -73.14 13.65 11.69
N ASN I 265 -73.19 14.69 12.53
CA ASN I 265 -72.21 15.79 12.51
C ASN I 265 -72.24 16.54 11.19
N SER I 266 -73.43 17.01 10.81
CA SER I 266 -73.58 17.82 9.61
C SER I 266 -73.63 19.30 9.98
N MET I 267 -73.01 20.14 9.14
CA MET I 267 -72.98 21.57 9.41
C MET I 267 -73.37 22.32 8.14
N GLN I 268 -74.49 23.03 8.19
CA GLN I 268 -74.88 23.98 7.15
C GLN I 268 -74.37 25.34 7.62
N GLN I 269 -73.19 25.72 7.14
CA GLN I 269 -72.45 26.81 7.75
C GLN I 269 -71.84 27.72 6.70
N ASN I 270 -72.42 27.73 5.50
CA ASN I 270 -71.97 28.60 4.41
C ASN I 270 -70.48 28.42 4.14
N THR I 271 -70.05 27.17 4.05
CA THR I 271 -68.64 26.85 3.86
C THR I 271 -68.29 26.67 2.38
N GLY I 272 -68.65 27.66 1.56
CA GLY I 272 -68.33 27.58 0.15
C GLY I 272 -69.37 26.80 -0.64
N ALA I 273 -69.05 25.54 -0.94
CA ALA I 273 -69.97 24.65 -1.64
C ALA I 273 -70.04 23.33 -0.87
N ASN I 274 -70.94 22.47 -1.30
CA ASN I 274 -71.13 21.19 -0.63
C ASN I 274 -69.93 20.27 -0.87
N ASN I 275 -69.56 19.54 0.18
CA ASN I 275 -68.51 18.53 0.08
C ASN I 275 -68.61 17.54 1.23
N ILE I 276 -68.79 16.27 0.92
CA ILE I 276 -68.94 15.23 1.93
C ILE I 276 -67.57 14.90 2.51
N VAL I 277 -67.50 14.79 3.84
CA VAL I 277 -66.23 14.59 4.52
C VAL I 277 -65.90 13.10 4.59
N ALA I 278 -66.77 12.32 5.23
CA ALA I 278 -66.48 10.91 5.49
C ALA I 278 -67.68 10.05 5.12
N THR I 279 -67.40 8.89 4.55
CA THR I 279 -68.42 7.88 4.24
C THR I 279 -67.89 6.53 4.70
N ASN I 280 -68.63 5.87 5.58
CA ASN I 280 -68.17 4.61 6.17
C ASN I 280 -69.29 3.59 6.17
N GLN I 281 -68.89 2.31 6.11
CA GLN I 281 -69.82 1.20 6.15
C GLN I 281 -69.16 0.06 6.92
N ASN I 282 -69.87 -1.07 7.02
CA ASN I 282 -69.38 -2.25 7.71
C ASN I 282 -69.48 -3.49 6.84
N GLY I 283 -69.12 -3.36 5.56
CA GLY I 283 -69.20 -4.47 4.63
C GLY I 283 -67.91 -4.64 3.86
N TYR I 284 -67.78 -5.82 3.24
CA TYR I 284 -66.62 -6.13 2.43
C TYR I 284 -66.98 -7.25 1.46
N LYS I 285 -66.30 -7.26 0.32
CA LYS I 285 -66.41 -8.37 -0.61
C LYS I 285 -65.61 -9.56 -0.08
N PRO I 286 -65.95 -10.77 -0.50
CA PRO I 286 -65.17 -11.93 -0.07
C PRO I 286 -63.77 -11.92 -0.67
N GLY I 287 -62.82 -12.50 0.06
CA GLY I 287 -61.45 -12.51 -0.37
C GLY I 287 -60.66 -13.62 0.32
N ASP I 288 -59.44 -13.80 -0.14
CA ASP I 288 -58.56 -14.87 0.31
C ASP I 288 -57.38 -14.30 1.10
N LEU I 289 -56.49 -15.20 1.51
CA LEU I 289 -55.29 -14.84 2.25
C LEU I 289 -54.25 -14.27 1.29
N VAL I 290 -53.80 -13.04 1.54
CA VAL I 290 -52.77 -12.44 0.70
C VAL I 290 -51.50 -12.24 1.51
N SER I 291 -51.63 -12.07 2.83
CA SER I 291 -50.44 -11.97 3.67
C SER I 291 -50.83 -12.21 5.12
N TYR I 292 -49.84 -12.56 5.93
CA TYR I 292 -49.99 -12.67 7.37
C TYR I 292 -48.73 -12.15 8.04
N GLN I 293 -48.88 -11.65 9.26
CA GLN I 293 -47.75 -11.06 9.96
C GLN I 293 -48.02 -11.09 11.46
N ILE I 294 -47.00 -10.74 12.22
CA ILE I 294 -47.06 -10.65 13.68
C ILE I 294 -46.74 -9.21 14.07
N ASN I 295 -47.68 -8.56 14.74
CA ASN I 295 -47.45 -7.20 15.22
C ASN I 295 -46.68 -7.26 16.53
N ASN I 296 -46.30 -6.10 17.06
CA ASN I 296 -45.56 -6.05 18.31
C ASN I 296 -46.43 -6.34 19.52
N ASP I 297 -47.75 -6.25 19.38
CA ASP I 297 -48.65 -6.56 20.48
C ASP I 297 -48.70 -8.04 20.80
N GLY I 298 -48.21 -8.89 19.90
CA GLY I 298 -48.26 -10.32 20.08
C GLY I 298 -49.36 -11.02 19.32
N THR I 299 -50.16 -10.29 18.56
CA THR I 299 -51.23 -10.89 17.78
C THR I 299 -50.76 -11.19 16.36
N VAL I 300 -51.26 -12.29 15.81
CA VAL I 300 -50.99 -12.66 14.42
C VAL I 300 -52.18 -12.21 13.60
N VAL I 301 -51.93 -11.34 12.62
CA VAL I 301 -52.98 -10.70 11.83
C VAL I 301 -52.80 -11.09 10.38
N GLY I 302 -53.89 -11.52 9.74
CA GLY I 302 -53.88 -11.84 8.33
C GLY I 302 -54.55 -10.75 7.54
N ASN I 303 -53.80 -10.16 6.61
CA ASN I 303 -54.32 -9.19 5.66
C ASN I 303 -54.79 -9.92 4.40
N TYR I 304 -55.95 -9.55 3.90
CA TYR I 304 -56.61 -10.26 2.81
C TYR I 304 -56.69 -9.38 1.57
N SER I 305 -57.04 -10.02 0.45
CA SER I 305 -57.10 -9.34 -0.83
C SER I 305 -58.22 -8.32 -0.90
N ASN I 306 -59.25 -8.45 -0.07
CA ASN I 306 -60.42 -7.58 -0.12
C ASN I 306 -60.28 -6.37 0.81
N GLU I 307 -59.06 -5.92 1.05
CA GLU I 307 -58.78 -4.78 1.93
C GLU I 307 -59.42 -5.02 3.30
N GLN I 308 -58.97 -6.09 3.95
CA GLN I 308 -59.47 -6.49 5.26
C GLN I 308 -58.32 -7.09 6.06
N GLU I 309 -58.47 -7.07 7.38
CA GLU I 309 -57.52 -7.69 8.27
C GLU I 309 -58.29 -8.45 9.34
N GLN I 310 -57.79 -9.64 9.69
CA GLN I 310 -58.43 -10.48 10.69
C GLN I 310 -57.40 -10.95 11.70
N VAL I 311 -57.72 -10.81 12.98
CA VAL I 311 -56.83 -11.29 14.03
C VAL I 311 -56.98 -12.80 14.16
N LEU I 312 -55.87 -13.46 14.45
CA LEU I 312 -55.83 -14.90 14.61
C LEU I 312 -55.28 -15.29 15.97
N GLY I 313 -55.70 -14.58 17.01
CA GLY I 313 -55.24 -14.84 18.34
C GLY I 313 -54.01 -14.02 18.71
N GLN I 314 -53.51 -14.29 19.91
CA GLN I 314 -52.36 -13.58 20.44
C GLN I 314 -51.49 -14.54 21.22
N ILE I 315 -50.18 -14.43 21.03
CA ILE I 315 -49.22 -15.31 21.68
C ILE I 315 -49.28 -15.06 23.18
N VAL I 316 -49.60 -16.09 23.95
CA VAL I 316 -49.68 -15.97 25.41
C VAL I 316 -48.27 -16.01 25.98
N LEU I 317 -47.83 -14.89 26.54
CA LEU I 317 -46.57 -14.89 27.28
C LEU I 317 -46.82 -15.35 28.71
N ALA I 318 -45.74 -15.77 29.35
CA ALA I 318 -45.84 -16.29 30.72
C ALA I 318 -44.53 -16.01 31.45
N ASN I 319 -44.62 -15.44 32.64
CA ASN I 319 -43.46 -15.21 33.49
C ASN I 319 -43.61 -16.02 34.77
N PHE I 320 -42.50 -16.56 35.25
CA PHE I 320 -42.50 -17.40 36.43
C PHE I 320 -42.16 -16.59 37.68
N ALA I 321 -42.87 -16.90 38.76
CA ALA I 321 -42.61 -16.23 40.03
C ALA I 321 -41.22 -16.54 40.57
N ASN I 322 -40.57 -17.59 40.06
CA ASN I 322 -39.25 -17.99 40.53
C ASN I 322 -38.53 -18.67 39.37
N ASN I 323 -37.61 -17.96 38.74
CA ASN I 323 -36.79 -18.56 37.71
C ASN I 323 -35.74 -19.46 38.36
N GLU I 324 -35.02 -20.21 37.51
CA GLU I 324 -34.03 -21.18 37.95
C GLU I 324 -34.62 -22.29 38.83
N GLY I 325 -35.93 -22.39 38.86
CA GLY I 325 -36.57 -23.61 39.31
C GLY I 325 -36.90 -24.44 38.10
N LEU I 326 -36.67 -23.84 36.93
CA LEU I 326 -37.01 -24.46 35.65
C LEU I 326 -35.94 -25.47 35.28
N ALA I 327 -36.35 -26.73 35.16
CA ALA I 327 -35.43 -27.76 34.68
C ALA I 327 -35.41 -27.76 33.15
N SER I 328 -34.21 -27.72 32.57
CA SER I 328 -34.08 -27.80 31.13
C SER I 328 -34.53 -29.17 30.63
N GLN I 329 -35.10 -29.20 29.43
CA GLN I 329 -35.68 -30.42 28.89
C GLN I 329 -34.99 -30.83 27.60
N GLY I 330 -33.66 -30.82 27.60
CA GLY I 330 -32.93 -31.19 26.40
C GLY I 330 -32.79 -30.01 25.46
N ASP I 331 -33.64 -29.94 24.44
CA ASP I 331 -33.68 -28.78 23.58
C ASP I 331 -34.05 -27.54 24.40
N ASN I 332 -33.96 -26.39 23.76
CA ASN I 332 -34.05 -25.12 24.48
C ASN I 332 -35.47 -24.85 25.00
N VAL I 333 -35.94 -25.72 25.90
CA VAL I 333 -37.21 -25.52 26.60
C VAL I 333 -37.01 -25.89 28.07
N TRP I 334 -37.90 -25.36 28.90
CA TRP I 334 -37.87 -25.59 30.33
C TRP I 334 -39.21 -26.14 30.79
N ALA I 335 -39.17 -26.94 31.85
CA ALA I 335 -40.35 -27.59 32.41
C ALA I 335 -40.76 -26.88 33.70
N ALA I 336 -42.09 -26.74 33.88
CA ALA I 336 -42.64 -26.12 35.08
C ALA I 336 -42.64 -27.16 36.20
N THR I 337 -41.69 -27.04 37.12
CA THR I 337 -41.53 -27.99 38.20
C THR I 337 -41.89 -27.34 39.53
N GLN I 338 -41.84 -28.13 40.60
CA GLN I 338 -42.02 -27.59 41.93
C GLN I 338 -40.84 -26.70 42.30
N ALA I 339 -41.08 -25.80 43.26
CA ALA I 339 -40.14 -24.75 43.65
C ALA I 339 -39.82 -23.80 42.49
N SER I 340 -40.57 -23.89 41.40
CA SER I 340 -40.42 -22.98 40.27
C SER I 340 -41.64 -22.11 40.04
N GLY I 341 -42.76 -22.40 40.69
CA GLY I 341 -43.96 -21.60 40.57
C GLY I 341 -44.97 -22.21 39.62
N VAL I 342 -45.91 -21.37 39.19
CA VAL I 342 -46.98 -21.76 38.28
C VAL I 342 -46.81 -20.93 37.02
N ALA I 343 -47.69 -21.13 36.03
CA ALA I 343 -47.56 -20.45 34.75
C ALA I 343 -47.52 -18.94 34.93
N LEU I 344 -48.57 -18.36 35.50
CA LEU I 344 -48.69 -16.91 35.68
C LEU I 344 -48.55 -16.20 34.33
N LEU I 345 -49.50 -16.49 33.44
CA LEU I 345 -49.44 -16.03 32.07
C LEU I 345 -50.14 -14.67 31.91
N GLY I 346 -50.06 -14.15 30.69
CA GLY I 346 -50.68 -12.88 30.39
C GLY I 346 -50.28 -12.42 29.00
N THR I 347 -50.88 -11.31 28.59
CA THR I 347 -50.59 -10.76 27.27
C THR I 347 -49.18 -10.18 27.21
N ALA I 348 -48.60 -10.22 26.01
CA ALA I 348 -47.25 -9.72 25.80
C ALA I 348 -47.14 -8.22 25.86
N GLY I 349 -48.27 -7.50 25.87
CA GLY I 349 -48.25 -6.06 25.81
C GLY I 349 -47.65 -5.38 27.03
N SER I 350 -48.29 -5.52 28.17
CA SER I 350 -47.89 -4.78 29.37
C SER I 350 -48.15 -5.65 30.59
N GLY I 351 -48.15 -5.02 31.76
CA GLY I 351 -48.29 -5.75 33.01
C GLY I 351 -46.95 -5.96 33.68
N ASN I 352 -46.42 -7.17 33.58
CA ASN I 352 -45.10 -7.50 34.10
C ASN I 352 -44.13 -7.94 33.02
N PHE I 353 -44.57 -8.05 31.77
CA PHE I 353 -43.80 -8.71 30.74
C PHE I 353 -43.01 -7.70 29.91
N GLY I 354 -42.12 -8.23 29.07
CA GLY I 354 -41.36 -7.41 28.14
C GLY I 354 -42.11 -7.20 26.83
N LYS I 355 -41.47 -6.46 25.94
CA LYS I 355 -42.05 -6.19 24.63
C LYS I 355 -41.48 -7.15 23.59
N LEU I 356 -41.96 -7.02 22.36
CA LEU I 356 -41.59 -7.92 21.27
C LEU I 356 -41.09 -7.11 20.08
N THR I 357 -40.36 -7.79 19.20
CA THR I 357 -39.86 -7.20 17.96
C THR I 357 -40.31 -8.08 16.80
N ASN I 358 -40.53 -7.46 15.64
CA ASN I 358 -41.13 -8.17 14.52
C ASN I 358 -40.17 -9.19 13.93
N GLY I 359 -39.06 -8.72 13.37
CA GLY I 359 -38.04 -9.64 12.88
C GLY I 359 -36.73 -9.54 13.63
N ALA I 360 -36.42 -10.54 14.45
CA ALA I 360 -35.19 -10.57 15.24
C ALA I 360 -35.12 -11.88 16.01
N LEU I 361 -33.92 -12.21 16.47
CA LEU I 361 -33.69 -13.32 17.38
C LEU I 361 -32.75 -12.86 18.50
N GLU I 362 -32.76 -13.61 19.59
CA GLU I 362 -31.86 -13.34 20.70
C GLU I 362 -30.50 -13.96 20.45
N ALA I 363 -29.50 -13.49 21.19
CA ALA I 363 -28.18 -14.07 21.16
C ALA I 363 -28.03 -15.02 22.34
N SER I 364 -26.85 -15.63 22.47
CA SER I 364 -26.58 -16.56 23.54
C SER I 364 -26.07 -15.89 24.80
N ASN I 365 -25.84 -14.57 24.76
CA ASN I 365 -25.34 -13.77 25.87
C ASN I 365 -24.05 -14.35 26.46
N VAL I 366 -23.41 -15.24 25.71
CA VAL I 366 -22.16 -15.87 26.14
C VAL I 366 -21.00 -15.13 25.49
N ASP I 367 -20.09 -14.64 26.30
CA ASP I 367 -18.89 -13.97 25.82
C ASP I 367 -17.70 -14.89 26.07
N LEU I 368 -16.98 -15.21 25.00
CA LEU I 368 -15.91 -16.20 25.08
C LEU I 368 -14.69 -15.65 25.82
N SER I 369 -14.49 -14.33 25.77
CA SER I 369 -13.29 -13.73 26.36
C SER I 369 -13.24 -13.94 27.86
N LYS I 370 -14.39 -14.06 28.52
CA LYS I 370 -14.41 -14.31 29.96
C LYS I 370 -14.46 -15.79 30.30
N GLU I 371 -14.94 -16.63 29.40
CA GLU I 371 -14.98 -18.06 29.66
C GLU I 371 -13.61 -18.70 29.46
N LEU I 372 -12.82 -18.20 28.52
CA LEU I 372 -11.52 -18.81 28.26
C LEU I 372 -10.55 -18.63 29.43
N VAL I 373 -10.57 -17.47 30.07
CA VAL I 373 -9.71 -17.27 31.23
C VAL I 373 -10.22 -18.11 32.41
N ASN I 374 -11.53 -18.30 32.51
CA ASN I 374 -12.08 -19.21 33.49
C ASN I 374 -11.58 -20.63 33.27
N MET I 375 -11.44 -21.02 32.00
CA MET I 375 -10.79 -22.29 31.68
C MET I 375 -9.43 -22.39 32.38
N ILE I 376 -8.62 -21.34 32.25
CA ILE I 376 -7.27 -21.37 32.82
C ILE I 376 -7.32 -21.47 34.33
N VAL I 377 -8.14 -20.63 34.97
CA VAL I 377 -8.16 -20.62 36.43
C VAL I 377 -8.68 -21.95 36.97
N ALA I 378 -9.68 -22.53 36.31
CA ALA I 378 -10.21 -23.81 36.76
C ALA I 378 -9.20 -24.93 36.54
N GLN I 379 -8.46 -24.88 35.43
CA GLN I 379 -7.41 -25.88 35.20
C GLN I 379 -6.35 -25.82 36.28
N ARG I 380 -5.90 -24.60 36.63
CA ARG I 380 -4.89 -24.48 37.67
C ARG I 380 -5.43 -24.95 39.02
N ASN I 381 -6.70 -24.65 39.32
CA ASN I 381 -7.31 -25.17 40.54
C ASN I 381 -7.30 -26.70 40.55
N TYR I 382 -7.65 -27.31 39.42
CA TYR I 382 -7.65 -28.76 39.32
C TYR I 382 -6.26 -29.32 39.55
N GLN I 383 -5.25 -28.68 38.96
CA GLN I 383 -3.87 -29.16 39.13
C GLN I 383 -3.43 -29.06 40.58
N SER I 384 -3.80 -27.98 41.26
CA SER I 384 -3.46 -27.86 42.68
C SER I 384 -4.14 -28.95 43.50
N ASN I 385 -5.41 -29.22 43.20
CA ASN I 385 -6.12 -30.29 43.91
C ASN I 385 -5.46 -31.63 43.66
N ALA I 386 -5.00 -31.86 42.42
CA ALA I 386 -4.24 -33.07 42.10
C ALA I 386 -2.92 -33.15 42.86
N GLN I 387 -2.27 -32.01 43.10
CA GLN I 387 -1.09 -31.94 43.96
C GLN I 387 -1.39 -32.35 45.39
N THR I 388 -2.55 -31.94 45.91
CA THR I 388 -2.89 -32.25 47.29
C THR I 388 -2.96 -33.75 47.54
N ILE I 389 -3.61 -34.50 46.64
CA ILE I 389 -3.77 -35.93 46.85
C ILE I 389 -2.43 -36.63 46.74
N LYS I 390 -1.55 -36.16 45.86
CA LYS I 390 -0.21 -36.72 45.77
C LYS I 390 0.57 -36.48 47.06
N THR I 391 0.43 -35.28 47.64
CA THR I 391 1.07 -35.01 48.92
C THR I 391 0.57 -35.96 50.00
N GLN I 392 -0.75 -36.15 50.08
CA GLN I 392 -1.33 -37.05 51.08
C GLN I 392 -0.82 -38.48 50.88
N ASP I 393 -0.79 -38.94 49.63
CA ASP I 393 -0.28 -40.27 49.35
C ASP I 393 1.18 -40.40 49.75
N GLN I 394 1.98 -39.37 49.47
CA GLN I 394 3.39 -39.41 49.82
C GLN I 394 3.61 -39.51 51.33
N ILE I 395 2.86 -38.71 52.09
CA ILE I 395 3.06 -38.74 53.54
C ILE I 395 2.58 -40.06 54.12
N LEU I 396 1.45 -40.57 53.62
CA LEU I 396 0.98 -41.85 54.14
C LEU I 396 1.94 -42.97 53.78
N ASN I 397 2.57 -42.80 52.62
CA ASN I 397 3.58 -43.74 52.08
C ASN I 397 4.80 -43.75 53.00
N THR I 398 5.28 -42.58 53.38
CA THR I 398 6.48 -42.50 54.25
C THR I 398 6.20 -43.21 55.57
N LEU I 399 4.99 -43.02 56.09
CA LEU I 399 4.54 -43.60 57.38
C LEU I 399 4.30 -45.11 57.25
N VAL I 400 3.94 -45.60 56.05
CA VAL I 400 3.75 -47.04 55.95
C VAL I 400 5.08 -47.78 55.92
N ASN I 401 6.01 -47.33 55.08
CA ASN I 401 7.24 -48.11 54.89
C ASN I 401 8.09 -48.20 56.14
N LEU I 402 7.83 -47.36 57.14
CA LEU I 402 8.57 -47.39 58.39
C LEU I 402 8.29 -48.69 59.14
N SER J 2 17.18 -22.51 56.73
CA SER J 2 16.47 -23.54 56.00
C SER J 2 15.47 -22.93 55.02
N PHE J 3 14.20 -23.31 55.16
CA PHE J 3 13.17 -22.77 54.28
C PHE J 3 12.96 -21.27 54.49
N SER J 4 13.33 -20.75 55.65
CA SER J 4 13.07 -19.34 55.95
C SER J 4 13.76 -18.43 54.94
N GLN J 5 15.00 -18.75 54.58
CA GLN J 5 15.72 -17.95 53.60
C GLN J 5 15.02 -17.91 52.25
N ALA J 6 14.24 -18.94 51.92
CA ALA J 6 13.58 -18.99 50.62
C ALA J 6 12.15 -18.46 50.68
N VAL J 7 11.27 -19.11 51.46
CA VAL J 7 9.84 -18.85 51.35
C VAL J 7 9.53 -17.38 51.58
N SER J 8 10.09 -16.78 52.64
CA SER J 8 9.87 -15.36 52.89
C SER J 8 10.24 -14.54 51.67
N GLY J 9 11.47 -14.72 51.18
CA GLY J 9 11.86 -14.03 49.95
C GLY J 9 10.93 -14.37 48.81
N LEU J 10 10.57 -15.64 48.68
CA LEU J 10 9.62 -16.06 47.67
C LEU J 10 8.35 -15.23 47.76
N ASN J 11 7.80 -15.12 48.98
CA ASN J 11 6.62 -14.29 49.18
C ASN J 11 6.82 -12.90 48.61
N ALA J 12 7.95 -12.26 48.95
CA ALA J 12 8.23 -10.93 48.45
C ALA J 12 8.09 -10.89 46.94
N ALA J 13 8.74 -11.84 46.25
CA ALA J 13 8.68 -11.86 44.80
C ALA J 13 7.24 -11.89 44.33
N ALA J 14 6.44 -12.80 44.89
CA ALA J 14 5.04 -12.90 44.50
C ALA J 14 4.35 -11.55 44.67
N THR J 15 4.51 -10.95 45.85
CA THR J 15 3.87 -9.66 46.10
C THR J 15 4.26 -8.66 45.03
N ASN J 16 5.55 -8.63 44.68
CA ASN J 16 6.01 -7.70 43.66
C ASN J 16 5.20 -7.89 42.38
N LEU J 17 5.14 -9.13 41.86
CA LEU J 17 4.39 -9.35 40.64
C LEU J 17 2.98 -8.81 40.77
N ASP J 18 2.34 -9.07 41.92
CA ASP J 18 0.95 -8.68 42.06
C ASP J 18 0.81 -7.17 41.93
N VAL J 19 1.67 -6.39 42.59
CA VAL J 19 1.51 -4.94 42.49
C VAL J 19 1.72 -4.52 41.04
N ILE J 20 2.67 -5.16 40.36
CA ILE J 20 2.90 -4.86 38.95
C ILE J 20 1.63 -5.11 38.17
N GLY J 21 0.98 -6.25 38.41
CA GLY J 21 -0.29 -6.52 37.75
C GLY J 21 -1.30 -5.44 38.00
N ASN J 22 -1.38 -4.94 39.23
CA ASN J 22 -2.33 -3.87 39.52
C ASN J 22 -2.05 -2.66 38.65
N ASN J 23 -0.78 -2.32 38.48
CA ASN J 23 -0.44 -1.22 37.57
C ASN J 23 -1.00 -1.47 36.19
N ILE J 24 -0.77 -2.68 35.66
CA ILE J 24 -1.32 -3.01 34.34
C ILE J 24 -2.83 -2.98 34.40
N ALA J 25 -3.41 -3.38 35.52
CA ALA J 25 -4.86 -3.36 35.66
C ALA J 25 -5.41 -1.96 35.90
N ASN J 26 -4.55 -0.97 36.15
CA ASN J 26 -5.01 0.37 36.44
C ASN J 26 -4.39 1.42 35.53
N SER J 27 -3.86 1.02 34.38
CA SER J 27 -3.27 2.00 33.47
C SER J 27 -4.30 2.87 32.78
N ALA J 28 -5.59 2.71 33.05
CA ALA J 28 -6.63 3.51 32.43
C ALA J 28 -7.45 4.33 33.43
N THR J 29 -7.39 4.01 34.71
CA THR J 29 -8.13 4.75 35.72
C THR J 29 -7.51 6.13 35.90
N TYR J 30 -8.36 7.15 36.00
CA TYR J 30 -7.89 8.53 35.95
C TYR J 30 -7.15 8.91 37.22
N GLY J 31 -7.84 8.87 38.36
CA GLY J 31 -7.23 9.25 39.63
C GLY J 31 -6.42 8.13 40.24
N PHE J 32 -5.42 7.62 39.53
CA PHE J 32 -4.61 6.51 40.01
C PHE J 32 -3.15 6.91 40.09
N LYS J 33 -2.45 6.33 41.06
CA LYS J 33 -1.02 6.51 41.23
C LYS J 33 -0.34 5.14 41.25
N SER J 34 0.72 5.00 40.47
CA SER J 34 1.45 3.74 40.44
C SER J 34 2.14 3.50 41.78
N GLY J 35 2.25 2.24 42.14
CA GLY J 35 2.88 1.86 43.39
C GLY J 35 3.96 0.83 43.16
N THR J 36 5.02 0.94 43.95
CA THR J 36 6.15 0.02 43.86
C THR J 36 6.51 -0.48 45.24
N ALA J 37 7.03 -1.71 45.29
CA ALA J 37 7.41 -2.30 46.55
C ALA J 37 8.84 -1.92 46.93
N SER J 38 9.06 -1.77 48.23
CA SER J 38 10.39 -1.54 48.77
C SER J 38 10.62 -2.57 49.86
N PHE J 39 11.73 -3.26 49.78
CA PHE J 39 12.01 -4.43 50.61
C PHE J 39 13.04 -4.09 51.67
N ALA J 40 13.32 -5.08 52.54
CA ALA J 40 14.32 -4.92 53.58
C ALA J 40 14.69 -6.31 54.10
N ASP J 41 15.99 -6.54 54.27
CA ASP J 41 16.45 -7.81 54.79
C ASP J 41 16.24 -7.90 56.30
N MET J 42 16.46 -9.10 56.83
CA MET J 42 16.40 -9.34 58.27
C MET J 42 17.65 -10.11 58.68
N PHE J 43 18.05 -9.93 59.93
CA PHE J 43 19.23 -10.60 60.44
C PHE J 43 19.01 -11.03 61.88
N ALA J 44 19.58 -12.17 62.24
CA ALA J 44 19.64 -12.61 63.62
C ALA J 44 20.96 -12.13 64.22
N GLY J 45 21.31 -12.66 65.39
CA GLY J 45 22.58 -12.30 66.00
C GLY J 45 23.79 -12.85 65.30
N SER J 46 23.62 -13.82 64.40
CA SER J 46 24.74 -14.41 63.68
C SER J 46 25.08 -13.54 62.47
N LYS J 47 25.95 -14.06 61.61
CA LYS J 47 26.40 -13.36 60.41
C LYS J 47 25.67 -13.84 59.16
N VAL J 48 24.66 -14.68 59.30
CA VAL J 48 23.90 -15.20 58.18
C VAL J 48 22.56 -14.48 58.10
N GLY J 49 22.06 -14.31 56.88
CA GLY J 49 20.78 -13.67 56.68
C GLY J 49 19.63 -14.60 57.02
N LEU J 50 18.43 -14.04 56.97
CA LEU J 50 17.21 -14.80 57.26
C LEU J 50 16.10 -14.48 56.27
N GLY J 51 16.45 -14.07 55.05
CA GLY J 51 15.46 -13.77 54.05
C GLY J 51 15.12 -12.30 53.94
N VAL J 52 13.99 -11.99 53.32
CA VAL J 52 13.59 -10.61 53.05
C VAL J 52 12.13 -10.44 53.44
N LYS J 53 11.83 -9.32 54.11
CA LYS J 53 10.46 -8.93 54.41
C LYS J 53 10.11 -7.71 53.58
N VAL J 54 8.87 -7.65 53.11
CA VAL J 54 8.42 -6.45 52.41
C VAL J 54 8.30 -5.31 53.41
N ALA J 55 8.89 -4.17 53.06
CA ALA J 55 8.93 -3.01 53.95
C ALA J 55 7.82 -2.01 53.67
N GLY J 56 7.55 -1.71 52.40
CA GLY J 56 6.48 -0.76 52.12
C GLY J 56 6.05 -0.66 50.67
N ILE J 57 4.76 -0.44 50.46
CA ILE J 57 4.22 -0.23 49.12
C ILE J 57 4.08 1.26 48.93
N THR J 58 5.05 1.87 48.27
CA THR J 58 5.11 3.33 48.15
C THR J 58 4.57 3.75 46.78
N GLN J 59 3.67 4.72 46.79
CA GLN J 59 3.16 5.29 45.56
C GLN J 59 4.13 6.33 45.00
N ASP J 60 3.94 6.70 43.74
CA ASP J 60 4.70 7.76 43.11
C ASP J 60 3.74 8.85 42.69
N PHE J 61 3.82 10.00 43.36
CA PHE J 61 2.84 11.07 43.20
C PHE J 61 3.24 12.10 42.16
N THR J 62 4.23 11.79 41.31
CA THR J 62 4.54 12.66 40.19
C THR J 62 3.30 12.80 39.31
N ASP J 63 2.90 14.04 39.03
CA ASP J 63 1.64 14.29 38.36
C ASP J 63 1.68 13.74 36.93
N GLY J 64 0.49 13.36 36.45
CA GLY J 64 0.33 12.80 35.13
C GLY J 64 -0.05 13.85 34.10
N THR J 65 -0.62 13.37 33.00
CA THR J 65 -1.02 14.25 31.90
C THR J 65 -2.47 14.70 32.09
N THR J 66 -2.71 15.99 31.83
CA THR J 66 -4.03 16.58 32.03
C THR J 66 -4.84 16.47 30.74
N THR J 67 -5.35 15.27 30.49
CA THR J 67 -6.22 15.05 29.34
C THR J 67 -7.57 15.72 29.59
N ASN J 68 -8.14 16.28 28.51
CA ASN J 68 -9.40 17.00 28.61
C ASN J 68 -10.57 16.16 28.11
N THR J 69 -11.77 16.53 28.54
CA THR J 69 -13.01 15.92 28.10
C THR J 69 -14.02 16.93 27.59
N GLY J 70 -14.00 18.15 28.13
CA GLY J 70 -14.90 19.21 27.72
C GLY J 70 -16.05 19.48 28.66
N ARG J 71 -16.34 18.54 29.56
CA ARG J 71 -17.40 18.77 30.53
C ARG J 71 -16.99 19.81 31.56
N GLY J 72 -17.97 20.59 32.02
CA GLY J 72 -17.72 21.61 33.01
C GLY J 72 -17.29 21.05 34.35
N LEU J 73 -17.97 20.01 34.82
CA LEU J 73 -17.73 19.45 36.15
C LEU J 73 -16.62 18.39 36.11
N ASP J 74 -15.49 18.77 35.50
CA ASP J 74 -14.31 17.92 35.42
C ASP J 74 -13.09 18.81 35.62
N VAL J 75 -12.60 18.87 36.86
CA VAL J 75 -11.44 19.70 37.19
C VAL J 75 -10.27 18.80 37.52
N ALA J 76 -9.06 19.33 37.29
CA ALA J 76 -7.83 18.57 37.46
C ALA J 76 -6.80 19.40 38.20
N ILE J 77 -6.12 18.77 39.16
CA ILE J 77 -5.04 19.45 39.88
C ILE J 77 -3.74 19.37 39.08
N SER J 78 -2.94 20.43 39.19
CA SER J 78 -1.67 20.51 38.49
C SER J 78 -0.45 20.31 39.37
N GLN J 79 -0.59 20.40 40.69
CA GLN J 79 0.54 20.32 41.61
C GLN J 79 0.06 19.63 42.89
N ASN J 80 0.82 19.78 43.96
CA ASN J 80 0.46 19.19 45.25
C ASN J 80 -0.92 19.65 45.69
N GLY J 81 -1.76 18.70 46.07
CA GLY J 81 -3.11 19.00 46.51
C GLY J 81 -4.01 17.78 46.50
N PHE J 82 -5.16 17.88 47.17
CA PHE J 82 -6.10 16.76 47.26
C PHE J 82 -7.50 17.29 47.49
N PHE J 83 -8.45 16.78 46.70
CA PHE J 83 -9.86 16.99 47.00
C PHE J 83 -10.24 16.26 48.28
N ARG J 84 -11.03 16.95 49.12
CA ARG J 84 -11.50 16.40 50.38
C ARG J 84 -12.93 15.93 50.20
N LEU J 85 -13.14 14.62 50.34
CA LEU J 85 -14.44 13.99 50.17
C LEU J 85 -14.98 13.56 51.53
N VAL J 86 -16.30 13.43 51.61
CA VAL J 86 -16.94 12.89 52.80
C VAL J 86 -17.92 11.80 52.38
N ASP J 87 -18.37 11.04 53.37
CA ASP J 87 -19.31 9.95 53.17
C ASP J 87 -20.59 10.27 53.94
N SER J 88 -21.61 9.44 53.76
CA SER J 88 -22.88 9.64 54.46
C SER J 88 -22.70 9.54 55.96
N ASN J 89 -21.89 8.60 56.43
CA ASN J 89 -21.67 8.46 57.87
C ASN J 89 -21.01 9.71 58.45
N GLY J 90 -20.01 10.25 57.76
CA GLY J 90 -19.33 11.43 58.26
C GLY J 90 -17.82 11.36 58.16
N SER J 91 -17.31 10.19 57.76
CA SER J 91 -15.86 10.03 57.64
C SER J 91 -15.32 10.88 56.50
N VAL J 92 -14.01 11.12 56.54
CA VAL J 92 -13.34 11.99 55.58
C VAL J 92 -12.39 11.15 54.74
N PHE J 93 -12.16 11.62 53.52
CA PHE J 93 -11.26 10.96 52.58
C PHE J 93 -10.61 12.02 51.71
N TYR J 94 -9.55 11.62 51.01
CA TYR J 94 -8.84 12.50 50.10
C TYR J 94 -8.61 11.79 48.77
N SER J 95 -8.71 12.55 47.68
CA SER J 95 -8.62 11.95 46.35
C SER J 95 -8.07 12.98 45.38
N ARG J 96 -7.86 12.54 44.14
CA ARG J 96 -7.45 13.41 43.05
C ARG J 96 -8.30 13.28 41.80
N ASN J 97 -9.24 12.34 41.75
CA ASN J 97 -10.12 12.18 40.60
C ASN J 97 -11.18 13.27 40.63
N GLY J 98 -11.17 14.15 39.63
CA GLY J 98 -12.08 15.27 39.62
C GLY J 98 -13.35 15.06 38.81
N GLN J 99 -13.61 13.81 38.42
CA GLN J 99 -14.76 13.50 37.59
C GLN J 99 -16.02 13.53 38.46
N PHE J 100 -16.47 14.73 38.77
CA PHE J 100 -17.60 14.94 39.66
C PHE J 100 -18.92 14.84 38.88
N LYS J 101 -20.01 15.08 39.58
CA LYS J 101 -21.35 15.05 38.99
C LYS J 101 -22.30 15.74 39.96
N LEU J 102 -23.56 15.78 39.56
CA LEU J 102 -24.63 16.30 40.41
C LEU J 102 -25.52 15.14 40.83
N ASP J 103 -26.18 15.27 41.98
CA ASP J 103 -27.00 14.20 42.50
C ASP J 103 -28.45 14.67 42.63
N GLU J 104 -29.32 13.79 43.13
CA GLU J 104 -30.74 14.11 43.22
C GLU J 104 -30.98 15.21 44.25
N ASN J 105 -30.16 15.25 45.30
CA ASN J 105 -30.25 16.32 46.29
C ASN J 105 -29.53 17.60 45.85
N ARG J 106 -29.05 17.66 44.61
CA ARG J 106 -28.31 18.83 44.11
C ARG J 106 -27.05 19.09 44.94
N ASN J 107 -26.19 18.09 45.02
CA ASN J 107 -24.94 18.19 45.76
C ASN J 107 -23.81 17.67 44.88
N LEU J 108 -22.75 18.46 44.77
CA LEU J 108 -21.57 18.03 44.02
C LEU J 108 -21.01 16.75 44.63
N VAL J 109 -20.76 15.76 43.79
CA VAL J 109 -20.45 14.42 44.25
C VAL J 109 -19.67 13.71 43.16
N ASN J 110 -18.74 12.85 43.56
CA ASN J 110 -18.00 12.04 42.61
C ASN J 110 -18.87 10.92 42.07
N MET J 111 -18.25 10.04 41.27
CA MET J 111 -19.00 8.98 40.61
C MET J 111 -19.45 7.87 41.54
N GLN J 112 -18.93 7.80 42.76
CA GLN J 112 -19.22 6.70 43.67
C GLN J 112 -20.20 7.07 44.77
N GLY J 113 -20.67 8.31 44.82
CA GLY J 113 -21.61 8.73 45.83
C GLY J 113 -21.01 9.46 47.02
N MET J 114 -19.72 9.81 46.96
CA MET J 114 -19.05 10.51 48.05
C MET J 114 -19.12 12.01 47.78
N GLN J 115 -19.73 12.76 48.70
CA GLN J 115 -19.90 14.19 48.50
C GLN J 115 -18.57 14.92 48.62
N LEU J 116 -18.42 15.96 47.81
CA LEU J 116 -17.26 16.83 47.83
C LEU J 116 -17.52 18.04 48.72
N THR J 117 -16.49 18.44 49.46
CA THR J 117 -16.62 19.49 50.46
C THR J 117 -15.74 20.68 50.13
N GLY J 118 -16.10 21.82 50.72
CA GLY J 118 -15.37 23.05 50.52
C GLY J 118 -15.91 24.12 51.43
N TYR J 119 -15.34 25.31 51.32
CA TYR J 119 -15.78 26.43 52.14
C TYR J 119 -17.24 26.76 51.81
N PRO J 120 -18.06 27.06 52.80
CA PRO J 120 -19.43 27.50 52.52
C PRO J 120 -19.49 28.98 52.22
N ALA J 121 -20.69 29.51 51.96
CA ALA J 121 -20.84 30.92 51.69
C ALA J 121 -22.20 31.38 52.20
N THR J 122 -22.23 32.62 52.70
CA THR J 122 -23.46 33.20 53.21
C THR J 122 -23.32 34.71 53.20
N GLY J 123 -24.47 35.38 53.30
CA GLY J 123 -24.53 36.82 53.31
C GLY J 123 -25.47 37.35 52.26
N THR J 124 -25.55 38.67 52.17
CA THR J 124 -26.41 39.35 51.21
C THR J 124 -25.62 40.54 50.65
N PRO J 125 -24.93 40.35 49.51
CA PRO J 125 -24.83 39.11 48.74
C PRO J 125 -23.94 38.07 49.42
N PRO J 126 -24.22 36.79 49.17
CA PRO J 126 -23.43 35.73 49.81
C PRO J 126 -21.97 35.81 49.42
N THR J 127 -21.12 35.42 50.37
CA THR J 127 -19.67 35.47 50.16
C THR J 127 -19.03 34.33 50.94
N ILE J 128 -17.99 33.74 50.38
CA ILE J 128 -17.27 32.67 51.05
C ILE J 128 -16.51 33.23 52.25
N GLN J 129 -16.18 32.34 53.18
CA GLN J 129 -15.36 32.69 54.33
C GLN J 129 -13.89 32.45 53.99
N GLN J 130 -13.03 32.51 55.01
CA GLN J 130 -11.59 32.36 54.82
C GLN J 130 -11.06 31.07 55.45
N GLY J 131 -11.35 30.85 56.72
CA GLY J 131 -10.85 29.67 57.40
C GLY J 131 -11.94 28.87 58.11
N ALA J 132 -13.18 29.01 57.63
CA ALA J 132 -14.27 28.27 58.22
C ALA J 132 -14.15 26.79 57.91
N ASN J 133 -14.85 25.98 58.70
CA ASN J 133 -14.83 24.54 58.49
C ASN J 133 -15.51 24.20 57.17
N PRO J 134 -14.98 23.26 56.39
CA PRO J 134 -15.58 22.94 55.10
C PRO J 134 -16.98 22.35 55.26
N ALA J 135 -17.78 22.51 54.21
CA ALA J 135 -19.16 22.05 54.19
C ALA J 135 -19.47 21.52 52.81
N PRO J 136 -20.45 20.62 52.67
CA PRO J 136 -20.79 20.07 51.36
C PRO J 136 -21.48 21.12 50.49
N ILE J 137 -20.90 21.37 49.31
CA ILE J 137 -21.46 22.35 48.39
C ILE J 137 -22.76 21.82 47.81
N THR J 138 -23.73 22.72 47.65
CA THR J 138 -25.02 22.38 47.06
C THR J 138 -25.27 23.27 45.85
N ILE J 139 -26.15 22.82 44.97
CA ILE J 139 -26.52 23.58 43.78
C ILE J 139 -28.04 23.71 43.76
N PRO J 140 -28.63 24.58 44.58
CA PRO J 140 -30.09 24.70 44.59
C PRO J 140 -30.58 25.54 43.42
N ASN J 141 -31.65 25.05 42.79
CA ASN J 141 -32.27 25.76 41.68
C ASN J 141 -33.28 26.82 42.13
N THR J 142 -33.36 27.07 43.44
CA THR J 142 -34.34 28.02 43.96
C THR J 142 -34.08 29.42 43.42
N LEU J 143 -35.15 30.20 43.36
CA LEU J 143 -35.08 31.57 42.86
C LEU J 143 -34.40 32.45 43.90
N MET J 144 -34.32 33.75 43.62
CA MET J 144 -33.85 34.74 44.56
C MET J 144 -34.94 35.79 44.72
N ALA J 145 -35.36 36.03 45.96
CA ALA J 145 -36.41 37.02 46.19
C ALA J 145 -35.88 38.42 45.92
N ALA J 146 -36.82 39.36 45.77
CA ALA J 146 -36.45 40.73 45.45
C ALA J 146 -35.64 41.35 46.58
N LYS J 147 -34.53 42.00 46.23
CA LYS J 147 -33.69 42.71 47.18
C LYS J 147 -33.74 44.19 46.83
N SER J 148 -34.39 44.98 47.69
CA SER J 148 -34.52 46.41 47.43
C SER J 148 -33.16 47.08 47.43
N THR J 149 -33.02 48.08 46.56
CA THR J 149 -31.77 48.83 46.47
C THR J 149 -31.54 49.57 47.78
N THR J 150 -30.49 49.18 48.51
CA THR J 150 -30.19 49.77 49.80
C THR J 150 -29.10 50.83 49.75
N THR J 151 -28.34 50.90 48.64
CA THR J 151 -27.29 51.89 48.50
C THR J 151 -27.17 52.24 47.03
N ALA J 152 -26.76 53.48 46.76
CA ALA J 152 -26.51 53.91 45.39
C ALA J 152 -25.35 54.89 45.41
N SER J 153 -24.44 54.73 44.46
CA SER J 153 -23.26 55.57 44.36
C SER J 153 -23.12 56.06 42.92
N MET J 154 -22.57 57.27 42.79
CA MET J 154 -22.37 57.88 41.48
C MET J 154 -21.08 58.69 41.48
N GLN J 155 -20.26 58.47 40.46
CA GLN J 155 -19.03 59.22 40.26
C GLN J 155 -19.15 59.97 38.96
N ILE J 156 -19.02 61.30 39.02
CA ILE J 156 -19.20 62.17 37.87
C ILE J 156 -17.94 63.01 37.71
N ASN J 157 -17.67 63.43 36.48
CA ASN J 157 -16.57 64.34 36.17
C ASN J 157 -17.14 65.48 35.34
N LEU J 158 -17.38 66.61 35.99
CA LEU J 158 -18.10 67.72 35.40
C LEU J 158 -17.14 68.77 34.85
N ASN J 159 -17.59 69.49 33.84
CA ASN J 159 -16.79 70.57 33.28
C ASN J 159 -16.76 71.76 34.22
N SER J 160 -15.58 72.36 34.37
CA SER J 160 -15.40 73.47 35.30
C SER J 160 -16.02 74.76 34.79
N THR J 161 -16.02 74.98 33.47
CA THR J 161 -16.53 76.21 32.87
C THR J 161 -18.04 76.17 32.63
N ASP J 162 -18.76 75.33 33.35
CA ASP J 162 -20.19 75.18 33.12
C ASP J 162 -20.91 76.50 33.41
N PRO J 163 -21.61 77.08 32.44
CA PRO J 163 -22.35 78.32 32.71
C PRO J 163 -23.48 78.09 33.68
N VAL J 164 -23.78 79.13 34.47
CA VAL J 164 -24.98 79.07 35.32
C VAL J 164 -26.21 79.05 34.43
N PRO J 165 -27.21 78.23 34.72
CA PRO J 165 -28.42 78.21 33.87
C PRO J 165 -29.12 79.55 33.86
N SER J 166 -29.68 79.88 32.69
CA SER J 166 -30.35 81.17 32.52
C SER J 166 -31.62 81.25 33.36
N LYS J 167 -32.46 80.22 33.27
CA LYS J 167 -33.74 80.22 33.98
C LYS J 167 -33.49 79.86 35.45
N THR J 168 -33.54 80.86 36.32
CA THR J 168 -33.44 80.62 37.76
C THR J 168 -34.59 79.73 38.25
N PRO J 169 -35.85 79.99 37.86
CA PRO J 169 -36.91 79.04 38.22
C PRO J 169 -36.71 77.73 37.48
N PHE J 170 -36.55 76.65 38.23
CA PHE J 170 -36.21 75.35 37.68
C PHE J 170 -37.35 74.36 37.90
N SER J 171 -37.70 73.62 36.85
CA SER J 171 -38.66 72.54 36.93
C SER J 171 -38.08 71.35 36.19
N VAL J 172 -38.83 70.24 36.16
CA VAL J 172 -38.39 69.07 35.43
C VAL J 172 -38.51 69.29 33.92
N SER J 173 -39.39 70.21 33.51
CA SER J 173 -39.67 70.39 32.09
C SER J 173 -38.60 71.23 31.40
N ASP J 174 -38.39 72.46 31.87
CA ASP J 174 -37.49 73.38 31.20
C ASP J 174 -36.07 72.83 31.10
N ALA J 175 -35.48 72.97 29.91
CA ALA J 175 -34.19 72.34 29.65
C ALA J 175 -33.03 73.28 29.94
N ASP J 176 -33.18 74.57 29.66
CA ASP J 176 -32.11 75.55 29.83
C ASP J 176 -31.97 76.00 31.27
N SER J 177 -32.56 75.28 32.22
CA SER J 177 -32.53 75.66 33.63
C SER J 177 -31.68 74.72 34.48
N TYR J 178 -30.90 73.83 33.85
CA TYR J 178 -30.02 72.95 34.60
C TYR J 178 -28.74 72.74 33.80
N ASN J 179 -27.68 72.39 34.53
CA ASN J 179 -26.38 72.17 33.91
C ASN J 179 -26.17 70.73 33.47
N LYS J 180 -26.69 69.76 34.22
CA LYS J 180 -26.50 68.36 33.85
C LYS J 180 -27.62 67.53 34.44
N LYS J 181 -27.98 66.45 33.73
CA LYS J 181 -28.97 65.51 34.22
C LYS J 181 -28.47 64.09 34.03
N GLY J 182 -28.72 63.25 35.04
CA GLY J 182 -28.35 61.85 34.99
C GLY J 182 -29.46 60.98 35.55
N THR J 183 -29.25 59.66 35.48
CA THR J 183 -30.26 58.73 35.92
C THR J 183 -29.60 57.51 36.55
N VAL J 184 -30.26 56.95 37.57
CA VAL J 184 -29.86 55.70 38.19
C VAL J 184 -31.11 54.84 38.33
N THR J 185 -30.91 53.54 38.52
CA THR J 185 -32.01 52.61 38.71
C THR J 185 -31.99 52.07 40.14
N VAL J 186 -33.19 51.84 40.68
CA VAL J 186 -33.36 51.27 42.01
C VAL J 186 -34.54 50.31 41.97
N TYR J 187 -34.65 49.48 43.00
CA TYR J 187 -35.74 48.54 43.13
C TYR J 187 -36.31 48.59 44.53
N ASP J 188 -37.61 48.31 44.63
CA ASP J 188 -38.28 48.20 45.92
C ASP J 188 -38.11 46.77 46.44
N SER J 189 -38.86 46.43 47.49
CA SER J 189 -38.77 45.10 48.08
C SER J 189 -39.66 44.08 47.37
N GLN J 190 -40.18 44.40 46.19
CA GLN J 190 -40.90 43.44 45.38
C GLN J 190 -40.40 43.38 43.94
N GLY J 191 -39.27 44.00 43.62
CA GLY J 191 -38.70 43.94 42.29
C GLY J 191 -39.15 45.04 41.35
N ASN J 192 -40.07 45.91 41.75
CA ASN J 192 -40.46 47.02 40.90
C ASN J 192 -39.29 47.97 40.70
N ALA J 193 -39.15 48.46 39.47
CA ALA J 193 -37.99 49.26 39.09
C ALA J 193 -38.36 50.74 39.03
N HIS J 194 -37.51 51.57 39.61
CA HIS J 194 -37.68 53.02 39.60
C HIS J 194 -36.45 53.65 38.97
N ASP J 195 -36.68 54.64 38.11
CA ASP J 195 -35.62 55.36 37.41
C ASP J 195 -35.42 56.75 38.04
N MET J 196 -34.58 56.80 39.05
CA MET J 196 -34.33 58.05 39.78
C MET J 196 -33.51 58.99 38.90
N ASN J 197 -34.11 60.10 38.50
CA ASN J 197 -33.37 61.13 37.78
C ASN J 197 -32.77 62.12 38.77
N VAL J 198 -31.62 62.68 38.40
CA VAL J 198 -30.90 63.63 39.24
C VAL J 198 -30.46 64.80 38.37
N TYR J 199 -30.56 66.00 38.93
CA TYR J 199 -30.16 67.23 38.26
C TYR J 199 -29.04 67.91 39.04
N PHE J 200 -28.06 68.41 38.31
CA PHE J 200 -26.90 69.08 38.89
C PHE J 200 -26.79 70.46 38.27
N VAL J 201 -26.73 71.48 39.12
CA VAL J 201 -26.72 72.87 38.67
C VAL J 201 -25.58 73.61 39.35
N LYS J 202 -24.66 74.16 38.56
CA LYS J 202 -23.56 74.95 39.11
C LYS J 202 -24.10 76.33 39.48
N THR J 203 -24.19 76.60 40.79
CA THR J 203 -24.79 77.84 41.23
C THR J 203 -23.78 78.98 41.33
N LYS J 204 -22.53 78.67 41.65
CA LYS J 204 -21.47 79.66 41.76
C LYS J 204 -20.14 78.94 41.58
N ASP J 205 -19.06 79.63 41.94
CA ASP J 205 -17.74 79.02 41.84
C ASP J 205 -17.62 77.87 42.85
N ASN J 206 -17.20 76.71 42.37
CA ASN J 206 -16.93 75.54 43.21
C ASN J 206 -18.15 75.11 44.01
N GLU J 207 -19.36 75.30 43.48
CA GLU J 207 -20.54 74.90 44.22
C GLU J 207 -21.67 74.54 43.27
N TRP J 208 -22.20 73.33 43.43
CA TRP J 208 -23.33 72.83 42.67
C TRP J 208 -24.44 72.41 43.62
N ALA J 209 -25.67 72.44 43.12
CA ALA J 209 -26.83 71.95 43.83
C ALA J 209 -27.36 70.71 43.12
N VAL J 210 -27.82 69.76 43.91
CA VAL J 210 -28.25 68.45 43.42
C VAL J 210 -29.70 68.27 43.79
N TYR J 211 -30.55 68.12 42.77
CA TYR J 211 -31.97 67.83 42.92
C TYR J 211 -32.22 66.41 42.44
N THR J 212 -33.35 65.84 42.89
CA THR J 212 -33.72 64.48 42.51
C THR J 212 -35.19 64.42 42.15
N HIS J 213 -35.55 63.36 41.42
CA HIS J 213 -36.93 63.14 41.03
C HIS J 213 -37.19 61.68 40.64
N ASP J 214 -38.21 61.07 41.23
CA ASP J 214 -38.60 59.72 40.84
C ASP J 214 -39.53 59.84 39.64
N SER J 215 -39.05 59.46 38.46
CA SER J 215 -39.83 59.55 37.24
C SER J 215 -40.83 58.41 37.10
N SER J 216 -40.83 57.44 38.01
CA SER J 216 -41.76 56.33 37.98
C SER J 216 -42.99 56.53 38.86
N ASP J 217 -42.89 57.36 39.90
CA ASP J 217 -44.03 57.59 40.77
C ASP J 217 -45.12 58.34 40.02
N PRO J 218 -46.38 57.90 40.10
CA PRO J 218 -47.44 58.65 39.40
C PRO J 218 -47.74 59.99 40.03
N ALA J 219 -47.50 60.15 41.32
CA ALA J 219 -47.82 61.36 42.06
C ALA J 219 -46.57 62.00 42.64
N ALA J 220 -45.49 62.02 41.86
CA ALA J 220 -44.27 62.68 42.28
C ALA J 220 -44.36 64.18 42.06
N THR J 221 -43.50 64.91 42.75
CA THR J 221 -43.46 66.37 42.68
C THR J 221 -42.12 66.84 42.16
N ALA J 222 -42.12 67.94 41.42
CA ALA J 222 -40.88 68.50 40.94
C ALA J 222 -40.02 68.97 42.11
N PRO J 223 -38.69 68.87 42.02
CA PRO J 223 -37.84 69.21 43.17
C PRO J 223 -37.85 70.71 43.42
N THR J 224 -38.54 71.12 44.48
CA THR J 224 -38.57 72.53 44.85
C THR J 224 -37.22 73.00 45.38
N THR J 225 -36.59 72.19 46.24
CA THR J 225 -35.32 72.52 46.85
C THR J 225 -34.24 71.56 46.34
N ALA J 226 -33.05 71.70 46.90
CA ALA J 226 -31.95 70.84 46.52
C ALA J 226 -31.88 69.61 47.43
N SER J 227 -31.71 68.44 46.80
CA SER J 227 -31.49 67.23 47.58
C SER J 227 -30.21 67.33 48.38
N THR J 228 -29.16 67.91 47.80
CA THR J 228 -27.94 68.19 48.54
C THR J 228 -27.16 69.27 47.81
N THR J 229 -25.99 69.62 48.33
CA THR J 229 -25.12 70.60 47.69
C THR J 229 -23.71 70.06 47.68
N LEU J 230 -23.10 70.03 46.49
CA LEU J 230 -21.71 69.66 46.33
C LEU J 230 -20.84 70.91 46.40
N LYS J 231 -19.88 70.91 47.31
CA LYS J 231 -18.89 71.97 47.42
C LYS J 231 -17.52 71.38 47.15
N PHE J 232 -16.79 72.00 46.23
CA PHE J 232 -15.58 71.43 45.67
C PHE J 232 -14.35 72.18 46.15
N ASN J 233 -13.27 71.44 46.36
CA ASN J 233 -11.98 72.03 46.64
C ASN J 233 -11.54 72.89 45.46
N GLU J 234 -10.56 73.77 45.72
CA GLU J 234 -10.13 74.71 44.69
C GLU J 234 -9.52 73.97 43.50
N ASN J 235 -8.82 72.87 43.75
CA ASN J 235 -8.29 72.06 42.65
C ASN J 235 -9.37 71.32 41.90
N GLY J 236 -10.55 71.16 42.50
CA GLY J 236 -11.62 70.39 41.89
C GLY J 236 -11.89 69.09 42.60
N ILE J 237 -11.70 69.08 43.91
CA ILE J 237 -11.89 67.90 44.74
C ILE J 237 -13.18 68.09 45.53
N LEU J 238 -14.04 67.07 45.51
CA LEU J 238 -15.31 67.16 46.23
C LEU J 238 -15.08 67.09 47.73
N GLU J 239 -15.75 67.99 48.46
CA GLU J 239 -15.58 68.07 49.91
C GLU J 239 -16.85 67.73 50.67
N SER J 240 -17.96 68.39 50.40
CA SER J 240 -19.19 68.22 51.16
C SER J 240 -20.29 67.65 50.28
N GLY J 241 -21.42 67.34 50.91
CA GLY J 241 -22.55 66.77 50.21
C GLY J 241 -22.24 65.40 49.62
N GLY J 242 -21.31 64.68 50.24
CA GLY J 242 -20.91 63.38 49.73
C GLY J 242 -22.02 62.35 49.70
N THR J 243 -22.83 62.28 50.76
CA THR J 243 -23.91 61.31 50.84
C THR J 243 -25.19 62.04 51.25
N VAL J 244 -26.32 61.44 50.91
CA VAL J 244 -27.62 62.01 51.26
C VAL J 244 -28.65 60.88 51.29
N ASN J 245 -29.51 60.92 52.30
CA ASN J 245 -30.61 59.97 52.41
C ASN J 245 -31.68 60.30 51.38
N ILE J 246 -32.04 59.31 50.57
CA ILE J 246 -33.03 59.47 49.51
C ILE J 246 -34.10 58.40 49.66
N THR J 247 -35.36 58.83 49.56
CA THR J 247 -36.50 57.91 49.60
C THR J 247 -37.34 58.09 48.35
N THR J 248 -37.98 57.01 47.93
CA THR J 248 -38.82 57.00 46.75
C THR J 248 -40.27 56.71 47.14
N GLY J 249 -41.15 56.62 46.14
CA GLY J 249 -42.55 56.39 46.38
C GLY J 249 -42.97 54.94 46.20
N THR J 250 -44.04 54.58 46.91
CA THR J 250 -44.60 53.24 46.81
C THR J 250 -45.25 53.02 45.44
N ILE J 251 -45.14 51.80 44.94
CA ILE J 251 -45.71 51.43 43.65
C ILE J 251 -46.42 50.09 43.79
N ASN J 252 -47.70 50.06 43.41
CA ASN J 252 -48.50 48.83 43.33
C ASN J 252 -48.56 48.11 44.67
N GLY J 253 -48.84 48.88 45.72
CA GLY J 253 -49.01 48.32 47.05
C GLY J 253 -47.75 47.69 47.62
N ALA J 254 -46.59 48.13 47.13
CA ALA J 254 -45.31 47.63 47.60
C ALA J 254 -44.59 48.74 48.35
N THR J 255 -43.84 48.34 49.38
CA THR J 255 -43.17 49.31 50.23
C THR J 255 -42.15 50.13 49.46
N ALA J 256 -42.00 51.39 49.85
CA ALA J 256 -41.06 52.29 49.22
C ALA J 256 -39.64 51.98 49.68
N ALA J 257 -38.68 52.55 48.97
CA ALA J 257 -37.26 52.31 49.21
C ALA J 257 -36.62 53.55 49.80
N THR J 258 -36.16 53.45 51.04
CA THR J 258 -35.34 54.47 51.67
C THR J 258 -33.91 53.95 51.69
N PHE J 259 -32.97 54.77 51.23
CA PHE J 259 -31.60 54.31 51.03
C PHE J 259 -30.68 55.53 51.03
N SER J 260 -29.41 55.29 50.77
CA SER J 260 -28.43 56.35 50.67
C SER J 260 -27.99 56.52 49.22
N LEU J 261 -27.73 57.76 48.83
CA LEU J 261 -27.18 58.10 47.53
C LEU J 261 -25.94 58.92 47.76
N SER J 262 -24.80 58.44 47.25
CA SER J 262 -23.52 59.06 47.51
C SER J 262 -22.88 59.51 46.20
N PHE J 263 -22.13 60.60 46.27
CA PHE J 263 -21.49 61.20 45.11
C PHE J 263 -19.99 61.30 45.28
N LEU J 264 -19.39 60.48 46.13
CA LEU J 264 -17.98 60.60 46.44
C LEU J 264 -17.13 60.31 45.21
N ASN J 265 -15.86 60.72 45.27
CA ASN J 265 -14.89 60.49 44.21
C ASN J 265 -15.33 61.11 42.89
N SER J 266 -15.86 62.33 42.97
CA SER J 266 -16.28 63.08 41.80
C SER J 266 -15.39 64.29 41.60
N MET J 267 -14.76 64.35 40.43
CA MET J 267 -13.81 65.43 40.13
C MET J 267 -14.38 66.29 39.02
N GLN J 268 -14.77 67.52 39.35
CA GLN J 268 -15.15 68.50 38.33
C GLN J 268 -13.92 69.35 38.04
N GLN J 269 -13.22 69.02 36.95
CA GLN J 269 -11.92 69.59 36.67
C GLN J 269 -11.80 69.96 35.20
N ASN J 270 -12.85 70.56 34.64
CA ASN J 270 -12.89 70.93 33.22
C ASN J 270 -12.62 69.71 32.35
N THR J 271 -13.40 68.65 32.57
CA THR J 271 -13.28 67.43 31.80
C THR J 271 -14.04 67.54 30.49
N GLY J 272 -13.68 68.51 29.65
CA GLY J 272 -14.39 68.74 28.41
C GLY J 272 -15.80 69.23 28.67
N ALA J 273 -16.78 68.38 28.42
CA ALA J 273 -18.17 68.64 28.74
C ALA J 273 -18.60 67.70 29.86
N ASN J 274 -19.88 67.78 30.23
CA ASN J 274 -20.40 66.94 31.30
C ASN J 274 -20.50 65.49 30.84
N ASN J 275 -20.08 64.57 31.70
CA ASN J 275 -20.18 63.14 31.40
C ASN J 275 -20.09 62.31 32.66
N ILE J 276 -21.18 61.59 32.99
CA ILE J 276 -21.17 60.70 34.14
C ILE J 276 -20.16 59.59 33.91
N VAL J 277 -19.32 59.34 34.91
CA VAL J 277 -18.26 58.35 34.79
C VAL J 277 -18.76 56.98 35.18
N ALA J 278 -19.38 56.87 36.36
CA ALA J 278 -19.82 55.57 36.83
C ALA J 278 -21.02 55.71 37.74
N THR J 279 -21.80 54.63 37.85
CA THR J 279 -22.91 54.54 38.77
C THR J 279 -23.01 53.11 39.25
N ASN J 280 -23.61 52.92 40.42
CA ASN J 280 -23.61 51.60 41.04
C ASN J 280 -24.72 51.51 42.08
N GLN J 281 -25.24 50.31 42.26
CA GLN J 281 -26.21 50.02 43.31
C GLN J 281 -25.93 48.62 43.86
N ASN J 282 -26.87 48.11 44.65
CA ASN J 282 -26.78 46.73 45.13
C ASN J 282 -28.13 46.03 45.04
N GLY J 283 -29.08 46.60 44.30
CA GLY J 283 -30.40 46.01 44.16
C GLY J 283 -30.57 45.27 42.85
N TYR J 284 -31.48 44.29 42.84
CA TYR J 284 -31.71 43.51 41.62
C TYR J 284 -33.13 42.97 41.62
N LYS J 285 -33.67 42.79 40.42
CA LYS J 285 -34.96 42.16 40.22
C LYS J 285 -34.86 40.67 40.55
N PRO J 286 -35.93 40.07 41.08
CA PRO J 286 -35.91 38.62 41.31
C PRO J 286 -35.77 37.86 40.00
N GLY J 287 -35.01 36.77 40.06
CA GLY J 287 -34.72 35.98 38.87
C GLY J 287 -34.38 34.56 39.25
N ASP J 288 -34.35 33.69 38.24
CA ASP J 288 -34.13 32.27 38.45
C ASP J 288 -32.76 31.86 37.88
N LEU J 289 -32.41 30.60 38.12
CA LEU J 289 -31.11 30.05 37.73
C LEU J 289 -31.09 29.72 36.24
N VAL J 290 -29.92 29.86 35.63
CA VAL J 290 -29.70 29.49 34.24
C VAL J 290 -28.60 28.44 34.11
N SER J 291 -27.43 28.73 34.65
CA SER J 291 -26.31 27.79 34.57
C SER J 291 -25.30 28.13 35.66
N TYR J 292 -24.47 27.14 35.98
CA TYR J 292 -23.36 27.30 36.92
C TYR J 292 -22.04 27.08 36.19
N GLN J 293 -20.95 27.17 36.95
CA GLN J 293 -19.62 26.92 36.40
C GLN J 293 -18.64 26.79 37.54
N ILE J 294 -17.43 26.36 37.21
CA ILE J 294 -16.31 26.30 38.14
C ILE J 294 -15.21 27.18 37.58
N ASN J 295 -14.78 28.18 38.33
CA ASN J 295 -13.76 29.10 37.87
C ASN J 295 -12.38 28.50 38.11
N ASN J 296 -11.34 29.28 37.88
CA ASN J 296 -9.96 28.81 38.00
C ASN J 296 -9.52 28.62 39.43
N ASP J 297 -10.31 28.99 40.44
CA ASP J 297 -9.91 28.80 41.83
C ASP J 297 -10.95 28.01 42.60
N GLY J 298 -11.72 27.17 41.92
CA GLY J 298 -12.70 26.32 42.57
C GLY J 298 -13.94 27.02 43.05
N THR J 299 -14.08 28.32 42.81
CA THR J 299 -15.25 29.05 43.30
C THR J 299 -16.47 28.74 42.45
N VAL J 300 -17.21 27.70 42.80
CA VAL J 300 -18.42 27.35 42.06
C VAL J 300 -19.43 28.50 42.22
N VAL J 301 -19.73 29.16 41.10
CA VAL J 301 -20.60 30.33 41.09
C VAL J 301 -21.70 30.10 40.07
N GLY J 302 -22.92 30.47 40.44
CA GLY J 302 -24.05 30.35 39.55
C GLY J 302 -24.27 31.57 38.67
N ASN J 303 -25.22 31.45 37.76
CA ASN J 303 -25.65 32.54 36.90
C ASN J 303 -27.17 32.59 36.89
N TYR J 304 -27.71 33.79 37.04
CA TYR J 304 -29.16 33.96 37.12
C TYR J 304 -29.63 34.93 36.04
N SER J 305 -30.94 34.93 35.81
CA SER J 305 -31.52 35.76 34.76
C SER J 305 -31.33 37.24 35.03
N ASN J 306 -31.26 37.65 36.29
CA ASN J 306 -31.17 39.04 36.68
C ASN J 306 -29.71 39.50 36.78
N GLU J 307 -28.84 38.84 36.01
CA GLU J 307 -27.41 39.15 35.93
C GLU J 307 -26.78 39.20 37.33
N GLN J 308 -26.85 38.06 37.99
CA GLN J 308 -26.26 37.88 39.30
C GLN J 308 -25.18 36.83 39.24
N GLU J 309 -24.09 37.07 39.97
CA GLU J 309 -22.97 36.14 40.06
C GLU J 309 -22.91 35.66 41.50
N GLN J 310 -23.74 34.66 41.83
CA GLN J 310 -23.89 34.20 43.20
C GLN J 310 -22.95 33.04 43.48
N VAL J 311 -22.05 33.22 44.43
CA VAL J 311 -21.07 32.19 44.76
C VAL J 311 -21.73 31.19 45.70
N LEU J 312 -21.63 29.90 45.34
CA LEU J 312 -22.20 28.84 46.16
C LEU J 312 -21.17 28.07 46.96
N GLY J 313 -19.90 28.45 46.89
CA GLY J 313 -18.87 27.78 47.64
C GLY J 313 -17.56 27.81 46.88
N GLN J 314 -16.55 27.20 47.49
CA GLN J 314 -15.22 27.10 46.89
C GLN J 314 -14.67 25.71 47.15
N ILE J 315 -13.84 25.23 46.22
CA ILE J 315 -13.21 23.93 46.39
C ILE J 315 -11.97 24.08 47.27
N VAL J 316 -11.83 23.19 48.25
CA VAL J 316 -10.71 23.22 49.19
C VAL J 316 -9.73 22.11 48.82
N LEU J 317 -8.45 22.38 49.04
CA LEU J 317 -7.39 21.40 48.80
C LEU J 317 -6.63 21.16 50.09
N ALA J 318 -6.10 19.95 50.22
CA ALA J 318 -5.31 19.57 51.37
C ALA J 318 -3.97 18.99 50.92
N ASN J 319 -2.90 19.48 51.52
CA ASN J 319 -1.57 18.92 51.32
C ASN J 319 -1.04 18.43 52.66
N PHE J 320 -0.65 17.17 52.71
CA PHE J 320 -0.14 16.57 53.94
C PHE J 320 1.36 16.78 54.04
N ALA J 321 1.87 16.78 55.27
CA ALA J 321 3.29 16.94 55.48
C ALA J 321 4.07 15.80 54.85
N ASN J 322 3.56 14.57 54.94
CA ASN J 322 4.25 13.40 54.43
C ASN J 322 3.30 12.60 53.56
N ASN J 323 3.69 12.34 52.31
CA ASN J 323 2.94 11.44 51.45
C ASN J 323 3.43 10.01 51.66
N GLU J 324 2.88 9.08 50.89
CA GLU J 324 3.14 7.64 51.05
C GLU J 324 2.84 7.16 52.46
N GLY J 325 2.18 7.99 53.25
CA GLY J 325 1.63 7.60 54.54
C GLY J 325 0.14 7.47 54.54
N LEU J 326 -0.49 7.56 53.38
CA LEU J 326 -1.94 7.55 53.26
C LEU J 326 -2.42 6.14 52.98
N ALA J 327 -3.38 5.67 53.76
CA ALA J 327 -3.99 4.36 53.58
C ALA J 327 -5.16 4.50 52.61
N SER J 328 -5.08 3.81 51.48
CA SER J 328 -6.17 3.84 50.51
C SER J 328 -7.27 2.87 50.93
N GLN J 329 -8.52 3.27 50.68
CA GLN J 329 -9.69 2.47 51.06
C GLN J 329 -10.58 2.30 49.83
N GLY J 330 -10.53 1.12 49.23
CA GLY J 330 -11.46 0.80 48.16
C GLY J 330 -11.27 1.64 46.92
N ASP J 331 -12.18 2.60 46.72
CA ASP J 331 -12.18 3.45 45.54
C ASP J 331 -10.91 4.29 45.47
N ASN J 332 -10.75 5.06 44.40
CA ASN J 332 -9.55 5.87 44.24
C ASN J 332 -9.54 7.07 45.18
N VAL J 333 -9.57 6.79 46.48
CA VAL J 333 -9.54 7.79 47.52
C VAL J 333 -8.44 7.42 48.51
N TRP J 334 -8.32 8.22 49.57
CA TRP J 334 -7.31 7.97 50.60
C TRP J 334 -7.89 8.37 51.95
N ALA J 335 -7.06 8.27 52.98
CA ALA J 335 -7.46 8.64 54.33
C ALA J 335 -6.26 9.22 55.07
N ALA J 336 -6.56 9.98 56.11
CA ALA J 336 -5.52 10.61 56.93
C ALA J 336 -5.35 9.81 58.22
N THR J 337 -4.13 9.36 58.47
CA THR J 337 -3.81 8.59 59.66
C THR J 337 -2.43 9.02 60.15
N GLN J 338 -1.83 8.22 61.03
CA GLN J 338 -0.45 8.43 61.39
C GLN J 338 0.45 8.18 60.18
N ALA J 339 1.68 8.69 60.28
CA ALA J 339 2.66 8.63 59.19
C ALA J 339 2.20 9.44 57.98
N SER J 340 1.07 10.15 58.12
CA SER J 340 0.56 11.02 57.07
C SER J 340 0.47 12.46 57.53
N GLY J 341 -0.13 12.71 58.69
CA GLY J 341 -0.22 14.05 59.25
C GLY J 341 -1.66 14.54 59.31
N VAL J 342 -1.77 15.87 59.31
CA VAL J 342 -3.06 16.54 59.39
C VAL J 342 -3.36 17.14 58.03
N ALA J 343 -4.65 17.36 57.76
CA ALA J 343 -5.11 17.75 56.43
C ALA J 343 -4.38 18.98 55.90
N LEU J 344 -4.26 20.02 56.75
CA LEU J 344 -3.58 21.26 56.37
C LEU J 344 -4.24 21.88 55.13
N LEU J 345 -5.49 22.29 55.32
CA LEU J 345 -6.30 22.78 54.21
C LEU J 345 -5.76 24.12 53.70
N GLY J 346 -6.40 24.62 52.64
CA GLY J 346 -6.00 25.89 52.06
C GLY J 346 -6.83 26.17 50.83
N THR J 347 -6.57 27.34 50.23
CA THR J 347 -7.29 27.78 49.05
C THR J 347 -6.65 27.19 47.79
N ALA J 348 -7.36 27.29 46.68
CA ALA J 348 -6.94 26.62 45.45
C ALA J 348 -5.67 27.24 44.88
N GLY J 349 -5.63 28.56 44.78
CA GLY J 349 -4.57 29.22 44.02
C GLY J 349 -3.28 29.47 44.77
N SER J 350 -3.35 30.19 45.88
CA SER J 350 -2.17 30.68 46.58
C SER J 350 -1.71 29.69 47.63
N GLY J 351 -0.44 29.81 48.00
CA GLY J 351 0.14 28.97 49.02
C GLY J 351 1.08 27.92 48.49
N ASN J 352 1.02 26.71 49.05
CA ASN J 352 1.84 25.59 48.62
C ASN J 352 1.14 24.76 47.54
N PHE J 353 -0.05 25.16 47.11
CA PHE J 353 -0.90 24.32 46.29
C PHE J 353 -0.66 24.62 44.81
N GLY J 354 -1.50 24.03 43.95
CA GLY J 354 -1.39 24.21 42.53
C GLY J 354 -2.71 24.66 41.92
N LYS J 355 -2.65 24.98 40.63
CA LYS J 355 -3.82 25.49 39.94
C LYS J 355 -4.80 24.38 39.61
N LEU J 356 -6.06 24.78 39.41
CA LEU J 356 -7.14 23.86 39.06
C LEU J 356 -7.52 24.13 37.60
N THR J 357 -7.25 23.17 36.73
CA THR J 357 -7.62 23.31 35.33
C THR J 357 -9.00 22.72 35.11
N ASN J 358 -9.89 23.51 34.53
CA ASN J 358 -11.26 23.09 34.29
C ASN J 358 -11.37 22.35 32.96
N GLY J 359 -12.37 21.48 32.87
CA GLY J 359 -12.61 20.74 31.64
C GLY J 359 -11.56 19.71 31.31
N ALA J 360 -10.84 19.20 32.31
CA ALA J 360 -9.80 18.21 32.07
C ALA J 360 -9.68 17.31 33.28
N LEU J 361 -9.05 16.15 33.08
CA LEU J 361 -8.80 15.22 34.17
C LEU J 361 -7.32 14.86 34.20
N GLU J 362 -6.95 13.87 35.01
CA GLU J 362 -5.56 13.47 35.15
C GLU J 362 -5.41 12.00 34.77
N ALA J 363 -4.36 11.69 34.03
CA ALA J 363 -4.11 10.33 33.57
C ALA J 363 -3.63 9.47 34.74
N SER J 364 -3.31 8.21 34.45
CA SER J 364 -2.90 7.27 35.49
C SER J 364 -1.40 7.28 35.76
N ASN J 365 -0.63 8.01 34.98
CA ASN J 365 0.83 8.11 35.06
C ASN J 365 1.54 6.76 35.02
N VAL J 366 0.85 5.70 34.62
CA VAL J 366 1.43 4.37 34.53
C VAL J 366 1.81 4.12 33.07
N ASP J 367 3.10 3.94 32.81
CA ASP J 367 3.58 3.66 31.46
C ASP J 367 3.77 2.17 31.26
N LEU J 368 3.22 1.65 30.16
CA LEU J 368 3.28 0.21 29.91
C LEU J 368 4.65 -0.23 29.43
N SER J 369 5.36 0.63 28.71
CA SER J 369 6.68 0.26 28.18
C SER J 369 7.69 0.01 29.28
N LYS J 370 7.46 0.50 30.49
CA LYS J 370 8.37 0.31 31.60
C LYS J 370 7.91 -0.79 32.56
N GLU J 371 6.64 -1.18 32.50
CA GLU J 371 6.11 -2.19 33.41
C GLU J 371 6.22 -3.61 32.84
N LEU J 372 6.01 -3.77 31.53
CA LEU J 372 6.16 -5.09 30.93
C LEU J 372 7.58 -5.61 31.04
N VAL J 373 8.59 -4.74 30.88
CA VAL J 373 9.97 -5.18 31.06
C VAL J 373 10.27 -5.55 32.51
N ASN J 374 9.66 -4.86 33.47
CA ASN J 374 9.87 -5.19 34.88
C ASN J 374 9.22 -6.52 35.25
N MET J 375 8.10 -6.85 34.62
CA MET J 375 7.38 -8.07 34.96
C MET J 375 8.17 -9.32 34.56
N ILE J 376 8.95 -9.25 33.48
CA ILE J 376 9.81 -10.37 33.09
C ILE J 376 10.84 -10.63 34.18
N VAL J 377 11.50 -9.57 34.64
CA VAL J 377 12.49 -9.70 35.70
C VAL J 377 11.84 -10.24 36.97
N ALA J 378 10.65 -9.75 37.30
CA ALA J 378 9.96 -10.22 38.49
C ALA J 378 9.65 -11.71 38.40
N GLN J 379 9.18 -12.17 37.24
CA GLN J 379 8.86 -13.57 37.06
C GLN J 379 10.11 -14.44 37.18
N ARG J 380 11.19 -14.05 36.51
CA ARG J 380 12.39 -14.88 36.55
C ARG J 380 13.02 -14.85 37.94
N ASN J 381 12.89 -13.73 38.65
CA ASN J 381 13.36 -13.68 40.03
C ASN J 381 12.55 -14.61 40.92
N TYR J 382 11.24 -14.67 40.71
CA TYR J 382 10.41 -15.58 41.50
C TYR J 382 10.81 -17.03 41.22
N GLN J 383 11.08 -17.35 39.95
CA GLN J 383 11.53 -18.69 39.59
C GLN J 383 12.85 -19.03 40.26
N SER J 384 13.79 -18.08 40.26
CA SER J 384 15.08 -18.31 40.91
C SER J 384 14.91 -18.50 42.41
N ASN J 385 13.99 -17.75 43.03
CA ASN J 385 13.70 -17.94 44.44
C ASN J 385 13.15 -19.34 44.68
N ALA J 386 12.24 -19.79 43.82
CA ALA J 386 11.69 -21.13 43.93
C ALA J 386 12.75 -22.21 43.75
N GLN J 387 13.79 -21.92 42.97
CA GLN J 387 14.86 -22.89 42.74
C GLN J 387 15.58 -23.28 44.01
N THR J 388 15.61 -22.42 45.03
CA THR J 388 16.25 -22.75 46.30
C THR J 388 15.50 -23.84 47.05
N ILE J 389 14.17 -23.84 46.93
CA ILE J 389 13.35 -24.84 47.60
C ILE J 389 13.76 -26.24 47.15
N LYS J 390 14.16 -26.38 45.88
CA LYS J 390 14.73 -27.65 45.44
C LYS J 390 15.92 -28.05 46.28
N THR J 391 17.01 -27.31 46.21
CA THR J 391 18.20 -27.73 46.93
C THR J 391 17.86 -28.04 48.38
N GLN J 392 17.12 -27.08 48.96
CA GLN J 392 16.61 -27.07 50.36
C GLN J 392 15.79 -28.32 50.60
N ASP J 393 14.79 -28.58 49.75
CA ASP J 393 13.97 -29.81 49.90
C ASP J 393 14.88 -31.03 49.70
N GLN J 394 15.80 -30.98 48.73
CA GLN J 394 16.74 -32.10 48.49
C GLN J 394 17.61 -32.29 49.74
N ILE J 395 18.13 -31.18 50.27
CA ILE J 395 18.97 -31.28 51.50
C ILE J 395 18.15 -31.95 52.60
N LEU J 396 16.91 -31.49 52.80
CA LEU J 396 16.05 -32.05 53.88
C LEU J 396 15.90 -33.55 53.63
N ASN J 397 15.55 -33.92 52.40
CA ASN J 397 15.40 -35.35 52.05
C ASN J 397 16.75 -35.99 52.34
N THR J 398 17.80 -35.29 51.92
CA THR J 398 19.20 -35.76 52.10
C THR J 398 19.46 -35.97 53.58
N LEU J 399 19.11 -34.99 54.41
CA LEU J 399 19.32 -35.14 55.88
C LEU J 399 18.47 -36.30 56.39
N VAL J 400 17.24 -36.41 55.90
CA VAL J 400 16.31 -37.48 56.37
C VAL J 400 16.78 -38.88 55.92
N ASN J 401 17.07 -39.07 54.63
CA ASN J 401 17.41 -40.38 54.04
C ASN J 401 18.86 -40.69 54.36
N LEU J 402 19.50 -39.88 55.20
CA LEU J 402 20.85 -40.29 55.61
C LEU J 402 20.72 -40.96 56.98
N SER K 2 36.94 -31.52 37.89
CA SER K 2 35.70 -31.16 38.57
C SER K 2 34.93 -30.11 37.79
N PHE K 3 34.24 -29.24 38.51
CA PHE K 3 33.46 -28.17 37.90
C PHE K 3 34.30 -26.99 37.46
N SER K 4 35.58 -26.94 37.84
CA SER K 4 36.39 -25.74 37.68
C SER K 4 36.42 -25.28 36.23
N GLN K 5 36.72 -26.20 35.30
CA GLN K 5 36.77 -25.84 33.89
C GLN K 5 35.41 -25.31 33.43
N ALA K 6 34.34 -26.02 33.77
CA ALA K 6 33.02 -25.67 33.29
C ALA K 6 32.54 -24.35 33.88
N VAL K 7 32.77 -24.14 35.17
CA VAL K 7 32.33 -22.89 35.79
C VAL K 7 33.15 -21.71 35.28
N SER K 8 34.45 -21.92 35.04
CA SER K 8 35.28 -20.86 34.49
C SER K 8 34.82 -20.48 33.09
N GLY K 9 34.49 -21.47 32.25
CA GLY K 9 33.93 -21.18 30.95
C GLY K 9 32.59 -20.47 31.04
N LEU K 10 31.76 -20.88 32.00
CA LEU K 10 30.49 -20.21 32.25
C LEU K 10 30.72 -18.73 32.53
N ASN K 11 31.66 -18.44 33.42
CA ASN K 11 31.94 -17.06 33.81
C ASN K 11 32.48 -16.26 32.63
N ALA K 12 33.38 -16.87 31.85
CA ALA K 12 33.92 -16.16 30.69
C ALA K 12 32.83 -15.83 29.68
N ALA K 13 31.94 -16.79 29.41
CA ALA K 13 30.86 -16.54 28.47
C ALA K 13 29.90 -15.48 29.00
N ALA K 14 29.60 -15.52 30.30
CA ALA K 14 28.74 -14.49 30.88
C ALA K 14 29.39 -13.11 30.77
N THR K 15 30.70 -13.03 31.00
CA THR K 15 31.41 -11.77 30.87
C THR K 15 31.36 -11.25 29.44
N ASN K 16 31.56 -12.14 28.46
CA ASN K 16 31.50 -11.71 27.07
C ASN K 16 30.10 -11.23 26.70
N LEU K 17 29.06 -11.94 27.16
CA LEU K 17 27.70 -11.49 26.92
C LEU K 17 27.45 -10.13 27.58
N ASP K 18 28.01 -9.93 28.76
CA ASP K 18 27.91 -8.64 29.45
C ASP K 18 28.54 -7.53 28.62
N VAL K 19 29.72 -7.80 28.06
CA VAL K 19 30.40 -6.80 27.24
C VAL K 19 29.57 -6.47 26.00
N ILE K 20 29.01 -7.49 25.36
CA ILE K 20 28.18 -7.26 24.17
C ILE K 20 26.96 -6.43 24.54
N GLY K 21 26.31 -6.77 25.65
CA GLY K 21 25.15 -6.00 26.08
C GLY K 21 25.48 -4.56 26.39
N ASN K 22 26.62 -4.33 27.04
CA ASN K 22 27.05 -2.97 27.32
C ASN K 22 27.31 -2.19 26.03
N ASN K 23 27.94 -2.85 25.05
CA ASN K 23 28.16 -2.22 23.76
C ASN K 23 26.84 -1.85 23.08
N ILE K 24 25.84 -2.74 23.15
CA ILE K 24 24.54 -2.43 22.59
C ILE K 24 23.91 -1.23 23.30
N ALA K 25 23.99 -1.22 24.63
CA ALA K 25 23.35 -0.15 25.39
C ALA K 25 23.98 1.20 25.11
N ASN K 26 25.30 1.25 24.92
CA ASN K 26 26.03 2.49 24.71
C ASN K 26 26.04 2.95 23.26
N SER K 27 25.06 2.53 22.46
CA SER K 27 25.04 2.88 21.05
C SER K 27 24.60 4.32 20.80
N ALA K 28 24.49 5.18 21.80
CA ALA K 28 24.05 6.55 21.56
C ALA K 28 24.92 7.60 22.23
N THR K 29 25.78 7.24 23.19
CA THR K 29 26.65 8.21 23.82
C THR K 29 27.66 8.75 22.81
N TYR K 30 28.02 10.01 22.98
CA TYR K 30 28.75 10.75 21.96
C TYR K 30 30.27 10.60 22.07
N GLY K 31 30.75 9.79 23.00
CA GLY K 31 32.19 9.59 23.13
C GLY K 31 32.55 8.15 23.41
N PHE K 32 31.65 7.23 23.12
CA PHE K 32 31.86 5.83 23.49
C PHE K 32 32.93 5.20 22.61
N LYS K 33 33.54 4.14 23.14
CA LYS K 33 34.48 3.31 22.42
C LYS K 33 34.07 1.86 22.58
N SER K 34 34.01 1.13 21.47
CA SER K 34 33.59 -0.26 21.52
C SER K 34 34.56 -1.09 22.35
N GLY K 35 34.00 -1.94 23.21
CA GLY K 35 34.80 -2.80 24.07
C GLY K 35 34.63 -4.25 23.67
N THR K 36 35.71 -5.01 23.80
CA THR K 36 35.70 -6.43 23.50
C THR K 36 36.42 -7.19 24.60
N ALA K 37 36.11 -8.47 24.71
CA ALA K 37 36.77 -9.32 25.69
C ALA K 37 37.93 -10.07 25.06
N SER K 38 38.86 -10.51 25.90
CA SER K 38 39.95 -11.35 25.46
C SER K 38 40.27 -12.33 26.59
N PHE K 39 40.43 -13.59 26.23
CA PHE K 39 40.51 -14.69 27.19
C PHE K 39 41.87 -15.37 27.10
N ALA K 40 42.09 -16.27 28.05
CA ALA K 40 43.26 -17.14 28.05
C ALA K 40 42.97 -18.33 28.95
N ASP K 41 43.65 -19.44 28.68
CA ASP K 41 43.44 -20.67 29.42
C ASP K 41 44.47 -20.81 30.55
N MET K 42 44.20 -21.76 31.44
CA MET K 42 45.12 -22.07 32.54
C MET K 42 45.74 -23.44 32.30
N PHE K 43 46.98 -23.61 32.73
CA PHE K 43 47.64 -24.91 32.71
C PHE K 43 48.55 -25.01 33.92
N ALA K 44 48.24 -25.94 34.81
CA ALA K 44 49.03 -26.15 36.01
C ALA K 44 50.20 -27.08 35.69
N GLY K 45 50.83 -27.62 36.72
CA GLY K 45 51.93 -28.55 36.51
C GLY K 45 51.56 -29.83 35.79
N SER K 46 50.28 -30.17 35.72
CA SER K 46 49.83 -31.34 34.97
C SER K 46 49.72 -30.98 33.49
N LYS K 47 49.13 -31.89 32.70
CA LYS K 47 48.97 -31.68 31.27
C LYS K 47 47.56 -31.31 30.86
N VAL K 48 46.57 -31.60 31.69
CA VAL K 48 45.17 -31.31 31.39
C VAL K 48 44.89 -29.85 31.66
N GLY K 49 44.02 -29.25 30.85
CA GLY K 49 43.68 -27.85 31.03
C GLY K 49 42.86 -27.61 32.29
N LEU K 50 42.87 -26.35 32.73
CA LEU K 50 42.18 -25.96 33.95
C LEU K 50 40.97 -25.08 33.72
N GLY K 51 40.85 -24.44 32.57
CA GLY K 51 39.72 -23.58 32.31
C GLY K 51 40.15 -22.38 31.47
N VAL K 52 39.45 -21.27 31.68
CA VAL K 52 39.72 -20.03 30.95
C VAL K 52 39.56 -18.85 31.89
N LYS K 53 40.48 -17.89 31.81
CA LYS K 53 40.33 -16.60 32.47
C LYS K 53 39.67 -15.61 31.53
N VAL K 54 39.70 -14.33 31.92
CA VAL K 54 39.41 -13.22 31.03
C VAL K 54 40.69 -12.41 30.98
N ALA K 55 41.45 -12.56 29.89
CA ALA K 55 42.74 -11.89 29.79
C ALA K 55 42.59 -10.38 29.93
N GLY K 56 41.45 -9.85 29.53
CA GLY K 56 41.15 -8.46 29.79
C GLY K 56 40.17 -7.90 28.79
N ILE K 57 39.75 -6.68 29.05
CA ILE K 57 38.82 -5.95 28.18
C ILE K 57 39.60 -4.91 27.40
N THR K 58 39.47 -4.95 26.08
CA THR K 58 40.19 -4.07 25.18
C THR K 58 39.21 -3.09 24.56
N GLN K 59 39.51 -1.80 24.67
CA GLN K 59 38.69 -0.79 24.03
C GLN K 59 39.17 -0.56 22.60
N ASP K 60 38.23 -0.19 21.74
CA ASP K 60 38.52 0.18 20.37
C ASP K 60 38.67 1.70 20.29
N PHE K 61 39.70 2.14 19.58
CA PHE K 61 40.02 3.56 19.52
C PHE K 61 40.00 4.04 18.08
N THR K 62 39.03 3.57 17.31
CA THR K 62 38.78 4.16 16.00
C THR K 62 37.87 5.38 16.15
N ASP K 63 38.13 6.40 15.35
CA ASP K 63 37.30 7.60 15.40
C ASP K 63 36.00 7.38 14.64
N GLY K 64 34.88 7.72 15.28
CA GLY K 64 33.59 7.59 14.65
C GLY K 64 33.31 8.74 13.72
N THR K 65 32.02 8.91 13.41
CA THR K 65 31.60 9.98 12.52
C THR K 65 31.64 11.30 13.26
N THR K 66 31.20 12.37 12.60
CA THR K 66 31.30 13.73 13.16
C THR K 66 29.98 14.43 12.89
N THR K 67 29.06 14.32 13.85
CA THR K 67 27.75 14.93 13.69
C THR K 67 27.84 16.45 13.87
N ASN K 68 27.02 17.17 13.12
CA ASN K 68 26.96 18.63 13.21
C ASN K 68 25.64 19.02 13.88
N THR K 69 25.74 19.59 15.08
CA THR K 69 24.56 19.95 15.83
C THR K 69 24.23 21.44 15.76
N GLY K 70 25.24 22.29 15.54
CA GLY K 70 25.04 23.71 15.37
C GLY K 70 25.40 24.55 16.56
N ARG K 71 25.58 23.95 17.74
CA ARG K 71 25.95 24.72 18.90
C ARG K 71 27.39 25.22 18.78
N GLY K 72 27.72 26.22 19.60
CA GLY K 72 29.05 26.79 19.58
C GLY K 72 29.98 26.17 20.60
N LEU K 73 29.46 25.86 21.79
CA LEU K 73 30.28 25.34 22.88
C LEU K 73 30.35 23.81 22.80
N ASP K 74 30.95 23.33 21.73
CA ASP K 74 31.13 21.90 21.48
C ASP K 74 32.12 21.69 20.35
N VAL K 75 32.98 20.69 20.51
CA VAL K 75 34.02 20.37 19.54
C VAL K 75 34.16 18.86 19.44
N ALA K 76 34.94 18.42 18.46
CA ALA K 76 35.19 17.01 18.24
C ALA K 76 36.61 16.81 17.73
N ILE K 77 37.33 15.88 18.34
CA ILE K 77 38.72 15.63 17.95
C ILE K 77 38.75 14.71 16.74
N SER K 78 39.67 14.99 15.82
CA SER K 78 39.76 14.26 14.56
C SER K 78 40.71 13.08 14.58
N GLN K 79 41.68 13.07 15.50
CA GLN K 79 42.70 12.04 15.54
C GLN K 79 43.07 11.79 17.00
N ASN K 80 44.21 11.16 17.22
CA ASN K 80 44.68 10.88 18.58
C ASN K 80 44.78 12.15 19.42
N GLY K 81 44.36 12.05 20.66
CA GLY K 81 44.32 13.19 21.57
C GLY K 81 43.07 13.10 22.44
N PHE K 82 43.20 13.54 23.68
CA PHE K 82 42.10 13.47 24.62
C PHE K 82 41.99 14.78 25.40
N PHE K 83 40.75 15.19 25.63
CA PHE K 83 40.50 16.30 26.53
C PHE K 83 40.88 15.94 27.96
N ARG K 84 41.56 16.85 28.63
CA ARG K 84 42.00 16.66 30.01
C ARG K 84 41.09 17.46 30.92
N LEU K 85 40.49 16.80 31.91
CA LEU K 85 39.55 17.42 32.82
C LEU K 85 39.95 17.16 34.26
N VAL K 86 39.61 18.09 35.14
CA VAL K 86 39.85 17.95 36.58
C VAL K 86 38.59 18.31 37.35
N ASP K 87 38.08 17.37 38.13
CA ASP K 87 36.89 17.65 38.93
C ASP K 87 37.26 18.01 40.36
N SER K 88 36.35 18.74 41.01
CA SER K 88 36.33 19.03 42.43
C SER K 88 37.71 19.07 43.06
N ASN K 89 38.00 18.06 43.88
CA ASN K 89 39.25 18.01 44.65
C ASN K 89 40.48 17.99 43.76
N GLY K 90 40.63 16.94 42.96
CA GLY K 90 41.79 16.77 42.11
C GLY K 90 41.53 15.76 41.02
N SER K 91 42.55 14.96 40.74
CA SER K 91 42.50 13.86 39.77
C SER K 91 42.42 14.39 38.35
N VAL K 92 43.13 13.75 37.43
CA VAL K 92 43.18 14.16 36.04
C VAL K 92 42.52 13.07 35.21
N PHE K 93 41.31 13.33 34.75
CA PHE K 93 40.59 12.38 33.90
C PHE K 93 40.72 12.79 32.44
N TYR K 94 40.56 11.81 31.56
CA TYR K 94 40.68 12.03 30.12
C TYR K 94 39.37 11.61 29.45
N SER K 95 38.94 12.41 28.49
CA SER K 95 37.67 12.17 27.82
C SER K 95 37.78 12.54 26.35
N ARG K 96 36.75 12.17 25.59
CA ARG K 96 36.63 12.55 24.19
C ARG K 96 35.30 13.21 23.84
N ASN K 97 34.31 13.13 24.72
CA ASN K 97 33.03 13.79 24.46
C ASN K 97 33.22 15.31 24.39
N GLY K 98 32.45 15.94 23.51
CA GLY K 98 32.62 17.37 23.28
C GLY K 98 31.50 18.24 23.80
N GLN K 99 30.46 17.64 24.37
CA GLN K 99 29.36 18.41 24.92
C GLN K 99 29.83 19.17 26.15
N PHE K 100 30.00 20.48 26.02
CA PHE K 100 30.56 21.31 27.07
C PHE K 100 29.52 22.25 27.64
N LYS K 101 29.23 22.08 28.92
CA LYS K 101 28.41 23.00 29.70
C LYS K 101 29.22 24.27 29.94
N LEU K 102 28.59 25.31 30.50
CA LEU K 102 29.31 26.51 30.93
C LEU K 102 28.82 26.84 32.33
N ASP K 103 29.64 26.56 33.33
CA ASP K 103 29.23 26.73 34.71
C ASP K 103 28.99 28.21 35.02
N GLU K 104 28.00 28.45 35.89
CA GLU K 104 27.62 29.82 36.22
C GLU K 104 28.75 30.61 36.85
N ASN K 105 29.74 29.94 37.42
CA ASN K 105 30.94 30.60 37.93
C ASN K 105 31.97 30.82 36.84
N ARG K 106 31.55 30.80 35.58
CA ARG K 106 32.42 31.03 34.42
C ARG K 106 33.52 29.97 34.35
N ASN K 107 33.08 28.71 34.25
CA ASN K 107 33.98 27.58 34.09
C ASN K 107 33.43 26.67 33.00
N LEU K 108 34.27 26.32 32.03
CA LEU K 108 33.88 25.39 30.98
C LEU K 108 33.89 23.98 31.56
N VAL K 109 32.71 23.38 31.66
CA VAL K 109 32.57 22.03 32.19
C VAL K 109 31.79 21.19 31.21
N ASN K 110 31.84 19.88 31.40
CA ASN K 110 31.08 18.95 30.58
C ASN K 110 29.66 18.82 31.15
N MET K 111 28.92 17.82 30.68
CA MET K 111 27.56 17.58 31.18
C MET K 111 27.52 17.17 32.64
N GLN K 112 28.65 16.78 33.23
CA GLN K 112 28.69 16.29 34.61
C GLN K 112 29.67 17.09 35.45
N GLY K 113 29.79 18.38 35.17
CA GLY K 113 30.56 19.27 36.02
C GLY K 113 32.06 19.11 35.95
N MET K 114 32.59 18.32 35.03
CA MET K 114 34.03 18.17 34.90
C MET K 114 34.63 19.45 34.34
N GLN K 115 35.40 20.16 35.16
CA GLN K 115 36.04 21.38 34.67
C GLN K 115 37.05 21.04 33.58
N LEU K 116 37.14 21.92 32.58
CA LEU K 116 37.97 21.66 31.42
C LEU K 116 39.26 22.45 31.54
N THR K 117 40.38 21.78 31.28
CA THR K 117 41.70 22.34 31.51
C THR K 117 42.31 22.86 30.22
N GLY K 118 43.22 23.80 30.36
CA GLY K 118 43.86 24.39 29.21
C GLY K 118 44.99 25.31 29.62
N TYR K 119 45.70 25.81 28.63
CA TYR K 119 46.80 26.72 28.87
C TYR K 119 46.27 28.06 29.38
N PRO K 120 47.03 28.75 30.24
CA PRO K 120 46.59 30.05 30.74
C PRO K 120 47.07 31.21 29.88
N ALA K 121 46.29 32.28 29.89
CA ALA K 121 46.64 33.50 29.19
C ALA K 121 47.43 34.42 30.11
N THR K 122 48.52 34.97 29.59
CA THR K 122 49.44 35.77 30.39
C THR K 122 49.79 37.06 29.67
N GLY K 123 50.11 38.09 30.46
CA GLY K 123 50.63 39.33 29.94
C GLY K 123 49.56 40.24 29.34
N THR K 124 50.04 41.33 28.73
CA THR K 124 49.19 42.30 28.06
C THR K 124 49.85 42.70 26.74
N PRO K 125 49.25 42.36 25.59
CA PRO K 125 47.97 41.63 25.44
C PRO K 125 48.06 40.18 25.88
N PRO K 126 46.98 39.66 26.47
CA PRO K 126 47.01 38.29 27.00
C PRO K 126 47.36 37.29 25.92
N THR K 127 48.37 36.47 26.20
CA THR K 127 48.83 35.44 25.28
C THR K 127 49.01 34.13 26.03
N ILE K 128 48.86 33.02 25.31
CA ILE K 128 49.05 31.71 25.91
C ILE K 128 50.54 31.38 25.98
N GLN K 129 50.87 30.40 26.81
CA GLN K 129 52.23 29.95 26.98
C GLN K 129 52.31 28.44 26.76
N GLN K 130 53.38 28.01 26.08
CA GLN K 130 53.50 26.60 25.72
C GLN K 130 53.94 25.76 26.90
N GLY K 131 54.98 26.19 27.61
CA GLY K 131 55.52 25.42 28.71
C GLY K 131 54.78 25.53 30.01
N ALA K 132 53.74 26.35 30.09
CA ALA K 132 52.98 26.48 31.32
C ALA K 132 52.14 25.23 31.58
N ASN K 133 51.93 24.95 32.86
CA ASN K 133 51.09 23.82 33.23
C ASN K 133 49.62 24.14 32.93
N PRO K 134 48.82 23.14 32.57
CA PRO K 134 47.41 23.39 32.28
C PRO K 134 46.66 23.90 33.50
N ALA K 135 45.65 24.71 33.25
CA ALA K 135 44.84 25.32 34.29
C ALA K 135 43.39 25.34 33.83
N PRO K 136 42.45 25.43 34.77
CA PRO K 136 41.04 25.55 34.37
C PRO K 136 40.80 26.79 33.53
N ILE K 137 39.84 26.69 32.62
CA ILE K 137 39.52 27.74 31.67
C ILE K 137 38.30 28.49 32.17
N THR K 138 38.39 29.83 32.17
CA THR K 138 37.33 30.67 32.67
C THR K 138 36.93 31.70 31.61
N ILE K 139 35.69 32.15 31.68
CA ILE K 139 35.19 33.19 30.78
C ILE K 139 34.83 34.40 31.63
N PRO K 140 35.78 35.31 31.87
CA PRO K 140 35.51 36.43 32.78
C PRO K 140 34.44 37.36 32.23
N ASN K 141 33.69 37.97 33.15
CA ASN K 141 32.65 38.92 32.81
C ASN K 141 33.09 40.37 33.02
N THR K 142 34.26 40.60 33.59
CA THR K 142 34.69 41.94 33.93
C THR K 142 35.02 42.74 32.68
N LEU K 143 34.95 44.06 32.81
CA LEU K 143 35.29 44.98 31.73
C LEU K 143 36.80 45.10 31.57
N MET K 144 37.23 45.39 30.34
CA MET K 144 38.64 45.52 30.04
C MET K 144 39.18 46.81 30.65
N ALA K 145 40.50 46.85 30.83
CA ALA K 145 41.18 48.00 31.41
C ALA K 145 41.81 48.84 30.30
N ALA K 146 41.69 50.16 30.43
CA ALA K 146 42.21 51.06 29.40
C ALA K 146 43.72 50.96 29.32
N LYS K 147 44.23 51.09 28.10
CA LYS K 147 45.68 51.04 27.85
C LYS K 147 46.05 52.27 27.02
N SER K 148 46.88 53.14 27.59
CA SER K 148 47.33 54.32 26.88
C SER K 148 48.17 53.94 25.67
N THR K 149 47.99 54.68 24.58
CA THR K 149 48.72 54.39 23.36
C THR K 149 50.21 54.66 23.55
N THR K 150 51.03 53.69 23.18
CA THR K 150 52.47 53.81 23.28
C THR K 150 53.18 53.82 21.94
N THR K 151 52.52 53.38 20.87
CA THR K 151 53.14 53.32 19.55
C THR K 151 52.09 53.59 18.49
N ALA K 152 52.36 54.57 17.63
CA ALA K 152 51.52 54.87 16.49
C ALA K 152 52.36 54.79 15.23
N SER K 153 51.80 54.18 14.19
CA SER K 153 52.52 53.95 12.94
C SER K 153 51.68 54.44 11.78
N MET K 154 52.35 55.03 10.79
CA MET K 154 51.64 55.60 9.65
C MET K 154 52.48 55.43 8.40
N GLN K 155 51.80 55.19 7.28
CA GLN K 155 52.41 55.07 5.96
C GLN K 155 51.65 55.98 4.99
N ILE K 156 52.40 56.68 4.13
CA ILE K 156 51.81 57.69 3.26
C ILE K 156 52.53 57.67 1.93
N ASN K 157 51.80 57.99 0.87
CA ASN K 157 52.34 58.06 -0.50
C ASN K 157 52.42 59.53 -0.90
N LEU K 158 53.59 60.12 -0.71
CA LEU K 158 53.79 61.53 -1.02
C LEU K 158 54.07 61.71 -2.50
N ASN K 159 53.46 62.73 -3.09
CA ASN K 159 53.71 63.04 -4.50
C ASN K 159 55.08 63.67 -4.67
N SER K 160 55.79 63.26 -5.71
CA SER K 160 57.08 63.85 -6.06
C SER K 160 56.94 65.15 -6.84
N THR K 161 55.73 65.49 -7.29
CA THR K 161 55.48 66.75 -7.97
C THR K 161 54.82 67.76 -7.04
N ASP K 162 55.19 67.75 -5.77
CA ASP K 162 54.56 68.63 -4.79
C ASP K 162 55.14 70.04 -4.89
N PRO K 163 54.32 71.05 -5.10
CA PRO K 163 54.82 72.43 -5.00
C PRO K 163 55.21 72.78 -3.58
N VAL K 164 56.22 73.64 -3.46
CA VAL K 164 56.62 74.15 -2.15
C VAL K 164 55.51 75.07 -1.62
N PRO K 165 55.19 75.01 -0.33
CA PRO K 165 54.13 75.88 0.20
C PRO K 165 54.46 77.35 -0.03
N SER K 166 53.42 78.13 -0.34
CA SER K 166 53.57 79.55 -0.64
C SER K 166 53.59 80.42 0.62
N LYS K 167 52.67 80.17 1.54
CA LYS K 167 52.63 80.92 2.80
C LYS K 167 53.78 80.47 3.67
N THR K 168 54.87 81.24 3.66
CA THR K 168 56.07 80.87 4.41
C THR K 168 55.80 80.64 5.90
N PRO K 169 55.08 81.51 6.63
CA PRO K 169 54.77 81.18 8.03
C PRO K 169 53.70 80.10 8.10
N PHE K 170 54.05 78.96 8.70
CA PHE K 170 53.11 77.87 8.87
C PHE K 170 52.00 78.26 9.83
N SER K 171 50.76 77.99 9.44
CA SER K 171 49.59 78.21 10.28
C SER K 171 48.61 77.06 10.12
N VAL K 172 48.02 76.64 11.24
CA VAL K 172 47.19 75.44 11.25
C VAL K 172 45.78 75.69 10.71
N SER K 173 45.33 76.95 10.67
CA SER K 173 44.02 77.29 10.13
C SER K 173 44.11 77.76 8.68
N ASP K 174 45.06 77.23 7.92
CA ASP K 174 45.33 77.67 6.56
C ASP K 174 44.85 76.64 5.55
N ALA K 175 44.94 77.01 4.28
CA ALA K 175 44.69 76.09 3.18
C ALA K 175 45.82 76.04 2.17
N ASP K 176 46.89 76.81 2.37
CA ASP K 176 48.03 76.82 1.47
C ASP K 176 49.37 76.75 2.18
N SER K 177 49.44 76.98 3.50
CA SER K 177 50.71 77.01 4.20
C SER K 177 51.31 75.62 4.41
N TYR K 178 50.52 74.56 4.31
CA TYR K 178 50.99 73.21 4.56
C TYR K 178 50.75 72.33 3.36
N ASN K 179 51.48 71.21 3.30
CA ASN K 179 51.35 70.28 2.19
C ASN K 179 50.33 69.18 2.49
N LYS K 180 50.46 68.50 3.63
CA LYS K 180 49.54 67.42 3.96
C LYS K 180 49.14 67.50 5.42
N LYS K 181 47.87 67.24 5.70
CA LYS K 181 47.34 67.19 7.06
C LYS K 181 46.73 65.83 7.30
N GLY K 182 47.17 65.14 8.36
CA GLY K 182 46.59 63.90 8.78
C GLY K 182 46.15 63.97 10.24
N THR K 183 45.29 63.03 10.62
CA THR K 183 44.81 62.95 11.99
C THR K 183 45.07 61.54 12.53
N VAL K 184 45.64 61.48 13.72
CA VAL K 184 45.95 60.21 14.38
C VAL K 184 45.32 60.22 15.76
N THR K 185 44.59 59.16 16.08
CA THR K 185 43.83 59.07 17.32
C THR K 185 44.53 58.15 18.30
N VAL K 186 44.71 58.63 19.53
CA VAL K 186 45.28 57.83 20.61
C VAL K 186 44.36 57.93 21.82
N TYR K 187 44.66 57.13 22.84
CA TYR K 187 43.85 57.06 24.05
C TYR K 187 44.72 57.33 25.27
N ASP K 188 44.13 58.01 26.24
CA ASP K 188 44.79 58.36 27.47
C ASP K 188 44.72 57.19 28.45
N SER K 189 45.04 57.45 29.72
CA SER K 189 44.88 56.45 30.77
C SER K 189 43.42 56.16 31.09
N GLN K 190 42.48 56.91 30.54
CA GLN K 190 41.06 56.69 30.82
C GLN K 190 40.26 56.55 29.54
N GLY K 191 40.91 56.18 28.44
CA GLY K 191 40.20 55.92 27.20
C GLY K 191 39.64 57.14 26.51
N ASN K 192 40.17 58.32 26.81
CA ASN K 192 39.71 59.54 26.16
C ASN K 192 40.53 59.76 24.89
N ALA K 193 39.82 60.07 23.79
CA ALA K 193 40.45 60.12 22.48
C ALA K 193 41.12 61.47 22.27
N HIS K 194 42.40 61.43 21.88
CA HIS K 194 43.15 62.61 21.47
C HIS K 194 43.48 62.46 19.99
N ASP K 195 43.07 63.45 19.20
CA ASP K 195 43.30 63.46 17.75
C ASP K 195 44.39 64.47 17.46
N MET K 196 45.57 64.00 17.10
CA MET K 196 46.68 64.87 16.74
C MET K 196 46.67 65.12 15.24
N ASN K 197 46.79 66.40 14.87
CA ASN K 197 47.03 66.81 13.49
C ASN K 197 48.52 66.74 13.22
N VAL K 198 48.92 65.85 12.31
CA VAL K 198 50.29 65.76 11.85
C VAL K 198 50.37 66.48 10.51
N TYR K 199 51.23 67.49 10.43
CA TYR K 199 51.32 68.38 9.28
C TYR K 199 52.67 68.20 8.61
N PHE K 200 52.65 67.88 7.32
CA PHE K 200 53.86 67.78 6.52
C PHE K 200 53.96 68.98 5.59
N VAL K 201 55.15 69.58 5.55
CA VAL K 201 55.45 70.69 4.65
C VAL K 201 56.71 70.34 3.87
N LYS K 202 56.85 70.92 2.69
CA LYS K 202 57.97 70.63 1.80
C LYS K 202 58.95 71.79 1.86
N THR K 203 60.14 71.55 2.42
CA THR K 203 61.17 72.57 2.41
C THR K 203 61.73 72.72 1.00
N LYS K 204 62.01 71.59 0.35
CA LYS K 204 62.38 71.54 -1.05
C LYS K 204 62.16 70.10 -1.53
N ASP K 205 62.58 69.80 -2.74
CA ASP K 205 62.52 68.43 -3.23
C ASP K 205 63.37 67.52 -2.36
N ASN K 206 62.79 66.40 -1.95
CA ASN K 206 63.42 65.36 -1.14
C ASN K 206 63.65 65.78 0.30
N GLU K 207 63.08 66.90 0.75
CA GLU K 207 63.23 67.33 2.14
C GLU K 207 61.93 67.92 2.66
N TRP K 208 61.43 67.34 3.74
CA TRP K 208 60.15 67.76 4.32
C TRP K 208 60.33 68.02 5.81
N ALA K 209 59.36 68.71 6.39
CA ALA K 209 59.31 68.94 7.83
C ALA K 209 57.94 68.49 8.35
N VAL K 210 57.93 68.01 9.58
CA VAL K 210 56.74 67.42 10.19
C VAL K 210 56.47 68.12 11.52
N TYR K 211 55.23 68.57 11.70
CA TYR K 211 54.77 69.27 12.89
C TYR K 211 53.63 68.48 13.52
N THR K 212 53.52 68.56 14.84
CA THR K 212 52.44 67.92 15.57
C THR K 212 51.59 68.98 16.27
N HIS K 213 50.28 68.76 16.27
CA HIS K 213 49.33 69.70 16.85
C HIS K 213 48.27 68.93 17.61
N ASP K 214 48.08 69.28 18.89
CA ASP K 214 47.00 68.70 19.67
C ASP K 214 45.69 69.34 19.25
N SER K 215 44.74 68.54 18.79
CA SER K 215 43.46 69.05 18.30
C SER K 215 42.28 68.64 19.15
N SER K 216 42.47 67.77 20.14
CA SER K 216 41.38 67.39 21.04
C SER K 216 41.13 68.49 22.08
N ASP K 217 42.18 68.88 22.81
CA ASP K 217 42.06 69.96 23.77
C ASP K 217 42.07 71.30 23.04
N PRO K 218 41.04 72.14 23.22
CA PRO K 218 41.08 73.47 22.58
C PRO K 218 42.10 74.41 23.18
N ALA K 219 42.72 74.05 24.31
CA ALA K 219 43.69 74.90 24.98
C ALA K 219 45.12 74.56 24.61
N ALA K 220 45.35 74.10 23.39
CA ALA K 220 46.67 73.76 22.91
C ALA K 220 47.23 74.87 22.03
N THR K 221 48.55 75.02 22.07
CA THR K 221 49.22 76.06 21.30
C THR K 221 49.38 75.63 19.85
N ALA K 222 49.17 76.56 18.92
CA ALA K 222 49.39 76.27 17.52
C ALA K 222 50.87 76.01 17.29
N PRO K 223 51.23 74.85 16.73
CA PRO K 223 52.65 74.52 16.60
C PRO K 223 53.33 75.38 15.54
N THR K 224 54.56 75.80 15.87
CA THR K 224 55.43 76.49 14.94
C THR K 224 56.81 75.87 14.83
N THR K 225 57.26 75.17 15.86
CA THR K 225 58.53 74.45 15.83
C THR K 225 58.36 73.14 15.07
N ALA K 226 59.46 72.66 14.50
CA ALA K 226 59.44 71.42 13.74
C ALA K 226 59.54 70.24 14.69
N SER K 227 58.52 69.37 14.67
CA SER K 227 58.61 68.14 15.45
C SER K 227 59.72 67.24 14.93
N THR K 228 59.86 67.15 13.61
CA THR K 228 60.96 66.41 13.01
C THR K 228 61.08 66.81 11.55
N THR K 229 61.98 66.14 10.83
CA THR K 229 62.14 66.35 9.40
C THR K 229 62.27 65.00 8.70
N LEU K 230 61.88 64.98 7.44
CA LEU K 230 61.96 63.80 6.59
C LEU K 230 63.00 64.03 5.50
N LYS K 231 63.94 63.11 5.39
CA LYS K 231 64.99 63.14 4.38
C LYS K 231 64.65 62.07 3.36
N PHE K 232 64.46 62.48 2.10
CA PHE K 232 64.08 61.55 1.06
C PHE K 232 65.22 61.36 0.07
N ASN K 233 65.41 60.11 -0.36
CA ASN K 233 66.47 59.76 -1.28
C ASN K 233 66.07 60.13 -2.71
N GLU K 234 67.07 60.21 -3.59
CA GLU K 234 66.83 60.58 -4.97
C GLU K 234 66.01 59.54 -5.72
N ASN K 235 65.89 58.32 -5.19
CA ASN K 235 64.90 57.38 -5.72
C ASN K 235 63.50 57.81 -5.33
N GLY K 236 63.34 58.29 -4.10
CA GLY K 236 62.06 58.75 -3.60
C GLY K 236 61.58 58.03 -2.37
N ILE K 237 62.51 57.50 -1.58
CA ILE K 237 62.18 56.81 -0.34
C ILE K 237 62.79 57.56 0.83
N LEU K 238 62.26 57.29 2.02
CA LEU K 238 62.73 57.96 3.23
C LEU K 238 64.14 57.53 3.57
N GLU K 239 64.96 58.50 4.00
CA GLU K 239 66.35 58.24 4.39
C GLU K 239 66.55 58.20 5.90
N SER K 240 66.13 59.25 6.61
CA SER K 240 66.40 59.31 8.04
C SER K 240 65.35 60.21 8.70
N GLY K 241 65.24 60.07 10.02
CA GLY K 241 64.32 60.86 10.81
C GLY K 241 62.88 60.41 10.69
N GLY K 242 62.61 59.16 11.05
CA GLY K 242 61.27 58.61 10.91
C GLY K 242 60.58 58.28 12.21
N THR K 243 61.28 58.41 13.33
CA THR K 243 60.72 58.09 14.64
C THR K 243 60.82 59.31 15.56
N VAL K 244 59.72 59.59 16.26
CA VAL K 244 59.66 60.72 17.18
C VAL K 244 58.96 60.24 18.44
N ASN K 245 59.15 60.98 19.54
CA ASN K 245 58.42 60.74 20.78
C ASN K 245 57.64 61.99 21.13
N ILE K 246 56.33 61.86 21.26
CA ILE K 246 55.44 62.99 21.45
C ILE K 246 54.57 62.75 22.68
N THR K 247 54.50 63.73 23.56
CA THR K 247 53.49 63.74 24.61
C THR K 247 52.29 64.57 24.16
N THR K 248 51.11 64.18 24.62
CA THR K 248 49.88 64.83 24.21
C THR K 248 49.33 65.68 25.34
N GLY K 249 48.22 66.35 25.07
CA GLY K 249 47.55 67.14 26.09
C GLY K 249 46.78 66.28 27.06
N THR K 250 46.10 66.95 27.97
CA THR K 250 45.32 66.27 29.01
C THR K 250 43.89 66.78 28.98
N ILE K 251 42.95 65.83 29.01
CA ILE K 251 41.52 66.14 29.09
C ILE K 251 40.99 65.54 30.38
N ASN K 252 40.27 66.36 31.15
CA ASN K 252 39.77 65.97 32.47
C ASN K 252 40.91 65.48 33.36
N GLY K 253 42.05 66.18 33.28
CA GLY K 253 43.17 65.94 34.16
C GLY K 253 43.78 64.56 34.08
N ALA K 254 43.48 63.83 33.02
CA ALA K 254 44.03 62.49 32.85
C ALA K 254 45.51 62.57 32.48
N THR K 255 46.23 61.48 32.76
CA THR K 255 47.64 61.42 32.43
C THR K 255 47.85 61.50 30.93
N ALA K 256 48.80 62.35 30.53
CA ALA K 256 49.14 62.46 29.12
C ALA K 256 49.71 61.15 28.61
N ALA K 257 49.25 60.73 27.43
CA ALA K 257 49.65 59.46 26.83
C ALA K 257 50.76 59.74 25.82
N THR K 258 51.97 59.93 26.33
CA THR K 258 53.12 60.08 25.45
C THR K 258 53.38 58.77 24.72
N PHE K 259 53.87 58.86 23.49
CA PHE K 259 54.01 57.68 22.66
C PHE K 259 55.07 57.93 21.58
N SER K 260 55.57 56.84 21.03
CA SER K 260 56.41 56.90 19.86
C SER K 260 55.55 56.94 18.60
N LEU K 261 55.98 57.75 17.64
CA LEU K 261 55.32 57.91 16.35
C LEU K 261 56.31 57.55 15.26
N SER K 262 55.88 56.67 14.35
CA SER K 262 56.73 56.14 13.29
C SER K 262 56.09 56.38 11.94
N PHE K 263 56.89 56.85 10.98
CA PHE K 263 56.45 57.11 9.62
C PHE K 263 57.15 56.16 8.66
N LEU K 264 57.34 54.91 9.08
CA LEU K 264 58.08 53.95 8.28
C LEU K 264 57.36 53.65 6.97
N ASN K 265 58.14 53.23 5.98
CA ASN K 265 57.67 52.82 4.65
C ASN K 265 57.05 53.99 3.91
N SER K 266 57.19 55.20 4.44
CA SER K 266 56.73 56.37 3.70
C SER K 266 57.54 56.52 2.42
N MET K 267 56.86 56.95 1.36
CA MET K 267 57.44 56.89 0.03
C MET K 267 56.96 58.10 -0.78
N GLN K 268 57.88 58.67 -1.58
CA GLN K 268 57.70 59.96 -2.24
C GLN K 268 58.18 59.83 -3.68
N GLN K 269 57.36 59.23 -4.53
CA GLN K 269 57.74 58.89 -5.89
C GLN K 269 56.60 59.18 -6.88
N ASN K 270 56.00 60.35 -6.79
CA ASN K 270 54.98 60.80 -7.74
C ASN K 270 53.76 59.88 -7.71
N THR K 271 53.11 59.81 -6.56
CA THR K 271 51.91 58.99 -6.40
C THR K 271 50.65 59.80 -6.67
N GLY K 272 50.61 60.49 -7.80
CA GLY K 272 49.44 61.28 -8.16
C GLY K 272 49.09 62.33 -7.12
N ALA K 273 47.98 62.13 -6.42
CA ALA K 273 47.57 62.99 -5.32
C ALA K 273 47.97 62.38 -3.99
N ASN K 274 48.41 63.23 -3.07
CA ASN K 274 48.86 62.76 -1.78
C ASN K 274 47.72 62.08 -1.02
N ASN K 275 48.04 60.95 -0.39
CA ASN K 275 47.04 60.20 0.36
C ASN K 275 47.75 59.28 1.34
N ILE K 276 47.01 58.86 2.37
CA ILE K 276 47.52 57.94 3.38
C ILE K 276 47.08 56.53 3.00
N VAL K 277 47.85 55.54 3.44
CA VAL K 277 47.54 54.15 3.11
C VAL K 277 47.42 53.25 4.32
N ALA K 278 47.99 53.58 5.47
CA ALA K 278 47.91 52.69 6.64
C ALA K 278 48.18 53.51 7.89
N THR K 279 47.26 53.44 8.86
CA THR K 279 47.45 54.06 10.16
C THR K 279 47.07 53.06 11.25
N ASN K 280 47.84 53.05 12.33
CA ASN K 280 47.54 52.11 13.41
C ASN K 280 48.15 52.63 14.71
N GLN K 281 47.60 52.14 15.81
CA GLN K 281 48.10 52.44 17.16
C GLN K 281 47.70 51.29 18.08
N ASN K 282 48.44 51.17 19.18
CA ASN K 282 48.30 50.02 20.08
C ASN K 282 47.67 50.39 21.42
N GLY K 283 46.91 51.49 21.44
CA GLY K 283 46.13 51.82 22.62
C GLY K 283 44.66 51.58 22.35
N TYR K 284 43.86 51.33 23.37
CA TYR K 284 42.48 50.94 23.11
C TYR K 284 41.56 51.43 24.22
N LYS K 285 40.30 51.62 23.86
CA LYS K 285 39.25 52.02 24.77
C LYS K 285 38.82 50.83 25.62
N PRO K 286 38.48 51.06 26.88
CA PRO K 286 37.87 50.00 27.69
C PRO K 286 36.47 49.66 27.19
N GLY K 287 36.07 48.42 27.46
CA GLY K 287 34.79 47.95 26.99
C GLY K 287 34.35 46.72 27.77
N ASP K 288 33.26 46.12 27.30
CA ASP K 288 32.68 44.96 27.94
C ASP K 288 32.51 43.84 26.93
N LEU K 289 32.59 42.60 27.42
CA LEU K 289 32.51 41.44 26.56
C LEU K 289 31.13 41.30 25.93
N VAL K 290 31.10 40.95 24.65
CA VAL K 290 29.83 40.80 23.95
C VAL K 290 29.66 39.37 23.45
N SER K 291 30.76 38.67 23.18
CA SER K 291 30.65 37.29 22.74
C SER K 291 31.98 36.58 22.90
N TYR K 292 31.94 35.25 22.76
CA TYR K 292 33.12 34.42 22.85
C TYR K 292 32.99 33.28 21.84
N GLN K 293 34.13 32.67 21.51
CA GLN K 293 34.15 31.56 20.58
C GLN K 293 35.37 30.70 20.86
N ILE K 294 35.34 29.49 20.31
CA ILE K 294 36.44 28.54 20.41
C ILE K 294 37.02 28.41 19.01
N ASN K 295 38.23 28.92 18.81
CA ASN K 295 38.84 28.90 17.49
C ASN K 295 39.25 27.48 17.12
N ASN K 296 39.53 27.29 15.83
CA ASN K 296 39.88 25.99 15.28
C ASN K 296 41.26 25.51 15.75
N ASP K 297 42.03 26.39 16.38
CA ASP K 297 43.36 26.04 16.87
C ASP K 297 43.37 25.83 18.38
N GLY K 298 42.18 25.73 18.97
CA GLY K 298 42.05 25.41 20.38
C GLY K 298 42.10 26.58 21.33
N THR K 299 42.31 27.80 20.83
CA THR K 299 42.38 28.98 21.69
C THR K 299 40.98 29.59 21.80
N VAL K 300 40.43 29.58 23.01
CA VAL K 300 39.17 30.26 23.27
C VAL K 300 39.43 31.76 23.32
N VAL K 301 38.66 32.53 22.55
CA VAL K 301 38.86 33.96 22.45
C VAL K 301 37.52 34.66 22.64
N GLY K 302 37.59 35.95 22.92
CA GLY K 302 36.40 36.74 23.17
C GLY K 302 36.48 38.10 22.50
N ASN K 303 35.34 38.53 21.97
CA ASN K 303 35.21 39.85 21.38
C ASN K 303 34.29 40.71 22.24
N TYR K 304 34.65 41.98 22.36
CA TYR K 304 34.09 42.90 23.35
C TYR K 304 33.36 44.03 22.65
N SER K 305 32.90 44.98 23.47
CA SER K 305 32.19 46.15 22.96
C SER K 305 33.12 47.26 22.49
N ASN K 306 34.43 47.14 22.74
CA ASN K 306 35.40 48.15 22.34
C ASN K 306 36.17 47.73 21.09
N GLU K 307 35.65 46.77 20.35
CA GLU K 307 36.28 46.26 19.13
C GLU K 307 37.71 45.80 19.40
N GLN K 308 37.85 44.98 20.43
CA GLN K 308 39.14 44.39 20.79
C GLN K 308 38.95 42.91 21.09
N GLU K 309 39.90 42.10 20.63
CA GLU K 309 39.85 40.66 20.83
C GLU K 309 40.82 40.27 21.94
N GLN K 310 40.39 39.32 22.77
CA GLN K 310 41.22 38.90 23.89
C GLN K 310 41.29 37.38 23.93
N VAL K 311 42.50 36.88 24.20
CA VAL K 311 42.74 35.45 24.32
C VAL K 311 42.55 35.02 25.77
N LEU K 312 41.75 33.98 25.98
CA LEU K 312 41.44 33.52 27.34
C LEU K 312 41.89 32.09 27.58
N GLY K 313 42.91 31.63 26.88
CA GLY K 313 43.44 30.29 27.07
C GLY K 313 43.30 29.44 25.82
N GLN K 314 44.00 28.31 25.86
CA GLN K 314 44.03 27.37 24.75
C GLN K 314 43.66 25.98 25.24
N ILE K 315 42.85 25.28 24.45
CA ILE K 315 42.49 23.90 24.78
C ILE K 315 43.71 23.01 24.61
N VAL K 316 43.93 22.13 25.58
CA VAL K 316 45.08 21.23 25.59
C VAL K 316 44.61 19.81 25.35
N LEU K 317 45.21 19.15 24.36
CA LEU K 317 44.98 17.74 24.10
C LEU K 317 46.18 16.93 24.56
N ALA K 318 45.93 15.66 24.89
CA ALA K 318 46.97 14.79 25.42
C ALA K 318 46.97 13.47 24.68
N ASN K 319 48.16 12.98 24.38
CA ASN K 319 48.37 11.67 23.77
C ASN K 319 48.92 10.71 24.80
N PHE K 320 49.29 9.51 24.36
CA PHE K 320 49.88 8.52 25.24
C PHE K 320 50.82 7.63 24.42
N ALA K 321 51.78 7.02 25.13
CA ALA K 321 52.61 6.01 24.49
C ALA K 321 51.81 4.77 24.12
N ASN K 322 50.68 4.55 24.78
CA ASN K 322 49.78 3.45 24.43
C ASN K 322 48.36 3.75 24.89
N ASN K 323 47.38 3.35 24.09
CA ASN K 323 45.99 3.37 24.52
C ASN K 323 45.70 2.08 25.28
N GLU K 324 44.42 1.81 25.52
CA GLU K 324 43.87 0.62 26.20
C GLU K 324 44.53 0.36 27.56
N GLY K 325 45.35 1.28 28.07
CA GLY K 325 45.80 1.20 29.44
C GLY K 325 44.98 2.14 30.30
N LEU K 326 44.25 3.03 29.63
CA LEU K 326 43.37 3.96 30.32
C LEU K 326 42.21 3.20 30.94
N ALA K 327 41.90 3.51 32.20
CA ALA K 327 40.82 2.84 32.91
C ALA K 327 39.57 3.70 32.82
N SER K 328 38.51 3.14 32.25
CA SER K 328 37.24 3.85 32.19
C SER K 328 36.71 4.07 33.61
N GLN K 329 36.12 5.25 33.83
CA GLN K 329 35.69 5.61 35.18
C GLN K 329 34.29 6.20 35.10
N GLY K 330 33.29 5.42 35.51
CA GLY K 330 31.93 5.91 35.59
C GLY K 330 31.40 6.47 34.29
N ASP K 331 31.27 7.80 34.23
CA ASP K 331 30.74 8.47 33.06
C ASP K 331 31.82 8.52 31.98
N ASN K 332 31.60 9.33 30.95
CA ASN K 332 32.42 9.28 29.75
C ASN K 332 33.80 9.88 29.98
N VAL K 333 34.59 9.25 30.86
CA VAL K 333 35.95 9.67 31.14
C VAL K 333 36.83 8.44 31.36
N TRP K 334 38.09 8.57 30.98
CA TRP K 334 39.12 7.59 31.30
C TRP K 334 40.17 8.24 32.20
N ALA K 335 40.80 7.41 33.03
CA ALA K 335 41.83 7.84 33.94
C ALA K 335 43.13 7.12 33.59
N ALA K 336 44.21 7.87 33.50
CA ALA K 336 45.51 7.29 33.21
C ALA K 336 46.01 6.51 34.43
N THR K 337 46.51 5.31 34.19
CA THR K 337 47.03 4.44 35.24
C THR K 337 48.42 3.98 34.85
N GLN K 338 48.95 3.00 35.59
CA GLN K 338 50.15 2.32 35.13
C GLN K 338 49.83 1.58 33.83
N ALA K 339 50.84 1.48 32.97
CA ALA K 339 50.70 0.95 31.62
C ALA K 339 49.76 1.82 30.77
N SER K 340 49.64 3.09 31.14
CA SER K 340 48.92 4.06 30.32
C SER K 340 49.86 5.21 29.98
N GLY K 341 50.74 5.56 30.92
CA GLY K 341 51.81 6.50 30.66
C GLY K 341 51.51 7.89 31.20
N VAL K 342 52.46 8.78 30.92
CA VAL K 342 52.39 10.17 31.35
C VAL K 342 51.49 10.94 30.40
N ALA K 343 51.15 12.18 30.77
CA ALA K 343 50.21 12.96 29.98
C ALA K 343 50.74 13.24 28.58
N LEU K 344 52.00 13.65 28.48
CA LEU K 344 52.62 14.03 27.21
C LEU K 344 51.74 15.03 26.47
N LEU K 345 51.56 16.19 27.10
CA LEU K 345 50.60 17.18 26.63
C LEU K 345 51.09 17.82 25.33
N GLY K 346 50.28 18.72 24.80
CA GLY K 346 50.61 19.39 23.55
C GLY K 346 49.46 20.26 23.11
N THR K 347 49.58 20.75 21.88
CA THR K 347 48.57 21.60 21.26
C THR K 347 47.80 20.82 20.21
N ALA K 348 46.76 21.44 19.67
CA ALA K 348 45.95 20.83 18.63
C ALA K 348 46.38 21.22 17.23
N GLY K 349 47.46 21.99 17.09
CA GLY K 349 47.89 22.46 15.79
C GLY K 349 48.97 21.62 15.14
N SER K 350 50.02 21.30 15.89
CA SER K 350 51.19 20.62 15.35
C SER K 350 51.37 19.27 16.04
N GLY K 351 52.48 18.61 15.72
CA GLY K 351 52.74 17.29 16.26
C GLY K 351 51.81 16.26 15.65
N ASN K 352 51.70 15.13 16.34
CA ASN K 352 50.83 14.05 15.92
C ASN K 352 49.37 14.32 16.27
N PHE K 353 49.09 15.39 17.01
CA PHE K 353 47.74 15.65 17.49
C PHE K 353 46.80 15.97 16.34
N GLY K 354 45.53 15.63 16.54
CA GLY K 354 44.50 15.85 15.54
C GLY K 354 43.97 17.26 15.57
N LYS K 355 42.92 17.48 14.78
CA LYS K 355 42.29 18.79 14.65
C LYS K 355 40.99 18.84 15.45
N LEU K 356 40.41 20.04 15.50
CA LEU K 356 39.12 20.25 16.12
C LEU K 356 38.16 20.82 15.09
N THR K 357 36.87 20.60 15.34
CA THR K 357 35.80 21.12 14.47
C THR K 357 34.69 21.64 15.38
N ASN K 358 34.67 22.95 15.60
CA ASN K 358 33.63 23.54 16.43
C ASN K 358 32.26 23.31 15.80
N GLY K 359 31.26 23.13 16.68
CA GLY K 359 29.92 22.82 16.21
C GLY K 359 29.72 21.37 15.81
N ALA K 360 30.63 20.48 16.23
CA ALA K 360 30.55 19.09 15.84
C ALA K 360 30.83 18.19 17.04
N LEU K 361 30.30 16.97 16.98
CA LEU K 361 30.39 16.00 18.06
C LEU K 361 30.85 14.66 17.51
N GLU K 362 31.64 13.96 18.32
CA GLU K 362 32.08 12.62 18.01
C GLU K 362 30.92 11.63 18.12
N ALA K 363 31.03 10.52 17.39
CA ALA K 363 29.99 9.50 17.38
C ALA K 363 30.39 8.37 18.33
N SER K 364 29.49 7.39 18.48
CA SER K 364 29.73 6.26 19.36
C SER K 364 30.59 5.18 18.73
N ASN K 365 30.77 5.23 17.41
CA ASN K 365 31.61 4.31 16.62
C ASN K 365 31.38 2.83 16.96
N VAL K 366 30.19 2.50 17.46
CA VAL K 366 29.81 1.12 17.73
C VAL K 366 28.64 0.76 16.81
N ASP K 367 28.77 -0.34 16.10
CA ASP K 367 27.77 -0.77 15.14
C ASP K 367 26.79 -1.75 15.80
N LEU K 368 25.55 -1.71 15.34
CA LEU K 368 24.54 -2.63 15.85
C LEU K 368 24.58 -3.97 15.13
N SER K 369 24.72 -3.95 13.80
CA SER K 369 24.65 -5.20 13.04
C SER K 369 25.80 -6.13 13.40
N LYS K 370 27.00 -5.59 13.59
CA LYS K 370 28.15 -6.42 13.91
C LYS K 370 28.03 -7.10 15.28
N GLU K 371 27.44 -6.44 16.27
CA GLU K 371 27.32 -7.00 17.61
C GLU K 371 26.15 -7.94 17.76
N LEU K 372 25.10 -7.79 16.95
CA LEU K 372 23.95 -8.68 17.06
C LEU K 372 24.29 -10.12 16.70
N VAL K 373 25.37 -10.35 15.97
CA VAL K 373 25.76 -11.71 15.59
C VAL K 373 26.74 -12.30 16.59
N ASN K 374 27.60 -11.47 17.21
CA ASN K 374 28.38 -11.96 18.33
C ASN K 374 27.49 -12.35 19.49
N MET K 375 26.33 -11.70 19.63
CA MET K 375 25.40 -12.05 20.70
C MET K 375 24.92 -13.49 20.55
N ILE K 376 24.55 -13.89 19.34
CA ILE K 376 24.01 -15.23 19.12
C ILE K 376 25.07 -16.29 19.37
N VAL K 377 26.28 -16.08 18.84
CA VAL K 377 27.34 -17.06 19.04
C VAL K 377 27.75 -17.13 20.50
N ALA K 378 27.74 -16.00 21.20
CA ALA K 378 28.05 -16.02 22.63
C ALA K 378 26.98 -16.78 23.41
N GLN K 379 25.71 -16.60 23.05
CA GLN K 379 24.65 -17.35 23.70
C GLN K 379 24.81 -18.84 23.45
N ARG K 380 25.12 -19.22 22.22
CA ARG K 380 25.32 -20.63 21.89
C ARG K 380 26.50 -21.19 22.68
N ASN K 381 27.59 -20.44 22.78
CA ASN K 381 28.75 -20.89 23.54
C ASN K 381 28.41 -21.10 25.00
N TYR K 382 27.66 -20.17 25.59
CA TYR K 382 27.41 -20.25 27.02
C TYR K 382 26.43 -21.38 27.31
N GLN K 383 25.49 -21.62 26.39
CA GLN K 383 24.64 -22.81 26.49
C GLN K 383 25.44 -24.09 26.35
N SER K 384 26.44 -24.11 25.47
CA SER K 384 27.31 -25.28 25.37
C SER K 384 28.02 -25.53 26.70
N ASN K 385 28.49 -24.47 27.36
CA ASN K 385 29.08 -24.62 28.67
C ASN K 385 28.06 -25.09 29.69
N ALA K 386 26.80 -24.65 29.55
CA ALA K 386 25.74 -25.13 30.44
C ALA K 386 25.52 -26.63 30.27
N GLN K 387 25.67 -27.13 29.04
CA GLN K 387 25.62 -28.57 28.83
C GLN K 387 26.74 -29.27 29.58
N THR K 388 27.94 -28.68 29.60
CA THR K 388 29.02 -29.23 30.41
C THR K 388 28.65 -29.23 31.89
N ILE K 389 27.99 -28.16 32.34
CA ILE K 389 27.51 -28.12 33.73
C ILE K 389 26.58 -29.29 34.01
N LYS K 390 25.61 -29.51 33.12
CA LYS K 390 24.65 -30.57 33.34
C LYS K 390 25.33 -31.94 33.37
N THR K 391 26.27 -32.16 32.45
CA THR K 391 27.01 -33.42 32.42
C THR K 391 27.84 -33.59 33.70
N GLN K 392 28.50 -32.52 34.14
CA GLN K 392 29.34 -32.60 35.32
C GLN K 392 28.51 -32.77 36.59
N ASP K 393 27.23 -32.37 36.54
CA ASP K 393 26.35 -32.65 37.65
C ASP K 393 25.90 -34.11 37.64
N GLN K 394 25.47 -34.61 36.48
CA GLN K 394 24.99 -35.98 36.40
C GLN K 394 26.09 -36.98 36.72
N ILE K 395 27.33 -36.67 36.35
CA ILE K 395 28.44 -37.58 36.62
C ILE K 395 28.69 -37.78 38.10
N LEU K 396 28.43 -36.77 38.93
CA LEU K 396 28.51 -36.92 40.37
C LEU K 396 27.23 -37.50 40.96
N ASN K 397 26.10 -37.26 40.31
CA ASN K 397 24.83 -37.76 40.83
C ASN K 397 24.84 -39.27 40.99
N THR K 398 25.48 -39.98 40.05
CA THR K 398 25.46 -41.44 40.07
C THR K 398 26.33 -42.04 41.17
N LEU K 399 27.17 -41.24 41.83
CA LEU K 399 28.02 -41.77 42.91
C LEU K 399 27.41 -41.58 44.28
N VAL K 400 26.70 -40.47 44.51
CA VAL K 400 26.12 -40.20 45.83
C VAL K 400 24.96 -41.14 46.18
N ASN K 401 24.54 -41.99 45.24
CA ASN K 401 23.42 -42.90 45.46
C ASN K 401 23.88 -44.35 45.34
N LEU K 402 25.03 -44.67 45.90
CA LEU K 402 25.57 -46.02 45.78
C LEU K 402 25.51 -46.74 47.13
N SER L 2 28.12 -47.92 17.00
CA SER L 2 27.35 -47.10 17.92
C SER L 2 27.15 -45.69 17.39
N PHE L 3 27.94 -44.75 17.90
CA PHE L 3 27.85 -43.36 17.47
C PHE L 3 28.67 -43.07 16.23
N SER L 4 29.45 -44.04 15.74
CA SER L 4 30.41 -43.76 14.66
C SER L 4 29.71 -43.26 13.40
N GLN L 5 28.65 -43.97 12.96
CA GLN L 5 27.93 -43.56 11.77
C GLN L 5 27.31 -42.18 11.97
N ALA L 6 26.72 -41.95 13.14
CA ALA L 6 26.05 -40.68 13.41
C ALA L 6 27.05 -39.53 13.40
N VAL L 7 28.17 -39.68 14.11
CA VAL L 7 29.14 -38.59 14.17
C VAL L 7 29.78 -38.36 12.81
N SER L 8 29.99 -39.43 12.03
CA SER L 8 30.52 -39.25 10.69
C SER L 8 29.55 -38.49 9.80
N GLY L 9 28.27 -38.81 9.88
CA GLY L 9 27.28 -38.08 9.11
C GLY L 9 27.20 -36.62 9.50
N LEU L 10 27.26 -36.34 10.81
CA LEU L 10 27.29 -34.95 11.27
C LEU L 10 28.51 -34.23 10.74
N ASN L 11 29.68 -34.88 10.78
CA ASN L 11 30.89 -34.27 10.26
C ASN L 11 30.76 -33.96 8.79
N ALA L 12 30.23 -34.88 8.00
CA ALA L 12 30.04 -34.64 6.57
C ALA L 12 29.07 -33.49 6.30
N ALA L 13 27.94 -33.49 7.02
CA ALA L 13 26.96 -32.42 6.84
C ALA L 13 27.52 -31.07 7.23
N ALA L 14 28.37 -31.01 8.26
CA ALA L 14 28.99 -29.74 8.63
C ALA L 14 29.85 -29.19 7.50
N THR L 15 30.67 -30.05 6.87
CA THR L 15 31.47 -29.60 5.74
C THR L 15 30.61 -29.20 4.56
N ASN L 16 29.52 -29.92 4.31
CA ASN L 16 28.62 -29.55 3.23
C ASN L 16 28.03 -28.16 3.46
N LEU L 17 27.57 -27.90 4.69
CA LEU L 17 27.01 -26.59 4.99
C LEU L 17 28.08 -25.50 4.92
N ASP L 18 29.30 -25.81 5.34
CA ASP L 18 30.38 -24.85 5.22
C ASP L 18 30.66 -24.51 3.76
N VAL L 19 30.65 -25.51 2.89
CA VAL L 19 30.85 -25.28 1.46
C VAL L 19 29.74 -24.40 0.91
N ILE L 20 28.49 -24.69 1.28
CA ILE L 20 27.38 -23.87 0.79
C ILE L 20 27.50 -22.44 1.29
N GLY L 21 27.88 -22.27 2.55
CA GLY L 21 28.04 -20.93 3.09
C GLY L 21 29.15 -20.16 2.40
N ASN L 22 30.26 -20.84 2.11
CA ASN L 22 31.34 -20.19 1.37
C ASN L 22 30.88 -19.80 -0.03
N ASN L 23 30.08 -20.65 -0.67
CA ASN L 23 29.53 -20.32 -1.98
C ASN L 23 28.66 -19.07 -1.89
N ILE L 24 27.84 -18.98 -0.85
CA ILE L 24 27.03 -17.79 -0.64
C ILE L 24 27.90 -16.56 -0.44
N ALA L 25 29.00 -16.71 0.30
CA ALA L 25 29.82 -15.55 0.65
C ALA L 25 30.41 -14.89 -0.60
N ASN L 26 30.87 -15.68 -1.55
CA ASN L 26 31.51 -15.17 -2.75
C ASN L 26 30.52 -14.83 -3.86
N SER L 27 29.28 -14.47 -3.51
CA SER L 27 28.28 -14.13 -4.52
C SER L 27 28.65 -12.88 -5.30
N ALA L 28 29.64 -12.13 -4.80
CA ALA L 28 30.07 -10.91 -5.45
C ALA L 28 31.52 -10.92 -5.92
N THR L 29 32.28 -11.97 -5.63
CA THR L 29 33.67 -12.04 -6.06
C THR L 29 33.73 -12.15 -7.57
N TYR L 30 34.74 -11.52 -8.16
CA TYR L 30 34.87 -11.44 -9.61
C TYR L 30 35.45 -12.70 -10.23
N GLY L 31 36.59 -13.17 -9.74
CA GLY L 31 37.24 -14.33 -10.34
C GLY L 31 36.94 -15.64 -9.65
N PHE L 32 35.88 -15.68 -8.86
CA PHE L 32 35.56 -16.86 -8.07
C PHE L 32 34.84 -17.91 -8.91
N LYS L 33 35.21 -19.16 -8.72
CA LYS L 33 34.50 -20.29 -9.31
C LYS L 33 33.78 -21.06 -8.21
N SER L 34 32.53 -21.41 -8.46
CA SER L 34 31.71 -22.07 -7.45
C SER L 34 32.32 -23.43 -7.08
N GLY L 35 31.83 -23.99 -5.98
CA GLY L 35 32.33 -25.26 -5.50
C GLY L 35 31.22 -26.07 -4.85
N THR L 36 31.43 -27.38 -4.81
CA THR L 36 30.45 -28.30 -4.24
C THR L 36 31.18 -29.50 -3.67
N ALA L 37 30.46 -30.27 -2.85
CA ALA L 37 31.05 -31.37 -2.11
C ALA L 37 30.93 -32.68 -2.89
N SER L 38 31.41 -33.77 -2.28
CA SER L 38 31.32 -35.10 -2.86
C SER L 38 31.48 -36.11 -1.75
N PHE L 39 30.51 -37.01 -1.61
CA PHE L 39 30.42 -37.91 -0.47
C PHE L 39 30.73 -39.34 -0.87
N ALA L 40 31.40 -40.05 0.03
CA ALA L 40 31.70 -41.46 -0.13
C ALA L 40 31.47 -42.18 1.20
N ASP L 41 31.24 -43.48 1.12
CA ASP L 41 31.02 -44.32 2.29
C ASP L 41 32.19 -45.28 2.47
N MET L 42 32.24 -45.91 3.65
CA MET L 42 33.26 -46.90 3.93
C MET L 42 32.62 -48.26 4.19
N PHE L 43 33.43 -49.30 4.01
CA PHE L 43 33.05 -50.66 4.36
C PHE L 43 34.33 -51.39 4.76
N ALA L 44 34.46 -51.72 6.04
CA ALA L 44 35.64 -52.43 6.53
C ALA L 44 35.49 -53.92 6.21
N GLY L 45 36.32 -54.75 6.84
CA GLY L 45 36.19 -56.18 6.69
C GLY L 45 34.84 -56.73 7.12
N SER L 46 34.07 -55.95 7.88
CA SER L 46 32.73 -56.35 8.26
C SER L 46 31.79 -56.26 7.07
N LYS L 47 30.51 -56.51 7.35
CA LYS L 47 29.48 -56.53 6.31
C LYS L 47 28.37 -55.51 6.53
N VAL L 48 28.45 -54.69 7.58
CA VAL L 48 27.51 -53.60 7.81
C VAL L 48 28.24 -52.29 7.57
N GLY L 49 27.50 -51.26 7.15
CA GLY L 49 28.11 -49.99 6.81
C GLY L 49 28.69 -49.27 8.01
N LEU L 50 29.55 -48.29 7.71
CA LEU L 50 30.31 -47.58 8.73
C LEU L 50 30.20 -46.07 8.62
N GLY L 51 29.31 -45.56 7.78
CA GLY L 51 29.07 -44.13 7.75
C GLY L 51 29.44 -43.42 6.46
N VAL L 52 29.95 -42.19 6.56
CA VAL L 52 30.20 -41.34 5.41
C VAL L 52 31.57 -40.71 5.56
N LYS L 53 32.31 -40.65 4.46
CA LYS L 53 33.56 -39.91 4.41
C LYS L 53 33.52 -38.95 3.23
N VAL L 54 34.05 -37.75 3.44
CA VAL L 54 34.07 -36.77 2.36
C VAL L 54 35.07 -37.23 1.30
N ALA L 55 34.61 -37.29 0.05
CA ALA L 55 35.48 -37.72 -1.04
C ALA L 55 36.38 -36.57 -1.50
N GLY L 56 35.79 -35.40 -1.75
CA GLY L 56 36.58 -34.25 -2.15
C GLY L 56 35.69 -33.07 -2.41
N ILE L 57 36.33 -31.95 -2.77
CA ILE L 57 35.64 -30.74 -3.15
C ILE L 57 36.06 -30.39 -4.57
N THR L 58 35.08 -30.21 -5.45
CA THR L 58 35.33 -29.87 -6.84
C THR L 58 34.78 -28.48 -7.13
N GLN L 59 35.32 -27.87 -8.18
CA GLN L 59 34.91 -26.53 -8.60
C GLN L 59 34.43 -26.62 -10.04
N ASP L 60 33.18 -26.22 -10.28
CA ASP L 60 32.64 -26.25 -11.62
C ASP L 60 33.22 -25.11 -12.46
N PHE L 61 34.30 -25.40 -13.17
CA PHE L 61 34.97 -24.36 -13.94
C PHE L 61 34.16 -24.00 -15.18
N THR L 62 33.31 -22.98 -15.05
CA THR L 62 32.52 -22.47 -16.15
C THR L 62 32.60 -20.95 -16.16
N ASP L 63 32.42 -20.37 -17.34
CA ASP L 63 32.43 -18.91 -17.45
C ASP L 63 31.20 -18.33 -16.77
N GLY L 64 31.39 -17.18 -16.14
CA GLY L 64 30.28 -16.46 -15.54
C GLY L 64 29.55 -15.63 -16.58
N THR L 65 29.18 -14.40 -16.22
CA THR L 65 28.56 -13.47 -17.16
C THR L 65 29.48 -12.27 -17.30
N THR L 66 29.85 -11.95 -18.53
CA THR L 66 30.75 -10.83 -18.77
C THR L 66 30.03 -9.51 -18.49
N THR L 67 30.65 -8.66 -17.67
CA THR L 67 30.08 -7.38 -17.29
C THR L 67 31.05 -6.27 -17.68
N ASN L 68 30.54 -5.29 -18.43
CA ASN L 68 31.36 -4.18 -18.93
C ASN L 68 31.43 -3.10 -17.86
N THR L 69 32.58 -2.99 -17.20
CA THR L 69 32.76 -1.94 -16.20
C THR L 69 33.05 -0.59 -16.85
N GLY L 70 34.12 -0.52 -17.63
CA GLY L 70 34.43 0.70 -18.35
C GLY L 70 35.90 1.09 -18.36
N ARG L 71 36.63 0.73 -17.31
CA ARG L 71 38.04 1.10 -17.24
C ARG L 71 38.85 0.30 -18.27
N GLY L 72 40.12 0.71 -18.43
CA GLY L 72 40.98 0.11 -19.43
C GLY L 72 41.93 -0.95 -18.91
N LEU L 73 42.21 -0.94 -17.60
CA LEU L 73 43.15 -1.89 -17.01
C LEU L 73 42.40 -3.11 -16.47
N ASP L 74 41.74 -3.82 -17.38
CA ASP L 74 40.96 -4.98 -16.99
C ASP L 74 40.71 -5.85 -18.21
N VAL L 75 40.82 -7.17 -18.01
CA VAL L 75 40.59 -8.15 -19.07
C VAL L 75 39.76 -9.29 -18.50
N ALA L 76 38.82 -9.79 -19.31
CA ALA L 76 38.01 -10.93 -18.96
C ALA L 76 38.15 -12.00 -20.04
N ILE L 77 38.48 -13.23 -19.65
CA ILE L 77 38.68 -14.28 -20.62
C ILE L 77 37.35 -14.90 -21.01
N SER L 78 37.10 -15.00 -22.31
CA SER L 78 35.82 -15.48 -22.83
C SER L 78 35.63 -16.97 -22.68
N GLN L 79 36.71 -17.74 -22.61
CA GLN L 79 36.63 -19.21 -22.60
C GLN L 79 37.65 -19.71 -21.59
N ASN L 80 37.97 -21.00 -21.67
CA ASN L 80 38.97 -21.57 -20.76
C ASN L 80 40.32 -20.90 -20.94
N GLY L 81 41.01 -20.67 -19.82
CA GLY L 81 42.27 -19.95 -19.84
C GLY L 81 42.56 -19.39 -18.46
N PHE L 82 43.84 -19.12 -18.23
CA PHE L 82 44.28 -18.64 -16.93
C PHE L 82 45.45 -17.70 -17.11
N PHE L 83 45.36 -16.51 -16.53
CA PHE L 83 46.51 -15.61 -16.50
C PHE L 83 47.63 -16.22 -15.68
N ARG L 84 48.86 -16.09 -16.18
CA ARG L 84 50.05 -16.61 -15.52
C ARG L 84 50.69 -15.48 -14.72
N LEU L 85 50.79 -15.67 -13.41
CA LEU L 85 51.27 -14.63 -12.51
C LEU L 85 52.56 -15.11 -11.83
N VAL L 86 53.47 -14.18 -11.59
CA VAL L 86 54.75 -14.46 -10.93
C VAL L 86 54.83 -13.63 -9.66
N ASP L 87 55.11 -14.30 -8.54
CA ASP L 87 55.15 -13.67 -7.23
C ASP L 87 56.49 -12.95 -7.05
N SER L 88 56.62 -12.20 -5.96
CA SER L 88 57.88 -11.56 -5.63
C SER L 88 58.97 -12.59 -5.35
N ASN L 89 58.61 -13.66 -4.62
CA ASN L 89 59.57 -14.72 -4.33
C ASN L 89 59.94 -15.54 -5.56
N GLY L 90 59.19 -15.41 -6.65
CA GLY L 90 59.47 -16.14 -7.87
C GLY L 90 58.53 -17.30 -8.15
N SER L 91 57.71 -17.72 -7.18
CA SER L 91 56.78 -18.81 -7.43
C SER L 91 55.72 -18.40 -8.43
N VAL L 92 55.24 -19.37 -9.20
CA VAL L 92 54.26 -19.13 -10.25
C VAL L 92 52.86 -19.44 -9.72
N PHE L 93 51.88 -18.74 -10.25
CA PHE L 93 50.49 -18.93 -9.87
C PHE L 93 49.63 -18.70 -11.10
N TYR L 94 48.38 -19.15 -11.03
CA TYR L 94 47.49 -19.17 -12.18
C TYR L 94 46.13 -18.65 -11.76
N SER L 95 45.75 -17.48 -12.28
CA SER L 95 44.54 -16.80 -11.84
C SER L 95 43.55 -16.66 -12.99
N ARG L 96 42.38 -16.15 -12.65
CA ARG L 96 41.35 -15.81 -13.63
C ARG L 96 40.79 -14.41 -13.44
N ASN L 97 41.24 -13.69 -12.40
CA ASN L 97 40.73 -12.35 -12.14
C ASN L 97 41.34 -11.35 -13.10
N GLY L 98 40.62 -10.26 -13.32
CA GLY L 98 41.04 -9.28 -14.32
C GLY L 98 41.26 -7.87 -13.81
N GLN L 99 41.62 -7.73 -12.54
CA GLN L 99 41.94 -6.43 -11.96
C GLN L 99 43.45 -6.25 -11.96
N PHE L 100 43.92 -5.20 -12.63
CA PHE L 100 45.35 -4.96 -12.79
C PHE L 100 45.68 -3.51 -12.46
N LYS L 101 46.53 -3.32 -11.45
CA LYS L 101 47.03 -2.01 -11.08
C LYS L 101 48.34 -1.72 -11.82
N LEU L 102 49.05 -0.68 -11.40
CA LEU L 102 50.36 -0.35 -11.93
C LEU L 102 51.19 0.22 -10.79
N ASP L 103 52.21 -0.51 -10.35
CA ASP L 103 52.94 -0.18 -9.13
C ASP L 103 53.90 1.00 -9.36
N GLU L 104 54.69 1.30 -8.33
CA GLU L 104 55.78 2.27 -8.48
C GLU L 104 56.74 1.86 -9.58
N ASN L 105 57.12 0.59 -9.61
CA ASN L 105 58.07 0.07 -10.59
C ASN L 105 57.49 0.04 -11.99
N ARG L 106 56.29 0.57 -12.17
CA ARG L 106 55.71 0.81 -13.49
C ARG L 106 55.46 -0.50 -14.23
N ASN L 107 55.00 -1.51 -13.50
CA ASN L 107 54.63 -2.82 -14.01
C ASN L 107 53.14 -3.02 -13.87
N LEU L 108 52.67 -4.22 -14.15
CA LEU L 108 51.27 -4.58 -13.97
C LEU L 108 51.15 -5.62 -12.86
N VAL L 109 50.33 -5.31 -11.85
CA VAL L 109 50.06 -6.21 -10.75
C VAL L 109 48.56 -6.21 -10.47
N ASN L 110 48.11 -7.26 -9.81
CA ASN L 110 46.70 -7.41 -9.47
C ASN L 110 46.40 -6.60 -8.20
N MET L 111 45.24 -6.84 -7.61
CA MET L 111 44.87 -6.19 -6.35
C MET L 111 45.82 -6.55 -5.20
N GLN L 112 46.57 -7.63 -5.32
CA GLN L 112 47.45 -8.10 -4.25
C GLN L 112 48.92 -7.90 -4.57
N GLY L 113 49.26 -7.05 -5.54
CA GLY L 113 50.64 -6.90 -5.94
C GLY L 113 51.25 -8.12 -6.61
N MET L 114 50.45 -8.86 -7.36
CA MET L 114 50.88 -10.10 -8.00
C MET L 114 51.21 -9.78 -9.45
N GLN L 115 52.49 -9.81 -9.80
CA GLN L 115 52.93 -9.26 -11.08
C GLN L 115 52.46 -10.11 -12.24
N LEU L 116 51.90 -9.45 -13.26
CA LEU L 116 51.45 -10.13 -14.46
C LEU L 116 52.64 -10.42 -15.38
N THR L 117 52.49 -11.44 -16.21
CA THR L 117 53.57 -11.93 -17.06
C THR L 117 53.15 -11.92 -18.52
N GLY L 118 54.14 -12.11 -19.38
CA GLY L 118 53.88 -12.16 -20.81
C GLY L 118 55.18 -12.20 -21.58
N TYR L 119 55.04 -12.41 -22.88
CA TYR L 119 56.20 -12.49 -23.75
C TYR L 119 56.83 -11.12 -23.93
N PRO L 120 58.16 -11.03 -23.93
CA PRO L 120 58.82 -9.74 -24.14
C PRO L 120 58.79 -9.30 -25.59
N ALA L 121 58.92 -8.00 -25.78
CA ALA L 121 58.96 -7.39 -27.11
C ALA L 121 60.33 -6.76 -27.30
N THR L 122 60.98 -7.10 -28.42
CA THR L 122 62.33 -6.62 -28.70
C THR L 122 62.46 -6.36 -30.19
N GLY L 123 63.36 -5.44 -30.53
CA GLY L 123 63.62 -5.09 -31.91
C GLY L 123 63.47 -3.59 -32.14
N THR L 124 63.62 -3.21 -33.41
CA THR L 124 63.47 -1.82 -33.84
C THR L 124 62.67 -1.77 -35.14
N PRO L 125 61.34 -1.60 -35.05
CA PRO L 125 60.55 -1.45 -33.82
C PRO L 125 60.44 -2.76 -33.04
N PRO L 126 60.23 -2.68 -31.73
CA PRO L 126 60.18 -3.90 -30.92
C PRO L 126 59.05 -4.81 -31.36
N THR L 127 59.34 -6.12 -31.34
CA THR L 127 58.38 -7.14 -31.75
C THR L 127 58.34 -8.23 -30.69
N ILE L 128 57.16 -8.81 -30.50
CA ILE L 128 56.97 -9.83 -29.49
C ILE L 128 57.61 -11.14 -29.94
N GLN L 129 58.35 -11.78 -29.03
CA GLN L 129 59.06 -13.03 -29.31
C GLN L 129 58.23 -14.18 -28.76
N GLN L 130 57.64 -14.96 -29.66
CA GLN L 130 56.79 -16.07 -29.25
C GLN L 130 57.56 -17.15 -28.51
N GLY L 131 58.86 -17.29 -28.79
CA GLY L 131 59.63 -18.38 -28.22
C GLY L 131 60.32 -18.05 -26.92
N ALA L 132 60.35 -16.78 -26.54
CA ALA L 132 61.02 -16.38 -25.33
C ALA L 132 60.26 -16.85 -24.09
N ASN L 133 60.98 -17.01 -23.00
CA ASN L 133 60.36 -17.37 -21.73
C ASN L 133 59.50 -16.20 -21.23
N PRO L 134 58.40 -16.48 -20.53
CA PRO L 134 57.56 -15.39 -20.02
C PRO L 134 58.33 -14.49 -19.05
N ALA L 135 58.03 -13.21 -19.10
CA ALA L 135 58.69 -12.20 -18.29
C ALA L 135 57.63 -11.24 -17.76
N PRO L 136 57.91 -10.58 -16.63
CA PRO L 136 56.97 -9.58 -16.12
C PRO L 136 56.77 -8.44 -17.12
N ILE L 137 55.55 -7.92 -17.15
CA ILE L 137 55.18 -6.86 -18.08
C ILE L 137 55.59 -5.51 -17.51
N THR L 138 56.08 -4.63 -18.37
CA THR L 138 56.50 -3.31 -17.96
C THR L 138 56.31 -2.35 -19.11
N ILE L 139 55.70 -1.19 -18.84
CA ILE L 139 55.50 -0.15 -19.83
C ILE L 139 56.54 0.95 -19.63
N PRO L 140 57.68 0.91 -20.31
CA PRO L 140 58.71 1.94 -20.09
C PRO L 140 58.23 3.32 -20.52
N ASN L 141 58.75 4.34 -19.83
CA ASN L 141 58.39 5.73 -20.07
C ASN L 141 59.54 6.48 -20.74
N THR L 142 60.39 5.77 -21.48
CA THR L 142 61.56 6.35 -22.10
C THR L 142 61.20 6.96 -23.45
N LEU L 143 61.85 8.10 -23.75
CA LEU L 143 61.64 8.78 -25.03
C LEU L 143 62.11 7.90 -26.18
N MET L 144 61.36 7.92 -27.28
CA MET L 144 61.76 7.18 -28.46
C MET L 144 62.99 7.79 -29.10
N ALA L 145 63.69 6.97 -29.88
CA ALA L 145 64.73 7.48 -30.76
C ALA L 145 64.12 8.03 -32.04
N ALA L 146 64.96 8.52 -32.93
CA ALA L 146 64.50 9.00 -34.22
C ALA L 146 64.71 7.95 -35.29
N LYS L 147 63.93 8.06 -36.37
CA LYS L 147 64.06 7.15 -37.50
C LYS L 147 64.18 7.99 -38.77
N SER L 148 65.34 7.95 -39.41
CA SER L 148 65.56 8.71 -40.62
C SER L 148 64.67 8.18 -41.73
N THR L 149 64.04 9.11 -42.47
CA THR L 149 63.17 8.73 -43.58
C THR L 149 63.97 7.99 -44.64
N THR L 150 63.41 6.87 -45.11
CA THR L 150 64.10 6.01 -46.08
C THR L 150 63.37 5.88 -47.39
N THR L 151 62.15 6.43 -47.52
CA THR L 151 61.50 6.56 -48.82
C THR L 151 60.46 7.65 -48.71
N ALA L 152 60.04 8.15 -49.88
CA ALA L 152 59.02 9.19 -49.97
C ALA L 152 58.19 8.90 -51.21
N SER L 153 56.96 8.47 -51.01
CA SER L 153 56.06 8.13 -52.10
C SER L 153 55.06 9.27 -52.28
N MET L 154 55.14 9.95 -53.43
CA MET L 154 54.25 11.06 -53.75
C MET L 154 53.75 10.90 -55.18
N GLN L 155 52.49 11.24 -55.40
CA GLN L 155 51.87 11.16 -56.71
C GLN L 155 51.57 12.56 -57.23
N ILE L 156 51.34 12.66 -58.55
CA ILE L 156 51.01 13.92 -59.16
C ILE L 156 50.11 13.66 -60.36
N ASN L 157 49.17 14.55 -60.59
CA ASN L 157 48.43 14.64 -61.85
C ASN L 157 48.90 15.89 -62.59
N LEU L 158 48.92 15.81 -63.91
CA LEU L 158 49.43 16.91 -64.73
C LEU L 158 48.46 17.20 -65.87
N ASN L 159 48.69 18.34 -66.52
CA ASN L 159 47.93 18.73 -67.70
C ASN L 159 48.84 18.61 -68.93
N SER L 160 48.32 17.97 -69.98
CA SER L 160 49.12 17.78 -71.18
C SER L 160 49.35 19.09 -71.93
N THR L 161 48.54 20.11 -71.66
CA THR L 161 48.58 21.36 -72.40
C THR L 161 49.41 22.45 -71.73
N ASP L 162 50.32 22.06 -70.85
CA ASP L 162 51.17 23.06 -70.20
C ASP L 162 52.28 23.51 -71.14
N PRO L 163 52.44 24.80 -71.37
CA PRO L 163 53.54 25.27 -72.23
C PRO L 163 54.90 25.08 -71.57
N VAL L 164 55.93 25.06 -72.40
CA VAL L 164 57.31 24.95 -71.91
C VAL L 164 57.66 26.22 -71.14
N PRO L 165 58.38 26.12 -70.02
CA PRO L 165 58.74 27.32 -69.27
C PRO L 165 59.59 28.28 -70.10
N SER L 166 59.37 29.57 -69.87
CA SER L 166 60.09 30.60 -70.62
C SER L 166 61.53 30.74 -70.16
N LYS L 167 61.78 30.61 -68.86
CA LYS L 167 63.12 30.79 -68.31
C LYS L 167 64.02 29.66 -68.77
N THR L 168 64.92 29.97 -69.71
CA THR L 168 65.82 28.94 -70.25
C THR L 168 66.73 28.34 -69.16
N PRO L 169 67.30 29.12 -68.22
CA PRO L 169 68.02 28.47 -67.12
C PRO L 169 67.06 28.04 -66.02
N PHE L 170 67.58 27.52 -64.92
CA PHE L 170 66.78 27.16 -63.77
C PHE L 170 67.43 27.68 -62.49
N SER L 171 66.61 28.26 -61.62
CA SER L 171 67.04 28.68 -60.30
C SER L 171 65.87 28.52 -59.33
N VAL L 172 66.17 28.05 -58.12
CA VAL L 172 65.13 27.90 -57.12
C VAL L 172 64.52 29.24 -56.73
N SER L 173 65.26 30.33 -56.91
CA SER L 173 64.74 31.65 -56.56
C SER L 173 63.55 32.03 -57.43
N ASP L 174 63.65 31.77 -58.73
CA ASP L 174 62.61 32.19 -59.65
C ASP L 174 61.37 31.30 -59.51
N ALA L 175 60.27 31.77 -60.10
CA ALA L 175 59.00 31.04 -60.10
C ALA L 175 58.50 30.73 -61.50
N ASP L 176 59.38 30.78 -62.50
CA ASP L 176 59.01 30.54 -63.89
C ASP L 176 59.80 29.45 -64.58
N SER L 177 61.01 29.15 -64.10
CA SER L 177 61.86 28.14 -64.72
C SER L 177 61.37 26.73 -64.52
N TYR L 178 60.20 26.57 -63.89
CA TYR L 178 59.63 25.26 -63.62
C TYR L 178 58.13 25.30 -63.83
N ASN L 179 57.57 24.18 -64.26
CA ASN L 179 56.12 24.10 -64.42
C ASN L 179 55.42 24.13 -63.06
N LYS L 180 55.90 23.36 -62.09
CA LYS L 180 55.25 23.42 -60.78
C LYS L 180 56.20 22.91 -59.71
N LYS L 181 56.10 23.51 -58.52
CA LYS L 181 56.96 23.16 -57.40
C LYS L 181 56.14 22.55 -56.27
N GLY L 182 56.61 21.40 -55.77
CA GLY L 182 56.08 20.81 -54.56
C GLY L 182 57.19 20.57 -53.57
N THR L 183 56.89 19.97 -52.43
CA THR L 183 57.93 19.72 -51.43
C THR L 183 57.54 18.51 -50.59
N VAL L 184 58.55 17.94 -49.93
CA VAL L 184 58.37 16.79 -49.06
C VAL L 184 59.17 17.02 -47.79
N THR L 185 58.69 16.46 -46.68
CA THR L 185 59.35 16.58 -45.39
C THR L 185 59.95 15.23 -45.02
N VAL L 186 61.21 15.25 -44.58
CA VAL L 186 61.93 14.05 -44.19
C VAL L 186 62.60 14.29 -42.84
N TYR L 187 62.99 13.20 -42.19
CA TYR L 187 63.61 13.26 -40.88
C TYR L 187 64.97 12.56 -40.93
N ASP L 188 65.85 12.97 -40.02
CA ASP L 188 67.18 12.42 -39.89
C ASP L 188 67.24 11.48 -38.71
N SER L 189 68.44 11.02 -38.36
CA SER L 189 68.64 10.17 -37.20
C SER L 189 68.60 10.94 -35.89
N GLN L 190 68.76 12.26 -35.93
CA GLN L 190 68.71 13.09 -34.73
C GLN L 190 67.33 13.69 -34.49
N GLY L 191 66.39 13.52 -35.42
CA GLY L 191 65.03 13.95 -35.24
C GLY L 191 64.64 15.22 -35.97
N ASN L 192 65.53 16.22 -36.02
CA ASN L 192 65.19 17.49 -36.66
C ASN L 192 64.93 17.29 -38.15
N ALA L 193 64.01 18.08 -38.68
CA ALA L 193 63.43 17.83 -39.99
C ALA L 193 64.22 18.50 -41.10
N HIS L 194 63.95 18.05 -42.33
CA HIS L 194 64.46 18.66 -43.54
C HIS L 194 63.32 18.73 -44.55
N ASP L 195 63.41 19.67 -45.47
CA ASP L 195 62.44 19.81 -46.54
C ASP L 195 63.14 19.79 -47.89
N MET L 196 62.62 18.95 -48.79
CA MET L 196 63.14 18.80 -50.13
C MET L 196 62.13 19.39 -51.10
N ASN L 197 62.57 20.36 -51.90
CA ASN L 197 61.71 20.92 -52.94
C ASN L 197 61.92 20.18 -54.25
N VAL L 198 60.81 19.94 -54.97
CA VAL L 198 60.84 19.27 -56.26
C VAL L 198 60.19 20.19 -57.28
N TYR L 199 60.82 20.30 -58.44
CA TYR L 199 60.38 21.21 -59.50
C TYR L 199 60.16 20.41 -60.77
N PHE L 200 58.96 20.50 -61.33
CA PHE L 200 58.63 19.91 -62.61
C PHE L 200 58.77 20.96 -63.70
N VAL L 201 59.59 20.65 -64.71
CA VAL L 201 59.89 21.51 -65.84
C VAL L 201 59.59 20.71 -67.10
N LYS L 202 58.63 21.16 -67.89
CA LYS L 202 58.28 20.44 -69.11
C LYS L 202 59.33 20.73 -70.17
N THR L 203 60.27 19.81 -70.37
CA THR L 203 61.32 20.04 -71.36
C THR L 203 60.75 20.03 -72.77
N LYS L 204 59.88 19.07 -73.06
CA LYS L 204 59.24 18.95 -74.37
C LYS L 204 58.00 18.07 -74.21
N ASP L 205 57.42 17.65 -75.33
CA ASP L 205 56.25 16.79 -75.28
C ASP L 205 56.59 15.47 -74.60
N ASN L 206 55.77 15.09 -73.62
CA ASN L 206 55.89 13.83 -72.89
C ASN L 206 57.23 13.70 -72.17
N GLU L 207 57.86 14.82 -71.80
CA GLU L 207 59.14 14.80 -71.09
C GLU L 207 59.12 15.89 -70.02
N TRP L 208 59.11 15.47 -68.77
CA TRP L 208 58.99 16.36 -67.61
C TRP L 208 60.20 16.15 -66.70
N ALA L 209 61.19 17.03 -66.80
CA ALA L 209 62.33 16.93 -65.90
C ALA L 209 61.91 17.34 -64.48
N VAL L 210 62.52 16.69 -63.51
CA VAL L 210 62.27 16.98 -62.10
C VAL L 210 63.58 17.30 -61.42
N TYR L 211 63.60 18.41 -60.68
CA TYR L 211 64.78 18.93 -60.01
C TYR L 211 64.54 18.89 -58.51
N THR L 212 65.60 18.58 -57.75
CA THR L 212 65.51 18.48 -56.30
C THR L 212 66.44 19.50 -55.66
N HIS L 213 65.92 20.22 -54.67
CA HIS L 213 66.67 21.27 -53.98
C HIS L 213 66.46 21.13 -52.47
N ASP L 214 67.46 21.54 -51.69
CA ASP L 214 67.36 21.50 -50.24
C ASP L 214 67.04 22.90 -49.71
N SER L 215 65.94 23.00 -48.97
CA SER L 215 65.50 24.27 -48.41
C SER L 215 65.77 24.40 -46.92
N SER L 216 66.21 23.34 -46.25
CA SER L 216 66.40 23.39 -44.81
C SER L 216 67.82 23.78 -44.43
N ASP L 217 68.81 23.03 -44.89
CA ASP L 217 70.19 23.36 -44.59
C ASP L 217 70.61 24.60 -45.37
N PRO L 218 71.18 25.62 -44.71
CA PRO L 218 71.54 26.85 -45.41
C PRO L 218 72.71 26.72 -46.36
N ALA L 219 73.48 25.62 -46.29
CA ALA L 219 74.63 25.42 -47.16
C ALA L 219 74.29 24.64 -48.42
N ALA L 220 73.05 24.73 -48.88
CA ALA L 220 72.62 24.02 -50.08
C ALA L 220 72.92 24.88 -51.31
N THR L 221 72.41 24.46 -52.46
CA THR L 221 72.64 25.18 -53.71
C THR L 221 71.44 24.97 -54.63
N ALA L 222 71.30 25.86 -55.60
CA ALA L 222 70.23 25.76 -56.60
C ALA L 222 70.74 24.99 -57.81
N PRO L 223 70.36 23.73 -57.97
CA PRO L 223 70.90 22.93 -59.09
C PRO L 223 70.16 23.25 -60.38
N THR L 224 70.93 23.61 -61.41
CA THR L 224 70.37 23.84 -62.74
C THR L 224 70.19 22.54 -63.52
N THR L 225 70.72 21.43 -63.02
CA THR L 225 70.67 20.15 -63.71
C THR L 225 69.42 19.38 -63.29
N ALA L 226 69.11 18.34 -64.07
CA ALA L 226 67.94 17.52 -63.79
C ALA L 226 68.25 16.44 -62.76
N SER L 227 67.39 16.36 -61.74
CA SER L 227 67.48 15.25 -60.80
C SER L 227 67.02 13.95 -61.45
N THR L 228 65.91 13.99 -62.18
CA THR L 228 65.43 12.84 -62.94
C THR L 228 64.53 13.38 -64.06
N THR L 229 63.96 12.48 -64.87
CA THR L 229 63.03 12.86 -65.91
C THR L 229 61.84 11.90 -65.91
N LEU L 230 60.71 12.39 -66.40
CA LEU L 230 59.47 11.63 -66.48
C LEU L 230 59.02 11.55 -67.92
N LYS L 231 58.64 10.35 -68.35
CA LYS L 231 58.12 10.12 -69.69
C LYS L 231 56.64 9.73 -69.58
N PHE L 232 55.82 10.37 -70.41
CA PHE L 232 54.37 10.20 -70.35
C PHE L 232 53.87 9.55 -71.62
N ASN L 233 53.00 8.55 -71.47
CA ASN L 233 52.35 7.94 -72.61
C ASN L 233 51.42 8.95 -73.28
N GLU L 234 51.27 8.81 -74.60
CA GLU L 234 50.40 9.71 -75.35
C GLU L 234 48.95 9.63 -74.90
N ASN L 235 48.56 8.55 -74.23
CA ASN L 235 47.28 8.53 -73.53
C ASN L 235 47.31 9.42 -72.29
N GLY L 236 48.44 9.42 -71.58
CA GLY L 236 48.58 10.23 -70.38
C GLY L 236 49.32 9.49 -69.27
N ILE L 237 49.51 8.18 -69.44
CA ILE L 237 50.08 7.34 -68.40
C ILE L 237 51.59 7.51 -68.35
N LEU L 238 52.16 7.33 -67.16
CA LEU L 238 53.60 7.35 -67.00
C LEU L 238 54.27 6.23 -67.79
N GLU L 239 55.42 6.53 -68.39
CA GLU L 239 56.19 5.52 -69.11
C GLU L 239 57.34 4.98 -68.27
N SER L 240 58.23 5.86 -67.82
CA SER L 240 59.43 5.44 -67.10
C SER L 240 60.07 6.68 -66.48
N GLY L 241 61.14 6.45 -65.72
CA GLY L 241 61.89 7.51 -65.09
C GLY L 241 61.33 8.01 -63.77
N GLY L 242 60.37 7.30 -63.20
CA GLY L 242 59.71 7.78 -61.99
C GLY L 242 60.15 7.10 -60.71
N THR L 243 61.46 6.91 -60.53
CA THR L 243 62.01 6.38 -59.29
C THR L 243 63.47 6.78 -59.20
N VAL L 244 63.88 7.33 -58.06
CA VAL L 244 65.27 7.78 -57.90
C VAL L 244 65.57 7.92 -56.41
N ASN L 245 66.86 7.82 -56.06
CA ASN L 245 67.34 7.96 -54.70
C ASN L 245 67.93 9.36 -54.48
N ILE L 246 67.68 9.91 -53.30
CA ILE L 246 68.14 11.24 -52.94
C ILE L 246 68.66 11.21 -51.51
N THR L 247 69.80 11.86 -51.27
CA THR L 247 70.37 12.01 -49.94
C THR L 247 70.50 13.48 -49.60
N THR L 248 70.27 13.82 -48.34
CA THR L 248 70.21 15.19 -47.86
C THR L 248 71.55 15.60 -47.22
N GLY L 249 71.55 16.77 -46.61
CA GLY L 249 72.73 17.31 -45.96
C GLY L 249 72.80 16.99 -44.48
N THR L 250 73.51 17.85 -43.74
CA THR L 250 73.74 17.66 -42.31
C THR L 250 73.33 18.92 -41.57
N ILE L 251 72.55 18.74 -40.50
CA ILE L 251 72.16 19.83 -39.61
C ILE L 251 72.59 19.46 -38.20
N ASN L 252 73.21 20.40 -37.49
CA ASN L 252 73.68 20.20 -36.12
C ASN L 252 74.69 19.06 -36.03
N GLY L 253 75.39 18.79 -37.14
CA GLY L 253 76.35 17.70 -37.18
C GLY L 253 75.75 16.32 -37.33
N ALA L 254 74.43 16.22 -37.52
CA ALA L 254 73.76 14.94 -37.63
C ALA L 254 73.86 14.39 -39.05
N THR L 255 73.74 13.06 -39.15
CA THR L 255 73.89 12.39 -40.43
C THR L 255 72.71 12.71 -41.35
N ALA L 256 72.88 12.37 -42.63
CA ALA L 256 71.87 12.61 -43.64
C ALA L 256 70.82 11.50 -43.58
N ALA L 257 69.92 11.48 -44.57
CA ALA L 257 68.89 10.46 -44.64
C ALA L 257 68.56 10.22 -46.10
N THR L 258 69.14 9.17 -46.68
CA THR L 258 68.87 8.80 -48.06
C THR L 258 67.51 8.13 -48.16
N PHE L 259 66.87 8.28 -49.32
CA PHE L 259 65.52 7.77 -49.50
C PHE L 259 65.27 7.55 -50.99
N SER L 260 64.21 6.80 -51.27
CA SER L 260 63.79 6.51 -52.63
C SER L 260 62.42 7.14 -52.87
N LEU L 261 62.29 7.86 -53.99
CA LEU L 261 61.07 8.56 -54.33
C LEU L 261 60.57 8.07 -55.68
N SER L 262 59.25 7.96 -55.79
CA SER L 262 58.60 7.47 -57.02
C SER L 262 57.43 8.38 -57.36
N PHE L 263 57.35 8.82 -58.61
CA PHE L 263 56.22 9.61 -59.10
C PHE L 263 55.18 8.70 -59.76
N LEU L 264 54.70 7.74 -58.98
CA LEU L 264 53.76 6.76 -59.50
C LEU L 264 52.41 7.42 -59.82
N ASN L 265 51.71 6.82 -60.78
CA ASN L 265 50.37 7.26 -61.19
C ASN L 265 50.38 8.71 -61.65
N SER L 266 51.46 9.11 -62.34
CA SER L 266 51.52 10.41 -62.98
C SER L 266 50.72 10.35 -64.28
N MET L 267 49.79 11.30 -64.45
CA MET L 267 48.73 11.16 -65.45
C MET L 267 48.42 12.53 -66.03
N GLN L 268 48.87 12.79 -67.26
CA GLN L 268 48.58 14.05 -67.95
C GLN L 268 47.46 13.82 -68.96
N GLN L 269 46.23 14.05 -68.52
CA GLN L 269 45.06 13.83 -69.35
C GLN L 269 44.15 15.06 -69.41
N ASN L 270 44.72 16.26 -69.46
CA ASN L 270 43.95 17.50 -69.53
C ASN L 270 42.95 17.59 -68.39
N THR L 271 43.41 17.25 -67.19
CA THR L 271 42.56 17.27 -65.99
C THR L 271 42.60 18.65 -65.33
N GLY L 272 42.33 19.67 -66.14
CA GLY L 272 42.39 21.04 -65.65
C GLY L 272 43.81 21.50 -65.40
N ALA L 273 44.16 21.66 -64.13
CA ALA L 273 45.51 22.03 -63.72
C ALA L 273 46.17 20.83 -63.04
N ASN L 274 47.39 21.03 -62.56
CA ASN L 274 48.15 19.98 -61.92
C ASN L 274 48.10 20.12 -60.40
N ASN L 275 48.11 18.97 -59.71
CA ASN L 275 48.10 18.97 -58.25
C ASN L 275 48.54 17.63 -57.67
N ILE L 276 49.33 17.68 -56.61
CA ILE L 276 49.68 16.46 -55.88
C ILE L 276 48.45 15.90 -55.19
N VAL L 277 48.27 14.58 -55.27
CA VAL L 277 47.09 13.95 -54.71
C VAL L 277 47.41 13.04 -53.52
N ALA L 278 48.61 12.48 -53.42
CA ALA L 278 48.96 11.61 -52.31
C ALA L 278 50.46 11.71 -52.07
N THR L 279 50.84 11.74 -50.79
CA THR L 279 52.25 11.86 -50.41
C THR L 279 52.43 11.32 -49.00
N ASN L 280 53.48 10.56 -48.80
CA ASN L 280 53.83 10.05 -47.46
C ASN L 280 55.30 9.65 -47.46
N GLN L 281 55.81 9.37 -46.26
CA GLN L 281 57.20 8.98 -46.07
C GLN L 281 57.25 7.98 -44.92
N ASN L 282 58.46 7.61 -44.50
CA ASN L 282 58.65 6.53 -43.53
C ASN L 282 59.64 6.92 -42.44
N GLY L 283 59.48 8.12 -41.88
CA GLY L 283 60.28 8.54 -40.75
C GLY L 283 59.40 9.18 -39.69
N TYR L 284 59.90 9.16 -38.45
CA TYR L 284 59.16 9.79 -37.36
C TYR L 284 60.15 10.42 -36.39
N LYS L 285 59.65 11.41 -35.66
CA LYS L 285 60.08 12.35 -34.64
C LYS L 285 60.08 11.70 -33.27
N PRO L 286 61.17 11.85 -32.50
CA PRO L 286 61.20 11.29 -31.15
C PRO L 286 60.08 11.85 -30.29
N GLY L 287 59.52 10.98 -29.46
CA GLY L 287 58.40 11.39 -28.63
C GLY L 287 58.19 10.45 -27.47
N ASP L 288 57.13 10.72 -26.71
CA ASP L 288 56.85 9.99 -25.49
C ASP L 288 55.42 9.48 -25.53
N LEU L 289 55.14 8.48 -24.70
CA LEU L 289 53.82 7.88 -24.66
C LEU L 289 52.79 8.89 -24.19
N VAL L 290 51.59 8.82 -24.78
CA VAL L 290 50.47 9.63 -24.32
C VAL L 290 49.36 8.80 -23.70
N SER L 291 49.27 7.51 -24.02
CA SER L 291 48.26 6.61 -23.46
C SER L 291 48.62 5.20 -23.86
N TYR L 292 48.38 4.25 -22.97
CA TYR L 292 48.59 2.84 -23.25
C TYR L 292 47.25 2.11 -23.24
N GLN L 293 47.03 1.29 -24.26
CA GLN L 293 45.79 0.55 -24.42
C GLN L 293 46.11 -0.90 -24.75
N ILE L 294 45.32 -1.82 -24.19
CA ILE L 294 45.55 -3.24 -24.34
C ILE L 294 44.53 -3.75 -25.37
N ASN L 295 45.04 -4.22 -26.50
CA ASN L 295 44.17 -4.76 -27.53
C ASN L 295 43.53 -6.06 -27.07
N ASN L 296 42.34 -6.35 -27.60
CA ASN L 296 41.64 -7.58 -27.28
C ASN L 296 42.40 -8.79 -27.83
N ASP L 297 43.34 -8.55 -28.75
CA ASP L 297 44.18 -9.63 -29.25
C ASP L 297 45.06 -10.21 -28.14
N GLY L 298 45.50 -9.37 -27.21
CA GLY L 298 46.36 -9.81 -26.12
C GLY L 298 47.67 -9.07 -26.02
N THR L 299 47.95 -8.10 -26.87
CA THR L 299 49.18 -7.32 -26.79
C THR L 299 48.90 -5.99 -26.10
N VAL L 300 49.96 -5.39 -25.57
CA VAL L 300 49.90 -4.07 -24.97
C VAL L 300 50.60 -3.10 -25.91
N VAL L 301 49.84 -2.10 -26.38
CA VAL L 301 50.34 -1.11 -27.31
C VAL L 301 50.18 0.27 -26.69
N GLY L 302 51.23 1.07 -26.76
CA GLY L 302 51.20 2.42 -26.24
C GLY L 302 51.26 3.48 -27.32
N ASN L 303 50.16 4.20 -27.54
CA ASN L 303 50.18 5.33 -28.45
C ASN L 303 51.14 6.40 -27.94
N TYR L 304 51.94 6.93 -28.84
CA TYR L 304 53.00 7.85 -28.46
C TYR L 304 52.69 9.24 -29.00
N SER L 305 53.58 10.20 -28.70
CA SER L 305 53.29 11.60 -29.01
C SER L 305 53.12 11.83 -30.50
N ASN L 306 54.02 11.25 -31.30
CA ASN L 306 54.08 11.52 -32.73
C ASN L 306 53.17 10.61 -33.56
N GLU L 307 52.14 10.03 -32.94
CA GLU L 307 51.20 9.14 -33.63
C GLU L 307 51.93 7.91 -34.19
N GLN L 308 52.77 7.29 -33.37
CA GLN L 308 53.45 6.05 -33.70
C GLN L 308 53.19 5.03 -32.62
N GLU L 309 52.68 3.85 -33.02
CA GLU L 309 52.38 2.80 -32.07
C GLU L 309 53.64 2.02 -31.71
N GLN L 310 53.57 1.34 -30.57
CA GLN L 310 54.66 0.47 -30.12
C GLN L 310 54.05 -0.69 -29.36
N VAL L 311 54.29 -1.91 -29.81
CA VAL L 311 53.85 -3.09 -29.08
C VAL L 311 54.89 -3.43 -28.02
N LEU L 312 54.43 -3.66 -26.79
CA LEU L 312 55.31 -3.85 -25.65
C LEU L 312 55.10 -5.20 -24.97
N GLY L 313 54.66 -6.22 -25.70
CA GLY L 313 54.49 -7.53 -25.13
C GLY L 313 53.08 -8.07 -25.27
N GLN L 314 52.93 -9.39 -25.17
CA GLN L 314 51.64 -10.04 -25.27
C GLN L 314 51.40 -10.90 -24.04
N ILE L 315 50.21 -10.78 -23.46
CA ILE L 315 49.85 -11.60 -22.32
C ILE L 315 49.74 -13.06 -22.74
N VAL L 316 50.33 -13.95 -21.94
CA VAL L 316 50.35 -15.38 -22.22
C VAL L 316 49.27 -16.05 -21.37
N LEU L 317 48.49 -16.92 -21.99
CA LEU L 317 47.45 -17.67 -21.31
C LEU L 317 47.90 -19.11 -21.08
N ALA L 318 47.29 -19.74 -20.09
CA ALA L 318 47.64 -21.10 -19.69
C ALA L 318 46.40 -21.98 -19.74
N ASN L 319 46.56 -23.19 -20.28
CA ASN L 319 45.49 -24.17 -20.35
C ASN L 319 46.01 -25.50 -19.83
N PHE L 320 45.17 -26.24 -19.12
CA PHE L 320 45.59 -27.48 -18.49
C PHE L 320 44.89 -28.68 -19.11
N ALA L 321 45.58 -29.83 -19.06
CA ALA L 321 44.95 -31.08 -19.44
C ALA L 321 43.84 -31.48 -18.48
N ASN L 322 43.83 -30.91 -17.27
CA ASN L 322 42.81 -31.26 -16.29
C ASN L 322 42.70 -30.13 -15.28
N ASN L 323 41.53 -29.52 -15.19
CA ASN L 323 41.23 -28.57 -14.12
C ASN L 323 40.82 -29.33 -12.87
N GLU L 324 40.23 -28.61 -11.91
CA GLU L 324 39.75 -29.15 -10.63
C GLU L 324 40.79 -30.01 -9.93
N GLY L 325 42.05 -29.90 -10.34
CA GLY L 325 43.16 -30.46 -9.59
C GLY L 325 43.97 -29.32 -9.01
N LEU L 326 43.64 -28.11 -9.44
CA LEU L 326 44.33 -26.92 -8.97
C LEU L 326 44.12 -26.72 -7.48
N ALA L 327 45.15 -26.24 -6.80
CA ALA L 327 45.07 -25.97 -5.37
C ALA L 327 44.78 -24.49 -5.16
N SER L 328 43.66 -24.19 -4.49
CA SER L 328 43.34 -22.82 -4.15
C SER L 328 44.36 -22.28 -3.16
N GLN L 329 44.74 -21.02 -3.34
CA GLN L 329 45.84 -20.46 -2.55
C GLN L 329 45.43 -19.17 -1.86
N GLY L 330 44.27 -19.16 -1.22
CA GLY L 330 43.82 -17.96 -0.54
C GLY L 330 43.10 -17.03 -1.47
N ASP L 331 43.78 -15.98 -1.94
CA ASP L 331 43.19 -14.99 -2.84
C ASP L 331 42.82 -15.63 -4.17
N ASN L 332 42.25 -14.83 -5.08
CA ASN L 332 41.66 -15.35 -6.30
C ASN L 332 42.77 -15.79 -7.24
N VAL L 333 43.29 -16.99 -6.96
CA VAL L 333 44.35 -17.58 -7.77
C VAL L 333 44.48 -19.05 -7.42
N TRP L 334 44.87 -19.86 -8.40
CA TRP L 334 45.17 -21.28 -8.19
C TRP L 334 46.65 -21.54 -8.44
N ALA L 335 47.11 -22.69 -7.96
CA ALA L 335 48.50 -23.09 -8.11
C ALA L 335 48.58 -24.40 -8.89
N ALA L 336 49.43 -24.41 -9.91
CA ALA L 336 49.67 -25.63 -10.66
C ALA L 336 50.32 -26.68 -9.79
N THR L 337 49.92 -27.93 -9.98
CA THR L 337 50.41 -29.04 -9.16
C THR L 337 50.07 -30.34 -9.88
N GLN L 338 50.27 -31.45 -9.17
CA GLN L 338 49.87 -32.74 -9.69
C GLN L 338 48.35 -32.81 -9.81
N ALA L 339 47.89 -33.73 -10.64
CA ALA L 339 46.48 -33.85 -11.03
C ALA L 339 45.98 -32.61 -11.76
N SER L 340 46.89 -31.83 -12.35
CA SER L 340 46.53 -30.64 -13.09
C SER L 340 47.24 -30.59 -14.43
N GLY L 341 48.40 -31.22 -14.53
CA GLY L 341 49.18 -31.24 -15.75
C GLY L 341 50.19 -30.11 -15.80
N VAL L 342 50.88 -30.04 -16.94
CA VAL L 342 51.91 -29.03 -17.16
C VAL L 342 51.26 -27.71 -17.56
N ALA L 343 52.06 -26.64 -17.57
CA ALA L 343 51.53 -25.30 -17.81
C ALA L 343 50.83 -25.19 -19.16
N LEU L 344 51.52 -25.60 -20.23
CA LEU L 344 50.97 -25.56 -21.59
C LEU L 344 50.55 -24.13 -21.97
N LEU L 345 51.55 -23.27 -22.05
CA LEU L 345 51.32 -21.86 -22.35
C LEU L 345 50.86 -21.71 -23.81
N GLY L 346 50.60 -20.46 -24.19
CA GLY L 346 50.13 -20.18 -25.53
C GLY L 346 49.87 -18.69 -25.78
N THR L 347 48.88 -18.38 -26.59
CA THR L 347 48.52 -17.00 -26.89
C THR L 347 47.00 -16.88 -26.96
N ALA L 348 46.51 -15.67 -26.72
CA ALA L 348 45.07 -15.40 -26.74
C ALA L 348 44.48 -15.49 -28.13
N GLY L 349 45.30 -15.56 -29.17
CA GLY L 349 44.81 -15.55 -30.54
C GLY L 349 44.02 -16.77 -30.94
N SER L 350 44.66 -17.93 -30.95
CA SER L 350 44.03 -19.14 -31.48
C SER L 350 44.55 -20.34 -30.70
N GLY L 351 44.33 -21.53 -31.23
CA GLY L 351 44.68 -22.76 -30.55
C GLY L 351 43.47 -23.36 -29.84
N ASN L 352 43.58 -23.52 -28.52
CA ASN L 352 42.45 -23.94 -27.70
C ASN L 352 42.03 -22.89 -26.69
N PHE L 353 42.66 -21.72 -26.69
CA PHE L 353 42.32 -20.65 -25.77
C PHE L 353 41.24 -19.76 -26.36
N GLY L 354 40.54 -19.05 -25.48
CA GLY L 354 39.46 -18.17 -25.87
C GLY L 354 39.95 -16.85 -26.43
N LYS L 355 39.14 -15.81 -26.22
CA LYS L 355 39.44 -14.47 -26.71
C LYS L 355 39.37 -13.48 -25.56
N LEU L 356 40.28 -12.51 -25.56
CA LEU L 356 40.30 -11.49 -24.54
C LEU L 356 39.33 -10.37 -24.89
N THR L 357 38.92 -9.62 -23.85
CA THR L 357 38.00 -8.51 -24.04
C THR L 357 38.31 -7.47 -22.96
N ASN L 358 39.09 -6.46 -23.34
CA ASN L 358 39.43 -5.39 -22.40
C ASN L 358 38.22 -4.52 -22.12
N GLY L 359 38.12 -4.06 -20.88
CA GLY L 359 37.02 -3.22 -20.46
C GLY L 359 35.85 -3.93 -19.83
N ALA L 360 35.99 -5.20 -19.48
CA ALA L 360 34.89 -5.96 -18.91
C ALA L 360 35.45 -7.03 -17.99
N LEU L 361 34.60 -7.52 -17.08
CA LEU L 361 34.96 -8.57 -16.14
C LEU L 361 33.88 -9.65 -16.16
N GLU L 362 34.12 -10.71 -15.39
CA GLU L 362 33.23 -11.86 -15.35
C GLU L 362 32.58 -11.98 -13.98
N ALA L 363 31.48 -12.73 -13.92
CA ALA L 363 30.73 -12.93 -12.69
C ALA L 363 31.37 -14.05 -11.87
N SER L 364 30.68 -14.48 -10.83
CA SER L 364 31.16 -15.53 -9.95
C SER L 364 30.53 -16.89 -10.22
N ASN L 365 29.69 -16.98 -11.26
CA ASN L 365 28.99 -18.18 -11.73
C ASN L 365 28.26 -18.92 -10.61
N VAL L 366 28.03 -18.25 -9.49
CA VAL L 366 27.25 -18.83 -8.40
C VAL L 366 25.79 -18.40 -8.54
N ASP L 367 24.88 -19.28 -8.14
CA ASP L 367 23.45 -19.03 -8.23
C ASP L 367 22.82 -19.21 -6.86
N LEU L 368 22.20 -18.15 -6.34
CA LEU L 368 21.58 -18.23 -5.03
C LEU L 368 20.39 -19.17 -5.02
N SER L 369 19.67 -19.26 -6.14
CA SER L 369 18.39 -19.97 -6.14
C SER L 369 18.54 -21.43 -5.75
N LYS L 370 19.70 -22.03 -5.98
CA LYS L 370 19.92 -23.42 -5.58
C LYS L 370 20.69 -23.56 -4.29
N GLU L 371 21.56 -22.62 -3.95
CA GLU L 371 22.23 -22.68 -2.65
C GLU L 371 21.22 -22.52 -1.51
N LEU L 372 20.22 -21.67 -1.69
CA LEU L 372 19.21 -21.47 -0.65
C LEU L 372 18.33 -22.68 -0.45
N VAL L 373 18.35 -23.68 -1.33
CA VAL L 373 17.66 -24.94 -1.09
C VAL L 373 18.61 -26.04 -0.68
N ASN L 374 19.87 -26.01 -1.13
CA ASN L 374 20.87 -26.93 -0.58
C ASN L 374 21.07 -26.71 0.91
N MET L 375 20.95 -25.45 1.37
CA MET L 375 21.00 -25.19 2.80
C MET L 375 19.90 -25.95 3.54
N ILE L 376 18.66 -25.88 3.02
CA ILE L 376 17.56 -26.57 3.65
C ILE L 376 17.79 -28.07 3.65
N VAL L 377 18.25 -28.61 2.52
CA VAL L 377 18.49 -30.05 2.42
C VAL L 377 19.53 -30.47 3.46
N ALA L 378 20.63 -29.73 3.53
CA ALA L 378 21.71 -30.09 4.45
C ALA L 378 21.25 -30.01 5.90
N GLN L 379 20.50 -28.96 6.25
CA GLN L 379 20.04 -28.83 7.63
C GLN L 379 19.09 -29.95 8.01
N ARG L 380 18.17 -30.29 7.10
CA ARG L 380 17.23 -31.38 7.38
C ARG L 380 17.96 -32.70 7.55
N ASN L 381 18.93 -32.98 6.67
CA ASN L 381 19.69 -34.22 6.81
C ASN L 381 20.45 -34.24 8.13
N TYR L 382 21.03 -33.10 8.52
CA TYR L 382 21.82 -33.05 9.74
C TYR L 382 20.96 -33.33 10.96
N GLN L 383 19.76 -32.74 11.01
CA GLN L 383 18.86 -32.97 12.14
C GLN L 383 18.39 -34.42 12.17
N SER L 384 18.03 -34.97 11.01
CA SER L 384 17.59 -36.36 10.94
C SER L 384 18.70 -37.28 11.43
N ASN L 385 19.96 -36.92 11.15
CA ASN L 385 21.07 -37.69 11.67
C ASN L 385 21.24 -37.51 13.18
N ALA L 386 21.07 -36.28 13.68
CA ALA L 386 21.18 -36.05 15.12
C ALA L 386 20.15 -36.87 15.89
N GLN L 387 19.04 -37.21 15.23
CA GLN L 387 18.11 -38.16 15.82
C GLN L 387 18.81 -39.46 16.22
N THR L 388 19.80 -39.90 15.44
CA THR L 388 20.52 -41.12 15.77
C THR L 388 21.28 -40.99 17.07
N ILE L 389 21.97 -39.87 17.28
CA ILE L 389 22.66 -39.65 18.54
C ILE L 389 21.67 -39.64 19.68
N LYS L 390 20.53 -38.96 19.50
CA LYS L 390 19.53 -38.93 20.57
C LYS L 390 19.08 -40.33 20.94
N THR L 391 18.74 -41.15 19.93
CA THR L 391 18.24 -42.49 20.21
C THR L 391 19.31 -43.37 20.84
N GLN L 392 20.55 -43.29 20.35
CA GLN L 392 21.62 -44.10 20.91
C GLN L 392 21.87 -43.72 22.37
N ASP L 393 21.86 -42.42 22.66
CA ASP L 393 22.05 -41.98 24.05
C ASP L 393 20.91 -42.50 24.93
N GLN L 394 19.68 -42.45 24.43
CA GLN L 394 18.55 -42.92 25.24
C GLN L 394 18.65 -44.41 25.51
N ILE L 395 19.01 -45.20 24.49
CA ILE L 395 19.12 -46.65 24.73
C ILE L 395 20.28 -46.96 25.65
N LEU L 396 21.36 -46.17 25.59
CA LEU L 396 22.46 -46.38 26.53
C LEU L 396 22.04 -46.04 27.95
N ASN L 397 21.24 -44.98 28.11
CA ASN L 397 20.75 -44.63 29.43
C ASN L 397 19.85 -45.71 30.00
N THR L 398 18.96 -46.27 29.16
CA THR L 398 18.08 -47.33 29.60
C THR L 398 18.83 -48.62 29.93
N LEU L 399 20.10 -48.73 29.55
CA LEU L 399 20.93 -49.89 29.81
C LEU L 399 21.86 -49.72 31.01
N VAL L 400 22.46 -48.55 31.16
CA VAL L 400 23.54 -48.36 32.13
C VAL L 400 23.03 -48.46 33.56
N ASN L 401 21.74 -48.28 33.79
CA ASN L 401 21.20 -48.23 35.14
C ASN L 401 20.21 -49.36 35.38
N LEU L 402 20.55 -50.57 34.95
CA LEU L 402 19.69 -51.73 35.18
C LEU L 402 19.98 -52.33 36.56
N SER M 2 -1.51 -49.51 14.63
CA SER M 2 -0.08 -49.74 14.62
C SER M 2 0.62 -48.78 13.66
N PHE M 3 1.92 -48.98 13.48
CA PHE M 3 2.69 -48.11 12.59
C PHE M 3 2.39 -48.36 11.13
N SER M 4 1.75 -49.49 10.79
CA SER M 4 1.54 -49.86 9.40
C SER M 4 0.66 -48.85 8.68
N GLN M 5 -0.49 -48.52 9.28
CA GLN M 5 -1.39 -47.57 8.65
C GLN M 5 -0.74 -46.20 8.51
N ALA M 6 -0.02 -45.77 9.55
CA ALA M 6 0.65 -44.47 9.50
C ALA M 6 1.68 -44.42 8.39
N VAL M 7 2.51 -45.46 8.27
CA VAL M 7 3.57 -45.44 7.26
C VAL M 7 2.97 -45.57 5.86
N SER M 8 1.86 -46.30 5.73
CA SER M 8 1.20 -46.42 4.43
C SER M 8 0.63 -45.08 3.98
N GLY M 9 -0.10 -44.41 4.87
CA GLY M 9 -0.57 -43.06 4.54
C GLY M 9 0.57 -42.09 4.33
N LEU M 10 1.70 -42.34 5.00
CA LEU M 10 2.89 -41.52 4.81
C LEU M 10 3.37 -41.61 3.36
N ASN M 11 3.49 -42.83 2.85
CA ASN M 11 3.73 -43.04 1.43
C ASN M 11 2.70 -42.34 0.57
N ALA M 12 1.41 -42.52 0.88
CA ALA M 12 0.35 -41.97 0.04
C ALA M 12 0.49 -40.46 -0.10
N ALA M 13 0.76 -39.77 1.01
CA ALA M 13 0.98 -38.34 0.96
C ALA M 13 2.24 -37.96 0.20
N ALA M 14 3.33 -38.71 0.38
CA ALA M 14 4.58 -38.35 -0.28
C ALA M 14 4.45 -38.38 -1.80
N THR M 15 3.87 -39.44 -2.35
CA THR M 15 3.76 -39.55 -3.80
C THR M 15 2.79 -38.50 -4.36
N ASN M 16 1.72 -38.21 -3.62
CA ASN M 16 0.80 -37.17 -4.04
C ASN M 16 1.51 -35.82 -4.13
N LEU M 17 2.31 -35.50 -3.10
CA LEU M 17 3.06 -34.24 -3.16
C LEU M 17 4.05 -34.24 -4.31
N ASP M 18 4.69 -35.38 -4.57
CA ASP M 18 5.64 -35.44 -5.67
C ASP M 18 4.95 -35.19 -7.01
N VAL M 19 3.78 -35.79 -7.22
CA VAL M 19 3.09 -35.59 -8.50
C VAL M 19 2.57 -34.17 -8.62
N ILE M 20 2.11 -33.57 -7.51
CA ILE M 20 1.68 -32.17 -7.57
C ILE M 20 2.86 -31.27 -7.92
N GLY M 21 4.02 -31.52 -7.30
CA GLY M 21 5.20 -30.74 -7.64
C GLY M 21 5.59 -30.90 -9.10
N ASN M 22 5.49 -32.12 -9.64
CA ASN M 22 5.77 -32.33 -11.06
C ASN M 22 4.80 -31.53 -11.92
N ASN M 23 3.52 -31.52 -11.55
CA ASN M 23 2.53 -30.77 -12.31
C ASN M 23 2.84 -29.28 -12.29
N ILE M 24 3.24 -28.75 -11.13
CA ILE M 24 3.59 -27.35 -11.03
C ILE M 24 4.82 -27.04 -11.88
N ALA M 25 5.82 -27.92 -11.84
CA ALA M 25 7.07 -27.64 -12.56
C ALA M 25 6.85 -27.55 -14.07
N ASN M 26 6.02 -28.43 -14.63
CA ASN M 26 5.83 -28.54 -16.06
C ASN M 26 4.80 -27.57 -16.61
N SER M 27 4.57 -26.45 -15.93
CA SER M 27 3.52 -25.51 -16.31
C SER M 27 3.86 -24.71 -17.56
N ALA M 28 5.06 -24.88 -18.13
CA ALA M 28 5.44 -24.14 -19.32
C ALA M 28 5.77 -25.01 -20.53
N THR M 29 6.02 -26.30 -20.34
CA THR M 29 6.26 -27.19 -21.47
C THR M 29 4.99 -27.32 -22.31
N TYR M 30 5.10 -27.04 -23.60
CA TYR M 30 3.91 -26.94 -24.44
C TYR M 30 3.24 -28.28 -24.69
N GLY M 31 3.98 -29.37 -24.67
CA GLY M 31 3.42 -30.68 -24.92
C GLY M 31 3.21 -31.51 -23.67
N PHE M 32 2.74 -30.88 -22.61
CA PHE M 32 2.58 -31.56 -21.34
C PHE M 32 1.12 -31.97 -21.10
N LYS M 33 0.94 -32.97 -20.27
CA LYS M 33 -0.36 -33.42 -19.82
C LYS M 33 -0.34 -33.60 -18.31
N SER M 34 -1.42 -33.22 -17.65
CA SER M 34 -1.47 -33.30 -16.19
C SER M 34 -1.54 -34.74 -15.73
N GLY M 35 -1.09 -34.97 -14.51
CA GLY M 35 -1.13 -36.30 -13.91
C GLY M 35 -1.76 -36.26 -12.53
N THR M 36 -2.53 -37.29 -12.22
CA THR M 36 -3.20 -37.41 -10.94
C THR M 36 -2.86 -38.76 -10.32
N ALA M 37 -3.17 -38.90 -9.03
CA ALA M 37 -2.89 -40.12 -8.30
C ALA M 37 -4.19 -40.69 -7.73
N SER M 38 -4.27 -42.02 -7.70
CA SER M 38 -5.44 -42.72 -7.19
C SER M 38 -4.98 -43.76 -6.19
N PHE M 39 -5.61 -43.78 -5.02
CA PHE M 39 -5.18 -44.64 -3.93
C PHE M 39 -6.14 -45.82 -3.77
N ALA M 40 -5.75 -46.76 -2.90
CA ALA M 40 -6.55 -47.94 -2.62
C ALA M 40 -6.13 -48.50 -1.27
N ASP M 41 -7.08 -49.07 -0.54
CA ASP M 41 -6.84 -49.59 0.80
C ASP M 41 -6.38 -51.04 0.73
N MET M 42 -6.02 -51.60 1.89
CA MET M 42 -5.70 -53.02 1.99
C MET M 42 -6.54 -53.63 3.10
N PHE M 43 -6.95 -54.88 2.92
CA PHE M 43 -7.68 -55.61 3.95
C PHE M 43 -7.32 -57.08 3.85
N ALA M 44 -6.71 -57.61 4.90
CA ALA M 44 -6.43 -59.04 5.01
C ALA M 44 -7.68 -59.75 5.51
N GLY M 45 -7.52 -61.01 5.95
CA GLY M 45 -8.64 -61.75 6.48
C GLY M 45 -9.30 -61.10 7.68
N SER M 46 -8.58 -60.25 8.40
CA SER M 46 -9.16 -59.55 9.54
C SER M 46 -10.10 -58.46 9.07
N LYS M 47 -10.73 -57.78 10.03
CA LYS M 47 -11.69 -56.72 9.73
C LYS M 47 -11.12 -55.32 9.89
N VAL M 48 -9.86 -55.19 10.25
CA VAL M 48 -9.23 -53.88 10.40
C VAL M 48 -8.32 -53.65 9.21
N GLY M 49 -8.23 -52.38 8.79
CA GLY M 49 -7.43 -52.05 7.63
C GLY M 49 -5.94 -52.12 7.94
N LEU M 50 -5.15 -52.06 6.87
CA LEU M 50 -3.70 -52.16 6.98
C LEU M 50 -3.00 -51.00 6.28
N GLY M 51 -3.72 -49.95 5.91
CA GLY M 51 -3.14 -48.76 5.32
C GLY M 51 -3.72 -48.49 3.94
N VAL M 52 -2.91 -47.85 3.09
CA VAL M 52 -3.33 -47.46 1.75
C VAL M 52 -2.20 -47.79 0.79
N LYS M 53 -2.53 -47.91 -0.49
CA LYS M 53 -1.52 -48.13 -1.52
C LYS M 53 -1.89 -47.31 -2.74
N VAL M 54 -0.87 -46.78 -3.42
CA VAL M 54 -1.12 -46.08 -4.68
C VAL M 54 -1.46 -47.11 -5.75
N ALA M 55 -2.65 -47.01 -6.32
CA ALA M 55 -3.02 -47.89 -7.42
C ALA M 55 -2.21 -47.62 -8.67
N GLY M 56 -1.58 -46.47 -8.76
CA GLY M 56 -0.81 -46.06 -9.92
C GLY M 56 -1.29 -44.68 -10.29
N ILE M 57 -0.37 -43.86 -10.79
CA ILE M 57 -0.71 -42.49 -11.17
C ILE M 57 -1.17 -42.49 -12.62
N THR M 58 -2.31 -41.85 -12.85
CA THR M 58 -2.92 -41.79 -14.17
C THR M 58 -2.64 -40.45 -14.84
N GLN M 59 -2.70 -40.45 -16.16
CA GLN M 59 -2.56 -39.22 -16.93
C GLN M 59 -3.94 -38.61 -17.15
N ASP M 60 -3.96 -37.38 -17.68
CA ASP M 60 -5.20 -36.74 -18.08
C ASP M 60 -4.97 -36.14 -19.45
N PHE M 61 -5.59 -36.75 -20.47
CA PHE M 61 -5.36 -36.36 -21.86
C PHE M 61 -6.42 -35.38 -22.37
N THR M 62 -6.98 -34.57 -21.48
CA THR M 62 -7.82 -33.46 -21.90
C THR M 62 -6.96 -32.46 -22.68
N ASP M 63 -7.47 -32.01 -23.83
CA ASP M 63 -6.69 -31.12 -24.67
C ASP M 63 -6.40 -29.79 -23.98
N GLY M 64 -5.24 -29.23 -24.27
CA GLY M 64 -4.86 -27.95 -23.72
C GLY M 64 -5.46 -26.80 -24.50
N THR M 65 -5.23 -25.60 -23.98
CA THR M 65 -5.74 -24.37 -24.61
C THR M 65 -4.72 -23.88 -25.62
N THR M 66 -5.15 -23.73 -26.87
CA THR M 66 -4.25 -23.31 -27.93
C THR M 66 -3.82 -21.85 -27.73
N THR M 67 -2.59 -21.57 -28.13
CA THR M 67 -1.99 -20.24 -28.02
C THR M 67 -1.34 -19.88 -29.34
N ASN M 68 -1.34 -18.57 -29.65
CA ASN M 68 -0.84 -18.08 -30.92
C ASN M 68 0.61 -17.64 -30.78
N THR M 69 1.46 -18.08 -31.71
CA THR M 69 2.85 -17.69 -31.76
C THR M 69 3.22 -16.99 -33.07
N GLY M 70 2.66 -17.45 -34.18
CA GLY M 70 2.91 -16.83 -35.48
C GLY M 70 4.15 -17.31 -36.20
N ARG M 71 4.83 -18.33 -35.70
CA ARG M 71 6.03 -18.83 -36.35
C ARG M 71 5.65 -19.65 -37.58
N GLY M 72 6.67 -20.14 -38.29
CA GLY M 72 6.43 -20.91 -39.50
C GLY M 72 6.01 -22.34 -39.27
N LEU M 73 6.89 -23.13 -38.65
CA LEU M 73 6.62 -24.55 -38.42
C LEU M 73 6.19 -24.74 -36.96
N ASP M 74 4.93 -24.44 -36.71
CA ASP M 74 4.34 -24.60 -35.38
C ASP M 74 2.89 -25.03 -35.55
N VAL M 75 2.61 -26.28 -35.18
CA VAL M 75 1.31 -26.89 -35.41
C VAL M 75 0.69 -27.23 -34.05
N ALA M 76 -0.63 -27.36 -34.03
CA ALA M 76 -1.34 -27.74 -32.81
C ALA M 76 -2.48 -28.67 -33.18
N ILE M 77 -2.52 -29.84 -32.56
CA ILE M 77 -3.63 -30.77 -32.73
C ILE M 77 -4.72 -30.41 -31.74
N SER M 78 -5.88 -29.98 -32.24
CA SER M 78 -6.93 -29.44 -31.41
C SER M 78 -7.89 -30.50 -30.89
N GLN M 79 -7.70 -31.77 -31.26
CA GLN M 79 -8.56 -32.85 -30.80
C GLN M 79 -7.66 -34.07 -30.53
N ASN M 80 -8.30 -35.23 -30.37
CA ASN M 80 -7.56 -36.46 -30.18
C ASN M 80 -6.69 -36.79 -31.39
N GLY M 81 -5.39 -36.94 -31.15
CA GLY M 81 -4.43 -37.21 -32.21
C GLY M 81 -3.01 -37.08 -31.72
N PHE M 82 -2.05 -37.61 -32.47
CA PHE M 82 -0.65 -37.56 -32.06
C PHE M 82 0.23 -37.50 -33.29
N PHE M 83 1.19 -36.59 -33.28
CA PHE M 83 2.26 -36.63 -34.27
C PHE M 83 3.06 -37.91 -34.10
N ARG M 84 3.13 -38.71 -35.16
CA ARG M 84 4.00 -39.87 -35.16
C ARG M 84 5.43 -39.43 -35.45
N LEU M 85 6.39 -40.04 -34.77
CA LEU M 85 7.78 -39.64 -34.84
C LEU M 85 8.65 -40.87 -35.05
N VAL M 86 9.67 -40.72 -35.89
CA VAL M 86 10.64 -41.78 -36.13
C VAL M 86 12.00 -41.30 -35.61
N ASP M 87 12.76 -42.21 -35.03
CA ASP M 87 14.07 -41.90 -34.49
C ASP M 87 15.14 -42.19 -35.52
N SER M 88 16.36 -41.72 -35.22
CA SER M 88 17.53 -42.13 -35.99
C SER M 88 17.80 -43.62 -35.84
N ASN M 89 17.34 -44.23 -34.75
CA ASN M 89 17.51 -45.65 -34.49
C ASN M 89 16.35 -46.47 -35.04
N GLY M 90 15.49 -45.88 -35.86
CA GLY M 90 14.37 -46.59 -36.45
C GLY M 90 13.36 -47.09 -35.45
N SER M 91 13.00 -46.24 -34.49
CA SER M 91 11.97 -46.56 -33.51
C SER M 91 10.86 -45.51 -33.59
N VAL M 92 9.65 -45.92 -33.21
CA VAL M 92 8.46 -45.09 -33.36
C VAL M 92 8.07 -44.50 -32.01
N PHE M 93 7.49 -43.31 -32.07
CA PHE M 93 6.98 -42.63 -30.88
C PHE M 93 5.80 -41.75 -31.29
N TYR M 94 5.09 -41.24 -30.29
CA TYR M 94 3.91 -40.43 -30.53
C TYR M 94 3.94 -39.25 -29.58
N SER M 95 3.57 -38.07 -30.08
CA SER M 95 3.71 -36.85 -29.29
C SER M 95 2.55 -35.90 -29.57
N ARG M 96 2.48 -34.86 -28.74
CA ARG M 96 1.57 -33.74 -28.96
C ARG M 96 2.30 -32.44 -29.25
N ASN M 97 3.57 -32.32 -28.90
CA ASN M 97 4.30 -31.08 -29.08
C ASN M 97 4.29 -30.67 -30.54
N GLY M 98 4.06 -29.38 -30.77
CA GLY M 98 3.88 -28.87 -32.11
C GLY M 98 4.85 -27.79 -32.56
N GLN M 99 6.13 -27.95 -32.22
CA GLN M 99 7.18 -27.06 -32.70
C GLN M 99 8.21 -27.88 -33.47
N PHE M 100 8.58 -27.41 -34.65
CA PHE M 100 9.50 -28.12 -35.52
C PHE M 100 10.40 -27.13 -36.24
N LYS M 101 11.56 -27.61 -36.68
CA LYS M 101 12.50 -26.82 -37.47
C LYS M 101 13.08 -27.71 -38.56
N LEU M 102 14.15 -27.25 -39.19
CA LEU M 102 14.82 -27.97 -40.25
C LEU M 102 16.24 -28.32 -39.83
N ASP M 103 16.74 -29.44 -40.34
CA ASP M 103 18.13 -29.83 -40.14
C ASP M 103 18.97 -29.34 -41.31
N GLU M 104 20.18 -29.87 -41.43
CA GLU M 104 20.98 -29.61 -42.63
C GLU M 104 20.28 -30.17 -43.87
N ASN M 105 19.67 -31.35 -43.75
CA ASN M 105 19.11 -32.10 -44.86
C ASN M 105 17.71 -31.67 -45.25
N ARG M 106 17.27 -30.48 -44.83
CA ARG M 106 15.95 -29.94 -45.15
C ARG M 106 14.82 -30.84 -44.65
N ASN M 107 15.06 -31.59 -43.59
CA ASN M 107 14.03 -32.42 -42.98
C ASN M 107 13.20 -31.59 -42.00
N LEU M 108 12.12 -32.19 -41.52
CA LEU M 108 11.34 -31.61 -40.43
C LEU M 108 11.85 -32.18 -39.12
N VAL M 109 12.43 -31.33 -38.28
CA VAL M 109 13.14 -31.76 -37.09
C VAL M 109 12.66 -30.97 -35.88
N ASN M 110 12.48 -31.68 -34.76
CA ASN M 110 12.13 -31.05 -33.49
C ASN M 110 13.41 -30.73 -32.71
N MET M 111 13.24 -30.25 -31.47
CA MET M 111 14.40 -29.91 -30.65
C MET M 111 15.22 -31.13 -30.25
N GLN M 112 14.66 -32.33 -30.36
CA GLN M 112 15.36 -33.55 -29.96
C GLN M 112 16.07 -34.22 -31.10
N GLY M 113 16.07 -33.64 -32.30
CA GLY M 113 16.75 -34.20 -33.44
C GLY M 113 15.92 -35.18 -34.25
N MET M 114 14.75 -35.56 -33.77
CA MET M 114 13.94 -36.56 -34.46
C MET M 114 13.15 -35.94 -35.60
N GLN M 115 12.71 -36.79 -36.51
CA GLN M 115 12.03 -36.37 -37.73
C GLN M 115 10.55 -36.69 -37.66
N LEU M 116 9.72 -35.73 -38.03
CA LEU M 116 8.28 -35.97 -38.17
C LEU M 116 8.01 -36.84 -39.39
N THR M 117 6.97 -37.66 -39.29
CA THR M 117 6.64 -38.63 -40.32
C THR M 117 5.37 -38.22 -41.04
N GLY M 118 5.35 -38.40 -42.35
CA GLY M 118 4.20 -38.06 -43.16
C GLY M 118 4.15 -38.85 -44.44
N TYR M 119 3.04 -38.72 -45.15
CA TYR M 119 2.86 -39.42 -46.42
C TYR M 119 3.75 -38.80 -47.49
N PRO M 120 4.43 -39.60 -48.30
CA PRO M 120 5.35 -39.06 -49.30
C PRO M 120 4.59 -38.38 -50.43
N ALA M 121 5.33 -37.57 -51.19
CA ALA M 121 4.78 -36.86 -52.34
C ALA M 121 5.70 -37.12 -53.53
N THR M 122 5.19 -37.85 -54.52
CA THR M 122 5.98 -38.23 -55.68
C THR M 122 5.09 -38.17 -56.93
N GLY M 123 5.72 -38.37 -58.09
CA GLY M 123 5.01 -38.29 -59.35
C GLY M 123 5.02 -36.89 -59.94
N THR M 124 4.45 -36.80 -61.14
CA THR M 124 4.38 -35.53 -61.84
C THR M 124 2.98 -35.33 -62.43
N PRO M 125 2.17 -34.42 -61.87
CA PRO M 125 2.48 -33.61 -60.69
C PRO M 125 2.48 -34.43 -59.41
N PRO M 126 3.28 -34.03 -58.43
CA PRO M 126 3.37 -34.80 -57.19
C PRO M 126 2.00 -34.95 -56.52
N THR M 127 1.74 -36.15 -56.02
CA THR M 127 0.48 -36.47 -55.36
C THR M 127 0.78 -37.21 -54.07
N ILE M 128 -0.27 -37.62 -53.37
CA ILE M 128 -0.15 -38.31 -52.09
C ILE M 128 -0.71 -39.71 -52.25
N GLN M 129 0.08 -40.71 -51.87
CA GLN M 129 -0.31 -42.12 -51.96
C GLN M 129 -0.69 -42.58 -50.56
N GLN M 130 -1.98 -42.90 -50.38
CA GLN M 130 -2.46 -43.29 -49.05
C GLN M 130 -1.80 -44.58 -48.58
N GLY M 131 -1.65 -45.56 -49.47
CA GLY M 131 -1.10 -46.84 -49.08
C GLY M 131 0.38 -46.84 -48.78
N ALA M 132 1.10 -45.78 -49.15
CA ALA M 132 2.53 -45.72 -48.92
C ALA M 132 2.83 -45.63 -47.42
N ASN M 133 3.93 -46.26 -47.02
CA ASN M 133 4.41 -46.21 -45.65
C ASN M 133 4.99 -44.84 -45.36
N PRO M 134 4.52 -44.15 -44.32
CA PRO M 134 4.97 -42.77 -44.09
C PRO M 134 6.48 -42.66 -43.91
N ALA M 135 7.04 -41.58 -44.44
CA ALA M 135 8.46 -41.32 -44.42
C ALA M 135 8.67 -39.85 -44.06
N PRO M 136 9.87 -39.49 -43.59
CA PRO M 136 10.12 -38.09 -43.26
C PRO M 136 9.90 -37.17 -44.45
N ILE M 137 9.30 -36.02 -44.18
CA ILE M 137 8.97 -35.06 -45.23
C ILE M 137 10.10 -34.07 -45.39
N THR M 138 10.42 -33.74 -46.65
CA THR M 138 11.48 -32.79 -46.95
C THR M 138 10.90 -31.67 -47.81
N ILE M 139 11.35 -30.44 -47.56
CA ILE M 139 10.96 -29.29 -48.37
C ILE M 139 12.15 -28.91 -49.24
N PRO M 140 12.30 -29.48 -50.43
CA PRO M 140 13.48 -29.20 -51.25
C PRO M 140 13.39 -27.87 -51.97
N ASN M 141 14.56 -27.29 -52.21
CA ASN M 141 14.68 -26.01 -52.90
C ASN M 141 15.10 -26.20 -54.35
N THR M 142 14.94 -27.40 -54.88
CA THR M 142 15.27 -27.67 -56.28
C THR M 142 14.26 -26.97 -57.19
N LEU M 143 14.64 -26.81 -58.45
CA LEU M 143 13.80 -26.10 -59.41
C LEU M 143 12.62 -26.98 -59.80
N MET M 144 11.41 -26.48 -59.56
CA MET M 144 10.21 -27.21 -59.93
C MET M 144 10.11 -27.33 -61.45
N ALA M 145 9.71 -28.50 -61.93
CA ALA M 145 9.71 -28.78 -63.35
C ALA M 145 8.64 -27.96 -64.07
N ALA M 146 9.02 -27.39 -65.20
CA ALA M 146 8.07 -26.65 -66.03
C ALA M 146 7.10 -27.62 -66.71
N LYS M 147 5.91 -27.11 -67.02
CA LYS M 147 4.85 -27.91 -67.63
C LYS M 147 4.66 -27.46 -69.07
N SER M 148 4.55 -28.43 -69.97
CA SER M 148 4.27 -28.14 -71.37
C SER M 148 2.90 -27.51 -71.51
N THR M 149 2.80 -26.46 -72.33
CA THR M 149 1.50 -25.86 -72.60
C THR M 149 0.66 -26.82 -73.43
N THR M 150 -0.58 -27.05 -72.99
CA THR M 150 -1.46 -28.00 -73.65
C THR M 150 -2.84 -27.45 -73.96
N THR M 151 -3.29 -26.39 -73.29
CA THR M 151 -4.59 -25.79 -73.56
C THR M 151 -4.45 -24.28 -73.59
N ALA M 152 -5.42 -23.62 -74.21
CA ALA M 152 -5.46 -22.17 -74.25
C ALA M 152 -6.87 -21.72 -74.59
N SER M 153 -7.18 -20.46 -74.28
CA SER M 153 -8.46 -19.88 -74.65
C SER M 153 -8.30 -18.37 -74.75
N MET M 154 -8.90 -17.78 -75.79
CA MET M 154 -8.81 -16.35 -76.04
C MET M 154 -10.10 -15.88 -76.67
N GLN M 155 -10.59 -14.73 -76.23
CA GLN M 155 -11.85 -14.17 -76.71
C GLN M 155 -11.59 -12.83 -77.38
N ILE M 156 -12.60 -12.33 -78.09
CA ILE M 156 -12.53 -11.03 -78.75
C ILE M 156 -13.92 -10.57 -79.14
N ASN M 157 -14.15 -9.26 -79.05
CA ASN M 157 -15.35 -8.63 -79.59
C ASN M 157 -15.03 -8.05 -80.96
N LEU M 158 -15.95 -8.23 -81.90
CA LEU M 158 -15.69 -7.91 -83.29
C LEU M 158 -16.66 -6.84 -83.78
N ASN M 159 -16.28 -6.19 -84.88
CA ASN M 159 -17.01 -5.07 -85.44
C ASN M 159 -17.90 -5.53 -86.59
N SER M 160 -18.98 -4.80 -86.83
CA SER M 160 -19.94 -5.12 -87.87
C SER M 160 -19.62 -4.44 -89.19
N THR M 161 -19.21 -3.17 -89.14
CA THR M 161 -18.96 -2.38 -90.35
C THR M 161 -17.47 -2.32 -90.70
N ASP M 162 -16.69 -3.28 -90.24
CA ASP M 162 -15.26 -3.29 -90.52
C ASP M 162 -15.01 -3.66 -91.97
N PRO M 163 -14.37 -2.81 -92.77
CA PRO M 163 -14.13 -3.14 -94.17
C PRO M 163 -13.06 -4.21 -94.32
N VAL M 164 -13.12 -4.90 -95.45
CA VAL M 164 -12.12 -5.92 -95.79
C VAL M 164 -10.77 -5.23 -96.04
N PRO M 165 -9.67 -5.79 -95.56
CA PRO M 165 -8.36 -5.18 -95.83
C PRO M 165 -8.07 -5.10 -97.33
N SER M 166 -7.41 -4.01 -97.71
CA SER M 166 -7.08 -3.79 -99.11
C SER M 166 -6.12 -4.86 -99.63
N LYS M 167 -5.09 -5.17 -98.86
CA LYS M 167 -4.08 -6.15 -99.28
C LYS M 167 -4.63 -7.56 -99.13
N THR M 168 -5.27 -8.08 -100.17
CA THR M 168 -5.83 -9.43 -100.15
C THR M 168 -4.78 -10.50 -99.91
N PRO M 169 -3.57 -10.44 -100.52
CA PRO M 169 -2.56 -11.46 -100.17
C PRO M 169 -2.12 -11.32 -98.72
N PHE M 170 -2.44 -12.32 -97.91
CA PHE M 170 -2.18 -12.24 -96.47
C PHE M 170 -0.69 -12.27 -96.21
N SER M 171 -0.14 -11.15 -95.74
CA SER M 171 1.25 -11.06 -95.35
C SER M 171 1.33 -10.38 -94.00
N VAL M 172 2.01 -11.03 -93.05
CA VAL M 172 2.16 -10.46 -91.71
C VAL M 172 3.17 -9.33 -91.67
N SER M 173 3.94 -9.13 -92.76
CA SER M 173 4.89 -8.02 -92.81
C SER M 173 4.15 -6.68 -92.67
N ASP M 174 3.24 -6.40 -93.59
CA ASP M 174 2.42 -5.20 -93.49
C ASP M 174 1.20 -5.49 -92.62
N ALA M 175 0.98 -4.61 -91.63
CA ALA M 175 -0.11 -4.82 -90.68
C ALA M 175 -1.49 -4.60 -91.28
N ASP M 176 -1.59 -3.85 -92.38
CA ASP M 176 -2.87 -3.55 -93.00
C ASP M 176 -3.48 -4.75 -93.71
N SER M 177 -2.74 -5.85 -93.86
CA SER M 177 -3.26 -7.05 -94.51
C SER M 177 -4.26 -7.82 -93.65
N TYR M 178 -4.63 -7.28 -92.49
CA TYR M 178 -5.59 -7.95 -91.61
C TYR M 178 -6.30 -6.91 -90.78
N ASN M 179 -7.44 -7.31 -90.21
CA ASN M 179 -8.22 -6.40 -89.38
C ASN M 179 -7.61 -6.27 -87.98
N LYS M 180 -7.43 -7.39 -87.28
CA LYS M 180 -6.99 -7.36 -85.90
C LYS M 180 -5.84 -8.33 -85.69
N LYS M 181 -4.97 -8.00 -84.72
CA LYS M 181 -3.89 -8.89 -84.31
C LYS M 181 -3.94 -9.05 -82.80
N GLY M 182 -3.90 -10.30 -82.34
CA GLY M 182 -3.87 -10.58 -80.92
C GLY M 182 -2.67 -11.42 -80.55
N THR M 183 -2.20 -11.33 -79.31
CA THR M 183 -0.95 -11.95 -78.93
C THR M 183 -1.14 -12.77 -77.66
N VAL M 184 -0.56 -13.97 -77.66
CA VAL M 184 -0.53 -14.83 -76.48
C VAL M 184 0.90 -15.38 -76.37
N THR M 185 1.23 -15.86 -75.17
CA THR M 185 2.54 -16.46 -74.93
C THR M 185 2.33 -17.87 -74.38
N VAL M 186 2.96 -18.85 -75.03
CA VAL M 186 2.87 -20.24 -74.60
C VAL M 186 4.27 -20.77 -74.31
N TYR M 187 4.35 -22.00 -73.84
CA TYR M 187 5.64 -22.59 -73.49
C TYR M 187 5.73 -24.01 -74.02
N ASP M 188 6.90 -24.36 -74.52
CA ASP M 188 7.13 -25.67 -75.12
C ASP M 188 7.32 -26.71 -74.03
N SER M 189 7.80 -27.90 -74.42
CA SER M 189 8.08 -28.94 -73.44
C SER M 189 9.12 -28.48 -72.43
N GLN M 190 10.16 -27.80 -72.90
CA GLN M 190 11.18 -27.28 -72.00
C GLN M 190 10.71 -26.03 -71.26
N GLY M 191 9.69 -25.35 -71.76
CA GLY M 191 9.18 -24.15 -71.13
C GLY M 191 9.67 -22.85 -71.72
N ASN M 192 10.24 -22.87 -72.92
CA ASN M 192 10.67 -21.63 -73.56
C ASN M 192 9.46 -20.77 -73.93
N ALA M 193 9.71 -19.49 -74.14
CA ALA M 193 8.65 -18.56 -74.49
C ALA M 193 8.40 -18.59 -75.98
N HIS M 194 7.17 -18.90 -76.38
CA HIS M 194 6.75 -18.87 -77.77
C HIS M 194 5.61 -17.85 -77.88
N ASP M 195 5.88 -16.73 -78.53
CA ASP M 195 4.90 -15.66 -78.66
C ASP M 195 4.07 -15.90 -79.92
N MET M 196 2.83 -16.36 -79.74
CA MET M 196 1.95 -16.71 -80.85
C MET M 196 0.98 -15.57 -81.13
N ASN M 197 0.88 -15.18 -82.40
CA ASN M 197 -0.06 -14.16 -82.80
C ASN M 197 -1.21 -14.77 -83.59
N VAL M 198 -2.41 -14.26 -83.36
CA VAL M 198 -3.60 -14.67 -84.08
C VAL M 198 -4.12 -13.46 -84.85
N TYR M 199 -4.27 -13.63 -86.16
CA TYR M 199 -4.64 -12.53 -87.04
C TYR M 199 -6.05 -12.76 -87.57
N PHE M 200 -6.87 -11.71 -87.49
CA PHE M 200 -8.29 -11.79 -87.75
C PHE M 200 -8.63 -10.90 -88.93
N VAL M 201 -9.26 -11.48 -89.95
CA VAL M 201 -9.64 -10.77 -91.17
C VAL M 201 -11.13 -11.00 -91.41
N LYS M 202 -11.91 -9.92 -91.42
CA LYS M 202 -13.34 -10.03 -91.71
C LYS M 202 -13.50 -10.29 -93.20
N THR M 203 -13.73 -11.55 -93.58
CA THR M 203 -13.87 -11.87 -94.99
C THR M 203 -15.18 -11.36 -95.56
N LYS M 204 -16.26 -11.51 -94.81
CA LYS M 204 -17.58 -11.04 -95.20
C LYS M 204 -18.41 -10.89 -93.92
N ASP M 205 -19.73 -10.73 -94.08
CA ASP M 205 -20.58 -10.60 -92.91
C ASP M 205 -20.61 -11.91 -92.13
N ASN M 206 -20.35 -11.81 -90.82
CA ASN M 206 -20.39 -12.95 -89.91
C ASN M 206 -19.39 -14.04 -90.30
N GLU M 207 -18.29 -13.63 -90.92
CA GLU M 207 -17.25 -14.58 -91.31
C GLU M 207 -15.89 -13.93 -91.13
N TRP M 208 -15.07 -14.50 -90.25
CA TRP M 208 -13.73 -13.97 -89.97
C TRP M 208 -12.70 -15.09 -90.12
N ALA M 209 -11.83 -14.95 -91.12
CA ALA M 209 -10.71 -15.86 -91.25
C ALA M 209 -9.66 -15.55 -90.20
N VAL M 210 -9.05 -16.59 -89.63
CA VAL M 210 -8.08 -16.45 -88.56
C VAL M 210 -6.82 -17.22 -88.93
N TYR M 211 -5.68 -16.57 -88.70
CA TYR M 211 -4.36 -17.11 -88.97
C TYR M 211 -3.57 -17.23 -87.67
N THR M 212 -2.67 -18.21 -87.60
CA THR M 212 -1.75 -18.35 -86.49
C THR M 212 -0.32 -18.15 -86.99
N HIS M 213 0.45 -17.34 -86.28
CA HIS M 213 1.80 -17.01 -86.70
C HIS M 213 2.76 -17.09 -85.51
N ASP M 214 3.96 -17.60 -85.78
CA ASP M 214 5.00 -17.77 -84.76
C ASP M 214 5.98 -16.61 -84.89
N SER M 215 5.80 -15.60 -84.04
CA SER M 215 6.75 -14.50 -83.99
C SER M 215 8.05 -14.88 -83.31
N SER M 216 8.04 -15.87 -82.42
CA SER M 216 9.24 -16.26 -81.69
C SER M 216 10.21 -17.07 -82.53
N ASP M 217 9.74 -17.82 -83.52
CA ASP M 217 10.62 -18.63 -84.36
C ASP M 217 11.16 -17.77 -85.48
N PRO M 218 12.47 -17.50 -85.54
CA PRO M 218 12.99 -16.68 -86.64
C PRO M 218 13.15 -17.46 -87.93
N ALA M 219 13.41 -18.77 -87.84
CA ALA M 219 13.60 -19.61 -89.01
C ALA M 219 12.31 -20.30 -89.46
N ALA M 220 11.15 -19.76 -89.10
CA ALA M 220 9.87 -20.33 -89.50
C ALA M 220 9.42 -19.71 -90.81
N THR M 221 8.29 -20.19 -91.32
CA THR M 221 7.73 -19.71 -92.57
C THR M 221 6.66 -18.65 -92.31
N ALA M 222 6.54 -17.70 -93.25
CA ALA M 222 5.50 -16.69 -93.15
C ALA M 222 4.13 -17.33 -93.38
N PRO M 223 3.15 -17.02 -92.55
CA PRO M 223 1.83 -17.65 -92.71
C PRO M 223 1.10 -17.12 -93.93
N THR M 224 0.51 -18.04 -94.68
CA THR M 224 -0.28 -17.72 -95.88
C THR M 224 -1.68 -18.33 -95.84
N THR M 225 -1.84 -19.48 -95.18
CA THR M 225 -3.12 -20.17 -95.12
C THR M 225 -3.85 -19.82 -93.82
N ALA M 226 -5.13 -19.48 -93.94
CA ALA M 226 -5.93 -19.14 -92.76
C ALA M 226 -6.06 -20.35 -91.86
N SER M 227 -5.85 -20.14 -90.56
CA SER M 227 -5.95 -21.23 -89.60
C SER M 227 -7.36 -21.79 -89.55
N THR M 228 -8.35 -20.93 -89.37
CA THR M 228 -9.74 -21.38 -89.29
C THR M 228 -10.63 -20.23 -89.73
N THR M 229 -11.95 -20.41 -89.63
CA THR M 229 -12.90 -19.33 -89.84
C THR M 229 -13.88 -19.31 -88.67
N LEU M 230 -14.38 -18.11 -88.37
CA LEU M 230 -15.35 -17.91 -87.30
C LEU M 230 -16.63 -17.39 -87.92
N LYS M 231 -17.74 -18.04 -87.58
CA LYS M 231 -19.05 -17.77 -88.17
C LYS M 231 -20.04 -17.42 -87.08
N PHE M 232 -20.88 -16.43 -87.37
CA PHE M 232 -21.79 -15.87 -86.38
C PHE M 232 -23.24 -16.14 -86.77
N ASN M 233 -24.16 -15.65 -85.95
CA ASN M 233 -25.58 -15.78 -86.16
C ASN M 233 -26.18 -14.44 -86.55
N GLU M 234 -27.41 -14.47 -87.06
CA GLU M 234 -28.14 -13.25 -87.37
C GLU M 234 -28.23 -12.32 -86.18
N ASN M 235 -28.46 -12.87 -84.98
CA ASN M 235 -28.49 -12.08 -83.75
C ASN M 235 -27.11 -11.64 -83.29
N GLY M 236 -26.04 -12.15 -83.91
CA GLY M 236 -24.69 -11.82 -83.52
C GLY M 236 -23.98 -12.88 -82.69
N ILE M 237 -24.70 -13.92 -82.25
CA ILE M 237 -24.06 -15.00 -81.52
C ILE M 237 -23.12 -15.76 -82.44
N LEU M 238 -21.94 -16.09 -81.94
CA LEU M 238 -21.02 -16.93 -82.71
C LEU M 238 -21.67 -18.26 -83.02
N GLU M 239 -21.77 -18.59 -84.30
CA GLU M 239 -22.51 -19.78 -84.70
C GLU M 239 -21.75 -21.05 -84.36
N SER M 240 -20.60 -21.25 -84.98
CA SER M 240 -19.76 -22.42 -84.73
C SER M 240 -18.42 -22.31 -85.46
N GLY M 241 -17.53 -23.27 -85.22
CA GLY M 241 -16.30 -23.37 -85.96
C GLY M 241 -15.09 -22.67 -85.35
N GLY M 242 -15.01 -22.56 -84.03
CA GLY M 242 -13.90 -21.87 -83.42
C GLY M 242 -13.10 -22.71 -82.43
N THR M 243 -13.71 -23.77 -81.92
CA THR M 243 -13.05 -24.67 -80.98
C THR M 243 -12.14 -25.63 -81.75
N VAL M 244 -10.97 -25.13 -82.13
CA VAL M 244 -10.07 -25.87 -82.99
C VAL M 244 -8.79 -26.22 -82.24
N ASN M 245 -7.87 -26.93 -82.89
CA ASN M 245 -6.61 -27.34 -82.29
C ASN M 245 -5.47 -26.86 -83.17
N ILE M 246 -4.49 -26.18 -82.55
CA ILE M 246 -3.39 -25.57 -83.27
C ILE M 246 -2.07 -25.97 -82.61
N THR M 247 -1.05 -26.18 -83.45
CA THR M 247 0.30 -26.50 -83.00
C THR M 247 1.18 -25.27 -83.19
N THR M 248 2.39 -25.35 -82.63
CA THR M 248 3.31 -24.22 -82.61
C THR M 248 4.63 -24.57 -83.29
N GLY M 249 5.57 -23.63 -83.23
CA GLY M 249 6.93 -23.87 -83.66
C GLY M 249 7.80 -24.34 -82.52
N THR M 250 9.09 -24.49 -82.81
CA THR M 250 10.03 -24.99 -81.83
C THR M 250 11.31 -24.15 -81.87
N ILE M 251 11.99 -24.11 -80.72
CA ILE M 251 13.26 -23.40 -80.58
C ILE M 251 14.15 -24.20 -79.63
N ASN M 252 15.34 -24.59 -80.10
CA ASN M 252 16.39 -25.14 -79.26
C ASN M 252 15.92 -26.36 -78.49
N GLY M 253 15.56 -27.41 -79.22
CA GLY M 253 15.09 -28.62 -78.58
C GLY M 253 13.76 -28.42 -77.89
N ALA M 254 12.70 -28.25 -78.66
CA ALA M 254 11.38 -27.92 -78.14
C ALA M 254 10.32 -28.85 -78.74
N THR M 255 9.20 -28.96 -78.03
CA THR M 255 8.01 -29.60 -78.54
C THR M 255 7.00 -28.53 -78.94
N ALA M 256 6.43 -28.67 -80.13
CA ALA M 256 5.36 -27.77 -80.56
C ALA M 256 4.21 -27.84 -79.57
N ALA M 257 3.74 -26.68 -79.13
CA ALA M 257 2.63 -26.62 -78.19
C ALA M 257 1.34 -26.98 -78.92
N THR M 258 0.90 -28.22 -78.79
CA THR M 258 -0.33 -28.69 -79.41
C THR M 258 -1.48 -28.38 -78.46
N PHE M 259 -2.15 -27.25 -78.68
CA PHE M 259 -3.17 -26.83 -77.75
C PHE M 259 -4.47 -26.55 -78.50
N SER M 260 -5.58 -26.76 -77.81
CA SER M 260 -6.88 -26.41 -78.35
C SER M 260 -7.23 -24.98 -77.96
N LEU M 261 -7.67 -24.21 -78.94
CA LEU M 261 -8.12 -22.83 -78.75
C LEU M 261 -9.61 -22.79 -79.04
N SER M 262 -10.39 -22.30 -78.08
CA SER M 262 -11.84 -22.23 -78.20
C SER M 262 -12.27 -20.77 -78.08
N PHE M 263 -12.94 -20.27 -79.11
CA PHE M 263 -13.50 -18.92 -79.06
C PHE M 263 -14.91 -18.98 -78.47
N LEU M 264 -15.04 -19.62 -77.31
CA LEU M 264 -16.35 -19.75 -76.69
C LEU M 264 -16.84 -18.40 -76.16
N ASN M 265 -18.12 -18.11 -76.41
CA ASN M 265 -18.73 -16.85 -76.01
C ASN M 265 -17.98 -15.65 -76.61
N SER M 266 -17.83 -15.67 -77.93
CA SER M 266 -17.27 -14.54 -78.68
C SER M 266 -18.39 -13.86 -79.46
N MET M 267 -18.40 -12.54 -79.45
CA MET M 267 -19.54 -11.78 -79.93
C MET M 267 -19.15 -10.84 -81.06
N GLN M 268 -20.15 -10.49 -81.87
CA GLN M 268 -20.02 -9.45 -82.89
C GLN M 268 -21.40 -8.82 -83.06
N GLN M 269 -21.63 -7.71 -82.35
CA GLN M 269 -22.91 -7.02 -82.38
C GLN M 269 -22.72 -5.52 -82.50
N ASN M 270 -21.79 -5.10 -83.35
CA ASN M 270 -21.47 -3.68 -83.54
C ASN M 270 -21.04 -3.05 -82.22
N THR M 271 -19.98 -3.61 -81.63
CA THR M 271 -19.45 -3.13 -80.36
C THR M 271 -18.42 -2.03 -80.50
N GLY M 272 -18.41 -1.34 -81.64
CA GLY M 272 -17.43 -0.29 -81.87
C GLY M 272 -16.09 -0.83 -82.34
N ALA M 273 -15.10 -0.80 -81.47
CA ALA M 273 -13.76 -1.27 -81.82
C ALA M 273 -13.62 -2.76 -81.52
N ASN M 274 -12.52 -3.33 -81.98
CA ASN M 274 -12.19 -4.73 -81.75
C ASN M 274 -11.12 -4.84 -80.68
N ASN M 275 -11.33 -5.75 -79.73
CA ASN M 275 -10.41 -5.89 -78.61
C ASN M 275 -10.56 -7.28 -78.00
N ILE M 276 -9.45 -7.83 -77.51
CA ILE M 276 -9.49 -9.11 -76.82
C ILE M 276 -10.07 -8.92 -75.43
N VAL M 277 -11.07 -9.73 -75.08
CA VAL M 277 -11.73 -9.59 -73.79
C VAL M 277 -11.02 -10.38 -72.70
N ALA M 278 -10.55 -11.59 -73.01
CA ALA M 278 -9.87 -12.41 -72.01
C ALA M 278 -8.92 -13.36 -72.72
N THR M 279 -7.97 -13.89 -71.96
CA THR M 279 -7.00 -14.84 -72.48
C THR M 279 -6.39 -15.59 -71.30
N ASN M 280 -6.36 -16.92 -71.41
CA ASN M 280 -5.76 -17.72 -70.36
C ASN M 280 -5.34 -19.08 -70.90
N GLN M 281 -4.20 -19.57 -70.43
CA GLN M 281 -3.68 -20.87 -70.83
C GLN M 281 -2.98 -21.49 -69.63
N ASN M 282 -2.42 -22.68 -69.82
CA ASN M 282 -1.78 -23.44 -68.77
C ASN M 282 -0.30 -23.65 -69.05
N GLY M 283 0.38 -22.61 -69.51
CA GLY M 283 1.80 -22.69 -69.79
C GLY M 283 2.65 -22.31 -68.60
N TYR M 284 3.53 -23.22 -68.18
CA TYR M 284 4.37 -22.99 -67.02
C TYR M 284 5.79 -22.62 -67.45
N LYS M 285 6.65 -22.39 -66.46
CA LYS M 285 8.09 -22.23 -66.66
C LYS M 285 8.76 -22.62 -65.36
N PRO M 286 10.02 -23.05 -65.39
CA PRO M 286 10.64 -23.57 -64.17
C PRO M 286 10.65 -22.54 -63.06
N GLY M 287 10.31 -23.00 -61.85
CA GLY M 287 10.26 -22.12 -60.70
C GLY M 287 11.01 -22.71 -59.54
N ASP M 288 11.56 -21.82 -58.71
CA ASP M 288 12.32 -22.20 -57.54
C ASP M 288 11.49 -21.94 -56.28
N LEU M 289 11.73 -22.75 -55.26
CA LEU M 289 10.97 -22.64 -54.02
C LEU M 289 11.20 -21.27 -53.37
N VAL M 290 10.11 -20.62 -53.00
CA VAL M 290 10.20 -19.33 -52.32
C VAL M 290 9.45 -19.28 -50.99
N SER M 291 8.46 -20.14 -50.76
CA SER M 291 7.80 -20.14 -49.46
C SER M 291 7.22 -21.52 -49.19
N TYR M 292 7.05 -21.83 -47.91
CA TYR M 292 6.41 -23.06 -47.48
C TYR M 292 5.40 -22.74 -46.39
N GLN M 293 4.26 -23.42 -46.43
CA GLN M 293 3.19 -23.18 -45.47
C GLN M 293 2.48 -24.49 -45.18
N ILE M 294 1.65 -24.47 -44.15
CA ILE M 294 0.85 -25.64 -43.76
C ILE M 294 -0.60 -25.20 -43.65
N ASN M 295 -1.49 -25.94 -44.31
CA ASN M 295 -2.91 -25.63 -44.29
C ASN M 295 -3.60 -26.46 -43.22
N ASN M 296 -4.93 -26.39 -43.18
CA ASN M 296 -5.71 -27.18 -42.24
C ASN M 296 -5.75 -28.66 -42.60
N ASP M 297 -5.35 -29.03 -43.81
CA ASP M 297 -5.34 -30.42 -44.23
C ASP M 297 -4.07 -31.15 -43.80
N GLY M 298 -3.08 -30.44 -43.30
CA GLY M 298 -1.82 -31.03 -42.92
C GLY M 298 -0.80 -31.15 -44.02
N THR M 299 -1.14 -30.73 -45.24
CA THR M 299 -0.22 -30.80 -46.37
C THR M 299 0.78 -29.65 -46.30
N VAL M 300 2.04 -29.96 -46.62
CA VAL M 300 3.10 -28.96 -46.62
C VAL M 300 3.13 -28.36 -48.03
N VAL M 301 2.46 -27.22 -48.19
CA VAL M 301 2.34 -26.61 -49.51
C VAL M 301 3.52 -25.70 -49.77
N GLY M 302 4.16 -25.87 -50.92
CA GLY M 302 5.24 -25.00 -51.33
C GLY M 302 4.84 -24.06 -52.44
N ASN M 303 5.04 -22.77 -52.21
CA ASN M 303 4.78 -21.74 -53.21
C ASN M 303 6.09 -21.36 -53.87
N TYR M 304 6.07 -21.31 -55.20
CA TYR M 304 7.25 -21.08 -56.02
C TYR M 304 7.17 -19.72 -56.71
N SER M 305 8.20 -19.42 -57.49
CA SER M 305 8.31 -18.09 -58.11
C SER M 305 7.23 -17.88 -59.16
N ASN M 306 6.82 -18.94 -59.86
CA ASN M 306 5.90 -18.83 -60.99
C ASN M 306 4.44 -18.96 -60.59
N GLU M 307 4.10 -18.59 -59.34
CA GLU M 307 2.72 -18.52 -58.88
C GLU M 307 2.04 -19.88 -58.96
N GLN M 308 2.77 -20.94 -58.59
CA GLN M 308 2.24 -22.29 -58.57
C GLN M 308 2.39 -22.89 -57.18
N GLU M 309 1.52 -23.84 -56.87
CA GLU M 309 1.47 -24.49 -55.57
C GLU M 309 1.77 -25.96 -55.74
N GLN M 310 2.71 -26.48 -54.95
CA GLN M 310 3.10 -27.89 -55.02
C GLN M 310 2.91 -28.54 -53.66
N VAL M 311 2.20 -29.67 -53.64
CA VAL M 311 2.00 -30.42 -52.40
C VAL M 311 3.25 -31.26 -52.17
N LEU M 312 4.04 -30.91 -51.15
CA LEU M 312 5.28 -31.60 -50.85
C LEU M 312 5.11 -32.67 -49.77
N GLY M 313 3.87 -33.01 -49.43
CA GLY M 313 3.61 -34.03 -48.43
C GLY M 313 2.67 -33.57 -47.35
N GLN M 314 2.02 -34.52 -46.68
CA GLN M 314 1.08 -34.23 -45.60
C GLN M 314 1.47 -35.02 -44.36
N ILE M 315 1.04 -34.52 -43.20
CA ILE M 315 1.41 -35.05 -41.91
C ILE M 315 0.37 -36.08 -41.48
N VAL M 316 0.84 -37.24 -41.06
CA VAL M 316 -0.03 -38.36 -40.68
C VAL M 316 -0.26 -38.34 -39.18
N LEU M 317 -1.51 -38.57 -38.77
CA LEU M 317 -1.88 -38.59 -37.37
C LEU M 317 -2.09 -40.02 -36.90
N ALA M 318 -2.38 -40.18 -35.60
CA ALA M 318 -2.55 -41.51 -35.03
C ALA M 318 -3.33 -41.41 -33.73
N ASN M 319 -4.51 -42.03 -33.70
CA ASN M 319 -5.27 -42.21 -32.47
C ASN M 319 -4.92 -43.55 -31.86
N PHE M 320 -5.26 -43.72 -30.58
CA PHE M 320 -4.92 -44.92 -29.84
C PHE M 320 -6.16 -45.60 -29.29
N ALA M 321 -6.12 -46.94 -29.30
CA ALA M 321 -7.25 -47.72 -28.80
C ALA M 321 -7.48 -47.51 -27.31
N ASN M 322 -6.48 -47.00 -26.59
CA ASN M 322 -6.58 -46.85 -25.15
C ASN M 322 -5.59 -45.78 -24.70
N ASN M 323 -6.08 -44.59 -24.42
CA ASN M 323 -5.22 -43.57 -23.82
C ASN M 323 -5.00 -43.90 -22.34
N GLU M 324 -4.11 -43.12 -21.72
CA GLU M 324 -3.65 -43.32 -20.34
C GLU M 324 -2.88 -44.62 -20.18
N GLY M 325 -2.74 -45.41 -21.23
CA GLY M 325 -1.86 -46.55 -21.28
C GLY M 325 -0.54 -46.26 -21.95
N LEU M 326 -0.42 -45.10 -22.58
CA LEU M 326 0.85 -44.70 -23.16
C LEU M 326 1.89 -44.48 -22.07
N ALA M 327 3.14 -44.78 -22.41
CA ALA M 327 4.25 -44.65 -21.47
C ALA M 327 5.16 -43.54 -21.96
N SER M 328 5.21 -42.43 -21.21
CA SER M 328 6.11 -41.35 -21.56
C SER M 328 7.55 -41.83 -21.44
N GLN M 329 8.39 -41.43 -22.39
CA GLN M 329 9.74 -41.94 -22.52
C GLN M 329 10.78 -40.84 -22.32
N GLY M 330 10.59 -40.02 -21.29
CA GLY M 330 11.49 -38.92 -21.04
C GLY M 330 10.89 -37.58 -21.45
N ASP M 331 11.29 -37.08 -22.61
CA ASP M 331 10.75 -35.84 -23.13
C ASP M 331 9.29 -36.00 -23.54
N ASN M 332 8.70 -34.95 -24.09
CA ASN M 332 7.27 -34.93 -24.38
C ASN M 332 6.99 -35.83 -25.59
N VAL M 333 7.12 -37.14 -25.36
CA VAL M 333 6.83 -38.17 -26.34
C VAL M 333 6.06 -39.28 -25.65
N TRP M 334 5.61 -40.26 -26.44
CA TRP M 334 4.93 -41.43 -25.89
C TRP M 334 5.28 -42.64 -26.75
N ALA M 335 5.20 -43.82 -26.14
CA ALA M 335 5.51 -45.07 -26.80
C ALA M 335 4.33 -46.03 -26.66
N ALA M 336 3.90 -46.61 -27.78
CA ALA M 336 2.80 -47.56 -27.75
C ALA M 336 3.23 -48.83 -27.01
N THR M 337 2.42 -49.25 -26.05
CA THR M 337 2.71 -50.42 -25.23
C THR M 337 1.46 -51.30 -25.15
N GLN M 338 1.58 -52.38 -24.39
CA GLN M 338 0.40 -53.17 -24.06
C GLN M 338 -0.53 -52.34 -23.18
N ALA M 339 -1.82 -52.65 -23.24
CA ALA M 339 -2.88 -51.90 -22.58
C ALA M 339 -2.98 -50.47 -23.09
N SER M 340 -2.31 -50.15 -24.19
CA SER M 340 -2.42 -48.85 -24.84
C SER M 340 -3.13 -48.93 -26.18
N GLY M 341 -3.00 -50.05 -26.89
CA GLY M 341 -3.67 -50.24 -28.15
C GLY M 341 -2.68 -50.47 -29.28
N VAL M 342 -3.05 -50.00 -30.47
CA VAL M 342 -2.24 -50.14 -31.67
C VAL M 342 -2.11 -48.77 -32.32
N ALA M 343 -1.10 -48.63 -33.18
CA ALA M 343 -0.79 -47.36 -33.83
C ALA M 343 -2.02 -46.69 -34.43
N LEU M 344 -2.69 -47.37 -35.37
CA LEU M 344 -3.95 -46.90 -35.95
C LEU M 344 -3.75 -45.51 -36.58
N LEU M 345 -2.97 -45.49 -37.67
CA LEU M 345 -2.64 -44.24 -38.33
C LEU M 345 -3.86 -43.69 -39.05
N GLY M 346 -3.68 -42.55 -39.72
CA GLY M 346 -4.76 -41.95 -40.47
C GLY M 346 -4.43 -40.53 -40.88
N THR M 347 -5.37 -39.92 -41.58
CA THR M 347 -5.19 -38.59 -42.13
C THR M 347 -5.65 -37.52 -41.16
N ALA M 348 -5.31 -36.28 -41.49
CA ALA M 348 -5.58 -35.17 -40.57
C ALA M 348 -7.07 -34.86 -40.48
N GLY M 349 -7.74 -34.75 -41.62
CA GLY M 349 -9.10 -34.25 -41.63
C GLY M 349 -10.17 -35.24 -41.26
N SER M 350 -10.33 -36.29 -42.05
CA SER M 350 -11.43 -37.22 -41.89
C SER M 350 -11.14 -38.25 -40.80
N GLY M 351 -12.17 -39.02 -40.46
CA GLY M 351 -12.04 -40.08 -39.48
C GLY M 351 -12.24 -39.62 -38.06
N ASN M 352 -11.60 -40.31 -37.12
CA ASN M 352 -11.71 -40.01 -35.70
C ASN M 352 -10.74 -38.92 -35.25
N PHE M 353 -9.82 -38.50 -36.11
CA PHE M 353 -8.75 -37.60 -35.73
C PHE M 353 -9.29 -36.17 -35.65
N GLY M 354 -8.38 -35.20 -35.45
CA GLY M 354 -8.78 -33.84 -35.20
C GLY M 354 -8.18 -32.87 -36.20
N LYS M 355 -8.63 -31.62 -36.10
CA LYS M 355 -8.28 -30.60 -37.08
C LYS M 355 -7.02 -29.86 -36.63
N LEU M 356 -6.06 -29.74 -37.55
CA LEU M 356 -4.79 -29.10 -37.25
C LEU M 356 -4.88 -27.59 -37.42
N THR M 357 -3.78 -26.90 -37.11
CA THR M 357 -3.69 -25.46 -37.29
C THR M 357 -2.24 -25.01 -37.30
N ASN M 358 -1.89 -24.08 -38.17
CA ASN M 358 -0.53 -23.60 -38.28
C ASN M 358 -0.38 -22.28 -37.52
N GLY M 359 0.83 -22.04 -37.03
CA GLY M 359 1.10 -20.81 -36.31
C GLY M 359 0.61 -20.81 -34.88
N ALA M 360 0.37 -21.97 -34.29
CA ALA M 360 -0.15 -22.03 -32.94
C ALA M 360 0.38 -23.28 -32.25
N LEU M 361 0.44 -23.22 -30.92
CA LEU M 361 0.78 -24.35 -30.08
C LEU M 361 -0.36 -24.57 -29.10
N GLU M 362 -0.16 -25.47 -28.13
CA GLU M 362 -1.14 -25.72 -27.10
C GLU M 362 -0.49 -25.62 -25.73
N ALA M 363 -1.29 -25.22 -24.74
CA ALA M 363 -0.79 -24.95 -23.41
C ALA M 363 -0.40 -26.25 -22.71
N SER M 364 0.06 -26.13 -21.47
CA SER M 364 0.54 -27.26 -20.68
C SER M 364 -0.60 -28.05 -20.04
N ASN M 365 -1.85 -27.58 -20.17
CA ASN M 365 -3.03 -28.30 -19.71
C ASN M 365 -3.10 -28.37 -18.19
N VAL M 366 -2.10 -27.80 -17.51
CA VAL M 366 -2.07 -27.82 -16.05
C VAL M 366 -2.66 -26.51 -15.53
N ASP M 367 -3.59 -26.63 -14.58
CA ASP M 367 -4.18 -25.45 -13.94
C ASP M 367 -3.28 -25.01 -12.79
N LEU M 368 -3.39 -23.74 -12.41
CA LEU M 368 -2.62 -23.26 -11.27
C LEU M 368 -3.42 -23.33 -9.98
N SER M 369 -4.70 -22.94 -10.02
CA SER M 369 -5.51 -22.87 -8.81
C SER M 369 -5.75 -24.26 -8.22
N LYS M 370 -6.22 -25.20 -9.04
CA LYS M 370 -6.59 -26.52 -8.53
C LYS M 370 -5.38 -27.28 -7.99
N GLU M 371 -4.22 -27.12 -8.63
CA GLU M 371 -3.00 -27.79 -8.19
C GLU M 371 -2.20 -26.98 -7.19
N LEU M 372 -2.84 -26.02 -6.51
CA LEU M 372 -2.24 -25.36 -5.35
C LEU M 372 -2.97 -25.67 -4.05
N VAL M 373 -4.25 -26.00 -4.10
CA VAL M 373 -4.99 -26.34 -2.89
C VAL M 373 -4.93 -27.82 -2.57
N ASN M 374 -4.87 -28.68 -3.60
CA ASN M 374 -4.61 -30.09 -3.35
C ASN M 374 -3.26 -30.27 -2.68
N MET M 375 -2.32 -29.35 -2.91
CA MET M 375 -1.03 -29.39 -2.25
C MET M 375 -1.19 -29.18 -0.75
N ILE M 376 -1.98 -28.17 -0.37
CA ILE M 376 -2.26 -27.92 1.04
C ILE M 376 -2.99 -29.12 1.66
N VAL M 377 -3.96 -29.67 0.94
CA VAL M 377 -4.68 -30.83 1.45
C VAL M 377 -3.73 -32.01 1.67
N ALA M 378 -2.81 -32.23 0.73
CA ALA M 378 -1.85 -33.31 0.87
C ALA M 378 -0.96 -33.09 2.09
N GLN M 379 -0.51 -31.85 2.30
CA GLN M 379 0.32 -31.57 3.47
C GLN M 379 -0.45 -31.81 4.76
N ARG M 380 -1.72 -31.40 4.80
CA ARG M 380 -2.53 -31.62 5.99
C ARG M 380 -2.74 -33.10 6.27
N ASN M 381 -3.02 -33.89 5.22
CA ASN M 381 -3.13 -35.33 5.40
C ASN M 381 -1.81 -35.92 5.88
N TYR M 382 -0.69 -35.44 5.34
CA TYR M 382 0.61 -35.91 5.78
C TYR M 382 0.76 -35.71 7.27
N GLN M 383 0.49 -34.49 7.74
CA GLN M 383 0.72 -34.17 9.15
C GLN M 383 -0.25 -34.93 10.05
N SER M 384 -1.51 -35.07 9.61
CA SER M 384 -2.47 -35.83 10.40
C SER M 384 -2.03 -37.28 10.54
N ASN M 385 -1.50 -37.86 9.46
CA ASN M 385 -1.00 -39.23 9.55
C ASN M 385 0.29 -39.29 10.36
N ALA M 386 1.09 -38.21 10.34
CA ALA M 386 2.34 -38.18 11.09
C ALA M 386 2.10 -38.10 12.59
N GLN M 387 1.00 -37.46 13.01
CA GLN M 387 0.62 -37.45 14.41
C GLN M 387 0.42 -38.85 14.97
N THR M 388 0.12 -39.83 14.11
CA THR M 388 0.05 -41.21 14.58
C THR M 388 1.39 -41.67 15.12
N ILE M 389 2.50 -41.17 14.57
CA ILE M 389 3.80 -41.58 15.09
C ILE M 389 4.05 -40.98 16.47
N LYS M 390 3.75 -39.69 16.65
CA LYS M 390 3.68 -39.13 18.00
C LYS M 390 2.93 -40.05 18.94
N THR M 391 1.68 -40.35 18.59
CA THR M 391 0.80 -41.06 19.49
C THR M 391 1.33 -42.46 19.79
N GLN M 392 1.77 -43.19 18.77
CA GLN M 392 2.30 -44.54 18.98
C GLN M 392 3.58 -44.50 19.80
N ASP M 393 4.48 -43.56 19.51
CA ASP M 393 5.72 -43.46 20.27
C ASP M 393 5.43 -43.25 21.75
N GLN M 394 4.58 -42.27 22.07
CA GLN M 394 4.24 -42.02 23.47
C GLN M 394 3.52 -43.21 24.10
N ILE M 395 2.60 -43.82 23.35
CA ILE M 395 1.69 -44.77 23.96
C ILE M 395 2.38 -46.11 24.16
N LEU M 396 3.43 -46.39 23.38
CA LEU M 396 4.25 -47.55 23.67
C LEU M 396 5.37 -47.19 24.65
N ASN M 397 5.76 -45.92 24.70
CA ASN M 397 6.71 -45.46 25.71
C ASN M 397 6.13 -45.65 27.10
N THR M 398 4.80 -45.56 27.20
CA THR M 398 4.15 -45.90 28.46
C THR M 398 4.46 -47.35 28.86
N LEU M 399 4.28 -48.29 27.93
CA LEU M 399 4.48 -49.70 28.25
C LEU M 399 5.95 -50.05 28.44
N VAL M 400 6.86 -49.37 27.73
CA VAL M 400 8.25 -49.78 27.77
C VAL M 400 8.83 -49.54 29.17
N ASN M 401 8.34 -48.51 29.86
CA ASN M 401 8.83 -48.16 31.18
C ASN M 401 8.05 -48.83 32.31
N LEU M 402 7.47 -49.98 32.07
CA LEU M 402 6.85 -50.74 33.16
C LEU M 402 7.89 -51.62 33.83
N SER N 2 -17.09 -35.18 29.47
CA SER N 2 -15.65 -35.07 29.28
C SER N 2 -15.33 -34.35 27.97
N PHE N 3 -15.17 -35.12 26.90
CA PHE N 3 -14.89 -34.53 25.60
C PHE N 3 -16.16 -34.38 24.76
N SER N 4 -17.29 -34.95 25.20
CA SER N 4 -18.49 -34.95 24.39
C SER N 4 -19.04 -33.54 24.20
N GLN N 5 -19.09 -32.76 25.29
CA GLN N 5 -19.62 -31.41 25.19
C GLN N 5 -18.79 -30.55 24.26
N ALA N 6 -17.47 -30.77 24.25
CA ALA N 6 -16.63 -30.01 23.34
C ALA N 6 -16.76 -30.50 21.90
N VAL N 7 -16.81 -31.82 21.69
CA VAL N 7 -16.85 -32.34 20.33
C VAL N 7 -18.17 -31.98 19.65
N SER N 8 -19.21 -31.79 20.48
CA SER N 8 -20.55 -31.40 19.97
C SER N 8 -20.40 -30.11 19.18
N GLY N 9 -19.86 -29.06 19.81
CA GLY N 9 -19.62 -27.79 19.16
C GLY N 9 -18.49 -27.87 18.15
N LEU N 10 -17.57 -28.81 18.36
CA LEU N 10 -16.47 -29.03 17.43
C LEU N 10 -17.02 -29.36 16.04
N ASN N 11 -18.04 -30.20 15.99
CA ASN N 11 -18.72 -30.52 14.74
C ASN N 11 -19.63 -29.38 14.30
N ALA N 12 -20.33 -28.76 15.25
CA ALA N 12 -21.30 -27.71 14.89
C ALA N 12 -20.62 -26.54 14.20
N ALA N 13 -19.47 -26.10 14.69
CA ALA N 13 -18.72 -25.03 14.05
C ALA N 13 -18.28 -25.39 12.65
N ALA N 14 -17.88 -26.65 12.42
CA ALA N 14 -17.53 -27.10 11.09
C ALA N 14 -18.71 -27.06 10.12
N THR N 15 -19.89 -27.47 10.58
CA THR N 15 -21.07 -27.30 9.73
C THR N 15 -21.33 -25.82 9.46
N ASN N 16 -21.08 -24.97 10.46
CA ASN N 16 -21.26 -23.54 10.28
C ASN N 16 -20.31 -23.00 9.20
N LEU N 17 -19.05 -23.43 9.21
CA LEU N 17 -18.15 -23.06 8.12
C LEU N 17 -18.61 -23.61 6.78
N ASP N 18 -19.13 -24.84 6.74
CA ASP N 18 -19.54 -25.43 5.48
C ASP N 18 -20.69 -24.67 4.84
N VAL N 19 -21.70 -24.29 5.62
CA VAL N 19 -22.82 -23.56 5.04
C VAL N 19 -22.40 -22.17 4.58
N ILE N 20 -21.50 -21.49 5.30
CA ILE N 20 -21.02 -20.20 4.86
C ILE N 20 -20.21 -20.35 3.57
N GLY N 21 -19.41 -21.41 3.47
CA GLY N 21 -18.68 -21.65 2.24
C GLY N 21 -19.60 -21.87 1.06
N ASN N 22 -20.67 -22.64 1.26
CA ASN N 22 -21.64 -22.83 0.19
C ASN N 22 -22.28 -21.50 -0.21
N ASN N 23 -22.66 -20.68 0.78
CA ASN N 23 -23.30 -19.41 0.49
C ASN N 23 -22.36 -18.50 -0.29
N ILE N 24 -21.11 -18.39 0.14
CA ILE N 24 -20.16 -17.52 -0.54
C ILE N 24 -19.85 -18.04 -1.94
N ALA N 25 -19.82 -19.37 -2.10
CA ALA N 25 -19.63 -19.92 -3.44
C ALA N 25 -20.78 -19.55 -4.36
N ASN N 26 -22.01 -19.64 -3.86
CA ASN N 26 -23.18 -19.31 -4.66
C ASN N 26 -23.43 -17.80 -4.70
N SER N 27 -22.40 -17.03 -5.04
CA SER N 27 -22.55 -15.58 -5.12
C SER N 27 -23.26 -15.17 -6.40
N ALA N 28 -22.92 -15.82 -7.52
CA ALA N 28 -23.45 -15.45 -8.82
C ALA N 28 -24.56 -16.38 -9.31
N THR N 29 -24.75 -17.54 -8.68
CA THR N 29 -25.85 -18.42 -9.03
C THR N 29 -27.17 -17.69 -8.84
N TYR N 30 -27.90 -17.45 -9.94
CA TYR N 30 -29.00 -16.50 -9.91
C TYR N 30 -30.14 -16.97 -9.02
N GLY N 31 -30.74 -18.11 -9.35
CA GLY N 31 -31.86 -18.60 -8.58
C GLY N 31 -31.46 -19.25 -7.27
N PHE N 32 -30.86 -18.47 -6.37
CA PHE N 32 -30.31 -19.00 -5.13
C PHE N 32 -31.00 -18.39 -3.93
N LYS N 33 -30.98 -19.15 -2.82
CA LYS N 33 -31.46 -18.70 -1.52
C LYS N 33 -30.35 -18.91 -0.50
N SER N 34 -30.10 -17.91 0.32
CA SER N 34 -29.07 -18.04 1.35
C SER N 34 -29.49 -19.06 2.40
N GLY N 35 -28.50 -19.76 2.94
CA GLY N 35 -28.77 -20.80 3.91
C GLY N 35 -27.98 -20.66 5.19
N THR N 36 -28.66 -20.81 6.33
CA THR N 36 -28.04 -20.74 7.63
C THR N 36 -28.49 -21.93 8.48
N ALA N 37 -27.65 -22.30 9.43
CA ALA N 37 -27.93 -23.42 10.32
C ALA N 37 -28.70 -22.95 11.55
N SER N 38 -29.26 -23.92 12.27
CA SER N 38 -29.92 -23.65 13.54
C SER N 38 -29.40 -24.64 14.57
N PHE N 39 -29.30 -24.19 15.81
CA PHE N 39 -28.68 -24.98 16.86
C PHE N 39 -29.59 -25.03 18.08
N ALA N 40 -29.42 -26.08 18.88
CA ALA N 40 -30.14 -26.24 20.13
C ALA N 40 -29.30 -27.11 21.05
N ASP N 41 -29.31 -26.75 22.33
CA ASP N 41 -28.54 -27.49 23.32
C ASP N 41 -29.22 -28.81 23.66
N MET N 42 -28.52 -29.64 24.42
CA MET N 42 -29.02 -30.95 24.83
C MET N 42 -28.81 -31.11 26.32
N PHE N 43 -29.76 -31.78 26.99
CA PHE N 43 -29.73 -31.95 28.43
C PHE N 43 -30.28 -33.32 28.79
N ALA N 44 -29.56 -34.04 29.64
CA ALA N 44 -30.04 -35.31 30.16
C ALA N 44 -30.86 -35.06 31.41
N GLY N 45 -31.14 -36.12 32.17
CA GLY N 45 -31.82 -35.98 33.44
C GLY N 45 -31.03 -35.22 34.48
N SER N 46 -29.73 -35.02 34.27
CA SER N 46 -28.90 -34.27 35.20
C SER N 46 -29.10 -32.78 34.97
N LYS N 47 -28.27 -31.95 35.61
CA LYS N 47 -28.38 -30.51 35.52
C LYS N 47 -27.32 -29.85 34.65
N VAL N 48 -26.14 -30.45 34.56
CA VAL N 48 -25.07 -29.87 33.75
C VAL N 48 -25.35 -30.12 32.27
N GLY N 49 -24.89 -29.19 31.43
CA GLY N 49 -25.09 -29.31 30.01
C GLY N 49 -24.29 -30.42 29.39
N LEU N 50 -24.68 -30.80 28.17
CA LEU N 50 -24.04 -31.88 27.45
C LEU N 50 -23.49 -31.46 26.09
N GLY N 51 -24.05 -30.42 25.49
CA GLY N 51 -23.54 -29.94 24.22
C GLY N 51 -24.67 -29.39 23.37
N VAL N 52 -24.32 -29.13 22.10
CA VAL N 52 -25.25 -28.55 21.15
C VAL N 52 -25.41 -29.51 19.97
N LYS N 53 -26.64 -29.63 19.49
CA LYS N 53 -26.93 -30.46 18.33
C LYS N 53 -27.51 -29.57 17.24
N VAL N 54 -27.06 -29.78 16.00
CA VAL N 54 -27.60 -29.05 14.87
C VAL N 54 -28.92 -29.71 14.45
N ALA N 55 -30.02 -28.99 14.71
CA ALA N 55 -31.34 -29.59 14.51
C ALA N 55 -31.92 -29.29 13.14
N GLY N 56 -31.23 -28.49 12.32
CA GLY N 56 -31.72 -28.22 10.98
C GLY N 56 -31.06 -27.04 10.30
N ILE N 57 -30.83 -27.18 9.00
CA ILE N 57 -30.25 -26.11 8.19
C ILE N 57 -31.39 -25.35 7.52
N THR N 58 -31.47 -24.05 7.81
CA THR N 58 -32.58 -23.22 7.35
C THR N 58 -32.31 -22.74 5.93
N GLN N 59 -33.28 -22.01 5.39
CA GLN N 59 -33.20 -21.50 4.02
C GLN N 59 -33.96 -20.19 3.98
N ASP N 60 -33.22 -19.07 3.88
CA ASP N 60 -33.84 -17.76 3.81
C ASP N 60 -34.48 -17.59 2.44
N PHE N 61 -35.80 -17.42 2.40
CA PHE N 61 -36.56 -17.39 1.16
C PHE N 61 -36.94 -15.97 0.75
N THR N 62 -36.10 -15.00 1.09
CA THR N 62 -36.30 -13.63 0.64
C THR N 62 -35.85 -13.50 -0.81
N ASP N 63 -36.32 -12.43 -1.45
CA ASP N 63 -35.99 -12.18 -2.85
C ASP N 63 -34.93 -11.09 -2.97
N GLY N 64 -33.91 -11.37 -3.78
CA GLY N 64 -32.82 -10.45 -3.99
C GLY N 64 -33.12 -9.42 -5.07
N THR N 65 -32.09 -8.65 -5.41
CA THR N 65 -32.23 -7.62 -6.42
C THR N 65 -32.57 -8.23 -7.76
N THR N 66 -33.39 -7.52 -8.54
CA THR N 66 -33.78 -7.94 -9.88
C THR N 66 -32.97 -7.12 -10.88
N THR N 67 -31.76 -7.59 -11.16
CA THR N 67 -30.87 -6.87 -12.07
C THR N 67 -31.40 -6.94 -13.50
N ASN N 68 -31.46 -5.78 -14.14
CA ASN N 68 -31.89 -5.73 -15.55
C ASN N 68 -30.80 -6.32 -16.44
N THR N 69 -31.22 -7.11 -17.42
CA THR N 69 -30.30 -7.79 -18.31
C THR N 69 -30.47 -7.42 -19.77
N GLY N 70 -31.69 -7.11 -20.22
CA GLY N 70 -31.93 -6.72 -21.59
C GLY N 70 -32.34 -7.82 -22.53
N ARG N 71 -32.17 -9.09 -22.14
CA ARG N 71 -32.60 -10.18 -23.00
C ARG N 71 -34.13 -10.28 -22.99
N GLY N 72 -34.65 -11.15 -23.86
CA GLY N 72 -36.09 -11.27 -23.99
C GLY N 72 -36.68 -12.46 -23.26
N LEU N 73 -36.04 -13.63 -23.40
CA LEU N 73 -36.57 -14.85 -22.80
C LEU N 73 -35.93 -15.11 -21.44
N ASP N 74 -36.12 -14.16 -20.53
CA ASP N 74 -35.67 -14.31 -19.15
C ASP N 74 -36.54 -13.46 -18.26
N VAL N 75 -37.17 -14.08 -17.26
CA VAL N 75 -38.11 -13.42 -16.37
C VAL N 75 -37.60 -13.54 -14.94
N ALA N 76 -38.28 -12.83 -14.04
CA ALA N 76 -37.93 -12.85 -12.64
C ALA N 76 -39.18 -12.72 -11.80
N ILE N 77 -39.20 -13.40 -10.66
CA ILE N 77 -40.34 -13.37 -9.75
C ILE N 77 -40.06 -12.33 -8.66
N SER N 78 -41.11 -11.64 -8.23
CA SER N 78 -40.99 -10.55 -7.26
C SER N 78 -41.28 -10.97 -5.82
N GLN N 79 -42.08 -12.00 -5.61
CA GLN N 79 -42.52 -12.42 -4.29
C GLN N 79 -42.60 -13.94 -4.28
N ASN N 80 -43.34 -14.49 -3.31
CA ASN N 80 -43.54 -15.93 -3.22
C ASN N 80 -44.09 -16.48 -4.53
N GLY N 81 -43.59 -17.63 -4.92
CA GLY N 81 -44.00 -18.28 -6.16
C GLY N 81 -42.83 -19.04 -6.75
N PHE N 82 -43.15 -20.14 -7.44
CA PHE N 82 -42.13 -20.98 -8.02
C PHE N 82 -42.62 -21.52 -9.37
N PHE N 83 -41.73 -21.47 -10.37
CA PHE N 83 -42.03 -22.07 -11.65
C PHE N 83 -42.12 -23.58 -11.53
N ARG N 84 -43.12 -24.16 -12.18
CA ARG N 84 -43.35 -25.60 -12.19
C ARG N 84 -42.66 -26.17 -13.42
N LEU N 85 -41.60 -26.94 -13.20
CA LEU N 85 -40.79 -27.50 -14.26
C LEU N 85 -41.05 -29.00 -14.39
N VAL N 86 -40.67 -29.54 -15.55
CA VAL N 86 -40.80 -30.97 -15.80
C VAL N 86 -39.66 -31.40 -16.72
N ASP N 87 -39.05 -32.53 -16.41
CA ASP N 87 -37.96 -33.08 -17.20
C ASP N 87 -38.50 -34.15 -18.15
N SER N 88 -37.60 -34.87 -18.82
CA SER N 88 -38.01 -35.91 -19.75
C SER N 88 -38.77 -37.03 -19.03
N ASN N 89 -38.28 -37.42 -17.85
CA ASN N 89 -38.93 -38.52 -17.12
C ASN N 89 -40.35 -38.15 -16.72
N GLY N 90 -40.66 -36.86 -16.61
CA GLY N 90 -41.98 -36.42 -16.22
C GLY N 90 -42.12 -36.03 -14.78
N SER N 91 -41.05 -36.10 -13.99
CA SER N 91 -41.13 -35.69 -12.59
C SER N 91 -41.43 -34.20 -12.49
N VAL N 92 -42.24 -33.84 -11.50
CA VAL N 92 -42.64 -32.45 -11.28
C VAL N 92 -41.62 -31.80 -10.36
N PHE N 93 -41.06 -30.67 -10.79
CA PHE N 93 -40.06 -29.94 -10.03
C PHE N 93 -40.52 -28.50 -9.86
N TYR N 94 -39.89 -27.79 -8.95
CA TYR N 94 -40.20 -26.39 -8.72
C TYR N 94 -38.91 -25.61 -8.61
N SER N 95 -38.89 -24.40 -9.17
CA SER N 95 -37.67 -23.62 -9.23
C SER N 95 -38.01 -22.13 -9.12
N ARG N 96 -36.96 -21.31 -9.07
CA ARG N 96 -37.10 -19.86 -9.07
C ARG N 96 -36.20 -19.16 -10.08
N ASN N 97 -35.13 -19.80 -10.55
CA ASN N 97 -34.28 -19.20 -11.57
C ASN N 97 -35.09 -18.90 -12.81
N GLY N 98 -34.86 -17.72 -13.38
CA GLY N 98 -35.64 -17.27 -14.51
C GLY N 98 -34.84 -17.11 -15.79
N GLN N 99 -33.91 -18.02 -16.03
CA GLN N 99 -33.13 -18.05 -17.27
C GLN N 99 -33.68 -19.17 -18.14
N PHE N 100 -34.01 -18.83 -19.39
CA PHE N 100 -34.75 -19.76 -20.23
C PHE N 100 -34.21 -19.73 -21.65
N LYS N 101 -34.28 -20.88 -22.32
CA LYS N 101 -33.84 -21.04 -23.69
C LYS N 101 -35.00 -21.53 -24.55
N LEU N 102 -34.80 -21.45 -25.88
CA LEU N 102 -35.79 -21.91 -26.85
C LEU N 102 -35.09 -22.84 -27.83
N ASP N 103 -35.21 -24.14 -27.60
CA ASP N 103 -34.46 -25.13 -28.37
C ASP N 103 -34.98 -25.21 -29.81
N GLU N 104 -34.26 -25.97 -30.63
CA GLU N 104 -34.66 -26.17 -32.02
C GLU N 104 -36.01 -26.87 -32.14
N ASN N 105 -36.42 -27.61 -31.12
CA ASN N 105 -37.76 -28.19 -31.08
C ASN N 105 -38.83 -27.17 -30.75
N ARG N 106 -38.45 -25.89 -30.65
CA ARG N 106 -39.39 -24.79 -30.40
C ARG N 106 -40.14 -24.99 -29.08
N ASN N 107 -39.39 -25.24 -28.02
CA ASN N 107 -39.94 -25.44 -26.70
C ASN N 107 -39.27 -24.48 -25.72
N LEU N 108 -40.06 -23.99 -24.77
CA LEU N 108 -39.52 -23.14 -23.71
C LEU N 108 -38.77 -24.00 -22.71
N VAL N 109 -37.44 -23.90 -22.72
CA VAL N 109 -36.58 -24.79 -21.94
C VAL N 109 -35.61 -23.95 -21.13
N ASN N 110 -35.21 -24.48 -19.97
CA ASN N 110 -34.22 -23.84 -19.14
C ASN N 110 -32.82 -24.22 -19.64
N MET N 111 -31.79 -23.90 -18.85
CA MET N 111 -30.42 -24.20 -19.23
C MET N 111 -30.02 -25.63 -18.89
N GLN N 112 -30.88 -26.40 -18.24
CA GLN N 112 -30.57 -27.76 -17.83
C GLN N 112 -31.51 -28.78 -18.46
N GLY N 113 -32.19 -28.39 -19.54
CA GLY N 113 -33.01 -29.30 -20.31
C GLY N 113 -34.45 -29.43 -19.87
N MET N 114 -34.83 -28.85 -18.74
CA MET N 114 -36.23 -28.93 -18.30
C MET N 114 -37.07 -27.87 -18.99
N GLN N 115 -38.23 -28.28 -19.48
CA GLN N 115 -39.20 -27.37 -20.08
C GLN N 115 -40.23 -26.94 -19.03
N LEU N 116 -40.81 -25.78 -19.25
CA LEU N 116 -41.81 -25.24 -18.32
C LEU N 116 -43.13 -25.99 -18.50
N THR N 117 -44.16 -25.51 -17.82
CA THR N 117 -45.51 -26.01 -17.98
C THR N 117 -46.47 -24.87 -17.68
N GLY N 118 -47.74 -25.08 -17.97
CA GLY N 118 -48.73 -24.06 -17.74
C GLY N 118 -50.06 -24.42 -18.37
N TYR N 119 -50.97 -23.44 -18.36
CA TYR N 119 -52.29 -23.63 -18.92
C TYR N 119 -52.23 -23.41 -20.42
N PRO N 120 -52.58 -24.39 -21.25
CA PRO N 120 -52.40 -24.24 -22.70
C PRO N 120 -53.42 -23.30 -23.30
N ALA N 121 -53.06 -22.77 -24.47
CA ALA N 121 -53.95 -21.93 -25.26
C ALA N 121 -54.82 -22.82 -26.13
N THR N 122 -56.04 -23.08 -25.68
CA THR N 122 -56.94 -24.02 -26.33
C THR N 122 -58.26 -23.32 -26.66
N GLY N 123 -58.77 -23.60 -27.84
CA GLY N 123 -60.05 -23.07 -28.28
C GLY N 123 -59.93 -22.29 -29.58
N THR N 124 -61.06 -21.72 -29.98
CA THR N 124 -61.15 -20.91 -31.20
C THR N 124 -61.80 -19.57 -30.85
N PRO N 125 -61.00 -18.53 -30.59
CA PRO N 125 -59.53 -18.51 -30.53
C PRO N 125 -58.98 -19.22 -29.30
N PRO N 126 -57.72 -19.63 -29.34
CA PRO N 126 -57.14 -20.36 -28.19
C PRO N 126 -57.20 -19.54 -26.92
N THR N 127 -57.50 -20.22 -25.81
CA THR N 127 -57.59 -19.57 -24.51
C THR N 127 -57.22 -20.58 -23.43
N ILE N 128 -56.89 -20.05 -22.25
CA ILE N 128 -56.47 -20.89 -21.14
C ILE N 128 -57.70 -21.47 -20.44
N GLN N 129 -57.47 -22.55 -19.68
CA GLN N 129 -58.49 -23.15 -18.84
C GLN N 129 -57.85 -23.60 -17.54
N GLN N 130 -58.34 -23.06 -16.42
CA GLN N 130 -57.73 -23.35 -15.12
C GLN N 130 -57.90 -24.80 -14.72
N GLY N 131 -59.07 -25.38 -14.98
CA GLY N 131 -59.34 -26.74 -14.54
C GLY N 131 -58.79 -27.81 -15.45
N ALA N 132 -57.54 -27.64 -15.89
CA ALA N 132 -56.88 -28.63 -16.72
C ALA N 132 -55.46 -28.84 -16.21
N ASN N 133 -54.98 -30.08 -16.28
CA ASN N 133 -53.63 -30.37 -15.84
C ASN N 133 -52.61 -29.67 -16.74
N PRO N 134 -51.58 -29.06 -16.16
CA PRO N 134 -50.58 -28.33 -16.94
C PRO N 134 -49.77 -29.25 -17.85
N ALA N 135 -49.38 -28.69 -18.99
CA ALA N 135 -48.62 -29.38 -20.01
C ALA N 135 -47.47 -28.50 -20.48
N PRO N 136 -46.42 -29.10 -21.06
CA PRO N 136 -45.30 -28.29 -21.57
C PRO N 136 -45.78 -27.30 -22.63
N ILE N 137 -45.05 -26.20 -22.73
CA ILE N 137 -45.43 -25.06 -23.56
C ILE N 137 -44.49 -24.98 -24.74
N THR N 138 -45.05 -24.86 -25.94
CA THR N 138 -44.30 -24.86 -27.18
C THR N 138 -44.51 -23.53 -27.90
N ILE N 139 -43.66 -23.27 -28.88
CA ILE N 139 -43.82 -22.12 -29.76
C ILE N 139 -43.76 -22.62 -31.20
N PRO N 140 -44.84 -23.17 -31.74
CA PRO N 140 -44.78 -23.71 -33.11
C PRO N 140 -44.62 -22.64 -34.17
N ASN N 141 -44.48 -23.06 -35.42
CA ASN N 141 -44.27 -22.14 -36.54
C ASN N 141 -45.43 -22.14 -37.52
N THR N 142 -46.63 -22.49 -37.09
CA THR N 142 -47.78 -22.50 -37.98
C THR N 142 -48.25 -21.07 -38.25
N LEU N 143 -49.37 -20.95 -38.95
CA LEU N 143 -49.89 -19.64 -39.34
C LEU N 143 -51.26 -19.43 -38.69
N MET N 144 -51.67 -18.17 -38.63
CA MET N 144 -52.90 -17.82 -37.93
C MET N 144 -54.09 -17.91 -38.88
N ALA N 145 -55.24 -18.25 -38.32
CA ALA N 145 -56.46 -18.44 -39.11
C ALA N 145 -57.11 -17.10 -39.39
N ALA N 146 -57.15 -16.72 -40.67
CA ALA N 146 -57.81 -15.49 -41.06
C ALA N 146 -59.30 -15.56 -40.75
N LYS N 147 -59.84 -14.48 -40.20
CA LYS N 147 -61.24 -14.42 -39.80
C LYS N 147 -61.95 -13.39 -40.67
N SER N 148 -63.05 -13.81 -41.31
CA SER N 148 -63.85 -12.91 -42.11
C SER N 148 -64.56 -11.89 -41.22
N THR N 149 -64.68 -10.65 -41.72
CA THR N 149 -65.40 -9.63 -40.97
C THR N 149 -66.82 -10.08 -40.69
N THR N 150 -67.24 -9.94 -39.43
CA THR N 150 -68.54 -10.44 -38.98
C THR N 150 -69.47 -9.31 -38.57
N THR N 151 -68.96 -8.08 -38.45
CA THR N 151 -69.80 -6.93 -38.16
C THR N 151 -69.04 -5.68 -38.59
N ALA N 152 -69.77 -4.58 -38.71
CA ALA N 152 -69.17 -3.33 -39.16
C ALA N 152 -69.96 -2.17 -38.60
N SER N 153 -69.23 -1.11 -38.24
CA SER N 153 -69.84 0.12 -37.76
C SER N 153 -69.31 1.30 -38.56
N MET N 154 -70.20 2.21 -38.95
CA MET N 154 -69.81 3.40 -39.70
C MET N 154 -70.70 4.55 -39.30
N GLN N 155 -70.13 5.53 -38.59
CA GLN N 155 -70.82 6.77 -38.29
C GLN N 155 -70.46 7.82 -39.34
N ILE N 156 -71.36 8.78 -39.54
CA ILE N 156 -71.24 9.74 -40.63
C ILE N 156 -71.94 11.04 -40.23
N ASN N 157 -71.31 12.16 -40.58
CA ASN N 157 -71.88 13.50 -40.35
C ASN N 157 -72.27 14.14 -41.69
N LEU N 158 -73.46 13.78 -42.16
CA LEU N 158 -73.90 14.19 -43.48
C LEU N 158 -74.08 15.70 -43.56
N ASN N 159 -73.73 16.27 -44.70
CA ASN N 159 -73.95 17.69 -44.93
C ASN N 159 -75.43 17.95 -45.17
N SER N 160 -75.98 18.95 -44.47
CA SER N 160 -77.40 19.26 -44.60
C SER N 160 -77.72 20.00 -45.89
N THR N 161 -76.73 20.63 -46.52
CA THR N 161 -76.94 21.41 -47.72
C THR N 161 -76.55 20.65 -48.98
N ASP N 162 -76.42 19.32 -48.89
CA ASP N 162 -76.10 18.51 -50.05
C ASP N 162 -77.39 18.13 -50.77
N PRO N 163 -77.59 18.54 -52.02
CA PRO N 163 -78.87 18.31 -52.68
C PRO N 163 -79.05 16.87 -53.12
N VAL N 164 -80.28 16.54 -53.48
CA VAL N 164 -80.57 15.25 -54.11
C VAL N 164 -79.90 15.20 -55.48
N PRO N 165 -79.19 14.12 -55.82
CA PRO N 165 -78.51 14.08 -57.12
C PRO N 165 -79.49 14.17 -58.28
N SER N 166 -79.04 14.82 -59.35
CA SER N 166 -79.90 15.01 -60.52
C SER N 166 -80.28 13.66 -61.15
N LYS N 167 -79.32 12.75 -61.23
CA LYS N 167 -79.59 11.42 -61.80
C LYS N 167 -80.39 10.59 -60.81
N THR N 168 -81.72 10.63 -60.92
CA THR N 168 -82.58 9.89 -60.00
C THR N 168 -82.34 8.39 -60.03
N PRO N 169 -82.22 7.73 -61.19
CA PRO N 169 -81.86 6.31 -61.16
C PRO N 169 -80.41 6.13 -60.75
N PHE N 170 -80.10 4.97 -60.20
CA PHE N 170 -78.74 4.71 -59.74
C PHE N 170 -77.85 4.30 -60.90
N SER N 171 -76.80 5.07 -61.14
CA SER N 171 -75.78 4.73 -62.12
C SER N 171 -74.41 4.79 -61.47
N VAL N 172 -73.63 3.73 -61.66
CA VAL N 172 -72.32 3.63 -61.03
C VAL N 172 -71.31 4.58 -61.64
N SER N 173 -71.48 4.94 -62.93
CA SER N 173 -70.46 5.69 -63.65
C SER N 173 -70.35 7.13 -63.15
N ASP N 174 -71.44 7.88 -63.23
CA ASP N 174 -71.40 9.31 -62.93
C ASP N 174 -71.08 9.54 -61.44
N ALA N 175 -70.12 10.42 -61.18
CA ALA N 175 -69.84 10.83 -59.81
C ALA N 175 -70.97 11.68 -59.24
N ASP N 176 -71.69 12.42 -60.08
CA ASP N 176 -72.83 13.22 -59.66
C ASP N 176 -74.09 12.39 -59.50
N SER N 177 -74.07 11.12 -59.90
CA SER N 177 -75.25 10.27 -59.75
C SER N 177 -75.55 10.00 -58.28
N TYR N 178 -74.54 9.95 -57.44
CA TYR N 178 -74.69 9.70 -56.02
C TYR N 178 -74.38 10.97 -55.22
N ASN N 179 -74.68 10.91 -53.92
CA ASN N 179 -74.30 11.99 -53.01
C ASN N 179 -72.92 11.75 -52.42
N LYS N 180 -72.62 10.51 -52.04
CA LYS N 180 -71.33 10.15 -51.48
C LYS N 180 -70.90 8.79 -52.00
N LYS N 181 -69.59 8.54 -51.96
CA LYS N 181 -69.05 7.24 -52.34
C LYS N 181 -67.88 6.93 -51.42
N GLY N 182 -68.01 5.86 -50.63
CA GLY N 182 -66.98 5.48 -49.68
C GLY N 182 -66.50 4.06 -49.93
N THR N 183 -65.34 3.76 -49.35
CA THR N 183 -64.65 2.49 -49.58
C THR N 183 -64.34 1.84 -48.23
N VAL N 184 -64.68 0.55 -48.10
CA VAL N 184 -64.26 -0.25 -46.95
C VAL N 184 -63.81 -1.60 -47.48
N THR N 185 -62.98 -2.29 -46.71
CA THR N 185 -62.45 -3.58 -47.10
C THR N 185 -62.94 -4.67 -46.16
N VAL N 186 -63.34 -5.81 -46.74
CA VAL N 186 -63.70 -7.00 -45.98
C VAL N 186 -62.92 -8.18 -46.53
N TYR N 187 -62.90 -9.26 -45.75
CA TYR N 187 -62.17 -10.46 -46.13
C TYR N 187 -63.11 -11.65 -46.20
N ASP N 188 -62.92 -12.47 -47.23
CA ASP N 188 -63.60 -13.75 -47.36
C ASP N 188 -62.74 -14.85 -46.72
N SER N 189 -63.06 -16.11 -46.99
CA SER N 189 -62.36 -17.24 -46.40
C SER N 189 -61.15 -17.67 -47.23
N GLN N 190 -60.59 -16.77 -48.03
CA GLN N 190 -59.42 -17.09 -48.86
C GLN N 190 -58.28 -16.10 -48.73
N GLY N 191 -58.55 -14.85 -48.35
CA GLY N 191 -57.51 -13.85 -48.28
C GLY N 191 -57.71 -12.80 -49.35
N ASN N 192 -58.95 -12.56 -49.72
CA ASN N 192 -59.29 -11.61 -50.77
C ASN N 192 -59.84 -10.33 -50.15
N ALA N 193 -59.28 -9.20 -50.59
CA ALA N 193 -59.70 -7.89 -50.08
C ALA N 193 -60.92 -7.43 -50.87
N HIS N 194 -62.07 -7.98 -50.49
CA HIS N 194 -63.34 -7.62 -51.12
C HIS N 194 -63.65 -6.16 -50.78
N ASP N 195 -63.57 -5.28 -51.77
CA ASP N 195 -63.82 -3.87 -51.56
C ASP N 195 -65.31 -3.61 -51.60
N MET N 196 -65.90 -3.34 -50.43
CA MET N 196 -67.29 -2.93 -50.34
C MET N 196 -67.34 -1.42 -50.52
N ASN N 197 -67.85 -0.99 -51.66
CA ASN N 197 -68.08 0.43 -51.91
C ASN N 197 -69.52 0.77 -51.53
N VAL N 198 -69.65 1.84 -50.76
CA VAL N 198 -70.95 2.27 -50.23
C VAL N 198 -71.34 3.56 -50.93
N TYR N 199 -72.53 3.57 -51.50
CA TYR N 199 -73.02 4.67 -52.33
C TYR N 199 -74.18 5.34 -51.64
N PHE N 200 -74.16 6.67 -51.61
CA PHE N 200 -75.07 7.47 -50.81
C PHE N 200 -75.82 8.41 -51.75
N VAL N 201 -77.15 8.36 -51.69
CA VAL N 201 -78.03 9.17 -52.52
C VAL N 201 -79.18 9.68 -51.66
N LYS N 202 -79.50 10.97 -51.79
CA LYS N 202 -80.62 11.52 -51.05
C LYS N 202 -81.94 10.95 -51.54
N THR N 203 -82.89 10.77 -50.61
CA THR N 203 -84.21 10.25 -50.94
C THR N 203 -85.31 11.28 -50.70
N LYS N 204 -85.43 11.80 -49.49
CA LYS N 204 -86.44 12.80 -49.16
C LYS N 204 -85.86 13.73 -48.11
N ASP N 205 -86.71 14.57 -47.52
CA ASP N 205 -86.26 15.49 -46.49
C ASP N 205 -85.68 14.73 -45.31
N ASN N 206 -84.48 15.14 -44.88
CA ASN N 206 -83.76 14.52 -43.77
C ASN N 206 -83.50 13.03 -43.99
N GLU N 207 -83.54 12.56 -45.24
CA GLU N 207 -83.38 11.15 -45.53
C GLU N 207 -82.53 10.95 -46.78
N TRP N 208 -81.86 9.81 -46.83
CA TRP N 208 -80.94 9.48 -47.91
C TRP N 208 -81.14 8.00 -48.26
N ALA N 209 -80.39 7.51 -49.24
CA ALA N 209 -80.45 6.10 -49.63
C ALA N 209 -79.03 5.58 -49.79
N VAL N 210 -78.84 4.28 -49.53
CA VAL N 210 -77.51 3.67 -49.50
C VAL N 210 -77.55 2.34 -50.22
N TYR N 211 -76.63 2.15 -51.17
CA TYR N 211 -76.24 0.84 -51.66
C TYR N 211 -74.90 0.43 -51.06
N THR N 212 -74.67 -0.87 -51.01
CA THR N 212 -73.34 -1.43 -50.77
C THR N 212 -73.07 -2.49 -51.84
N HIS N 213 -71.95 -2.36 -52.54
CA HIS N 213 -71.65 -3.26 -53.65
C HIS N 213 -70.19 -3.69 -53.62
N ASP N 214 -69.95 -4.93 -54.06
CA ASP N 214 -68.59 -5.44 -54.24
C ASP N 214 -68.13 -5.08 -55.63
N SER N 215 -67.29 -4.05 -55.73
CA SER N 215 -66.78 -3.58 -57.02
C SER N 215 -65.45 -4.20 -57.40
N SER N 216 -65.09 -5.34 -56.82
CA SER N 216 -63.84 -6.02 -57.11
C SER N 216 -64.08 -7.51 -57.35
N ASP N 217 -65.14 -7.83 -58.11
CA ASP N 217 -65.47 -9.22 -58.42
C ASP N 217 -66.26 -9.31 -59.73
N PRO N 218 -65.76 -10.06 -60.71
CA PRO N 218 -66.52 -10.26 -61.95
C PRO N 218 -67.56 -11.35 -61.88
N ALA N 219 -67.87 -11.88 -60.69
CA ALA N 219 -68.85 -12.95 -60.53
C ALA N 219 -70.11 -12.46 -59.82
N ALA N 220 -70.34 -11.15 -59.78
CA ALA N 220 -71.51 -10.58 -59.15
C ALA N 220 -72.25 -9.69 -60.15
N THR N 221 -73.54 -9.48 -59.90
CA THR N 221 -74.37 -8.71 -60.80
C THR N 221 -74.23 -7.22 -60.51
N ALA N 222 -75.04 -6.41 -61.18
CA ALA N 222 -75.03 -4.97 -61.00
C ALA N 222 -75.82 -4.59 -59.76
N PRO N 223 -75.49 -3.45 -59.13
CA PRO N 223 -76.25 -3.01 -57.95
C PRO N 223 -77.62 -2.47 -58.32
N THR N 224 -78.68 -3.18 -57.92
CA THR N 224 -80.05 -2.77 -58.23
C THR N 224 -80.87 -2.49 -56.97
N THR N 225 -80.92 -3.42 -56.03
CA THR N 225 -81.76 -3.31 -54.84
C THR N 225 -81.11 -2.39 -53.83
N ALA N 226 -81.94 -1.72 -53.03
CA ALA N 226 -81.44 -0.82 -52.01
C ALA N 226 -80.86 -1.60 -50.83
N SER N 227 -79.66 -1.20 -50.41
CA SER N 227 -79.12 -1.72 -49.16
C SER N 227 -79.94 -1.21 -47.99
N THR N 228 -80.17 0.10 -47.94
CA THR N 228 -81.08 0.67 -46.94
C THR N 228 -81.35 2.14 -47.29
N THR N 229 -82.12 2.81 -46.44
CA THR N 229 -82.23 4.25 -46.44
C THR N 229 -81.70 4.80 -45.12
N LEU N 230 -81.56 6.12 -45.07
CA LEU N 230 -81.04 6.84 -43.90
C LEU N 230 -82.12 7.82 -43.47
N LYS N 231 -82.74 7.57 -42.32
CA LYS N 231 -83.78 8.42 -41.79
C LYS N 231 -83.30 9.05 -40.49
N PHE N 232 -83.53 10.36 -40.37
CA PHE N 232 -83.05 11.12 -39.22
C PHE N 232 -84.23 11.84 -38.58
N ASN N 233 -83.97 12.51 -37.46
CA ASN N 233 -84.99 13.21 -36.71
C ASN N 233 -85.05 14.68 -37.12
N GLU N 234 -85.97 15.42 -36.51
CA GLU N 234 -86.04 16.86 -36.71
C GLU N 234 -84.80 17.58 -36.19
N ASN N 235 -84.04 16.97 -35.30
CA ASN N 235 -82.76 17.50 -34.86
C ASN N 235 -81.59 16.68 -35.39
N GLY N 236 -81.84 15.76 -36.33
CA GLY N 236 -80.80 14.97 -36.94
C GLY N 236 -80.50 13.64 -36.29
N ILE N 237 -81.28 13.23 -35.30
CA ILE N 237 -81.02 11.96 -34.61
C ILE N 237 -81.49 10.81 -35.49
N LEU N 238 -80.64 9.81 -35.66
CA LEU N 238 -80.99 8.61 -36.44
C LEU N 238 -82.09 7.87 -35.70
N GLU N 239 -83.31 7.92 -36.25
CA GLU N 239 -84.45 7.26 -35.63
C GLU N 239 -84.65 5.86 -36.20
N SER N 240 -84.84 5.75 -37.51
CA SER N 240 -85.01 4.49 -38.19
C SER N 240 -83.71 4.05 -38.85
N GLY N 241 -83.66 2.78 -39.23
CA GLY N 241 -82.46 2.24 -39.85
C GLY N 241 -81.25 2.21 -38.95
N GLY N 242 -81.41 1.74 -37.72
CA GLY N 242 -80.26 1.67 -36.81
C GLY N 242 -79.16 0.77 -37.34
N THR N 243 -79.53 -0.39 -37.86
CA THR N 243 -78.57 -1.33 -38.43
C THR N 243 -79.26 -2.17 -39.48
N VAL N 244 -78.45 -2.77 -40.36
CA VAL N 244 -78.93 -3.63 -41.43
C VAL N 244 -77.99 -4.84 -41.55
N ASN N 245 -78.36 -5.77 -42.41
CA ASN N 245 -77.56 -6.96 -42.68
C ASN N 245 -77.02 -6.89 -44.10
N ILE N 246 -75.71 -7.09 -44.25
CA ILE N 246 -75.03 -6.91 -45.53
C ILE N 246 -74.23 -8.16 -45.86
N THR N 247 -74.05 -8.39 -47.16
CA THR N 247 -73.25 -9.49 -47.68
C THR N 247 -72.37 -8.95 -48.81
N THR N 248 -71.31 -9.70 -49.12
CA THR N 248 -70.35 -9.33 -50.14
C THR N 248 -70.25 -10.41 -51.22
N GLY N 249 -69.30 -10.24 -52.14
CA GLY N 249 -69.12 -11.18 -53.24
C GLY N 249 -68.22 -12.34 -52.87
N THR N 250 -67.83 -13.10 -53.89
CA THR N 250 -67.02 -14.30 -53.69
C THR N 250 -66.18 -14.55 -54.94
N ILE N 251 -64.89 -14.80 -54.75
CA ILE N 251 -63.96 -15.15 -55.81
C ILE N 251 -63.12 -16.34 -55.37
N ASN N 252 -62.70 -17.15 -56.34
CA ASN N 252 -61.76 -18.25 -56.10
C ASN N 252 -62.31 -19.27 -55.11
N GLY N 253 -63.63 -19.50 -55.16
CA GLY N 253 -64.26 -20.47 -54.28
C GLY N 253 -64.09 -20.13 -52.82
N ALA N 254 -64.67 -19.03 -52.38
CA ALA N 254 -64.56 -18.54 -51.02
C ALA N 254 -65.94 -18.48 -50.38
N THR N 255 -66.00 -17.95 -49.16
CA THR N 255 -67.24 -17.75 -48.42
C THR N 255 -67.45 -16.25 -48.25
N ALA N 256 -68.55 -15.74 -48.81
CA ALA N 256 -68.84 -14.32 -48.71
C ALA N 256 -69.10 -13.93 -47.27
N ALA N 257 -68.66 -12.71 -46.92
CA ALA N 257 -68.87 -12.21 -45.57
C ALA N 257 -70.33 -11.79 -45.39
N THR N 258 -70.96 -12.31 -44.35
CA THR N 258 -72.35 -11.98 -44.01
C THR N 258 -72.34 -11.34 -42.62
N PHE N 259 -72.56 -10.03 -42.56
CA PHE N 259 -72.34 -9.30 -41.33
C PHE N 259 -73.51 -8.34 -41.09
N SER N 260 -73.45 -7.66 -39.96
CA SER N 260 -74.40 -6.61 -39.61
C SER N 260 -73.66 -5.28 -39.61
N LEU N 261 -74.20 -4.32 -40.35
CA LEU N 261 -73.60 -3.00 -40.50
C LEU N 261 -74.48 -1.97 -39.81
N SER N 262 -73.89 -1.20 -38.91
CA SER N 262 -74.62 -0.24 -38.09
C SER N 262 -74.13 1.18 -38.38
N PHE N 263 -75.06 2.06 -38.75
CA PHE N 263 -74.79 3.49 -38.90
C PHE N 263 -75.28 4.29 -37.70
N LEU N 264 -75.21 3.72 -36.50
CA LEU N 264 -75.80 4.36 -35.33
C LEU N 264 -75.14 5.70 -35.05
N ASN N 265 -75.95 6.65 -34.56
CA ASN N 265 -75.51 7.99 -34.20
C ASN N 265 -74.90 8.70 -35.41
N SER N 266 -75.74 8.90 -36.42
CA SER N 266 -75.38 9.61 -37.64
C SER N 266 -76.06 10.97 -37.63
N MET N 267 -75.27 12.03 -37.44
CA MET N 267 -75.77 13.38 -37.32
C MET N 267 -75.70 14.07 -38.66
N GLN N 268 -76.71 14.91 -38.95
CA GLN N 268 -76.70 15.74 -40.16
C GLN N 268 -77.34 17.07 -39.78
N GLN N 269 -76.51 18.02 -39.37
CA GLN N 269 -76.97 19.33 -38.93
C GLN N 269 -76.06 20.42 -39.51
N ASN N 270 -75.80 20.33 -40.81
CA ASN N 270 -74.88 21.24 -41.51
C ASN N 270 -73.49 21.18 -40.89
N THR N 271 -72.88 20.00 -40.99
CA THR N 271 -71.57 19.76 -40.41
C THR N 271 -70.46 20.27 -41.34
N GLY N 272 -70.55 21.53 -41.74
CA GLY N 272 -69.59 22.10 -42.66
C GLY N 272 -69.62 21.41 -44.01
N ALA N 273 -68.55 20.68 -44.32
CA ALA N 273 -68.51 19.84 -45.51
C ALA N 273 -69.16 18.50 -45.19
N ASN N 274 -69.01 17.53 -46.10
CA ASN N 274 -69.56 16.19 -45.89
C ASN N 274 -68.42 15.19 -45.73
N ASN N 275 -68.60 14.23 -44.82
CA ASN N 275 -67.52 13.34 -44.44
C ASN N 275 -68.08 12.16 -43.66
N ILE N 276 -67.34 11.04 -43.69
CA ILE N 276 -67.59 9.92 -42.81
C ILE N 276 -66.58 9.98 -41.65
N VAL N 277 -67.07 9.83 -40.43
CA VAL N 277 -66.25 10.13 -39.26
C VAL N 277 -65.57 8.89 -38.71
N ALA N 278 -66.23 7.73 -38.71
CA ALA N 278 -65.66 6.55 -38.08
C ALA N 278 -66.14 5.29 -38.79
N THR N 279 -65.24 4.32 -38.91
CA THR N 279 -65.53 3.04 -39.52
C THR N 279 -64.69 1.96 -38.87
N ASN N 280 -65.27 0.80 -38.66
CA ASN N 280 -64.58 -0.29 -37.99
C ASN N 280 -65.17 -1.63 -38.43
N GLN N 281 -64.30 -2.64 -38.48
CA GLN N 281 -64.67 -4.00 -38.87
C GLN N 281 -63.75 -4.96 -38.13
N ASN N 282 -63.95 -6.25 -38.35
CA ASN N 282 -63.27 -7.29 -37.58
C ASN N 282 -62.70 -8.39 -38.50
N GLY N 283 -61.98 -7.99 -39.53
CA GLY N 283 -61.37 -8.94 -40.44
C GLY N 283 -59.87 -8.74 -40.54
N TYR N 284 -59.17 -9.83 -40.80
CA TYR N 284 -57.72 -9.80 -40.92
C TYR N 284 -57.24 -10.99 -41.75
N LYS N 285 -56.07 -10.81 -42.37
CA LYS N 285 -55.44 -11.85 -43.18
C LYS N 285 -54.64 -12.81 -42.27
N PRO N 286 -54.26 -14.01 -42.79
CA PRO N 286 -53.59 -14.99 -41.93
C PRO N 286 -52.33 -14.48 -41.23
N GLY N 287 -51.35 -14.01 -41.99
CA GLY N 287 -50.13 -13.48 -41.41
C GLY N 287 -49.11 -14.55 -41.06
N ASP N 288 -47.90 -14.10 -40.77
CA ASP N 288 -46.76 -14.97 -40.49
C ASP N 288 -46.06 -14.53 -39.21
N LEU N 289 -45.65 -15.49 -38.40
CA LEU N 289 -44.92 -15.22 -37.16
C LEU N 289 -43.69 -14.36 -37.44
N VAL N 290 -43.64 -13.20 -36.77
CA VAL N 290 -42.49 -12.32 -36.90
C VAL N 290 -41.79 -12.14 -35.56
N SER N 291 -42.55 -12.19 -34.46
CA SER N 291 -41.96 -11.96 -33.15
C SER N 291 -42.71 -12.74 -32.09
N TYR N 292 -42.04 -12.93 -30.96
CA TYR N 292 -42.57 -13.67 -29.82
C TYR N 292 -42.03 -13.03 -28.55
N GLN N 293 -42.89 -12.85 -27.55
CA GLN N 293 -42.50 -12.12 -26.36
C GLN N 293 -43.20 -12.69 -25.15
N ILE N 294 -42.72 -12.27 -23.97
CA ILE N 294 -43.30 -12.65 -22.70
C ILE N 294 -43.84 -11.38 -22.05
N ASN N 295 -45.05 -11.45 -21.52
CA ASN N 295 -45.65 -10.32 -20.80
C ASN N 295 -45.32 -10.44 -19.32
N ASN N 296 -45.94 -9.58 -18.50
CA ASN N 296 -45.73 -9.57 -17.07
C ASN N 296 -46.76 -10.39 -16.31
N ASP N 297 -47.47 -11.28 -16.99
CA ASP N 297 -48.45 -12.14 -16.32
C ASP N 297 -48.28 -13.60 -16.73
N GLY N 298 -47.14 -13.96 -17.32
CA GLY N 298 -46.89 -15.32 -17.73
C GLY N 298 -47.35 -15.67 -19.13
N THR N 299 -48.16 -14.82 -19.76
CA THR N 299 -48.72 -15.12 -21.08
C THR N 299 -47.67 -14.86 -22.15
N VAL N 300 -47.23 -15.92 -22.83
CA VAL N 300 -46.36 -15.79 -23.99
C VAL N 300 -47.21 -15.43 -25.20
N VAL N 301 -46.84 -14.36 -25.90
CA VAL N 301 -47.64 -13.81 -26.97
C VAL N 301 -46.82 -13.78 -28.25
N GLY N 302 -47.38 -14.35 -29.32
CA GLY N 302 -46.77 -14.28 -30.64
C GLY N 302 -47.42 -13.22 -31.50
N ASN N 303 -46.61 -12.31 -32.04
CA ASN N 303 -47.05 -11.29 -32.97
C ASN N 303 -46.66 -11.68 -34.39
N TYR N 304 -47.65 -11.77 -35.26
CA TYR N 304 -47.45 -12.21 -36.64
C TYR N 304 -47.37 -11.00 -37.55
N SER N 305 -47.17 -11.26 -38.85
CA SER N 305 -47.04 -10.21 -39.85
C SER N 305 -48.37 -9.54 -40.18
N ASN N 306 -49.49 -10.14 -39.77
CA ASN N 306 -50.81 -9.58 -40.01
C ASN N 306 -51.22 -8.56 -38.96
N GLU N 307 -50.24 -7.98 -38.24
CA GLU N 307 -50.47 -7.11 -37.09
C GLU N 307 -51.55 -7.66 -36.16
N GLN N 308 -51.60 -8.98 -36.01
CA GLN N 308 -52.46 -9.64 -35.04
C GLN N 308 -51.60 -10.24 -33.94
N GLU N 309 -52.24 -10.62 -32.84
CA GLU N 309 -51.55 -11.16 -31.68
C GLU N 309 -52.23 -12.46 -31.27
N GLN N 310 -51.45 -13.40 -30.75
CA GLN N 310 -52.05 -14.65 -30.28
C GLN N 310 -51.31 -15.13 -29.04
N VAL N 311 -52.07 -15.37 -27.96
CA VAL N 311 -51.48 -15.93 -26.76
C VAL N 311 -51.17 -17.41 -26.98
N LEU N 312 -49.97 -17.82 -26.59
CA LEU N 312 -49.54 -19.21 -26.69
C LEU N 312 -49.51 -19.89 -25.34
N GLY N 313 -50.46 -19.55 -24.46
CA GLY N 313 -50.50 -20.08 -23.11
C GLY N 313 -49.80 -19.17 -22.12
N GLN N 314 -50.03 -19.47 -20.84
CA GLN N 314 -49.44 -18.71 -19.75
C GLN N 314 -48.77 -19.65 -18.77
N ILE N 315 -47.76 -19.12 -18.08
CA ILE N 315 -46.98 -19.91 -17.12
C ILE N 315 -47.72 -19.95 -15.79
N VAL N 316 -47.95 -21.16 -15.28
CA VAL N 316 -48.55 -21.32 -13.97
C VAL N 316 -47.49 -21.14 -12.89
N LEU N 317 -47.95 -20.87 -11.67
CA LEU N 317 -47.08 -20.67 -10.53
C LEU N 317 -47.49 -21.61 -9.40
N ALA N 318 -46.53 -21.92 -8.54
CA ALA N 318 -46.75 -22.82 -7.41
C ALA N 318 -46.41 -22.09 -6.12
N ASN N 319 -47.32 -22.15 -5.15
CA ASN N 319 -47.11 -21.56 -3.85
C ASN N 319 -47.45 -22.60 -2.80
N PHE N 320 -46.45 -23.03 -2.04
CA PHE N 320 -46.62 -24.10 -1.07
C PHE N 320 -47.14 -23.56 0.24
N ALA N 321 -47.89 -24.40 0.95
CA ALA N 321 -48.39 -24.02 2.26
C ALA N 321 -47.27 -23.77 3.25
N ASN N 322 -46.12 -24.42 3.05
CA ASN N 322 -44.97 -24.24 3.91
C ASN N 322 -43.70 -24.33 3.08
N ASN N 323 -42.84 -23.33 3.20
CA ASN N 323 -41.50 -23.40 2.61
C ASN N 323 -40.60 -24.20 3.53
N GLU N 324 -39.29 -24.19 3.25
CA GLU N 324 -38.25 -24.84 4.03
C GLU N 324 -38.36 -26.36 3.96
N GLY N 325 -39.42 -26.89 3.36
CA GLY N 325 -39.53 -28.31 3.07
C GLY N 325 -39.17 -28.66 1.66
N LEU N 326 -38.83 -27.67 0.84
CA LEU N 326 -38.47 -27.89 -0.55
C LEU N 326 -37.06 -28.46 -0.62
N ALA N 327 -36.95 -29.77 -0.79
CA ALA N 327 -35.65 -30.41 -0.86
C ALA N 327 -34.92 -29.99 -2.14
N SER N 328 -33.69 -29.50 -1.96
CA SER N 328 -32.86 -29.16 -3.10
C SER N 328 -32.44 -30.43 -3.84
N GLN N 329 -32.43 -30.35 -5.18
CA GLN N 329 -32.17 -31.51 -6.02
C GLN N 329 -30.92 -31.32 -6.87
N GLY N 330 -29.84 -30.85 -6.27
CA GLY N 330 -28.63 -30.68 -7.02
C GLY N 330 -28.59 -29.33 -7.71
N ASP N 331 -29.00 -29.31 -8.98
CA ASP N 331 -29.16 -28.08 -9.74
C ASP N 331 -30.15 -27.17 -9.03
N ASN N 332 -30.25 -25.91 -9.46
CA ASN N 332 -31.06 -24.95 -8.70
C ASN N 332 -32.54 -25.29 -8.86
N VAL N 333 -32.95 -26.39 -8.22
CA VAL N 333 -34.30 -26.92 -8.34
C VAL N 333 -34.73 -27.47 -6.99
N TRP N 334 -35.99 -27.25 -6.64
CA TRP N 334 -36.58 -27.75 -5.42
C TRP N 334 -37.70 -28.73 -5.75
N ALA N 335 -37.66 -29.91 -5.13
CA ALA N 335 -38.70 -30.92 -5.30
C ALA N 335 -39.55 -30.94 -4.05
N ALA N 336 -40.87 -30.79 -4.22
CA ALA N 336 -41.78 -30.82 -3.09
C ALA N 336 -41.82 -32.21 -2.48
N THR N 337 -41.47 -32.29 -1.20
CA THR N 337 -41.47 -33.54 -0.45
C THR N 337 -42.56 -33.49 0.61
N GLN N 338 -42.59 -34.51 1.47
CA GLN N 338 -43.52 -34.51 2.59
C GLN N 338 -43.20 -33.34 3.53
N ALA N 339 -44.16 -33.04 4.40
CA ALA N 339 -44.07 -31.90 5.32
C ALA N 339 -44.01 -30.57 4.56
N SER N 340 -44.56 -30.55 3.36
CA SER N 340 -44.66 -29.33 2.56
C SER N 340 -46.06 -29.08 2.04
N GLY N 341 -46.85 -30.12 1.83
CA GLY N 341 -48.19 -29.97 1.29
C GLY N 341 -48.24 -30.19 -0.21
N VAL N 342 -49.14 -29.49 -0.88
CA VAL N 342 -49.27 -29.56 -2.33
C VAL N 342 -48.89 -28.20 -2.92
N ALA N 343 -48.60 -28.21 -4.22
CA ALA N 343 -48.08 -27.01 -4.86
C ALA N 343 -49.09 -25.87 -4.90
N LEU N 344 -50.38 -26.19 -4.86
CA LEU N 344 -51.45 -25.19 -4.87
C LEU N 344 -51.32 -24.26 -6.08
N LEU N 345 -51.51 -24.84 -7.27
CA LEU N 345 -51.27 -24.15 -8.52
C LEU N 345 -52.22 -22.96 -8.68
N GLY N 346 -51.78 -22.00 -9.50
CA GLY N 346 -52.58 -20.83 -9.78
C GLY N 346 -51.81 -19.91 -10.72
N THR N 347 -52.50 -18.88 -11.17
CA THR N 347 -51.90 -17.92 -12.09
C THR N 347 -51.06 -16.92 -11.29
N ALA N 348 -50.51 -15.92 -11.99
CA ALA N 348 -49.55 -15.02 -11.38
C ALA N 348 -50.23 -13.91 -10.57
N GLY N 349 -51.06 -13.11 -11.22
CA GLY N 349 -51.56 -11.89 -10.61
C GLY N 349 -52.68 -12.05 -9.61
N SER N 350 -53.35 -13.19 -9.59
CA SER N 350 -54.51 -13.37 -8.72
C SER N 350 -54.12 -14.08 -7.44
N GLY N 351 -54.55 -13.53 -6.30
CA GLY N 351 -54.37 -14.19 -5.03
C GLY N 351 -53.00 -13.98 -4.40
N ASN N 352 -52.52 -15.02 -3.72
CA ASN N 352 -51.27 -14.92 -2.96
C ASN N 352 -50.06 -14.86 -3.87
N PHE N 353 -50.19 -15.32 -5.11
CA PHE N 353 -49.04 -15.47 -5.99
C PHE N 353 -48.41 -14.12 -6.31
N GLY N 354 -47.09 -14.12 -6.47
CA GLY N 354 -46.34 -12.91 -6.71
C GLY N 354 -46.52 -12.38 -8.13
N LYS N 355 -45.57 -11.55 -8.53
CA LYS N 355 -45.59 -10.89 -9.83
C LYS N 355 -44.36 -11.28 -10.65
N LEU N 356 -44.51 -11.18 -11.96
CA LEU N 356 -43.47 -11.50 -12.91
C LEU N 356 -42.97 -10.24 -13.59
N THR N 357 -41.66 -10.19 -13.84
CA THR N 357 -41.05 -9.08 -14.56
C THR N 357 -40.17 -9.64 -15.66
N ASN N 358 -40.02 -8.86 -16.73
CA ASN N 358 -39.42 -9.34 -17.96
C ASN N 358 -38.05 -8.71 -18.19
N GLY N 359 -37.21 -9.44 -18.92
CA GLY N 359 -35.89 -8.95 -19.26
C GLY N 359 -34.92 -8.83 -18.11
N ALA N 360 -35.28 -9.34 -16.94
CA ALA N 360 -34.43 -9.26 -15.76
C ALA N 360 -34.41 -10.61 -15.06
N LEU N 361 -33.33 -10.87 -14.35
CA LEU N 361 -33.14 -12.09 -13.60
C LEU N 361 -33.33 -11.84 -12.11
N GLU N 362 -33.12 -12.88 -11.32
CA GLU N 362 -33.18 -12.80 -9.86
C GLU N 362 -31.80 -13.06 -9.30
N ALA N 363 -31.30 -12.14 -8.48
CA ALA N 363 -29.97 -12.28 -7.90
C ALA N 363 -29.97 -13.38 -6.85
N SER N 364 -28.82 -13.65 -6.26
CA SER N 364 -28.66 -14.73 -5.31
C SER N 364 -29.01 -14.32 -3.88
N ASN N 365 -29.48 -13.08 -3.69
CA ASN N 365 -29.95 -12.51 -2.42
C ASN N 365 -28.95 -12.71 -1.30
N VAL N 366 -27.70 -12.97 -1.63
CA VAL N 366 -26.65 -13.20 -0.64
C VAL N 366 -25.78 -11.96 -0.56
N ASP N 367 -25.44 -11.58 0.65
CA ASP N 367 -24.55 -10.45 0.91
C ASP N 367 -23.11 -10.92 0.71
N LEU N 368 -22.18 -9.97 0.79
CA LEU N 368 -20.78 -10.34 0.79
C LEU N 368 -20.16 -10.22 2.19
N SER N 369 -20.19 -9.01 2.76
CA SER N 369 -19.52 -8.77 4.03
C SER N 369 -20.16 -9.59 5.16
N LYS N 370 -21.48 -9.73 5.12
CA LYS N 370 -22.19 -10.45 6.17
C LYS N 370 -21.66 -11.86 6.35
N GLU N 371 -21.41 -12.59 5.27
CA GLU N 371 -20.81 -13.90 5.40
C GLU N 371 -19.33 -13.85 5.72
N LEU N 372 -18.61 -12.84 5.23
CA LEU N 372 -17.21 -12.70 5.59
C LEU N 372 -16.99 -12.41 7.07
N VAL N 373 -17.98 -11.96 7.82
CA VAL N 373 -17.84 -11.75 9.25
C VAL N 373 -18.32 -12.94 10.05
N ASN N 374 -19.40 -13.61 9.61
CA ASN N 374 -19.74 -14.89 10.21
C ASN N 374 -18.62 -15.89 10.02
N MET N 375 -17.87 -15.76 8.93
CA MET N 375 -16.70 -16.59 8.68
C MET N 375 -15.69 -16.44 9.81
N ILE N 376 -15.34 -15.21 10.14
CA ILE N 376 -14.34 -14.95 11.18
C ILE N 376 -14.85 -15.40 12.55
N VAL N 377 -16.12 -15.08 12.86
CA VAL N 377 -16.62 -15.44 14.18
C VAL N 377 -16.71 -16.95 14.32
N ALA N 378 -17.02 -17.67 13.25
CA ALA N 378 -17.08 -19.13 13.32
C ALA N 378 -15.68 -19.73 13.47
N GLN N 379 -14.69 -19.14 12.78
CA GLN N 379 -13.32 -19.60 12.96
C GLN N 379 -12.88 -19.43 14.41
N ARG N 380 -13.18 -18.27 15.00
CA ARG N 380 -12.85 -18.04 16.39
C ARG N 380 -13.59 -19.01 17.31
N ASN N 381 -14.86 -19.30 17.01
CA ASN N 381 -15.60 -20.27 17.78
C ASN N 381 -14.92 -21.64 17.76
N TYR N 382 -14.50 -22.08 16.58
CA TYR N 382 -13.92 -23.41 16.47
C TYR N 382 -12.60 -23.47 17.22
N GLN N 383 -11.77 -22.43 17.09
CA GLN N 383 -10.51 -22.40 17.82
C GLN N 383 -10.74 -22.42 19.33
N SER N 384 -11.68 -21.60 19.81
CA SER N 384 -11.96 -21.55 21.23
C SER N 384 -12.44 -22.89 21.75
N ASN N 385 -13.30 -23.57 20.99
CA ASN N 385 -13.78 -24.86 21.43
C ASN N 385 -12.65 -25.89 21.42
N ALA N 386 -11.73 -25.81 20.45
CA ALA N 386 -10.58 -26.70 20.47
C ALA N 386 -9.71 -26.47 21.69
N GLN N 387 -9.70 -25.24 22.21
CA GLN N 387 -9.01 -25.00 23.48
C GLN N 387 -9.55 -25.91 24.58
N THR N 388 -10.85 -26.20 24.55
CA THR N 388 -11.42 -27.11 25.55
C THR N 388 -10.82 -28.51 25.43
N ILE N 389 -10.70 -29.02 24.21
CA ILE N 389 -10.02 -30.30 24.00
C ILE N 389 -8.62 -30.24 24.57
N LYS N 390 -7.88 -29.18 24.27
CA LYS N 390 -6.49 -29.09 24.71
C LYS N 390 -6.39 -29.12 26.23
N THR N 391 -7.19 -28.29 26.91
CA THR N 391 -7.10 -28.22 28.37
C THR N 391 -7.57 -29.51 29.01
N GLN N 392 -8.64 -30.13 28.49
CA GLN N 392 -9.11 -31.38 29.06
C GLN N 392 -8.07 -32.47 28.88
N ASP N 393 -7.40 -32.48 27.73
CA ASP N 393 -6.29 -33.40 27.51
C ASP N 393 -5.19 -33.20 28.54
N GLN N 394 -4.82 -31.95 28.81
CA GLN N 394 -3.75 -31.72 29.80
C GLN N 394 -4.20 -32.13 31.20
N ILE N 395 -5.49 -31.94 31.52
CA ILE N 395 -6.02 -32.41 32.80
C ILE N 395 -5.88 -33.92 32.93
N LEU N 396 -6.28 -34.65 31.89
CA LEU N 396 -6.10 -36.10 31.93
C LEU N 396 -4.63 -36.48 32.03
N ASN N 397 -3.76 -35.76 31.33
CA ASN N 397 -2.33 -36.06 31.36
C ASN N 397 -1.78 -35.92 32.77
N THR N 398 -2.10 -34.81 33.44
CA THR N 398 -1.58 -34.61 34.79
C THR N 398 -2.26 -35.53 35.79
N LEU N 399 -3.48 -35.96 35.50
CA LEU N 399 -4.18 -36.86 36.43
C LEU N 399 -3.61 -38.27 36.36
N VAL N 400 -3.35 -38.78 35.16
CA VAL N 400 -2.99 -40.19 35.02
C VAL N 400 -1.59 -40.46 35.56
N ASN N 401 -0.64 -39.57 35.27
CA ASN N 401 0.78 -39.84 35.51
C ASN N 401 1.27 -39.28 36.85
N LEU N 402 0.61 -39.69 37.92
CA LEU N 402 1.06 -39.29 39.25
C LEU N 402 1.73 -40.46 39.95
N SER O 2 -2.06 -13.48 42.27
CA SER O 2 -3.35 -14.13 42.09
C SER O 2 -4.00 -13.73 40.77
N PHE O 3 -5.05 -14.44 40.38
CA PHE O 3 -5.74 -14.18 39.14
C PHE O 3 -6.79 -13.08 39.23
N SER O 4 -7.11 -12.64 40.45
CA SER O 4 -8.23 -11.72 40.63
C SER O 4 -8.02 -10.40 39.91
N GLN O 5 -6.88 -9.75 40.15
CA GLN O 5 -6.65 -8.43 39.57
C GLN O 5 -6.56 -8.52 38.05
N ALA O 6 -5.91 -9.56 37.54
CA ALA O 6 -5.79 -9.70 36.09
C ALA O 6 -7.15 -9.90 35.44
N VAL O 7 -7.99 -10.76 36.03
CA VAL O 7 -9.32 -11.00 35.47
C VAL O 7 -10.15 -9.72 35.52
N SER O 8 -10.10 -9.00 36.64
CA SER O 8 -10.85 -7.76 36.76
C SER O 8 -10.40 -6.74 35.73
N GLY O 9 -9.09 -6.55 35.58
CA GLY O 9 -8.60 -5.63 34.58
C GLY O 9 -8.96 -6.04 33.18
N LEU O 10 -8.93 -7.34 32.91
CA LEU O 10 -9.19 -7.83 31.56
C LEU O 10 -10.65 -7.65 31.17
N ASN O 11 -11.57 -8.04 32.06
CA ASN O 11 -12.96 -7.83 31.72
C ASN O 11 -13.42 -6.40 31.95
N ALA O 12 -12.58 -5.53 32.52
CA ALA O 12 -12.82 -4.10 32.46
C ALA O 12 -12.42 -3.52 31.12
N ALA O 13 -11.24 -3.90 30.62
CA ALA O 13 -10.83 -3.51 29.28
C ALA O 13 -11.76 -4.06 28.21
N ALA O 14 -12.41 -5.20 28.46
CA ALA O 14 -13.41 -5.71 27.53
C ALA O 14 -14.55 -4.71 27.38
N THR O 15 -15.08 -4.21 28.50
CA THR O 15 -16.13 -3.19 28.44
C THR O 15 -15.60 -1.90 27.85
N ASN O 16 -14.31 -1.59 28.10
CA ASN O 16 -13.71 -0.41 27.51
C ASN O 16 -13.68 -0.48 25.99
N LEU O 17 -13.34 -1.64 25.43
CA LEU O 17 -13.48 -1.84 23.99
C LEU O 17 -14.94 -1.83 23.53
N ASP O 18 -15.83 -2.39 24.35
CA ASP O 18 -17.25 -2.45 23.99
C ASP O 18 -17.86 -1.08 23.83
N VAL O 19 -17.55 -0.14 24.73
CA VAL O 19 -18.15 1.18 24.63
C VAL O 19 -17.63 1.91 23.40
N ILE O 20 -16.35 1.74 23.08
CA ILE O 20 -15.80 2.35 21.86
C ILE O 20 -16.47 1.74 20.64
N GLY O 21 -16.68 0.42 20.65
CA GLY O 21 -17.36 -0.21 19.53
C GLY O 21 -18.77 0.33 19.33
N ASN O 22 -19.51 0.48 20.43
CA ASN O 22 -20.86 1.06 20.33
C ASN O 22 -20.80 2.48 19.80
N ASN O 23 -19.85 3.28 20.29
CA ASN O 23 -19.73 4.67 19.86
C ASN O 23 -19.44 4.74 18.37
N ILE O 24 -18.54 3.89 17.88
CA ILE O 24 -18.23 3.85 16.45
C ILE O 24 -19.46 3.42 15.66
N ALA O 25 -20.15 2.38 16.14
CA ALA O 25 -21.33 1.88 15.42
C ALA O 25 -22.47 2.87 15.39
N ASN O 26 -22.53 3.81 16.33
CA ASN O 26 -23.59 4.83 16.34
C ASN O 26 -23.06 6.21 15.95
N SER O 27 -22.01 6.27 15.13
CA SER O 27 -21.44 7.53 14.70
C SER O 27 -22.28 8.25 13.66
N ALA O 28 -23.43 7.71 13.29
CA ALA O 28 -24.30 8.33 12.30
C ALA O 28 -25.71 8.60 12.79
N THR O 29 -26.10 8.06 13.94
CA THR O 29 -27.40 8.36 14.52
C THR O 29 -27.48 9.83 14.91
N TYR O 30 -28.70 10.31 15.13
CA TYR O 30 -28.96 11.74 15.29
C TYR O 30 -29.09 12.15 16.76
N GLY O 31 -30.03 11.54 17.48
CA GLY O 31 -30.21 11.88 18.88
C GLY O 31 -29.32 11.06 19.79
N PHE O 32 -28.04 10.97 19.46
CA PHE O 32 -27.11 10.11 20.19
C PHE O 32 -26.12 10.96 20.98
N LYS O 33 -25.86 10.54 22.21
CA LYS O 33 -24.81 11.13 23.03
C LYS O 33 -23.71 10.09 23.25
N SER O 34 -22.46 10.55 23.12
CA SER O 34 -21.33 9.63 23.20
C SER O 34 -21.27 8.99 24.58
N GLY O 35 -20.56 7.87 24.65
CA GLY O 35 -20.41 7.15 25.89
C GLY O 35 -18.94 6.96 26.24
N THR O 36 -18.69 6.82 27.54
CA THR O 36 -17.34 6.62 28.04
C THR O 36 -17.42 5.80 29.32
N ALA O 37 -16.40 5.01 29.56
CA ALA O 37 -16.33 4.21 30.78
C ALA O 37 -15.51 4.93 31.82
N SER O 38 -15.90 4.75 33.08
CA SER O 38 -15.18 5.32 34.21
C SER O 38 -14.91 4.20 35.21
N PHE O 39 -13.64 3.96 35.48
CA PHE O 39 -13.21 2.88 36.36
C PHE O 39 -12.89 3.40 37.75
N ALA O 40 -12.70 2.46 38.67
CA ALA O 40 -12.32 2.77 40.03
C ALA O 40 -11.66 1.55 40.64
N ASP O 41 -10.40 1.69 41.04
CA ASP O 41 -9.65 0.57 41.59
C ASP O 41 -10.19 0.11 42.93
N MET O 42 -9.70 -1.03 43.43
CA MET O 42 -10.26 -1.66 44.61
C MET O 42 -9.16 -2.15 45.54
N PHE O 43 -9.31 -1.88 46.84
CA PHE O 43 -8.38 -2.33 47.86
C PHE O 43 -9.12 -3.09 48.95
N ALA O 44 -8.45 -4.09 49.49
CA ALA O 44 -8.89 -4.78 50.70
C ALA O 44 -8.26 -4.09 51.91
N GLY O 45 -8.32 -4.75 53.06
CA GLY O 45 -7.71 -4.19 54.26
C GLY O 45 -6.19 -4.12 54.20
N SER O 46 -5.58 -4.87 53.29
CA SER O 46 -4.13 -4.87 53.15
C SER O 46 -3.68 -3.64 52.37
N LYS O 47 -2.36 -3.51 52.17
CA LYS O 47 -1.80 -2.40 51.43
C LYS O 47 -1.67 -2.66 49.94
N VAL O 48 -1.89 -3.90 49.51
CA VAL O 48 -1.74 -4.28 48.11
C VAL O 48 -3.11 -4.32 47.45
N GLY O 49 -3.17 -3.89 46.19
CA GLY O 49 -4.45 -3.74 45.52
C GLY O 49 -5.02 -5.05 45.02
N LEU O 50 -6.27 -4.97 44.55
CA LEU O 50 -7.04 -6.13 44.12
C LEU O 50 -7.59 -5.98 42.71
N GLY O 51 -7.07 -5.02 41.93
CA GLY O 51 -7.51 -4.86 40.56
C GLY O 51 -8.25 -3.58 40.27
N VAL O 52 -9.34 -3.67 39.50
CA VAL O 52 -10.07 -2.49 39.06
C VAL O 52 -11.53 -2.89 38.83
N LYS O 53 -12.43 -1.91 39.00
CA LYS O 53 -13.85 -2.11 38.80
C LYS O 53 -14.41 -0.98 37.96
N VAL O 54 -15.35 -1.31 37.07
CA VAL O 54 -16.00 -0.31 36.25
C VAL O 54 -16.98 0.48 37.10
N ALA O 55 -16.61 1.72 37.45
CA ALA O 55 -17.44 2.52 38.33
C ALA O 55 -18.75 2.89 37.65
N GLY O 56 -18.68 3.36 36.41
CA GLY O 56 -19.90 3.80 35.73
C GLY O 56 -19.71 3.98 34.23
N ILE O 57 -20.83 4.19 33.56
CA ILE O 57 -20.86 4.48 32.13
C ILE O 57 -21.36 5.90 31.94
N THR O 58 -20.45 6.85 31.84
CA THR O 58 -20.82 8.25 31.67
C THR O 58 -21.22 8.53 30.23
N GLN O 59 -22.11 9.51 30.07
CA GLN O 59 -22.54 9.95 28.75
C GLN O 59 -22.19 11.43 28.59
N ASP O 60 -21.47 11.75 27.53
CA ASP O 60 -21.20 13.15 27.21
C ASP O 60 -22.50 13.82 26.77
N PHE O 61 -22.65 15.11 27.13
CA PHE O 61 -23.88 15.81 26.82
C PHE O 61 -23.67 17.14 26.12
N THR O 62 -22.46 17.47 25.69
CA THR O 62 -22.25 18.68 24.90
C THR O 62 -22.99 18.55 23.58
N ASP O 63 -23.59 19.67 23.15
CA ASP O 63 -24.38 19.65 21.92
C ASP O 63 -23.51 19.36 20.71
N GLY O 64 -24.08 18.62 19.76
CA GLY O 64 -23.42 18.34 18.50
C GLY O 64 -23.74 19.41 17.46
N THR O 65 -23.12 19.26 16.29
CA THR O 65 -23.34 20.20 15.21
C THR O 65 -24.76 20.08 14.70
N THR O 66 -25.46 21.21 14.58
CA THR O 66 -26.84 21.22 14.11
C THR O 66 -26.85 21.30 12.59
N THR O 67 -27.34 20.24 11.95
CA THR O 67 -27.43 20.17 10.50
C THR O 67 -28.88 20.30 10.08
N ASN O 68 -29.15 21.23 9.16
CA ASN O 68 -30.51 21.47 8.71
C ASN O 68 -30.88 20.51 7.57
N THR O 69 -32.16 20.14 7.54
CA THR O 69 -32.69 19.23 6.53
C THR O 69 -33.73 19.88 5.63
N GLY O 70 -34.46 20.87 6.14
CA GLY O 70 -35.52 21.51 5.39
C GLY O 70 -36.88 20.87 5.57
N ARG O 71 -36.97 19.77 6.32
CA ARG O 71 -38.25 19.13 6.56
C ARG O 71 -39.13 20.00 7.45
N GLY O 72 -40.41 19.62 7.54
CA GLY O 72 -41.35 20.40 8.31
C GLY O 72 -41.38 20.06 9.79
N LEU O 73 -41.64 18.80 10.12
CA LEU O 73 -41.79 18.38 11.51
C LEU O 73 -40.48 17.79 12.04
N ASP O 74 -39.47 18.66 12.10
CA ASP O 74 -38.23 18.31 12.78
C ASP O 74 -37.68 19.56 13.46
N VAL O 75 -37.35 19.42 14.74
CA VAL O 75 -36.88 20.54 15.54
C VAL O 75 -35.62 20.12 16.28
N ALA O 76 -34.68 21.06 16.37
CA ALA O 76 -33.38 20.79 16.98
C ALA O 76 -33.25 21.59 18.28
N ILE O 77 -32.76 20.92 19.31
CA ILE O 77 -32.59 21.54 20.62
C ILE O 77 -31.16 22.04 20.74
N SER O 78 -31.01 23.27 21.24
CA SER O 78 -29.71 23.94 21.30
C SER O 78 -28.99 23.73 22.63
N GLN O 79 -29.73 23.57 23.72
CA GLN O 79 -29.17 23.53 25.06
C GLN O 79 -29.86 22.41 25.83
N ASN O 80 -29.72 22.41 27.15
CA ASN O 80 -30.36 21.40 27.99
C ASN O 80 -31.86 21.40 27.78
N GLY O 81 -32.42 20.21 27.69
CA GLY O 81 -33.83 20.00 27.44
C GLY O 81 -34.05 18.63 26.82
N PHE O 82 -35.24 18.08 27.04
CA PHE O 82 -35.55 16.73 26.57
C PHE O 82 -37.03 16.64 26.23
N PHE O 83 -37.32 16.07 25.07
CA PHE O 83 -38.71 15.80 24.70
C PHE O 83 -39.29 14.70 25.56
N ARG O 84 -40.56 14.85 25.92
CA ARG O 84 -41.29 13.87 26.70
C ARG O 84 -42.23 13.12 25.78
N LEU O 85 -42.19 11.78 25.85
CA LEU O 85 -43.00 10.93 25.00
C LEU O 85 -43.82 9.98 25.85
N VAL O 86 -45.00 9.63 25.36
CA VAL O 86 -45.93 8.77 26.09
C VAL O 86 -46.05 7.45 25.35
N ASP O 87 -45.88 6.35 26.07
CA ASP O 87 -46.01 5.02 25.49
C ASP O 87 -47.47 4.60 25.43
N SER O 88 -47.75 3.61 24.58
CA SER O 88 -49.13 3.14 24.41
C SER O 88 -49.67 2.51 25.69
N ASN O 89 -48.85 1.72 26.39
CA ASN O 89 -49.31 1.06 27.60
C ASN O 89 -49.62 2.04 28.71
N GLY O 90 -48.91 3.17 28.77
CA GLY O 90 -49.15 4.15 29.80
C GLY O 90 -47.89 4.78 30.34
N SER O 91 -46.76 4.06 30.22
CA SER O 91 -45.49 4.57 30.69
C SER O 91 -45.05 5.77 29.86
N VAL O 92 -44.00 6.45 30.34
CA VAL O 92 -43.47 7.63 29.67
C VAL O 92 -41.97 7.46 29.50
N PHE O 93 -41.42 8.22 28.55
CA PHE O 93 -39.99 8.19 28.27
C PHE O 93 -39.54 9.60 27.91
N TYR O 94 -38.23 9.80 27.90
CA TYR O 94 -37.65 11.09 27.59
C TYR O 94 -36.54 10.90 26.56
N SER O 95 -36.62 11.66 25.47
CA SER O 95 -35.69 11.50 24.36
C SER O 95 -35.14 12.87 23.96
N ARG O 96 -34.24 12.86 22.98
CA ARG O 96 -33.63 14.08 22.47
C ARG O 96 -33.61 14.16 20.95
N ASN O 97 -33.77 13.05 20.24
CA ASN O 97 -33.78 13.08 18.78
C ASN O 97 -34.98 13.89 18.29
N GLY O 98 -34.73 14.80 17.36
CA GLY O 98 -35.76 15.72 16.91
C GLY O 98 -36.37 15.39 15.56
N GLN O 99 -36.61 14.11 15.29
CA GLN O 99 -37.27 13.67 14.06
C GLN O 99 -38.67 13.19 14.41
N PHE O 100 -39.67 13.81 13.78
CA PHE O 100 -41.06 13.56 14.15
C PHE O 100 -41.91 13.47 12.89
N LYS O 101 -42.85 12.53 12.88
CA LYS O 101 -43.86 12.41 11.85
C LYS O 101 -45.24 12.52 12.50
N LEU O 102 -46.28 12.37 11.68
CA LEU O 102 -47.65 12.43 12.15
C LEU O 102 -48.33 11.11 11.84
N ASP O 103 -48.74 10.39 12.87
CA ASP O 103 -49.46 9.14 12.66
C ASP O 103 -50.81 9.40 12.03
N GLU O 104 -51.28 8.44 11.24
CA GLU O 104 -52.53 8.61 10.49
C GLU O 104 -53.76 8.70 11.39
N ASN O 105 -53.65 8.30 12.66
CA ASN O 105 -54.67 8.62 13.64
C ASN O 105 -54.55 10.06 14.15
N ARG O 106 -53.74 10.88 13.47
CA ARG O 106 -53.53 12.27 13.82
C ARG O 106 -52.95 12.41 15.23
N ASN O 107 -51.85 11.70 15.47
CA ASN O 107 -51.07 11.84 16.69
C ASN O 107 -49.62 12.12 16.29
N LEU O 108 -49.09 13.25 16.75
CA LEU O 108 -47.70 13.58 16.46
C LEU O 108 -46.79 12.60 17.19
N VAL O 109 -45.99 11.85 16.43
CA VAL O 109 -45.29 10.68 16.96
C VAL O 109 -43.91 10.61 16.32
N ASN O 110 -42.94 10.12 17.08
CA ASN O 110 -41.59 9.97 16.57
C ASN O 110 -41.50 8.74 15.67
N MET O 111 -40.28 8.35 15.30
CA MET O 111 -40.11 7.25 14.36
C MET O 111 -40.55 5.92 14.95
N GLN O 112 -40.25 5.67 16.22
CA GLN O 112 -40.49 4.38 16.85
C GLN O 112 -41.93 4.18 17.29
N GLY O 113 -42.86 5.00 16.82
CA GLY O 113 -44.25 4.82 17.18
C GLY O 113 -44.61 5.25 18.59
N MET O 114 -43.85 6.16 19.19
CA MET O 114 -44.11 6.64 20.54
C MET O 114 -44.83 7.97 20.49
N GLN O 115 -45.92 8.08 21.26
CA GLN O 115 -46.74 9.28 21.23
C GLN O 115 -45.99 10.45 21.86
N LEU O 116 -45.88 11.54 21.12
CA LEU O 116 -45.28 12.76 21.64
C LEU O 116 -46.32 13.59 22.37
N THR O 117 -45.90 14.26 23.44
CA THR O 117 -46.82 14.97 24.31
C THR O 117 -46.44 16.44 24.41
N GLY O 118 -47.42 17.24 24.81
CA GLY O 118 -47.22 18.67 24.97
C GLY O 118 -48.37 19.29 25.73
N TYR O 119 -48.33 20.61 25.86
CA TYR O 119 -49.40 21.32 26.53
C TYR O 119 -50.68 21.27 25.70
N PRO O 120 -51.82 20.95 26.33
CA PRO O 120 -53.08 20.92 25.60
C PRO O 120 -53.56 22.32 25.25
N ALA O 121 -54.42 22.37 24.24
CA ALA O 121 -55.05 23.61 23.80
C ALA O 121 -56.54 23.55 24.10
N THR O 122 -57.05 24.57 24.79
CA THR O 122 -58.46 24.61 25.15
C THR O 122 -58.90 26.06 25.23
N GLY O 123 -60.15 26.31 24.83
CA GLY O 123 -60.74 27.63 24.90
C GLY O 123 -61.38 28.03 23.58
N THR O 124 -62.09 29.16 23.64
CA THR O 124 -62.73 29.75 22.47
C THR O 124 -62.38 31.23 22.44
N PRO O 125 -61.30 31.62 21.74
CA PRO O 125 -60.40 30.76 20.95
C PRO O 125 -59.45 29.94 21.83
N PRO O 126 -59.04 28.77 21.34
CA PRO O 126 -58.15 27.91 22.13
C PRO O 126 -56.80 28.58 22.35
N THR O 127 -56.26 28.39 23.55
CA THR O 127 -54.94 28.89 23.91
C THR O 127 -54.26 27.87 24.81
N ILE O 128 -52.95 28.03 24.99
CA ILE O 128 -52.19 27.08 25.79
C ILE O 128 -52.62 27.18 27.25
N GLN O 129 -52.65 26.02 27.91
CA GLN O 129 -52.94 25.93 29.35
C GLN O 129 -51.62 25.58 30.03
N GLN O 130 -50.95 26.60 30.57
CA GLN O 130 -49.67 26.39 31.22
C GLN O 130 -49.80 25.43 32.41
N GLY O 131 -50.84 25.60 33.21
CA GLY O 131 -51.03 24.76 34.38
C GLY O 131 -51.83 23.51 34.11
N ALA O 132 -51.47 22.79 33.05
CA ALA O 132 -52.16 21.55 32.67
C ALA O 132 -51.13 20.43 32.46
N ASN O 133 -51.62 19.21 32.58
CA ASN O 133 -50.78 18.03 32.37
C ASN O 133 -50.48 17.90 30.88
N PRO O 134 -49.36 17.28 30.53
CA PRO O 134 -49.07 17.00 29.11
C PRO O 134 -50.01 15.95 28.55
N ALA O 135 -50.34 16.12 27.27
CA ALA O 135 -51.25 15.25 26.56
C ALA O 135 -50.70 15.03 25.16
N PRO O 136 -51.03 13.92 24.51
CA PRO O 136 -50.54 13.70 23.14
C PRO O 136 -51.02 14.80 22.20
N ILE O 137 -50.10 15.29 21.38
CA ILE O 137 -50.41 16.39 20.47
C ILE O 137 -51.04 15.84 19.21
N THR O 138 -52.27 16.27 18.93
CA THR O 138 -53.04 15.81 17.78
C THR O 138 -53.20 16.95 16.79
N ILE O 139 -53.33 16.59 15.51
CA ILE O 139 -53.53 17.57 14.45
C ILE O 139 -54.76 17.19 13.64
N PRO O 140 -55.96 17.33 14.17
CA PRO O 140 -57.16 17.06 13.37
C PRO O 140 -57.29 18.07 12.24
N ASN O 141 -57.89 17.63 11.15
CA ASN O 141 -58.11 18.47 9.98
C ASN O 141 -59.57 18.91 9.83
N THR O 142 -60.36 18.83 10.89
CA THR O 142 -61.78 19.13 10.80
C THR O 142 -61.99 20.62 10.50
N LEU O 143 -63.17 20.91 9.95
CA LEU O 143 -63.55 22.27 9.61
C LEU O 143 -63.66 23.13 10.86
N MET O 144 -63.31 24.40 10.71
CA MET O 144 -63.45 25.35 11.80
C MET O 144 -64.89 25.86 11.87
N ALA O 145 -65.39 26.01 13.09
CA ALA O 145 -66.73 26.52 13.34
C ALA O 145 -66.77 28.02 13.11
N ALA O 146 -67.91 28.51 12.63
CA ALA O 146 -68.06 29.94 12.37
C ALA O 146 -67.97 30.74 13.67
N LYS O 147 -67.42 31.94 13.55
CA LYS O 147 -67.34 32.87 14.67
C LYS O 147 -68.22 34.08 14.38
N SER O 148 -69.21 34.30 15.22
CA SER O 148 -70.07 35.47 15.09
C SER O 148 -69.36 36.68 15.69
N THR O 149 -69.39 37.81 14.98
CA THR O 149 -68.73 39.01 15.45
C THR O 149 -69.25 39.41 16.83
N THR O 150 -68.33 39.62 17.76
CA THR O 150 -68.67 39.95 19.14
C THR O 150 -68.12 41.29 19.59
N THR O 151 -66.89 41.61 19.20
CA THR O 151 -66.26 42.88 19.57
C THR O 151 -65.88 43.64 18.30
N ALA O 152 -65.95 44.97 18.39
CA ALA O 152 -65.52 45.81 17.29
C ALA O 152 -64.88 47.07 17.87
N SER O 153 -63.68 47.38 17.38
CA SER O 153 -62.98 48.60 17.79
C SER O 153 -62.76 49.46 16.56
N MET O 154 -62.86 50.78 16.75
CA MET O 154 -62.76 51.69 15.61
C MET O 154 -62.18 53.01 16.11
N GLN O 155 -60.87 53.19 15.94
CA GLN O 155 -60.21 54.42 16.35
C GLN O 155 -60.21 55.43 15.21
N ILE O 156 -60.44 56.70 15.54
CA ILE O 156 -60.55 57.74 14.54
C ILE O 156 -59.68 58.93 14.96
N ASN O 157 -59.28 59.72 13.96
CA ASN O 157 -58.57 60.99 14.17
C ASN O 157 -59.29 62.03 13.33
N LEU O 158 -60.20 62.77 13.95
CA LEU O 158 -61.12 63.65 13.25
C LEU O 158 -60.50 65.01 12.99
N ASN O 159 -60.88 65.61 11.87
CA ASN O 159 -60.47 66.96 11.54
C ASN O 159 -61.22 67.94 12.44
N SER O 160 -60.49 68.69 13.27
CA SER O 160 -61.10 69.56 14.25
C SER O 160 -61.92 70.68 13.61
N THR O 161 -61.52 71.16 12.42
CA THR O 161 -62.22 72.24 11.75
C THR O 161 -63.28 71.74 10.77
N ASP O 162 -63.87 70.58 11.04
CA ASP O 162 -64.88 70.01 10.17
C ASP O 162 -66.12 70.90 10.16
N PRO O 163 -66.55 71.41 9.02
CA PRO O 163 -67.80 72.18 8.98
C PRO O 163 -69.01 71.30 9.20
N VAL O 164 -70.05 71.90 9.76
CA VAL O 164 -71.34 71.21 9.87
C VAL O 164 -71.93 71.04 8.48
N PRO O 165 -72.48 69.87 8.14
CA PRO O 165 -73.00 69.67 6.79
C PRO O 165 -74.08 70.69 6.43
N SER O 166 -74.07 71.12 5.17
CA SER O 166 -74.99 72.15 4.70
C SER O 166 -76.41 71.65 4.56
N LYS O 167 -76.61 70.34 4.49
CA LYS O 167 -77.96 69.78 4.32
C LYS O 167 -78.55 69.47 5.69
N THR O 168 -79.70 70.07 5.98
CA THR O 168 -80.40 69.78 7.22
C THR O 168 -80.81 68.31 7.36
N PRO O 169 -81.39 67.65 6.37
CA PRO O 169 -81.75 66.24 6.55
C PRO O 169 -80.52 65.34 6.48
N PHE O 170 -80.64 64.19 7.13
CA PHE O 170 -79.58 63.20 7.18
C PHE O 170 -80.06 61.94 6.45
N SER O 171 -79.45 61.66 5.30
CA SER O 171 -79.81 60.50 4.50
C SER O 171 -78.58 59.94 3.83
N VAL O 172 -78.63 58.64 3.52
CA VAL O 172 -77.57 58.00 2.75
C VAL O 172 -77.61 58.36 1.27
N SER O 173 -78.68 59.01 0.83
CA SER O 173 -78.81 59.34 -0.58
C SER O 173 -77.93 60.53 -0.96
N ASP O 174 -78.16 61.68 -0.32
CA ASP O 174 -77.38 62.87 -0.62
C ASP O 174 -75.95 62.71 -0.13
N ALA O 175 -74.98 62.99 -1.00
CA ALA O 175 -73.57 62.83 -0.66
C ALA O 175 -73.06 63.92 0.28
N ASP O 176 -73.82 64.99 0.48
CA ASP O 176 -73.39 66.09 1.34
C ASP O 176 -74.19 66.16 2.64
N SER O 177 -75.11 65.22 2.86
CA SER O 177 -75.94 65.20 4.05
C SER O 177 -75.29 64.49 5.23
N TYR O 178 -73.96 64.34 5.20
CA TYR O 178 -73.24 63.66 6.27
C TYR O 178 -71.79 64.11 6.24
N ASN O 179 -71.10 63.91 7.37
CA ASN O 179 -69.68 64.26 7.42
C ASN O 179 -68.78 63.10 7.01
N LYS O 180 -69.03 61.90 7.53
CA LYS O 180 -68.16 60.77 7.21
C LYS O 180 -68.96 59.47 7.26
N LYS O 181 -68.45 58.47 6.54
CA LYS O 181 -69.04 57.14 6.53
C LYS O 181 -67.94 56.10 6.65
N GLY O 182 -68.05 55.21 7.64
CA GLY O 182 -67.14 54.12 7.82
C GLY O 182 -67.83 52.78 7.57
N THR O 183 -67.01 51.78 7.28
CA THR O 183 -67.52 50.47 6.89
C THR O 183 -66.81 49.37 7.67
N VAL O 184 -67.52 48.28 7.90
CA VAL O 184 -66.96 47.11 8.58
C VAL O 184 -67.68 45.87 8.06
N THR O 185 -66.97 44.74 8.10
CA THR O 185 -67.49 43.45 7.66
C THR O 185 -67.62 42.55 8.88
N VAL O 186 -68.84 42.46 9.42
CA VAL O 186 -69.11 41.64 10.59
C VAL O 186 -69.69 40.31 10.10
N TYR O 187 -69.61 39.30 10.95
CA TYR O 187 -70.10 37.96 10.63
C TYR O 187 -71.15 37.54 11.65
N ASP O 188 -72.21 36.90 11.15
CA ASP O 188 -73.36 36.53 11.96
C ASP O 188 -73.17 35.11 12.51
N SER O 189 -74.27 34.54 13.03
CA SER O 189 -74.20 33.26 13.72
C SER O 189 -73.75 32.11 12.83
N GLN O 190 -73.88 32.25 11.50
CA GLN O 190 -73.47 31.20 10.59
C GLN O 190 -72.37 31.65 9.63
N GLY O 191 -71.81 32.85 9.82
CA GLY O 191 -70.70 33.29 9.01
C GLY O 191 -71.10 33.90 7.68
N ASN O 192 -71.94 34.93 7.73
CA ASN O 192 -72.34 35.68 6.54
C ASN O 192 -71.77 37.09 6.65
N ALA O 193 -71.16 37.56 5.55
CA ALA O 193 -70.46 38.84 5.58
C ALA O 193 -71.42 40.01 5.56
N HIS O 194 -71.96 40.38 6.72
CA HIS O 194 -72.80 41.55 6.82
C HIS O 194 -71.95 42.81 6.77
N ASP O 195 -72.24 43.67 5.79
CA ASP O 195 -71.56 44.95 5.64
C ASP O 195 -72.31 45.99 6.45
N MET O 196 -71.67 46.51 7.49
CA MET O 196 -72.26 47.53 8.35
C MET O 196 -71.53 48.84 8.12
N ASN O 197 -72.26 49.86 7.67
CA ASN O 197 -71.72 51.19 7.44
C ASN O 197 -72.31 52.14 8.47
N VAL O 198 -71.45 52.81 9.20
CA VAL O 198 -71.87 53.79 10.20
C VAL O 198 -71.58 55.18 9.66
N TYR O 199 -72.32 56.16 10.18
CA TYR O 199 -72.28 57.51 9.65
C TYR O 199 -72.02 58.48 10.80
N PHE O 200 -71.28 59.54 10.48
CA PHE O 200 -70.85 60.51 11.47
C PHE O 200 -71.15 61.91 10.96
N VAL O 201 -71.72 62.75 11.83
CA VAL O 201 -71.95 64.15 11.51
C VAL O 201 -71.52 65.00 12.70
N LYS O 202 -70.67 65.99 12.45
CA LYS O 202 -70.27 66.92 13.50
C LYS O 202 -71.37 67.95 13.68
N THR O 203 -72.17 67.79 14.73
CA THR O 203 -73.28 68.72 14.94
C THR O 203 -72.78 70.05 15.48
N LYS O 204 -72.01 70.03 16.56
CA LYS O 204 -71.33 71.20 17.09
C LYS O 204 -69.91 70.78 17.47
N ASP O 205 -69.16 71.73 18.00
CA ASP O 205 -67.77 71.47 18.36
C ASP O 205 -67.70 70.41 19.46
N ASN O 206 -66.85 69.42 19.26
CA ASN O 206 -66.69 68.29 20.18
C ASN O 206 -68.00 67.53 20.38
N GLU O 207 -68.84 67.48 19.34
CA GLU O 207 -70.07 66.70 19.37
C GLU O 207 -70.34 66.15 17.99
N TRP O 208 -70.26 64.82 17.86
CA TRP O 208 -70.44 64.14 16.58
C TRP O 208 -71.52 63.07 16.76
N ALA O 209 -72.68 63.29 16.16
CA ALA O 209 -73.71 62.26 16.16
C ALA O 209 -73.30 61.09 15.28
N VAL O 210 -73.56 59.88 15.77
CA VAL O 210 -73.17 58.64 15.11
C VAL O 210 -74.43 57.82 14.90
N TYR O 211 -74.76 57.55 13.63
CA TYR O 211 -75.94 56.80 13.25
C TYR O 211 -75.50 55.52 12.55
N THR O 212 -75.93 54.37 13.05
CA THR O 212 -75.62 53.12 12.39
C THR O 212 -76.52 52.93 11.16
N HIS O 213 -76.07 52.04 10.27
CA HIS O 213 -76.81 51.75 9.04
C HIS O 213 -76.40 50.38 8.54
N ASP O 214 -77.37 49.58 8.13
CA ASP O 214 -77.11 48.24 7.63
C ASP O 214 -77.14 48.26 6.10
N SER O 215 -76.02 47.91 5.48
CA SER O 215 -75.92 47.80 4.03
C SER O 215 -75.91 46.35 3.56
N SER O 216 -76.10 45.40 4.48
CA SER O 216 -76.15 43.98 4.13
C SER O 216 -77.55 43.49 3.85
N ASP O 217 -78.47 43.66 4.80
CA ASP O 217 -79.87 43.32 4.59
C ASP O 217 -80.50 44.43 3.75
N PRO O 218 -81.05 44.13 2.57
CA PRO O 218 -81.67 45.18 1.76
C PRO O 218 -82.96 45.74 2.34
N ALA O 219 -83.49 45.13 3.40
CA ALA O 219 -84.73 45.58 4.04
C ALA O 219 -84.45 46.39 5.30
N ALA O 220 -83.36 47.16 5.31
CA ALA O 220 -82.97 47.96 6.45
C ALA O 220 -83.54 49.37 6.33
N THR O 221 -83.69 50.02 7.48
CA THR O 221 -84.23 51.38 7.53
C THR O 221 -83.10 52.40 7.42
N ALA O 222 -83.39 53.53 6.78
CA ALA O 222 -82.40 54.56 6.63
C ALA O 222 -82.04 55.14 8.00
N PRO O 223 -80.79 55.57 8.19
CA PRO O 223 -80.39 56.11 9.50
C PRO O 223 -81.05 57.43 9.82
N THR O 224 -81.99 57.42 10.76
CA THR O 224 -82.66 58.63 11.20
C THR O 224 -82.62 58.74 12.72
N THR O 225 -82.48 57.61 13.40
CA THR O 225 -82.43 57.54 14.85
C THR O 225 -80.96 57.61 15.29
N ALA O 226 -80.75 57.92 16.56
CA ALA O 226 -79.40 58.09 17.08
C ALA O 226 -78.85 56.77 17.61
N SER O 227 -77.65 56.43 17.16
CA SER O 227 -76.95 55.29 17.74
C SER O 227 -76.11 55.71 18.92
N THR O 228 -75.27 56.73 18.75
CA THR O 228 -74.51 57.27 19.87
C THR O 228 -74.01 58.67 19.52
N THR O 229 -73.19 59.24 20.40
CA THR O 229 -72.60 60.55 20.20
C THR O 229 -71.15 60.52 20.63
N LEU O 230 -70.36 61.42 20.04
CA LEU O 230 -68.94 61.56 20.32
C LEU O 230 -68.73 62.92 20.96
N LYS O 231 -68.27 62.93 22.21
CA LYS O 231 -67.97 64.16 22.94
C LYS O 231 -66.46 64.24 23.13
N PHE O 232 -65.87 65.35 22.70
CA PHE O 232 -64.42 65.47 22.64
C PHE O 232 -63.91 66.52 23.62
N ASN O 233 -62.60 66.47 23.83
CA ASN O 233 -61.92 67.35 24.79
C ASN O 233 -61.36 68.57 24.08
N GLU O 234 -61.04 69.59 24.87
CA GLU O 234 -60.35 70.77 24.35
C GLU O 234 -58.98 70.43 23.78
N ASN O 235 -58.43 69.27 24.14
CA ASN O 235 -57.18 68.80 23.55
C ASN O 235 -57.41 67.86 22.38
N GLY O 236 -58.55 67.17 22.33
CA GLY O 236 -58.84 66.20 21.29
C GLY O 236 -59.16 64.81 21.78
N ILE O 237 -59.56 64.63 23.05
CA ILE O 237 -59.81 63.31 23.62
C ILE O 237 -61.30 63.13 23.83
N LEU O 238 -61.78 61.92 23.53
CA LEU O 238 -63.20 61.62 23.69
C LEU O 238 -63.59 61.57 25.16
N GLU O 239 -64.83 62.00 25.44
CA GLU O 239 -65.39 61.86 26.78
C GLU O 239 -66.20 60.57 26.92
N SER O 240 -67.23 60.40 26.11
CA SER O 240 -68.13 59.27 26.26
C SER O 240 -68.85 59.00 24.94
N GLY O 241 -69.67 57.96 24.94
CA GLY O 241 -70.46 57.62 23.77
C GLY O 241 -69.72 56.87 22.70
N GLY O 242 -68.69 56.11 23.06
CA GLY O 242 -67.95 55.32 22.09
C GLY O 242 -68.36 53.87 22.08
N THR O 243 -68.56 53.30 23.27
CA THR O 243 -68.97 51.91 23.41
C THR O 243 -70.49 51.81 23.32
N VAL O 244 -70.96 50.94 22.42
CA VAL O 244 -72.39 50.79 22.20
C VAL O 244 -72.68 49.43 21.55
N ASN O 245 -73.74 48.77 21.99
CA ASN O 245 -74.11 47.46 21.46
C ASN O 245 -74.92 47.66 20.18
N ILE O 246 -74.32 47.33 19.05
CA ILE O 246 -74.98 47.42 17.75
C ILE O 246 -75.51 46.05 17.37
N THR O 247 -76.73 46.04 16.84
CA THR O 247 -77.37 44.85 16.32
C THR O 247 -77.72 45.10 14.85
N THR O 248 -77.41 44.14 13.99
CA THR O 248 -77.56 44.29 12.56
C THR O 248 -78.85 43.62 12.09
N GLY O 249 -79.05 43.61 10.77
CA GLY O 249 -80.18 42.92 10.19
C GLY O 249 -79.88 41.45 9.99
N THR O 250 -80.76 40.58 10.47
CA THR O 250 -80.57 39.15 10.27
C THR O 250 -80.76 38.78 8.80
N ILE O 251 -79.97 37.82 8.33
CA ILE O 251 -79.96 37.43 6.92
C ILE O 251 -79.87 35.92 6.81
N ASN O 252 -80.71 35.35 5.94
CA ASN O 252 -80.64 33.93 5.56
C ASN O 252 -80.81 33.03 6.79
N GLY O 253 -81.72 33.42 7.67
CA GLY O 253 -82.01 32.61 8.85
C GLY O 253 -80.87 32.53 9.84
N ALA O 254 -79.94 33.47 9.79
CA ALA O 254 -78.83 33.55 10.72
C ALA O 254 -79.02 34.74 11.63
N THR O 255 -78.81 34.53 12.92
CA THR O 255 -79.08 35.56 13.92
C THR O 255 -78.20 36.79 13.67
N ALA O 256 -78.77 37.96 13.93
CA ALA O 256 -78.09 39.22 13.75
C ALA O 256 -76.83 39.28 14.62
N ALA O 257 -76.00 40.27 14.34
CA ALA O 257 -74.72 40.45 15.02
C ALA O 257 -74.92 41.45 16.16
N THR O 258 -75.07 40.93 17.37
CA THR O 258 -75.13 41.75 18.57
C THR O 258 -73.70 41.89 19.09
N PHE O 259 -73.08 43.04 18.81
CA PHE O 259 -71.68 43.20 19.14
C PHE O 259 -71.44 44.60 19.67
N SER O 260 -70.53 44.72 20.63
CA SER O 260 -70.17 46.03 21.18
C SER O 260 -69.12 46.67 20.29
N LEU O 261 -69.43 47.86 19.77
CA LEU O 261 -68.50 48.65 18.99
C LEU O 261 -68.05 49.83 19.84
N SER O 262 -66.73 50.04 19.92
CA SER O 262 -66.15 51.08 20.76
C SER O 262 -65.17 51.92 19.95
N PHE O 263 -65.29 53.23 20.11
CA PHE O 263 -64.34 54.19 19.52
C PHE O 263 -63.27 54.60 20.53
N LEU O 264 -62.60 53.61 21.12
CA LEU O 264 -61.54 53.88 22.06
C LEU O 264 -60.36 54.55 21.35
N ASN O 265 -59.73 55.50 22.04
CA ASN O 265 -58.58 56.23 21.50
C ASN O 265 -58.95 56.95 20.21
N SER O 266 -59.89 57.90 20.33
CA SER O 266 -60.36 58.69 19.21
C SER O 266 -59.85 60.12 19.31
N MET O 267 -59.32 60.61 18.19
CA MET O 267 -58.65 61.89 18.14
C MET O 267 -59.46 62.89 17.34
N GLN O 268 -59.41 64.16 17.75
CA GLN O 268 -59.93 65.28 16.96
C GLN O 268 -58.88 66.38 17.09
N GLN O 269 -57.89 66.38 16.19
CA GLN O 269 -56.75 67.27 16.32
C GLN O 269 -56.40 67.96 15.02
N ASN O 270 -57.40 68.13 14.14
CA ASN O 270 -57.21 68.81 12.85
C ASN O 270 -56.12 68.13 12.02
N THR O 271 -56.38 66.87 11.68
CA THR O 271 -55.45 66.08 10.88
C THR O 271 -55.79 66.18 9.38
N GLY O 272 -55.90 67.41 8.88
CA GLY O 272 -56.26 67.61 7.49
C GLY O 272 -57.75 67.50 7.30
N ALA O 273 -58.20 66.36 6.78
CA ALA O 273 -59.60 65.97 6.74
C ALA O 273 -59.80 64.81 7.71
N ASN O 274 -61.07 64.43 7.89
CA ASN O 274 -61.38 63.29 8.73
C ASN O 274 -60.75 62.03 8.14
N ASN O 275 -60.09 61.26 9.01
CA ASN O 275 -59.36 60.08 8.53
C ASN O 275 -59.35 59.03 9.64
N ILE O 276 -60.10 57.95 9.43
CA ILE O 276 -60.10 56.84 10.38
C ILE O 276 -58.80 56.07 10.24
N VAL O 277 -58.15 55.81 11.37
CA VAL O 277 -56.82 55.20 11.37
C VAL O 277 -56.90 53.68 11.41
N ALA O 278 -57.71 53.12 12.30
CA ALA O 278 -57.78 51.68 12.47
C ALA O 278 -59.19 51.26 12.84
N THR O 279 -59.54 50.03 12.46
CA THR O 279 -60.83 49.43 12.75
C THR O 279 -60.70 47.93 12.59
N ASN O 280 -61.23 47.18 13.54
CA ASN O 280 -61.10 45.73 13.52
C ASN O 280 -62.22 45.10 14.32
N GLN O 281 -62.35 43.78 14.17
CA GLN O 281 -63.33 42.99 14.90
C GLN O 281 -62.69 41.65 15.23
N ASN O 282 -63.44 40.80 15.94
CA ASN O 282 -62.94 39.50 16.37
C ASN O 282 -63.71 38.36 15.69
N GLY O 283 -64.23 38.63 14.51
CA GLY O 283 -65.02 37.63 13.81
C GLY O 283 -64.33 37.04 12.59
N TYR O 284 -64.55 35.75 12.36
CA TYR O 284 -64.01 35.07 11.19
C TYR O 284 -65.05 34.08 10.69
N LYS O 285 -64.98 33.78 9.39
CA LYS O 285 -65.90 32.82 8.79
C LYS O 285 -65.32 31.42 8.87
N PRO O 286 -66.15 30.37 8.80
CA PRO O 286 -65.61 29.01 8.90
C PRO O 286 -64.60 28.74 7.80
N GLY O 287 -63.52 28.04 8.18
CA GLY O 287 -62.44 27.74 7.27
C GLY O 287 -61.91 26.35 7.51
N ASP O 288 -61.09 25.90 6.56
CA ASP O 288 -60.56 24.54 6.54
C ASP O 288 -59.05 24.56 6.68
N LEU O 289 -58.50 23.40 7.05
CA LEU O 289 -57.06 23.28 7.29
C LEU O 289 -56.31 23.45 5.98
N VAL O 290 -55.41 24.43 5.94
CA VAL O 290 -54.55 24.65 4.79
C VAL O 290 -53.15 24.11 5.04
N SER O 291 -52.55 24.48 6.18
CA SER O 291 -51.22 23.98 6.51
C SER O 291 -51.05 24.03 8.02
N TYR O 292 -49.94 23.47 8.49
CA TYR O 292 -49.57 23.52 9.90
C TYR O 292 -48.06 23.66 10.01
N GLN O 293 -47.61 24.24 11.11
CA GLN O 293 -46.20 24.50 11.28
C GLN O 293 -45.86 24.58 12.76
N ILE O 294 -44.57 24.62 13.04
CA ILE O 294 -44.05 24.76 14.40
C ILE O 294 -43.25 26.05 14.46
N ASN O 295 -43.49 26.85 15.49
CA ASN O 295 -42.76 28.10 15.66
C ASN O 295 -41.46 27.84 16.41
N ASN O 296 -40.71 28.90 16.71
CA ASN O 296 -39.46 28.75 17.44
C ASN O 296 -39.67 28.55 18.93
N ASP O 297 -40.88 28.84 19.44
CA ASP O 297 -41.20 28.62 20.84
C ASP O 297 -41.89 27.28 21.07
N GLY O 298 -41.81 26.38 20.10
CA GLY O 298 -42.40 25.07 20.24
C GLY O 298 -43.91 25.03 20.18
N THR O 299 -44.54 26.03 19.56
CA THR O 299 -45.99 26.06 19.45
C THR O 299 -46.41 25.57 18.06
N VAL O 300 -47.26 24.55 18.04
CA VAL O 300 -47.78 23.99 16.80
C VAL O 300 -49.01 24.79 16.42
N VAL O 301 -48.93 25.53 15.31
CA VAL O 301 -50.01 26.40 14.87
C VAL O 301 -50.47 25.96 13.50
N GLY O 302 -51.79 25.85 13.34
CA GLY O 302 -52.39 25.52 12.05
C GLY O 302 -52.94 26.77 11.38
N ASN O 303 -52.57 26.94 10.12
CA ASN O 303 -53.01 28.05 9.28
C ASN O 303 -54.14 27.58 8.39
N TYR O 304 -55.26 28.29 8.43
CA TYR O 304 -56.46 27.93 7.67
C TYR O 304 -56.65 28.89 6.51
N SER O 305 -57.73 28.68 5.77
CA SER O 305 -57.99 29.46 4.56
C SER O 305 -58.46 30.88 4.85
N ASN O 306 -59.11 31.09 6.00
CA ASN O 306 -59.64 32.40 6.36
C ASN O 306 -58.62 33.25 7.12
N GLU O 307 -57.33 33.00 6.92
CA GLU O 307 -56.26 33.76 7.55
C GLU O 307 -56.37 33.71 9.08
N GLN O 308 -56.74 32.54 9.59
CA GLN O 308 -56.84 32.32 11.03
C GLN O 308 -55.80 31.29 11.45
N GLU O 309 -55.09 31.58 12.54
CA GLU O 309 -54.09 30.68 13.09
C GLU O 309 -54.58 30.14 14.41
N GLN O 310 -54.62 28.81 14.52
CA GLN O 310 -55.11 28.16 15.74
C GLN O 310 -53.99 27.34 16.34
N VAL O 311 -53.73 27.53 17.63
CA VAL O 311 -52.75 26.70 18.31
C VAL O 311 -53.33 25.32 18.57
N LEU O 312 -52.58 24.30 18.16
CA LEU O 312 -52.97 22.91 18.36
C LEU O 312 -52.30 22.30 19.58
N GLY O 313 -51.58 23.10 20.36
CA GLY O 313 -50.83 22.61 21.48
C GLY O 313 -49.37 22.99 21.38
N GLN O 314 -48.70 23.14 22.52
CA GLN O 314 -47.30 23.52 22.55
C GLN O 314 -46.47 22.37 23.10
N ILE O 315 -45.31 22.15 22.47
CA ILE O 315 -44.44 21.07 22.89
C ILE O 315 -43.94 21.33 24.31
N VAL O 316 -43.66 20.26 25.04
CA VAL O 316 -43.17 20.35 26.41
C VAL O 316 -41.77 19.77 26.46
N LEU O 317 -40.81 20.60 26.82
CA LEU O 317 -39.45 20.11 27.05
C LEU O 317 -39.36 19.58 28.48
N ALA O 318 -38.18 19.09 28.86
CA ALA O 318 -37.99 18.58 30.21
C ALA O 318 -36.51 18.58 30.57
N ASN O 319 -36.16 19.28 31.63
CA ASN O 319 -34.79 19.31 32.14
C ASN O 319 -34.77 18.52 33.43
N PHE O 320 -33.88 17.53 33.50
CA PHE O 320 -33.79 16.65 34.65
C PHE O 320 -32.80 17.20 35.65
N ALA O 321 -33.06 16.92 36.93
CA ALA O 321 -32.16 17.36 37.99
C ALA O 321 -30.75 16.82 37.79
N ASN O 322 -30.63 15.66 37.15
CA ASN O 322 -29.32 15.06 36.93
C ASN O 322 -29.35 14.27 35.64
N ASN O 323 -28.40 14.52 34.75
CA ASN O 323 -28.19 13.65 33.60
C ASN O 323 -27.28 12.50 34.01
N GLU O 324 -26.88 11.68 33.04
CA GLU O 324 -26.04 10.49 33.23
C GLU O 324 -26.54 9.59 34.35
N GLY O 325 -27.76 9.77 34.80
CA GLY O 325 -28.40 8.88 35.74
C GLY O 325 -29.66 8.33 35.11
N LEU O 326 -29.97 8.84 33.92
CA LEU O 326 -31.09 8.34 33.14
C LEU O 326 -30.76 6.98 32.55
N ALA O 327 -31.76 6.12 32.49
CA ALA O 327 -31.62 4.78 31.94
C ALA O 327 -32.17 4.75 30.52
N SER O 328 -31.32 4.39 29.57
CA SER O 328 -31.75 4.29 28.18
C SER O 328 -32.54 3.01 27.96
N GLN O 329 -33.54 3.09 27.07
CA GLN O 329 -34.44 1.97 26.80
C GLN O 329 -34.44 1.69 25.29
N GLY O 330 -33.57 0.79 24.86
CA GLY O 330 -33.54 0.36 23.47
C GLY O 330 -33.29 1.50 22.50
N ASP O 331 -34.33 1.92 21.78
CA ASP O 331 -34.22 3.02 20.86
C ASP O 331 -33.78 4.30 21.60
N ASN O 332 -33.49 5.34 20.82
CA ASN O 332 -32.85 6.52 21.38
C ASN O 332 -33.80 7.31 22.26
N VAL O 333 -34.18 6.72 23.39
CA VAL O 333 -34.96 7.39 24.43
C VAL O 333 -34.32 7.06 25.77
N TRP O 334 -34.85 7.66 26.83
CA TRP O 334 -34.41 7.42 28.18
C TRP O 334 -35.62 7.20 29.09
N ALA O 335 -35.34 6.71 30.30
CA ALA O 335 -36.38 6.51 31.31
C ALA O 335 -35.87 7.07 32.63
N ALA O 336 -36.63 7.98 33.22
CA ALA O 336 -36.23 8.59 34.48
C ALA O 336 -36.25 7.58 35.61
N THR O 337 -35.29 7.70 36.51
CA THR O 337 -35.18 6.83 37.66
C THR O 337 -34.47 7.58 38.78
N GLN O 338 -34.07 6.85 39.82
CA GLN O 338 -33.36 7.47 40.93
C GLN O 338 -32.01 7.98 40.46
N ALA O 339 -31.43 8.88 41.27
CA ALA O 339 -30.21 9.61 40.95
C ALA O 339 -30.36 10.51 39.73
N SER O 340 -31.57 10.63 39.20
CA SER O 340 -31.86 11.53 38.09
C SER O 340 -32.87 12.60 38.48
N GLY O 341 -33.98 12.21 39.11
CA GLY O 341 -34.95 13.14 39.62
C GLY O 341 -36.27 13.08 38.87
N VAL O 342 -37.19 13.93 39.30
CA VAL O 342 -38.51 14.06 38.69
C VAL O 342 -38.36 14.85 37.40
N ALA O 343 -39.38 14.83 36.55
CA ALA O 343 -39.29 15.42 35.21
C ALA O 343 -38.87 16.89 35.27
N LEU O 344 -39.53 17.68 36.11
CA LEU O 344 -39.29 19.12 36.21
C LEU O 344 -39.51 19.78 34.85
N LEU O 345 -40.78 19.77 34.46
CA LEU O 345 -41.17 20.16 33.11
C LEU O 345 -41.04 21.67 32.93
N GLY O 346 -41.43 22.16 31.76
CA GLY O 346 -41.33 23.57 31.47
C GLY O 346 -41.59 23.82 30.00
N THR O 347 -41.47 25.10 29.64
CA THR O 347 -41.75 25.55 28.28
C THR O 347 -40.49 25.40 27.43
N ALA O 348 -40.51 25.99 26.24
CA ALA O 348 -39.44 25.79 25.28
C ALA O 348 -38.17 26.57 25.64
N GLY O 349 -38.27 27.89 25.69
CA GLY O 349 -37.08 28.71 25.87
C GLY O 349 -37.03 29.53 27.14
N SER O 350 -38.11 29.53 27.91
CA SER O 350 -38.19 30.38 29.09
C SER O 350 -37.39 29.77 30.24
N GLY O 351 -36.30 30.41 30.61
CA GLY O 351 -35.58 30.00 31.81
C GLY O 351 -34.40 29.12 31.49
N ASN O 352 -34.26 28.05 32.28
CA ASN O 352 -33.11 27.15 32.14
C ASN O 352 -33.11 26.48 30.77
N PHE O 353 -34.28 26.28 30.18
CA PHE O 353 -34.40 25.51 28.95
C PHE O 353 -33.76 26.25 27.79
N GLY O 354 -33.36 25.48 26.77
CA GLY O 354 -32.71 26.03 25.60
C GLY O 354 -33.67 26.30 24.46
N LYS O 355 -33.25 27.18 23.56
CA LYS O 355 -34.07 27.57 22.43
C LYS O 355 -34.12 26.46 21.38
N LEU O 356 -35.20 26.45 20.61
CA LEU O 356 -35.38 25.46 19.56
C LEU O 356 -34.98 26.03 18.21
N THR O 357 -34.82 25.14 17.23
CA THR O 357 -34.56 25.53 15.85
C THR O 357 -35.51 24.75 14.95
N ASN O 358 -36.28 25.46 14.14
CA ASN O 358 -37.33 24.84 13.33
C ASN O 358 -36.74 24.38 12.01
N GLY O 359 -36.38 23.09 11.97
CA GLY O 359 -35.86 22.42 10.80
C GLY O 359 -34.36 22.33 10.91
N ALA O 360 -33.91 21.25 11.54
CA ALA O 360 -32.52 20.85 11.73
C ALA O 360 -32.56 19.58 12.57
N LEU O 361 -31.48 18.82 12.54
CA LEU O 361 -31.32 17.72 13.47
C LEU O 361 -29.90 17.74 14.02
N GLU O 362 -29.77 17.30 15.27
CA GLU O 362 -28.49 17.24 15.94
C GLU O 362 -27.73 16.01 15.49
N ALA O 363 -26.42 16.16 15.33
CA ALA O 363 -25.57 15.04 14.94
C ALA O 363 -25.29 14.19 16.18
N SER O 364 -24.36 13.24 16.05
CA SER O 364 -24.06 12.31 17.13
C SER O 364 -22.93 12.78 18.02
N ASN O 365 -22.36 13.96 17.76
CA ASN O 365 -21.34 14.61 18.56
C ASN O 365 -20.12 13.74 18.84
N VAL O 366 -19.95 12.64 18.10
CA VAL O 366 -18.83 11.72 18.30
C VAL O 366 -17.90 11.83 17.10
N ASP O 367 -16.61 11.98 17.37
CA ASP O 367 -15.61 12.05 16.33
C ASP O 367 -14.87 10.73 16.20
N LEU O 368 -14.55 10.36 14.97
CA LEU O 368 -13.88 9.09 14.72
C LEU O 368 -12.37 9.17 14.96
N SER O 369 -11.76 10.29 14.59
CA SER O 369 -10.30 10.41 14.68
C SER O 369 -9.78 10.25 16.09
N LYS O 370 -10.62 10.45 17.11
CA LYS O 370 -10.21 10.27 18.50
C LYS O 370 -10.58 8.89 19.02
N GLU O 371 -11.75 8.39 18.67
CA GLU O 371 -12.13 7.05 19.10
C GLU O 371 -11.20 6.01 18.51
N LEU O 372 -10.65 6.26 17.32
CA LEU O 372 -9.70 5.31 16.74
C LEU O 372 -8.43 5.20 17.58
N VAL O 373 -7.87 6.32 18.01
CA VAL O 373 -6.64 6.26 18.79
C VAL O 373 -6.92 5.70 20.18
N ASN O 374 -8.05 6.05 20.78
CA ASN O 374 -8.42 5.43 22.05
C ASN O 374 -8.60 3.93 21.89
N MET O 375 -9.15 3.50 20.76
CA MET O 375 -9.32 2.08 20.47
C MET O 375 -7.98 1.38 20.33
N ILE O 376 -7.01 2.03 19.69
CA ILE O 376 -5.66 1.46 19.59
C ILE O 376 -5.05 1.30 20.98
N VAL O 377 -5.16 2.35 21.81
CA VAL O 377 -4.59 2.29 23.15
C VAL O 377 -5.26 1.18 23.97
N ALA O 378 -6.58 1.05 23.83
CA ALA O 378 -7.31 0.01 24.54
C ALA O 378 -6.87 -1.38 24.07
N GLN O 379 -6.68 -1.55 22.77
CA GLN O 379 -6.17 -2.83 22.27
C GLN O 379 -4.82 -3.15 22.88
N ARG O 380 -3.92 -2.17 22.90
CA ARG O 380 -2.57 -2.43 23.39
C ARG O 380 -2.58 -2.75 24.89
N ASN O 381 -3.37 -2.02 25.67
CA ASN O 381 -3.37 -2.33 27.10
C ASN O 381 -4.07 -3.65 27.38
N TYR O 382 -5.05 -4.02 26.55
CA TYR O 382 -5.66 -5.35 26.66
C TYR O 382 -4.64 -6.45 26.43
N GLN O 383 -3.84 -6.30 25.38
CA GLN O 383 -2.80 -7.29 25.10
C GLN O 383 -1.78 -7.34 26.22
N SER O 384 -1.38 -6.16 26.73
CA SER O 384 -0.42 -6.14 27.84
C SER O 384 -0.99 -6.82 29.07
N ASN O 385 -2.27 -6.62 29.35
CA ASN O 385 -2.89 -7.27 30.51
C ASN O 385 -2.93 -8.78 30.31
N ALA O 386 -3.26 -9.24 29.10
CA ALA O 386 -3.23 -10.66 28.82
C ALA O 386 -1.83 -11.24 29.00
N GLN O 387 -0.82 -10.43 28.72
CA GLN O 387 0.56 -10.83 28.97
C GLN O 387 0.78 -11.09 30.45
N THR O 388 -0.02 -10.48 31.33
CA THR O 388 0.07 -10.80 32.75
C THR O 388 -0.47 -12.20 33.05
N ILE O 389 -1.56 -12.59 32.40
CA ILE O 389 -2.08 -13.94 32.58
C ILE O 389 -1.09 -14.96 32.04
N LYS O 390 -0.39 -14.63 30.95
CA LYS O 390 0.77 -15.43 30.54
C LYS O 390 1.64 -15.78 31.74
N THR O 391 2.18 -14.76 32.40
CA THR O 391 3.14 -15.00 33.47
C THR O 391 2.48 -15.69 34.65
N GLN O 392 1.23 -15.33 34.98
CA GLN O 392 0.57 -15.94 36.12
C GLN O 392 0.36 -17.44 35.91
N ASP O 393 -0.13 -17.83 34.74
CA ASP O 393 -0.28 -19.25 34.44
C ASP O 393 1.06 -19.96 34.48
N GLN O 394 2.07 -19.41 33.80
CA GLN O 394 3.36 -20.09 33.75
C GLN O 394 3.96 -20.21 35.13
N ILE O 395 3.72 -19.21 35.98
CA ILE O 395 4.44 -19.14 37.24
C ILE O 395 3.72 -19.97 38.29
N LEU O 396 2.41 -20.19 38.13
CA LEU O 396 1.76 -21.18 38.98
C LEU O 396 2.08 -22.59 38.48
N ASN O 397 2.31 -22.75 37.17
CA ASN O 397 2.68 -24.03 36.61
C ASN O 397 4.05 -24.49 37.12
N THR O 398 4.99 -23.56 37.26
CA THR O 398 6.31 -23.95 37.74
C THR O 398 6.25 -24.38 39.21
N LEU O 399 5.12 -24.13 39.88
CA LEU O 399 4.92 -24.61 41.24
C LEU O 399 4.17 -25.94 41.30
N VAL O 400 3.24 -26.18 40.37
CA VAL O 400 2.44 -27.40 40.44
C VAL O 400 3.26 -28.65 40.11
N ASN O 401 4.34 -28.52 39.35
CA ASN O 401 5.13 -29.67 38.91
C ASN O 401 6.44 -29.75 39.68
N LEU O 402 6.40 -29.40 40.96
CA LEU O 402 7.59 -29.47 41.80
C LEU O 402 7.81 -30.88 42.31
N SER P 2 23.74 -10.14 33.26
CA SER P 2 22.58 -9.79 34.06
C SER P 2 21.64 -8.87 33.29
N PHE P 3 20.55 -8.48 33.95
CA PHE P 3 19.54 -7.63 33.32
C PHE P 3 19.87 -6.14 33.41
N SER P 4 20.85 -5.76 34.24
CA SER P 4 21.09 -4.35 34.55
C SER P 4 21.38 -3.53 33.29
N GLN P 5 22.34 -4.00 32.49
CA GLN P 5 22.69 -3.28 31.26
C GLN P 5 21.51 -3.23 30.30
N ALA P 6 20.80 -4.35 30.15
CA ALA P 6 19.67 -4.39 29.23
C ALA P 6 18.57 -3.43 29.65
N VAL P 7 18.18 -3.46 30.92
CA VAL P 7 17.09 -2.59 31.37
C VAL P 7 17.52 -1.14 31.33
N SER P 8 18.79 -0.85 31.64
CA SER P 8 19.28 0.51 31.57
C SER P 8 19.24 1.03 30.14
N GLY P 9 19.71 0.22 29.18
CA GLY P 9 19.63 0.62 27.79
C GLY P 9 18.21 0.81 27.31
N LEU P 10 17.31 -0.07 27.76
CA LEU P 10 15.90 0.08 27.40
C LEU P 10 15.33 1.39 27.95
N ASN P 11 15.63 1.71 29.20
CA ASN P 11 15.12 2.95 29.78
C ASN P 11 15.68 4.16 29.05
N ALA P 12 16.97 4.14 28.72
CA ALA P 12 17.58 5.26 28.01
C ALA P 12 16.96 5.43 26.63
N ALA P 13 16.75 4.32 25.91
CA ALA P 13 16.12 4.41 24.60
C ALA P 13 14.69 4.90 24.71
N ALA P 14 13.96 4.46 25.73
CA ALA P 14 12.60 4.92 25.94
C ALA P 14 12.57 6.43 26.17
N THR P 15 13.48 6.93 27.01
CA THR P 15 13.54 8.38 27.23
C THR P 15 13.94 9.12 25.96
N ASN P 16 14.87 8.55 25.19
CA ASN P 16 15.27 9.19 23.94
C ASN P 16 14.12 9.29 22.96
N LEU P 17 13.33 8.22 22.83
CA LEU P 17 12.17 8.28 21.94
C LEU P 17 11.12 9.22 22.50
N ASP P 18 11.00 9.27 23.83
CA ASP P 18 10.02 10.14 24.47
C ASP P 18 10.31 11.60 24.21
N VAL P 19 11.58 12.00 24.30
CA VAL P 19 11.93 13.41 24.07
C VAL P 19 11.73 13.79 22.61
N ILE P 20 11.85 12.84 21.69
CA ILE P 20 11.57 13.11 20.27
C ILE P 20 10.07 13.21 20.04
N GLY P 21 9.29 12.35 20.70
CA GLY P 21 7.84 12.49 20.63
C GLY P 21 7.38 13.84 21.16
N ASN P 22 8.01 14.31 22.23
CA ASN P 22 7.70 15.63 22.76
C ASN P 22 7.99 16.72 21.74
N ASN P 23 9.15 16.63 21.07
CA ASN P 23 9.49 17.61 20.04
C ASN P 23 8.49 17.57 18.90
N ILE P 24 8.07 16.37 18.50
CA ILE P 24 7.06 16.24 17.44
C ILE P 24 5.77 16.92 17.86
N ALA P 25 5.35 16.69 19.11
CA ALA P 25 4.12 17.32 19.60
C ALA P 25 4.23 18.83 19.66
N ASN P 26 5.39 19.36 20.07
CA ASN P 26 5.58 20.79 20.27
C ASN P 26 5.98 21.52 19.00
N SER P 27 5.66 20.97 17.83
CA SER P 27 6.04 21.57 16.57
C SER P 27 5.18 22.77 16.19
N ALA P 28 4.28 23.22 17.06
CA ALA P 28 3.40 24.32 16.74
C ALA P 28 3.45 25.43 17.78
N THR P 29 3.73 25.08 19.03
CA THR P 29 3.80 26.07 20.10
C THR P 29 4.89 27.08 19.81
N TYR P 30 4.62 28.34 20.17
CA TYR P 30 5.46 29.44 19.72
C TYR P 30 6.75 29.55 20.52
N GLY P 31 6.63 29.80 21.82
CA GLY P 31 7.81 29.95 22.65
C GLY P 31 8.38 28.62 23.10
N PHE P 32 9.00 27.90 22.17
CA PHE P 32 9.52 26.57 22.45
C PHE P 32 10.96 26.44 21.97
N LYS P 33 11.72 25.60 22.67
CA LYS P 33 13.07 25.23 22.28
C LYS P 33 13.15 23.71 22.21
N SER P 34 13.69 23.20 21.11
CA SER P 34 13.80 21.76 20.94
C SER P 34 14.69 21.15 22.01
N GLY P 35 14.31 19.97 22.46
CA GLY P 35 15.03 19.27 23.51
C GLY P 35 15.60 17.97 22.99
N THR P 36 16.85 17.70 23.35
CA THR P 36 17.53 16.47 22.96
C THR P 36 18.10 15.80 24.20
N ALA P 37 18.33 14.50 24.11
CA ALA P 37 18.85 13.74 25.22
C ALA P 37 20.37 13.68 25.18
N SER P 38 20.96 13.33 26.32
CA SER P 38 22.40 13.14 26.43
C SER P 38 22.65 12.06 27.46
N PHE P 39 23.31 10.99 27.04
CA PHE P 39 23.54 9.82 27.88
C PHE P 39 24.96 9.78 28.39
N ALA P 40 25.22 8.84 29.30
CA ALA P 40 26.55 8.64 29.85
C ALA P 40 26.67 7.21 30.34
N ASP P 41 27.79 6.57 30.04
CA ASP P 41 27.99 5.19 30.42
C ASP P 41 28.21 5.07 31.93
N MET P 42 28.21 3.83 32.41
CA MET P 42 28.42 3.53 33.82
C MET P 42 29.52 2.48 33.94
N PHE P 43 30.20 2.50 35.09
CA PHE P 43 31.31 1.57 35.32
C PHE P 43 31.49 1.37 36.81
N ALA P 44 31.50 0.11 37.24
CA ALA P 44 31.86 -0.24 38.60
C ALA P 44 33.37 -0.42 38.68
N GLY P 45 33.85 -1.01 39.78
CA GLY P 45 35.26 -1.28 39.92
C GLY P 45 35.80 -2.32 38.94
N SER P 46 34.93 -3.09 38.31
CA SER P 46 35.35 -4.11 37.35
C SER P 46 35.66 -3.44 36.00
N LYS P 47 36.09 -4.24 35.04
CA LYS P 47 36.42 -3.75 33.70
C LYS P 47 35.23 -3.75 32.75
N VAL P 48 34.10 -4.33 33.15
CA VAL P 48 32.94 -4.41 32.28
C VAL P 48 32.02 -3.22 32.56
N GLY P 49 31.18 -2.91 31.59
CA GLY P 49 30.23 -1.82 31.74
C GLY P 49 29.05 -2.23 32.59
N LEU P 50 28.17 -1.25 32.83
CA LEU P 50 26.97 -1.49 33.61
C LEU P 50 25.73 -0.97 32.92
N GLY P 51 25.84 -0.44 31.70
CA GLY P 51 24.72 0.14 31.00
C GLY P 51 24.94 1.60 30.69
N VAL P 52 23.85 2.35 30.71
CA VAL P 52 23.87 3.78 30.36
C VAL P 52 23.06 4.55 31.38
N LYS P 53 23.60 5.69 31.81
CA LYS P 53 22.87 6.63 32.65
C LYS P 53 22.51 7.85 31.83
N VAL P 54 21.25 8.29 31.94
CA VAL P 54 20.77 9.44 31.20
C VAL P 54 21.37 10.68 31.86
N ALA P 55 22.43 11.22 31.24
CA ALA P 55 23.12 12.37 31.80
C ALA P 55 22.17 13.56 31.94
N GLY P 56 21.36 13.80 30.92
CA GLY P 56 20.35 14.84 31.05
C GLY P 56 19.77 15.21 29.70
N ILE P 57 18.65 15.91 29.77
CA ILE P 57 17.96 16.42 28.59
C ILE P 57 18.36 17.88 28.42
N THR P 58 19.16 18.15 27.40
CA THR P 58 19.57 19.52 27.10
C THR P 58 18.58 20.15 26.12
N GLN P 59 18.61 21.48 26.06
CA GLN P 59 17.72 22.23 25.20
C GLN P 59 18.54 23.12 24.28
N ASP P 60 18.15 23.17 23.02
CA ASP P 60 18.81 24.01 22.02
C ASP P 60 18.17 25.39 22.04
N PHE P 61 18.95 26.39 22.44
CA PHE P 61 18.42 27.72 22.72
C PHE P 61 18.64 28.70 21.58
N THR P 62 18.78 28.22 20.35
CA THR P 62 18.80 29.15 19.22
C THR P 62 17.42 29.75 19.03
N ASP P 63 17.38 30.88 18.33
CA ASP P 63 16.11 31.57 18.09
C ASP P 63 15.40 30.97 16.88
N GLY P 64 14.09 31.13 16.87
CA GLY P 64 13.25 30.65 15.79
C GLY P 64 13.15 31.65 14.66
N THR P 65 12.06 31.55 13.91
CA THR P 65 11.79 32.46 12.80
C THR P 65 10.77 33.50 13.22
N THR P 66 11.11 34.77 13.03
CA THR P 66 10.23 35.87 13.39
C THR P 66 9.04 35.89 12.43
N THR P 67 7.83 35.79 12.98
CA THR P 67 6.61 35.75 12.19
C THR P 67 5.67 36.86 12.63
N ASN P 68 5.24 37.68 11.67
CA ASN P 68 4.33 38.77 11.98
C ASN P 68 2.90 38.25 12.09
N THR P 69 2.16 38.79 13.07
CA THR P 69 0.77 38.44 13.27
C THR P 69 -0.19 39.61 13.22
N GLY P 70 0.30 40.85 13.27
CA GLY P 70 -0.55 42.01 13.16
C GLY P 70 -1.16 42.50 14.45
N ARG P 71 -1.01 41.77 15.55
CA ARG P 71 -1.55 42.21 16.83
C ARG P 71 -0.63 43.27 17.44
N GLY P 72 -1.04 43.78 18.60
CA GLY P 72 -0.25 44.74 19.33
C GLY P 72 0.42 44.16 20.56
N LEU P 73 -0.28 43.23 21.23
CA LEU P 73 0.24 42.61 22.45
C LEU P 73 1.03 41.36 22.08
N ASP P 74 2.14 41.59 21.37
CA ASP P 74 3.02 40.50 20.98
C ASP P 74 4.39 41.02 20.57
N VAL P 75 5.44 40.57 21.25
CA VAL P 75 6.80 41.04 20.98
C VAL P 75 7.74 39.84 20.99
N ALA P 76 8.69 39.84 20.08
CA ALA P 76 9.69 38.78 19.95
C ALA P 76 11.08 39.34 20.17
N ILE P 77 12.00 38.46 20.57
CA ILE P 77 13.37 38.83 20.87
C ILE P 77 14.27 38.29 19.78
N SER P 78 15.20 39.12 19.30
CA SER P 78 16.03 38.73 18.17
C SER P 78 17.24 37.91 18.59
N GLN P 79 17.66 37.99 19.85
CA GLN P 79 18.82 37.27 20.35
C GLN P 79 18.55 36.86 21.79
N ASN P 80 19.61 36.54 22.52
CA ASN P 80 19.49 36.10 23.91
C ASN P 80 18.68 37.11 24.73
N GLY P 81 17.98 36.59 25.71
CA GLY P 81 17.10 37.37 26.57
C GLY P 81 15.83 36.61 26.85
N PHE P 82 15.21 36.95 27.98
CA PHE P 82 14.00 36.26 28.42
C PHE P 82 13.03 37.25 29.04
N PHE P 83 11.75 37.04 28.77
CA PHE P 83 10.71 37.76 29.48
C PHE P 83 10.59 37.22 30.90
N ARG P 84 10.31 38.14 31.83
CA ARG P 84 10.21 37.81 33.25
C ARG P 84 8.77 37.99 33.70
N LEU P 85 8.19 36.92 34.26
CA LEU P 85 6.80 36.90 34.66
C LEU P 85 6.69 36.57 36.14
N VAL P 86 5.61 37.05 36.77
CA VAL P 86 5.34 36.81 38.17
C VAL P 86 4.05 36.00 38.28
N ASP P 87 4.06 35.00 39.16
CA ASP P 87 2.90 34.16 39.38
C ASP P 87 2.10 34.77 40.52
N SER P 88 0.81 34.39 40.62
CA SER P 88 -0.02 34.87 41.71
C SER P 88 0.55 34.45 43.06
N ASN P 89 1.22 33.30 43.11
CA ASN P 89 1.88 32.84 44.33
C ASN P 89 3.20 33.54 44.59
N GLY P 90 3.54 34.57 43.82
CA GLY P 90 4.76 35.31 44.03
C GLY P 90 6.00 34.69 43.41
N SER P 91 5.89 33.54 42.76
CA SER P 91 7.05 32.93 42.14
C SER P 91 7.44 33.67 40.87
N VAL P 92 8.72 33.58 40.53
CA VAL P 92 9.30 34.26 39.37
C VAL P 92 9.64 33.24 38.31
N PHE P 93 9.17 33.49 37.08
CA PHE P 93 9.39 32.59 35.97
C PHE P 93 9.89 33.37 34.76
N TYR P 94 10.44 32.65 33.79
CA TYR P 94 10.99 33.24 32.59
C TYR P 94 10.43 32.52 31.37
N SER P 95 10.29 33.27 30.29
CA SER P 95 9.60 32.76 29.10
C SER P 95 10.17 33.44 27.87
N ARG P 96 9.78 32.93 26.70
CA ARG P 96 10.18 33.49 25.42
C ARG P 96 9.02 33.80 24.48
N ASN P 97 7.81 33.33 24.75
CA ASN P 97 6.68 33.61 23.88
C ASN P 97 6.07 34.97 24.23
N GLY P 98 6.16 35.90 23.29
CA GLY P 98 5.55 37.20 23.50
C GLY P 98 4.13 37.24 22.97
N GLN P 99 3.16 37.00 23.85
CA GLN P 99 1.76 37.08 23.46
C GLN P 99 0.97 37.33 24.74
N PHE P 100 0.61 38.59 24.98
CA PHE P 100 0.04 39.02 26.25
C PHE P 100 -1.46 39.24 26.11
N LYS P 101 -2.05 39.74 27.19
CA LYS P 101 -3.49 39.90 27.29
C LYS P 101 -3.74 41.14 28.16
N LEU P 102 -4.98 41.34 28.61
CA LEU P 102 -5.30 42.43 29.51
C LEU P 102 -6.51 41.98 30.33
N ASP P 103 -6.25 41.55 31.57
CA ASP P 103 -7.25 40.82 32.34
C ASP P 103 -8.26 41.79 32.97
N GLU P 104 -9.04 41.25 33.91
CA GLU P 104 -10.05 42.03 34.62
C GLU P 104 -9.47 43.29 35.25
N ASN P 105 -8.39 43.16 36.02
CA ASN P 105 -7.80 44.30 36.71
C ASN P 105 -6.86 45.10 35.84
N ARG P 106 -6.92 44.94 34.53
CA ARG P 106 -6.08 45.68 33.59
C ARG P 106 -4.60 45.47 33.89
N ASN P 107 -4.19 44.21 33.89
CA ASN P 107 -2.80 43.83 34.08
C ASN P 107 -2.29 43.09 32.86
N LEU P 108 -1.16 43.55 32.32
CA LEU P 108 -0.53 42.86 31.20
C LEU P 108 -0.12 41.47 31.66
N VAL P 109 -0.61 40.45 30.96
CA VAL P 109 -0.46 39.06 31.40
C VAL P 109 -0.46 38.16 30.17
N ASN P 110 0.27 37.04 30.29
CA ASN P 110 0.32 36.07 29.21
C ASN P 110 -0.99 35.29 29.15
N MET P 111 -1.04 34.30 28.26
CA MET P 111 -2.26 33.56 27.97
C MET P 111 -2.72 32.69 29.14
N GLN P 112 -1.89 32.48 30.16
CA GLN P 112 -2.23 31.57 31.24
C GLN P 112 -2.59 32.26 32.55
N GLY P 113 -2.06 33.46 32.81
CA GLY P 113 -2.32 34.12 34.07
C GLY P 113 -1.06 34.42 34.86
N MET P 114 0.07 34.56 34.16
CA MET P 114 1.35 34.88 34.78
C MET P 114 1.65 36.33 34.43
N GLN P 115 1.43 37.21 35.40
CA GLN P 115 1.46 38.65 35.14
C GLN P 115 2.84 39.11 34.67
N LEU P 116 2.84 40.03 33.72
CA LEU P 116 4.06 40.59 33.18
C LEU P 116 4.70 41.55 34.18
N THR P 117 6.02 41.68 34.08
CA THR P 117 6.78 42.49 35.03
C THR P 117 7.71 43.43 34.27
N GLY P 118 8.11 44.50 34.95
CA GLY P 118 9.04 45.46 34.38
C GLY P 118 9.37 46.54 35.39
N TYR P 119 10.21 47.48 34.96
CA TYR P 119 10.57 48.60 35.81
C TYR P 119 9.36 49.50 36.03
N PRO P 120 8.94 49.74 37.25
CA PRO P 120 7.86 50.70 37.49
C PRO P 120 8.32 52.12 37.17
N ALA P 121 7.35 52.96 36.83
CA ALA P 121 7.62 54.35 36.47
C ALA P 121 6.79 55.27 37.35
N THR P 122 7.42 56.30 37.89
CA THR P 122 6.77 57.28 38.74
C THR P 122 7.24 58.67 38.36
N GLY P 123 6.50 59.67 38.81
CA GLY P 123 6.83 61.06 38.58
C GLY P 123 5.81 61.75 37.70
N THR P 124 6.10 63.00 37.37
CA THR P 124 5.24 63.80 36.50
C THR P 124 6.09 64.83 35.78
N PRO P 125 6.49 64.56 34.52
CA PRO P 125 6.18 63.36 33.75
C PRO P 125 6.88 62.12 34.28
N PRO P 126 6.17 61.00 34.35
CA PRO P 126 6.76 59.78 34.94
C PRO P 126 7.99 59.35 34.16
N THR P 127 9.00 58.87 34.88
CA THR P 127 10.25 58.43 34.30
C THR P 127 10.52 56.98 34.72
N ILE P 128 11.21 56.26 33.83
CA ILE P 128 11.53 54.86 34.09
C ILE P 128 12.63 54.82 35.15
N GLN P 129 12.28 54.36 36.35
CA GLN P 129 13.29 54.16 37.39
C GLN P 129 14.24 53.04 36.94
N GLN P 130 15.48 53.41 36.60
CA GLN P 130 16.37 52.47 35.93
C GLN P 130 16.67 51.27 36.80
N GLY P 131 17.08 51.48 38.05
CA GLY P 131 17.46 50.43 38.94
C GLY P 131 16.38 49.88 39.85
N ALA P 132 15.13 50.29 39.66
CA ALA P 132 14.06 49.86 40.55
C ALA P 132 13.81 48.36 40.40
N ASN P 133 13.32 47.76 41.49
CA ASN P 133 12.98 46.35 41.46
C ASN P 133 11.84 46.12 40.48
N PRO P 134 11.87 45.02 39.71
CA PRO P 134 10.77 44.72 38.80
C PRO P 134 9.46 44.55 39.56
N ALA P 135 8.37 45.01 38.93
CA ALA P 135 7.04 44.96 39.50
C ALA P 135 6.05 44.75 38.37
N PRO P 136 4.85 44.25 38.66
CA PRO P 136 3.85 44.08 37.60
C PRO P 136 3.52 45.38 36.90
N ILE P 137 3.25 45.29 35.61
CA ILE P 137 2.91 46.44 34.78
C ILE P 137 1.40 46.38 34.50
N THR P 138 0.71 47.47 34.83
CA THR P 138 -0.73 47.56 34.66
C THR P 138 -1.07 48.74 33.77
N ILE P 139 -2.33 48.80 33.35
CA ILE P 139 -2.82 49.89 32.50
C ILE P 139 -4.04 50.50 33.18
N PRO P 140 -3.87 51.56 33.98
CA PRO P 140 -5.02 52.18 34.65
C PRO P 140 -5.86 52.98 33.66
N ASN P 141 -7.14 52.63 33.57
CA ASN P 141 -8.04 53.33 32.66
C ASN P 141 -8.43 54.70 33.18
N THR P 142 -8.11 55.02 34.44
CA THR P 142 -8.50 56.29 35.04
C THR P 142 -7.81 57.45 34.32
N LEU P 143 -8.27 58.66 34.64
CA LEU P 143 -7.74 59.88 34.02
C LEU P 143 -6.77 60.58 34.96
N MET P 144 -5.82 61.28 34.37
CA MET P 144 -4.83 62.01 35.14
C MET P 144 -5.24 63.47 35.29
N ALA P 145 -5.13 63.99 36.50
CA ALA P 145 -5.55 65.35 36.81
C ALA P 145 -4.64 66.37 36.14
N ALA P 146 -5.21 67.51 35.80
CA ALA P 146 -4.46 68.58 35.17
C ALA P 146 -3.37 69.09 36.11
N LYS P 147 -2.21 69.39 35.54
CA LYS P 147 -1.08 69.95 36.28
C LYS P 147 -0.87 71.37 35.77
N SER P 148 -0.93 72.34 36.67
CA SER P 148 -0.81 73.74 36.28
C SER P 148 0.57 74.03 35.72
N THR P 149 0.62 74.95 34.76
CA THR P 149 1.88 75.36 34.16
C THR P 149 2.83 75.91 35.23
N THR P 150 4.06 75.44 35.23
CA THR P 150 5.06 75.86 36.19
C THR P 150 6.36 76.37 35.57
N THR P 151 6.82 75.77 34.48
CA THR P 151 8.07 76.17 33.82
C THR P 151 7.79 76.38 32.34
N ALA P 152 7.38 77.59 31.97
CA ALA P 152 7.19 77.93 30.57
C ALA P 152 8.48 78.53 30.02
N SER P 153 8.89 78.08 28.84
CA SER P 153 10.08 78.58 28.19
C SER P 153 9.74 78.99 26.76
N MET P 154 10.48 79.98 26.25
CA MET P 154 10.18 80.54 24.94
C MET P 154 11.43 81.16 24.36
N GLN P 155 12.00 80.51 23.34
CA GLN P 155 13.15 81.03 22.61
C GLN P 155 12.66 82.03 21.57
N ILE P 156 13.57 82.89 21.08
CA ILE P 156 13.21 83.87 20.07
C ILE P 156 14.43 84.24 19.22
N ASN P 157 14.21 84.49 17.94
CA ASN P 157 15.24 84.91 16.99
C ASN P 157 15.03 86.39 16.70
N LEU P 158 15.90 87.24 17.23
CA LEU P 158 15.74 88.67 17.13
C LEU P 158 16.78 89.26 16.17
N ASN P 159 16.56 90.52 15.80
CA ASN P 159 17.38 91.21 14.82
C ASN P 159 18.21 92.30 15.49
N SER P 160 19.43 92.48 14.98
CA SER P 160 20.29 93.55 15.47
C SER P 160 19.81 94.92 15.01
N THR P 161 19.26 95.01 13.80
CA THR P 161 18.82 96.27 13.22
C THR P 161 17.38 96.62 13.55
N ASP P 162 16.84 96.11 14.65
CA ASP P 162 15.46 96.40 15.01
C ASP P 162 15.31 97.88 15.34
N PRO P 163 14.42 98.60 14.66
CA PRO P 163 14.22 100.02 14.96
C PRO P 163 13.53 100.22 16.30
N VAL P 164 13.78 101.38 16.90
CA VAL P 164 13.13 101.79 18.14
C VAL P 164 11.67 102.08 17.83
N PRO P 165 10.73 101.67 18.69
CA PRO P 165 9.32 101.99 18.46
C PRO P 165 9.10 103.49 18.39
N SER P 166 8.16 103.90 17.53
CA SER P 166 7.89 105.32 17.34
C SER P 166 7.21 105.93 18.57
N LYS P 167 6.06 105.40 18.96
CA LYS P 167 5.34 105.90 20.13
C LYS P 167 6.00 105.35 21.38
N THR P 168 6.73 106.21 22.10
CA THR P 168 7.41 105.79 23.32
C THR P 168 6.49 105.42 24.48
N PRO P 169 5.22 105.94 24.58
CA PRO P 169 4.35 105.43 25.64
C PRO P 169 3.91 104.00 25.34
N PHE P 170 4.40 103.05 26.13
CA PHE P 170 4.13 101.64 25.87
C PHE P 170 2.67 101.31 26.17
N SER P 171 2.04 100.56 25.27
CA SER P 171 0.67 100.10 25.47
C SER P 171 0.47 98.74 24.81
N VAL P 172 -0.77 98.25 24.82
CA VAL P 172 -1.11 97.00 24.17
C VAL P 172 -2.08 97.18 23.01
N SER P 173 -2.64 98.38 22.83
CA SER P 173 -3.60 98.63 21.76
C SER P 173 -2.90 98.87 20.43
N ASP P 174 -2.07 99.90 20.36
CA ASP P 174 -1.36 100.25 19.13
C ASP P 174 -0.28 99.20 18.87
N ALA P 175 -0.26 98.67 17.65
CA ALA P 175 0.79 97.72 17.28
C ALA P 175 2.17 98.36 17.27
N ASP P 176 2.23 99.68 17.07
CA ASP P 176 3.50 100.40 17.08
C ASP P 176 4.11 100.50 18.47
N SER P 177 3.36 100.14 19.52
CA SER P 177 3.86 100.24 20.88
C SER P 177 4.94 99.20 21.20
N TYR P 178 5.07 98.15 20.39
CA TYR P 178 6.01 97.09 20.65
C TYR P 178 6.70 96.68 19.36
N ASN P 179 7.91 96.11 19.51
CA ASN P 179 8.62 95.54 18.38
C ASN P 179 8.25 94.09 18.12
N LYS P 180 8.04 93.30 19.17
CA LYS P 180 7.72 91.89 19.02
C LYS P 180 6.63 91.49 20.00
N LYS P 181 5.77 90.57 19.58
CA LYS P 181 4.69 90.06 20.42
C LYS P 181 4.66 88.54 20.30
N GLY P 182 4.78 87.86 21.45
CA GLY P 182 4.61 86.43 21.52
C GLY P 182 3.50 86.05 22.50
N THR P 183 3.15 84.77 22.47
CA THR P 183 2.07 84.27 23.31
C THR P 183 2.36 82.85 23.72
N VAL P 184 1.97 82.52 24.96
CA VAL P 184 2.05 81.16 25.49
C VAL P 184 0.73 80.85 26.18
N THR P 185 0.56 79.58 26.55
CA THR P 185 -0.64 79.12 27.21
C THR P 185 -0.28 78.50 28.56
N VAL P 186 -1.10 78.76 29.57
CA VAL P 186 -0.91 78.23 30.90
C VAL P 186 -2.21 77.58 31.35
N TYR P 187 -2.10 76.73 32.36
CA TYR P 187 -3.24 75.97 32.87
C TYR P 187 -3.42 76.24 34.35
N ASP P 188 -4.66 76.35 34.78
CA ASP P 188 -5.01 76.57 36.17
C ASP P 188 -4.92 75.24 36.93
N SER P 189 -5.43 75.23 38.16
CA SER P 189 -5.50 74.00 38.94
C SER P 189 -6.73 73.16 38.61
N GLN P 190 -7.63 73.64 37.75
CA GLN P 190 -8.79 72.88 37.33
C GLN P 190 -8.85 72.67 35.83
N GLY P 191 -7.73 72.77 35.13
CA GLY P 191 -7.68 72.50 33.71
C GLY P 191 -8.10 73.63 32.80
N ASN P 192 -8.43 74.80 33.35
CA ASN P 192 -8.79 75.96 32.53
C ASN P 192 -7.54 76.52 31.86
N ALA P 193 -7.71 77.01 30.63
CA ALA P 193 -6.60 77.52 29.84
C ALA P 193 -6.60 79.04 29.85
N HIS P 194 -5.44 79.62 30.13
CA HIS P 194 -5.25 81.07 30.11
C HIS P 194 -4.16 81.41 29.11
N ASP P 195 -4.28 82.58 28.49
CA ASP P 195 -3.35 83.02 27.46
C ASP P 195 -2.47 84.14 28.01
N MET P 196 -1.15 83.92 27.97
CA MET P 196 -0.17 84.88 28.46
C MET P 196 0.49 85.53 27.25
N ASN P 197 0.30 86.84 27.09
CA ASN P 197 0.97 87.58 26.05
C ASN P 197 2.24 88.23 26.58
N VAL P 198 3.24 88.37 25.71
CA VAL P 198 4.53 88.93 26.08
C VAL P 198 4.97 89.89 24.96
N TYR P 199 5.47 91.05 25.35
CA TYR P 199 5.87 92.09 24.40
C TYR P 199 7.33 92.44 24.63
N PHE P 200 8.08 92.46 23.53
CA PHE P 200 9.48 92.90 23.51
C PHE P 200 9.58 94.24 22.80
N VAL P 201 10.26 95.19 23.43
CA VAL P 201 10.54 96.48 22.81
C VAL P 201 12.04 96.73 22.91
N LYS P 202 12.56 97.51 21.96
CA LYS P 202 13.98 97.84 21.91
C LYS P 202 14.13 99.34 22.14
N THR P 203 14.74 99.69 23.28
CA THR P 203 15.07 101.09 23.54
C THR P 203 16.39 101.46 22.87
N LYS P 204 17.44 100.70 23.16
CA LYS P 204 18.74 100.88 22.52
C LYS P 204 19.34 99.50 22.30
N ASP P 205 20.55 99.47 21.73
CA ASP P 205 21.18 98.21 21.37
C ASP P 205 21.57 97.44 22.62
N ASN P 206 21.57 96.10 22.51
CA ASN P 206 21.93 95.17 23.57
C ASN P 206 21.01 95.27 24.78
N GLU P 207 19.90 96.00 24.68
CA GLU P 207 18.96 96.15 25.78
C GLU P 207 17.55 96.09 25.24
N TRP P 208 16.70 95.28 25.88
CA TRP P 208 15.30 95.13 25.49
C TRP P 208 14.44 95.08 26.74
N ALA P 209 13.20 95.55 26.60
CA ALA P 209 12.24 95.54 27.70
C ALA P 209 11.13 94.55 27.39
N VAL P 210 10.76 93.76 28.40
CA VAL P 210 9.78 92.69 28.28
C VAL P 210 8.61 92.99 29.20
N TYR P 211 7.39 92.88 28.66
CA TYR P 211 6.16 93.18 29.38
C TYR P 211 5.19 92.01 29.21
N THR P 212 4.77 91.42 30.32
CA THR P 212 3.76 90.38 30.24
C THR P 212 2.37 90.98 30.35
N HIS P 213 1.36 90.17 29.99
CA HIS P 213 -0.01 90.64 29.96
C HIS P 213 -0.95 89.45 29.95
N ASP P 214 -2.08 89.58 30.64
CA ASP P 214 -3.11 88.56 30.60
C ASP P 214 -4.20 88.94 29.59
N SER P 215 -4.82 87.92 29.01
CA SER P 215 -5.90 88.15 28.05
C SER P 215 -7.12 87.28 28.33
N SER P 216 -7.23 86.68 29.51
CA SER P 216 -8.39 85.88 29.87
C SER P 216 -9.12 86.40 31.09
N ASP P 217 -8.44 87.07 32.01
CA ASP P 217 -9.06 87.61 33.21
C ASP P 217 -9.85 88.86 32.86
N PRO P 218 -11.15 88.92 33.15
CA PRO P 218 -11.91 90.17 32.94
C PRO P 218 -11.45 91.32 33.82
N ALA P 219 -10.75 91.04 34.92
CA ALA P 219 -10.27 92.06 35.84
C ALA P 219 -8.78 92.35 35.66
N ALA P 220 -8.23 92.05 34.48
CA ALA P 220 -6.82 92.26 34.20
C ALA P 220 -6.66 93.60 33.48
N THR P 221 -6.14 94.59 34.20
CA THR P 221 -5.91 95.92 33.63
C THR P 221 -4.60 95.92 32.84
N ALA P 222 -4.62 96.59 31.71
CA ALA P 222 -3.44 96.64 30.84
C ALA P 222 -2.31 97.38 31.53
N PRO P 223 -1.16 96.76 31.78
CA PRO P 223 -0.07 97.43 32.46
C PRO P 223 0.92 98.07 31.48
N THR P 224 1.86 98.80 32.05
CA THR P 224 2.96 99.40 31.30
C THR P 224 4.32 99.05 31.91
N THR P 225 4.33 98.56 33.15
CA THR P 225 5.59 98.19 33.80
C THR P 225 6.28 97.08 33.04
N ALA P 226 7.60 97.20 32.91
CA ALA P 226 8.39 96.18 32.22
C ALA P 226 8.51 94.94 33.09
N SER P 227 8.14 93.78 32.52
CA SER P 227 8.28 92.53 33.25
C SER P 227 9.74 92.25 33.56
N THR P 228 10.62 92.48 32.59
CA THR P 228 12.05 92.29 32.83
C THR P 228 12.84 93.01 31.73
N THR P 229 14.17 92.86 31.79
CA THR P 229 15.06 93.41 30.79
C THR P 229 15.94 92.30 30.23
N LEU P 230 16.09 92.30 28.90
CA LEU P 230 16.98 91.38 28.21
C LEU P 230 18.25 92.13 27.84
N LYS P 231 19.37 91.67 28.36
CA LYS P 231 20.67 92.25 28.06
C LYS P 231 21.45 91.29 27.16
N PHE P 232 22.08 91.85 26.13
CA PHE P 232 22.67 91.05 25.08
C PHE P 232 24.15 91.41 24.91
N ASN P 233 24.90 90.47 24.36
CA ASN P 233 26.32 90.64 24.11
C ASN P 233 26.54 91.56 22.91
N GLU P 234 27.81 91.90 22.67
CA GLU P 234 28.17 92.60 21.44
C GLU P 234 27.93 91.75 20.21
N ASN P 235 28.00 90.41 20.34
CA ASN P 235 27.72 89.51 19.23
C ASN P 235 26.26 89.11 19.15
N GLY P 236 25.47 89.33 20.20
CA GLY P 236 24.06 88.96 20.18
C GLY P 236 23.75 87.75 21.04
N ILE P 237 24.38 87.65 22.21
CA ILE P 237 24.15 86.57 23.16
C ILE P 237 23.56 87.16 24.43
N LEU P 238 22.50 86.52 24.93
CA LEU P 238 21.84 86.99 26.15
C LEU P 238 22.81 87.02 27.32
N GLU P 239 22.77 88.12 28.08
CA GLU P 239 23.66 88.30 29.23
C GLU P 239 23.02 87.84 30.53
N SER P 240 21.88 88.41 30.88
CA SER P 240 21.20 88.10 32.14
C SER P 240 19.76 88.61 32.02
N GLY P 241 19.03 88.56 33.13
CA GLY P 241 17.64 88.97 33.12
C GLY P 241 16.72 87.99 32.41
N GLY P 242 17.13 86.73 32.31
CA GLY P 242 16.36 85.74 31.59
C GLY P 242 15.57 84.80 32.49
N THR P 243 15.21 85.26 33.68
CA THR P 243 14.41 84.47 34.60
C THR P 243 13.34 85.35 35.22
N VAL P 244 12.07 85.02 34.96
CA VAL P 244 10.95 85.81 35.43
C VAL P 244 9.95 84.88 36.12
N ASN P 245 9.18 85.44 37.05
CA ASN P 245 8.07 84.73 37.67
C ASN P 245 6.79 85.50 37.40
N ILE P 246 5.82 84.85 36.77
CA ILE P 246 4.58 85.49 36.38
C ILE P 246 3.40 84.77 37.03
N THR P 247 2.55 85.53 37.69
CA THR P 247 1.31 85.02 38.25
C THR P 247 0.13 85.55 37.44
N THR P 248 -0.78 84.65 37.10
CA THR P 248 -2.02 85.02 36.43
C THR P 248 -3.08 85.39 37.46
N GLY P 249 -4.32 85.46 36.99
CA GLY P 249 -5.43 85.77 37.87
C GLY P 249 -6.30 84.57 38.15
N THR P 250 -7.56 84.86 38.46
CA THR P 250 -8.55 83.82 38.71
C THR P 250 -9.53 83.72 37.55
N ILE P 251 -9.99 82.51 37.28
CA ILE P 251 -10.96 82.27 36.23
C ILE P 251 -12.03 81.31 36.75
N ASN P 252 -13.19 81.87 37.10
CA ASN P 252 -14.35 81.09 37.56
C ASN P 252 -13.98 80.16 38.71
N GLY P 253 -13.51 80.77 39.79
CA GLY P 253 -13.24 80.05 41.02
C GLY P 253 -11.94 79.26 41.06
N ALA P 254 -10.97 79.59 40.22
CA ALA P 254 -9.68 78.92 40.28
C ALA P 254 -8.60 79.86 40.79
N THR P 255 -7.62 79.30 41.50
CA THR P 255 -6.47 80.06 41.97
C THR P 255 -5.39 80.08 40.90
N ALA P 256 -4.66 81.19 40.81
CA ALA P 256 -3.61 81.34 39.83
C ALA P 256 -2.45 80.37 40.12
N ALA P 257 -1.58 80.23 39.12
CA ALA P 257 -0.39 79.42 39.25
C ALA P 257 0.79 80.20 38.67
N THR P 258 1.68 80.64 39.55
CA THR P 258 2.86 81.40 39.14
C THR P 258 3.83 80.46 38.43
N PHE P 259 4.27 80.84 37.24
CA PHE P 259 5.20 80.04 36.47
C PHE P 259 6.49 80.81 36.22
N SER P 260 7.57 80.06 36.05
CA SER P 260 8.87 80.61 35.73
C SER P 260 9.03 80.69 34.22
N LEU P 261 9.18 81.90 33.72
CA LEU P 261 9.36 82.17 32.30
C LEU P 261 10.82 82.52 32.05
N SER P 262 11.53 81.66 31.32
CA SER P 262 12.94 81.83 31.04
C SER P 262 13.14 81.97 29.54
N PHE P 263 13.72 83.09 29.12
CA PHE P 263 14.02 83.33 27.71
C PHE P 263 15.42 82.84 27.38
N LEU P 264 15.69 81.59 27.71
CA LEU P 264 17.04 81.03 27.62
C LEU P 264 17.43 80.81 26.16
N ASN P 265 18.73 80.94 25.89
CA ASN P 265 19.32 80.66 24.58
C ASN P 265 18.73 81.55 23.49
N SER P 266 18.37 82.78 23.84
CA SER P 266 17.87 83.72 22.85
C SER P 266 19.04 84.30 22.05
N MET P 267 18.74 85.17 21.09
CA MET P 267 19.76 85.74 20.23
C MET P 267 19.14 86.88 19.43
N GLN P 268 19.95 87.91 19.19
CA GLN P 268 19.57 89.05 18.37
C GLN P 268 20.74 89.35 17.43
N GLN P 269 20.77 88.65 16.31
CA GLN P 269 21.91 88.73 15.38
C GLN P 269 21.44 88.86 13.95
N ASN P 270 20.42 89.70 13.73
CA ASN P 270 19.93 90.05 12.39
C ASN P 270 19.44 88.80 11.65
N THR P 271 18.38 88.21 12.20
CA THR P 271 17.66 87.17 11.48
C THR P 271 16.55 87.78 10.64
N GLY P 272 16.89 88.77 9.83
CA GLY P 272 15.88 89.51 9.09
C GLY P 272 14.87 90.14 10.02
N ALA P 273 13.64 89.61 10.02
CA ALA P 273 12.62 90.02 10.96
C ALA P 273 12.84 89.29 12.28
N ASN P 274 11.83 89.31 13.16
CA ASN P 274 11.91 88.63 14.45
C ASN P 274 10.80 87.59 14.54
N ASN P 275 11.13 86.44 15.11
CA ASN P 275 10.16 85.35 15.23
C ASN P 275 10.55 84.45 16.39
N ILE P 276 9.53 83.90 17.05
CA ILE P 276 9.75 82.95 18.14
C ILE P 276 10.14 81.59 17.57
N VAL P 277 11.22 81.02 18.10
CA VAL P 277 11.63 79.68 17.70
C VAL P 277 10.65 78.62 18.19
N ALA P 278 10.28 78.66 19.47
CA ALA P 278 9.40 77.64 20.02
C ALA P 278 8.83 78.14 21.35
N THR P 279 7.71 77.55 21.75
CA THR P 279 7.10 77.78 23.05
C THR P 279 6.71 76.43 23.64
N ASN P 280 6.78 76.33 24.96
CA ASN P 280 6.46 75.07 25.63
C ASN P 280 6.29 75.35 27.13
N GLN P 281 5.84 74.32 27.84
CA GLN P 281 5.74 74.32 29.29
C GLN P 281 5.55 72.87 29.73
N ASN P 282 5.27 72.67 31.00
CA ASN P 282 4.98 71.34 31.54
C ASN P 282 3.61 71.30 32.19
N GLY P 283 2.66 72.03 31.62
CA GLY P 283 1.28 72.01 32.05
C GLY P 283 0.38 71.35 31.03
N TYR P 284 -0.72 70.78 31.49
CA TYR P 284 -1.62 70.08 30.59
C TYR P 284 -3.02 70.01 31.17
N LYS P 285 -3.99 69.88 30.30
CA LYS P 285 -5.39 69.69 30.67
C LYS P 285 -5.60 68.28 31.21
N PRO P 286 -6.75 68.00 31.79
CA PRO P 286 -7.10 66.61 32.10
C PRO P 286 -7.49 65.86 30.84
N GLY P 287 -7.43 64.53 30.93
CA GLY P 287 -7.77 63.70 29.80
C GLY P 287 -7.85 62.24 30.20
N ASP P 288 -8.59 61.48 29.41
CA ASP P 288 -8.84 60.07 29.67
C ASP P 288 -8.01 59.21 28.71
N LEU P 289 -7.73 57.99 29.17
CA LEU P 289 -6.98 57.03 28.36
C LEU P 289 -7.75 56.69 27.10
N VAL P 290 -7.07 56.74 25.96
CA VAL P 290 -7.70 56.44 24.68
C VAL P 290 -6.98 55.34 23.90
N SER P 291 -5.68 55.12 24.11
CA SER P 291 -4.94 54.11 23.38
C SER P 291 -3.61 53.87 24.07
N TYR P 292 -3.11 52.64 23.96
CA TYR P 292 -1.82 52.28 24.51
C TYR P 292 -1.03 51.47 23.49
N GLN P 293 0.29 51.52 23.59
CA GLN P 293 1.18 50.87 22.64
C GLN P 293 2.45 50.45 23.37
N ILE P 294 3.36 49.80 22.65
CA ILE P 294 4.65 49.38 23.18
C ILE P 294 5.72 49.77 22.16
N ASN P 295 6.70 50.54 22.59
CA ASN P 295 7.79 50.93 21.69
C ASN P 295 8.74 49.76 21.48
N ASN P 296 9.71 49.97 20.59
CA ASN P 296 10.70 48.95 20.27
C ASN P 296 11.76 48.80 21.35
N ASP P 297 11.60 49.44 22.50
CA ASP P 297 12.55 49.30 23.61
C ASP P 297 11.84 48.85 24.87
N GLY P 298 10.60 48.36 24.75
CA GLY P 298 9.87 47.83 25.87
C GLY P 298 9.18 48.85 26.76
N THR P 299 9.37 50.14 26.50
CA THR P 299 8.72 51.17 27.29
C THR P 299 7.25 51.24 26.88
N VAL P 300 6.37 50.68 27.71
CA VAL P 300 4.95 50.73 27.39
C VAL P 300 4.47 52.17 27.40
N VAL P 301 3.62 52.52 26.44
CA VAL P 301 3.20 53.90 26.23
C VAL P 301 1.69 53.97 26.26
N GLY P 302 1.16 54.87 27.09
CA GLY P 302 -0.25 55.21 27.08
C GLY P 302 -0.48 56.50 26.30
N ASN P 303 -1.68 56.64 25.76
CA ASN P 303 -2.11 57.87 25.13
C ASN P 303 -3.39 58.35 25.78
N TYR P 304 -3.48 59.66 26.00
CA TYR P 304 -4.60 60.24 26.71
C TYR P 304 -5.25 61.31 25.86
N SER P 305 -6.51 61.62 26.18
CA SER P 305 -7.27 62.62 25.45
C SER P 305 -6.79 64.04 25.73
N ASN P 306 -5.81 64.22 26.61
CA ASN P 306 -5.20 65.53 26.82
C ASN P 306 -3.87 65.65 26.07
N GLU P 307 -3.78 64.96 24.92
CA GLU P 307 -2.58 64.91 24.08
C GLU P 307 -1.29 64.82 24.90
N GLN P 308 -1.30 63.95 25.89
CA GLN P 308 -0.13 63.73 26.75
C GLN P 308 0.23 62.26 26.78
N GLU P 309 1.54 61.99 26.86
CA GLU P 309 2.09 60.65 26.81
C GLU P 309 2.64 60.28 28.17
N GLN P 310 2.02 59.29 28.81
CA GLN P 310 2.54 58.68 30.03
C GLN P 310 3.24 57.35 29.75
N VAL P 311 3.95 56.86 30.75
CA VAL P 311 4.60 55.55 30.69
C VAL P 311 4.19 54.75 31.92
N LEU P 312 4.01 53.45 31.72
CA LEU P 312 3.56 52.55 32.78
C LEU P 312 4.58 51.45 33.10
N GLY P 313 5.75 51.48 32.50
CA GLY P 313 6.76 50.49 32.77
C GLY P 313 7.64 50.24 31.56
N GLN P 314 8.76 49.58 31.80
CA GLN P 314 9.67 49.15 30.76
C GLN P 314 9.88 47.65 30.85
N ILE P 315 9.94 47.00 29.70
CA ILE P 315 10.05 45.55 29.66
C ILE P 315 11.43 45.14 30.14
N VAL P 316 11.47 44.19 31.07
CA VAL P 316 12.71 43.70 31.68
C VAL P 316 13.10 42.39 30.99
N LEU P 317 14.35 42.31 30.57
CA LEU P 317 14.90 41.11 29.97
C LEU P 317 16.03 40.58 30.83
N ALA P 318 16.00 39.28 31.10
CA ALA P 318 17.04 38.61 31.87
C ALA P 318 17.78 37.63 30.97
N ASN P 319 19.11 37.65 31.06
CA ASN P 319 19.96 36.75 30.28
C ASN P 319 20.93 36.09 31.24
N PHE P 320 20.57 34.91 31.73
CA PHE P 320 21.41 34.19 32.67
C PHE P 320 22.77 33.88 32.04
N ALA P 321 23.82 33.97 32.84
CA ALA P 321 25.14 33.60 32.37
C ALA P 321 25.26 32.11 32.04
N ASN P 322 24.23 31.33 32.36
CA ASN P 322 24.24 29.90 32.09
C ASN P 322 22.85 29.48 31.63
N ASN P 323 22.73 29.14 30.35
CA ASN P 323 21.47 28.63 29.83
C ASN P 323 21.39 27.12 30.06
N GLU P 324 20.23 26.53 29.73
CA GLU P 324 19.89 25.13 29.92
C GLU P 324 20.24 24.64 31.33
N GLY P 325 20.38 25.56 32.27
CA GLY P 325 20.35 25.23 33.68
C GLY P 325 18.94 25.47 34.18
N LEU P 326 18.16 26.15 33.36
CA LEU P 326 16.78 26.45 33.69
C LEU P 326 15.94 25.18 33.70
N ALA P 327 14.93 25.16 34.54
CA ALA P 327 14.00 24.03 34.64
C ALA P 327 12.63 24.48 34.18
N SER P 328 12.09 23.80 33.17
CA SER P 328 10.74 24.11 32.70
C SER P 328 9.71 23.64 33.71
N GLN P 329 8.64 24.40 33.85
CA GLN P 329 7.65 24.18 34.91
C GLN P 329 6.25 24.06 34.33
N GLY P 330 6.08 23.21 33.31
CA GLY P 330 4.76 22.94 32.80
C GLY P 330 4.46 23.67 31.50
N ASP P 331 3.71 24.76 31.59
CA ASP P 331 3.38 25.57 30.42
C ASP P 331 4.62 26.35 29.99
N ASN P 332 4.44 27.27 29.06
CA ASN P 332 5.58 27.88 28.38
C ASN P 332 6.31 28.87 29.26
N VAL P 333 6.80 28.42 30.41
CA VAL P 333 7.66 29.21 31.28
C VAL P 333 8.75 28.32 31.84
N TRP P 334 9.94 28.87 31.98
CA TRP P 334 11.04 28.19 32.64
C TRP P 334 11.12 28.65 34.10
N ALA P 335 12.19 28.25 34.78
CA ALA P 335 12.43 28.70 36.15
C ALA P 335 13.93 28.64 36.42
N ALA P 336 14.43 29.62 37.15
CA ALA P 336 15.84 29.70 37.47
C ALA P 336 16.14 28.87 38.72
N THR P 337 17.19 28.06 38.64
CA THR P 337 17.62 27.22 39.74
C THR P 337 19.15 27.26 39.79
N GLN P 338 19.74 26.35 40.56
CA GLN P 338 21.18 26.21 40.56
C GLN P 338 21.65 25.76 39.18
N ALA P 339 22.92 26.07 38.88
CA ALA P 339 23.55 25.82 37.59
C ALA P 339 22.92 26.69 36.50
N SER P 340 22.16 27.69 36.91
CA SER P 340 21.62 28.71 36.00
C SER P 340 22.09 30.11 36.32
N GLY P 341 22.58 30.35 37.54
CA GLY P 341 23.07 31.65 37.92
C GLY P 341 21.95 32.62 38.27
N VAL P 342 22.36 33.84 38.58
CA VAL P 342 21.43 34.90 38.92
C VAL P 342 20.85 35.45 37.62
N ALA P 343 19.72 36.18 37.71
CA ALA P 343 19.04 36.66 36.52
C ALA P 343 19.93 37.59 35.70
N LEU P 344 20.53 38.59 36.36
CA LEU P 344 21.32 39.62 35.69
C LEU P 344 20.50 40.29 34.58
N LEU P 345 19.41 40.93 35.01
CA LEU P 345 18.45 41.50 34.09
C LEU P 345 18.88 42.89 33.61
N GLY P 346 18.44 43.24 32.43
CA GLY P 346 18.79 44.52 31.81
C GLY P 346 17.65 45.05 30.98
N THR P 347 18.00 45.83 29.96
CA THR P 347 17.02 46.51 29.11
C THR P 347 17.14 45.98 27.68
N ALA P 348 16.39 46.63 26.78
CA ALA P 348 16.28 46.13 25.40
C ALA P 348 17.54 46.42 24.61
N GLY P 349 17.90 47.70 24.47
CA GLY P 349 18.94 48.08 23.54
C GLY P 349 20.36 47.76 23.96
N SER P 350 20.80 48.34 25.07
CA SER P 350 22.21 48.32 25.45
C SER P 350 22.60 46.94 25.98
N GLY P 351 23.83 46.82 26.47
CA GLY P 351 24.34 45.56 26.98
C GLY P 351 24.60 44.56 25.87
N ASN P 352 24.43 43.29 26.20
CA ASN P 352 24.55 42.19 25.24
C ASN P 352 23.18 41.61 24.90
N PHE P 353 22.12 42.36 25.15
CA PHE P 353 20.77 41.90 24.94
C PHE P 353 20.38 42.03 23.47
N GLY P 354 19.19 41.55 23.13
CA GLY P 354 18.73 41.58 21.76
C GLY P 354 17.63 42.59 21.51
N LYS P 355 17.41 42.94 20.24
CA LYS P 355 16.38 43.88 19.88
C LYS P 355 15.00 43.25 20.07
N LEU P 356 13.99 44.10 20.18
CA LEU P 356 12.61 43.66 20.39
C LEU P 356 11.81 44.04 19.14
N THR P 357 11.20 43.03 18.51
CA THR P 357 10.43 43.24 17.28
C THR P 357 8.95 43.24 17.64
N ASN P 358 8.34 44.42 17.63
CA ASN P 358 6.94 44.55 17.95
C ASN P 358 6.08 43.89 16.88
N GLY P 359 4.92 43.40 17.29
CA GLY P 359 3.99 42.77 16.36
C GLY P 359 4.51 41.52 15.70
N ALA P 360 5.16 40.64 16.46
CA ALA P 360 5.72 39.42 15.90
C ALA P 360 5.93 38.41 17.00
N LEU P 361 6.06 37.14 16.60
CA LEU P 361 6.32 36.04 17.51
C LEU P 361 7.49 35.21 17.00
N GLU P 362 7.99 34.34 17.88
CA GLU P 362 9.10 33.45 17.56
C GLU P 362 8.56 32.04 17.33
N ALA P 363 9.11 31.37 16.32
CA ALA P 363 8.68 30.03 15.98
C ALA P 363 9.24 29.03 17.00
N SER P 364 8.97 27.74 16.76
CA SER P 364 9.38 26.68 17.66
C SER P 364 10.75 26.10 17.34
N ASN P 365 11.40 26.59 16.27
CA ASN P 365 12.73 26.16 15.81
C ASN P 365 12.91 24.64 15.86
N VAL P 366 11.83 23.90 15.61
CA VAL P 366 11.85 22.44 15.58
C VAL P 366 11.73 22.01 14.13
N ASP P 367 12.68 21.20 13.67
CA ASP P 367 12.72 20.73 12.29
C ASP P 367 12.02 19.37 12.23
N LEU P 368 10.86 19.33 11.58
CA LEU P 368 10.10 18.10 11.49
C LEU P 368 10.88 17.02 10.74
N SER P 369 11.55 17.42 9.66
CA SER P 369 12.34 16.46 8.88
C SER P 369 13.45 15.85 9.73
N LYS P 370 14.13 16.68 10.53
CA LYS P 370 15.20 16.18 11.39
C LYS P 370 14.67 15.19 12.43
N GLU P 371 13.54 15.50 13.04
CA GLU P 371 13.01 14.63 14.09
C GLU P 371 12.45 13.33 13.52
N LEU P 372 11.82 13.39 12.34
CA LEU P 372 11.22 12.20 11.75
C LEU P 372 12.25 11.15 11.37
N VAL P 373 13.53 11.52 11.21
CA VAL P 373 14.55 10.54 10.88
C VAL P 373 15.20 9.93 12.12
N ASN P 374 15.20 10.64 13.25
CA ASN P 374 15.73 10.08 14.47
C ASN P 374 14.80 9.05 15.09
N MET P 375 13.51 9.09 14.78
CA MET P 375 12.58 8.09 15.31
C MET P 375 12.95 6.70 14.83
N ILE P 376 13.37 6.57 13.58
CA ILE P 376 13.73 5.26 13.03
C ILE P 376 14.91 4.68 13.79
N VAL P 377 15.97 5.47 13.96
CA VAL P 377 17.16 4.95 14.64
C VAL P 377 16.87 4.69 16.11
N ALA P 378 16.06 5.53 16.75
CA ALA P 378 15.71 5.28 18.14
C ALA P 378 14.92 3.99 18.29
N GLN P 379 13.95 3.77 17.41
CA GLN P 379 13.17 2.54 17.45
C GLN P 379 14.04 1.31 17.22
N ARG P 380 14.97 1.40 16.26
CA ARG P 380 15.80 0.24 15.97
C ARG P 380 16.77 -0.05 17.11
N ASN P 381 17.31 1.01 17.73
CA ASN P 381 18.15 0.82 18.91
C ASN P 381 17.35 0.18 20.04
N TYR P 382 16.11 0.63 20.24
CA TYR P 382 15.26 0.06 21.28
C TYR P 382 15.03 -1.43 21.02
N GLN P 383 14.74 -1.79 19.77
CA GLN P 383 14.50 -3.20 19.45
C GLN P 383 15.75 -4.03 19.64
N SER P 384 16.91 -3.50 19.25
CA SER P 384 18.16 -4.22 19.45
C SER P 384 18.42 -4.42 20.95
N ASN P 385 18.08 -3.43 21.76
CA ASN P 385 18.23 -3.57 23.20
C ASN P 385 17.27 -4.62 23.75
N ALA P 386 16.04 -4.65 23.24
CA ALA P 386 15.08 -5.67 23.66
C ALA P 386 15.55 -7.06 23.29
N GLN P 387 16.28 -7.19 22.18
CA GLN P 387 16.91 -8.45 21.85
C GLN P 387 17.85 -8.91 22.96
N THR P 388 18.51 -7.98 23.65
CA THR P 388 19.35 -8.36 24.77
C THR P 388 18.55 -8.98 25.90
N ILE P 389 17.36 -8.44 26.20
CA ILE P 389 16.51 -9.04 27.23
C ILE P 389 16.02 -10.41 26.78
N LYS P 390 15.67 -10.54 25.50
CA LYS P 390 15.35 -11.87 24.98
C LYS P 390 16.49 -12.85 25.23
N THR P 391 17.70 -12.45 24.87
CA THR P 391 18.85 -13.34 25.03
C THR P 391 19.06 -13.70 26.50
N GLN P 392 19.00 -12.70 27.38
CA GLN P 392 19.21 -12.95 28.80
C GLN P 392 18.12 -13.84 29.38
N ASP P 393 16.86 -13.59 29.01
CA ASP P 393 15.76 -14.39 29.52
C ASP P 393 15.91 -15.85 29.09
N GLN P 394 16.15 -16.09 27.81
CA GLN P 394 16.33 -17.46 27.34
C GLN P 394 17.54 -18.10 27.98
N ILE P 395 18.62 -17.34 28.14
CA ILE P 395 19.89 -17.92 28.50
C ILE P 395 19.92 -18.25 29.98
N LEU P 396 19.13 -17.55 30.79
CA LEU P 396 19.01 -17.93 32.20
C LEU P 396 17.92 -18.97 32.38
N ASN P 397 16.91 -18.97 31.50
CA ASN P 397 15.90 -20.02 31.50
C ASN P 397 16.52 -21.38 31.21
N THR P 398 17.60 -21.41 30.43
CA THR P 398 18.33 -22.66 30.24
C THR P 398 18.80 -23.21 31.60
N LEU P 399 19.32 -22.33 32.46
CA LEU P 399 19.82 -22.79 33.74
C LEU P 399 18.70 -23.10 34.72
N VAL P 400 17.60 -22.37 34.65
CA VAL P 400 16.58 -22.46 35.71
C VAL P 400 15.94 -23.85 35.74
N ASN P 401 16.00 -24.60 34.63
CA ASN P 401 15.35 -25.90 34.58
C ASN P 401 16.26 -26.97 34.00
N LEU P 402 17.48 -27.08 34.51
CA LEU P 402 18.39 -28.13 34.08
C LEU P 402 18.38 -29.29 35.07
N SER Q 2 32.10 -23.02 10.84
CA SER Q 2 31.07 -22.60 11.78
C SER Q 2 30.40 -21.31 11.32
N PHE Q 3 30.57 -20.26 12.12
CA PHE Q 3 29.98 -18.97 11.80
C PHE Q 3 30.91 -18.07 10.99
N SER Q 4 32.15 -18.49 10.77
CA SER Q 4 33.15 -17.61 10.16
C SER Q 4 32.73 -17.18 8.76
N GLN Q 5 32.27 -18.12 7.93
CA GLN Q 5 31.89 -17.79 6.57
C GLN Q 5 30.76 -16.77 6.56
N ALA Q 6 29.72 -17.01 7.36
CA ALA Q 6 28.56 -16.14 7.36
C ALA Q 6 28.91 -14.75 7.89
N VAL Q 7 29.68 -14.68 8.97
CA VAL Q 7 30.02 -13.37 9.53
C VAL Q 7 30.91 -12.60 8.56
N SER Q 8 31.81 -13.30 7.86
CA SER Q 8 32.62 -12.64 6.85
C SER Q 8 31.76 -12.12 5.71
N GLY Q 9 30.74 -12.89 5.32
CA GLY Q 9 29.83 -12.43 4.28
C GLY Q 9 29.08 -11.18 4.68
N LEU Q 10 28.59 -11.14 5.92
CA LEU Q 10 27.91 -9.93 6.40
C LEU Q 10 28.88 -8.75 6.48
N ASN Q 11 30.11 -8.97 6.92
CA ASN Q 11 31.06 -7.87 6.97
C ASN Q 11 31.33 -7.32 5.57
N ALA Q 12 31.52 -8.21 4.59
CA ALA Q 12 31.76 -7.75 3.22
C ALA Q 12 30.56 -7.00 2.67
N ALA Q 13 29.35 -7.54 2.86
CA ALA Q 13 28.16 -6.88 2.35
C ALA Q 13 27.94 -5.53 3.04
N ALA Q 14 28.21 -5.45 4.35
CA ALA Q 14 28.07 -4.20 5.07
C ALA Q 14 29.08 -3.17 4.58
N THR Q 15 30.31 -3.59 4.30
CA THR Q 15 31.30 -2.67 3.75
C THR Q 15 30.87 -2.15 2.38
N ASN Q 16 30.32 -3.04 1.54
CA ASN Q 16 29.83 -2.62 0.23
C ASN Q 16 28.68 -1.62 0.38
N LEU Q 17 27.77 -1.89 1.30
CA LEU Q 17 26.68 -0.96 1.58
C LEU Q 17 27.22 0.38 2.07
N ASP Q 18 28.26 0.34 2.91
CA ASP Q 18 28.85 1.56 3.43
C ASP Q 18 29.46 2.41 2.32
N VAL Q 19 30.22 1.76 1.43
CA VAL Q 19 30.85 2.52 0.35
C VAL Q 19 29.81 3.06 -0.63
N ILE Q 20 28.76 2.29 -0.94
CA ILE Q 20 27.75 2.80 -1.85
C ILE Q 20 26.95 3.93 -1.21
N GLY Q 21 26.71 3.85 0.10
CA GLY Q 21 26.08 4.95 0.79
C GLY Q 21 26.92 6.20 0.78
N ASN Q 22 28.24 6.05 0.98
CA ASN Q 22 29.14 7.19 0.87
C ASN Q 22 29.09 7.80 -0.52
N ASN Q 23 29.08 6.94 -1.55
CA ASN Q 23 29.01 7.43 -2.92
C ASN Q 23 27.72 8.21 -3.16
N ILE Q 24 26.60 7.69 -2.64
CA ILE Q 24 25.32 8.38 -2.81
C ILE Q 24 25.33 9.72 -2.09
N ALA Q 25 25.89 9.75 -0.88
CA ALA Q 25 25.84 10.96 -0.07
C ALA Q 25 26.57 12.13 -0.73
N ASN Q 26 27.73 11.86 -1.32
CA ASN Q 26 28.56 12.89 -1.92
C ASN Q 26 28.21 13.17 -3.38
N SER Q 27 26.97 12.88 -3.79
CA SER Q 27 26.56 13.12 -5.17
C SER Q 27 26.49 14.60 -5.52
N ALA Q 28 26.77 15.50 -4.58
CA ALA Q 28 26.77 16.93 -4.86
C ALA Q 28 28.12 17.60 -4.66
N THR Q 29 29.10 16.90 -4.07
CA THR Q 29 30.43 17.47 -3.89
C THR Q 29 31.05 17.78 -5.26
N TYR Q 30 32.15 18.52 -5.25
CA TYR Q 30 32.79 18.95 -6.50
C TYR Q 30 34.05 18.15 -6.80
N GLY Q 31 34.99 18.09 -5.86
CA GLY Q 31 36.23 17.40 -6.10
C GLY Q 31 36.22 15.94 -5.72
N PHE Q 32 35.05 15.40 -5.39
CA PHE Q 32 34.93 14.05 -4.90
C PHE Q 32 35.01 13.04 -6.04
N LYS Q 33 35.67 11.91 -5.77
CA LYS Q 33 35.79 10.81 -6.72
C LYS Q 33 35.11 9.59 -6.14
N SER Q 34 34.31 8.92 -6.97
CA SER Q 34 33.57 7.75 -6.51
C SER Q 34 34.51 6.59 -6.22
N GLY Q 35 34.06 5.69 -5.36
CA GLY Q 35 34.85 4.53 -4.99
C GLY Q 35 34.00 3.27 -5.08
N THR Q 36 34.69 2.15 -5.29
CA THR Q 36 34.03 0.85 -5.40
C THR Q 36 34.79 -0.17 -4.58
N ALA Q 37 34.08 -1.20 -4.15
CA ALA Q 37 34.67 -2.25 -3.33
C ALA Q 37 35.36 -3.29 -4.21
N SER Q 38 36.07 -4.21 -3.56
CA SER Q 38 36.74 -5.29 -4.26
C SER Q 38 37.01 -6.41 -3.26
N PHE Q 39 36.38 -7.56 -3.47
CA PHE Q 39 36.47 -8.67 -2.55
C PHE Q 39 37.42 -9.74 -3.09
N ALA Q 40 37.67 -10.75 -2.25
CA ALA Q 40 38.44 -11.91 -2.67
C ALA Q 40 38.10 -13.07 -1.75
N ASP Q 41 38.32 -14.27 -2.24
CA ASP Q 41 38.17 -15.46 -1.42
C ASP Q 41 39.38 -15.66 -0.51
N MET Q 42 39.17 -16.45 0.54
CA MET Q 42 40.24 -16.82 1.46
C MET Q 42 40.30 -18.33 1.58
N PHE Q 43 41.51 -18.84 1.83
CA PHE Q 43 41.73 -20.27 1.94
C PHE Q 43 42.94 -20.51 2.83
N ALA Q 44 42.79 -21.40 3.81
CA ALA Q 44 43.90 -21.82 4.63
C ALA Q 44 44.49 -23.10 4.04
N GLY Q 45 45.32 -23.79 4.82
CA GLY Q 45 45.75 -25.12 4.43
C GLY Q 45 44.58 -26.08 4.25
N SER Q 46 43.48 -25.84 4.96
CA SER Q 46 42.27 -26.60 4.72
C SER Q 46 41.73 -26.27 3.34
N LYS Q 47 41.09 -27.25 2.72
CA LYS Q 47 40.67 -27.15 1.34
C LYS Q 47 39.18 -26.82 1.20
N VAL Q 48 38.56 -26.33 2.27
CA VAL Q 48 37.20 -25.79 2.25
C VAL Q 48 37.29 -24.29 2.48
N GLY Q 49 36.41 -23.55 1.82
CA GLY Q 49 36.45 -22.10 1.91
C GLY Q 49 36.19 -21.59 3.32
N LEU Q 50 36.71 -20.39 3.59
CA LEU Q 50 36.61 -19.77 4.92
C LEU Q 50 35.93 -18.42 4.90
N GLY Q 51 35.37 -17.99 3.78
CA GLY Q 51 34.67 -16.73 3.70
C GLY Q 51 35.25 -15.79 2.66
N VAL Q 52 34.95 -14.51 2.83
CA VAL Q 52 35.33 -13.47 1.87
C VAL Q 52 36.06 -12.36 2.60
N LYS Q 53 37.25 -12.03 2.11
CA LYS Q 53 38.04 -10.92 2.65
C LYS Q 53 37.98 -9.76 1.67
N VAL Q 54 37.65 -8.57 2.18
CA VAL Q 54 37.60 -7.38 1.34
C VAL Q 54 39.03 -7.03 0.95
N ALA Q 55 39.37 -7.21 -0.32
CA ALA Q 55 40.73 -6.94 -0.77
C ALA Q 55 41.08 -5.46 -0.60
N GLY Q 56 40.14 -4.58 -0.91
CA GLY Q 56 40.37 -3.16 -0.72
C GLY Q 56 39.30 -2.36 -1.44
N ILE Q 57 39.32 -1.06 -1.17
CA ILE Q 57 38.42 -0.11 -1.81
C ILE Q 57 39.22 0.72 -2.79
N THR Q 58 38.74 0.80 -4.03
CA THR Q 58 39.43 1.52 -5.09
C THR Q 58 38.59 2.71 -5.53
N GLN Q 59 39.27 3.82 -5.81
CA GLN Q 59 38.60 5.04 -6.25
C GLN Q 59 38.31 4.94 -7.74
N ASP Q 60 37.95 6.08 -8.35
CA ASP Q 60 37.77 6.13 -9.80
C ASP Q 60 38.07 7.55 -10.25
N PHE Q 61 39.17 7.72 -10.98
CA PHE Q 61 39.69 9.03 -11.32
C PHE Q 61 39.36 9.45 -12.76
N THR Q 62 38.19 9.06 -13.25
CA THR Q 62 37.75 9.54 -14.55
C THR Q 62 37.43 11.03 -14.47
N ASP Q 63 37.58 11.71 -15.60
CA ASP Q 63 37.26 13.13 -15.66
C ASP Q 63 35.76 13.34 -15.45
N GLY Q 64 35.44 14.32 -14.61
CA GLY Q 64 34.05 14.69 -14.38
C GLY Q 64 33.57 15.67 -15.43
N THR Q 65 32.32 16.09 -15.25
CA THR Q 65 31.71 17.07 -16.14
C THR Q 65 32.12 18.47 -15.69
N THR Q 66 32.79 19.19 -16.58
CA THR Q 66 33.25 20.54 -16.26
C THR Q 66 32.05 21.48 -16.20
N THR Q 67 31.71 21.91 -14.99
CA THR Q 67 30.58 22.80 -14.77
C THR Q 67 31.06 24.25 -14.74
N ASN Q 68 30.33 25.13 -15.39
CA ASN Q 68 30.70 26.53 -15.51
C ASN Q 68 29.96 27.35 -14.48
N THR Q 69 30.70 28.17 -13.72
CA THR Q 69 30.14 29.04 -12.70
C THR Q 69 30.27 30.51 -13.02
N GLY Q 70 31.48 30.97 -13.35
CA GLY Q 70 31.75 32.36 -13.64
C GLY Q 70 32.52 33.07 -12.55
N ARG Q 71 32.62 32.49 -11.36
CA ARG Q 71 33.39 33.09 -10.29
C ARG Q 71 34.87 33.12 -10.68
N GLY Q 72 35.52 34.26 -10.45
CA GLY Q 72 36.87 34.45 -10.95
C GLY Q 72 37.87 33.50 -10.32
N LEU Q 73 37.80 33.32 -9.01
CA LEU Q 73 38.77 32.49 -8.30
C LEU Q 73 38.35 31.04 -8.29
N ASP Q 74 38.13 30.46 -9.46
CA ASP Q 74 37.68 29.07 -9.57
C ASP Q 74 38.28 28.48 -10.84
N VAL Q 75 39.04 27.39 -10.69
CA VAL Q 75 39.73 26.76 -11.81
C VAL Q 75 39.43 25.26 -11.79
N ALA Q 76 39.38 24.67 -12.99
CA ALA Q 76 39.07 23.26 -13.16
C ALA Q 76 40.10 22.62 -14.08
N ILE Q 77 40.25 21.31 -13.95
CA ILE Q 77 41.23 20.53 -14.71
C ILE Q 77 40.47 19.65 -15.70
N SER Q 78 41.03 19.50 -16.90
CA SER Q 78 40.40 18.73 -17.96
C SER Q 78 41.05 17.37 -18.19
N GLN Q 79 42.19 17.09 -17.57
CA GLN Q 79 42.86 15.81 -17.74
C GLN Q 79 43.44 15.39 -16.40
N ASN Q 80 44.35 14.41 -16.43
CA ASN Q 80 45.03 14.00 -15.22
C ASN Q 80 45.89 15.13 -14.67
N GLY Q 81 45.95 15.23 -13.37
CA GLY Q 81 46.69 16.28 -12.70
C GLY Q 81 45.95 16.73 -11.46
N PHE Q 82 46.72 17.17 -10.46
CA PHE Q 82 46.16 17.58 -9.18
C PHE Q 82 46.90 18.82 -8.69
N PHE Q 83 46.21 19.62 -7.89
CA PHE Q 83 46.85 20.72 -7.19
C PHE Q 83 47.53 20.22 -5.93
N ARG Q 84 48.71 20.78 -5.66
CA ARG Q 84 49.50 20.46 -4.47
C ARG Q 84 49.32 21.57 -3.44
N LEU Q 85 48.92 21.19 -2.23
CA LEU Q 85 48.60 22.13 -1.17
C LEU Q 85 49.46 21.86 0.05
N VAL Q 86 49.69 22.91 0.83
CA VAL Q 86 50.40 22.79 2.10
C VAL Q 86 49.43 23.13 3.23
N ASP Q 87 49.87 22.95 4.47
CA ASP Q 87 49.02 23.20 5.63
C ASP Q 87 49.85 23.88 6.70
N SER Q 88 49.33 23.90 7.93
CA SER Q 88 50.04 24.54 9.03
C SER Q 88 51.40 23.91 9.27
N ASN Q 89 51.48 22.59 9.24
CA ASN Q 89 52.73 21.87 9.43
C ASN Q 89 53.53 21.73 8.13
N GLY Q 90 53.00 22.22 7.01
CA GLY Q 90 53.68 22.12 5.74
C GLY Q 90 53.48 20.82 5.00
N SER Q 91 52.74 19.87 5.56
CA SER Q 91 52.48 18.60 4.88
C SER Q 91 51.73 18.84 3.59
N VAL Q 92 52.16 18.17 2.52
CA VAL Q 92 51.59 18.39 1.20
C VAL Q 92 50.45 17.39 0.97
N PHE Q 93 49.34 17.91 0.45
CA PHE Q 93 48.22 17.09 -0.01
C PHE Q 93 47.96 17.42 -1.47
N TYR Q 94 47.11 16.60 -2.10
CA TYR Q 94 46.75 16.80 -3.49
C TYR Q 94 45.23 16.78 -3.63
N SER Q 95 44.73 17.68 -4.46
CA SER Q 95 43.29 17.88 -4.56
C SER Q 95 42.90 18.26 -5.98
N ARG Q 96 41.69 17.88 -6.37
CA ARG Q 96 41.09 18.30 -7.62
C ARG Q 96 40.07 19.41 -7.44
N ASN Q 97 39.94 19.96 -6.23
CA ASN Q 97 39.00 21.02 -5.97
C ASN Q 97 39.58 22.37 -6.37
N GLY Q 98 38.71 23.24 -6.89
CA GLY Q 98 39.16 24.53 -7.38
C GLY Q 98 38.53 25.72 -6.70
N GLN Q 99 37.89 25.50 -5.56
CA GLN Q 99 37.24 26.58 -4.81
C GLN Q 99 38.32 27.36 -4.09
N PHE Q 100 38.68 28.52 -4.64
CA PHE Q 100 39.81 29.30 -4.13
C PHE Q 100 39.33 30.65 -3.61
N LYS Q 101 40.03 31.13 -2.59
CA LYS Q 101 39.74 32.44 -2.00
C LYS Q 101 40.99 32.91 -1.28
N LEU Q 102 40.99 34.20 -0.92
CA LEU Q 102 42.09 34.81 -0.19
C LEU Q 102 41.76 34.81 1.30
N ASP Q 103 42.57 35.52 2.08
CA ASP Q 103 42.32 35.71 3.51
C ASP Q 103 43.07 36.97 3.95
N GLU Q 104 43.20 37.14 5.26
CA GLU Q 104 43.91 38.31 5.79
C GLU Q 104 45.37 38.31 5.36
N ASN Q 105 46.00 37.13 5.33
CA ASN Q 105 47.40 37.03 4.94
C ASN Q 105 47.63 37.17 3.45
N ARG Q 106 46.56 37.32 2.66
CA ARG Q 106 46.64 37.44 1.20
C ARG Q 106 47.30 36.20 0.59
N ASN Q 107 46.66 35.06 0.81
CA ASN Q 107 47.11 33.78 0.28
C ASN Q 107 45.98 33.08 -0.43
N LEU Q 108 46.27 32.50 -1.59
CA LEU Q 108 45.30 31.65 -2.27
C LEU Q 108 45.07 30.40 -1.45
N VAL Q 109 43.85 30.20 -0.99
CA VAL Q 109 43.52 29.12 -0.07
C VAL Q 109 42.17 28.56 -0.45
N ASN Q 110 42.02 27.24 -0.26
CA ASN Q 110 40.72 26.60 -0.43
C ASN Q 110 39.84 26.91 0.78
N MET Q 111 38.63 26.37 0.76
CA MET Q 111 37.64 26.69 1.79
C MET Q 111 37.88 25.95 3.11
N GLN Q 112 39.06 25.34 3.31
CA GLN Q 112 39.34 24.63 4.53
C GLN Q 112 40.61 25.08 5.23
N GLY Q 113 41.42 25.93 4.61
CA GLY Q 113 42.60 26.46 5.25
C GLY Q 113 43.90 25.77 4.88
N MET Q 114 44.10 25.50 3.60
CA MET Q 114 45.37 24.99 3.09
C MET Q 114 45.86 25.91 1.99
N GLN Q 115 47.05 26.47 2.18
CA GLN Q 115 47.59 27.44 1.24
C GLN Q 115 47.95 26.76 -0.08
N LEU Q 116 47.65 27.44 -1.19
CA LEU Q 116 47.97 26.93 -2.51
C LEU Q 116 49.39 27.31 -2.90
N THR Q 117 50.10 26.37 -3.52
CA THR Q 117 51.51 26.55 -3.86
C THR Q 117 51.71 26.60 -5.38
N GLY Q 118 52.67 27.41 -5.81
CA GLY Q 118 53.00 27.53 -7.21
C GLY Q 118 54.39 28.10 -7.36
N TYR Q 119 54.81 28.23 -8.62
CA TYR Q 119 56.14 28.76 -8.90
C TYR Q 119 56.21 30.24 -8.57
N PRO Q 120 57.16 30.68 -7.75
CA PRO Q 120 57.36 32.11 -7.55
C PRO Q 120 57.90 32.78 -8.80
N ALA Q 121 57.60 34.06 -8.95
CA ALA Q 121 58.02 34.85 -10.10
C ALA Q 121 58.90 36.00 -9.65
N THR Q 122 60.04 36.17 -10.32
CA THR Q 122 60.98 37.23 -10.01
C THR Q 122 61.50 37.85 -11.30
N GLY Q 123 62.13 39.01 -11.16
CA GLY Q 123 62.74 39.70 -12.28
C GLY Q 123 62.32 41.16 -12.35
N THR Q 124 62.93 41.87 -13.30
CA THR Q 124 62.60 43.27 -13.58
C THR Q 124 62.42 43.45 -15.07
N PRO Q 125 61.19 43.32 -15.58
CA PRO Q 125 59.95 43.00 -14.86
C PRO Q 125 59.89 41.55 -14.42
N PRO Q 126 59.14 41.27 -13.35
CA PRO Q 126 59.09 39.90 -12.83
C PRO Q 126 58.58 38.91 -13.86
N THR Q 127 59.40 37.91 -14.15
CA THR Q 127 59.03 36.77 -14.97
C THR Q 127 58.87 35.54 -14.08
N ILE Q 128 58.28 34.50 -14.63
CA ILE Q 128 57.95 33.31 -13.86
C ILE Q 128 59.17 32.39 -13.82
N GLN Q 129 59.56 31.96 -12.62
CA GLN Q 129 60.68 31.05 -12.47
C GLN Q 129 60.20 29.62 -12.64
N GLN Q 130 60.63 28.98 -13.73
CA GLN Q 130 60.17 27.63 -14.06
C GLN Q 130 60.78 26.56 -13.17
N GLY Q 131 62.04 26.70 -12.79
CA GLY Q 131 62.71 25.65 -12.03
C GLY Q 131 62.71 25.87 -10.54
N ALA Q 132 62.32 27.06 -10.09
CA ALA Q 132 62.32 27.37 -8.67
C ALA Q 132 61.33 26.48 -7.93
N ASN Q 133 61.70 26.09 -6.71
CA ASN Q 133 60.83 25.24 -5.91
C ASN Q 133 59.53 25.99 -5.59
N PRO Q 134 58.39 25.32 -5.64
CA PRO Q 134 57.12 26.01 -5.41
C PRO Q 134 57.01 26.57 -4.01
N ALA Q 135 56.34 27.71 -3.91
CA ALA Q 135 56.07 28.40 -2.66
C ALA Q 135 54.60 28.81 -2.61
N PRO Q 136 54.04 29.04 -1.43
CA PRO Q 136 52.66 29.51 -1.34
C PRO Q 136 52.49 30.84 -2.07
N ILE Q 137 51.36 30.98 -2.76
CA ILE Q 137 51.09 32.17 -3.54
C ILE Q 137 50.63 33.29 -2.62
N THR Q 138 51.25 34.47 -2.76
CA THR Q 138 50.90 35.64 -1.97
C THR Q 138 50.61 36.80 -2.91
N ILE Q 139 49.62 37.61 -2.55
CA ILE Q 139 49.26 38.77 -3.34
C ILE Q 139 49.28 40.01 -2.45
N PRO Q 140 50.44 40.64 -2.26
CA PRO Q 140 50.48 41.89 -1.50
C PRO Q 140 49.72 42.99 -2.22
N ASN Q 141 49.19 43.92 -1.42
CA ASN Q 141 48.39 45.02 -1.95
C ASN Q 141 49.21 46.27 -2.25
N THR Q 142 50.52 46.22 -2.07
CA THR Q 142 51.35 47.41 -2.29
C THR Q 142 51.41 47.75 -3.78
N LEU Q 143 51.91 48.95 -4.05
CA LEU Q 143 52.06 49.46 -5.40
C LEU Q 143 53.48 49.24 -5.90
N MET Q 144 53.65 49.25 -7.21
CA MET Q 144 54.95 49.09 -7.84
C MET Q 144 55.47 50.46 -8.27
N ALA Q 145 56.73 50.74 -7.97
CA ALA Q 145 57.31 52.04 -8.27
C ALA Q 145 57.54 52.20 -9.77
N ALA Q 146 57.78 53.44 -10.17
CA ALA Q 146 58.08 53.73 -11.57
C ALA Q 146 59.42 53.12 -11.97
N LYS Q 147 59.52 52.77 -13.25
CA LYS Q 147 60.77 52.31 -13.83
C LYS Q 147 61.29 53.38 -14.78
N SER Q 148 62.56 53.75 -14.62
CA SER Q 148 63.15 54.80 -15.44
C SER Q 148 63.18 54.36 -16.90
N THR Q 149 63.15 55.36 -17.79
CA THR Q 149 63.18 55.12 -19.22
C THR Q 149 64.63 54.92 -19.65
N THR Q 150 64.97 53.68 -20.03
CA THR Q 150 66.33 53.35 -20.43
C THR Q 150 66.51 53.19 -21.93
N THR Q 151 65.43 52.98 -22.69
CA THR Q 151 65.51 52.89 -24.13
C THR Q 151 64.14 53.17 -24.72
N ALA Q 152 64.12 53.79 -25.89
CA ALA Q 152 62.87 54.12 -26.57
C ALA Q 152 63.08 54.02 -28.08
N SER Q 153 61.97 53.81 -28.79
CA SER Q 153 61.99 53.74 -30.24
C SER Q 153 60.97 54.72 -30.79
N MET Q 154 61.30 55.30 -31.95
CA MET Q 154 60.44 56.31 -32.55
C MET Q 154 60.69 56.27 -34.06
N GLN Q 155 59.83 55.54 -34.78
CA GLN Q 155 59.91 55.53 -36.23
C GLN Q 155 59.38 56.84 -36.80
N ILE Q 156 60.06 57.32 -37.85
CA ILE Q 156 59.66 58.55 -38.52
C ILE Q 156 59.70 58.31 -40.03
N ASN Q 157 58.68 58.80 -40.73
CA ASN Q 157 58.60 58.72 -42.19
C ASN Q 157 58.70 60.15 -42.72
N LEU Q 158 59.90 60.55 -43.12
CA LEU Q 158 60.19 61.91 -43.53
C LEU Q 158 59.67 62.15 -44.96
N ASN Q 159 59.99 63.32 -45.51
CA ASN Q 159 59.58 63.69 -46.85
C ASN Q 159 60.83 63.94 -47.68
N SER Q 160 60.89 63.31 -48.86
CA SER Q 160 62.01 63.47 -49.77
C SER Q 160 61.89 64.70 -50.66
N THR Q 161 60.71 65.32 -50.70
CA THR Q 161 60.50 66.59 -51.39
C THR Q 161 60.53 67.77 -50.43
N ASP Q 162 61.17 67.59 -49.27
CA ASP Q 162 61.19 68.57 -48.20
C ASP Q 162 62.38 69.49 -48.38
N PRO Q 163 62.17 70.81 -48.47
CA PRO Q 163 63.31 71.73 -48.65
C PRO Q 163 64.13 71.90 -47.38
N VAL Q 164 65.11 72.81 -47.42
CA VAL Q 164 65.94 73.11 -46.27
C VAL Q 164 65.42 74.39 -45.62
N PRO Q 165 65.28 74.43 -44.30
CA PRO Q 165 64.81 75.66 -43.64
C PRO Q 165 65.77 76.82 -43.88
N SER Q 166 65.18 78.01 -43.96
CA SER Q 166 65.91 79.21 -44.34
C SER Q 166 66.68 79.86 -43.21
N LYS Q 167 66.06 80.05 -42.04
CA LYS Q 167 66.70 80.73 -40.92
C LYS Q 167 67.73 79.79 -40.31
N THR Q 168 68.98 79.97 -40.74
CA THR Q 168 70.03 79.01 -40.39
C THR Q 168 70.42 78.98 -38.90
N PRO Q 169 70.31 80.06 -38.09
CA PRO Q 169 70.57 79.89 -36.65
C PRO Q 169 69.42 79.16 -35.98
N PHE Q 170 69.64 77.89 -35.66
CA PHE Q 170 68.57 77.01 -35.19
C PHE Q 170 68.16 77.42 -33.78
N SER Q 171 66.97 78.02 -33.66
CA SER Q 171 66.44 78.43 -32.37
C SER Q 171 65.57 77.30 -31.80
N VAL Q 172 64.79 77.62 -30.78
CA VAL Q 172 63.96 76.64 -30.08
C VAL Q 172 62.58 76.53 -30.70
N SER Q 173 61.84 77.64 -30.77
CA SER Q 173 60.44 77.61 -31.15
C SER Q 173 60.18 78.10 -32.58
N ASP Q 174 61.11 78.83 -33.19
CA ASP Q 174 60.89 79.38 -34.52
C ASP Q 174 60.84 78.25 -35.53
N ALA Q 175 59.67 78.05 -36.15
CA ALA Q 175 59.49 76.97 -37.10
C ALA Q 175 60.32 77.16 -38.37
N ASP Q 176 60.86 78.37 -38.60
CA ASP Q 176 61.67 78.60 -39.78
C ASP Q 176 63.04 77.94 -39.70
N SER Q 177 63.39 77.36 -38.54
CA SER Q 177 64.68 76.70 -38.37
C SER Q 177 64.59 75.17 -38.43
N TYR Q 178 63.39 74.60 -38.37
CA TYR Q 178 63.26 73.15 -38.41
C TYR Q 178 62.11 72.76 -39.32
N ASN Q 179 62.17 71.54 -39.84
CA ASN Q 179 61.10 70.98 -40.64
C ASN Q 179 60.09 70.18 -39.84
N LYS Q 180 60.52 69.53 -38.75
CA LYS Q 180 59.60 68.78 -37.90
C LYS Q 180 59.91 69.06 -36.44
N LYS Q 181 58.87 69.25 -35.63
CA LYS Q 181 59.01 69.38 -34.18
C LYS Q 181 57.97 68.47 -33.54
N GLY Q 182 58.42 67.27 -33.13
CA GLY Q 182 57.57 66.31 -32.47
C GLY Q 182 57.84 66.27 -30.97
N THR Q 183 56.89 65.66 -30.25
CA THR Q 183 56.96 65.58 -28.81
C THR Q 183 56.79 64.13 -28.36
N VAL Q 184 57.64 63.70 -27.45
CA VAL Q 184 57.58 62.37 -26.87
C VAL Q 184 57.57 62.49 -25.35
N THR Q 185 56.96 61.52 -24.70
CA THR Q 185 56.82 61.51 -23.25
C THR Q 185 57.65 60.37 -22.67
N VAL Q 186 58.49 60.69 -21.69
CA VAL Q 186 59.32 59.70 -21.00
C VAL Q 186 59.18 59.91 -19.50
N TYR Q 187 59.79 59.02 -18.73
CA TYR Q 187 59.73 59.07 -17.28
C TYR Q 187 61.08 58.75 -16.67
N ASP Q 188 61.37 59.39 -15.54
CA ASP Q 188 62.66 59.29 -14.86
C ASP Q 188 62.55 58.34 -13.67
N SER Q 189 63.61 58.30 -12.85
CA SER Q 189 63.70 57.37 -11.74
C SER Q 189 62.51 57.48 -10.79
N GLN Q 190 62.12 58.70 -10.44
CA GLN Q 190 61.02 58.91 -9.52
C GLN Q 190 59.67 59.01 -10.20
N GLY Q 191 59.60 58.74 -11.51
CA GLY Q 191 58.36 58.80 -12.24
C GLY Q 191 57.96 60.19 -12.70
N ASN Q 192 58.78 61.20 -12.43
CA ASN Q 192 58.48 62.56 -12.87
C ASN Q 192 58.51 62.61 -14.40
N ALA Q 193 57.37 62.89 -15.00
CA ALA Q 193 57.25 62.85 -16.45
C ALA Q 193 58.11 63.94 -17.10
N HIS Q 194 58.54 63.65 -18.31
CA HIS Q 194 59.33 64.57 -19.11
C HIS Q 194 58.81 64.58 -20.53
N ASP Q 195 58.79 65.77 -21.13
CA ASP Q 195 58.42 65.94 -22.53
C ASP Q 195 59.65 66.37 -23.32
N MET Q 196 59.99 65.60 -24.35
CA MET Q 196 61.16 65.85 -25.19
C MET Q 196 60.67 66.26 -26.57
N ASN Q 197 61.10 67.42 -27.03
CA ASN Q 197 60.84 67.87 -28.39
C ASN Q 197 62.02 67.50 -29.28
N VAL Q 198 61.71 66.75 -30.34
CA VAL Q 198 62.70 66.35 -31.33
C VAL Q 198 62.46 67.14 -32.61
N TYR Q 199 63.52 67.73 -33.13
CA TYR Q 199 63.47 68.59 -34.31
C TYR Q 199 64.23 67.91 -35.44
N PHE Q 200 63.56 67.71 -36.56
CA PHE Q 200 64.16 67.12 -37.75
C PHE Q 200 64.34 68.22 -38.79
N VAL Q 201 65.59 68.42 -39.22
CA VAL Q 201 65.97 69.47 -40.15
C VAL Q 201 66.76 68.85 -41.29
N LYS Q 202 66.35 69.10 -42.53
CA LYS Q 202 67.17 68.66 -43.65
C LYS Q 202 68.37 69.59 -43.81
N THR Q 203 69.57 69.01 -43.71
CA THR Q 203 70.80 69.81 -43.79
C THR Q 203 71.31 69.93 -45.23
N LYS Q 204 71.45 68.80 -45.91
CA LYS Q 204 71.92 68.78 -47.28
C LYS Q 204 71.23 67.61 -47.98
N ASP Q 205 71.78 67.19 -49.13
CA ASP Q 205 71.16 66.14 -49.92
C ASP Q 205 71.04 64.86 -49.09
N ASN Q 206 69.79 64.48 -48.79
CA ASN Q 206 69.47 63.22 -48.12
C ASN Q 206 70.17 63.10 -46.77
N GLU Q 207 70.25 64.20 -46.02
CA GLU Q 207 70.88 64.22 -44.70
C GLU Q 207 69.98 64.97 -43.74
N TRP Q 208 69.68 64.36 -42.59
CA TRP Q 208 68.73 64.92 -41.64
C TRP Q 208 69.35 65.03 -40.26
N ALA Q 209 69.38 66.24 -39.71
CA ALA Q 209 69.84 66.46 -38.36
C ALA Q 209 68.68 66.40 -37.39
N VAL Q 210 68.93 65.85 -36.20
CA VAL Q 210 67.93 65.68 -35.15
C VAL Q 210 68.41 66.42 -33.91
N TYR Q 211 67.52 67.23 -33.35
CA TYR Q 211 67.83 68.11 -32.22
C TYR Q 211 66.90 67.73 -31.08
N THR Q 212 67.47 67.57 -29.88
CA THR Q 212 66.68 67.23 -28.71
C THR Q 212 66.60 68.42 -27.76
N HIS Q 213 65.37 68.73 -27.33
CA HIS Q 213 65.16 69.81 -26.36
C HIS Q 213 64.21 69.31 -25.28
N ASP Q 214 64.41 69.78 -24.06
CA ASP Q 214 63.60 69.37 -22.92
C ASP Q 214 62.53 70.42 -22.64
N SER Q 215 61.27 70.01 -22.70
CA SER Q 215 60.16 70.88 -22.37
C SER Q 215 59.81 70.88 -20.89
N SER Q 216 60.27 69.87 -20.14
CA SER Q 216 60.04 69.80 -18.71
C SER Q 216 61.17 70.40 -17.89
N ASP Q 217 62.25 70.83 -18.53
CA ASP Q 217 63.37 71.41 -17.81
C ASP Q 217 63.32 72.93 -17.95
N PRO Q 218 63.06 73.68 -16.86
CA PRO Q 218 63.03 75.15 -16.98
C PRO Q 218 64.35 75.75 -17.42
N ALA Q 219 65.47 75.16 -17.01
CA ALA Q 219 66.80 75.65 -17.35
C ALA Q 219 67.39 74.94 -18.57
N ALA Q 220 66.54 74.44 -19.45
CA ALA Q 220 67.00 73.73 -20.64
C ALA Q 220 67.67 74.71 -21.60
N THR Q 221 68.87 74.36 -22.06
CA THR Q 221 69.60 75.22 -22.98
C THR Q 221 68.93 75.23 -24.35
N ALA Q 222 69.19 76.29 -25.10
CA ALA Q 222 68.59 76.44 -26.42
C ALA Q 222 69.30 75.53 -27.42
N PRO Q 223 68.60 74.59 -28.05
CA PRO Q 223 69.25 73.73 -29.04
C PRO Q 223 69.55 74.50 -30.31
N THR Q 224 70.79 74.40 -30.78
CA THR Q 224 71.18 74.96 -32.06
C THR Q 224 71.95 73.92 -32.87
N THR Q 225 72.66 73.04 -32.16
CA THR Q 225 73.41 71.96 -32.79
C THR Q 225 72.62 70.65 -32.71
N ALA Q 226 72.83 69.80 -33.71
CA ALA Q 226 72.06 68.57 -33.82
C ALA Q 226 72.41 67.59 -32.70
N SER Q 227 71.39 66.94 -32.15
CA SER Q 227 71.63 65.85 -31.23
C SER Q 227 72.24 64.65 -31.94
N THR Q 228 71.83 64.40 -33.18
CA THR Q 228 72.41 63.33 -33.99
C THR Q 228 72.19 63.64 -35.46
N THR Q 229 72.72 62.78 -36.32
CA THR Q 229 72.60 62.94 -37.76
C THR Q 229 72.06 61.65 -38.37
N LEU Q 230 71.48 61.79 -39.55
CA LEU Q 230 70.83 60.68 -40.25
C LEU Q 230 71.28 60.71 -41.70
N LYS Q 231 71.95 59.64 -42.14
CA LYS Q 231 72.39 59.45 -43.51
C LYS Q 231 71.54 58.34 -44.11
N PHE Q 232 70.61 58.70 -44.98
CA PHE Q 232 69.67 57.75 -45.55
C PHE Q 232 70.24 57.14 -46.83
N ASN Q 233 69.50 56.17 -47.38
CA ASN Q 233 69.85 55.60 -48.67
C ASN Q 233 69.41 56.53 -49.79
N GLU Q 234 69.97 56.29 -50.98
CA GLU Q 234 69.52 56.99 -52.18
C GLU Q 234 68.04 56.76 -52.46
N ASN Q 235 67.50 55.61 -52.07
CA ASN Q 235 66.08 55.34 -52.18
C ASN Q 235 65.29 55.88 -51.00
N GLY Q 236 65.90 56.00 -49.83
CA GLY Q 236 65.23 56.47 -48.64
C GLY Q 236 65.27 55.55 -47.43
N ILE Q 237 66.28 54.68 -47.32
CA ILE Q 237 66.41 53.76 -46.20
C ILE Q 237 67.49 54.26 -45.26
N LEU Q 238 67.20 54.28 -43.97
CA LEU Q 238 68.16 54.75 -42.99
C LEU Q 238 69.14 53.64 -42.62
N GLU Q 239 70.44 53.95 -42.66
CA GLU Q 239 71.48 53.00 -42.32
C GLU Q 239 72.32 53.42 -41.13
N SER Q 240 72.80 54.66 -41.12
CA SER Q 240 73.73 55.11 -40.08
C SER Q 240 73.17 56.34 -39.41
N GLY Q 241 73.50 56.48 -38.12
CA GLY Q 241 73.04 57.60 -37.33
C GLY Q 241 71.62 57.49 -36.82
N GLY Q 242 70.92 56.40 -37.11
CA GLY Q 242 69.56 56.22 -36.64
C GLY Q 242 69.44 56.02 -35.14
N THR Q 243 70.52 55.62 -34.48
CA THR Q 243 70.56 55.48 -33.03
C THR Q 243 71.08 56.77 -32.41
N VAL Q 244 70.53 57.11 -31.25
CA VAL Q 244 70.93 58.32 -30.54
C VAL Q 244 70.70 58.11 -29.05
N ASN Q 245 71.68 58.50 -28.26
CA ASN Q 245 71.60 58.45 -26.80
C ASN Q 245 71.39 59.86 -26.27
N ILE Q 246 70.33 60.05 -25.49
CA ILE Q 246 69.92 61.37 -25.02
C ILE Q 246 69.77 61.32 -23.51
N THR Q 247 70.26 62.38 -22.86
CA THR Q 247 70.14 62.57 -21.42
C THR Q 247 69.13 63.67 -21.17
N THR Q 248 68.04 63.33 -20.49
CA THR Q 248 67.00 64.31 -20.21
C THR Q 248 67.43 65.25 -19.08
N GLY Q 249 66.56 66.19 -18.74
CA GLY Q 249 66.82 67.13 -17.68
C GLY Q 249 66.60 66.51 -16.31
N THR Q 250 66.85 67.33 -15.28
CA THR Q 250 66.74 66.91 -13.90
C THR Q 250 65.64 67.72 -13.21
N ILE Q 251 64.68 67.02 -12.63
CA ILE Q 251 63.62 67.64 -11.83
C ILE Q 251 63.49 66.84 -10.53
N ASN Q 252 63.15 67.55 -9.46
CA ASN Q 252 63.03 66.97 -8.12
C ASN Q 252 64.34 66.33 -7.65
N GLY Q 253 65.47 66.77 -8.18
CA GLY Q 253 66.75 66.23 -7.80
C GLY Q 253 67.00 64.81 -8.25
N ALA Q 254 66.14 64.25 -9.09
CA ALA Q 254 66.28 62.87 -9.52
C ALA Q 254 67.41 62.74 -10.54
N THR Q 255 67.82 61.50 -10.79
CA THR Q 255 68.84 61.22 -11.79
C THR Q 255 68.25 61.33 -13.17
N ALA Q 256 68.99 61.99 -14.07
CA ALA Q 256 68.53 62.17 -15.44
C ALA Q 256 68.33 60.83 -16.12
N ALA Q 257 67.20 60.69 -16.81
CA ALA Q 257 66.91 59.47 -17.55
C ALA Q 257 67.74 59.43 -18.83
N THR Q 258 68.76 58.60 -18.84
CA THR Q 258 69.63 58.42 -20.00
C THR Q 258 69.07 57.28 -20.84
N PHE Q 259 68.66 57.58 -22.07
CA PHE Q 259 68.02 56.53 -22.86
C PHE Q 259 68.32 56.71 -24.33
N SER Q 260 68.17 55.62 -25.07
CA SER Q 260 68.36 55.61 -26.51
C SER Q 260 67.03 55.85 -27.22
N LEU Q 261 67.09 56.58 -28.32
CA LEU Q 261 65.93 56.97 -29.10
C LEU Q 261 66.12 56.60 -30.57
N SER Q 262 66.52 55.35 -30.79
CA SER Q 262 66.82 54.88 -32.14
C SER Q 262 65.63 55.03 -33.06
N PHE Q 263 65.87 55.60 -34.23
CA PHE Q 263 64.87 55.68 -35.30
C PHE Q 263 65.02 54.49 -36.25
N LEU Q 264 64.98 53.28 -35.69
CA LEU Q 264 65.16 52.09 -36.49
C LEU Q 264 64.04 51.94 -37.50
N ASN Q 265 64.40 51.46 -38.69
CA ASN Q 265 63.48 51.21 -39.81
C ASN Q 265 62.82 52.50 -40.31
N SER Q 266 63.37 53.66 -39.96
CA SER Q 266 62.82 54.92 -40.47
C SER Q 266 63.14 55.07 -41.96
N MET Q 267 62.20 55.70 -42.66
CA MET Q 267 62.29 55.83 -44.12
C MET Q 267 61.92 57.25 -44.53
N GLN Q 268 62.43 57.65 -45.70
CA GLN Q 268 62.07 58.93 -46.29
C GLN Q 268 62.06 58.74 -47.81
N GLN Q 269 60.85 58.57 -48.35
CA GLN Q 269 60.66 58.30 -49.77
C GLN Q 269 59.51 59.14 -50.32
N ASN Q 270 59.48 60.41 -49.94
CA ASN Q 270 58.43 61.34 -50.38
C ASN Q 270 57.04 60.81 -50.05
N THR Q 271 56.89 60.34 -48.81
CA THR Q 271 55.61 59.82 -48.33
C THR Q 271 54.71 60.98 -47.89
N GLY Q 272 54.30 61.77 -48.88
CA GLY Q 272 53.50 62.95 -48.63
C GLY Q 272 54.18 63.94 -47.71
N ALA Q 273 53.62 64.12 -46.52
CA ALA Q 273 54.24 64.93 -45.48
C ALA Q 273 54.92 64.03 -44.45
N ASN Q 274 55.77 64.64 -43.64
CA ASN Q 274 56.47 63.88 -42.61
C ASN Q 274 55.49 63.40 -41.53
N ASN Q 275 55.72 62.19 -41.05
CA ASN Q 275 54.80 61.57 -40.12
C ASN Q 275 55.53 60.53 -39.29
N ILE Q 276 55.13 60.40 -38.03
CA ILE Q 276 55.65 59.38 -37.12
C ILE Q 276 54.52 58.45 -36.74
N VAL Q 277 54.77 57.15 -36.81
CA VAL Q 277 53.72 56.16 -36.56
C VAL Q 277 54.07 55.15 -35.49
N ALA Q 278 55.35 54.84 -35.25
CA ALA Q 278 55.74 53.83 -34.27
C ALA Q 278 56.58 54.51 -33.18
N THR Q 279 55.93 54.92 -32.09
CA THR Q 279 56.59 55.55 -30.97
C THR Q 279 56.30 54.75 -29.71
N ASN Q 280 57.34 54.48 -28.93
CA ASN Q 280 57.19 53.73 -27.68
C ASN Q 280 58.43 53.94 -26.83
N GLN Q 281 58.27 53.70 -25.54
CA GLN Q 281 59.35 53.85 -24.57
C GLN Q 281 59.27 52.72 -23.56
N ASN Q 282 60.33 52.56 -22.77
CA ASN Q 282 60.40 51.51 -21.76
C ASN Q 282 60.25 52.06 -20.34
N GLY Q 283 59.81 53.31 -20.21
CA GLY Q 283 59.58 53.90 -18.90
C GLY Q 283 58.12 54.17 -18.64
N TYR Q 284 57.73 54.21 -17.37
CA TYR Q 284 56.32 54.40 -17.02
C TYR Q 284 56.23 54.94 -15.60
N LYS Q 285 55.25 55.82 -15.37
CA LYS Q 285 54.99 56.34 -14.04
C LYS Q 285 54.41 55.24 -13.15
N PRO Q 286 54.53 55.37 -11.83
CA PRO Q 286 54.13 54.28 -10.94
C PRO Q 286 52.63 54.07 -10.95
N GLY Q 287 52.23 52.86 -10.57
CA GLY Q 287 50.82 52.50 -10.48
C GLY Q 287 50.59 51.56 -9.32
N ASP Q 288 49.34 51.52 -8.87
CA ASP Q 288 48.96 50.69 -7.74
C ASP Q 288 48.06 49.55 -8.18
N LEU Q 289 48.08 48.47 -7.39
CA LEU Q 289 47.28 47.29 -7.69
C LEU Q 289 45.81 47.63 -7.78
N VAL Q 290 45.19 47.32 -8.92
CA VAL Q 290 43.79 47.62 -9.17
C VAL Q 290 42.96 46.36 -9.34
N SER Q 291 43.51 45.34 -9.99
CA SER Q 291 42.75 44.12 -10.27
C SER Q 291 43.71 42.97 -10.51
N TYR Q 292 43.15 41.76 -10.49
CA TYR Q 292 43.92 40.55 -10.76
C TYR Q 292 42.98 39.51 -11.35
N GLN Q 293 43.56 38.58 -12.11
CA GLN Q 293 42.79 37.50 -12.71
C GLN Q 293 43.73 36.36 -13.06
N ILE Q 294 43.16 35.18 -13.30
CA ILE Q 294 43.92 33.96 -13.55
C ILE Q 294 43.65 33.51 -14.98
N ASN Q 295 44.72 33.32 -15.74
CA ASN Q 295 44.62 32.83 -17.11
C ASN Q 295 44.38 31.32 -17.12
N ASN Q 296 43.94 30.82 -18.27
CA ASN Q 296 43.64 29.40 -18.41
C ASN Q 296 44.89 28.52 -18.41
N ASP Q 297 46.08 29.11 -18.48
CA ASP Q 297 47.33 28.35 -18.44
C ASP Q 297 47.91 28.26 -17.04
N GLY Q 298 47.19 28.78 -16.04
CA GLY Q 298 47.63 28.73 -14.66
C GLY Q 298 48.37 29.95 -14.17
N THR Q 299 48.66 30.91 -15.05
CA THR Q 299 49.33 32.13 -14.63
C THR Q 299 48.35 33.08 -13.95
N VAL Q 300 48.83 33.80 -12.95
CA VAL Q 300 48.06 34.84 -12.30
C VAL Q 300 48.67 36.18 -12.69
N VAL Q 301 47.81 37.12 -13.10
CA VAL Q 301 48.25 38.40 -13.64
C VAL Q 301 47.71 39.51 -12.73
N GLY Q 302 48.60 40.37 -12.26
CA GLY Q 302 48.22 41.47 -11.38
C GLY Q 302 48.20 42.80 -12.10
N ASN Q 303 47.02 43.39 -12.25
CA ASN Q 303 46.86 44.64 -13.00
C ASN Q 303 47.11 45.84 -12.10
N TYR Q 304 47.70 46.88 -12.68
CA TYR Q 304 47.99 48.12 -11.99
C TYR Q 304 47.37 49.29 -12.75
N SER Q 305 47.34 50.45 -12.11
CA SER Q 305 46.68 51.63 -12.67
C SER Q 305 47.51 52.31 -13.75
N ASN Q 306 48.81 52.08 -13.79
CA ASN Q 306 49.70 52.73 -14.75
C ASN Q 306 49.65 52.09 -16.13
N GLU Q 307 48.65 51.26 -16.41
CA GLU Q 307 48.52 50.52 -17.66
C GLU Q 307 49.67 49.54 -17.86
N GLN Q 308 50.36 49.17 -16.78
CA GLN Q 308 51.46 48.22 -16.82
C GLN Q 308 51.07 46.99 -16.04
N GLU Q 309 51.20 45.82 -16.66
CA GLU Q 309 50.87 44.56 -16.05
C GLU Q 309 52.13 43.84 -15.58
N GLN Q 310 52.01 43.16 -14.44
CA GLN Q 310 53.08 42.32 -13.93
C GLN Q 310 52.49 41.01 -13.44
N VAL Q 311 53.02 39.89 -13.94
CA VAL Q 311 52.57 38.58 -13.50
C VAL Q 311 53.19 38.26 -12.14
N LEU Q 312 52.55 37.34 -11.41
CA LEU Q 312 53.00 36.98 -10.07
C LEU Q 312 53.40 35.51 -9.94
N GLY Q 313 52.88 34.63 -10.77
CA GLY Q 313 53.29 33.24 -10.72
C GLY Q 313 52.34 32.34 -11.50
N GLN Q 314 52.89 31.22 -11.94
CA GLN Q 314 52.13 30.17 -12.60
C GLN Q 314 51.92 29.02 -11.64
N ILE Q 315 50.70 28.46 -11.66
CA ILE Q 315 50.37 27.38 -10.75
C ILE Q 315 51.09 26.10 -11.17
N VAL Q 316 51.21 25.17 -10.24
CA VAL Q 316 51.89 23.90 -10.47
C VAL Q 316 50.88 22.76 -10.42
N LEU Q 317 51.02 21.81 -11.32
CA LEU Q 317 50.21 20.60 -11.36
C LEU Q 317 51.09 19.40 -11.09
N ALA Q 318 50.46 18.27 -10.77
CA ALA Q 318 51.20 17.05 -10.48
C ALA Q 318 50.34 15.85 -10.85
N ASN Q 319 50.98 14.85 -11.44
CA ASN Q 319 50.35 13.58 -11.72
C ASN Q 319 51.20 12.46 -11.12
N PHE Q 320 50.60 11.29 -10.98
CA PHE Q 320 51.27 10.16 -10.37
C PHE Q 320 51.27 8.98 -11.33
N ALA Q 321 52.36 8.20 -11.28
CA ALA Q 321 52.44 6.99 -12.09
C ALA Q 321 51.39 5.97 -11.68
N ASN Q 322 50.79 6.12 -10.51
CA ASN Q 322 49.76 5.17 -10.07
C ASN Q 322 48.72 5.94 -9.26
N ASN Q 323 47.51 6.04 -9.79
CA ASN Q 323 46.37 6.47 -8.99
C ASN Q 323 45.86 5.27 -8.20
N GLU Q 324 44.72 5.42 -7.54
CA GLU Q 324 44.08 4.36 -6.76
C GLU Q 324 44.92 3.89 -5.59
N GLY Q 325 46.06 4.54 -5.34
CA GLY Q 325 46.87 4.23 -4.17
C GLY Q 325 47.00 5.43 -3.28
N LEU Q 326 46.65 6.60 -3.82
CA LEU Q 326 46.63 7.83 -3.04
C LEU Q 326 45.61 7.71 -1.91
N ALA Q 327 46.10 7.77 -0.68
CA ALA Q 327 45.20 7.65 0.47
C ALA Q 327 44.25 8.82 0.54
N SER Q 328 42.97 8.52 0.77
CA SER Q 328 41.99 9.56 1.03
C SER Q 328 42.26 10.19 2.39
N GLN Q 329 42.04 11.50 2.47
CA GLN Q 329 42.51 12.28 3.61
C GLN Q 329 41.39 13.14 4.19
N GLY Q 330 40.22 12.54 4.41
CA GLY Q 330 39.14 13.28 5.01
C GLY Q 330 38.43 14.18 4.01
N ASP Q 331 38.74 15.47 4.04
CA ASP Q 331 38.12 16.42 3.14
C ASP Q 331 38.69 16.24 1.73
N ASN Q 332 38.39 17.18 0.85
CA ASN Q 332 38.67 16.98 -0.57
C ASN Q 332 40.16 17.08 -0.88
N VAL Q 333 40.96 16.19 -0.28
CA VAL Q 333 42.40 16.14 -0.52
C VAL Q 333 42.84 14.68 -0.45
N TRP Q 334 43.99 14.40 -1.07
CA TRP Q 334 44.65 13.12 -0.96
C TRP Q 334 46.13 13.36 -0.67
N ALA Q 335 46.78 12.36 -0.08
CA ALA Q 335 48.18 12.45 0.31
C ALA Q 335 48.97 11.36 -0.39
N ALA Q 336 50.12 11.72 -0.96
CA ALA Q 336 50.99 10.74 -1.58
C ALA Q 336 51.52 9.76 -0.55
N THR Q 337 51.41 8.47 -0.86
CA THR Q 337 51.87 7.38 -0.01
C THR Q 337 52.45 6.31 -0.92
N GLN Q 338 52.63 5.11 -0.36
CA GLN Q 338 52.92 3.97 -1.21
C GLN Q 338 51.77 3.75 -2.19
N ALA Q 339 52.06 3.03 -3.28
CA ALA Q 339 51.14 2.85 -4.40
C ALA Q 339 50.77 4.20 -5.03
N SER Q 340 51.69 5.16 -5.00
CA SER Q 340 51.46 6.44 -5.67
C SER Q 340 52.64 6.97 -6.46
N GLY Q 341 53.86 6.49 -6.24
CA GLY Q 341 54.99 6.99 -6.98
C GLY Q 341 55.47 8.34 -6.48
N VAL Q 342 56.40 8.91 -7.25
CA VAL Q 342 56.97 10.22 -6.93
C VAL Q 342 55.99 11.31 -7.32
N ALA Q 343 56.23 12.53 -6.83
CA ALA Q 343 55.30 13.63 -7.09
C ALA Q 343 55.26 14.00 -8.57
N LEU Q 344 56.44 14.22 -9.17
CA LEU Q 344 56.56 14.57 -10.58
C LEU Q 344 55.78 15.85 -10.89
N LEU Q 345 56.22 16.94 -10.29
CA LEU Q 345 55.57 18.24 -10.48
C LEU Q 345 55.76 18.72 -11.92
N GLY Q 346 54.98 19.72 -12.31
CA GLY Q 346 55.12 20.28 -13.64
C GLY Q 346 54.13 21.41 -13.85
N THR Q 347 54.12 21.89 -15.09
CA THR Q 347 53.26 23.00 -15.47
C THR Q 347 52.04 22.52 -16.25
N ALA Q 348 51.00 23.34 -16.24
CA ALA Q 348 49.77 23.01 -16.97
C ALA Q 348 49.85 23.34 -18.45
N GLY Q 349 50.95 23.90 -18.92
CA GLY Q 349 51.08 24.27 -20.31
C GLY Q 349 51.05 23.09 -21.26
N SER Q 350 52.07 22.24 -21.19
CA SER Q 350 52.17 21.09 -22.09
C SER Q 350 52.88 19.96 -21.34
N GLY Q 351 53.30 18.95 -22.09
CA GLY Q 351 53.98 17.80 -21.50
C GLY Q 351 53.04 16.62 -21.32
N ASN Q 352 52.81 16.24 -20.07
CA ASN Q 352 51.91 15.14 -19.75
C ASN Q 352 50.59 15.62 -19.14
N PHE Q 353 50.61 16.74 -18.43
CA PHE Q 353 49.43 17.26 -17.77
C PHE Q 353 48.48 17.88 -18.79
N GLY Q 354 47.25 18.14 -18.34
CA GLY Q 354 46.20 18.66 -19.18
C GLY Q 354 46.11 20.17 -19.14
N LYS Q 355 44.88 20.67 -19.28
CA LYS Q 355 44.60 22.10 -19.34
C LYS Q 355 43.93 22.57 -18.07
N LEU Q 356 43.79 23.89 -17.95
CA LEU Q 356 43.06 24.52 -16.87
C LEU Q 356 42.02 25.46 -17.45
N THR Q 357 40.89 25.56 -16.76
CA THR Q 357 39.82 26.46 -17.16
C THR Q 357 39.40 27.29 -15.97
N ASN Q 358 39.52 28.61 -16.07
CA ASN Q 358 39.13 29.51 -15.00
C ASN Q 358 37.63 29.77 -15.05
N GLY Q 359 37.06 30.04 -13.87
CA GLY Q 359 35.64 30.27 -13.76
C GLY Q 359 34.78 29.02 -13.84
N ALA Q 360 35.37 27.84 -13.62
CA ALA Q 360 34.64 26.59 -13.73
C ALA Q 360 35.25 25.58 -12.77
N LEU Q 361 34.46 24.56 -12.45
CA LEU Q 361 34.90 23.49 -11.56
C LEU Q 361 34.56 22.14 -12.19
N GLU Q 362 34.88 21.07 -11.48
CA GLU Q 362 34.66 19.71 -11.96
C GLU Q 362 33.57 19.05 -11.12
N ALA Q 363 32.73 18.25 -11.76
CA ALA Q 363 31.66 17.56 -11.06
C ALA Q 363 32.21 16.40 -10.23
N SER Q 364 31.30 15.70 -9.56
CA SER Q 364 31.65 14.61 -8.66
C SER Q 364 31.63 13.25 -9.33
N ASN Q 365 31.32 13.18 -10.63
CA ASN Q 365 31.34 12.01 -11.52
C ASN Q 365 30.65 10.79 -10.91
N VAL Q 366 29.81 10.98 -9.90
CA VAL Q 366 28.94 9.93 -9.38
C VAL Q 366 27.61 9.99 -10.12
N ASP Q 367 27.25 8.90 -10.77
CA ASP Q 367 25.96 8.81 -11.44
C ASP Q 367 24.93 8.16 -10.53
N LEU Q 368 23.83 8.87 -10.28
CA LEU Q 368 22.84 8.40 -9.31
C LEU Q 368 22.18 7.12 -9.78
N SER Q 369 21.87 7.02 -11.08
CA SER Q 369 21.13 5.86 -11.57
C SER Q 369 21.91 4.57 -11.38
N LYS Q 370 23.22 4.58 -11.66
CA LYS Q 370 24.00 3.36 -11.55
C LYS Q 370 24.21 2.99 -10.08
N GLU Q 371 24.53 3.98 -9.24
CA GLU Q 371 24.74 3.71 -7.82
C GLU Q 371 23.47 3.50 -7.07
N LEU Q 372 22.31 3.46 -7.72
CA LEU Q 372 21.05 3.22 -7.04
C LEU Q 372 20.54 1.80 -7.24
N VAL Q 373 21.05 1.08 -8.24
CA VAL Q 373 20.58 -0.28 -8.51
C VAL Q 373 21.45 -1.29 -7.76
N ASN Q 374 22.71 -0.93 -7.52
CA ASN Q 374 23.55 -1.79 -6.68
C ASN Q 374 23.06 -1.82 -5.24
N MET Q 375 22.29 -0.82 -4.83
CA MET Q 375 21.66 -0.84 -3.51
C MET Q 375 20.88 -2.12 -3.31
N ILE Q 376 20.02 -2.46 -4.27
CA ILE Q 376 19.12 -3.59 -4.14
C ILE Q 376 19.90 -4.89 -4.09
N VAL Q 377 20.87 -5.06 -4.98
CA VAL Q 377 21.61 -6.32 -5.03
C VAL Q 377 22.45 -6.48 -3.76
N ALA Q 378 23.02 -5.39 -3.26
CA ALA Q 378 23.76 -5.48 -2.00
C ALA Q 378 22.84 -5.88 -0.85
N GLN Q 379 21.65 -5.30 -0.79
CA GLN Q 379 20.72 -5.65 0.28
C GLN Q 379 20.29 -7.10 0.19
N ARG Q 380 19.99 -7.57 -1.02
CA ARG Q 380 19.59 -8.97 -1.19
C ARG Q 380 20.73 -9.91 -0.84
N ASN Q 381 21.96 -9.55 -1.20
CA ASN Q 381 23.11 -10.36 -0.84
C ASN Q 381 23.24 -10.45 0.67
N TYR Q 382 23.06 -9.31 1.36
CA TYR Q 382 23.14 -9.33 2.82
C TYR Q 382 22.06 -10.21 3.42
N GLN Q 383 20.83 -10.13 2.90
CA GLN Q 383 19.76 -10.96 3.44
C GLN Q 383 20.05 -12.44 3.23
N SER Q 384 20.53 -12.80 2.03
CA SER Q 384 20.86 -14.19 1.75
C SER Q 384 21.96 -14.67 2.68
N ASN Q 385 22.97 -13.82 2.94
CA ASN Q 385 24.04 -14.20 3.85
C ASN Q 385 23.52 -14.38 5.27
N ALA Q 386 22.61 -13.51 5.71
CA ALA Q 386 22.02 -13.63 7.04
C ALA Q 386 21.21 -14.91 7.16
N GLN Q 387 20.65 -15.37 6.04
CA GLN Q 387 19.97 -16.66 6.05
C GLN Q 387 20.92 -17.79 6.45
N THR Q 388 22.23 -17.61 6.28
CA THR Q 388 23.18 -18.60 6.75
C THR Q 388 23.27 -18.61 8.27
N ILE Q 389 23.31 -17.43 8.90
CA ILE Q 389 23.34 -17.37 10.35
C ILE Q 389 22.04 -17.92 10.92
N LYS Q 390 20.93 -17.71 10.23
CA LYS Q 390 19.67 -18.29 10.70
C LYS Q 390 19.78 -19.81 10.81
N THR Q 391 20.26 -20.45 9.74
CA THR Q 391 20.38 -21.90 9.75
C THR Q 391 21.44 -22.36 10.73
N GLN Q 392 22.50 -21.58 10.92
CA GLN Q 392 23.54 -21.94 11.87
C GLN Q 392 23.02 -21.89 13.31
N ASP Q 393 22.25 -20.85 13.63
CA ASP Q 393 21.63 -20.80 14.95
C ASP Q 393 20.70 -21.98 15.15
N GLN Q 394 19.92 -22.32 14.12
CA GLN Q 394 19.03 -23.47 14.23
C GLN Q 394 19.81 -24.76 14.43
N ILE Q 395 20.92 -24.93 13.71
CA ILE Q 395 21.68 -26.18 13.78
C ILE Q 395 22.36 -26.34 15.12
N LEU Q 396 22.87 -25.24 15.71
CA LEU Q 396 23.40 -25.32 17.06
C LEU Q 396 22.29 -25.58 18.07
N ASN Q 397 21.12 -24.95 17.89
CA ASN Q 397 20.04 -25.10 18.85
C ASN Q 397 19.51 -26.52 18.87
N THR Q 398 19.33 -27.13 17.69
CA THR Q 398 18.78 -28.48 17.63
C THR Q 398 19.74 -29.51 18.22
N LEU Q 399 21.00 -29.15 18.42
CA LEU Q 399 21.99 -30.04 19.00
C LEU Q 399 22.20 -29.79 20.50
N VAL Q 400 22.08 -28.54 20.94
CA VAL Q 400 22.44 -28.22 22.32
C VAL Q 400 21.49 -28.87 23.32
N ASN Q 401 20.27 -29.20 22.91
CA ASN Q 401 19.22 -29.65 23.82
C ASN Q 401 18.77 -31.08 23.55
N LEU Q 402 19.72 -31.98 23.28
CA LEU Q 402 19.37 -33.38 23.11
C LEU Q 402 19.71 -34.18 24.37
N SER R 2 10.24 -34.10 -5.12
CA SER R 2 11.00 -33.57 -3.99
C SER R 2 11.63 -32.23 -4.36
N PHE R 3 12.78 -31.93 -3.74
CA PHE R 3 13.47 -30.68 -4.03
C PHE R 3 13.98 -30.63 -5.46
N SER R 4 14.25 -31.78 -6.07
CA SER R 4 14.80 -31.80 -7.42
C SER R 4 13.86 -31.13 -8.42
N GLN R 5 12.57 -31.50 -8.37
CA GLN R 5 11.60 -30.93 -9.30
C GLN R 5 11.50 -29.43 -9.13
N ALA R 6 11.40 -28.97 -7.89
CA ALA R 6 11.26 -27.54 -7.64
C ALA R 6 12.49 -26.77 -8.07
N VAL R 7 13.68 -27.28 -7.76
CA VAL R 7 14.88 -26.54 -8.13
C VAL R 7 15.04 -26.51 -9.65
N SER R 8 14.69 -27.60 -10.33
CA SER R 8 14.71 -27.58 -11.79
C SER R 8 13.73 -26.56 -12.34
N GLY R 9 12.53 -26.49 -11.75
CA GLY R 9 11.55 -25.54 -12.24
C GLY R 9 11.97 -24.09 -12.03
N LEU R 10 12.54 -23.78 -10.86
CA LEU R 10 13.07 -22.43 -10.65
C LEU R 10 14.24 -22.12 -11.56
N ASN R 11 15.09 -23.11 -11.85
CA ASN R 11 16.16 -22.87 -12.82
C ASN R 11 15.59 -22.55 -14.20
N ALA R 12 14.58 -23.30 -14.62
CA ALA R 12 13.94 -23.03 -15.91
C ALA R 12 13.33 -21.64 -15.93
N ALA R 13 12.65 -21.27 -14.85
CA ALA R 13 12.08 -19.93 -14.74
C ALA R 13 13.14 -18.85 -14.73
N ALA R 14 14.29 -19.10 -14.10
CA ALA R 14 15.37 -18.13 -14.11
C ALA R 14 15.89 -17.90 -15.52
N THR R 15 16.05 -18.99 -16.28
CA THR R 15 16.44 -18.83 -17.68
C THR R 15 15.37 -18.09 -18.47
N ASN R 16 14.10 -18.35 -18.17
CA ASN R 16 13.01 -17.67 -18.85
C ASN R 16 12.98 -16.18 -18.56
N LEU R 17 13.31 -15.77 -17.33
CA LEU R 17 13.55 -14.36 -17.06
C LEU R 17 14.78 -13.81 -17.75
N ASP R 18 15.84 -14.62 -17.84
CA ASP R 18 17.09 -14.15 -18.45
C ASP R 18 16.89 -13.83 -19.93
N VAL R 19 16.18 -14.69 -20.66
CA VAL R 19 15.98 -14.45 -22.08
C VAL R 19 15.14 -13.20 -22.30
N ILE R 20 14.08 -13.02 -21.51
CA ILE R 20 13.25 -11.83 -21.63
C ILE R 20 14.05 -10.58 -21.31
N GLY R 21 14.87 -10.63 -20.27
CA GLY R 21 15.71 -9.48 -19.93
C GLY R 21 16.70 -9.14 -21.04
N ASN R 22 17.31 -10.17 -21.63
CA ASN R 22 18.21 -9.94 -22.75
C ASN R 22 17.49 -9.30 -23.92
N ASN R 23 16.26 -9.76 -24.20
CA ASN R 23 15.47 -9.17 -25.28
C ASN R 23 15.16 -7.71 -24.98
N ILE R 24 14.76 -7.42 -23.73
CA ILE R 24 14.39 -6.06 -23.36
C ILE R 24 15.59 -5.12 -23.48
N ALA R 25 16.74 -5.55 -22.97
CA ALA R 25 17.93 -4.69 -23.02
C ALA R 25 18.38 -4.47 -24.45
N ASN R 26 18.21 -5.47 -25.31
CA ASN R 26 18.66 -5.41 -26.70
C ASN R 26 17.65 -4.75 -27.62
N SER R 27 16.55 -4.23 -27.09
CA SER R 27 15.47 -3.70 -27.91
C SER R 27 15.79 -2.38 -28.59
N ALA R 28 17.03 -1.90 -28.54
CA ALA R 28 17.40 -0.66 -29.20
C ALA R 28 18.45 -0.83 -30.29
N THR R 29 19.11 -1.99 -30.38
CA THR R 29 20.08 -2.22 -31.43
C THR R 29 19.39 -2.34 -32.79
N TYR R 30 20.21 -2.47 -33.84
CA TYR R 30 19.69 -2.46 -35.21
C TYR R 30 19.76 -3.80 -35.91
N GLY R 31 20.58 -4.74 -35.43
CA GLY R 31 20.73 -6.01 -36.12
C GLY R 31 20.39 -7.22 -35.27
N PHE R 32 20.10 -7.01 -33.99
CA PHE R 32 19.81 -8.12 -33.09
C PHE R 32 18.49 -8.79 -33.48
N LYS R 33 18.46 -10.11 -33.43
CA LYS R 33 17.27 -10.90 -33.69
C LYS R 33 16.80 -11.52 -32.39
N SER R 34 15.52 -11.35 -32.07
CA SER R 34 15.00 -11.78 -30.79
C SER R 34 15.05 -13.30 -30.65
N GLY R 35 15.03 -13.76 -29.40
CA GLY R 35 15.08 -15.17 -29.09
C GLY R 35 14.00 -15.55 -28.09
N THR R 36 13.89 -16.85 -27.85
CA THR R 36 12.90 -17.40 -26.95
C THR R 36 13.31 -18.80 -26.54
N ALA R 37 13.17 -19.12 -25.26
CA ALA R 37 13.54 -20.43 -24.75
C ALA R 37 12.46 -21.46 -25.08
N SER R 38 12.72 -22.71 -24.70
CA SER R 38 11.79 -23.80 -24.93
C SER R 38 12.13 -24.94 -23.98
N PHE R 39 11.12 -25.49 -23.33
CA PHE R 39 11.32 -26.47 -22.26
C PHE R 39 10.81 -27.84 -22.67
N ALA R 40 11.20 -28.83 -21.86
CA ALA R 40 10.79 -30.22 -22.07
C ALA R 40 11.01 -30.98 -20.78
N ASP R 41 9.99 -31.74 -20.35
CA ASP R 41 10.04 -32.42 -19.07
C ASP R 41 10.92 -33.67 -19.15
N MET R 42 11.03 -34.38 -18.03
CA MET R 42 11.80 -35.61 -17.95
C MET R 42 10.92 -36.74 -17.45
N PHE R 43 11.27 -37.96 -17.85
CA PHE R 43 10.64 -39.16 -17.31
C PHE R 43 11.67 -40.29 -17.35
N ALA R 44 12.07 -40.77 -16.17
CA ALA R 44 12.98 -41.89 -16.07
C ALA R 44 12.20 -43.19 -16.16
N GLY R 45 12.83 -44.30 -15.79
CA GLY R 45 12.14 -45.58 -15.77
C GLY R 45 10.95 -45.63 -14.82
N SER R 46 10.89 -44.72 -13.84
CA SER R 46 9.74 -44.64 -12.97
C SER R 46 8.56 -44.03 -13.71
N LYS R 47 7.39 -44.05 -13.06
CA LYS R 47 6.17 -43.54 -13.65
C LYS R 47 5.91 -42.08 -13.31
N VAL R 48 6.54 -41.54 -12.28
CA VAL R 48 6.34 -40.17 -11.84
C VAL R 48 7.33 -39.27 -12.55
N GLY R 49 6.95 -38.01 -12.77
CA GLY R 49 7.80 -37.07 -13.45
C GLY R 49 8.97 -36.62 -12.60
N LEU R 50 9.85 -35.83 -13.22
CA LEU R 50 11.07 -35.40 -12.56
C LEU R 50 11.39 -33.91 -12.70
N GLY R 51 10.66 -33.16 -13.52
CA GLY R 51 10.92 -31.74 -13.61
C GLY R 51 10.93 -31.16 -15.01
N VAL R 52 11.79 -30.18 -15.26
CA VAL R 52 11.82 -29.45 -16.53
C VAL R 52 13.27 -29.34 -16.98
N LYS R 53 13.49 -29.55 -18.27
CA LYS R 53 14.75 -29.30 -18.92
C LYS R 53 14.60 -28.17 -19.92
N VAL R 54 15.71 -27.53 -20.26
CA VAL R 54 15.76 -26.51 -21.29
C VAL R 54 16.23 -27.15 -22.58
N ALA R 55 15.39 -27.11 -23.61
CA ALA R 55 15.73 -27.74 -24.88
C ALA R 55 16.74 -26.89 -25.65
N GLY R 56 16.39 -25.65 -25.95
CA GLY R 56 17.30 -24.77 -26.64
C GLY R 56 16.76 -23.36 -26.66
N ILE R 57 17.68 -22.41 -26.84
CA ILE R 57 17.32 -20.99 -26.92
C ILE R 57 17.18 -20.68 -28.40
N THR R 58 15.97 -20.86 -28.92
CA THR R 58 15.70 -20.65 -30.34
C THR R 58 15.41 -19.18 -30.61
N GLN R 59 16.07 -18.64 -31.65
CA GLN R 59 15.87 -17.26 -32.02
C GLN R 59 14.63 -17.12 -32.90
N ASP R 60 14.31 -15.87 -33.22
CA ASP R 60 13.28 -15.54 -34.20
C ASP R 60 13.93 -14.77 -35.35
N PHE R 61 13.40 -14.97 -36.56
CA PHE R 61 13.99 -14.34 -37.74
C PHE R 61 12.96 -13.62 -38.60
N THR R 62 11.89 -13.11 -37.99
CA THR R 62 11.02 -12.20 -38.70
C THR R 62 11.72 -10.87 -38.90
N ASP R 63 11.71 -10.36 -40.12
CA ASP R 63 12.42 -9.13 -40.44
C ASP R 63 11.76 -7.95 -39.74
N GLY R 64 12.57 -7.15 -39.05
CA GLY R 64 12.04 -6.01 -38.34
C GLY R 64 11.60 -4.91 -39.28
N THR R 65 10.68 -4.09 -38.77
CA THR R 65 10.17 -2.97 -39.56
C THR R 65 11.29 -1.97 -39.82
N THR R 66 11.37 -1.49 -41.07
CA THR R 66 12.42 -0.57 -41.43
C THR R 66 12.00 0.86 -41.12
N THR R 67 13.00 1.70 -40.85
CA THR R 67 12.80 3.09 -40.50
C THR R 67 13.76 3.96 -41.29
N ASN R 68 13.23 5.04 -41.86
CA ASN R 68 14.04 5.96 -42.67
C ASN R 68 15.06 6.67 -41.79
N THR R 69 16.26 6.87 -42.34
CA THR R 69 17.32 7.60 -41.65
C THR R 69 18.00 8.66 -42.49
N GLY R 70 17.91 8.60 -43.82
CA GLY R 70 18.47 9.63 -44.68
C GLY R 70 19.98 9.80 -44.56
N ARG R 71 20.71 8.69 -44.55
CA ARG R 71 22.17 8.71 -44.48
C ARG R 71 22.76 8.30 -45.82
N GLY R 72 24.08 8.45 -45.93
CA GLY R 72 24.77 8.05 -47.14
C GLY R 72 25.04 6.57 -47.24
N LEU R 73 25.84 6.04 -46.30
CA LEU R 73 26.21 4.63 -46.30
C LEU R 73 25.22 3.81 -45.48
N ASP R 74 23.96 3.85 -45.90
CA ASP R 74 22.89 3.14 -45.23
C ASP R 74 22.15 2.24 -46.21
N VAL R 75 21.82 1.04 -45.75
CA VAL R 75 21.14 0.04 -46.56
C VAL R 75 20.17 -0.73 -45.70
N ALA R 76 19.40 -1.63 -46.33
CA ALA R 76 18.43 -2.44 -45.61
C ALA R 76 18.21 -3.73 -46.39
N ILE R 77 17.83 -4.79 -45.68
CA ILE R 77 17.56 -6.08 -46.30
C ILE R 77 16.11 -6.42 -45.97
N SER R 78 15.21 -6.16 -46.91
CA SER R 78 13.78 -6.35 -46.67
C SER R 78 13.35 -7.81 -46.75
N GLN R 79 14.24 -8.72 -47.15
CA GLN R 79 13.91 -10.13 -47.26
C GLN R 79 15.12 -10.93 -46.79
N ASN R 80 15.13 -12.22 -47.10
CA ASN R 80 16.23 -13.09 -46.72
C ASN R 80 17.54 -12.56 -47.30
N GLY R 81 18.58 -12.53 -46.47
CA GLY R 81 19.89 -12.11 -46.92
C GLY R 81 20.72 -11.39 -45.88
N PHE R 82 22.00 -11.74 -45.78
CA PHE R 82 22.93 -11.11 -44.86
C PHE R 82 24.15 -10.61 -45.61
N PHE R 83 24.61 -9.42 -45.24
CA PHE R 83 25.87 -8.91 -45.78
C PHE R 83 27.02 -9.75 -45.26
N ARG R 84 27.92 -10.13 -46.16
CA ARG R 84 29.05 -10.99 -45.80
C ARG R 84 30.33 -10.16 -45.79
N LEU R 85 31.05 -10.22 -44.67
CA LEU R 85 32.20 -9.38 -44.36
C LEU R 85 33.39 -10.24 -43.96
N VAL R 86 34.56 -9.62 -43.92
CA VAL R 86 35.79 -10.33 -43.61
C VAL R 86 36.41 -9.72 -42.34
N ASP R 87 36.90 -10.59 -41.46
CA ASP R 87 37.69 -10.16 -40.33
C ASP R 87 39.06 -9.71 -40.80
N SER R 88 39.71 -8.87 -39.99
CA SER R 88 41.09 -8.52 -40.24
C SER R 88 41.97 -9.76 -40.21
N ASN R 89 41.60 -10.76 -39.41
CA ASN R 89 42.26 -12.06 -39.41
C ASN R 89 41.88 -12.91 -40.61
N GLY R 90 40.91 -12.48 -41.42
CA GLY R 90 40.48 -13.23 -42.58
C GLY R 90 39.23 -14.05 -42.39
N SER R 91 38.67 -14.10 -41.18
CA SER R 91 37.49 -14.91 -40.93
C SER R 91 36.27 -14.32 -41.65
N VAL R 92 35.44 -15.20 -42.16
CA VAL R 92 34.21 -14.82 -42.86
C VAL R 92 33.10 -14.64 -41.83
N PHE R 93 32.24 -13.64 -42.05
CA PHE R 93 31.16 -13.39 -41.12
C PHE R 93 29.95 -12.86 -41.90
N TYR R 94 28.78 -13.02 -41.28
CA TYR R 94 27.50 -12.68 -41.90
C TYR R 94 26.68 -11.86 -40.92
N SER R 95 26.36 -10.63 -41.30
CA SER R 95 25.64 -9.74 -40.41
C SER R 95 24.52 -9.04 -41.17
N ARG R 96 23.75 -8.24 -40.45
CA ARG R 96 22.72 -7.41 -41.04
C ARG R 96 22.93 -5.93 -40.80
N ASN R 97 23.96 -5.55 -40.04
CA ASN R 97 24.23 -4.15 -39.76
C ASN R 97 24.48 -3.39 -41.06
N GLY R 98 23.59 -2.48 -41.39
CA GLY R 98 23.67 -1.71 -42.61
C GLY R 98 24.46 -0.42 -42.52
N GLN R 99 25.09 -0.15 -41.39
CA GLN R 99 25.87 1.07 -41.20
C GLN R 99 27.33 0.79 -41.48
N PHE R 100 27.92 1.56 -42.38
CA PHE R 100 29.32 1.40 -42.76
C PHE R 100 29.98 2.77 -42.83
N LYS R 101 31.29 2.77 -42.70
CA LYS R 101 32.09 3.98 -42.83
C LYS R 101 33.39 3.62 -43.53
N LEU R 102 34.17 4.65 -43.86
CA LEU R 102 35.45 4.43 -44.52
C LEU R 102 36.52 4.14 -43.47
N ASP R 103 37.78 4.06 -43.90
CA ASP R 103 38.88 3.77 -43.01
C ASP R 103 40.13 4.45 -43.57
N GLU R 104 41.31 4.05 -43.08
CA GLU R 104 42.54 4.65 -43.57
C GLU R 104 42.78 4.30 -45.03
N ASN R 105 42.25 3.16 -45.49
CA ASN R 105 42.40 2.71 -46.87
C ASN R 105 41.23 3.13 -47.75
N ARG R 106 40.31 3.95 -47.23
CA ARG R 106 39.12 4.39 -47.96
C ARG R 106 38.19 3.23 -48.30
N ASN R 107 38.26 2.14 -47.54
CA ASN R 107 37.44 0.96 -47.78
C ASN R 107 36.05 1.18 -47.18
N LEU R 108 35.25 0.11 -47.13
CA LEU R 108 33.98 0.10 -46.42
C LEU R 108 34.10 -0.83 -45.22
N VAL R 109 33.73 -0.34 -44.04
CA VAL R 109 33.91 -1.09 -42.81
C VAL R 109 32.82 -0.66 -41.83
N ASN R 110 32.34 -1.62 -41.04
CA ASN R 110 31.38 -1.36 -39.98
C ASN R 110 32.12 -0.84 -38.75
N MET R 111 31.44 -0.81 -37.61
CA MET R 111 31.98 -0.28 -36.37
C MET R 111 32.78 -1.31 -35.57
N GLN R 112 32.97 -2.51 -36.10
CA GLN R 112 33.61 -3.58 -35.36
C GLN R 112 35.01 -3.92 -35.86
N GLY R 113 35.50 -3.24 -36.89
CA GLY R 113 36.76 -3.62 -37.50
C GLY R 113 36.57 -4.81 -38.41
N MET R 114 35.58 -4.72 -39.29
CA MET R 114 35.20 -5.80 -40.18
C MET R 114 35.01 -5.24 -41.58
N GLN R 115 35.85 -5.66 -42.52
CA GLN R 115 35.78 -5.08 -43.86
C GLN R 115 34.56 -5.59 -44.59
N LEU R 116 33.95 -4.71 -45.39
CA LEU R 116 32.72 -5.03 -46.10
C LEU R 116 33.05 -5.55 -47.49
N THR R 117 32.78 -6.82 -47.71
CA THR R 117 33.25 -7.52 -48.91
C THR R 117 32.20 -7.51 -50.02
N GLY R 118 32.67 -7.64 -51.25
CA GLY R 118 31.76 -7.68 -52.39
C GLY R 118 32.38 -8.23 -53.66
N TYR R 119 31.62 -8.16 -54.77
CA TYR R 119 32.14 -8.56 -56.07
C TYR R 119 33.08 -7.49 -56.61
N PRO R 120 34.28 -7.85 -57.04
CA PRO R 120 35.20 -6.83 -57.56
C PRO R 120 34.76 -6.29 -58.92
N ALA R 121 35.48 -5.31 -59.43
CA ALA R 121 35.20 -4.75 -60.76
C ALA R 121 36.52 -4.36 -61.39
N THR R 122 36.85 -4.99 -62.52
CA THR R 122 38.13 -4.76 -63.19
C THR R 122 37.91 -4.59 -64.69
N GLY R 123 38.88 -3.94 -65.33
CA GLY R 123 38.86 -3.71 -66.76
C GLY R 123 38.87 -2.23 -67.09
N THR R 124 38.56 -1.93 -68.34
CA THR R 124 38.50 -0.54 -68.81
C THR R 124 37.30 -0.41 -69.74
N PRO R 125 36.14 -0.04 -69.21
CA PRO R 125 35.91 0.29 -67.80
C PRO R 125 35.72 -0.90 -66.87
N PRO R 126 36.00 -0.71 -65.57
CA PRO R 126 35.78 -1.79 -64.62
C PRO R 126 34.33 -2.23 -64.63
N THR R 127 34.12 -3.55 -64.57
CA THR R 127 32.80 -4.13 -64.76
C THR R 127 32.73 -5.40 -63.91
N ILE R 128 31.50 -5.85 -63.65
CA ILE R 128 31.28 -6.98 -62.76
C ILE R 128 31.98 -8.22 -63.29
N GLN R 129 32.45 -9.06 -62.35
CA GLN R 129 33.02 -10.38 -62.65
C GLN R 129 32.52 -11.34 -61.58
N GLN R 130 31.41 -12.03 -61.88
CA GLN R 130 30.87 -12.98 -60.92
C GLN R 130 31.80 -14.17 -60.72
N GLY R 131 32.55 -14.55 -61.74
CA GLY R 131 33.44 -15.70 -61.67
C GLY R 131 34.76 -15.40 -60.99
N ALA R 132 34.70 -14.76 -59.84
CA ALA R 132 35.87 -14.44 -59.04
C ALA R 132 35.52 -14.60 -57.58
N ASN R 133 36.55 -14.77 -56.75
CA ASN R 133 36.25 -14.85 -55.32
C ASN R 133 35.96 -13.45 -54.80
N PRO R 134 34.81 -13.24 -54.16
CA PRO R 134 34.42 -11.89 -53.73
C PRO R 134 35.37 -11.34 -52.68
N ALA R 135 35.95 -10.17 -52.98
CA ALA R 135 36.99 -9.55 -52.19
C ALA R 135 36.47 -8.28 -51.53
N PRO R 136 37.10 -7.84 -50.44
CA PRO R 136 36.64 -6.61 -49.77
C PRO R 136 36.69 -5.43 -50.72
N ILE R 137 35.67 -4.58 -50.65
CA ILE R 137 35.57 -3.43 -51.55
C ILE R 137 36.54 -2.34 -51.10
N THR R 138 37.09 -1.63 -52.09
CA THR R 138 37.97 -0.49 -51.84
C THR R 138 37.71 0.55 -52.91
N ILE R 139 37.11 1.67 -52.52
CA ILE R 139 36.77 2.72 -53.48
C ILE R 139 37.94 3.67 -53.63
N PRO R 140 38.52 3.81 -54.83
CA PRO R 140 39.57 4.79 -55.05
C PRO R 140 38.99 6.18 -55.33
N ASN R 141 39.90 7.16 -55.32
CA ASN R 141 39.58 8.53 -55.68
C ASN R 141 40.41 9.02 -56.87
N THR R 142 40.80 8.13 -57.77
CA THR R 142 41.70 8.47 -58.86
C THR R 142 40.95 9.09 -60.03
N LEU R 143 41.68 9.29 -61.12
CA LEU R 143 41.15 9.84 -62.36
C LEU R 143 40.96 8.71 -63.36
N MET R 144 39.86 8.74 -64.09
CA MET R 144 39.65 7.76 -65.15
C MET R 144 40.52 8.10 -66.36
N ALA R 145 40.72 7.11 -67.24
CA ALA R 145 41.47 7.34 -68.46
C ALA R 145 40.58 7.95 -69.54
N ALA R 146 41.13 8.92 -70.26
CA ALA R 146 40.40 9.57 -71.33
C ALA R 146 40.14 8.61 -72.49
N LYS R 147 39.00 8.78 -73.14
CA LYS R 147 38.61 7.96 -74.28
C LYS R 147 38.45 8.85 -75.51
N SER R 148 39.07 8.44 -76.61
CA SER R 148 38.99 9.20 -77.84
C SER R 148 37.58 9.16 -78.41
N THR R 149 37.24 10.18 -79.20
CA THR R 149 35.94 10.25 -79.84
C THR R 149 35.92 9.30 -81.02
N THR R 150 35.01 8.32 -80.98
CA THR R 150 34.92 7.30 -82.03
C THR R 150 33.68 7.44 -82.91
N THR R 151 32.64 8.12 -82.43
CA THR R 151 31.40 8.28 -83.19
C THR R 151 30.84 9.67 -82.93
N ALA R 152 30.70 10.45 -83.99
CA ALA R 152 30.12 11.78 -83.92
C ALA R 152 28.81 11.80 -84.70
N SER R 153 27.87 12.62 -84.23
CA SER R 153 26.58 12.76 -84.89
C SER R 153 26.12 14.20 -84.77
N MET R 154 25.61 14.75 -85.87
CA MET R 154 25.09 16.11 -85.85
C MET R 154 24.06 16.24 -86.98
N GLN R 155 22.91 16.79 -86.66
CA GLN R 155 21.88 17.04 -87.64
C GLN R 155 22.04 18.43 -88.24
N ILE R 156 21.41 18.64 -89.40
CA ILE R 156 21.48 19.92 -90.08
C ILE R 156 20.23 20.08 -90.93
N ASN R 157 19.72 21.31 -90.99
CA ASN R 157 18.59 21.67 -91.85
C ASN R 157 19.02 22.84 -92.71
N LEU R 158 18.97 22.66 -94.02
CA LEU R 158 19.44 23.65 -94.97
C LEU R 158 18.28 24.25 -95.74
N ASN R 159 18.57 25.33 -96.48
CA ASN R 159 17.57 26.07 -97.22
C ASN R 159 17.72 25.81 -98.72
N SER R 160 16.60 25.52 -99.37
CA SER R 160 16.62 25.31 -100.82
C SER R 160 16.96 26.59 -101.56
N THR R 161 16.49 27.74 -101.07
CA THR R 161 16.70 29.02 -101.72
C THR R 161 18.07 29.62 -101.46
N ASP R 162 19.01 28.85 -100.96
CA ASP R 162 20.35 29.35 -100.68
C ASP R 162 21.09 29.64 -101.98
N PRO R 163 21.56 30.88 -102.20
CA PRO R 163 22.31 31.16 -103.42
C PRO R 163 23.68 30.50 -103.41
N VAL R 164 24.20 30.30 -104.62
CA VAL R 164 25.54 29.72 -104.79
C VAL R 164 26.59 30.71 -104.29
N PRO R 165 27.64 30.26 -103.61
CA PRO R 165 28.70 31.19 -103.20
C PRO R 165 29.35 31.86 -104.39
N SER R 166 29.69 33.14 -104.22
CA SER R 166 30.29 33.91 -105.31
C SER R 166 31.77 33.58 -105.47
N LYS R 167 32.52 33.54 -104.38
CA LYS R 167 33.95 33.25 -104.43
C LYS R 167 34.16 31.79 -104.78
N THR R 168 34.70 31.52 -105.97
CA THR R 168 34.93 30.14 -106.38
C THR R 168 35.93 29.41 -105.50
N PRO R 169 37.10 29.97 -105.15
CA PRO R 169 38.06 29.18 -104.37
C PRO R 169 37.62 29.05 -102.92
N PHE R 170 37.73 27.83 -102.39
CA PHE R 170 37.36 27.59 -101.00
C PHE R 170 38.54 27.83 -100.07
N SER R 171 38.27 28.51 -98.97
CA SER R 171 39.25 28.72 -97.92
C SER R 171 38.52 28.96 -96.60
N VAL R 172 39.17 28.58 -95.50
CA VAL R 172 38.59 28.77 -94.18
C VAL R 172 38.60 30.22 -93.72
N SER R 173 39.26 31.12 -94.46
CA SER R 173 39.37 32.51 -94.06
C SER R 173 38.22 33.36 -94.59
N ASP R 174 37.88 33.22 -95.87
CA ASP R 174 36.83 34.02 -96.48
C ASP R 174 35.49 33.32 -96.26
N ALA R 175 34.52 34.06 -95.69
CA ALA R 175 33.20 33.50 -95.43
C ALA R 175 32.38 33.31 -96.70
N ASP R 176 32.73 33.98 -97.80
CA ASP R 176 32.00 33.80 -99.04
C ASP R 176 32.36 32.49 -99.73
N SER R 177 33.45 31.84 -99.30
CA SER R 177 33.84 30.56 -99.88
C SER R 177 32.98 29.41 -99.40
N TYR R 178 32.03 29.65 -98.49
CA TYR R 178 31.12 28.62 -98.02
C TYR R 178 29.80 29.28 -97.64
N ASN R 179 28.77 28.45 -97.51
CA ASN R 179 27.45 28.92 -97.10
C ASN R 179 27.19 28.75 -95.61
N LYS R 180 27.64 27.65 -95.02
CA LYS R 180 27.40 27.38 -93.60
C LYS R 180 28.68 26.91 -92.94
N LYS R 181 28.82 27.19 -91.65
CA LYS R 181 29.96 26.71 -90.88
C LYS R 181 29.51 26.32 -89.49
N GLY R 182 29.96 25.15 -89.03
CA GLY R 182 29.71 24.70 -87.68
C GLY R 182 30.98 24.13 -87.07
N THR R 183 30.88 23.81 -85.77
CA THR R 183 32.02 23.27 -85.05
C THR R 183 31.53 22.20 -84.09
N VAL R 184 32.25 21.07 -84.07
CA VAL R 184 31.95 19.97 -83.16
C VAL R 184 33.18 19.67 -82.34
N THR R 185 32.97 19.47 -81.04
CA THR R 185 34.05 19.20 -80.10
C THR R 185 34.29 17.70 -80.03
N VAL R 186 35.50 17.28 -80.40
CA VAL R 186 35.91 15.89 -80.29
C VAL R 186 37.05 15.81 -79.27
N TYR R 187 37.31 14.59 -78.79
CA TYR R 187 38.37 14.37 -77.83
C TYR R 187 39.22 13.19 -78.26
N ASP R 188 40.50 13.25 -77.91
CA ASP R 188 41.45 12.19 -78.20
C ASP R 188 41.60 11.29 -76.99
N SER R 189 42.46 10.27 -77.12
CA SER R 189 42.71 9.37 -76.01
C SER R 189 43.44 10.05 -74.86
N GLN R 190 43.98 11.24 -75.07
CA GLN R 190 44.58 12.04 -74.01
C GLN R 190 43.61 13.01 -73.38
N GLY R 191 42.40 13.13 -73.91
CA GLY R 191 41.43 14.09 -73.43
C GLY R 191 41.57 15.49 -73.97
N ASN R 192 42.59 15.75 -74.79
CA ASN R 192 42.77 17.07 -75.39
C ASN R 192 41.60 17.39 -76.29
N ALA R 193 40.82 18.40 -75.91
CA ALA R 193 39.61 18.76 -76.65
C ALA R 193 39.98 19.48 -77.94
N HIS R 194 39.70 18.84 -79.07
CA HIS R 194 39.88 19.44 -80.38
C HIS R 194 38.54 19.92 -80.91
N ASP R 195 38.58 20.97 -81.73
CA ASP R 195 37.40 21.49 -82.40
C ASP R 195 37.52 21.20 -83.88
N MET R 196 36.54 20.48 -84.43
CA MET R 196 36.52 20.15 -85.84
C MET R 196 35.48 21.05 -86.51
N ASN R 197 35.93 21.87 -87.44
CA ASN R 197 35.04 22.79 -88.13
C ASN R 197 34.56 22.16 -89.44
N VAL R 198 33.26 22.23 -89.66
CA VAL R 198 32.62 21.69 -90.86
C VAL R 198 32.06 22.86 -91.67
N TYR R 199 32.31 22.83 -92.98
CA TYR R 199 31.94 23.91 -93.88
C TYR R 199 31.06 23.36 -94.99
N PHE R 200 30.04 24.11 -95.36
CA PHE R 200 29.02 23.66 -96.29
C PHE R 200 28.91 24.67 -97.42
N VAL R 201 29.17 24.20 -98.64
CA VAL R 201 29.20 25.03 -99.84
C VAL R 201 28.12 24.51 -100.78
N LYS R 202 27.13 25.35 -101.10
CA LYS R 202 26.11 24.95 -102.06
C LYS R 202 26.59 25.22 -103.48
N THR R 203 27.25 24.23 -104.10
CA THR R 203 27.75 24.40 -105.46
C THR R 203 26.60 24.57 -106.45
N LYS R 204 25.51 23.82 -106.27
CA LYS R 204 24.34 23.95 -107.12
C LYS R 204 23.12 23.48 -106.33
N ASP R 205 21.96 23.44 -107.00
CA ASP R 205 20.70 23.12 -106.35
C ASP R 205 20.68 21.68 -105.86
N ASN R 206 20.12 21.47 -104.65
CA ASN R 206 20.08 20.16 -104.01
C ASN R 206 21.45 19.53 -103.92
N GLU R 207 22.47 20.34 -103.62
CA GLU R 207 23.85 19.92 -103.72
C GLU R 207 24.68 20.75 -102.75
N TRP R 208 25.37 20.07 -101.82
CA TRP R 208 26.16 20.76 -100.81
C TRP R 208 27.44 19.98 -100.56
N ALA R 209 28.57 20.50 -101.02
CA ALA R 209 29.86 19.93 -100.64
C ALA R 209 30.18 20.28 -99.20
N VAL R 210 30.78 19.33 -98.48
CA VAL R 210 31.12 19.51 -97.07
C VAL R 210 32.63 19.34 -96.93
N TYR R 211 33.29 20.39 -96.45
CA TYR R 211 34.70 20.40 -96.13
C TYR R 211 34.89 20.28 -94.63
N THR R 212 36.07 19.83 -94.22
CA THR R 212 36.41 19.69 -92.81
C THR R 212 37.76 20.33 -92.52
N HIS R 213 37.93 20.80 -91.29
CA HIS R 213 39.16 21.45 -90.87
C HIS R 213 39.35 21.22 -89.38
N ASP R 214 40.61 21.32 -88.94
CA ASP R 214 40.98 21.19 -87.53
C ASP R 214 41.73 22.43 -87.11
N SER R 215 41.10 23.26 -86.27
CA SER R 215 41.72 24.49 -85.80
C SER R 215 42.57 24.32 -84.55
N SER R 216 42.50 23.15 -83.91
CA SER R 216 43.21 22.93 -82.66
C SER R 216 44.65 22.49 -82.86
N ASP R 217 45.05 22.12 -84.08
CA ASP R 217 46.40 21.64 -84.32
C ASP R 217 47.23 22.72 -85.01
N PRO R 218 48.28 23.23 -84.35
CA PRO R 218 49.16 24.20 -85.02
C PRO R 218 49.92 23.57 -86.18
N ALA R 219 50.01 22.25 -86.20
CA ALA R 219 50.69 21.51 -87.26
C ALA R 219 49.78 21.20 -88.43
N ALA R 220 48.51 21.59 -88.37
CA ALA R 220 47.57 21.35 -89.46
C ALA R 220 47.68 22.46 -90.50
N THR R 221 47.08 22.20 -91.67
CA THR R 221 47.10 23.14 -92.78
C THR R 221 45.67 23.42 -93.23
N ALA R 222 45.54 24.38 -94.14
CA ALA R 222 44.23 24.73 -94.67
C ALA R 222 43.66 23.57 -95.47
N PRO R 223 42.34 23.38 -95.44
CA PRO R 223 41.73 22.28 -96.20
C PRO R 223 41.89 22.49 -97.70
N THR R 224 42.02 21.38 -98.42
CA THR R 224 42.22 21.42 -99.87
C THR R 224 41.02 20.89 -100.65
N THR R 225 40.23 20.00 -100.07
CA THR R 225 39.11 19.38 -100.75
C THR R 225 37.97 19.13 -99.77
N ALA R 226 36.78 18.95 -100.33
CA ALA R 226 35.60 18.66 -99.53
C ALA R 226 35.63 17.22 -99.02
N SER R 227 35.35 17.05 -97.73
CA SER R 227 35.36 15.72 -97.14
C SER R 227 34.24 14.85 -97.73
N THR R 228 33.09 15.43 -98.02
CA THR R 228 31.97 14.66 -98.55
C THR R 228 31.03 15.60 -99.30
N THR R 229 29.84 15.11 -99.64
CA THR R 229 28.84 15.93 -100.29
C THR R 229 27.46 15.34 -100.05
N LEU R 230 26.51 16.20 -99.73
CA LEU R 230 25.13 15.81 -99.47
C LEU R 230 24.23 16.28 -100.60
N LYS R 231 23.41 15.37 -101.10
CA LYS R 231 22.38 15.67 -102.09
C LYS R 231 21.04 15.22 -101.53
N PHE R 232 20.04 16.10 -101.61
CA PHE R 232 18.76 15.90 -100.96
C PHE R 232 17.67 15.57 -101.98
N ASN R 233 16.59 15.00 -101.49
CA ASN R 233 15.41 14.73 -102.29
C ASN R 233 14.60 16.01 -102.48
N GLU R 234 13.79 16.04 -103.53
CA GLU R 234 13.00 17.22 -103.86
C GLU R 234 11.94 17.51 -102.80
N ASN R 235 11.67 16.59 -101.90
CA ASN R 235 10.80 16.83 -100.75
C ASN R 235 11.59 17.06 -99.47
N GLY R 236 12.90 17.21 -99.55
CA GLY R 236 13.72 17.46 -98.39
C GLY R 236 14.24 16.23 -97.67
N ILE R 237 14.33 15.10 -98.34
CA ILE R 237 14.79 13.86 -97.73
C ILE R 237 16.24 13.62 -98.10
N LEU R 238 17.00 13.10 -97.14
CA LEU R 238 18.42 12.83 -97.35
C LEU R 238 18.59 11.66 -98.31
N GLU R 239 19.42 11.85 -99.33
CA GLU R 239 19.72 10.80 -100.31
C GLU R 239 21.17 10.37 -100.31
N SER R 240 22.10 11.32 -100.30
CA SER R 240 23.53 11.02 -100.25
C SER R 240 24.19 11.89 -99.20
N GLY R 241 25.39 11.48 -98.79
CA GLY R 241 26.09 12.17 -97.73
C GLY R 241 25.55 11.80 -96.37
N GLY R 242 25.61 10.52 -96.03
CA GLY R 242 25.05 10.04 -94.78
C GLY R 242 26.06 10.04 -93.64
N THR R 243 27.26 9.54 -93.90
CA THR R 243 28.30 9.47 -92.88
C THR R 243 29.66 9.32 -93.55
N VAL R 244 30.69 9.76 -92.82
CA VAL R 244 32.09 9.60 -93.23
C VAL R 244 32.89 9.25 -91.98
N ASN R 245 34.16 8.92 -92.20
CA ASN R 245 35.10 8.63 -91.13
C ASN R 245 36.25 9.62 -91.21
N ILE R 246 36.51 10.34 -90.11
CA ILE R 246 37.43 11.46 -90.10
C ILE R 246 38.43 11.28 -88.97
N THR R 247 39.70 11.52 -89.27
CA THR R 247 40.76 11.65 -88.29
C THR R 247 41.15 13.12 -88.19
N THR R 248 41.73 13.51 -87.05
CA THR R 248 42.07 14.89 -86.77
C THR R 248 43.58 15.04 -86.59
N GLY R 249 44.00 16.24 -86.21
CA GLY R 249 45.40 16.52 -86.01
C GLY R 249 45.93 15.86 -84.74
N THR R 250 47.17 16.24 -84.41
CA THR R 250 47.87 15.65 -83.27
C THR R 250 48.31 16.76 -82.33
N ILE R 251 48.01 16.59 -81.05
CA ILE R 251 48.40 17.54 -80.01
C ILE R 251 49.22 16.79 -78.96
N ASN R 252 50.42 17.31 -78.67
CA ASN R 252 51.32 16.74 -77.67
C ASN R 252 51.70 15.29 -77.98
N GLY R 253 51.64 14.90 -79.25
CA GLY R 253 51.96 13.54 -79.64
C GLY R 253 50.88 12.53 -79.38
N ALA R 254 49.71 12.95 -78.90
CA ALA R 254 48.63 12.03 -78.60
C ALA R 254 48.01 11.49 -79.88
N THR R 255 47.29 10.38 -79.74
CA THR R 255 46.57 9.80 -80.87
C THR R 255 45.49 10.76 -81.36
N ALA R 256 45.26 10.74 -82.66
CA ALA R 256 44.22 11.58 -83.26
C ALA R 256 42.84 11.04 -82.88
N ALA R 257 41.80 11.75 -83.31
CA ALA R 257 40.42 11.36 -83.06
C ALA R 257 39.85 10.73 -84.33
N THR R 258 39.92 9.40 -84.42
CA THR R 258 39.41 8.67 -85.57
C THR R 258 37.94 8.35 -85.28
N PHE R 259 37.07 9.29 -85.63
CA PHE R 259 35.65 9.16 -85.34
C PHE R 259 34.87 8.95 -86.64
N SER R 260 33.59 8.62 -86.47
CA SER R 260 32.66 8.51 -87.59
C SER R 260 31.58 9.56 -87.39
N LEU R 261 31.40 10.42 -88.40
CA LEU R 261 30.41 11.49 -88.33
C LEU R 261 29.26 11.17 -89.29
N SER R 262 28.03 11.24 -88.77
CA SER R 262 26.85 10.87 -89.54
C SER R 262 25.96 12.09 -89.69
N PHE R 263 25.62 12.43 -90.93
CA PHE R 263 24.63 13.48 -91.19
C PHE R 263 23.24 12.86 -91.28
N LEU R 264 22.87 12.06 -90.30
CA LEU R 264 21.61 11.34 -90.33
C LEU R 264 20.45 12.29 -90.04
N ASN R 265 19.30 11.96 -90.62
CA ASN R 265 18.06 12.70 -90.40
C ASN R 265 18.22 14.19 -90.72
N SER R 266 18.92 14.51 -91.79
CA SER R 266 19.05 15.89 -92.25
C SER R 266 18.02 16.18 -93.34
N MET R 267 17.43 17.37 -93.27
CA MET R 267 16.42 17.79 -94.22
C MET R 267 16.88 19.03 -94.96
N GLN R 268 16.16 19.34 -96.04
CA GLN R 268 16.33 20.61 -96.77
C GLN R 268 14.95 20.97 -97.32
N GLN R 269 14.21 21.78 -96.56
CA GLN R 269 12.82 22.08 -96.90
C GLN R 269 12.48 23.55 -96.71
N ASN R 270 13.38 24.46 -97.10
CA ASN R 270 13.16 25.90 -96.99
C ASN R 270 12.83 26.29 -95.54
N THR R 271 13.56 25.70 -94.61
CA THR R 271 13.35 25.93 -93.18
C THR R 271 14.24 27.07 -92.69
N GLY R 272 13.99 28.26 -93.24
CA GLY R 272 14.74 29.44 -92.84
C GLY R 272 16.12 29.51 -93.46
N ALA R 273 17.15 29.44 -92.63
CA ALA R 273 18.54 29.51 -93.07
C ALA R 273 19.27 28.24 -92.67
N ASN R 274 20.57 28.21 -92.94
CA ASN R 274 21.41 27.06 -92.63
C ASN R 274 21.80 27.09 -91.15
N ASN R 275 21.48 26.02 -90.43
CA ASN R 275 21.78 25.95 -89.01
C ASN R 275 21.90 24.49 -88.59
N ILE R 276 22.47 24.28 -87.41
CA ILE R 276 22.67 22.95 -86.84
C ILE R 276 21.79 22.82 -85.61
N VAL R 277 21.00 21.74 -85.55
CA VAL R 277 19.99 21.58 -84.51
C VAL R 277 20.61 20.95 -83.27
N ALA R 278 21.12 19.73 -83.38
CA ALA R 278 21.62 19.00 -82.22
C ALA R 278 22.88 18.24 -82.60
N THR R 279 23.75 18.04 -81.61
CA THR R 279 25.01 17.33 -81.81
C THR R 279 25.21 16.35 -80.65
N ASN R 280 26.08 15.36 -80.87
CA ASN R 280 26.42 14.38 -79.86
C ASN R 280 27.66 13.62 -80.31
N GLN R 281 28.31 12.99 -79.35
CA GLN R 281 29.48 12.14 -79.61
C GLN R 281 29.73 11.31 -78.36
N ASN R 282 30.75 10.45 -78.45
CA ASN R 282 31.10 9.56 -77.36
C ASN R 282 32.40 9.93 -76.65
N GLY R 283 33.25 10.76 -77.26
CA GLY R 283 34.47 11.18 -76.61
C GLY R 283 34.21 12.13 -75.46
N TYR R 284 35.22 12.27 -74.60
CA TYR R 284 35.11 13.12 -73.43
C TYR R 284 36.50 13.50 -72.94
N LYS R 285 36.53 14.53 -72.10
CA LYS R 285 37.73 14.73 -71.30
C LYS R 285 37.57 13.99 -69.98
N PRO R 286 38.64 13.44 -69.41
CA PRO R 286 38.48 12.60 -68.21
C PRO R 286 38.06 13.40 -66.98
N GLY R 287 37.63 12.69 -65.94
CA GLY R 287 37.16 13.34 -64.73
C GLY R 287 37.63 12.61 -63.50
N ASP R 288 37.48 13.28 -62.36
CA ASP R 288 37.92 12.76 -61.07
C ASP R 288 36.72 12.53 -60.17
N LEU R 289 36.91 11.64 -59.19
CA LEU R 289 35.83 11.24 -58.29
C LEU R 289 35.33 12.44 -57.49
N VAL R 290 34.01 12.69 -57.54
CA VAL R 290 33.40 13.75 -56.77
C VAL R 290 32.28 13.26 -55.87
N SER R 291 31.66 12.12 -56.15
CA SER R 291 30.55 11.61 -55.36
C SER R 291 30.40 10.13 -55.64
N TYR R 292 29.63 9.45 -54.79
CA TYR R 292 29.30 8.05 -54.96
C TYR R 292 28.10 7.72 -54.09
N GLN R 293 27.44 6.61 -54.38
CA GLN R 293 26.27 6.19 -53.63
C GLN R 293 26.04 4.70 -53.87
N ILE R 294 24.99 4.17 -53.24
CA ILE R 294 24.65 2.75 -53.29
C ILE R 294 23.30 2.60 -53.96
N ASN R 295 23.22 1.71 -54.95
CA ASN R 295 21.97 1.48 -55.66
C ASN R 295 21.14 0.43 -54.93
N ASN R 296 19.87 0.33 -55.32
CA ASN R 296 18.97 -0.70 -54.81
C ASN R 296 19.26 -2.07 -55.40
N ASP R 297 20.32 -2.19 -56.20
CA ASP R 297 20.71 -3.45 -56.81
C ASP R 297 21.99 -4.04 -56.24
N GLY R 298 22.52 -3.47 -55.16
CA GLY R 298 23.70 -4.00 -54.51
C GLY R 298 25.02 -3.52 -55.05
N THR R 299 25.02 -2.73 -56.14
CA THR R 299 26.25 -2.18 -56.69
C THR R 299 26.46 -0.74 -56.23
N VAL R 300 27.70 -0.28 -56.39
CA VAL R 300 28.10 1.07 -56.03
C VAL R 300 28.47 1.83 -57.30
N VAL R 301 27.92 3.03 -57.44
CA VAL R 301 28.16 3.89 -58.59
C VAL R 301 28.76 5.19 -58.09
N GLY R 302 29.91 5.58 -58.64
CA GLY R 302 30.56 6.80 -58.23
C GLY R 302 30.71 7.80 -59.36
N ASN R 303 29.99 8.91 -59.27
CA ASN R 303 30.03 9.94 -60.30
C ASN R 303 31.37 10.63 -60.30
N TYR R 304 31.84 11.04 -61.48
CA TYR R 304 33.10 11.72 -61.65
C TYR R 304 32.87 13.12 -62.23
N SER R 305 33.95 13.90 -62.28
CA SER R 305 33.85 15.30 -62.63
C SER R 305 33.72 15.55 -64.13
N ASN R 306 33.45 14.53 -64.94
CA ASN R 306 33.35 14.70 -66.39
C ASN R 306 31.96 14.38 -66.91
N GLU R 307 30.94 14.43 -66.06
CA GLU R 307 29.56 14.05 -66.38
C GLU R 307 29.43 12.58 -66.73
N GLN R 308 30.46 11.78 -66.50
CA GLN R 308 30.40 10.34 -66.68
C GLN R 308 30.21 9.65 -65.33
N GLU R 309 29.72 8.41 -65.40
CA GLU R 309 29.46 7.61 -64.20
C GLU R 309 29.89 6.17 -64.46
N GLN R 310 30.64 5.60 -63.53
CA GLN R 310 31.10 4.22 -63.64
C GLN R 310 30.62 3.40 -62.45
N VAL R 311 30.96 2.13 -62.47
CA VAL R 311 30.62 1.20 -61.40
C VAL R 311 31.90 0.74 -60.72
N LEU R 312 31.87 0.68 -59.39
CA LEU R 312 33.05 0.34 -58.60
C LEU R 312 32.98 -1.00 -57.92
N GLY R 313 31.87 -1.71 -58.00
CA GLY R 313 31.75 -3.02 -57.39
C GLY R 313 30.32 -3.29 -56.96
N GLN R 314 30.12 -4.47 -56.38
CA GLN R 314 28.81 -4.87 -55.91
C GLN R 314 28.94 -5.56 -54.56
N ILE R 315 28.04 -5.23 -53.64
CA ILE R 315 28.00 -5.87 -52.33
C ILE R 315 27.26 -7.19 -52.45
N VAL R 316 27.82 -8.23 -51.85
CA VAL R 316 27.35 -9.59 -52.06
C VAL R 316 26.56 -10.05 -50.84
N LEU R 317 25.37 -10.59 -51.08
CA LEU R 317 24.51 -11.12 -50.03
C LEU R 317 24.76 -12.62 -49.85
N ALA R 318 23.92 -13.26 -49.04
CA ALA R 318 24.06 -14.69 -48.78
C ALA R 318 22.76 -15.21 -48.16
N ASN R 319 22.58 -16.52 -48.22
CA ASN R 319 21.45 -17.21 -47.61
C ASN R 319 21.92 -18.52 -47.00
N PHE R 320 21.03 -19.16 -46.26
CA PHE R 320 21.37 -20.40 -45.57
C PHE R 320 20.25 -21.42 -45.71
N ALA R 321 20.64 -22.69 -45.76
CA ALA R 321 19.66 -23.77 -45.85
C ALA R 321 18.86 -23.88 -44.56
N ASN R 322 19.52 -23.80 -43.42
CA ASN R 322 18.89 -23.98 -42.12
C ASN R 322 19.15 -22.74 -41.26
N ASN R 323 18.10 -21.99 -40.98
CA ASN R 323 18.20 -20.88 -40.03
C ASN R 323 17.96 -21.38 -38.61
N GLU R 324 18.10 -20.48 -37.65
CA GLU R 324 17.96 -20.77 -36.22
C GLU R 324 19.03 -21.76 -35.74
N GLY R 325 19.93 -22.15 -36.64
CA GLY R 325 21.05 -22.99 -36.26
C GLY R 325 22.30 -22.17 -36.10
N LEU R 326 22.22 -20.90 -36.50
CA LEU R 326 23.36 -20.01 -36.39
C LEU R 326 23.62 -19.64 -34.93
N ALA R 327 24.90 -19.59 -34.56
CA ALA R 327 25.31 -19.16 -33.23
C ALA R 327 25.85 -17.74 -33.32
N SER R 328 25.27 -16.84 -32.52
CA SER R 328 25.70 -15.45 -32.54
C SER R 328 27.13 -15.32 -32.01
N GLN R 329 27.82 -14.27 -32.46
CA GLN R 329 29.23 -14.12 -32.19
C GLN R 329 29.52 -12.85 -31.39
N GLY R 330 28.72 -12.58 -30.37
CA GLY R 330 28.90 -11.38 -29.60
C GLY R 330 28.09 -10.21 -30.15
N ASP R 331 28.73 -9.37 -30.95
CA ASP R 331 28.06 -8.23 -31.55
C ASP R 331 27.07 -8.72 -32.61
N ASN R 332 26.42 -7.79 -33.30
CA ASN R 332 25.39 -8.15 -34.27
C ASN R 332 26.00 -8.76 -35.52
N VAL R 333 26.65 -9.91 -35.38
CA VAL R 333 27.35 -10.57 -36.48
C VAL R 333 27.20 -12.06 -36.28
N TRP R 334 26.94 -12.78 -37.38
CA TRP R 334 26.86 -14.23 -37.38
C TRP R 334 28.00 -14.81 -38.23
N ALA R 335 28.18 -16.11 -38.12
CA ALA R 335 29.15 -16.84 -38.93
C ALA R 335 28.54 -18.18 -39.35
N ALA R 336 29.01 -18.70 -40.48
CA ALA R 336 28.55 -19.99 -40.95
C ALA R 336 29.14 -21.12 -40.10
N THR R 337 28.27 -21.98 -39.60
CA THR R 337 28.67 -23.11 -38.77
C THR R 337 27.85 -24.33 -39.18
N GLN R 338 28.02 -25.42 -38.43
CA GLN R 338 27.20 -26.60 -38.64
C GLN R 338 25.77 -26.32 -38.19
N ALA R 339 24.84 -27.11 -38.72
CA ALA R 339 23.40 -26.92 -38.52
C ALA R 339 22.93 -25.56 -38.97
N SER R 340 23.73 -24.86 -39.78
CA SER R 340 23.36 -23.59 -40.37
C SER R 340 23.35 -23.62 -41.88
N GLY R 341 23.90 -24.65 -42.50
CA GLY R 341 23.96 -24.73 -43.95
C GLY R 341 25.26 -24.19 -44.50
N VAL R 342 25.54 -24.54 -45.75
CA VAL R 342 26.73 -24.06 -46.44
C VAL R 342 26.56 -22.57 -46.70
N ALA R 343 27.64 -21.90 -47.10
CA ALA R 343 27.61 -20.45 -47.30
C ALA R 343 26.47 -20.03 -48.20
N LEU R 344 26.28 -20.75 -49.31
CA LEU R 344 25.19 -20.50 -50.26
C LEU R 344 25.23 -19.03 -50.73
N LEU R 345 26.31 -18.73 -51.45
CA LEU R 345 26.58 -17.37 -51.86
C LEU R 345 25.60 -16.97 -52.96
N GLY R 346 25.53 -15.67 -53.26
CA GLY R 346 24.63 -15.22 -54.29
C GLY R 346 24.57 -13.70 -54.38
N THR R 347 23.71 -13.23 -55.28
CA THR R 347 23.58 -11.83 -55.63
C THR R 347 22.27 -11.30 -55.04
N ALA R 348 22.07 -9.98 -55.11
CA ALA R 348 20.94 -9.35 -54.43
C ALA R 348 19.62 -9.60 -55.16
N GLY R 349 19.53 -9.16 -56.42
CA GLY R 349 18.25 -9.20 -57.11
C GLY R 349 17.83 -10.57 -57.58
N SER R 350 18.79 -11.47 -57.79
CA SER R 350 18.51 -12.78 -58.37
C SER R 350 18.47 -13.84 -57.27
N GLY R 351 18.14 -15.06 -57.68
CA GLY R 351 18.10 -16.19 -56.76
C GLY R 351 16.98 -16.10 -55.74
N ASN R 352 17.23 -16.63 -54.55
CA ASN R 352 16.26 -16.62 -53.46
C ASN R 352 16.41 -15.43 -52.53
N PHE R 353 17.24 -14.46 -52.89
CA PHE R 353 17.59 -13.35 -52.01
C PHE R 353 16.58 -12.21 -52.17
N GLY R 354 16.89 -11.06 -51.57
CA GLY R 354 15.97 -9.93 -51.55
C GLY R 354 16.63 -8.66 -52.06
N LYS R 355 15.79 -7.64 -52.25
CA LYS R 355 16.21 -6.36 -52.79
C LYS R 355 16.49 -5.36 -51.67
N LEU R 356 17.57 -4.61 -51.81
CA LEU R 356 17.97 -3.64 -50.81
C LEU R 356 17.11 -2.37 -50.91
N THR R 357 17.22 -1.53 -49.88
CA THR R 357 16.57 -0.23 -49.85
C THR R 357 17.55 0.78 -49.28
N ASN R 358 17.64 1.94 -49.92
CA ASN R 358 18.58 2.98 -49.53
C ASN R 358 17.86 4.09 -48.77
N GLY R 359 18.51 4.59 -47.72
CA GLY R 359 17.93 5.65 -46.92
C GLY R 359 17.20 5.19 -45.68
N ALA R 360 17.44 3.96 -45.23
CA ALA R 360 16.72 3.44 -44.08
C ALA R 360 17.52 2.29 -43.47
N LEU R 361 17.20 1.98 -42.21
CA LEU R 361 17.76 0.84 -41.50
C LEU R 361 16.61 -0.04 -41.01
N GLU R 362 16.96 -1.09 -40.27
CA GLU R 362 15.99 -2.08 -39.81
C GLU R 362 16.03 -2.18 -38.30
N ALA R 363 14.86 -2.39 -37.70
CA ALA R 363 14.74 -2.49 -36.25
C ALA R 363 15.22 -3.87 -35.78
N SER R 364 15.05 -4.15 -34.50
CA SER R 364 15.49 -5.40 -33.91
C SER R 364 14.34 -6.39 -33.69
N ASN R 365 13.18 -6.12 -34.28
CA ASN R 365 11.98 -6.97 -34.29
C ASN R 365 11.50 -7.36 -32.90
N VAL R 366 11.97 -6.68 -31.86
CA VAL R 366 11.57 -6.97 -30.48
C VAL R 366 10.36 -6.12 -30.13
N ASP R 367 9.25 -6.76 -29.79
CA ASP R 367 8.03 -6.07 -29.40
C ASP R 367 7.94 -6.06 -27.89
N LEU R 368 7.89 -4.86 -27.30
CA LEU R 368 7.86 -4.73 -25.85
C LEU R 368 6.60 -5.35 -25.26
N SER R 369 5.44 -5.04 -25.84
CA SER R 369 4.16 -5.48 -25.28
C SER R 369 4.08 -6.99 -25.14
N LYS R 370 4.78 -7.74 -25.99
CA LYS R 370 4.78 -9.20 -25.87
C LYS R 370 5.86 -9.71 -24.93
N GLU R 371 6.73 -8.85 -24.42
CA GLU R 371 7.73 -9.27 -23.45
C GLU R 371 7.35 -8.87 -22.03
N LEU R 372 6.69 -7.73 -21.86
CA LEU R 372 6.28 -7.31 -20.52
C LEU R 372 5.24 -8.23 -19.91
N VAL R 373 4.36 -8.82 -20.70
CA VAL R 373 3.39 -9.79 -20.21
C VAL R 373 4.05 -11.12 -19.87
N ASN R 374 4.99 -11.57 -20.71
CA ASN R 374 5.74 -12.77 -20.41
C ASN R 374 6.55 -12.60 -19.13
N MET R 375 7.04 -11.39 -18.85
CA MET R 375 7.75 -11.15 -17.60
C MET R 375 6.83 -11.40 -16.40
N ILE R 376 5.61 -10.88 -16.45
CA ILE R 376 4.67 -11.08 -15.36
C ILE R 376 4.33 -12.55 -15.21
N VAL R 377 4.07 -13.24 -16.33
CA VAL R 377 3.73 -14.65 -16.27
C VAL R 377 4.87 -15.46 -15.68
N ALA R 378 6.10 -15.15 -16.08
CA ALA R 378 7.26 -15.87 -15.58
C ALA R 378 7.45 -15.62 -14.09
N GLN R 379 7.26 -14.38 -13.64
CA GLN R 379 7.39 -14.08 -12.22
C GLN R 379 6.35 -14.84 -11.40
N ARG R 380 5.10 -14.87 -11.89
CA ARG R 380 4.07 -15.62 -11.18
C ARG R 380 4.38 -17.10 -11.15
N ASN R 381 4.89 -17.64 -12.26
CA ASN R 381 5.31 -19.05 -12.27
C ASN R 381 6.43 -19.29 -11.27
N TYR R 382 7.39 -18.38 -11.19
CA TYR R 382 8.48 -18.51 -10.24
C TYR R 382 7.96 -18.54 -8.80
N GLN R 383 7.03 -17.64 -8.48
CA GLN R 383 6.48 -17.61 -7.12
C GLN R 383 5.69 -18.88 -6.83
N SER R 384 4.85 -19.31 -7.77
CA SER R 384 4.05 -20.51 -7.56
C SER R 384 4.94 -21.74 -7.40
N ASN R 385 6.06 -21.79 -8.12
CA ASN R 385 6.96 -22.93 -7.99
C ASN R 385 7.75 -22.86 -6.69
N ALA R 386 8.17 -21.66 -6.28
CA ALA R 386 8.83 -21.50 -5.00
C ALA R 386 7.91 -21.83 -3.84
N GLN R 387 6.61 -21.78 -4.05
CA GLN R 387 5.67 -22.22 -3.03
C GLN R 387 5.89 -23.68 -2.63
N THR R 388 6.49 -24.48 -3.52
CA THR R 388 6.78 -25.87 -3.21
C THR R 388 7.90 -26.04 -2.19
N ILE R 389 8.96 -25.24 -2.29
CA ILE R 389 10.06 -25.37 -1.35
C ILE R 389 9.59 -25.05 0.06
N LYS R 390 8.69 -24.07 0.21
CA LYS R 390 8.19 -23.71 1.52
C LYS R 390 7.48 -24.88 2.19
N THR R 391 6.55 -25.50 1.48
CA THR R 391 5.82 -26.62 2.07
C THR R 391 6.71 -27.84 2.27
N GLN R 392 7.69 -28.05 1.37
CA GLN R 392 8.60 -29.18 1.57
C GLN R 392 9.47 -28.98 2.80
N ASP R 393 9.96 -27.74 3.01
CA ASP R 393 10.72 -27.46 4.21
C ASP R 393 9.86 -27.63 5.46
N GLN R 394 8.62 -27.15 5.42
CA GLN R 394 7.73 -27.30 6.56
C GLN R 394 7.46 -28.77 6.85
N ILE R 395 7.27 -29.58 5.79
CA ILE R 395 6.92 -30.98 5.97
C ILE R 395 8.11 -31.76 6.52
N LEU R 396 9.32 -31.44 6.04
CA LEU R 396 10.52 -32.07 6.57
C LEU R 396 10.77 -31.66 8.01
N ASN R 397 10.46 -30.39 8.34
CA ASN R 397 10.59 -29.94 9.73
C ASN R 397 9.62 -30.68 10.63
N THR R 398 8.38 -30.85 10.18
CA THR R 398 7.41 -31.61 10.96
C THR R 398 7.87 -33.04 11.19
N LEU R 399 8.44 -33.67 10.17
CA LEU R 399 8.86 -35.06 10.30
C LEU R 399 10.13 -35.20 11.15
N VAL R 400 11.07 -34.26 11.01
CA VAL R 400 12.42 -34.46 11.50
C VAL R 400 12.54 -34.39 13.02
N ASN R 401 11.70 -33.59 13.69
CA ASN R 401 11.78 -33.44 15.13
C ASN R 401 10.78 -34.36 15.81
N LEU R 402 10.60 -35.55 15.23
CA LEU R 402 9.60 -36.50 15.66
C LEU R 402 10.01 -37.25 16.92
N SER S 2 -15.99 -26.95 2.86
CA SER S 2 -14.64 -27.48 2.67
C SER S 2 -13.98 -26.87 1.44
N PHE S 3 -12.89 -27.50 0.99
CA PHE S 3 -12.17 -27.00 -0.17
C PHE S 3 -12.91 -27.26 -1.47
N SER S 4 -13.91 -28.15 -1.46
CA SER S 4 -14.70 -28.40 -2.66
C SER S 4 -15.40 -27.14 -3.14
N GLN S 5 -16.12 -26.47 -2.22
CA GLN S 5 -16.77 -25.22 -2.57
C GLN S 5 -15.75 -24.18 -3.01
N ALA S 6 -14.60 -24.14 -2.34
CA ALA S 6 -13.56 -23.17 -2.70
C ALA S 6 -13.09 -23.37 -4.14
N VAL S 7 -12.75 -24.61 -4.50
CA VAL S 7 -12.25 -24.86 -5.84
C VAL S 7 -13.34 -24.63 -6.86
N SER S 8 -14.59 -24.97 -6.53
CA SER S 8 -15.69 -24.72 -7.45
C SER S 8 -15.82 -23.23 -7.74
N GLY S 9 -15.78 -22.41 -6.67
CA GLY S 9 -15.86 -20.97 -6.85
C GLY S 9 -14.67 -20.41 -7.61
N LEU S 10 -13.47 -20.91 -7.34
CA LEU S 10 -12.29 -20.44 -8.06
C LEU S 10 -12.40 -20.74 -9.56
N ASN S 11 -12.82 -21.96 -9.91
CA ASN S 11 -12.99 -22.29 -11.33
C ASN S 11 -14.08 -21.43 -11.97
N ALA S 12 -15.20 -21.24 -11.26
CA ALA S 12 -16.28 -20.43 -11.79
C ALA S 12 -15.81 -19.01 -12.06
N ALA S 13 -15.09 -18.43 -11.10
CA ALA S 13 -14.56 -17.08 -11.27
C ALA S 13 -13.53 -17.01 -12.39
N ALA S 14 -12.68 -18.03 -12.55
CA ALA S 14 -11.70 -18.03 -13.63
C ALA S 14 -12.38 -18.02 -14.99
N THR S 15 -13.38 -18.89 -15.18
CA THR S 15 -14.08 -18.90 -16.47
C THR S 15 -14.86 -17.60 -16.67
N ASN S 16 -15.52 -17.10 -15.62
CA ASN S 16 -16.28 -15.88 -15.72
C ASN S 16 -15.40 -14.66 -15.91
N LEU S 17 -14.11 -14.74 -15.61
CA LEU S 17 -13.19 -13.68 -15.96
C LEU S 17 -12.65 -13.84 -17.38
N ASP S 18 -12.43 -15.09 -17.80
CA ASP S 18 -11.96 -15.34 -19.15
C ASP S 18 -12.98 -14.87 -20.20
N VAL S 19 -14.27 -15.00 -19.89
CA VAL S 19 -15.27 -14.60 -20.88
C VAL S 19 -15.24 -13.09 -21.13
N ILE S 20 -15.18 -12.27 -20.07
CA ILE S 20 -15.02 -10.83 -20.26
C ILE S 20 -13.66 -10.51 -20.85
N GLY S 21 -12.62 -11.29 -20.53
CA GLY S 21 -11.34 -11.08 -21.20
C GLY S 21 -11.46 -11.21 -22.70
N ASN S 22 -12.13 -12.27 -23.16
CA ASN S 22 -12.37 -12.45 -24.59
C ASN S 22 -13.20 -11.31 -25.16
N ASN S 23 -14.25 -10.91 -24.44
CA ASN S 23 -15.14 -9.86 -24.91
C ASN S 23 -14.39 -8.55 -25.11
N ILE S 24 -13.59 -8.15 -24.11
CA ILE S 24 -12.85 -6.90 -24.21
C ILE S 24 -11.76 -7.01 -25.27
N ALA S 25 -11.18 -8.20 -25.43
CA ALA S 25 -10.19 -8.37 -26.50
C ALA S 25 -10.82 -8.19 -27.87
N ASN S 26 -12.06 -8.67 -28.06
CA ASN S 26 -12.74 -8.62 -29.34
C ASN S 26 -13.69 -7.45 -29.45
N SER S 27 -13.32 -6.29 -28.90
CA SER S 27 -14.19 -5.12 -28.96
C SER S 27 -14.33 -4.54 -30.36
N ALA S 28 -13.46 -4.92 -31.29
CA ALA S 28 -13.49 -4.38 -32.64
C ALA S 28 -13.99 -5.39 -33.68
N THR S 29 -14.26 -6.63 -33.28
CA THR S 29 -14.77 -7.63 -34.20
C THR S 29 -16.14 -7.23 -34.73
N TYR S 30 -16.25 -7.03 -36.05
CA TYR S 30 -17.48 -6.50 -36.62
C TYR S 30 -18.66 -7.47 -36.44
N GLY S 31 -18.41 -8.77 -36.54
CA GLY S 31 -19.47 -9.74 -36.42
C GLY S 31 -19.45 -10.48 -35.09
N PHE S 32 -19.20 -9.75 -34.02
CA PHE S 32 -19.07 -10.38 -32.71
C PHE S 32 -20.39 -10.31 -31.94
N LYS S 33 -20.55 -11.25 -31.03
CA LYS S 33 -21.67 -11.27 -30.08
C LYS S 33 -21.10 -11.49 -28.68
N SER S 34 -21.64 -10.77 -27.71
CA SER S 34 -21.09 -10.82 -26.36
C SER S 34 -21.25 -12.23 -25.78
N GLY S 35 -20.27 -12.64 -24.99
CA GLY S 35 -20.30 -13.95 -24.37
C GLY S 35 -20.54 -13.89 -22.88
N THR S 36 -21.39 -14.78 -22.37
CA THR S 36 -21.77 -14.81 -20.97
C THR S 36 -21.73 -16.25 -20.49
N ALA S 37 -21.55 -16.43 -19.19
CA ALA S 37 -21.56 -17.75 -18.57
C ALA S 37 -22.74 -17.87 -17.62
N SER S 38 -23.22 -19.10 -17.46
CA SER S 38 -24.28 -19.39 -16.51
C SER S 38 -23.75 -20.35 -15.46
N PHE S 39 -24.31 -20.27 -14.25
CA PHE S 39 -23.84 -21.07 -13.13
C PHE S 39 -25.03 -21.75 -12.48
N ALA S 40 -24.74 -22.76 -11.66
CA ALA S 40 -25.76 -23.51 -10.94
C ALA S 40 -25.10 -24.26 -9.80
N ASP S 41 -25.82 -24.36 -8.69
CA ASP S 41 -25.31 -25.03 -7.51
C ASP S 41 -25.48 -26.54 -7.62
N MET S 42 -24.86 -27.27 -6.70
CA MET S 42 -24.97 -28.71 -6.62
C MET S 42 -25.40 -29.11 -5.22
N PHE S 43 -26.05 -30.27 -5.12
CA PHE S 43 -26.51 -30.80 -3.84
C PHE S 43 -26.53 -32.32 -3.88
N ALA S 44 -25.95 -32.93 -2.85
CA ALA S 44 -26.01 -34.37 -2.67
C ALA S 44 -27.21 -34.72 -1.81
N GLY S 45 -27.26 -35.97 -1.32
CA GLY S 45 -28.31 -36.35 -0.40
C GLY S 45 -28.29 -35.59 0.92
N SER S 46 -27.20 -34.92 1.24
CA SER S 46 -27.11 -34.12 2.44
C SER S 46 -27.85 -32.80 2.22
N LYS S 47 -27.78 -31.91 3.21
CA LYS S 47 -28.43 -30.60 3.12
C LYS S 47 -27.46 -29.46 2.89
N VAL S 48 -26.16 -29.67 3.10
CA VAL S 48 -25.19 -28.62 2.83
C VAL S 48 -24.90 -28.55 1.34
N GLY S 49 -24.43 -27.39 0.89
CA GLY S 49 -24.11 -27.20 -0.50
C GLY S 49 -22.83 -27.91 -0.90
N LEU S 50 -22.66 -28.04 -2.21
CA LEU S 50 -21.48 -28.69 -2.78
C LEU S 50 -20.63 -27.77 -3.63
N GLY S 51 -21.02 -26.50 -3.77
CA GLY S 51 -20.31 -25.55 -4.60
C GLY S 51 -21.19 -25.06 -5.74
N VAL S 52 -20.53 -24.67 -6.84
CA VAL S 52 -21.19 -24.16 -8.03
C VAL S 52 -20.66 -24.92 -9.24
N LYS S 53 -21.27 -24.67 -10.38
CA LYS S 53 -20.90 -25.35 -11.62
C LYS S 53 -21.09 -24.39 -12.78
N VAL S 54 -20.22 -24.50 -13.77
CA VAL S 54 -20.34 -23.75 -15.01
C VAL S 54 -21.38 -24.49 -15.85
N ALA S 55 -22.64 -24.11 -15.69
CA ALA S 55 -23.72 -24.82 -16.38
C ALA S 55 -23.62 -24.67 -17.89
N GLY S 56 -23.05 -23.57 -18.38
CA GLY S 56 -22.86 -23.41 -19.80
C GLY S 56 -22.52 -22.01 -20.25
N ILE S 57 -21.71 -21.90 -21.30
CA ILE S 57 -21.45 -20.63 -21.94
C ILE S 57 -22.55 -20.37 -22.96
N THR S 58 -22.85 -19.10 -23.19
CA THR S 58 -23.88 -18.70 -24.12
C THR S 58 -23.51 -17.35 -24.71
N GLN S 59 -24.19 -17.00 -25.79
CA GLN S 59 -23.99 -15.73 -26.46
C GLN S 59 -25.21 -14.84 -26.21
N ASP S 60 -25.21 -13.68 -26.87
CA ASP S 60 -26.40 -12.84 -26.96
C ASP S 60 -26.53 -12.33 -28.39
N PHE S 61 -27.63 -12.68 -29.04
CA PHE S 61 -27.82 -12.38 -30.45
C PHE S 61 -28.64 -11.12 -30.67
N THR S 62 -28.57 -10.18 -29.73
CA THR S 62 -29.01 -8.84 -30.02
C THR S 62 -28.08 -8.20 -31.05
N ASP S 63 -28.64 -7.33 -31.87
CA ASP S 63 -27.87 -6.71 -32.93
C ASP S 63 -26.83 -5.75 -32.36
N GLY S 64 -25.81 -5.49 -33.15
CA GLY S 64 -24.84 -4.45 -32.83
C GLY S 64 -25.39 -3.08 -33.14
N THR S 65 -24.52 -2.19 -33.58
CA THR S 65 -24.91 -0.87 -34.04
C THR S 65 -24.42 -0.69 -35.48
N THR S 66 -25.32 -0.27 -36.36
CA THR S 66 -24.97 -0.05 -37.76
C THR S 66 -24.06 1.17 -37.86
N THR S 67 -22.84 0.95 -38.37
CA THR S 67 -21.84 1.99 -38.47
C THR S 67 -21.51 2.22 -39.94
N ASN S 68 -21.63 3.47 -40.38
CA ASN S 68 -21.28 3.82 -41.75
C ASN S 68 -19.78 3.71 -41.96
N THR S 69 -19.40 3.24 -43.15
CA THR S 69 -17.99 3.11 -43.50
C THR S 69 -17.65 3.61 -44.89
N GLY S 70 -18.64 3.89 -45.74
CA GLY S 70 -18.41 4.51 -47.04
C GLY S 70 -18.24 3.58 -48.22
N ARG S 71 -17.64 2.41 -48.00
CA ARG S 71 -17.36 1.50 -49.10
C ARG S 71 -18.66 0.91 -49.65
N GLY S 72 -18.57 0.25 -50.80
CA GLY S 72 -19.75 -0.23 -51.50
C GLY S 72 -20.07 -1.70 -51.30
N LEU S 73 -19.04 -2.55 -51.32
CA LEU S 73 -19.24 -4.00 -51.19
C LEU S 73 -19.25 -4.37 -49.70
N ASP S 74 -20.34 -4.01 -49.05
CA ASP S 74 -20.50 -4.18 -47.62
C ASP S 74 -21.97 -4.01 -47.24
N VAL S 75 -22.51 -4.99 -46.52
CA VAL S 75 -23.93 -5.07 -46.25
C VAL S 75 -24.13 -5.42 -44.77
N ALA S 76 -25.24 -4.93 -44.21
CA ALA S 76 -25.59 -5.17 -42.82
C ALA S 76 -27.07 -5.53 -42.72
N ILE S 77 -27.40 -6.33 -41.71
CA ILE S 77 -28.75 -6.82 -41.44
C ILE S 77 -29.25 -6.18 -40.15
N SER S 78 -30.56 -5.88 -40.12
CA SER S 78 -31.18 -5.21 -38.99
C SER S 78 -32.03 -6.14 -38.12
N GLN S 79 -31.93 -7.45 -38.33
CA GLN S 79 -32.69 -8.41 -37.53
C GLN S 79 -32.02 -9.77 -37.68
N ASN S 80 -32.67 -10.82 -37.18
CA ASN S 80 -32.13 -12.16 -37.31
C ASN S 80 -32.03 -12.54 -38.78
N GLY S 81 -30.81 -12.58 -39.29
CA GLY S 81 -30.54 -12.93 -40.67
C GLY S 81 -29.06 -13.14 -40.88
N PHE S 82 -28.69 -14.25 -41.52
CA PHE S 82 -27.29 -14.65 -41.65
C PHE S 82 -26.94 -14.81 -43.12
N PHE S 83 -25.86 -14.16 -43.53
CA PHE S 83 -25.28 -14.46 -44.84
C PHE S 83 -24.76 -15.88 -44.84
N ARG S 84 -24.99 -16.58 -45.95
CA ARG S 84 -24.55 -17.96 -46.10
C ARG S 84 -23.36 -18.01 -47.06
N LEU S 85 -22.29 -18.66 -46.64
CA LEU S 85 -21.10 -18.82 -47.45
C LEU S 85 -20.76 -20.30 -47.56
N VAL S 86 -20.03 -20.64 -48.61
CA VAL S 86 -19.59 -22.01 -48.84
C VAL S 86 -18.07 -22.02 -48.93
N ASP S 87 -17.44 -22.88 -48.14
CA ASP S 87 -15.99 -22.99 -48.15
C ASP S 87 -15.54 -23.70 -49.42
N SER S 88 -14.22 -23.88 -49.55
CA SER S 88 -13.63 -24.52 -50.73
C SER S 88 -13.76 -26.04 -50.72
N ASN S 89 -14.55 -26.61 -49.80
CA ASN S 89 -14.71 -28.05 -49.74
C ASN S 89 -16.18 -28.46 -49.71
N GLY S 90 -17.09 -27.56 -50.08
CA GLY S 90 -18.51 -27.83 -50.03
C GLY S 90 -19.17 -27.59 -48.69
N SER S 91 -18.40 -27.39 -47.63
CA SER S 91 -18.98 -27.08 -46.33
C SER S 91 -19.63 -25.70 -46.38
N VAL S 92 -20.64 -25.52 -45.53
CA VAL S 92 -21.46 -24.31 -45.52
C VAL S 92 -21.39 -23.68 -44.14
N PHE S 93 -21.15 -22.37 -44.10
CA PHE S 93 -21.10 -21.60 -42.87
C PHE S 93 -22.03 -20.41 -42.98
N TYR S 94 -22.38 -19.85 -41.82
CA TYR S 94 -23.32 -18.75 -41.74
C TYR S 94 -22.76 -17.67 -40.83
N SER S 95 -22.89 -16.42 -41.25
CA SER S 95 -22.25 -15.32 -40.52
C SER S 95 -23.11 -14.07 -40.61
N ARG S 96 -22.59 -12.98 -40.05
CA ARG S 96 -23.23 -11.67 -40.10
C ARG S 96 -22.25 -10.58 -40.52
N ASN S 97 -21.01 -10.94 -40.81
CA ASN S 97 -19.99 -9.97 -41.18
C ASN S 97 -20.24 -9.46 -42.60
N GLY S 98 -19.98 -8.18 -42.83
CA GLY S 98 -20.22 -7.58 -44.12
C GLY S 98 -18.97 -7.06 -44.82
N GLN S 99 -17.88 -7.80 -44.74
CA GLN S 99 -16.62 -7.43 -45.38
C GLN S 99 -16.46 -8.26 -46.65
N PHE S 100 -16.55 -7.60 -47.81
CA PHE S 100 -16.51 -8.28 -49.09
C PHE S 100 -15.50 -7.60 -50.00
N LYS S 101 -14.70 -8.41 -50.69
CA LYS S 101 -13.76 -7.94 -51.69
C LYS S 101 -13.94 -8.73 -52.97
N LEU S 102 -13.36 -8.22 -54.06
CA LEU S 102 -13.47 -8.86 -55.36
C LEU S 102 -12.25 -9.73 -55.63
N ASP S 103 -12.38 -10.61 -56.61
CA ASP S 103 -11.36 -11.60 -56.91
C ASP S 103 -11.27 -11.75 -58.42
N GLU S 104 -10.14 -12.30 -58.89
CA GLU S 104 -9.93 -12.46 -60.32
C GLU S 104 -11.02 -13.33 -60.95
N ASN S 105 -11.59 -14.26 -60.17
CA ASN S 105 -12.72 -15.03 -60.64
C ASN S 105 -14.04 -14.27 -60.58
N ARG S 106 -13.99 -12.99 -60.18
CA ARG S 106 -15.18 -12.14 -60.07
C ARG S 106 -16.21 -12.70 -59.10
N ASN S 107 -15.75 -13.43 -58.10
CA ASN S 107 -16.59 -13.89 -57.02
C ASN S 107 -16.68 -12.84 -55.92
N LEU S 108 -17.82 -12.81 -55.24
CA LEU S 108 -17.97 -11.97 -54.06
C LEU S 108 -17.33 -12.71 -52.89
N VAL S 109 -16.11 -12.32 -52.55
CA VAL S 109 -15.26 -13.07 -51.63
C VAL S 109 -15.01 -12.22 -50.40
N ASN S 110 -15.23 -12.81 -49.23
CA ASN S 110 -14.86 -12.17 -47.97
C ASN S 110 -13.35 -12.28 -47.77
N MET S 111 -12.87 -11.75 -46.63
CA MET S 111 -11.43 -11.66 -46.41
C MET S 111 -10.76 -13.03 -46.32
N GLN S 112 -11.45 -14.05 -45.84
CA GLN S 112 -10.85 -15.35 -45.60
C GLN S 112 -10.97 -16.31 -46.79
N GLY S 113 -11.59 -15.88 -47.89
CA GLY S 113 -11.65 -16.67 -49.10
C GLY S 113 -12.99 -17.29 -49.39
N MET S 114 -13.92 -17.30 -48.44
CA MET S 114 -15.24 -17.85 -48.70
C MET S 114 -15.99 -16.97 -49.71
N GLN S 115 -16.89 -17.60 -50.46
CA GLN S 115 -17.66 -16.93 -51.50
C GLN S 115 -19.10 -16.74 -51.03
N LEU S 116 -19.62 -15.54 -51.22
CA LEU S 116 -21.01 -15.27 -50.87
C LEU S 116 -21.93 -16.11 -51.74
N THR S 117 -23.00 -16.62 -51.15
CA THR S 117 -23.91 -17.53 -51.82
C THR S 117 -25.29 -16.92 -51.95
N GLY S 118 -25.98 -17.27 -53.02
CA GLY S 118 -27.32 -16.76 -53.25
C GLY S 118 -27.87 -17.27 -54.56
N TYR S 119 -29.00 -16.71 -54.96
CA TYR S 119 -29.63 -17.17 -56.19
C TYR S 119 -28.94 -16.57 -57.40
N PRO S 120 -28.73 -17.36 -58.46
CA PRO S 120 -28.15 -16.79 -59.69
C PRO S 120 -29.21 -16.21 -60.62
N ALA S 121 -28.78 -15.59 -61.71
CA ALA S 121 -29.70 -15.00 -62.67
C ALA S 121 -29.33 -15.45 -64.08
N THR S 122 -30.32 -15.90 -64.83
CA THR S 122 -30.11 -16.34 -66.20
C THR S 122 -31.20 -15.76 -67.09
N GLY S 123 -30.87 -15.58 -68.36
CA GLY S 123 -31.80 -15.08 -69.35
C GLY S 123 -31.29 -13.83 -70.03
N THR S 124 -32.13 -13.31 -70.92
CA THR S 124 -31.83 -12.08 -71.66
C THR S 124 -33.14 -11.36 -71.95
N PRO S 125 -33.55 -10.44 -71.06
CA PRO S 125 -32.86 -10.02 -69.83
C PRO S 125 -32.89 -11.10 -68.74
N PRO S 126 -31.83 -11.18 -67.95
CA PRO S 126 -31.75 -12.22 -66.92
C PRO S 126 -32.83 -12.04 -65.86
N THR S 127 -33.22 -13.18 -65.28
CA THR S 127 -34.23 -13.19 -64.23
C THR S 127 -33.80 -14.19 -63.16
N ILE S 128 -34.16 -13.90 -61.91
CA ILE S 128 -33.77 -14.74 -60.78
C ILE S 128 -34.59 -16.02 -60.79
N GLN S 129 -33.90 -17.15 -60.69
CA GLN S 129 -34.56 -18.45 -60.53
C GLN S 129 -34.66 -18.74 -59.03
N GLN S 130 -35.75 -18.25 -58.43
CA GLN S 130 -35.92 -18.38 -56.99
C GLN S 130 -36.02 -19.84 -56.55
N GLY S 131 -36.61 -20.70 -57.38
CA GLY S 131 -36.72 -22.10 -57.02
C GLY S 131 -35.39 -22.83 -57.03
N ALA S 132 -34.42 -22.37 -57.82
CA ALA S 132 -33.12 -23.01 -57.87
C ALA S 132 -32.39 -22.83 -56.54
N ASN S 133 -31.60 -23.84 -56.17
CA ASN S 133 -30.82 -23.76 -54.95
C ASN S 133 -29.76 -22.67 -55.08
N PRO S 134 -29.38 -22.00 -53.98
CA PRO S 134 -28.42 -20.91 -54.06
C PRO S 134 -27.06 -21.38 -54.59
N ALA S 135 -26.39 -20.49 -55.32
CA ALA S 135 -25.08 -20.76 -55.90
C ALA S 135 -24.16 -19.56 -55.66
N PRO S 136 -22.85 -19.78 -55.61
CA PRO S 136 -21.91 -18.65 -55.45
C PRO S 136 -22.12 -17.56 -56.48
N ILE S 137 -22.52 -16.38 -56.02
CA ILE S 137 -22.83 -15.26 -56.91
C ILE S 137 -21.54 -14.73 -57.52
N THR S 138 -21.61 -14.35 -58.80
CA THR S 138 -20.47 -13.80 -59.52
C THR S 138 -20.89 -12.49 -60.18
N ILE S 139 -19.90 -11.66 -60.50
CA ILE S 139 -20.13 -10.44 -61.26
C ILE S 139 -19.16 -10.43 -62.43
N PRO S 140 -19.47 -11.10 -63.53
CA PRO S 140 -18.57 -11.15 -64.67
C PRO S 140 -18.61 -9.83 -65.44
N ASN S 141 -17.71 -9.71 -66.42
CA ASN S 141 -17.59 -8.52 -67.24
C ASN S 141 -18.19 -8.70 -68.63
N THR S 142 -18.88 -9.80 -68.88
CA THR S 142 -19.47 -10.03 -70.20
C THR S 142 -20.56 -9.01 -70.48
N LEU S 143 -20.53 -8.44 -71.68
CA LEU S 143 -21.50 -7.43 -72.08
C LEU S 143 -22.85 -8.06 -72.36
N MET S 144 -23.83 -7.21 -72.68
CA MET S 144 -25.19 -7.64 -72.95
C MET S 144 -25.55 -7.39 -74.41
N ALA S 145 -26.43 -8.23 -74.94
CA ALA S 145 -26.93 -8.10 -76.30
C ALA S 145 -28.13 -7.16 -76.34
N ALA S 146 -28.39 -6.61 -77.51
CA ALA S 146 -29.47 -5.66 -77.69
C ALA S 146 -30.79 -6.37 -77.98
N LYS S 147 -31.89 -5.63 -77.81
CA LYS S 147 -33.22 -6.12 -78.11
C LYS S 147 -33.92 -5.11 -79.02
N SER S 148 -34.54 -5.60 -80.09
CA SER S 148 -35.14 -4.73 -81.08
C SER S 148 -36.38 -4.03 -80.50
N THR S 149 -36.71 -2.89 -81.11
CA THR S 149 -37.87 -2.12 -80.69
C THR S 149 -39.16 -2.89 -80.97
N THR S 150 -40.11 -2.79 -80.04
CA THR S 150 -41.41 -3.43 -80.21
C THR S 150 -42.57 -2.55 -79.80
N THR S 151 -42.33 -1.29 -79.46
CA THR S 151 -43.39 -0.36 -79.09
C THR S 151 -42.90 1.08 -79.14
N ALA S 152 -43.62 1.95 -79.85
CA ALA S 152 -43.26 3.35 -79.97
C ALA S 152 -44.51 4.21 -79.94
N SER S 153 -44.34 5.48 -79.56
CA SER S 153 -45.44 6.43 -79.54
C SER S 153 -44.91 7.85 -79.68
N MET S 154 -45.31 8.51 -80.76
CA MET S 154 -45.06 9.94 -80.93
C MET S 154 -46.35 10.67 -81.25
N GLN S 155 -46.54 11.86 -80.70
CA GLN S 155 -47.71 12.67 -80.97
C GLN S 155 -47.29 14.04 -81.48
N ILE S 156 -48.15 14.64 -82.29
CA ILE S 156 -47.89 15.94 -82.90
C ILE S 156 -49.13 16.80 -82.77
N ASN S 157 -48.95 18.04 -82.31
CA ASN S 157 -50.03 19.01 -82.19
C ASN S 157 -50.01 19.88 -83.46
N LEU S 158 -51.05 19.77 -84.27
CA LEU S 158 -51.11 20.47 -85.54
C LEU S 158 -51.98 21.72 -85.43
N ASN S 159 -52.21 22.36 -86.57
CA ASN S 159 -53.01 23.58 -86.64
C ASN S 159 -54.02 23.47 -87.76
N SER S 160 -55.18 24.10 -87.56
CA SER S 160 -56.20 24.16 -88.60
C SER S 160 -55.90 25.21 -89.67
N THR S 161 -54.88 26.04 -89.47
CA THR S 161 -54.49 27.07 -90.42
C THR S 161 -53.24 26.70 -91.21
N ASP S 162 -53.07 25.41 -91.52
CA ASP S 162 -51.93 24.95 -92.30
C ASP S 162 -52.36 24.61 -93.72
N PRO S 163 -51.52 24.88 -94.72
CA PRO S 163 -51.92 24.65 -96.12
C PRO S 163 -51.64 23.23 -96.58
N VAL S 164 -52.40 22.83 -97.59
CA VAL S 164 -52.18 21.53 -98.24
C VAL S 164 -50.84 21.57 -98.97
N PRO S 165 -50.03 20.51 -98.93
CA PRO S 165 -48.78 20.52 -99.69
C PRO S 165 -49.03 20.69 -101.18
N SER S 166 -48.12 21.42 -101.83
CA SER S 166 -48.31 21.76 -103.24
C SER S 166 -48.11 20.56 -104.15
N LYS S 167 -46.91 19.97 -104.12
CA LYS S 167 -46.60 18.82 -104.97
C LYS S 167 -47.20 17.58 -104.34
N THR S 168 -48.31 17.11 -104.91
CA THR S 168 -48.98 15.93 -104.37
C THR S 168 -48.11 14.67 -104.39
N PRO S 169 -47.41 14.33 -105.48
CA PRO S 169 -46.50 13.17 -105.41
C PRO S 169 -45.41 13.40 -104.39
N PHE S 170 -45.15 12.38 -103.57
CA PHE S 170 -44.23 12.50 -102.46
C PHE S 170 -42.88 11.89 -102.83
N SER S 171 -41.80 12.53 -102.36
CA SER S 171 -40.45 12.03 -102.52
C SER S 171 -39.64 12.36 -101.28
N VAL S 172 -38.51 11.65 -101.13
CA VAL S 172 -37.60 11.93 -100.02
C VAL S 172 -36.63 13.05 -100.34
N SER S 173 -36.77 13.72 -101.48
CA SER S 173 -35.88 14.80 -101.88
C SER S 173 -36.57 16.16 -101.87
N ASP S 174 -37.87 16.22 -102.12
CA ASP S 174 -38.57 17.49 -102.16
C ASP S 174 -38.84 18.00 -100.75
N ALA S 175 -39.55 19.12 -100.65
CA ALA S 175 -39.84 19.76 -99.38
C ALA S 175 -41.31 19.98 -99.11
N ASP S 176 -42.10 20.35 -100.12
CA ASP S 176 -43.51 20.67 -99.94
C ASP S 176 -44.40 19.55 -100.46
N SER S 177 -43.95 18.30 -100.32
CA SER S 177 -44.79 17.14 -100.58
C SER S 177 -45.45 16.60 -99.32
N TYR S 178 -45.23 17.25 -98.19
CA TYR S 178 -45.75 16.79 -96.91
C TYR S 178 -45.92 18.00 -95.99
N ASN S 179 -46.78 17.84 -94.99
CA ASN S 179 -46.89 18.87 -93.96
C ASN S 179 -45.71 18.87 -93.00
N LYS S 180 -45.28 17.71 -92.52
CA LYS S 180 -44.17 17.66 -91.59
C LYS S 180 -43.39 16.37 -91.76
N LYS S 181 -42.17 16.37 -91.22
CA LYS S 181 -41.29 15.20 -91.22
C LYS S 181 -40.68 15.05 -89.84
N GLY S 182 -41.08 14.00 -89.12
CA GLY S 182 -40.48 13.64 -87.86
C GLY S 182 -39.54 12.46 -88.02
N THR S 183 -38.73 12.23 -86.99
CA THR S 183 -37.74 11.17 -87.03
C THR S 183 -37.78 10.36 -85.74
N VAL S 184 -37.34 9.11 -85.85
CA VAL S 184 -37.20 8.22 -84.70
C VAL S 184 -36.01 7.30 -84.96
N THR S 185 -35.28 6.97 -83.91
CA THR S 185 -34.14 6.08 -84.00
C THR S 185 -34.43 4.78 -83.27
N VAL S 186 -34.30 3.66 -83.95
CA VAL S 186 -34.52 2.34 -83.39
C VAL S 186 -33.26 1.51 -83.61
N TYR S 187 -33.27 0.30 -83.07
CA TYR S 187 -32.13 -0.60 -83.19
C TYR S 187 -32.60 -2.01 -83.52
N ASP S 188 -31.82 -2.70 -84.34
CA ASP S 188 -32.12 -4.07 -84.73
C ASP S 188 -31.71 -5.02 -83.62
N SER S 189 -31.75 -6.32 -83.90
CA SER S 189 -31.19 -7.33 -83.03
C SER S 189 -29.69 -7.51 -83.23
N GLN S 190 -29.06 -6.56 -83.94
CA GLN S 190 -27.62 -6.60 -84.18
C GLN S 190 -26.94 -5.32 -83.71
N GLY S 191 -27.64 -4.44 -83.01
CA GLY S 191 -27.04 -3.22 -82.51
C GLY S 191 -26.68 -2.20 -83.56
N ASN S 192 -27.50 -2.02 -84.58
CA ASN S 192 -27.30 -0.99 -85.57
C ASN S 192 -28.42 0.02 -85.53
N ALA S 193 -28.05 1.31 -85.58
CA ALA S 193 -29.03 2.38 -85.52
C ALA S 193 -29.75 2.50 -86.85
N HIS S 194 -31.08 2.50 -86.80
CA HIS S 194 -31.92 2.69 -87.98
C HIS S 194 -32.80 3.91 -87.75
N ASP S 195 -32.75 4.86 -88.68
CA ASP S 195 -33.48 6.12 -88.56
C ASP S 195 -34.72 6.04 -89.44
N MET S 196 -35.88 5.91 -88.80
CA MET S 196 -37.16 5.89 -89.50
C MET S 196 -37.72 7.32 -89.49
N ASN S 197 -37.96 7.87 -90.67
CA ASN S 197 -38.58 9.17 -90.80
C ASN S 197 -40.05 8.99 -91.17
N VAL S 198 -40.92 9.63 -90.39
CA VAL S 198 -42.36 9.62 -90.63
C VAL S 198 -42.73 10.96 -91.26
N TYR S 199 -43.65 10.91 -92.23
CA TYR S 199 -44.05 12.09 -92.99
C TYR S 199 -45.55 12.25 -92.89
N PHE S 200 -46.00 13.50 -92.72
CA PHE S 200 -47.40 13.82 -92.56
C PHE S 200 -47.83 14.78 -93.66
N VAL S 201 -48.87 14.41 -94.40
CA VAL S 201 -49.38 15.15 -95.54
C VAL S 201 -50.85 15.45 -95.29
N LYS S 202 -51.26 16.70 -95.48
CA LYS S 202 -52.65 17.08 -95.30
C LYS S 202 -53.46 16.66 -96.52
N THR S 203 -54.22 15.57 -96.41
CA THR S 203 -55.06 15.16 -97.53
C THR S 203 -56.24 16.11 -97.69
N LYS S 204 -56.85 16.52 -96.59
CA LYS S 204 -57.91 17.51 -96.56
C LYS S 204 -58.03 18.03 -95.14
N ASP S 205 -59.02 18.88 -94.90
CA ASP S 205 -59.18 19.48 -93.57
C ASP S 205 -59.49 18.40 -92.54
N ASN S 206 -58.70 18.40 -91.46
CA ASN S 206 -58.79 17.40 -90.40
C ASN S 206 -58.51 15.98 -90.90
N GLU S 207 -57.56 15.80 -91.81
CA GLU S 207 -57.19 14.48 -92.30
C GLU S 207 -55.76 14.50 -92.82
N TRP S 208 -54.92 13.64 -92.26
CA TRP S 208 -53.49 13.62 -92.60
C TRP S 208 -53.01 12.20 -92.85
N ALA S 209 -52.49 11.96 -94.05
CA ALA S 209 -51.83 10.69 -94.35
C ALA S 209 -50.43 10.68 -93.76
N VAL S 210 -50.00 9.50 -93.32
CA VAL S 210 -48.71 9.31 -92.66
C VAL S 210 -47.94 8.24 -93.41
N TYR S 211 -46.75 8.59 -93.88
CA TYR S 211 -45.77 7.71 -94.52
C TYR S 211 -44.65 7.37 -93.53
N THR S 212 -43.99 6.25 -93.79
CA THR S 212 -42.80 5.85 -93.04
C THR S 212 -41.72 5.42 -94.01
N HIS S 213 -40.49 5.89 -93.78
CA HIS S 213 -39.38 5.58 -94.67
C HIS S 213 -38.13 5.30 -93.85
N ASP S 214 -37.29 4.38 -94.33
CA ASP S 214 -35.99 4.12 -93.71
C ASP S 214 -34.92 4.88 -94.48
N SER S 215 -34.50 6.03 -93.94
CA SER S 215 -33.50 6.87 -94.59
C SER S 215 -32.07 6.53 -94.17
N SER S 216 -31.89 5.54 -93.30
CA SER S 216 -30.54 5.13 -92.91
C SER S 216 -29.85 4.39 -94.04
N ASP S 217 -30.45 3.30 -94.51
CA ASP S 217 -29.92 2.48 -95.60
C ASP S 217 -30.62 2.82 -96.91
N PRO S 218 -29.92 2.67 -98.04
CA PRO S 218 -30.54 2.98 -99.34
C PRO S 218 -31.47 1.89 -99.85
N ALA S 219 -31.54 0.74 -99.19
CA ALA S 219 -32.39 -0.35 -99.68
C ALA S 219 -33.87 -0.03 -99.57
N ALA S 220 -34.26 0.91 -98.70
CA ALA S 220 -35.66 1.24 -98.54
C ALA S 220 -36.17 2.04 -99.73
N THR S 221 -37.33 1.66 -100.25
CA THR S 221 -37.93 2.37 -101.35
C THR S 221 -38.59 3.65 -100.87
N ALA S 222 -38.90 4.53 -101.81
CA ALA S 222 -39.63 5.75 -101.49
C ALA S 222 -41.05 5.37 -101.04
N PRO S 223 -41.50 5.85 -99.87
CA PRO S 223 -42.83 5.46 -99.39
C PRO S 223 -43.94 5.86 -100.35
N THR S 224 -44.63 4.87 -100.90
CA THR S 224 -45.71 5.14 -101.85
C THR S 224 -47.04 5.23 -101.13
N THR S 225 -47.43 4.16 -100.43
CA THR S 225 -48.70 4.10 -99.74
C THR S 225 -48.59 4.73 -98.36
N ALA S 226 -49.75 5.06 -97.79
CA ALA S 226 -49.78 5.69 -96.47
C ALA S 226 -49.58 4.64 -95.38
N SER S 227 -48.67 4.94 -94.45
CA SER S 227 -48.54 4.08 -93.28
C SER S 227 -49.82 4.13 -92.44
N THR S 228 -50.49 5.28 -92.39
CA THR S 228 -51.81 5.36 -91.75
C THR S 228 -52.48 6.66 -92.17
N THR S 229 -53.65 6.91 -91.61
CA THR S 229 -54.34 8.18 -91.75
C THR S 229 -54.83 8.65 -90.39
N LEU S 230 -54.84 9.96 -90.20
CA LEU S 230 -55.23 10.60 -88.95
C LEU S 230 -56.47 11.44 -89.21
N LYS S 231 -57.50 11.23 -88.40
CA LYS S 231 -58.78 11.91 -88.51
C LYS S 231 -59.08 12.63 -87.20
N PHE S 232 -59.84 13.71 -87.29
CA PHE S 232 -60.17 14.53 -86.13
C PHE S 232 -61.67 14.73 -86.01
N ASN S 233 -62.15 14.78 -84.78
CA ASN S 233 -63.56 15.06 -84.51
C ASN S 233 -63.86 16.52 -84.81
N GLU S 234 -65.15 16.84 -84.89
CA GLU S 234 -65.57 18.21 -85.17
C GLU S 234 -65.17 19.17 -84.06
N ASN S 235 -64.93 18.68 -82.85
CA ASN S 235 -64.48 19.50 -81.74
C ASN S 235 -62.97 19.46 -81.56
N GLY S 236 -62.24 18.78 -82.44
CA GLY S 236 -60.80 18.70 -82.35
C GLY S 236 -60.24 17.49 -81.63
N ILE S 237 -60.93 16.35 -81.66
CA ILE S 237 -60.52 15.16 -80.93
C ILE S 237 -60.14 14.07 -81.91
N LEU S 238 -59.01 13.41 -81.62
CA LEU S 238 -58.58 12.26 -82.41
C LEU S 238 -59.55 11.11 -82.21
N GLU S 239 -59.94 10.46 -83.31
CA GLU S 239 -60.94 9.40 -83.26
C GLU S 239 -60.41 8.06 -83.75
N SER S 240 -59.75 8.03 -84.90
CA SER S 240 -59.33 6.77 -85.50
C SER S 240 -57.94 6.92 -86.12
N GLY S 241 -57.41 5.81 -86.63
CA GLY S 241 -56.10 5.82 -87.26
C GLY S 241 -54.95 6.11 -86.33
N GLY S 242 -54.92 5.50 -85.15
CA GLY S 242 -53.88 5.75 -84.19
C GLY S 242 -52.81 4.68 -84.08
N THR S 243 -53.08 3.50 -84.64
CA THR S 243 -52.17 2.36 -84.52
C THR S 243 -51.54 2.05 -85.88
N VAL S 244 -50.23 1.76 -85.86
CA VAL S 244 -49.46 1.51 -87.07
C VAL S 244 -48.49 0.38 -86.77
N ASN S 245 -48.12 -0.38 -87.81
CA ASN S 245 -47.10 -1.41 -87.69
C ASN S 245 -46.11 -1.25 -88.85
N ILE S 246 -44.86 -0.92 -88.52
CA ILE S 246 -43.88 -0.56 -89.53
C ILE S 246 -42.59 -1.36 -89.32
N THR S 247 -41.99 -1.80 -90.42
CA THR S 247 -40.71 -2.51 -90.41
C THR S 247 -39.64 -1.64 -91.05
N THR S 248 -38.41 -1.77 -90.55
CA THR S 248 -37.27 -1.03 -91.06
C THR S 248 -36.62 -1.80 -92.20
N GLY S 249 -35.41 -1.38 -92.59
CA GLY S 249 -34.62 -2.07 -93.59
C GLY S 249 -33.36 -2.65 -92.96
N THR S 250 -32.97 -3.82 -93.44
CA THR S 250 -31.82 -4.52 -92.89
C THR S 250 -30.52 -3.81 -93.28
N ILE S 251 -29.54 -3.87 -92.38
CA ILE S 251 -28.25 -3.21 -92.58
C ILE S 251 -27.14 -4.17 -92.16
N ASN S 252 -26.34 -4.60 -93.13
CA ASN S 252 -25.16 -5.45 -92.87
C ASN S 252 -25.56 -6.74 -92.16
N GLY S 253 -26.38 -7.54 -92.84
CA GLY S 253 -26.84 -8.79 -92.27
C GLY S 253 -27.71 -8.61 -91.05
N ALA S 254 -28.68 -7.70 -91.13
CA ALA S 254 -29.56 -7.40 -90.01
C ALA S 254 -30.99 -7.82 -90.31
N THR S 255 -31.91 -7.49 -89.41
CA THR S 255 -33.33 -7.75 -89.59
C THR S 255 -34.12 -6.46 -89.46
N ALA S 256 -35.22 -6.39 -90.19
CA ALA S 256 -36.10 -5.23 -90.13
C ALA S 256 -36.65 -5.06 -88.72
N ALA S 257 -36.39 -3.90 -88.13
CA ALA S 257 -36.92 -3.59 -86.80
C ALA S 257 -38.41 -3.34 -86.91
N THR S 258 -39.21 -4.29 -86.46
CA THR S 258 -40.66 -4.22 -86.56
C THR S 258 -41.22 -3.60 -85.29
N PHE S 259 -41.94 -2.49 -85.43
CA PHE S 259 -42.47 -1.79 -84.27
C PHE S 259 -43.93 -1.46 -84.49
N SER S 260 -44.68 -1.48 -83.38
CA SER S 260 -46.08 -1.09 -83.32
C SER S 260 -46.15 0.30 -82.70
N LEU S 261 -46.48 1.28 -83.53
CA LEU S 261 -46.44 2.69 -83.15
C LEU S 261 -47.86 3.20 -82.89
N SER S 262 -48.03 3.90 -81.77
CA SER S 262 -49.33 4.43 -81.38
C SER S 262 -49.32 5.95 -81.42
N PHE S 263 -50.28 6.52 -82.16
CA PHE S 263 -50.49 7.96 -82.23
C PHE S 263 -51.57 8.42 -81.26
N LEU S 264 -51.75 7.70 -80.16
CA LEU S 264 -52.88 7.95 -79.26
C LEU S 264 -52.78 9.33 -78.61
N ASN S 265 -53.92 10.01 -78.53
CA ASN S 265 -54.04 11.28 -77.82
C ASN S 265 -53.16 12.38 -78.43
N SER S 266 -53.43 12.69 -79.70
CA SER S 266 -52.87 13.87 -80.36
C SER S 266 -54.03 14.78 -80.77
N MET S 267 -54.11 15.95 -80.15
CA MET S 267 -55.20 16.90 -80.36
C MET S 267 -54.76 18.03 -81.28
N GLN S 268 -55.75 18.82 -81.72
CA GLN S 268 -55.50 19.95 -82.61
C GLN S 268 -56.71 20.89 -82.54
N GLN S 269 -56.49 22.09 -82.00
CA GLN S 269 -57.54 23.11 -81.95
C GLN S 269 -56.96 24.48 -82.33
N ASN S 270 -56.21 24.51 -83.43
CA ASN S 270 -55.59 25.74 -83.94
C ASN S 270 -54.63 26.32 -82.90
N THR S 271 -53.61 25.54 -82.56
CA THR S 271 -52.66 25.90 -81.52
C THR S 271 -51.41 26.55 -82.12
N GLY S 272 -51.60 27.71 -82.74
CA GLY S 272 -50.49 28.50 -83.26
C GLY S 272 -49.67 27.79 -84.31
N ALA S 273 -48.45 27.40 -83.95
CA ALA S 273 -47.54 26.70 -84.84
C ALA S 273 -47.62 25.19 -84.60
N ASN S 274 -47.04 24.44 -85.53
CA ASN S 274 -47.07 22.99 -85.49
C ASN S 274 -45.83 22.48 -84.75
N ASN S 275 -46.01 21.43 -83.95
CA ASN S 275 -44.92 20.91 -83.13
C ASN S 275 -45.19 19.46 -82.76
N ILE S 276 -44.14 18.65 -82.76
CA ILE S 276 -44.22 17.27 -82.30
C ILE S 276 -44.22 17.25 -80.77
N VAL S 277 -45.08 16.42 -80.19
CA VAL S 277 -45.29 16.45 -78.75
C VAL S 277 -44.45 15.39 -78.06
N ALA S 278 -44.67 14.12 -78.40
CA ALA S 278 -44.09 13.01 -77.67
C ALA S 278 -43.13 12.22 -78.54
N THR S 279 -42.30 11.40 -77.89
CA THR S 279 -41.41 10.46 -78.56
C THR S 279 -41.11 9.33 -77.59
N ASN S 280 -41.20 8.09 -78.06
CA ASN S 280 -41.01 6.93 -77.20
C ASN S 280 -40.52 5.75 -78.02
N GLN S 281 -39.61 4.97 -77.43
CA GLN S 281 -39.14 3.72 -78.01
C GLN S 281 -38.60 2.84 -76.90
N ASN S 282 -38.50 1.55 -77.19
CA ASN S 282 -37.96 0.58 -76.24
C ASN S 282 -36.89 -0.27 -76.91
N GLY S 283 -36.00 0.39 -77.65
CA GLY S 283 -34.88 -0.26 -78.27
C GLY S 283 -33.70 -0.42 -77.32
N TYR S 284 -32.63 -1.00 -77.84
CA TYR S 284 -31.44 -1.24 -77.03
C TYR S 284 -30.17 -1.02 -77.84
N LYS S 285 -29.02 -1.38 -77.26
CA LYS S 285 -27.74 -1.31 -77.92
C LYS S 285 -26.76 -2.11 -77.06
N PRO S 286 -25.88 -2.91 -77.66
CA PRO S 286 -24.94 -3.70 -76.85
C PRO S 286 -24.07 -2.80 -75.99
N GLY S 287 -24.26 -2.93 -74.68
CA GLY S 287 -23.53 -2.11 -73.73
C GLY S 287 -22.60 -2.92 -72.84
N ASP S 288 -21.60 -2.27 -72.27
CA ASP S 288 -20.58 -2.92 -71.46
C ASP S 288 -20.70 -2.48 -70.02
N LEU S 289 -20.38 -3.38 -69.09
CA LEU S 289 -20.46 -3.10 -67.67
C LEU S 289 -19.63 -1.88 -67.31
N VAL S 290 -20.23 -0.96 -66.55
CA VAL S 290 -19.53 0.24 -66.11
C VAL S 290 -19.53 0.39 -64.59
N SER S 291 -20.48 -0.21 -63.87
CA SER S 291 -20.52 -0.11 -62.42
C SER S 291 -21.38 -1.23 -61.87
N TYR S 292 -21.19 -1.52 -60.58
CA TYR S 292 -21.96 -2.54 -59.90
C TYR S 292 -22.24 -2.08 -58.47
N GLN S 293 -23.39 -2.48 -57.94
CA GLN S 293 -23.84 -2.00 -56.65
C GLN S 293 -24.80 -3.01 -56.05
N ILE S 294 -25.15 -2.80 -54.78
CA ILE S 294 -26.07 -3.64 -54.05
C ILE S 294 -27.22 -2.79 -53.54
N ASN S 295 -28.45 -3.28 -53.71
CA ASN S 295 -29.63 -2.56 -53.30
C ASN S 295 -30.07 -3.02 -51.90
N ASN S 296 -31.19 -2.47 -51.43
CA ASN S 296 -31.69 -2.72 -50.09
C ASN S 296 -32.55 -3.99 -50.02
N ASP S 297 -32.43 -4.89 -50.99
CA ASP S 297 -33.20 -6.12 -50.98
C ASP S 297 -32.34 -7.38 -51.15
N GLY S 298 -31.03 -7.24 -51.38
CA GLY S 298 -30.16 -8.37 -51.58
C GLY S 298 -29.83 -8.68 -53.01
N THR S 299 -30.27 -7.86 -53.97
CA THR S 299 -30.04 -8.10 -55.38
C THR S 299 -28.93 -7.19 -55.87
N VAL S 300 -27.85 -7.78 -56.37
CA VAL S 300 -26.77 -7.01 -56.97
C VAL S 300 -27.20 -6.54 -58.36
N VAL S 301 -26.92 -5.28 -58.67
CA VAL S 301 -27.31 -4.68 -59.94
C VAL S 301 -26.06 -4.10 -60.60
N GLY S 302 -25.79 -4.54 -61.82
CA GLY S 302 -24.66 -4.05 -62.58
C GLY S 302 -25.13 -3.20 -63.75
N ASN S 303 -24.77 -1.91 -63.70
CA ASN S 303 -25.13 -0.98 -64.76
C ASN S 303 -24.19 -1.16 -65.94
N TYR S 304 -24.73 -1.03 -67.14
CA TYR S 304 -23.95 -1.19 -68.36
C TYR S 304 -23.86 0.12 -69.13
N SER S 305 -22.98 0.13 -70.12
CA SER S 305 -22.70 1.36 -70.89
C SER S 305 -23.92 1.86 -71.65
N ASN S 306 -24.92 1.02 -71.88
CA ASN S 306 -26.17 1.45 -72.50
C ASN S 306 -27.21 1.89 -71.47
N GLU S 307 -26.75 2.32 -70.29
CA GLU S 307 -27.60 2.65 -69.14
C GLU S 307 -28.77 1.68 -68.99
N GLN S 308 -28.50 0.39 -69.18
CA GLN S 308 -29.50 -0.66 -69.01
C GLN S 308 -29.04 -1.57 -67.88
N GLU S 309 -29.70 -1.46 -66.73
CA GLU S 309 -29.36 -2.27 -65.58
C GLU S 309 -29.67 -3.74 -65.85
N GLN S 310 -28.85 -4.62 -65.30
CA GLN S 310 -29.00 -6.05 -65.50
C GLN S 310 -28.70 -6.78 -64.19
N VAL S 311 -29.63 -7.63 -63.76
CA VAL S 311 -29.46 -8.35 -62.50
C VAL S 311 -28.32 -9.35 -62.62
N LEU S 312 -27.60 -9.57 -61.51
CA LEU S 312 -26.48 -10.48 -61.50
C LEU S 312 -26.56 -11.49 -60.35
N GLY S 313 -27.68 -11.56 -59.64
CA GLY S 313 -27.83 -12.49 -58.54
C GLY S 313 -28.45 -11.84 -57.31
N GLN S 314 -28.96 -12.66 -56.39
CA GLN S 314 -29.57 -12.16 -55.17
C GLN S 314 -29.03 -12.93 -53.97
N ILE S 315 -28.73 -12.20 -52.90
CA ILE S 315 -28.20 -12.79 -51.68
C ILE S 315 -29.32 -13.51 -50.94
N VAL S 316 -28.96 -14.58 -50.24
CA VAL S 316 -29.89 -15.39 -49.46
C VAL S 316 -29.52 -15.30 -47.99
N LEU S 317 -30.53 -15.28 -47.13
CA LEU S 317 -30.34 -15.22 -45.69
C LEU S 317 -30.77 -16.54 -45.04
N ALA S 318 -30.55 -16.64 -43.73
CA ALA S 318 -30.88 -17.84 -42.99
C ALA S 318 -31.31 -17.45 -41.58
N ASN S 319 -32.53 -17.82 -41.20
CA ASN S 319 -33.05 -17.62 -39.85
C ASN S 319 -33.25 -19.00 -39.24
N PHE S 320 -32.33 -19.40 -38.36
CA PHE S 320 -32.32 -20.76 -37.86
C PHE S 320 -33.39 -20.95 -36.79
N ALA S 321 -33.77 -22.21 -36.58
CA ALA S 321 -34.83 -22.54 -35.64
C ALA S 321 -34.45 -22.24 -34.20
N ASN S 322 -33.15 -22.14 -33.89
CA ASN S 322 -32.71 -21.91 -32.52
C ASN S 322 -31.33 -21.29 -32.56
N ASN S 323 -31.20 -20.09 -32.00
CA ASN S 323 -29.91 -19.44 -31.89
C ASN S 323 -29.15 -20.04 -30.71
N GLU S 324 -28.03 -19.43 -30.34
CA GLU S 324 -27.22 -19.82 -29.18
C GLU S 324 -26.64 -21.22 -29.32
N GLY S 325 -26.88 -21.89 -30.44
CA GLY S 325 -26.34 -23.20 -30.68
C GLY S 325 -25.52 -23.22 -31.94
N LEU S 326 -25.45 -22.06 -32.61
CA LEU S 326 -24.65 -21.90 -33.82
C LEU S 326 -23.18 -22.02 -33.44
N ALA S 327 -22.56 -23.14 -33.81
CA ALA S 327 -21.20 -23.41 -33.35
C ALA S 327 -20.21 -22.47 -34.03
N SER S 328 -19.50 -21.69 -33.22
CA SER S 328 -18.44 -20.84 -33.75
C SER S 328 -17.33 -21.70 -34.34
N GLN S 329 -16.83 -21.31 -35.50
CA GLN S 329 -15.85 -22.10 -36.23
C GLN S 329 -14.49 -21.41 -36.29
N GLY S 330 -14.06 -20.81 -35.19
CA GLY S 330 -12.81 -20.08 -35.22
C GLY S 330 -13.03 -18.66 -35.68
N ASP S 331 -12.88 -18.44 -36.98
CA ASP S 331 -13.22 -17.16 -37.58
C ASP S 331 -14.69 -16.83 -37.30
N ASN S 332 -15.08 -15.58 -37.59
CA ASN S 332 -16.42 -15.12 -37.26
C ASN S 332 -17.45 -15.78 -38.16
N VAL S 333 -17.58 -17.09 -38.04
CA VAL S 333 -18.55 -17.88 -38.80
C VAL S 333 -19.20 -18.90 -37.88
N TRP S 334 -20.50 -19.11 -38.09
CA TRP S 334 -21.28 -20.05 -37.30
C TRP S 334 -21.75 -21.19 -38.20
N ALA S 335 -21.38 -22.41 -37.83
CA ALA S 335 -21.89 -23.60 -38.50
C ALA S 335 -23.02 -24.21 -37.69
N ALA S 336 -24.11 -24.55 -38.38
CA ALA S 336 -25.24 -25.18 -37.72
C ALA S 336 -24.90 -26.61 -37.35
N THR S 337 -25.26 -26.99 -36.11
CA THR S 337 -25.04 -28.34 -35.63
C THR S 337 -26.35 -28.91 -35.10
N GLN S 338 -26.28 -30.06 -34.42
CA GLN S 338 -27.47 -30.65 -33.85
C GLN S 338 -28.06 -29.72 -32.78
N ALA S 339 -29.37 -29.84 -32.59
CA ALA S 339 -30.16 -29.01 -31.69
C ALA S 339 -30.22 -27.56 -32.11
N SER S 340 -29.83 -27.25 -33.35
CA SER S 340 -29.95 -25.91 -33.90
C SER S 340 -31.01 -25.79 -34.98
N GLY S 341 -31.56 -26.90 -35.45
CA GLY S 341 -32.60 -26.87 -36.45
C GLY S 341 -32.05 -26.78 -37.86
N VAL S 342 -32.97 -26.60 -38.81
CA VAL S 342 -32.62 -26.45 -40.22
C VAL S 342 -32.21 -25.01 -40.47
N ALA S 343 -31.37 -24.82 -41.50
CA ALA S 343 -30.93 -23.48 -41.85
C ALA S 343 -32.09 -22.56 -42.20
N LEU S 344 -33.21 -23.12 -42.69
CA LEU S 344 -34.41 -22.35 -43.01
C LEU S 344 -34.08 -21.19 -43.96
N LEU S 345 -33.32 -21.50 -45.02
CA LEU S 345 -32.90 -20.49 -45.97
C LEU S 345 -34.11 -19.78 -46.58
N GLY S 346 -34.02 -18.47 -46.67
CA GLY S 346 -35.13 -17.70 -47.20
C GLY S 346 -34.66 -16.36 -47.72
N THR S 347 -35.62 -15.56 -48.17
CA THR S 347 -35.34 -14.27 -48.76
C THR S 347 -35.00 -13.25 -47.68
N ALA S 348 -34.70 -12.02 -48.10
CA ALA S 348 -34.42 -10.93 -47.19
C ALA S 348 -35.60 -9.98 -47.01
N GLY S 349 -36.60 -10.05 -47.88
CA GLY S 349 -37.71 -9.11 -47.85
C GLY S 349 -38.66 -9.28 -46.68
N SER S 350 -39.36 -10.41 -46.62
CA SER S 350 -40.42 -10.62 -45.65
C SER S 350 -40.19 -11.93 -44.90
N GLY S 351 -40.93 -12.10 -43.81
CA GLY S 351 -40.82 -13.28 -42.98
C GLY S 351 -40.11 -13.00 -41.67
N ASN S 352 -39.26 -13.92 -41.25
CA ASN S 352 -38.41 -13.72 -40.08
C ASN S 352 -37.10 -13.04 -40.43
N PHE S 353 -37.05 -12.33 -41.56
CA PHE S 353 -35.81 -11.82 -42.12
C PHE S 353 -35.85 -10.31 -42.17
N GLY S 354 -34.83 -9.66 -41.62
CA GLY S 354 -34.75 -8.21 -41.63
C GLY S 354 -34.29 -7.66 -42.95
N LYS S 355 -34.29 -6.34 -43.04
CA LYS S 355 -33.85 -5.66 -44.25
C LYS S 355 -32.33 -5.52 -44.26
N LEU S 356 -31.79 -5.33 -45.46
CA LEU S 356 -30.36 -5.21 -45.67
C LEU S 356 -30.03 -3.79 -46.11
N THR S 357 -28.96 -3.23 -45.55
CA THR S 357 -28.49 -1.91 -45.91
C THR S 357 -27.02 -1.99 -46.35
N ASN S 358 -26.68 -1.27 -47.41
CA ASN S 358 -25.33 -1.31 -47.93
C ASN S 358 -24.51 -0.13 -47.43
N GLY S 359 -23.20 -0.21 -47.59
CA GLY S 359 -22.33 0.87 -47.17
C GLY S 359 -22.13 0.98 -45.68
N ALA S 360 -22.56 -0.02 -44.92
CA ALA S 360 -22.46 0.04 -43.46
C ALA S 360 -22.13 -1.35 -42.92
N LEU S 361 -21.46 -1.38 -41.79
CA LEU S 361 -21.09 -2.61 -41.11
C LEU S 361 -21.76 -2.67 -39.74
N GLU S 362 -21.50 -3.76 -39.02
CA GLU S 362 -22.08 -3.99 -37.71
C GLU S 362 -21.00 -3.94 -36.64
N ALA S 363 -21.38 -3.44 -35.46
CA ALA S 363 -20.44 -3.34 -34.35
C ALA S 363 -20.38 -4.68 -33.61
N SER S 364 -19.65 -4.70 -32.49
CA SER S 364 -19.51 -5.91 -31.70
C SER S 364 -20.52 -6.02 -30.57
N ASN S 365 -21.40 -5.03 -30.42
CA ASN S 365 -22.42 -4.95 -29.37
C ASN S 365 -21.87 -5.19 -27.96
N VAL S 366 -20.57 -4.97 -27.78
CA VAL S 366 -19.91 -5.13 -26.48
C VAL S 366 -19.58 -3.74 -25.97
N ASP S 367 -20.22 -3.33 -24.87
CA ASP S 367 -19.96 -2.04 -24.27
C ASP S 367 -18.89 -2.19 -23.19
N LEU S 368 -17.97 -1.23 -23.13
CA LEU S 368 -16.81 -1.36 -22.25
C LEU S 368 -17.21 -1.24 -20.78
N SER S 369 -18.25 -0.47 -20.47
CA SER S 369 -18.57 -0.16 -19.09
C SER S 369 -19.02 -1.39 -18.31
N LYS S 370 -20.04 -2.09 -18.84
CA LYS S 370 -20.56 -3.26 -18.14
C LYS S 370 -19.55 -4.39 -18.10
N GLU S 371 -18.68 -4.48 -19.09
CA GLU S 371 -17.63 -5.50 -19.08
C GLU S 371 -16.57 -5.18 -18.05
N LEU S 372 -16.17 -3.90 -17.95
CA LEU S 372 -15.16 -3.49 -16.99
C LEU S 372 -15.66 -3.66 -15.56
N VAL S 373 -16.89 -3.27 -15.28
CA VAL S 373 -17.40 -3.45 -13.91
C VAL S 373 -17.56 -4.94 -13.58
N ASN S 374 -17.92 -5.74 -14.57
CA ASN S 374 -17.98 -7.19 -14.35
C ASN S 374 -16.60 -7.75 -14.05
N MET S 375 -15.55 -7.19 -14.66
CA MET S 375 -14.20 -7.59 -14.31
C MET S 375 -13.92 -7.36 -12.82
N ILE S 376 -14.31 -6.18 -12.31
CA ILE S 376 -14.06 -5.85 -10.92
C ILE S 376 -14.85 -6.78 -10.00
N VAL S 377 -16.12 -7.01 -10.30
CA VAL S 377 -16.92 -7.86 -9.43
C VAL S 377 -16.41 -9.30 -9.47
N ALA S 378 -15.94 -9.76 -10.64
CA ALA S 378 -15.36 -11.09 -10.72
C ALA S 378 -14.09 -11.20 -9.88
N GLN S 379 -13.25 -10.17 -9.93
CA GLN S 379 -12.03 -10.19 -9.12
C GLN S 379 -12.37 -10.22 -7.63
N ARG S 380 -13.37 -9.45 -7.21
CA ARG S 380 -13.74 -9.43 -5.80
C ARG S 380 -14.33 -10.78 -5.37
N ASN S 381 -15.13 -11.40 -6.24
CA ASN S 381 -15.61 -12.74 -5.95
C ASN S 381 -14.46 -13.72 -5.84
N TYR S 382 -13.47 -13.59 -6.72
CA TYR S 382 -12.27 -14.42 -6.67
C TYR S 382 -11.60 -14.31 -5.31
N GLN S 383 -11.36 -13.09 -4.85
CA GLN S 383 -10.67 -12.90 -3.56
C GLN S 383 -11.52 -13.37 -2.39
N SER S 384 -12.83 -13.11 -2.42
CA SER S 384 -13.68 -13.56 -1.33
C SER S 384 -13.68 -15.08 -1.24
N ASN S 385 -13.74 -15.78 -2.38
CA ASN S 385 -13.62 -17.23 -2.35
C ASN S 385 -12.24 -17.66 -1.90
N ALA S 386 -11.19 -16.95 -2.30
CA ALA S 386 -9.83 -17.28 -1.90
C ALA S 386 -9.62 -17.14 -0.39
N GLN S 387 -10.40 -16.31 0.27
CA GLN S 387 -10.34 -16.27 1.73
C GLN S 387 -10.65 -17.62 2.36
N THR S 388 -11.50 -18.42 1.69
CA THR S 388 -11.93 -19.68 2.27
C THR S 388 -10.77 -20.65 2.44
N ILE S 389 -9.87 -20.73 1.45
CA ILE S 389 -8.78 -21.68 1.55
C ILE S 389 -7.82 -21.27 2.67
N LYS S 390 -7.57 -19.97 2.83
CA LYS S 390 -6.72 -19.52 3.92
C LYS S 390 -7.33 -19.85 5.27
N THR S 391 -8.63 -19.59 5.43
CA THR S 391 -9.27 -19.90 6.69
C THR S 391 -9.27 -21.41 6.95
N GLN S 392 -9.48 -22.22 5.91
CA GLN S 392 -9.42 -23.67 6.08
C GLN S 392 -8.03 -24.13 6.48
N ASP S 393 -7.00 -23.54 5.86
CA ASP S 393 -5.63 -23.89 6.22
C ASP S 393 -5.38 -23.61 7.69
N GLN S 394 -5.71 -22.40 8.14
CA GLN S 394 -5.53 -22.05 9.55
C GLN S 394 -6.36 -22.94 10.45
N ILE S 395 -7.58 -23.27 10.02
CA ILE S 395 -8.54 -23.87 10.93
C ILE S 395 -8.24 -25.35 11.09
N LEU S 396 -7.54 -25.94 10.10
CA LEU S 396 -7.02 -27.30 10.27
C LEU S 396 -5.66 -27.30 10.95
N ASN S 397 -4.86 -26.23 10.74
CA ASN S 397 -3.58 -26.13 11.43
C ASN S 397 -3.78 -26.07 12.94
N THR S 398 -4.82 -25.37 13.38
CA THR S 398 -5.19 -25.43 14.79
C THR S 398 -5.66 -26.81 15.22
N LEU S 399 -6.11 -27.64 14.27
CA LEU S 399 -6.59 -28.98 14.57
C LEU S 399 -5.49 -30.03 14.53
N VAL S 400 -4.31 -29.71 14.00
CA VAL S 400 -3.25 -30.69 13.87
C VAL S 400 -2.15 -30.54 14.91
N ASN S 401 -2.12 -29.44 15.67
CA ASN S 401 -1.03 -29.19 16.61
C ASN S 401 -1.47 -29.26 18.07
N LEU S 402 -2.61 -29.86 18.35
CA LEU S 402 -3.10 -29.94 19.73
C LEU S 402 -2.38 -31.06 20.48
N SER T 2 -17.80 -7.77 22.19
CA SER T 2 -17.89 -8.85 21.22
C SER T 2 -18.00 -8.30 19.80
N PHE T 3 -18.66 -9.08 18.93
CA PHE T 3 -18.86 -8.68 17.54
C PHE T 3 -20.26 -8.16 17.24
N SER T 4 -21.15 -8.16 18.24
CA SER T 4 -22.53 -7.74 18.01
C SER T 4 -22.60 -6.28 17.54
N GLN T 5 -21.82 -5.41 18.19
CA GLN T 5 -21.83 -3.99 17.81
C GLN T 5 -21.31 -3.80 16.40
N ALA T 6 -20.20 -4.47 16.08
CA ALA T 6 -19.51 -4.23 14.82
C ALA T 6 -20.36 -4.68 13.64
N VAL T 7 -21.02 -5.83 13.75
CA VAL T 7 -21.82 -6.33 12.62
C VAL T 7 -23.02 -5.43 12.38
N SER T 8 -23.67 -4.96 13.44
CA SER T 8 -24.79 -4.04 13.27
C SER T 8 -24.34 -2.72 12.66
N GLY T 9 -23.18 -2.21 13.11
CA GLY T 9 -22.65 -1.00 12.52
C GLY T 9 -22.32 -1.17 11.05
N LEU T 10 -21.76 -2.34 10.70
CA LEU T 10 -21.45 -2.61 9.30
C LEU T 10 -22.72 -2.66 8.46
N ASN T 11 -23.76 -3.31 8.99
CA ASN T 11 -25.04 -3.38 8.28
C ASN T 11 -25.58 -1.98 8.05
N ALA T 12 -25.55 -1.14 9.10
CA ALA T 12 -26.05 0.22 8.96
C ALA T 12 -25.27 1.01 7.93
N ALA T 13 -23.93 0.91 7.97
CA ALA T 13 -23.10 1.61 7.00
C ALA T 13 -23.33 1.13 5.58
N ALA T 14 -23.54 -0.18 5.38
CA ALA T 14 -23.83 -0.73 4.07
C ALA T 14 -25.16 -0.23 3.53
N THR T 15 -26.22 -0.24 4.36
CA THR T 15 -27.50 0.28 3.90
C THR T 15 -27.43 1.78 3.62
N ASN T 16 -26.65 2.52 4.41
CA ASN T 16 -26.49 3.95 4.14
C ASN T 16 -25.84 4.18 2.79
N LEU T 17 -24.79 3.42 2.47
CA LEU T 17 -24.18 3.51 1.15
C LEU T 17 -25.16 3.13 0.06
N ASP T 18 -25.98 2.10 0.30
CA ASP T 18 -26.95 1.68 -0.70
C ASP T 18 -27.96 2.79 -0.99
N VAL T 19 -28.47 3.43 0.06
CA VAL T 19 -29.43 4.52 -0.15
C VAL T 19 -28.77 5.72 -0.82
N ILE T 20 -27.52 6.02 -0.46
CA ILE T 20 -26.81 7.13 -1.09
C ILE T 20 -26.63 6.85 -2.57
N GLY T 21 -26.23 5.63 -2.91
CA GLY T 21 -26.06 5.27 -4.31
C GLY T 21 -27.37 5.32 -5.08
N ASN T 22 -28.46 4.87 -4.45
CA ASN T 22 -29.76 4.96 -5.09
C ASN T 22 -30.13 6.41 -5.35
N ASN T 23 -29.88 7.29 -4.38
CA ASN T 23 -30.15 8.71 -4.57
C ASN T 23 -29.33 9.29 -5.71
N ILE T 24 -28.05 8.92 -5.78
CA ILE T 24 -27.19 9.42 -6.84
C ILE T 24 -27.66 8.93 -8.21
N ALA T 25 -28.13 7.67 -8.26
CA ALA T 25 -28.52 7.07 -9.53
C ALA T 25 -29.70 7.82 -10.16
N ASN T 26 -30.67 8.22 -9.34
CA ASN T 26 -31.90 8.83 -9.83
C ASN T 26 -31.83 10.35 -9.93
N SER T 27 -30.63 10.90 -10.19
CA SER T 27 -30.49 12.35 -10.33
C SER T 27 -31.29 12.90 -11.50
N ALA T 28 -31.68 12.07 -12.47
CA ALA T 28 -32.47 12.52 -13.60
C ALA T 28 -33.92 12.05 -13.56
N THR T 29 -34.28 11.16 -12.63
CA THR T 29 -35.67 10.73 -12.51
C THR T 29 -36.54 11.89 -12.08
N TYR T 30 -37.51 12.25 -12.92
CA TYR T 30 -38.26 13.48 -12.69
C TYR T 30 -39.16 13.37 -11.46
N GLY T 31 -40.08 12.42 -11.47
CA GLY T 31 -40.97 12.23 -10.34
C GLY T 31 -40.33 11.49 -9.18
N PHE T 32 -39.20 11.98 -8.70
CA PHE T 32 -38.42 11.30 -7.67
C PHE T 32 -38.44 12.10 -6.37
N LYS T 33 -38.78 11.44 -5.28
CA LYS T 33 -38.64 11.98 -3.93
C LYS T 33 -37.50 11.24 -3.26
N SER T 34 -36.47 11.98 -2.86
CA SER T 34 -35.25 11.37 -2.33
C SER T 34 -35.53 10.62 -1.04
N GLY T 35 -34.56 9.81 -0.62
CA GLY T 35 -34.66 9.06 0.60
C GLY T 35 -33.35 9.07 1.35
N THR T 36 -33.45 8.84 2.67
CA THR T 36 -32.29 8.83 3.54
C THR T 36 -32.59 7.95 4.74
N ALA T 37 -31.57 7.21 5.18
CA ALA T 37 -31.72 6.30 6.29
C ALA T 37 -31.91 7.05 7.60
N SER T 38 -32.43 6.34 8.60
CA SER T 38 -32.66 6.89 9.93
C SER T 38 -32.39 5.79 10.93
N PHE T 39 -31.22 5.84 11.57
CA PHE T 39 -30.78 4.75 12.43
C PHE T 39 -31.26 4.97 13.86
N ALA T 40 -30.95 4.00 14.73
CA ALA T 40 -31.33 4.06 16.13
C ALA T 40 -30.57 2.97 16.88
N ASP T 41 -30.12 3.30 18.09
CA ASP T 41 -29.39 2.35 18.92
C ASP T 41 -30.36 1.42 19.65
N MET T 42 -29.81 0.37 20.26
CA MET T 42 -30.59 -0.52 21.11
C MET T 42 -29.85 -0.71 22.42
N PHE T 43 -30.60 -1.13 23.44
CA PHE T 43 -30.04 -1.37 24.76
C PHE T 43 -30.79 -2.52 25.42
N ALA T 44 -30.06 -3.52 25.89
CA ALA T 44 -30.65 -4.60 26.65
C ALA T 44 -30.77 -4.17 28.11
N GLY T 45 -31.02 -5.13 29.00
CA GLY T 45 -31.07 -4.83 30.42
C GLY T 45 -29.76 -4.34 31.00
N SER T 46 -28.64 -4.56 30.30
CA SER T 46 -27.34 -4.12 30.77
C SER T 46 -27.21 -2.61 30.59
N LYS T 47 -26.02 -2.09 30.94
CA LYS T 47 -25.73 -0.68 30.83
C LYS T 47 -24.95 -0.33 29.57
N VAL T 48 -24.06 -1.22 29.14
CA VAL T 48 -23.23 -0.95 27.98
C VAL T 48 -24.07 -1.04 26.71
N GLY T 49 -23.63 -0.34 25.67
CA GLY T 49 -24.35 -0.34 24.42
C GLY T 49 -24.28 -1.67 23.70
N LEU T 50 -25.19 -1.85 22.73
CA LEU T 50 -25.28 -3.08 21.97
C LEU T 50 -25.06 -2.91 20.48
N GLY T 51 -25.08 -1.70 19.96
CA GLY T 51 -24.90 -1.47 18.54
C GLY T 51 -25.86 -0.46 17.97
N VAL T 52 -26.21 -0.60 16.70
CA VAL T 52 -27.12 0.30 16.02
C VAL T 52 -28.15 -0.53 15.25
N LYS T 53 -29.32 0.07 15.04
CA LYS T 53 -30.42 -0.62 14.35
C LYS T 53 -31.08 0.36 13.40
N VAL T 54 -31.29 -0.08 12.16
CA VAL T 54 -31.92 0.78 11.15
C VAL T 54 -33.41 0.86 11.47
N ALA T 55 -33.87 2.02 11.91
CA ALA T 55 -35.29 2.19 12.21
C ALA T 55 -36.14 2.08 10.94
N GLY T 56 -35.66 2.64 9.84
CA GLY T 56 -36.38 2.58 8.59
C GLY T 56 -36.04 3.71 7.63
N ILE T 57 -36.15 3.45 6.33
CA ILE T 57 -35.86 4.46 5.33
C ILE T 57 -37.06 5.41 5.22
N THR T 58 -36.77 6.71 5.21
CA THR T 58 -37.81 7.73 5.12
C THR T 58 -37.65 8.49 3.81
N GLN T 59 -38.75 8.68 3.10
CA GLN T 59 -38.74 9.45 1.88
C GLN T 59 -38.57 10.94 2.21
N ASP T 60 -38.49 11.76 1.17
CA ASP T 60 -38.31 13.20 1.32
C ASP T 60 -39.25 13.88 0.33
N PHE T 61 -40.40 14.32 0.81
CA PHE T 61 -41.46 14.84 -0.04
C PHE T 61 -41.33 16.34 -0.30
N THR T 62 -40.24 16.96 0.12
CA THR T 62 -40.03 18.37 -0.19
C THR T 62 -39.96 18.57 -1.71
N ASP T 63 -40.63 19.61 -2.20
CA ASP T 63 -40.68 19.86 -3.63
C ASP T 63 -39.31 20.22 -4.17
N GLY T 64 -39.04 19.79 -5.40
CA GLY T 64 -37.87 20.19 -6.13
C GLY T 64 -38.16 21.28 -7.14
N THR T 65 -37.14 21.64 -7.91
CA THR T 65 -37.32 22.66 -8.93
C THR T 65 -38.24 22.14 -10.03
N THR T 66 -38.94 23.07 -10.68
CA THR T 66 -39.93 22.73 -11.70
C THR T 66 -39.60 23.53 -12.96
N THR T 67 -39.33 22.83 -14.05
CA THR T 67 -39.01 23.45 -15.33
C THR T 67 -39.93 22.91 -16.41
N ASN T 68 -40.25 23.75 -17.38
CA ASN T 68 -41.15 23.37 -18.46
C ASN T 68 -40.35 22.84 -19.65
N THR T 69 -40.95 21.87 -20.35
CA THR T 69 -40.40 21.34 -21.59
C THR T 69 -41.21 21.76 -22.81
N GLY T 70 -42.52 21.96 -22.64
CA GLY T 70 -43.39 22.34 -23.75
C GLY T 70 -44.44 21.31 -24.11
N ARG T 71 -44.50 20.16 -23.44
CA ARG T 71 -45.48 19.14 -23.76
C ARG T 71 -46.87 19.57 -23.29
N GLY T 72 -47.85 18.73 -23.61
CA GLY T 72 -49.23 18.98 -23.19
C GLY T 72 -49.62 18.15 -21.99
N LEU T 73 -49.29 16.87 -22.01
CA LEU T 73 -49.68 15.94 -20.94
C LEU T 73 -48.60 15.84 -19.86
N ASP T 74 -48.21 16.99 -19.32
CA ASP T 74 -47.22 17.05 -18.24
C ASP T 74 -47.83 17.82 -17.08
N VAL T 75 -47.74 17.26 -15.88
CA VAL T 75 -48.32 17.85 -14.68
C VAL T 75 -47.22 18.01 -13.65
N ALA T 76 -47.09 19.21 -13.10
CA ALA T 76 -46.11 19.51 -12.05
C ALA T 76 -46.86 19.95 -10.80
N ILE T 77 -46.96 19.05 -9.82
CA ILE T 77 -47.66 19.36 -8.58
C ILE T 77 -46.79 20.30 -7.75
N SER T 78 -47.36 21.44 -7.36
CA SER T 78 -46.64 22.49 -6.66
C SER T 78 -46.41 22.17 -5.18
N GLN T 79 -47.35 21.50 -4.54
CA GLN T 79 -47.32 21.30 -3.09
C GLN T 79 -47.73 19.86 -2.81
N ASN T 80 -48.09 19.60 -1.55
CA ASN T 80 -48.67 18.32 -1.15
C ASN T 80 -49.74 17.84 -2.12
N GLY T 81 -49.74 16.54 -2.39
CA GLY T 81 -50.69 15.94 -3.32
C GLY T 81 -50.17 14.70 -4.02
N PHE T 82 -51.07 13.80 -4.38
CA PHE T 82 -50.70 12.58 -5.08
C PHE T 82 -51.74 12.25 -6.14
N PHE T 83 -51.32 11.58 -7.19
CA PHE T 83 -52.24 11.09 -8.22
C PHE T 83 -52.65 9.65 -7.92
N ARG T 84 -53.95 9.38 -8.09
CA ARG T 84 -54.52 8.06 -7.87
C ARG T 84 -54.62 7.33 -9.20
N LEU T 85 -54.09 6.12 -9.25
CA LEU T 85 -54.17 5.26 -10.42
C LEU T 85 -54.80 3.93 -10.01
N VAL T 86 -55.52 3.31 -10.94
CA VAL T 86 -56.15 2.02 -10.70
C VAL T 86 -55.47 0.98 -11.57
N ASP T 87 -55.10 -0.14 -10.95
CA ASP T 87 -54.47 -1.23 -11.68
C ASP T 87 -55.51 -2.00 -12.49
N SER T 88 -55.05 -2.68 -13.54
CA SER T 88 -55.93 -3.48 -14.37
C SER T 88 -56.55 -4.66 -13.63
N ASN T 89 -56.01 -5.02 -12.46
CA ASN T 89 -56.54 -6.10 -11.64
C ASN T 89 -57.37 -5.59 -10.48
N GLY T 90 -57.76 -4.31 -10.50
CA GLY T 90 -58.57 -3.74 -9.46
C GLY T 90 -57.82 -3.16 -8.28
N SER T 91 -56.48 -3.13 -8.33
CA SER T 91 -55.70 -2.54 -7.26
C SER T 91 -55.52 -1.05 -7.48
N VAL T 92 -55.14 -0.35 -6.41
CA VAL T 92 -55.00 1.10 -6.43
C VAL T 92 -53.58 1.46 -6.02
N PHE T 93 -53.00 2.42 -6.74
CA PHE T 93 -51.66 2.91 -6.47
C PHE T 93 -51.64 4.42 -6.58
N TYR T 94 -50.51 5.02 -6.21
CA TYR T 94 -50.42 6.47 -6.13
C TYR T 94 -49.05 6.91 -6.64
N SER T 95 -49.05 7.92 -7.50
CA SER T 95 -47.83 8.35 -8.17
C SER T 95 -47.80 9.86 -8.32
N ARG T 96 -46.60 10.39 -8.53
CA ARG T 96 -46.38 11.82 -8.68
C ARG T 96 -45.78 12.25 -10.01
N ASN T 97 -45.12 11.36 -10.73
CA ASN T 97 -44.40 11.76 -11.94
C ASN T 97 -45.39 12.24 -13.01
N GLY T 98 -45.06 13.36 -13.65
CA GLY T 98 -45.94 13.96 -14.62
C GLY T 98 -45.65 13.57 -16.06
N GLN T 99 -45.80 12.28 -16.37
CA GLN T 99 -45.61 11.81 -17.75
C GLN T 99 -46.73 10.82 -18.06
N PHE T 100 -47.68 11.25 -18.88
CA PHE T 100 -48.83 10.43 -19.26
C PHE T 100 -48.92 10.37 -20.78
N LYS T 101 -49.82 9.51 -21.26
CA LYS T 101 -50.01 9.29 -22.68
C LYS T 101 -51.49 9.07 -22.97
N LEU T 102 -51.92 9.44 -24.16
CA LEU T 102 -53.23 9.08 -24.68
C LEU T 102 -53.03 7.93 -25.66
N ASP T 103 -53.52 6.75 -25.31
CA ASP T 103 -53.28 5.55 -26.08
C ASP T 103 -54.02 5.61 -27.41
N GLU T 104 -53.72 4.64 -28.28
CA GLU T 104 -54.49 4.49 -29.51
C GLU T 104 -55.92 4.07 -29.22
N ASN T 105 -56.18 3.51 -28.04
CA ASN T 105 -57.52 3.13 -27.58
C ASN T 105 -58.28 4.33 -26.99
N ARG T 106 -57.59 5.47 -26.84
CA ARG T 106 -58.16 6.70 -26.29
C ARG T 106 -58.44 6.58 -24.79
N ASN T 107 -57.44 6.12 -24.05
CA ASN T 107 -57.42 6.15 -22.59
C ASN T 107 -56.20 6.91 -22.11
N LEU T 108 -56.38 7.71 -21.06
CA LEU T 108 -55.28 8.45 -20.45
C LEU T 108 -54.58 7.53 -19.46
N VAL T 109 -53.32 7.19 -19.76
CA VAL T 109 -52.61 6.16 -19.02
C VAL T 109 -51.16 6.59 -18.84
N ASN T 110 -50.58 6.25 -17.70
CA ASN T 110 -49.21 6.63 -17.40
C ASN T 110 -48.24 5.94 -18.36
N MET T 111 -46.95 6.27 -18.19
CA MET T 111 -45.91 5.69 -19.01
C MET T 111 -45.87 4.17 -18.92
N GLN T 112 -46.21 3.62 -17.75
CA GLN T 112 -46.00 2.20 -17.47
C GLN T 112 -47.27 1.36 -17.63
N GLY T 113 -48.33 1.91 -18.20
CA GLY T 113 -49.52 1.14 -18.46
C GLY T 113 -50.56 1.09 -17.37
N MET T 114 -50.55 2.05 -16.44
CA MET T 114 -51.51 2.07 -15.35
C MET T 114 -52.61 3.08 -15.62
N GLN T 115 -53.84 2.71 -15.27
CA GLN T 115 -55.02 3.49 -15.61
C GLN T 115 -55.18 4.65 -14.64
N LEU T 116 -55.34 5.85 -15.18
CA LEU T 116 -55.65 7.03 -14.37
C LEU T 116 -57.07 6.91 -13.82
N THR T 117 -57.36 7.69 -12.79
CA THR T 117 -58.67 7.71 -12.15
C THR T 117 -59.26 9.11 -12.24
N GLY T 118 -60.42 9.29 -11.61
CA GLY T 118 -61.06 10.59 -11.56
C GLY T 118 -62.57 10.45 -11.52
N TYR T 119 -63.22 11.58 -11.23
CA TYR T 119 -64.67 11.60 -11.16
C TYR T 119 -65.27 11.36 -12.55
N PRO T 120 -66.30 10.54 -12.65
CA PRO T 120 -66.98 10.37 -13.95
C PRO T 120 -67.62 11.68 -14.40
N ALA T 121 -67.60 11.89 -15.71
CA ALA T 121 -68.16 13.10 -16.29
C ALA T 121 -69.50 12.77 -16.94
N THR T 122 -70.59 13.24 -16.32
CA THR T 122 -71.93 13.02 -16.84
C THR T 122 -72.65 14.37 -16.87
N GLY T 123 -73.92 14.35 -17.26
CA GLY T 123 -74.73 15.54 -17.31
C GLY T 123 -75.00 16.01 -18.72
N THR T 124 -76.03 16.85 -18.86
CA THR T 124 -76.42 17.43 -20.15
C THR T 124 -76.67 18.92 -19.93
N PRO T 125 -75.67 19.78 -20.17
CA PRO T 125 -74.31 19.49 -20.64
C PRO T 125 -73.46 18.75 -19.61
N PRO T 126 -72.42 18.06 -20.06
CA PRO T 126 -71.60 17.26 -19.14
C PRO T 126 -71.00 18.13 -18.04
N THR T 127 -70.91 17.55 -16.85
CA THR T 127 -70.32 18.20 -15.69
C THR T 127 -69.50 17.18 -14.91
N ILE T 128 -69.04 17.58 -13.73
CA ILE T 128 -68.20 16.74 -12.87
C ILE T 128 -69.04 16.32 -11.68
N GLN T 129 -69.15 15.02 -11.46
CA GLN T 129 -69.90 14.50 -10.31
C GLN T 129 -68.97 14.39 -9.11
N GLN T 130 -69.05 15.35 -8.19
CA GLN T 130 -68.20 15.34 -7.00
C GLN T 130 -68.48 14.12 -6.14
N GLY T 131 -69.75 13.80 -5.94
CA GLY T 131 -70.13 12.69 -5.09
C GLY T 131 -70.26 11.38 -5.82
N ALA T 132 -69.23 11.01 -6.57
CA ALA T 132 -69.22 9.76 -7.33
C ALA T 132 -67.89 9.06 -7.15
N ASN T 133 -67.91 7.74 -7.29
CA ASN T 133 -66.70 6.94 -7.15
C ASN T 133 -65.72 7.27 -8.28
N PRO T 134 -64.42 7.34 -7.97
CA PRO T 134 -63.44 7.60 -9.02
C PRO T 134 -63.44 6.48 -10.06
N ALA T 135 -63.27 6.87 -11.31
CA ALA T 135 -63.34 5.95 -12.43
C ALA T 135 -62.23 6.30 -13.43
N PRO T 136 -61.81 5.35 -14.25
CA PRO T 136 -60.83 5.65 -15.30
C PRO T 136 -61.37 6.70 -16.26
N ILE T 137 -60.46 7.51 -16.79
CA ILE T 137 -60.79 8.64 -17.66
C ILE T 137 -60.48 8.25 -19.09
N THR T 138 -61.49 8.30 -19.95
CA THR T 138 -61.34 8.06 -21.38
C THR T 138 -61.76 9.31 -22.14
N ILE T 139 -61.06 9.59 -23.23
CA ILE T 139 -61.32 10.78 -24.03
C ILE T 139 -61.50 10.39 -25.49
N PRO T 140 -62.70 9.97 -25.88
CA PRO T 140 -62.93 9.60 -27.28
C PRO T 140 -63.12 10.82 -28.18
N ASN T 141 -63.42 10.58 -29.46
CA ASN T 141 -63.58 11.66 -30.41
C ASN T 141 -65.00 11.68 -30.97
N THR T 142 -65.97 11.49 -30.09
CA THR T 142 -67.37 11.45 -30.51
C THR T 142 -67.89 12.86 -30.82
N LEU T 143 -68.72 12.94 -31.84
CA LEU T 143 -69.27 14.21 -32.30
C LEU T 143 -70.23 14.80 -31.27
N MET T 144 -70.24 16.12 -31.18
CA MET T 144 -71.16 16.87 -30.31
C MET T 144 -72.22 17.54 -31.17
N ALA T 145 -73.48 17.43 -30.76
CA ALA T 145 -74.58 18.05 -31.48
C ALA T 145 -74.74 19.51 -31.06
N ALA T 146 -75.81 20.14 -31.55
CA ALA T 146 -76.07 21.54 -31.25
C ALA T 146 -76.96 21.66 -30.01
N LYS T 147 -77.43 22.88 -29.77
CA LYS T 147 -78.34 23.18 -28.66
C LYS T 147 -79.48 24.04 -29.18
N SER T 148 -80.69 23.77 -28.69
CA SER T 148 -81.84 24.59 -29.02
C SER T 148 -81.65 25.99 -28.45
N THR T 149 -81.97 27.00 -29.26
CA THR T 149 -81.89 28.37 -28.80
C THR T 149 -82.99 28.66 -27.79
N THR T 150 -82.61 28.87 -26.54
CA THR T 150 -83.56 29.06 -25.45
C THR T 150 -83.77 30.51 -25.07
N THR T 151 -82.75 31.36 -25.15
CA THR T 151 -82.90 32.74 -24.74
C THR T 151 -82.02 33.63 -25.62
N ALA T 152 -82.36 34.90 -25.67
CA ALA T 152 -81.61 35.89 -26.41
C ALA T 152 -81.86 37.26 -25.81
N SER T 153 -80.95 38.19 -26.10
CA SER T 153 -81.03 39.53 -25.55
C SER T 153 -80.33 40.52 -26.46
N MET T 154 -80.90 41.72 -26.57
CA MET T 154 -80.26 42.82 -27.29
C MET T 154 -80.60 44.11 -26.55
N GLN T 155 -79.66 45.04 -26.51
CA GLN T 155 -79.79 46.28 -25.76
C GLN T 155 -79.67 47.48 -26.70
N ILE T 156 -80.52 48.48 -26.47
CA ILE T 156 -80.55 49.67 -27.33
C ILE T 156 -80.95 50.88 -26.51
N ASN T 157 -80.27 52.00 -26.71
CA ASN T 157 -80.61 53.27 -26.08
C ASN T 157 -81.26 54.15 -27.14
N LEU T 158 -82.59 54.10 -27.21
CA LEU T 158 -83.31 54.83 -28.25
C LEU T 158 -83.19 56.33 -28.05
N ASN T 159 -83.05 57.05 -29.16
CA ASN T 159 -83.07 58.51 -29.11
C ASN T 159 -84.50 59.00 -28.94
N SER T 160 -84.64 60.10 -28.20
CA SER T 160 -85.95 60.72 -28.01
C SER T 160 -86.29 61.75 -29.07
N THR T 161 -85.38 62.04 -30.00
CA THR T 161 -85.58 63.05 -31.02
C THR T 161 -85.61 62.49 -32.43
N ASP T 162 -85.50 61.16 -32.58
CA ASP T 162 -85.55 60.63 -33.94
C ASP T 162 -86.97 60.69 -34.48
N PRO T 163 -87.14 60.92 -35.78
CA PRO T 163 -88.48 61.13 -36.34
C PRO T 163 -89.19 59.81 -36.63
N VAL T 164 -90.51 59.90 -36.68
CA VAL T 164 -91.35 58.75 -37.02
C VAL T 164 -91.36 58.60 -38.55
N PRO T 165 -91.53 57.39 -39.07
CA PRO T 165 -91.56 57.22 -40.53
C PRO T 165 -92.84 57.76 -41.13
N SER T 166 -92.82 57.93 -42.46
CA SER T 166 -93.94 58.54 -43.16
C SER T 166 -95.06 57.54 -43.41
N LYS T 167 -94.74 56.37 -43.95
CA LYS T 167 -95.76 55.40 -44.35
C LYS T 167 -96.32 54.72 -43.10
N THR T 168 -97.61 54.93 -42.83
CA THR T 168 -98.23 54.36 -41.65
C THR T 168 -98.24 52.83 -41.65
N PRO T 169 -98.70 52.14 -42.70
CA PRO T 169 -98.69 50.66 -42.65
C PRO T 169 -97.28 50.12 -42.58
N PHE T 170 -97.11 49.05 -41.82
CA PHE T 170 -95.79 48.48 -41.59
C PHE T 170 -95.23 47.89 -42.87
N SER T 171 -93.96 48.18 -43.16
CA SER T 171 -93.29 47.72 -44.37
C SER T 171 -92.21 46.71 -44.00
N VAL T 172 -92.16 45.60 -44.73
CA VAL T 172 -91.11 44.61 -44.52
C VAL T 172 -89.92 44.88 -45.44
N SER T 173 -90.19 45.31 -46.67
CA SER T 173 -89.10 45.55 -47.61
C SER T 173 -88.61 47.00 -47.55
N ASP T 174 -89.51 47.94 -47.81
CA ASP T 174 -89.15 49.35 -47.77
C ASP T 174 -88.89 49.80 -46.33
N ALA T 175 -87.95 50.72 -46.18
CA ALA T 175 -87.57 51.24 -44.87
C ALA T 175 -88.33 52.50 -44.48
N ASP T 176 -89.29 52.94 -45.29
CA ASP T 176 -90.02 54.18 -45.05
C ASP T 176 -91.20 54.00 -44.10
N SER T 177 -91.27 52.90 -43.36
CA SER T 177 -92.35 52.68 -42.42
C SER T 177 -91.91 52.27 -41.02
N TYR T 178 -90.68 51.78 -40.85
CA TYR T 178 -90.14 51.45 -39.54
C TYR T 178 -88.95 52.35 -39.23
N ASN T 179 -88.86 52.78 -37.96
CA ASN T 179 -87.82 53.71 -37.56
C ASN T 179 -86.46 53.02 -37.44
N LYS T 180 -86.43 51.82 -36.88
CA LYS T 180 -85.19 51.09 -36.67
C LYS T 180 -85.40 49.63 -37.04
N LYS T 181 -84.35 48.99 -37.54
CA LYS T 181 -84.38 47.56 -37.82
C LYS T 181 -83.07 46.93 -37.36
N GLY T 182 -83.18 45.80 -36.65
CA GLY T 182 -82.03 45.01 -36.27
C GLY T 182 -82.26 43.55 -36.62
N THR T 183 -81.20 42.76 -36.53
CA THR T 183 -81.26 41.34 -36.85
C THR T 183 -80.62 40.54 -35.74
N VAL T 184 -81.26 39.44 -35.34
CA VAL T 184 -80.72 38.51 -34.37
C VAL T 184 -80.62 37.14 -35.03
N THR T 185 -79.46 36.50 -34.87
CA THR T 185 -79.22 35.19 -35.48
C THR T 185 -79.31 34.12 -34.39
N VAL T 186 -80.35 33.30 -34.48
CA VAL T 186 -80.52 32.18 -33.58
C VAL T 186 -80.23 30.90 -34.33
N TYR T 187 -80.10 29.80 -33.60
CA TYR T 187 -79.73 28.52 -34.20
C TYR T 187 -80.55 27.41 -33.56
N ASP T 188 -81.24 26.64 -34.39
CA ASP T 188 -82.12 25.58 -33.90
C ASP T 188 -81.30 24.35 -33.55
N SER T 189 -81.98 23.23 -33.29
CA SER T 189 -81.32 21.97 -33.00
C SER T 189 -81.07 21.12 -34.24
N GLN T 190 -81.40 21.63 -35.43
CA GLN T 190 -81.08 20.98 -36.68
C GLN T 190 -79.86 21.63 -37.36
N GLY T 191 -79.19 22.54 -36.67
CA GLY T 191 -78.05 23.21 -37.26
C GLY T 191 -78.40 24.22 -38.33
N ASN T 192 -79.60 24.79 -38.26
CA ASN T 192 -80.05 25.79 -39.22
C ASN T 192 -79.97 27.18 -38.61
N ALA T 193 -79.31 28.09 -39.32
CA ALA T 193 -79.13 29.45 -38.83
C ALA T 193 -80.37 30.28 -39.14
N HIS T 194 -81.27 30.38 -38.16
CA HIS T 194 -82.47 31.19 -38.32
C HIS T 194 -82.13 32.65 -38.06
N ASP T 195 -82.74 33.53 -38.85
CA ASP T 195 -82.52 34.96 -38.71
C ASP T 195 -83.87 35.62 -38.42
N MET T 196 -83.92 36.39 -37.34
CA MET T 196 -85.14 37.09 -36.94
C MET T 196 -84.86 38.59 -37.02
N ASN T 197 -85.55 39.27 -37.91
CA ASN T 197 -85.47 40.72 -38.01
C ASN T 197 -86.47 41.35 -37.06
N VAL T 198 -85.98 42.21 -36.18
CA VAL T 198 -86.80 42.92 -35.22
C VAL T 198 -86.89 44.37 -35.67
N TYR T 199 -88.11 44.85 -35.88
CA TYR T 199 -88.35 46.20 -36.36
C TYR T 199 -89.02 47.01 -35.27
N PHE T 200 -88.44 48.17 -34.98
CA PHE T 200 -88.88 49.06 -33.91
C PHE T 200 -89.46 50.31 -34.56
N VAL T 201 -90.75 50.56 -34.34
CA VAL T 201 -91.45 51.68 -34.92
C VAL T 201 -91.95 52.57 -33.78
N LYS T 202 -91.60 53.84 -33.83
CA LYS T 202 -91.99 54.81 -32.80
C LYS T 202 -93.48 55.13 -32.97
N THR T 203 -94.33 54.46 -32.19
CA THR T 203 -95.76 54.72 -32.31
C THR T 203 -96.09 56.12 -31.84
N LYS T 204 -95.47 56.56 -30.76
CA LYS T 204 -95.54 57.93 -30.28
C LYS T 204 -94.29 58.19 -29.46
N ASP T 205 -94.21 59.37 -28.84
CA ASP T 205 -93.04 59.68 -28.02
C ASP T 205 -92.94 58.68 -26.88
N ASN T 206 -91.75 58.12 -26.69
CA ASN T 206 -91.39 57.18 -25.62
C ASN T 206 -92.13 55.85 -25.74
N GLU T 207 -92.86 55.60 -26.82
CA GLU T 207 -93.59 54.34 -26.99
C GLU T 207 -93.29 53.76 -28.36
N TRP T 208 -92.88 52.49 -28.39
CA TRP T 208 -92.50 51.85 -29.63
C TRP T 208 -93.21 50.49 -29.74
N ALA T 209 -93.34 50.03 -30.97
CA ALA T 209 -93.83 48.68 -31.25
C ALA T 209 -92.79 47.93 -32.06
N VAL T 210 -92.52 46.69 -31.67
CA VAL T 210 -91.53 45.86 -32.32
C VAL T 210 -92.23 44.67 -32.97
N TYR T 211 -91.95 44.45 -34.24
CA TYR T 211 -92.41 43.27 -34.97
C TYR T 211 -91.23 42.33 -35.19
N THR T 212 -91.45 41.05 -34.96
CA THR T 212 -90.43 40.02 -35.22
C THR T 212 -90.81 39.24 -36.47
N HIS T 213 -89.91 39.21 -37.46
CA HIS T 213 -90.17 38.53 -38.71
C HIS T 213 -89.06 37.52 -38.98
N ASP T 214 -89.44 36.29 -39.31
CA ASP T 214 -88.45 35.30 -39.69
C ASP T 214 -87.80 35.66 -41.02
N SER T 215 -86.48 35.49 -41.09
CA SER T 215 -85.73 35.79 -42.31
C SER T 215 -84.92 34.59 -42.78
N SER T 216 -85.26 33.39 -42.33
CA SER T 216 -84.57 32.16 -42.74
C SER T 216 -85.47 31.25 -43.55
N ASP T 217 -86.64 30.90 -43.03
CA ASP T 217 -87.59 30.09 -43.79
C ASP T 217 -88.28 30.95 -44.83
N PRO T 218 -88.20 30.61 -46.13
CA PRO T 218 -88.87 31.44 -47.14
C PRO T 218 -90.38 31.46 -47.01
N ALA T 219 -90.98 30.47 -46.36
CA ALA T 219 -92.42 30.40 -46.19
C ALA T 219 -92.92 31.22 -45.00
N ALA T 220 -92.10 32.13 -44.48
CA ALA T 220 -92.50 32.96 -43.36
C ALA T 220 -93.50 34.02 -43.82
N THR T 221 -94.57 34.17 -43.07
CA THR T 221 -95.59 35.15 -43.41
C THR T 221 -95.08 36.57 -43.21
N ALA T 222 -95.66 37.50 -43.95
CA ALA T 222 -95.28 38.90 -43.83
C ALA T 222 -95.64 39.43 -42.45
N PRO T 223 -94.84 40.34 -41.89
CA PRO T 223 -95.14 40.87 -40.57
C PRO T 223 -96.30 41.85 -40.58
N THR T 224 -97.46 41.42 -40.08
CA THR T 224 -98.65 42.26 -39.99
C THR T 224 -99.05 42.51 -38.54
N THR T 225 -99.14 41.45 -37.74
CA THR T 225 -99.48 41.55 -36.33
C THR T 225 -98.25 41.97 -35.53
N ALA T 226 -98.50 42.57 -34.36
CA ALA T 226 -97.42 43.01 -33.51
C ALA T 226 -96.78 41.82 -32.80
N SER T 227 -95.50 41.98 -32.47
CA SER T 227 -94.80 40.99 -31.65
C SER T 227 -94.69 41.42 -30.20
N THR T 228 -94.26 42.66 -29.95
CA THR T 228 -94.17 43.17 -28.58
C THR T 228 -94.20 44.70 -28.67
N THR T 229 -94.31 45.36 -27.52
CA THR T 229 -94.22 46.81 -27.46
C THR T 229 -93.20 47.20 -26.39
N LEU T 230 -92.55 48.34 -26.61
CA LEU T 230 -91.52 48.86 -25.72
C LEU T 230 -92.02 50.17 -25.11
N LYS T 231 -92.06 50.21 -23.78
CA LYS T 231 -92.44 51.41 -23.04
C LYS T 231 -91.33 51.70 -22.04
N PHE T 232 -90.97 52.97 -21.91
CA PHE T 232 -89.91 53.38 -21.00
C PHE T 232 -90.44 54.40 -19.99
N ASN T 233 -89.63 54.62 -18.96
CA ASN T 233 -89.99 55.55 -17.89
C ASN T 233 -89.83 56.99 -18.38
N GLU T 234 -90.25 57.93 -17.51
CA GLU T 234 -90.04 59.35 -17.81
C GLU T 234 -88.55 59.62 -17.97
N ASN T 235 -87.72 59.03 -17.12
CA ASN T 235 -86.28 59.08 -17.34
C ASN T 235 -85.90 58.37 -18.63
N GLY T 236 -86.50 57.21 -18.89
CA GLY T 236 -86.29 56.54 -20.16
C GLY T 236 -85.95 55.06 -20.06
N ILE T 237 -86.03 54.50 -18.86
CA ILE T 237 -85.75 53.08 -18.65
C ILE T 237 -87.05 52.30 -18.79
N LEU T 238 -86.98 51.14 -19.41
CA LEU T 238 -88.17 50.34 -19.65
C LEU T 238 -88.66 49.69 -18.35
N GLU T 239 -89.94 49.35 -18.36
CA GLU T 239 -90.57 48.65 -17.23
C GLU T 239 -91.31 47.40 -17.63
N SER T 240 -91.75 47.26 -18.88
CA SER T 240 -92.50 46.10 -19.33
C SER T 240 -92.35 45.97 -20.83
N GLY T 241 -92.71 44.80 -21.34
CA GLY T 241 -92.61 44.55 -22.77
C GLY T 241 -91.21 44.34 -23.28
N GLY T 242 -90.30 43.85 -22.44
CA GLY T 242 -88.94 43.63 -22.87
C GLY T 242 -88.60 42.17 -23.11
N THR T 243 -89.53 41.27 -22.79
CA THR T 243 -89.30 39.84 -22.93
C THR T 243 -90.50 39.18 -23.59
N VAL T 244 -90.22 38.24 -24.48
CA VAL T 244 -91.27 37.56 -25.24
C VAL T 244 -90.74 36.17 -25.60
N ASN T 245 -91.66 35.26 -25.93
CA ASN T 245 -91.30 33.93 -26.42
C ASN T 245 -91.66 33.88 -27.90
N ILE T 246 -90.67 33.62 -28.74
CA ILE T 246 -90.82 33.70 -30.19
C ILE T 246 -90.39 32.38 -30.81
N THR T 247 -91.23 31.87 -31.72
CA THR T 247 -90.92 30.70 -32.52
C THR T 247 -90.76 31.13 -33.97
N THR T 248 -89.64 30.75 -34.59
CA THR T 248 -89.37 31.16 -35.96
C THR T 248 -90.27 30.39 -36.93
N GLY T 249 -90.11 30.70 -38.22
CA GLY T 249 -90.78 29.92 -39.24
C GLY T 249 -90.05 28.61 -39.48
N THR T 250 -90.81 27.51 -39.50
CA THR T 250 -90.20 26.20 -39.62
C THR T 250 -89.55 26.03 -40.99
N ILE T 251 -88.28 25.61 -40.98
CA ILE T 251 -87.52 25.36 -42.19
C ILE T 251 -86.95 23.96 -42.12
N ASN T 252 -86.72 23.35 -43.30
CA ASN T 252 -86.21 21.98 -43.42
C ASN T 252 -87.17 20.96 -42.81
N GLY T 253 -88.44 21.33 -42.66
CA GLY T 253 -89.44 20.41 -42.13
C GLY T 253 -89.28 20.05 -40.68
N ALA T 254 -88.42 20.74 -39.94
CA ALA T 254 -88.15 20.42 -38.55
C ALA T 254 -88.78 21.46 -37.63
N THR T 255 -88.57 21.26 -36.32
CA THR T 255 -89.05 22.23 -35.34
C THR T 255 -88.28 23.54 -35.48
N ALA T 256 -88.97 24.65 -35.19
CA ALA T 256 -88.39 25.96 -35.31
C ALA T 256 -87.67 26.34 -34.02
N ALA T 257 -87.12 27.55 -33.99
CA ALA T 257 -86.36 28.05 -32.84
C ALA T 257 -87.32 28.72 -31.87
N THR T 258 -87.67 28.02 -30.80
CA THR T 258 -88.50 28.55 -29.74
C THR T 258 -87.59 29.16 -28.68
N PHE T 259 -87.48 30.49 -28.66
CA PHE T 259 -86.53 31.15 -27.77
C PHE T 259 -87.21 32.27 -27.00
N SER T 260 -86.72 32.49 -25.78
CA SER T 260 -87.19 33.58 -24.93
C SER T 260 -86.28 34.79 -25.16
N LEU T 261 -86.71 35.68 -26.05
CA LEU T 261 -85.95 36.89 -26.36
C LEU T 261 -86.21 37.95 -25.30
N SER T 262 -85.15 38.61 -24.87
CA SER T 262 -85.21 39.60 -23.81
C SER T 262 -84.62 40.92 -24.32
N PHE T 263 -84.99 42.00 -23.65
CA PHE T 263 -84.53 43.34 -24.01
C PHE T 263 -84.18 44.15 -22.77
N LEU T 264 -83.71 43.50 -21.72
CA LEU T 264 -83.43 44.18 -20.47
C LEU T 264 -82.29 45.18 -20.64
N ASN T 265 -82.35 46.25 -19.84
CA ASN T 265 -81.33 47.30 -19.83
C ASN T 265 -81.29 48.06 -21.17
N SER T 266 -82.48 48.41 -21.66
CA SER T 266 -82.61 49.30 -22.81
C SER T 266 -83.13 50.65 -22.30
N MET T 267 -82.55 51.74 -22.76
CA MET T 267 -82.73 53.05 -22.16
C MET T 267 -83.23 54.00 -23.24
N GLN T 268 -83.69 55.20 -22.83
CA GLN T 268 -84.10 56.21 -23.81
C GLN T 268 -83.95 57.58 -23.16
N GLN T 269 -82.85 58.29 -23.46
CA GLN T 269 -82.60 59.58 -22.85
C GLN T 269 -82.13 60.65 -23.83
N ASN T 270 -82.49 60.54 -25.11
CA ASN T 270 -81.98 61.45 -26.14
C ASN T 270 -80.45 61.43 -26.14
N THR T 271 -79.90 60.26 -26.47
CA THR T 271 -78.46 59.99 -26.38
C THR T 271 -77.77 60.28 -27.70
N GLY T 272 -78.28 61.23 -28.49
CA GLY T 272 -77.73 61.48 -29.80
C GLY T 272 -78.38 60.62 -30.85
N ALA T 273 -77.75 59.51 -31.20
CA ALA T 273 -78.29 58.55 -32.15
C ALA T 273 -78.33 57.17 -31.50
N ASN T 274 -79.23 56.33 -32.01
CA ASN T 274 -79.37 54.97 -31.50
C ASN T 274 -78.13 54.14 -31.85
N ASN T 275 -77.83 53.18 -30.98
CA ASN T 275 -76.69 52.29 -31.21
C ASN T 275 -76.90 51.03 -30.38
N ILE T 276 -76.95 49.88 -31.05
CA ILE T 276 -77.02 48.60 -30.35
C ILE T 276 -75.67 48.34 -29.70
N VAL T 277 -75.70 48.02 -28.41
CA VAL T 277 -74.48 47.91 -27.61
C VAL T 277 -74.14 46.46 -27.29
N ALA T 278 -75.14 45.62 -27.01
CA ALA T 278 -74.89 44.24 -26.61
C ALA T 278 -75.90 43.31 -27.27
N THR T 279 -75.41 42.16 -27.73
CA THR T 279 -76.25 41.10 -28.30
C THR T 279 -75.77 39.77 -27.75
N ASN T 280 -76.71 38.92 -27.34
CA ASN T 280 -76.35 37.65 -26.73
C ASN T 280 -77.40 36.60 -27.07
N GLN T 281 -76.94 35.35 -27.22
CA GLN T 281 -77.80 34.22 -27.46
C GLN T 281 -77.16 32.98 -26.84
N ASN T 282 -77.87 31.86 -26.88
CA ASN T 282 -77.38 30.62 -26.28
C ASN T 282 -77.64 29.44 -27.22
N GLY T 283 -77.63 29.69 -28.52
CA GLY T 283 -77.76 28.62 -29.49
C GLY T 283 -76.54 28.52 -30.38
N TYR T 284 -76.04 27.30 -30.60
CA TYR T 284 -74.85 27.08 -31.42
C TYR T 284 -75.10 25.95 -32.40
N LYS T 285 -74.05 25.57 -33.10
CA LYS T 285 -74.06 24.53 -34.12
C LYS T 285 -73.23 23.33 -33.68
N PRO T 286 -73.51 22.14 -34.19
CA PRO T 286 -72.73 20.96 -33.79
C PRO T 286 -71.28 21.07 -34.22
N GLY T 287 -70.41 20.46 -33.42
CA GLY T 287 -68.99 20.52 -33.68
C GLY T 287 -68.29 19.26 -33.19
N ASP T 288 -67.08 19.05 -33.71
CA ASP T 288 -66.28 17.90 -33.37
C ASP T 288 -64.96 18.35 -32.77
N LEU T 289 -64.30 17.42 -32.08
CA LEU T 289 -63.11 17.74 -31.31
C LEU T 289 -62.01 18.33 -32.18
N VAL T 290 -61.39 19.40 -31.70
CA VAL T 290 -60.21 20.00 -32.33
C VAL T 290 -58.97 19.81 -31.47
N SER T 291 -59.01 20.26 -30.23
CA SER T 291 -57.85 20.13 -29.35
C SER T 291 -58.29 20.03 -27.90
N TYR T 292 -57.76 19.05 -27.18
CA TYR T 292 -58.06 18.89 -25.77
C TYR T 292 -56.87 19.35 -24.93
N GLN T 293 -57.14 19.62 -23.66
CA GLN T 293 -56.11 20.07 -22.74
C GLN T 293 -56.63 19.85 -21.31
N ILE T 294 -55.78 20.19 -20.34
CA ILE T 294 -56.11 20.10 -18.93
C ILE T 294 -56.02 21.49 -18.33
N ASN T 295 -56.98 21.84 -17.49
CA ASN T 295 -56.96 23.13 -16.84
C ASN T 295 -55.99 23.12 -15.66
N ASN T 296 -55.90 24.25 -14.97
CA ASN T 296 -55.04 24.39 -13.80
C ASN T 296 -55.71 23.91 -12.52
N ASP T 297 -56.80 23.15 -12.64
CA ASP T 297 -57.51 22.64 -11.48
C ASP T 297 -57.73 21.14 -11.51
N GLY T 298 -57.20 20.45 -12.53
CA GLY T 298 -57.34 19.01 -12.62
C GLY T 298 -58.44 18.51 -13.52
N THR T 299 -59.12 19.39 -14.25
CA THR T 299 -60.15 18.93 -15.17
C THR T 299 -59.60 18.83 -16.58
N VAL T 300 -60.26 18.01 -17.40
CA VAL T 300 -59.88 17.80 -18.79
C VAL T 300 -60.99 18.36 -19.67
N VAL T 301 -60.62 19.28 -20.55
CA VAL T 301 -61.59 19.97 -21.40
C VAL T 301 -61.15 19.86 -22.85
N GLY T 302 -62.09 19.51 -23.72
CA GLY T 302 -61.84 19.45 -25.14
C GLY T 302 -62.54 20.60 -25.85
N ASN T 303 -61.77 21.40 -26.58
CA ASN T 303 -62.29 22.46 -27.43
C ASN T 303 -62.57 21.89 -28.81
N TYR T 304 -63.81 22.06 -29.27
CA TYR T 304 -64.31 21.44 -30.48
C TYR T 304 -64.28 22.44 -31.64
N SER T 305 -64.84 22.03 -32.78
CA SER T 305 -64.80 22.83 -33.99
C SER T 305 -65.81 23.98 -34.00
N ASN T 306 -66.88 23.88 -33.22
CA ASN T 306 -67.93 24.90 -33.22
C ASN T 306 -67.69 25.97 -32.16
N GLU T 307 -66.42 26.22 -31.79
CA GLU T 307 -66.06 27.18 -30.74
C GLU T 307 -66.74 26.84 -29.42
N GLN T 308 -66.96 25.56 -29.17
CA GLN T 308 -67.54 25.09 -27.93
C GLN T 308 -66.63 24.04 -27.30
N GLU T 309 -66.74 23.89 -25.99
CA GLU T 309 -65.88 23.00 -25.23
C GLU T 309 -66.73 22.07 -24.37
N GLN T 310 -66.13 20.95 -23.99
CA GLN T 310 -66.79 20.00 -23.11
C GLN T 310 -65.82 19.52 -22.05
N VAL T 311 -66.36 19.18 -20.89
CA VAL T 311 -65.58 18.55 -19.82
C VAL T 311 -65.63 17.05 -20.01
N LEU T 312 -64.54 16.38 -19.64
CA LEU T 312 -64.40 14.95 -19.87
C LEU T 312 -63.95 14.20 -18.62
N GLY T 313 -63.98 14.83 -17.46
CA GLY T 313 -63.57 14.23 -16.21
C GLY T 313 -62.72 15.20 -15.41
N GLN T 314 -62.23 14.72 -14.27
CA GLN T 314 -61.41 15.52 -13.39
C GLN T 314 -60.32 14.66 -12.79
N ILE T 315 -59.10 15.21 -12.71
CA ILE T 315 -57.98 14.49 -12.13
C ILE T 315 -58.11 14.55 -10.61
N VAL T 316 -58.49 13.44 -9.99
CA VAL T 316 -58.64 13.39 -8.55
C VAL T 316 -57.26 13.31 -7.91
N LEU T 317 -57.08 14.07 -6.83
CA LEU T 317 -55.87 14.01 -6.03
C LEU T 317 -56.18 13.47 -4.65
N ALA T 318 -55.32 12.59 -4.16
CA ALA T 318 -55.47 11.99 -2.85
C ALA T 318 -54.25 12.32 -2.01
N ASN T 319 -54.47 12.81 -0.80
CA ASN T 319 -53.40 13.18 0.11
C ASN T 319 -53.53 12.36 1.39
N PHE T 320 -52.49 11.59 1.70
CA PHE T 320 -52.45 10.84 2.94
C PHE T 320 -51.88 11.72 4.04
N ALA T 321 -52.59 11.81 5.16
CA ALA T 321 -52.13 12.63 6.27
C ALA T 321 -50.77 12.18 6.80
N ASN T 322 -50.43 10.91 6.60
CA ASN T 322 -49.13 10.38 7.01
C ASN T 322 -48.41 9.87 5.76
N ASN T 323 -47.51 10.66 5.22
CA ASN T 323 -46.62 10.21 4.16
C ASN T 323 -45.49 9.41 4.78
N GLU T 324 -44.44 9.13 3.99
CA GLU T 324 -43.29 8.31 4.35
C GLU T 324 -43.69 6.99 5.01
N GLY T 325 -44.93 6.56 4.83
CA GLY T 325 -45.37 5.23 5.22
C GLY T 325 -45.82 4.49 3.99
N LEU T 326 -46.09 5.23 2.92
CA LEU T 326 -46.44 4.64 1.64
C LEU T 326 -45.26 3.83 1.11
N ALA T 327 -45.54 2.63 0.61
CA ALA T 327 -44.50 1.76 0.11
C ALA T 327 -44.26 2.05 -1.37
N SER T 328 -43.03 2.41 -1.71
CA SER T 328 -42.67 2.62 -3.11
C SER T 328 -42.47 1.28 -3.79
N GLN T 329 -43.55 0.70 -4.31
CA GLN T 329 -43.53 -0.64 -4.87
C GLN T 329 -42.93 -0.59 -6.27
N GLY T 330 -41.65 -0.94 -6.39
CA GLY T 330 -41.00 -1.00 -7.67
C GLY T 330 -40.85 0.35 -8.35
N ASP T 331 -41.65 0.58 -9.39
CA ASP T 331 -41.58 1.82 -10.15
C ASP T 331 -42.13 2.98 -9.31
N ASN T 332 -42.22 4.16 -9.92
CA ASN T 332 -42.57 5.37 -9.19
C ASN T 332 -44.05 5.40 -8.81
N VAL T 333 -44.48 4.47 -7.97
CA VAL T 333 -45.84 4.43 -7.44
C VAL T 333 -45.79 4.04 -5.98
N TRP T 334 -46.89 4.34 -5.28
CA TRP T 334 -47.02 4.02 -3.86
C TRP T 334 -48.36 3.33 -3.62
N ALA T 335 -48.39 2.47 -2.61
CA ALA T 335 -49.60 1.75 -2.22
C ALA T 335 -49.87 2.03 -0.75
N ALA T 336 -51.11 2.38 -0.43
CA ALA T 336 -51.48 2.69 0.94
C ALA T 336 -51.46 1.43 1.81
N THR T 337 -51.37 1.64 3.11
CA THR T 337 -51.32 0.57 4.09
C THR T 337 -51.59 1.18 5.46
N GLN T 338 -51.39 0.40 6.52
CA GLN T 338 -51.51 0.93 7.86
C GLN T 338 -50.44 1.98 8.11
N ALA T 339 -50.73 2.88 9.05
CA ALA T 339 -49.97 4.11 9.28
C ALA T 339 -50.02 5.05 8.08
N SER T 340 -50.91 4.78 7.11
CA SER T 340 -51.15 5.68 6.00
C SER T 340 -52.63 5.96 5.76
N GLY T 341 -53.52 5.06 6.15
CA GLY T 341 -54.94 5.33 6.12
C GLY T 341 -55.54 5.39 4.72
N VAL T 342 -56.77 5.91 4.68
CA VAL T 342 -57.54 6.00 3.45
C VAL T 342 -57.02 7.16 2.62
N ALA T 343 -57.43 7.23 1.36
CA ALA T 343 -56.87 8.21 0.43
C ALA T 343 -57.14 9.64 0.90
N LEU T 344 -58.35 9.90 1.40
CA LEU T 344 -58.79 11.26 1.74
C LEU T 344 -58.68 12.17 0.52
N LEU T 345 -59.33 11.74 -0.55
CA LEU T 345 -59.21 12.39 -1.84
C LEU T 345 -59.82 13.78 -1.83
N GLY T 346 -59.65 14.50 -2.94
CA GLY T 346 -60.20 15.83 -3.05
C GLY T 346 -59.81 16.44 -4.38
N THR T 347 -60.22 17.69 -4.56
CA THR T 347 -59.95 18.42 -5.79
C THR T 347 -58.52 18.98 -5.75
N ALA T 348 -58.20 19.86 -6.69
CA ALA T 348 -56.87 20.46 -6.77
C ALA T 348 -56.87 21.97 -6.66
N GLY T 349 -58.02 22.63 -6.68
CA GLY T 349 -58.08 24.08 -6.64
C GLY T 349 -57.60 24.68 -5.34
N SER T 350 -58.32 24.45 -4.26
CA SER T 350 -58.02 25.03 -2.96
C SER T 350 -58.08 23.94 -1.89
N GLY T 351 -57.84 24.34 -0.65
CA GLY T 351 -57.85 23.41 0.46
C GLY T 351 -56.47 22.93 0.83
N ASN T 352 -56.37 21.67 1.26
CA ASN T 352 -55.07 21.10 1.58
C ASN T 352 -54.17 21.05 0.35
N PHE T 353 -54.74 20.71 -0.80
CA PHE T 353 -53.98 20.38 -1.99
C PHE T 353 -53.33 21.62 -2.60
N GLY T 354 -52.24 21.39 -3.33
CA GLY T 354 -51.55 22.45 -4.04
C GLY T 354 -52.10 22.66 -5.44
N LYS T 355 -51.53 23.67 -6.11
CA LYS T 355 -51.98 24.01 -7.45
C LYS T 355 -51.16 23.24 -8.50
N LEU T 356 -51.68 23.23 -9.73
CA LEU T 356 -51.04 22.57 -10.85
C LEU T 356 -50.62 23.59 -11.90
N THR T 357 -49.70 23.18 -12.77
CA THR T 357 -49.25 23.98 -13.88
C THR T 357 -49.45 23.21 -15.18
N ASN T 358 -49.92 23.91 -16.22
CA ASN T 358 -50.19 23.25 -17.49
C ASN T 358 -48.92 22.64 -18.08
N GLY T 359 -47.88 23.46 -18.25
CA GLY T 359 -46.61 22.95 -18.74
C GLY T 359 -45.48 23.14 -17.77
N ALA T 360 -45.02 22.06 -17.14
CA ALA T 360 -43.89 22.05 -16.22
C ALA T 360 -43.67 20.62 -15.76
N LEU T 361 -42.46 20.36 -15.28
CA LEU T 361 -42.11 19.05 -14.73
C LEU T 361 -41.24 19.21 -13.50
N GLU T 362 -41.50 18.39 -12.51
CA GLU T 362 -40.75 18.40 -11.26
C GLU T 362 -39.47 17.60 -11.42
N ALA T 363 -38.35 18.17 -10.98
CA ALA T 363 -37.07 17.51 -11.10
C ALA T 363 -36.89 16.51 -9.97
N SER T 364 -35.69 15.95 -9.85
CA SER T 364 -35.40 14.85 -8.94
C SER T 364 -35.18 15.29 -7.51
N ASN T 365 -35.08 16.59 -7.25
CA ASN T 365 -34.85 17.22 -5.95
C ASN T 365 -33.63 16.65 -5.23
N VAL T 366 -32.75 15.94 -5.93
CA VAL T 366 -31.58 15.32 -5.35
C VAL T 366 -30.38 16.20 -5.66
N ASP T 367 -29.75 16.75 -4.63
CA ASP T 367 -28.57 17.58 -4.83
C ASP T 367 -27.35 16.71 -5.04
N LEU T 368 -26.59 16.99 -6.10
CA LEU T 368 -25.42 16.20 -6.41
C LEU T 368 -24.33 16.39 -5.36
N SER T 369 -24.03 17.65 -5.02
CA SER T 369 -22.97 17.93 -4.07
C SER T 369 -23.29 17.44 -2.67
N LYS T 370 -24.57 17.47 -2.26
CA LYS T 370 -24.91 17.01 -0.93
C LYS T 370 -24.67 15.51 -0.77
N GLU T 371 -24.99 14.72 -1.78
CA GLU T 371 -24.77 13.29 -1.74
C GLU T 371 -23.37 12.89 -2.15
N LEU T 372 -22.59 13.81 -2.71
CA LEU T 372 -21.22 13.49 -3.10
C LEU T 372 -20.26 13.44 -1.92
N VAL T 373 -20.65 13.95 -0.75
CA VAL T 373 -19.83 13.87 0.44
C VAL T 373 -20.36 12.85 1.44
N ASN T 374 -21.66 12.55 1.42
CA ASN T 374 -22.19 11.46 2.21
C ASN T 374 -21.52 10.15 1.85
N MET T 375 -21.21 9.97 0.57
CA MET T 375 -20.45 8.79 0.13
C MET T 375 -19.14 8.69 0.88
N ILE T 376 -18.37 9.78 0.92
CA ILE T 376 -17.07 9.76 1.57
C ILE T 376 -17.20 9.49 3.06
N VAL T 377 -18.13 10.17 3.73
CA VAL T 377 -18.22 10.02 5.17
C VAL T 377 -18.71 8.62 5.54
N ALA T 378 -19.66 8.08 4.77
CA ALA T 378 -20.15 6.74 5.05
C ALA T 378 -19.08 5.70 4.75
N GLN T 379 -18.26 5.93 3.72
CA GLN T 379 -17.16 5.02 3.43
C GLN T 379 -16.16 5.00 4.57
N ARG T 380 -15.84 6.17 5.12
CA ARG T 380 -14.95 6.21 6.28
C ARG T 380 -15.57 5.51 7.49
N ASN T 381 -16.89 5.67 7.67
CA ASN T 381 -17.58 4.96 8.75
C ASN T 381 -17.45 3.46 8.57
N TYR T 382 -17.63 2.98 7.33
CA TYR T 382 -17.49 1.55 7.04
C TYR T 382 -16.07 1.06 7.34
N GLN T 383 -15.07 1.84 6.95
CA GLN T 383 -13.69 1.44 7.21
C GLN T 383 -13.41 1.39 8.71
N SER T 384 -13.93 2.35 9.48
CA SER T 384 -13.75 2.31 10.92
C SER T 384 -14.43 1.09 11.53
N ASN T 385 -15.63 0.75 11.05
CA ASN T 385 -16.33 -0.43 11.53
C ASN T 385 -15.52 -1.69 11.25
N ALA T 386 -14.88 -1.75 10.07
CA ALA T 386 -14.01 -2.88 9.77
C ALA T 386 -12.81 -2.91 10.72
N GLN T 387 -12.22 -1.74 11.00
CA GLN T 387 -11.12 -1.66 11.95
C GLN T 387 -11.52 -2.19 13.32
N THR T 388 -12.77 -1.98 13.73
CA THR T 388 -13.23 -2.53 15.00
C THR T 388 -13.13 -4.05 15.03
N ILE T 389 -13.62 -4.73 13.99
CA ILE T 389 -13.53 -6.18 13.94
C ILE T 389 -12.08 -6.62 13.86
N LYS T 390 -11.23 -5.83 13.20
CA LYS T 390 -9.81 -6.18 13.14
C LYS T 390 -9.23 -6.30 14.55
N THR T 391 -9.46 -5.31 15.40
CA THR T 391 -8.95 -5.38 16.76
C THR T 391 -9.65 -6.47 17.56
N GLN T 392 -10.95 -6.67 17.32
CA GLN T 392 -11.67 -7.71 18.03
C GLN T 392 -11.06 -9.09 17.77
N ASP T 393 -10.89 -9.45 16.51
CA ASP T 393 -10.35 -10.79 16.26
C ASP T 393 -8.85 -10.83 16.51
N GLN T 394 -8.15 -9.69 16.55
CA GLN T 394 -6.77 -9.70 17.02
C GLN T 394 -6.68 -10.06 18.50
N ILE T 395 -7.55 -9.48 19.33
CA ILE T 395 -7.50 -9.79 20.76
C ILE T 395 -7.96 -11.23 20.99
N LEU T 396 -8.98 -11.67 20.24
CA LEU T 396 -9.33 -13.09 20.32
C LEU T 396 -8.19 -14.00 19.87
N ASN T 397 -7.43 -13.58 18.85
CA ASN T 397 -6.30 -14.38 18.40
C ASN T 397 -5.24 -14.50 19.49
N THR T 398 -4.88 -13.38 20.11
CA THR T 398 -3.87 -13.43 21.16
C THR T 398 -4.41 -14.05 22.45
N LEU T 399 -5.73 -14.21 22.57
CA LEU T 399 -6.26 -14.81 23.79
C LEU T 399 -6.52 -16.31 23.64
N VAL T 400 -6.82 -16.79 22.43
CA VAL T 400 -7.02 -18.23 22.25
C VAL T 400 -5.71 -18.99 22.43
N ASN T 401 -4.60 -18.40 21.98
CA ASN T 401 -3.30 -19.03 22.11
C ASN T 401 -2.64 -18.74 23.45
N LEU T 402 -3.43 -18.46 24.48
CA LEU T 402 -2.94 -18.20 25.82
C LEU T 402 -2.19 -19.43 26.38
N SER U 2 4.86 7.44 26.98
CA SER U 2 3.99 6.46 26.36
C SER U 2 3.13 7.10 25.28
N PHE U 3 1.90 6.61 25.12
CA PHE U 3 1.01 7.14 24.10
C PHE U 3 0.63 8.59 24.37
N SER U 4 0.69 9.04 25.62
CA SER U 4 0.18 10.35 26.00
C SER U 4 0.68 11.45 25.07
N GLN U 5 2.00 11.66 25.02
CA GLN U 5 2.58 12.74 24.24
C GLN U 5 2.23 12.66 22.76
N ALA U 6 1.86 11.48 22.27
CA ALA U 6 1.28 11.39 20.94
C ALA U 6 -0.22 11.65 20.95
N VAL U 7 -0.97 10.93 21.78
CA VAL U 7 -2.43 11.06 21.77
C VAL U 7 -2.83 12.50 22.02
N SER U 8 -2.43 13.06 23.17
CA SER U 8 -2.72 14.46 23.46
C SER U 8 -2.26 15.35 22.32
N GLY U 9 -1.10 15.05 21.73
CA GLY U 9 -0.61 15.86 20.63
C GLY U 9 -1.61 15.94 19.50
N LEU U 10 -2.17 14.80 19.09
CA LEU U 10 -3.15 14.81 18.01
C LEU U 10 -4.31 15.74 18.34
N ASN U 11 -4.73 15.75 19.61
CA ASN U 11 -5.78 16.67 20.03
C ASN U 11 -5.48 18.08 19.52
N ALA U 12 -4.30 18.59 19.85
CA ALA U 12 -3.92 19.92 19.37
C ALA U 12 -4.05 19.99 17.86
N ALA U 13 -3.42 19.04 17.16
CA ALA U 13 -3.51 19.02 15.70
C ALA U 13 -4.95 19.03 15.25
N ALA U 14 -5.78 18.17 15.84
CA ALA U 14 -7.19 18.14 15.47
C ALA U 14 -7.81 19.51 15.64
N THR U 15 -7.63 20.11 16.83
CA THR U 15 -8.15 21.45 17.06
C THR U 15 -7.53 22.43 16.07
N ASN U 16 -6.22 22.31 15.86
CA ASN U 16 -5.55 23.23 14.94
C ASN U 16 -6.15 23.11 13.55
N LEU U 17 -6.63 21.93 13.18
CA LEU U 17 -7.34 21.82 11.91
C LEU U 17 -8.73 22.41 12.00
N ASP U 18 -9.48 22.07 13.05
CA ASP U 18 -10.89 22.39 13.09
C ASP U 18 -11.12 23.90 13.04
N VAL U 19 -10.37 24.64 13.83
CA VAL U 19 -10.49 26.10 13.82
C VAL U 19 -10.24 26.63 12.42
N ILE U 20 -9.21 26.10 11.74
CA ILE U 20 -8.95 26.51 10.37
C ILE U 20 -10.19 26.29 9.52
N GLY U 21 -10.80 25.11 9.62
CA GLY U 21 -12.03 24.87 8.89
C GLY U 21 -13.08 25.92 9.18
N ASN U 22 -13.26 26.26 10.45
CA ASN U 22 -14.24 27.28 10.80
C ASN U 22 -13.91 28.60 10.13
N ASN U 23 -12.63 28.98 10.14
CA ASN U 23 -12.23 30.22 9.48
C ASN U 23 -12.54 30.15 7.99
N ILE U 24 -12.38 28.97 7.40
CA ILE U 24 -12.79 28.81 6.01
C ILE U 24 -14.31 28.82 5.90
N ALA U 25 -14.99 28.19 6.84
CA ALA U 25 -16.44 28.07 6.75
C ALA U 25 -17.13 29.42 6.86
N ASN U 26 -16.73 30.23 7.83
CA ASN U 26 -17.35 31.52 8.06
C ASN U 26 -16.66 32.66 7.33
N SER U 27 -15.99 32.37 6.21
CA SER U 27 -15.23 33.39 5.49
C SER U 27 -16.15 34.41 4.83
N ALA U 28 -17.46 34.15 4.82
CA ALA U 28 -18.42 35.05 4.20
C ALA U 28 -19.35 35.73 5.19
N THR U 29 -19.41 35.27 6.44
CA THR U 29 -20.23 35.94 7.43
C THR U 29 -19.64 37.30 7.76
N TYR U 30 -20.47 38.34 7.68
CA TYR U 30 -19.97 39.71 7.72
C TYR U 30 -19.37 40.05 9.09
N GLY U 31 -20.12 39.77 10.16
CA GLY U 31 -19.68 40.17 11.48
C GLY U 31 -18.87 39.11 12.19
N PHE U 32 -17.85 38.58 11.52
CA PHE U 32 -17.02 37.51 12.07
C PHE U 32 -15.57 37.94 12.13
N LYS U 33 -14.90 37.61 13.23
CA LYS U 33 -13.46 37.79 13.37
C LYS U 33 -12.80 36.41 13.42
N SER U 34 -11.74 36.24 12.64
CA SER U 34 -11.10 34.95 12.55
C SER U 34 -10.46 34.56 13.87
N GLY U 35 -10.28 33.25 14.06
CA GLY U 35 -9.68 32.75 15.27
C GLY U 35 -8.45 31.90 15.01
N THR U 36 -7.64 31.71 16.05
CA THR U 36 -6.44 30.89 15.94
C THR U 36 -6.18 30.23 17.29
N ALA U 37 -5.38 29.16 17.25
CA ALA U 37 -5.10 28.38 18.44
C ALA U 37 -3.71 28.70 19.00
N SER U 38 -3.66 28.88 20.31
CA SER U 38 -2.40 29.11 21.02
C SER U 38 -2.19 27.91 21.93
N PHE U 39 -1.02 27.28 21.82
CA PHE U 39 -0.72 26.03 22.50
C PHE U 39 0.16 26.27 23.72
N ALA U 40 0.39 25.19 24.47
CA ALA U 40 1.25 25.24 25.64
C ALA U 40 1.70 23.82 25.96
N ASP U 41 3.00 23.65 26.19
CA ASP U 41 3.53 22.33 26.49
C ASP U 41 3.15 21.91 27.90
N MET U 42 3.51 20.68 28.26
CA MET U 42 3.23 20.13 29.58
C MET U 42 4.50 19.52 30.15
N PHE U 43 4.63 19.60 31.48
CA PHE U 43 5.81 19.07 32.14
C PHE U 43 5.45 18.63 33.55
N ALA U 44 5.75 17.37 33.86
CA ALA U 44 5.61 16.84 35.20
C ALA U 44 6.92 17.07 35.96
N GLY U 45 7.07 16.41 37.11
CA GLY U 45 8.30 16.51 37.87
C GLY U 45 9.53 16.03 37.11
N SER U 46 9.34 15.16 36.12
CA SER U 46 10.45 14.70 35.30
C SER U 46 10.93 15.83 34.38
N LYS U 47 12.08 15.60 33.74
CA LYS U 47 12.67 16.58 32.85
C LYS U 47 12.26 16.38 31.39
N VAL U 48 11.42 15.40 31.10
CA VAL U 48 10.91 15.17 29.75
C VAL U 48 9.48 15.69 29.67
N GLY U 49 9.11 16.19 28.49
CA GLY U 49 7.77 16.69 28.31
C GLY U 49 6.73 15.59 28.29
N LEU U 50 5.48 15.99 28.51
CA LEU U 50 4.35 15.07 28.55
C LEU U 50 3.31 15.42 27.49
N GLY U 51 3.76 15.95 26.35
CA GLY U 51 2.86 16.28 25.27
C GLY U 51 2.54 17.75 25.19
N VAL U 52 1.38 18.09 24.62
CA VAL U 52 1.00 19.48 24.45
C VAL U 52 -0.41 19.70 24.98
N LYS U 53 -0.69 20.91 25.41
CA LYS U 53 -2.02 21.32 25.86
C LYS U 53 -2.42 22.59 25.11
N VAL U 54 -3.56 22.52 24.41
CA VAL U 54 -4.05 23.72 23.74
C VAL U 54 -4.42 24.77 24.79
N ALA U 55 -3.66 25.85 24.81
CA ALA U 55 -3.85 26.87 25.84
C ALA U 55 -5.16 27.62 25.63
N GLY U 56 -5.42 28.05 24.41
CA GLY U 56 -6.64 28.80 24.16
C GLY U 56 -6.91 29.01 22.69
N ILE U 57 -8.05 29.64 22.42
CA ILE U 57 -8.45 30.01 21.07
C ILE U 57 -8.59 31.52 21.06
N THR U 58 -7.55 32.20 20.61
CA THR U 58 -7.58 33.66 20.55
C THR U 58 -8.29 34.11 19.28
N GLN U 59 -8.74 35.36 19.30
CA GLN U 59 -9.46 35.95 18.18
C GLN U 59 -8.80 37.27 17.80
N ASP U 60 -8.62 37.49 16.51
CA ASP U 60 -7.98 38.70 16.01
C ASP U 60 -9.08 39.73 15.76
N PHE U 61 -9.25 40.64 16.72
CA PHE U 61 -10.32 41.63 16.66
C PHE U 61 -9.95 42.86 15.84
N THR U 62 -8.86 42.83 15.09
CA THR U 62 -8.51 43.98 14.26
C THR U 62 -9.58 44.20 13.19
N ASP U 63 -9.75 45.47 12.80
CA ASP U 63 -10.83 45.83 11.90
C ASP U 63 -10.62 45.24 10.51
N GLY U 64 -11.68 44.66 9.96
CA GLY U 64 -11.69 44.27 8.56
C GLY U 64 -12.16 45.40 7.67
N THR U 65 -12.02 45.19 6.36
CA THR U 65 -12.44 46.22 5.42
C THR U 65 -13.95 46.39 5.46
N THR U 66 -14.40 47.61 5.17
CA THR U 66 -15.82 47.96 5.20
C THR U 66 -16.23 48.45 3.82
N THR U 67 -17.27 47.84 3.26
CA THR U 67 -17.83 48.24 1.97
C THR U 67 -19.23 48.79 2.18
N ASN U 68 -19.57 49.82 1.40
CA ASN U 68 -20.86 50.49 1.54
C ASN U 68 -21.95 49.59 0.98
N THR U 69 -22.63 48.86 1.87
CA THR U 69 -23.74 48.01 1.44
C THR U 69 -24.88 48.87 0.89
N GLY U 70 -25.18 49.98 1.54
CA GLY U 70 -26.23 50.88 1.10
C GLY U 70 -27.62 50.59 1.66
N ARG U 71 -27.73 49.70 2.64
CA ARG U 71 -29.03 49.38 3.21
C ARG U 71 -29.43 50.46 4.21
N GLY U 72 -30.52 50.22 4.95
CA GLY U 72 -30.98 51.19 5.93
C GLY U 72 -30.44 50.96 7.33
N LEU U 73 -30.65 49.76 7.85
CA LEU U 73 -30.18 49.42 9.20
C LEU U 73 -28.86 48.66 9.14
N ASP U 74 -27.86 49.30 8.54
CA ASP U 74 -26.52 48.72 8.40
C ASP U 74 -25.48 49.70 8.93
N VAL U 75 -24.85 49.36 10.04
CA VAL U 75 -23.84 50.19 10.69
C VAL U 75 -22.61 49.34 10.96
N ALA U 76 -21.43 49.90 10.68
CA ALA U 76 -20.15 49.21 10.87
C ALA U 76 -19.26 50.06 11.76
N ILE U 77 -18.79 49.49 12.86
CA ILE U 77 -17.92 50.23 13.77
C ILE U 77 -16.49 50.21 13.22
N SER U 78 -15.82 51.36 13.32
CA SER U 78 -14.46 51.49 12.82
C SER U 78 -13.39 51.14 13.84
N GLN U 79 -13.73 51.07 15.12
CA GLN U 79 -12.77 50.81 16.20
C GLN U 79 -13.44 49.87 17.18
N ASN U 80 -12.91 49.80 18.40
CA ASN U 80 -13.50 48.94 19.41
C ASN U 80 -14.92 49.41 19.72
N GLY U 81 -15.78 48.45 20.06
CA GLY U 81 -17.18 48.72 20.32
C GLY U 81 -18.04 47.51 20.01
N PHE U 82 -19.01 47.22 20.90
CA PHE U 82 -19.77 45.97 20.83
C PHE U 82 -21.26 46.29 20.96
N PHE U 83 -22.03 45.99 19.91
CA PHE U 83 -23.48 46.14 20.00
C PHE U 83 -24.04 45.25 21.08
N ARG U 84 -24.98 45.79 21.86
CA ARG U 84 -25.56 45.10 23.00
C ARG U 84 -26.99 44.68 22.67
N LEU U 85 -27.31 43.43 23.00
CA LEU U 85 -28.57 42.79 22.64
C LEU U 85 -29.14 42.09 23.87
N VAL U 86 -30.47 42.02 23.93
CA VAL U 86 -31.16 41.32 25.01
C VAL U 86 -32.07 40.27 24.39
N ASP U 87 -32.38 39.25 25.17
CA ASP U 87 -33.15 38.11 24.69
C ASP U 87 -34.47 37.96 25.43
N SER U 88 -35.18 36.86 25.16
CA SER U 88 -36.48 36.63 25.80
C SER U 88 -36.33 36.48 27.31
N ASN U 89 -35.35 35.69 27.75
CA ASN U 89 -35.17 35.49 29.18
C ASN U 89 -34.68 36.75 29.86
N GLY U 90 -33.94 37.60 29.15
CA GLY U 90 -33.45 38.84 29.73
C GLY U 90 -31.93 38.91 29.80
N SER U 91 -31.26 37.86 29.34
CA SER U 91 -29.81 37.84 29.36
C SER U 91 -29.25 38.80 28.30
N VAL U 92 -27.96 39.09 28.43
CA VAL U 92 -27.30 40.08 27.59
C VAL U 92 -26.33 39.37 26.65
N PHE U 93 -26.12 39.97 25.48
CA PHE U 93 -25.18 39.46 24.50
C PHE U 93 -24.61 40.62 23.70
N TYR U 94 -23.48 40.37 23.05
CA TYR U 94 -22.77 41.40 22.31
C TYR U 94 -22.34 40.86 20.94
N SER U 95 -22.39 41.74 19.95
CA SER U 95 -22.13 41.34 18.57
C SER U 95 -21.60 42.52 17.78
N ARG U 96 -21.03 42.21 16.61
CA ARG U 96 -20.58 43.20 15.65
C ARG U 96 -21.40 43.19 14.35
N ASN U 97 -22.36 42.28 14.22
CA ASN U 97 -23.17 42.21 13.02
C ASN U 97 -24.11 43.41 12.96
N GLY U 98 -23.80 44.38 12.11
CA GLY U 98 -24.48 45.65 12.13
C GLY U 98 -25.72 45.79 11.26
N GLN U 99 -26.17 44.70 10.64
CA GLN U 99 -27.35 44.72 9.79
C GLN U 99 -28.52 44.15 10.59
N PHE U 100 -29.32 45.05 11.15
CA PHE U 100 -30.47 44.68 11.97
C PHE U 100 -31.75 44.83 11.15
N LYS U 101 -32.86 44.36 11.73
CA LYS U 101 -34.16 44.48 11.09
C LYS U 101 -35.20 44.89 12.13
N LEU U 102 -36.44 44.99 11.66
CA LEU U 102 -37.56 45.48 12.46
C LEU U 102 -38.52 44.34 12.74
N ASP U 103 -38.88 44.15 14.01
CA ASP U 103 -39.76 43.06 14.40
C ASP U 103 -41.21 43.39 14.02
N GLU U 104 -42.10 42.43 14.29
CA GLU U 104 -43.51 42.61 13.94
C GLU U 104 -44.18 43.68 14.79
N ASN U 105 -43.75 43.88 16.03
CA ASN U 105 -44.16 45.04 16.81
C ASN U 105 -43.29 46.26 16.54
N ARG U 106 -42.52 46.25 15.46
CA ARG U 106 -41.58 47.33 15.15
C ARG U 106 -40.57 47.52 16.29
N ASN U 107 -39.82 46.46 16.57
CA ASN U 107 -38.78 46.45 17.59
C ASN U 107 -37.48 46.06 16.90
N LEU U 108 -36.46 46.91 17.02
CA LEU U 108 -35.17 46.64 16.41
C LEU U 108 -34.63 45.30 16.87
N VAL U 109 -34.17 44.49 15.91
CA VAL U 109 -33.80 43.11 16.18
C VAL U 109 -32.89 42.64 15.04
N ASN U 110 -31.99 41.73 15.36
CA ASN U 110 -31.17 41.10 14.35
C ASN U 110 -31.96 39.97 13.67
N MET U 111 -31.27 39.17 12.85
CA MET U 111 -31.94 38.13 12.09
C MET U 111 -32.41 36.97 12.96
N GLN U 112 -31.98 36.89 14.22
CA GLN U 112 -32.22 35.71 15.03
C GLN U 112 -33.27 35.90 16.12
N GLY U 113 -33.72 37.12 16.38
CA GLY U 113 -34.77 37.33 17.35
C GLY U 113 -34.33 37.80 18.72
N MET U 114 -33.25 38.57 18.82
CA MET U 114 -32.80 39.16 20.07
C MET U 114 -33.01 40.66 20.01
N GLN U 115 -33.72 41.21 21.00
CA GLN U 115 -34.09 42.62 20.98
C GLN U 115 -32.85 43.51 21.06
N LEU U 116 -32.82 44.56 20.24
CA LEU U 116 -31.73 45.52 20.30
C LEU U 116 -31.93 46.46 21.47
N THR U 117 -30.83 46.80 22.14
CA THR U 117 -30.86 47.55 23.38
C THR U 117 -30.27 48.94 23.18
N GLY U 118 -30.59 49.84 24.12
CA GLY U 118 -30.02 51.16 24.11
C GLY U 118 -30.62 52.00 25.20
N TYR U 119 -30.16 53.25 25.27
CA TYR U 119 -30.69 54.17 26.28
C TYR U 119 -32.13 54.55 25.94
N PRO U 120 -33.00 54.65 26.93
CA PRO U 120 -34.38 55.06 26.69
C PRO U 120 -34.48 56.57 26.51
N ALA U 121 -35.71 57.05 26.35
CA ALA U 121 -35.95 58.47 26.17
C ALA U 121 -37.34 58.82 26.70
N THR U 122 -37.51 60.08 27.08
CA THR U 122 -38.75 60.59 27.62
C THR U 122 -38.73 62.10 27.55
N GLY U 123 -39.90 62.70 27.44
CA GLY U 123 -40.05 64.14 27.47
C GLY U 123 -40.96 64.65 26.36
N THR U 124 -41.14 65.97 26.37
CA THR U 124 -41.98 66.65 25.38
C THR U 124 -41.35 68.01 25.08
N PRO U 125 -40.48 68.09 24.05
CA PRO U 125 -40.04 66.99 23.19
C PRO U 125 -39.11 66.01 23.91
N PRO U 126 -39.15 64.74 23.53
CA PRO U 126 -38.35 63.74 24.24
C PRO U 126 -36.87 64.00 24.12
N THR U 127 -36.14 63.66 25.18
CA THR U 127 -34.69 63.78 25.21
C THR U 127 -34.09 62.47 25.71
N ILE U 128 -33.07 62.01 25.02
CA ILE U 128 -32.44 60.73 25.34
C ILE U 128 -31.76 60.83 26.70
N GLN U 129 -31.81 59.74 27.45
CA GLN U 129 -31.08 59.67 28.70
C GLN U 129 -29.59 59.46 28.42
N GLN U 130 -28.77 59.66 29.45
CA GLN U 130 -27.34 59.54 29.30
C GLN U 130 -26.71 58.42 30.13
N GLY U 131 -27.36 58.00 31.21
CA GLY U 131 -26.81 56.94 32.03
C GLY U 131 -27.87 56.01 32.59
N ALA U 132 -29.08 56.09 32.05
CA ALA U 132 -30.19 55.31 32.56
C ALA U 132 -29.99 53.82 32.25
N ASN U 133 -30.89 53.00 32.77
CA ASN U 133 -30.84 51.57 32.54
C ASN U 133 -31.17 51.28 31.07
N PRO U 134 -30.32 50.56 30.35
CA PRO U 134 -30.64 50.24 28.95
C PRO U 134 -31.89 49.37 28.83
N ALA U 135 -32.59 49.55 27.72
CA ALA U 135 -33.86 48.89 27.46
C ALA U 135 -33.99 48.70 25.97
N PRO U 136 -34.91 47.84 25.52
CA PRO U 136 -35.15 47.69 24.08
C PRO U 136 -35.53 49.01 23.42
N ILE U 137 -35.44 49.02 22.09
CA ILE U 137 -35.71 50.20 21.29
C ILE U 137 -36.86 49.87 20.35
N THR U 138 -37.91 50.68 20.38
CA THR U 138 -39.11 50.45 19.57
C THR U 138 -39.38 51.66 18.69
N ILE U 139 -40.15 51.42 17.62
CA ILE U 139 -40.55 52.48 16.70
C ILE U 139 -42.05 52.40 16.49
N PRO U 140 -42.87 52.85 17.43
CA PRO U 140 -44.32 52.84 17.21
C PRO U 140 -44.74 53.85 16.15
N ASN U 141 -46.00 53.76 15.70
CA ASN U 141 -46.48 54.61 14.62
C ASN U 141 -47.73 55.38 15.05
N THR U 142 -47.79 55.78 16.31
CA THR U 142 -48.93 56.56 16.80
C THR U 142 -48.86 57.99 16.28
N LEU U 143 -50.00 58.68 16.33
CA LEU U 143 -50.04 60.08 15.93
C LEU U 143 -49.40 60.94 17.00
N MET U 144 -48.47 61.80 16.57
CA MET U 144 -47.83 62.73 17.51
C MET U 144 -48.71 63.97 17.62
N ALA U 145 -49.41 64.08 18.75
CA ALA U 145 -50.41 65.13 18.92
C ALA U 145 -49.76 66.50 18.91
N ALA U 146 -50.43 67.45 18.25
CA ALA U 146 -49.99 68.83 18.30
C ALA U 146 -50.06 69.34 19.74
N LYS U 147 -49.05 70.11 20.12
CA LYS U 147 -48.87 70.55 21.50
C LYS U 147 -49.08 72.05 21.58
N SER U 148 -49.94 72.48 22.50
CA SER U 148 -50.19 73.90 22.72
C SER U 148 -48.91 74.60 23.13
N THR U 149 -48.51 75.62 22.36
CA THR U 149 -47.22 76.26 22.56
C THR U 149 -47.12 76.86 23.96
N THR U 150 -45.96 76.68 24.59
CA THR U 150 -45.71 77.17 25.94
C THR U 150 -44.83 78.41 25.99
N THR U 151 -43.87 78.55 25.08
CA THR U 151 -42.97 79.70 25.05
C THR U 151 -42.83 80.20 23.62
N ALA U 152 -42.48 81.47 23.49
CA ALA U 152 -42.22 82.05 22.17
C ALA U 152 -41.09 83.05 22.31
N SER U 153 -40.24 83.14 21.28
CA SER U 153 -39.10 84.04 21.30
C SER U 153 -39.06 84.82 19.99
N MET U 154 -38.67 86.10 20.08
CA MET U 154 -38.59 86.99 18.94
C MET U 154 -37.35 87.87 19.10
N GLN U 155 -36.27 87.49 18.41
CA GLN U 155 -35.08 88.34 18.35
C GLN U 155 -35.26 89.31 17.19
N ILE U 156 -35.14 90.60 17.46
CA ILE U 156 -35.52 91.64 16.52
C ILE U 156 -34.42 92.70 16.44
N ASN U 157 -34.12 93.15 15.22
CA ASN U 157 -33.27 94.30 15.01
C ASN U 157 -34.10 95.58 15.04
N LEU U 158 -33.45 96.68 15.40
CA LEU U 158 -34.09 97.99 15.41
C LEU U 158 -33.05 99.04 15.08
N ASN U 159 -33.51 100.22 14.72
CA ASN U 159 -32.62 101.31 14.31
C ASN U 159 -32.77 102.50 15.25
N SER U 160 -31.69 103.27 15.38
CA SER U 160 -31.64 104.44 16.24
C SER U 160 -31.86 105.74 15.48
N THR U 161 -32.38 105.66 14.26
CA THR U 161 -32.62 106.85 13.44
C THR U 161 -34.06 106.97 12.94
N ASP U 162 -34.87 105.93 13.07
CA ASP U 162 -36.23 105.96 12.55
C ASP U 162 -37.03 107.06 13.25
N PRO U 163 -37.78 107.87 12.51
CA PRO U 163 -38.57 108.93 13.14
C PRO U 163 -39.71 108.36 13.96
N VAL U 164 -40.15 109.15 14.93
CA VAL U 164 -41.32 108.78 15.74
C VAL U 164 -42.53 108.68 14.84
N PRO U 165 -43.41 107.70 15.02
CA PRO U 165 -44.59 107.58 14.14
C PRO U 165 -45.45 108.83 14.16
N SER U 166 -45.97 109.18 12.99
CA SER U 166 -46.71 110.43 12.82
C SER U 166 -48.04 110.41 13.57
N LYS U 167 -48.92 109.47 13.23
CA LYS U 167 -50.24 109.43 13.83
C LYS U 167 -50.13 109.01 15.29
N THR U 168 -50.45 109.93 16.20
CA THR U 168 -50.35 109.62 17.62
C THR U 168 -51.27 108.47 18.06
N PRO U 169 -52.53 108.36 17.61
CA PRO U 169 -53.32 107.18 17.98
C PRO U 169 -52.84 105.93 17.27
N PHE U 170 -53.03 104.78 17.93
CA PHE U 170 -52.64 103.49 17.38
C PHE U 170 -53.87 102.70 16.95
N SER U 171 -53.83 102.18 15.72
CA SER U 171 -54.83 101.25 15.20
C SER U 171 -54.15 100.17 14.37
N VAL U 172 -54.92 99.14 14.04
CA VAL U 172 -54.46 98.06 13.20
C VAL U 172 -54.86 98.28 11.73
N SER U 173 -55.15 99.52 11.36
CA SER U 173 -55.58 99.87 10.02
C SER U 173 -54.49 100.46 9.15
N ASP U 174 -53.67 101.35 9.69
CA ASP U 174 -52.61 102.00 8.94
C ASP U 174 -51.28 101.77 9.68
N ALA U 175 -50.21 101.61 8.89
CA ALA U 175 -48.91 101.27 9.46
C ALA U 175 -48.28 102.44 10.22
N ASP U 176 -48.63 103.68 9.86
CA ASP U 176 -48.00 104.84 10.46
C ASP U 176 -48.35 105.01 11.93
N SER U 177 -49.34 104.28 12.44
CA SER U 177 -49.65 104.28 13.87
C SER U 177 -48.61 103.52 14.69
N TYR U 178 -47.63 102.90 14.04
CA TYR U 178 -46.55 102.18 14.70
C TYR U 178 -45.34 102.24 13.78
N ASN U 179 -44.30 101.48 14.13
CA ASN U 179 -43.13 101.37 13.27
C ASN U 179 -43.02 100.01 12.60
N LYS U 180 -43.25 98.93 13.34
CA LYS U 180 -43.12 97.59 12.77
C LYS U 180 -44.33 96.73 13.14
N LYS U 181 -44.68 95.83 12.23
CA LYS U 181 -45.69 94.81 12.49
C LYS U 181 -45.07 93.45 12.23
N GLY U 182 -44.90 92.66 13.29
CA GLY U 182 -44.35 91.33 13.17
C GLY U 182 -45.39 90.27 13.40
N THR U 183 -45.17 89.06 12.89
CA THR U 183 -46.15 87.99 12.97
C THR U 183 -45.51 86.72 13.53
N VAL U 184 -46.29 85.99 14.32
CA VAL U 184 -45.91 84.67 14.82
C VAL U 184 -47.07 83.72 14.56
N THR U 185 -46.76 82.43 14.44
CA THR U 185 -47.76 81.39 14.24
C THR U 185 -47.72 80.47 15.45
N VAL U 186 -48.76 80.53 16.28
CA VAL U 186 -48.84 79.75 17.50
C VAL U 186 -49.87 78.65 17.29
N TYR U 187 -49.77 77.59 18.10
CA TYR U 187 -50.70 76.48 18.05
C TYR U 187 -51.29 76.25 19.43
N ASP U 188 -52.60 76.14 19.50
CA ASP U 188 -53.34 76.05 20.75
C ASP U 188 -53.54 74.59 21.15
N SER U 189 -54.45 74.36 22.11
CA SER U 189 -54.66 73.04 22.69
C SER U 189 -55.04 71.97 21.67
N GLN U 190 -55.60 72.35 20.53
CA GLN U 190 -55.97 71.40 19.49
C GLN U 190 -55.24 71.70 18.19
N GLY U 191 -54.04 72.28 18.29
CA GLY U 191 -53.19 72.46 17.14
C GLY U 191 -53.68 73.45 16.12
N ASN U 192 -54.74 74.20 16.46
CA ASN U 192 -55.27 75.19 15.54
C ASN U 192 -54.28 76.35 15.40
N ALA U 193 -54.01 76.74 14.15
CA ALA U 193 -53.01 77.76 13.87
C ALA U 193 -53.59 79.15 14.14
N HIS U 194 -53.05 79.84 15.13
CA HIS U 194 -53.42 81.22 15.44
C HIS U 194 -52.30 82.14 14.97
N ASP U 195 -52.66 83.19 14.24
CA ASP U 195 -51.72 84.17 13.74
C ASP U 195 -51.73 85.36 14.69
N MET U 196 -50.60 85.62 15.35
CA MET U 196 -50.50 86.69 16.33
C MET U 196 -49.62 87.81 15.77
N ASN U 197 -50.13 89.03 15.83
CA ASN U 197 -49.37 90.19 15.41
C ASN U 197 -48.81 90.94 16.61
N VAL U 198 -47.67 91.58 16.41
CA VAL U 198 -47.07 92.45 17.40
C VAL U 198 -46.68 93.75 16.70
N TYR U 199 -46.70 94.84 17.45
CA TYR U 199 -46.48 96.16 16.89
C TYR U 199 -45.41 96.89 17.69
N PHE U 200 -44.54 97.59 16.97
CA PHE U 200 -43.42 98.29 17.55
C PHE U 200 -43.52 99.77 17.20
N VAL U 201 -43.44 100.62 18.23
CA VAL U 201 -43.60 102.06 18.08
C VAL U 201 -42.37 102.75 18.69
N LYS U 202 -41.72 103.61 17.92
CA LYS U 202 -40.61 104.39 18.43
C LYS U 202 -41.18 105.61 19.15
N THR U 203 -41.38 105.47 20.46
CA THR U 203 -41.97 106.58 21.21
C THR U 203 -40.99 107.73 21.35
N LYS U 204 -39.74 107.43 21.70
CA LYS U 204 -38.67 108.41 21.74
C LYS U 204 -37.35 107.67 21.62
N ASP U 205 -36.24 108.38 21.80
CA ASP U 205 -34.92 107.79 21.63
C ASP U 205 -34.74 106.60 22.56
N ASN U 206 -34.38 105.45 21.98
CA ASN U 206 -34.15 104.20 22.71
C ASN U 206 -35.40 103.73 23.46
N GLU U 207 -36.59 104.01 22.91
CA GLU U 207 -37.84 103.59 23.54
C GLU U 207 -38.79 103.06 22.47
N TRP U 208 -39.07 101.76 22.54
CA TRP U 208 -39.97 101.09 21.60
C TRP U 208 -41.12 100.46 22.38
N ALA U 209 -42.30 101.06 22.29
CA ALA U 209 -43.49 100.43 22.85
C ALA U 209 -43.88 99.21 22.02
N VAL U 210 -44.23 98.14 22.71
CA VAL U 210 -44.54 96.85 22.08
C VAL U 210 -45.98 96.52 22.41
N TYR U 211 -46.78 96.33 21.36
CA TYR U 211 -48.19 96.01 21.44
C TYR U 211 -48.42 94.58 20.97
N THR U 212 -49.41 93.92 21.56
CA THR U 212 -49.80 92.58 21.15
C THR U 212 -51.19 92.60 20.53
N HIS U 213 -51.44 91.64 19.63
CA HIS U 213 -52.71 91.62 18.92
C HIS U 213 -52.93 90.22 18.35
N ASP U 214 -54.19 89.80 18.30
CA ASP U 214 -54.59 88.53 17.71
C ASP U 214 -55.25 88.79 16.37
N SER U 215 -54.66 88.24 15.30
CA SER U 215 -55.20 88.40 13.96
C SER U 215 -56.01 87.20 13.48
N SER U 216 -55.89 86.06 14.15
CA SER U 216 -56.64 84.88 13.75
C SER U 216 -58.06 84.90 14.32
N ASP U 217 -58.18 85.11 15.62
CA ASP U 217 -59.49 85.13 16.27
C ASP U 217 -60.13 86.50 16.09
N PRO U 218 -61.28 86.60 15.41
CA PRO U 218 -61.94 87.90 15.27
C PRO U 218 -62.48 88.46 16.57
N ALA U 219 -62.65 87.63 17.60
CA ALA U 219 -63.18 88.08 18.88
C ALA U 219 -62.22 88.96 19.66
N ALA U 220 -60.96 89.04 19.24
CA ALA U 220 -59.97 89.87 19.93
C ALA U 220 -60.21 91.34 19.62
N THR U 221 -60.26 92.16 20.67
CA THR U 221 -60.47 93.59 20.50
C THR U 221 -59.21 94.26 19.94
N ALA U 222 -59.40 95.46 19.42
CA ALA U 222 -58.27 96.21 18.86
C ALA U 222 -57.28 96.54 19.97
N PRO U 223 -55.98 96.34 19.74
CA PRO U 223 -54.98 96.60 20.78
C PRO U 223 -54.83 98.09 21.04
N THR U 224 -55.08 98.51 22.28
CA THR U 224 -54.89 99.89 22.68
C THR U 224 -53.79 100.09 23.72
N THR U 225 -53.52 99.09 24.54
CA THR U 225 -52.58 99.20 25.64
C THR U 225 -51.30 98.46 25.32
N ALA U 226 -50.18 98.98 25.82
CA ALA U 226 -48.88 98.37 25.55
C ALA U 226 -48.78 96.99 26.18
N SER U 227 -48.33 96.03 25.38
CA SER U 227 -47.90 94.77 25.97
C SER U 227 -46.70 94.99 26.88
N THR U 228 -45.74 95.78 26.42
CA THR U 228 -44.63 96.23 27.27
C THR U 228 -43.92 97.38 26.58
N THR U 229 -42.77 97.76 27.11
CA THR U 229 -41.91 98.77 26.50
C THR U 229 -40.47 98.27 26.49
N LEU U 230 -39.70 98.78 25.53
CA LEU U 230 -38.32 98.41 25.32
C LEU U 230 -37.45 99.65 25.49
N LYS U 231 -36.78 99.74 26.63
CA LYS U 231 -35.73 100.72 26.83
C LYS U 231 -34.39 100.06 26.53
N PHE U 232 -33.61 100.67 25.66
CA PHE U 232 -32.31 100.15 25.29
C PHE U 232 -31.20 100.97 25.93
N ASN U 233 -30.03 100.34 26.06
CA ASN U 233 -28.85 101.07 26.45
C ASN U 233 -28.51 102.12 25.38
N GLU U 234 -27.83 103.18 25.80
CA GLU U 234 -27.47 104.23 24.86
C GLU U 234 -26.68 103.67 23.69
N ASN U 235 -25.85 102.65 23.93
CA ASN U 235 -25.21 101.94 22.83
C ASN U 235 -26.18 101.04 22.07
N GLY U 236 -27.24 100.56 22.73
CA GLY U 236 -28.23 99.77 22.04
C GLY U 236 -28.59 98.42 22.63
N ILE U 237 -28.31 98.20 23.90
CA ILE U 237 -28.62 96.95 24.57
C ILE U 237 -29.93 97.09 25.34
N LEU U 238 -30.84 96.15 25.14
CA LEU U 238 -32.17 96.23 25.73
C LEU U 238 -32.10 96.14 27.25
N GLU U 239 -32.95 96.91 27.92
CA GLU U 239 -32.99 96.99 29.38
C GLU U 239 -34.31 96.54 29.97
N SER U 240 -35.44 96.95 29.40
CA SER U 240 -36.75 96.75 30.02
C SER U 240 -37.67 95.97 29.10
N GLY U 241 -38.62 95.25 29.71
CA GLY U 241 -39.69 94.58 28.98
C GLY U 241 -39.25 93.37 28.20
N GLY U 242 -38.77 92.33 28.89
CA GLY U 242 -38.33 91.13 28.20
C GLY U 242 -39.41 90.07 28.08
N THR U 243 -40.16 89.84 29.15
CA THR U 243 -41.14 88.75 29.22
C THR U 243 -42.54 89.36 29.23
N VAL U 244 -43.38 88.92 28.30
CA VAL U 244 -44.79 89.33 28.25
C VAL U 244 -45.65 88.08 28.24
N ASN U 245 -46.79 88.15 28.93
CA ASN U 245 -47.67 87.00 29.10
C ASN U 245 -48.80 87.10 28.08
N ILE U 246 -48.61 86.47 26.91
CA ILE U 246 -49.59 86.51 25.84
C ILE U 246 -50.56 85.36 26.01
N THR U 247 -51.78 85.55 25.52
CA THR U 247 -52.81 84.50 25.53
C THR U 247 -53.52 84.51 24.19
N THR U 248 -53.85 83.32 23.70
CA THR U 248 -54.47 83.15 22.39
C THR U 248 -55.99 83.21 22.49
N GLY U 249 -56.61 83.52 21.36
CA GLY U 249 -58.06 83.52 21.27
C GLY U 249 -58.62 82.12 21.10
N THR U 250 -59.94 82.03 21.19
CA THR U 250 -60.66 80.76 21.07
C THR U 250 -61.18 80.63 19.65
N ILE U 251 -60.66 79.66 18.90
CA ILE U 251 -61.10 79.37 17.55
C ILE U 251 -61.41 77.88 17.45
N ASN U 252 -62.52 77.56 16.77
CA ASN U 252 -62.93 76.18 16.53
C ASN U 252 -63.14 75.42 17.82
N GLY U 253 -63.66 76.12 18.84
CA GLY U 253 -64.01 75.48 20.09
C GLY U 253 -62.86 74.87 20.85
N ALA U 254 -61.64 75.37 20.64
CA ALA U 254 -60.47 74.90 21.36
C ALA U 254 -60.05 75.96 22.37
N THR U 255 -59.76 75.52 23.59
CA THR U 255 -59.47 76.44 24.68
C THR U 255 -58.18 77.21 24.41
N ALA U 256 -58.01 78.29 25.16
CA ALA U 256 -56.84 79.14 25.01
C ALA U 256 -55.62 78.53 25.70
N ALA U 257 -54.44 78.98 25.29
CA ALA U 257 -53.18 78.55 25.88
C ALA U 257 -52.33 79.78 26.14
N THR U 258 -52.04 80.04 27.41
CA THR U 258 -51.25 81.20 27.80
C THR U 258 -49.76 80.86 27.71
N PHE U 259 -48.99 81.76 27.11
CA PHE U 259 -47.58 81.48 26.87
C PHE U 259 -46.78 82.77 27.06
N SER U 260 -45.50 82.59 27.40
CA SER U 260 -44.60 83.71 27.62
C SER U 260 -43.83 84.01 26.34
N LEU U 261 -43.90 85.26 25.90
CA LEU U 261 -43.15 85.74 24.75
C LEU U 261 -41.96 86.57 25.23
N SER U 262 -40.77 86.25 24.76
CA SER U 262 -39.54 86.91 25.17
C SER U 262 -38.84 87.51 23.95
N PHE U 263 -38.39 88.75 24.11
CA PHE U 263 -37.64 89.46 23.09
C PHE U 263 -36.16 89.57 23.45
N LEU U 264 -35.62 88.53 24.08
CA LEU U 264 -34.23 88.54 24.51
C LEU U 264 -33.29 88.64 23.31
N ASN U 265 -32.08 89.13 23.58
CA ASN U 265 -31.01 89.21 22.59
C ASN U 265 -31.38 90.10 21.40
N SER U 266 -32.16 91.15 21.65
CA SER U 266 -32.50 92.12 20.63
C SER U 266 -31.49 93.26 20.66
N MET U 267 -31.70 94.26 19.81
CA MET U 267 -30.73 95.35 19.69
C MET U 267 -31.38 96.53 18.96
N GLN U 268 -30.72 97.68 19.07
CA GLN U 268 -31.00 98.83 18.22
C GLN U 268 -29.73 99.69 18.21
N GLN U 269 -29.00 99.65 17.10
CA GLN U 269 -27.70 100.30 17.01
C GLN U 269 -27.54 101.02 15.68
N ASN U 270 -28.61 101.67 15.21
CA ASN U 270 -28.60 102.43 13.97
C ASN U 270 -28.07 101.59 12.81
N THR U 271 -28.72 100.44 12.62
CA THR U 271 -28.29 99.45 11.65
C THR U 271 -29.32 99.38 10.52
N GLY U 272 -29.13 100.23 9.52
CA GLY U 272 -29.96 100.23 8.33
C GLY U 272 -31.44 100.45 8.60
N ALA U 273 -32.24 99.41 8.38
CA ALA U 273 -33.68 99.46 8.55
C ALA U 273 -34.11 98.48 9.64
N ASN U 274 -35.42 98.30 9.77
CA ASN U 274 -35.99 97.42 10.79
C ASN U 274 -36.34 96.08 10.19
N ASN U 275 -35.94 95.01 10.87
CA ASN U 275 -36.23 93.64 10.46
C ASN U 275 -36.06 92.72 11.64
N ILE U 276 -36.80 91.61 11.62
CA ILE U 276 -36.72 90.63 12.71
C ILE U 276 -35.55 89.69 12.45
N VAL U 277 -34.69 89.52 13.45
CA VAL U 277 -33.58 88.58 13.34
C VAL U 277 -34.11 87.15 13.23
N ALA U 278 -35.00 86.77 14.15
CA ALA U 278 -35.54 85.42 14.19
C ALA U 278 -36.81 85.41 15.02
N THR U 279 -37.68 84.45 14.73
CA THR U 279 -38.92 84.28 15.45
C THR U 279 -39.23 82.80 15.53
N ASN U 280 -39.49 82.30 16.75
CA ASN U 280 -39.68 80.87 16.91
C ASN U 280 -40.51 80.62 18.17
N GLN U 281 -40.85 79.35 18.38
CA GLN U 281 -41.60 78.89 19.54
C GLN U 281 -41.32 77.40 19.67
N ASN U 282 -42.08 76.73 20.53
CA ASN U 282 -41.99 75.28 20.69
C ASN U 282 -43.33 74.63 20.38
N GLY U 283 -43.99 75.09 19.33
CA GLY U 283 -45.28 74.55 18.93
C GLY U 283 -45.22 73.99 17.52
N TYR U 284 -46.10 73.03 17.24
CA TYR U 284 -46.13 72.34 15.96
C TYR U 284 -47.54 71.88 15.65
N LYS U 285 -47.80 71.72 14.35
CA LYS U 285 -49.05 71.15 13.86
C LYS U 285 -49.05 69.65 14.12
N PRO U 286 -50.21 68.98 14.11
CA PRO U 286 -50.23 67.55 14.37
C PRO U 286 -49.66 66.75 13.20
N GLY U 287 -49.28 65.51 13.50
CA GLY U 287 -48.75 64.63 12.48
C GLY U 287 -48.60 63.22 12.99
N ASP U 288 -48.02 62.37 12.15
CA ASP U 288 -47.78 60.98 12.49
C ASP U 288 -46.42 60.58 11.93
N LEU U 289 -46.01 59.35 12.21
CA LEU U 289 -44.69 58.88 11.82
C LEU U 289 -44.58 58.73 10.31
N VAL U 290 -43.54 59.33 9.73
CA VAL U 290 -43.24 59.18 8.31
C VAL U 290 -42.09 58.24 8.07
N SER U 291 -40.97 58.41 8.78
CA SER U 291 -39.79 57.59 8.55
C SER U 291 -38.94 57.61 9.81
N TYR U 292 -38.00 56.67 9.87
CA TYR U 292 -37.03 56.60 10.96
C TYR U 292 -35.63 56.42 10.36
N GLN U 293 -34.63 56.87 11.11
CA GLN U 293 -33.26 56.88 10.61
C GLN U 293 -32.30 56.83 11.78
N ILE U 294 -31.04 56.54 11.47
CA ILE U 294 -29.97 56.46 12.44
C ILE U 294 -28.83 57.37 11.97
N ASN U 295 -28.38 58.24 12.85
CA ASN U 295 -27.26 59.13 12.56
C ASN U 295 -25.97 58.53 13.10
N ASN U 296 -24.89 59.31 13.06
CA ASN U 296 -23.60 58.89 13.57
C ASN U 296 -23.57 58.79 15.08
N ASP U 297 -24.62 59.25 15.76
CA ASP U 297 -24.68 59.22 17.22
C ASP U 297 -25.46 58.04 17.77
N GLY U 298 -26.01 57.20 16.90
CA GLY U 298 -26.75 56.03 17.36
C GLY U 298 -28.11 56.37 17.94
N THR U 299 -28.59 57.59 17.68
CA THR U 299 -29.89 58.01 18.17
C THR U 299 -30.95 57.75 17.11
N VAL U 300 -32.02 57.07 17.51
CA VAL U 300 -33.10 56.70 16.60
C VAL U 300 -33.93 57.95 16.33
N VAL U 301 -33.66 58.62 15.22
CA VAL U 301 -34.35 59.87 14.89
C VAL U 301 -35.54 59.56 14.00
N GLY U 302 -36.73 59.90 14.46
CA GLY U 302 -37.95 59.72 13.71
C GLY U 302 -38.43 61.01 13.10
N ASN U 303 -38.52 61.04 11.78
CA ASN U 303 -39.12 62.13 11.04
C ASN U 303 -40.62 61.88 10.92
N TYR U 304 -41.42 62.88 11.27
CA TYR U 304 -42.86 62.74 11.31
C TYR U 304 -43.50 63.66 10.27
N SER U 305 -44.82 63.66 10.21
CA SER U 305 -45.57 64.29 9.12
C SER U 305 -46.02 65.70 9.45
N ASN U 306 -45.28 66.41 10.30
CA ASN U 306 -45.58 67.81 10.60
C ASN U 306 -44.30 68.61 10.72
N GLU U 307 -43.27 68.24 9.96
CA GLU U 307 -41.98 68.92 9.94
C GLU U 307 -41.37 68.98 11.34
N GLN U 308 -41.35 67.83 12.00
CA GLN U 308 -40.79 67.70 13.34
C GLN U 308 -39.90 66.47 13.39
N GLU U 309 -39.13 66.36 14.46
CA GLU U 309 -38.26 65.22 14.68
C GLU U 309 -38.40 64.75 16.12
N GLN U 310 -38.17 63.45 16.32
CA GLN U 310 -38.21 62.86 17.65
C GLN U 310 -37.01 61.94 17.82
N VAL U 311 -36.65 61.67 19.08
CA VAL U 311 -35.61 60.72 19.41
C VAL U 311 -36.25 59.56 20.16
N LEU U 312 -35.95 58.33 19.71
CA LEU U 312 -36.53 57.12 20.28
C LEU U 312 -35.53 56.33 21.11
N GLY U 313 -34.36 56.89 21.38
CA GLY U 313 -33.32 56.20 22.11
C GLY U 313 -31.99 56.26 21.39
N GLN U 314 -30.96 55.79 22.10
CA GLN U 314 -29.59 55.86 21.62
C GLN U 314 -28.99 54.47 21.59
N ILE U 315 -28.11 54.23 20.62
CA ILE U 315 -27.38 52.97 20.53
C ILE U 315 -26.23 53.00 21.54
N VAL U 316 -26.11 51.93 22.32
CA VAL U 316 -25.08 51.81 23.34
C VAL U 316 -23.97 50.92 22.82
N LEU U 317 -22.73 51.36 23.00
CA LEU U 317 -21.55 50.58 22.63
C LEU U 317 -20.80 50.21 23.90
N ALA U 318 -20.75 48.91 24.20
CA ALA U 318 -20.22 48.41 25.46
C ALA U 318 -18.81 47.90 25.23
N ASN U 319 -17.83 48.81 25.33
CA ASN U 319 -16.43 48.41 25.24
C ASN U 319 -16.07 47.51 26.41
N PHE U 320 -15.21 46.53 26.15
CA PHE U 320 -14.70 45.64 27.17
C PHE U 320 -13.26 46.00 27.53
N ALA U 321 -12.95 45.92 28.82
CA ALA U 321 -11.56 46.09 29.26
C ALA U 321 -10.68 44.94 28.79
N ASN U 322 -11.26 43.85 28.30
CA ASN U 322 -10.50 42.68 27.87
C ASN U 322 -11.10 42.15 26.57
N ASN U 323 -10.50 42.50 25.44
CA ASN U 323 -10.78 41.76 24.23
C ASN U 323 -10.10 40.41 24.28
N GLU U 324 -10.31 39.61 23.24
CA GLU U 324 -9.84 38.23 23.12
C GLU U 324 -10.07 37.42 24.41
N GLY U 325 -11.11 37.78 25.16
CA GLY U 325 -11.47 37.07 26.37
C GLY U 325 -12.94 36.75 26.41
N LEU U 326 -13.68 37.27 25.43
CA LEU U 326 -15.10 36.99 25.32
C LEU U 326 -15.32 35.53 24.92
N ALA U 327 -16.53 35.04 25.18
CA ALA U 327 -16.90 33.67 24.88
C ALA U 327 -18.11 33.66 23.96
N SER U 328 -18.07 32.81 22.94
CA SER U 328 -19.17 32.72 21.99
C SER U 328 -20.21 31.71 22.47
N GLN U 329 -21.48 32.09 22.41
CA GLN U 329 -22.61 31.26 22.82
C GLN U 329 -23.60 31.10 21.67
N GLY U 330 -23.09 30.79 20.48
CA GLY U 330 -23.97 30.51 19.36
C GLY U 330 -23.56 31.18 18.07
N ASP U 331 -24.42 32.05 17.55
CA ASP U 331 -24.17 32.74 16.29
C ASP U 331 -23.15 33.86 16.52
N ASN U 332 -23.03 34.79 15.57
CA ASN U 332 -21.99 35.79 15.70
C ASN U 332 -22.35 36.74 16.84
N VAL U 333 -22.10 36.26 18.06
CA VAL U 333 -22.60 36.84 19.30
C VAL U 333 -21.73 36.34 20.45
N TRP U 334 -21.38 37.24 21.37
CA TRP U 334 -20.61 36.86 22.56
C TRP U 334 -21.42 37.19 23.81
N ALA U 335 -20.90 36.74 24.95
CA ALA U 335 -21.51 36.99 26.25
C ALA U 335 -20.45 37.47 27.22
N ALA U 336 -20.83 38.42 28.09
CA ALA U 336 -19.91 38.92 29.09
C ALA U 336 -19.59 37.84 30.10
N THR U 337 -18.30 37.60 30.33
CA THR U 337 -17.84 36.58 31.25
C THR U 337 -16.73 37.12 32.12
N GLN U 338 -16.28 36.30 33.07
CA GLN U 338 -15.12 36.65 33.86
C GLN U 338 -13.86 36.62 33.01
N ALA U 339 -12.83 37.32 33.49
CA ALA U 339 -11.58 37.49 32.74
C ALA U 339 -11.85 38.16 31.39
N SER U 340 -12.97 38.87 31.28
CA SER U 340 -13.35 39.55 30.06
C SER U 340 -13.77 40.99 30.25
N GLY U 341 -14.16 41.39 31.45
CA GLY U 341 -14.53 42.76 31.71
C GLY U 341 -16.03 42.93 31.92
N VAL U 342 -16.37 44.07 32.54
CA VAL U 342 -17.77 44.45 32.76
C VAL U 342 -18.27 45.10 31.47
N ALA U 343 -19.58 45.32 31.38
CA ALA U 343 -20.17 45.88 30.17
C ALA U 343 -19.49 47.19 29.78
N LEU U 344 -19.34 48.12 30.73
CA LEU U 344 -18.69 49.40 30.51
C LEU U 344 -19.32 50.13 29.31
N LEU U 345 -20.58 50.50 29.51
CA LEU U 345 -21.39 51.08 28.44
C LEU U 345 -20.81 52.42 27.99
N GLY U 346 -21.39 52.94 26.90
CA GLY U 346 -20.94 54.21 26.36
C GLY U 346 -21.60 54.57 25.03
N THR U 347 -21.54 55.85 24.67
CA THR U 347 -22.19 56.33 23.46
C THR U 347 -21.27 56.12 22.25
N ALA U 348 -21.62 56.74 21.13
CA ALA U 348 -20.96 56.42 19.86
C ALA U 348 -19.55 57.01 19.80
N GLY U 349 -19.43 58.33 19.83
CA GLY U 349 -18.18 58.97 19.51
C GLY U 349 -17.33 59.45 20.67
N SER U 350 -17.80 59.24 21.90
CA SER U 350 -17.13 59.80 23.06
C SER U 350 -15.86 59.01 23.39
N GLY U 351 -14.71 59.61 23.07
CA GLY U 351 -13.44 59.11 23.57
C GLY U 351 -13.03 57.73 23.11
N ASN U 352 -13.08 56.76 24.04
CA ASN U 352 -12.50 55.44 23.81
C ASN U 352 -13.10 54.75 22.59
N PHE U 353 -14.39 54.91 22.35
CA PHE U 353 -15.07 54.24 21.25
C PHE U 353 -14.65 54.88 19.93
N GLY U 354 -15.21 54.39 18.82
CA GLY U 354 -14.81 54.80 17.50
C GLY U 354 -15.99 55.28 16.67
N LYS U 355 -15.64 55.86 15.52
CA LYS U 355 -16.65 56.43 14.63
C LYS U 355 -17.53 55.34 14.04
N LEU U 356 -18.83 55.62 13.95
CA LEU U 356 -19.78 54.73 13.31
C LEU U 356 -19.81 55.03 11.81
N THR U 357 -20.70 54.34 11.09
CA THR U 357 -20.88 54.60 9.67
C THR U 357 -22.28 54.16 9.27
N ASN U 358 -23.02 55.06 8.64
CA ASN U 358 -24.38 54.77 8.19
C ASN U 358 -24.34 54.27 6.75
N GLY U 359 -24.77 53.04 6.54
CA GLY U 359 -24.82 52.45 5.22
C GLY U 359 -23.65 51.58 4.85
N ALA U 360 -23.13 50.77 5.76
CA ALA U 360 -21.97 49.94 5.47
C ALA U 360 -21.93 48.79 6.47
N LEU U 361 -21.13 47.78 6.12
CA LEU U 361 -20.90 46.64 7.00
C LEU U 361 -19.43 46.24 6.89
N GLU U 362 -18.95 45.54 7.90
CA GLU U 362 -17.56 45.09 7.97
C GLU U 362 -17.41 43.70 7.38
N ALA U 363 -16.25 43.45 6.80
CA ALA U 363 -15.93 42.13 6.26
C ALA U 363 -15.54 41.20 7.41
N SER U 364 -15.09 40.00 7.07
CA SER U 364 -14.74 39.00 8.07
C SER U 364 -13.24 38.81 8.24
N ASN U 365 -12.43 39.61 7.53
CA ASN U 365 -10.97 39.72 7.62
C ASN U 365 -10.28 38.36 7.63
N VAL U 366 -10.94 37.32 7.13
CA VAL U 366 -10.28 36.04 6.91
C VAL U 366 -9.62 36.07 5.54
N ASP U 367 -8.32 35.77 5.51
CA ASP U 367 -7.57 35.74 4.27
C ASP U 367 -7.36 34.30 3.85
N LEU U 368 -7.93 33.93 2.70
CA LEU U 368 -7.82 32.55 2.22
C LEU U 368 -6.38 32.20 1.88
N SER U 369 -5.66 33.14 1.26
CA SER U 369 -4.28 32.87 0.85
C SER U 369 -3.38 32.59 2.04
N LYS U 370 -3.53 33.33 3.13
CA LYS U 370 -2.66 33.15 4.28
C LYS U 370 -3.07 31.95 5.13
N GLU U 371 -4.17 31.29 4.82
CA GLU U 371 -4.67 30.18 5.62
C GLU U 371 -4.57 28.83 4.90
N LEU U 372 -4.70 28.84 3.57
CA LEU U 372 -4.46 27.62 2.82
C LEU U 372 -3.03 27.15 3.00
N VAL U 373 -2.09 28.07 3.16
CA VAL U 373 -0.72 27.69 3.46
C VAL U 373 -0.62 27.06 4.84
N ASN U 374 -1.41 27.54 5.81
CA ASN U 374 -1.41 26.92 7.13
C ASN U 374 -2.02 25.53 7.10
N MET U 375 -3.00 25.31 6.23
CA MET U 375 -3.70 24.02 6.21
C MET U 375 -2.75 22.89 5.85
N ILE U 376 -1.86 23.11 4.87
CA ILE U 376 -0.98 22.03 4.42
C ILE U 376 0.04 21.68 5.49
N VAL U 377 0.62 22.69 6.14
CA VAL U 377 1.58 22.39 7.20
C VAL U 377 0.86 21.75 8.39
N ALA U 378 -0.39 22.13 8.66
CA ALA U 378 -1.14 21.46 9.70
C ALA U 378 -1.37 19.98 9.37
N GLN U 379 -1.71 19.68 8.12
CA GLN U 379 -1.91 18.30 7.72
C GLN U 379 -0.62 17.50 7.83
N ARG U 380 0.49 18.11 7.40
CA ARG U 380 1.83 17.47 7.47
C ARG U 380 2.15 17.18 8.94
N ASN U 381 1.88 18.14 9.82
CA ASN U 381 2.13 17.97 11.25
C ASN U 381 1.27 16.88 11.85
N TYR U 382 0.00 16.81 11.42
CA TYR U 382 -0.89 15.76 11.90
C TYR U 382 -0.37 14.39 11.51
N GLN U 383 0.08 14.23 10.27
CA GLN U 383 0.62 12.94 9.84
C GLN U 383 1.89 12.58 10.60
N SER U 384 2.79 13.55 10.77
CA SER U 384 4.01 13.30 11.50
C SER U 384 3.73 12.93 12.96
N ASN U 385 2.72 13.55 13.55
CA ASN U 385 2.34 13.20 14.91
C ASN U 385 1.73 11.81 14.98
N ALA U 386 0.88 11.47 14.01
CA ALA U 386 0.31 10.13 13.95
C ALA U 386 1.37 9.06 13.75
N GLN U 387 2.51 9.40 13.14
CA GLN U 387 3.62 8.47 13.07
C GLN U 387 4.07 8.01 14.46
N THR U 388 3.95 8.87 15.46
CA THR U 388 4.39 8.50 16.81
C THR U 388 3.55 7.36 17.38
N ILE U 389 2.23 7.40 17.16
CA ILE U 389 1.38 6.32 17.65
C ILE U 389 1.73 5.01 16.95
N LYS U 390 2.02 5.07 15.66
CA LYS U 390 2.45 3.86 14.96
C LYS U 390 3.72 3.31 15.55
N THR U 391 4.69 4.19 15.84
CA THR U 391 5.95 3.73 16.44
C THR U 391 5.70 3.10 17.81
N GLN U 392 4.90 3.76 18.66
CA GLN U 392 4.63 3.22 19.99
C GLN U 392 3.89 1.90 19.91
N ASP U 393 2.91 1.80 19.02
CA ASP U 393 2.13 0.57 18.88
C ASP U 393 3.03 -0.58 18.44
N GLN U 394 3.88 -0.34 17.44
CA GLN U 394 4.77 -1.39 16.97
C GLN U 394 5.76 -1.79 18.06
N ILE U 395 6.29 -0.81 18.80
CA ILE U 395 7.33 -1.13 19.74
C ILE U 395 6.77 -1.84 20.97
N LEU U 396 5.51 -1.54 21.34
CA LEU U 396 4.85 -2.36 22.34
C LEU U 396 4.55 -3.75 21.80
N ASN U 397 4.19 -3.84 20.52
CA ASN U 397 3.97 -5.14 19.90
C ASN U 397 5.22 -6.01 19.99
N THR U 398 6.40 -5.39 19.92
CA THR U 398 7.62 -6.15 20.15
C THR U 398 7.66 -6.74 21.55
N LEU U 399 7.23 -5.95 22.55
CA LEU U 399 7.37 -6.38 23.94
C LEU U 399 6.21 -7.26 24.39
N VAL U 400 5.07 -7.17 23.71
CA VAL U 400 3.90 -7.92 24.17
C VAL U 400 4.03 -9.42 23.89
N ASN U 401 4.90 -9.82 22.96
CA ASN U 401 4.92 -11.19 22.48
C ASN U 401 6.28 -11.86 22.51
N LEU U 402 7.34 -11.18 22.91
CA LEU U 402 8.67 -11.76 22.81
C LEU U 402 8.82 -12.92 23.79
N SER V 2 26.92 2.80 9.27
CA SER V 2 25.54 2.34 9.22
C SER V 2 24.60 3.48 8.80
N PHE V 3 23.85 4.00 9.77
CA PHE V 3 22.93 5.09 9.49
C PHE V 3 23.67 6.38 9.18
N SER V 4 24.96 6.45 9.50
CA SER V 4 25.70 7.71 9.47
C SER V 4 25.76 8.29 8.05
N GLN V 5 26.07 7.45 7.06
CA GLN V 5 26.16 7.94 5.69
C GLN V 5 24.86 8.59 5.25
N ALA V 6 23.76 7.88 5.43
CA ALA V 6 22.48 8.38 4.96
C ALA V 6 22.02 9.59 5.75
N VAL V 7 22.25 9.60 7.06
CA VAL V 7 21.81 10.75 7.85
C VAL V 7 22.62 11.99 7.48
N SER V 8 23.92 11.83 7.20
CA SER V 8 24.69 12.96 6.70
C SER V 8 24.19 13.41 5.34
N GLY V 9 23.77 12.46 4.50
CA GLY V 9 23.17 12.84 3.23
C GLY V 9 21.91 13.66 3.40
N LEU V 10 21.04 13.26 4.34
CA LEU V 10 19.85 14.05 4.63
C LEU V 10 20.21 15.44 5.15
N ASN V 11 21.21 15.53 6.01
CA ASN V 11 21.66 16.84 6.50
C ASN V 11 22.10 17.73 5.34
N ALA V 12 22.94 17.19 4.45
CA ALA V 12 23.43 17.98 3.33
C ALA V 12 22.29 18.42 2.43
N ALA V 13 21.38 17.50 2.10
CA ALA V 13 20.25 17.85 1.25
C ALA V 13 19.33 18.87 1.91
N ALA V 14 19.09 18.76 3.22
CA ALA V 14 18.25 19.73 3.90
C ALA V 14 18.88 21.12 3.88
N THR V 15 20.19 21.20 4.13
CA THR V 15 20.86 22.49 4.08
C THR V 15 20.82 23.07 2.67
N ASN V 16 21.01 22.22 1.66
CA ASN V 16 20.95 22.70 0.28
C ASN V 16 19.56 23.21 -0.08
N LEU V 17 18.52 22.53 0.39
CA LEU V 17 17.17 23.04 0.18
C LEU V 17 16.94 24.35 0.92
N ASP V 18 17.46 24.46 2.14
CA ASP V 18 17.25 25.66 2.95
C ASP V 18 17.91 26.88 2.32
N VAL V 19 19.13 26.72 1.79
CA VAL V 19 19.79 27.87 1.19
C VAL V 19 19.07 28.31 -0.07
N ILE V 20 18.57 27.36 -0.86
CA ILE V 20 17.80 27.73 -2.06
C ILE V 20 16.50 28.42 -1.67
N GLY V 21 15.85 27.95 -0.60
CA GLY V 21 14.66 28.62 -0.11
C GLY V 21 14.95 30.04 0.35
N ASN V 22 16.08 30.23 1.04
CA ASN V 22 16.48 31.56 1.45
C ASN V 22 16.70 32.47 0.24
N ASN V 23 17.38 31.95 -0.78
CA ASN V 23 17.63 32.73 -1.98
C ASN V 23 16.35 33.09 -2.72
N ILE V 24 15.42 32.16 -2.86
CA ILE V 24 14.19 32.44 -3.59
C ILE V 24 13.29 33.37 -2.79
N ALA V 25 13.27 33.22 -1.47
CA ALA V 25 12.43 34.08 -0.64
C ALA V 25 12.91 35.53 -0.68
N ASN V 26 14.22 35.75 -0.71
CA ASN V 26 14.80 37.09 -0.70
C ASN V 26 15.02 37.64 -2.10
N SER V 27 14.23 37.20 -3.08
CA SER V 27 14.40 37.68 -4.45
C SER V 27 13.97 39.12 -4.63
N ALA V 28 13.62 39.83 -3.56
CA ALA V 28 13.19 41.22 -3.65
C ALA V 28 13.99 42.18 -2.80
N THR V 29 14.62 41.73 -1.72
CA THR V 29 15.41 42.61 -0.89
C THR V 29 16.60 43.15 -1.68
N TYR V 30 17.08 44.33 -1.27
CA TYR V 30 18.00 45.11 -2.08
C TYR V 30 19.46 44.76 -1.83
N GLY V 31 19.91 44.84 -0.58
CA GLY V 31 21.30 44.57 -0.28
C GLY V 31 21.61 43.10 -0.13
N PHE V 32 20.78 42.25 -0.71
CA PHE V 32 20.93 40.81 -0.57
C PHE V 32 21.97 40.26 -1.53
N LYS V 33 22.67 39.22 -1.09
CA LYS V 33 23.62 38.49 -1.91
C LYS V 33 23.23 37.02 -1.87
N SER V 34 23.10 36.40 -3.04
CA SER V 34 22.74 34.99 -3.08
C SER V 34 23.85 34.14 -2.46
N GLY V 35 23.45 33.03 -1.88
CA GLY V 35 24.39 32.14 -1.22
C GLY V 35 24.27 30.73 -1.74
N THR V 36 25.41 30.05 -1.80
CA THR V 36 25.48 28.68 -2.25
C THR V 36 26.28 27.85 -1.24
N ALA V 37 25.98 26.55 -1.19
CA ALA V 37 26.61 25.65 -0.25
C ALA V 37 27.74 24.89 -0.92
N SER V 38 28.82 24.71 -0.16
CA SER V 38 29.96 23.92 -0.61
C SER V 38 30.20 22.84 0.44
N PHE V 39 30.32 21.59 0.00
CA PHE V 39 30.41 20.44 0.88
C PHE V 39 31.85 19.93 0.94
N ALA V 40 32.04 18.89 1.76
CA ALA V 40 33.33 18.24 1.89
C ALA V 40 33.11 16.86 2.47
N ASP V 41 33.68 15.84 1.82
CA ASP V 41 33.54 14.47 2.30
C ASP V 41 34.31 14.28 3.60
N MET V 42 33.96 13.21 4.32
CA MET V 42 34.56 12.89 5.60
C MET V 42 35.16 11.49 5.54
N PHE V 43 36.37 11.35 6.05
CA PHE V 43 37.04 10.04 6.11
C PHE V 43 37.73 9.90 7.45
N ALA V 44 37.38 8.85 8.19
CA ALA V 44 38.00 8.55 9.46
C ALA V 44 39.27 7.74 9.24
N GLY V 45 39.81 7.17 10.32
CA GLY V 45 40.99 6.33 10.21
C GLY V 45 40.79 5.12 9.33
N SER V 46 39.56 4.63 9.21
CA SER V 46 39.25 3.56 8.28
C SER V 46 39.35 4.08 6.85
N LYS V 47 39.20 3.18 5.88
CA LYS V 47 39.37 3.59 4.49
C LYS V 47 38.02 3.77 3.77
N VAL V 48 36.94 3.32 4.38
CA VAL V 48 35.61 3.53 3.83
C VAL V 48 35.17 4.95 4.14
N GLY V 49 34.38 5.54 3.25
CA GLY V 49 33.87 6.88 3.47
C GLY V 49 32.92 6.94 4.65
N LEU V 50 32.83 8.13 5.23
CA LEU V 50 32.01 8.35 6.41
C LEU V 50 30.81 9.24 6.16
N GLY V 51 30.76 9.94 5.03
CA GLY V 51 29.61 10.78 4.73
C GLY V 51 29.98 12.10 4.10
N VAL V 52 29.29 13.17 4.48
CA VAL V 52 29.53 14.49 3.93
C VAL V 52 29.21 15.52 4.99
N LYS V 53 30.05 16.56 5.07
CA LYS V 53 29.84 17.68 5.97
C LYS V 53 29.82 18.96 5.16
N VAL V 54 28.92 19.88 5.52
CA VAL V 54 28.81 21.14 4.79
C VAL V 54 30.06 21.97 5.10
N ALA V 55 30.95 22.10 4.11
CA ALA V 55 32.18 22.85 4.32
C ALA V 55 31.89 24.33 4.60
N GLY V 56 30.93 24.90 3.89
CA GLY V 56 30.60 26.29 4.13
C GLY V 56 29.54 26.88 3.22
N ILE V 57 29.16 28.12 3.50
CA ILE V 57 28.23 28.88 2.66
C ILE V 57 28.99 30.08 2.11
N THR V 58 28.97 30.24 0.79
CA THR V 58 29.65 31.34 0.13
C THR V 58 28.63 32.21 -0.60
N GLN V 59 28.79 33.53 -0.47
CA GLN V 59 27.90 34.49 -1.11
C GLN V 59 28.69 35.25 -2.17
N ASP V 60 28.23 35.17 -3.42
CA ASP V 60 28.83 35.96 -4.47
C ASP V 60 28.52 37.44 -4.26
N PHE V 61 29.51 38.28 -4.52
CA PHE V 61 29.40 39.72 -4.32
C PHE V 61 29.42 40.46 -5.65
N THR V 62 28.86 39.85 -6.69
CA THR V 62 28.65 40.56 -7.94
C THR V 62 27.62 41.65 -7.74
N ASP V 63 27.86 42.81 -8.34
CA ASP V 63 26.95 43.93 -8.19
C ASP V 63 25.62 43.67 -8.89
N GLY V 64 24.53 44.08 -8.25
CA GLY V 64 23.23 43.98 -8.85
C GLY V 64 22.96 45.13 -9.80
N THR V 65 21.77 45.10 -10.40
CA THR V 65 21.37 46.18 -11.28
C THR V 65 21.15 47.46 -10.47
N THR V 66 21.66 48.57 -11.00
CA THR V 66 21.59 49.87 -10.32
C THR V 66 20.25 50.50 -10.66
N THR V 67 19.27 50.31 -9.79
CA THR V 67 17.94 50.85 -10.01
C THR V 67 17.88 52.29 -9.50
N ASN V 68 17.22 53.16 -10.25
CA ASN V 68 17.08 54.56 -9.90
C ASN V 68 15.63 54.84 -9.51
N THR V 69 15.42 55.37 -8.31
CA THR V 69 14.08 55.60 -7.79
C THR V 69 13.76 57.06 -7.56
N GLY V 70 14.70 57.98 -7.83
CA GLY V 70 14.47 59.39 -7.65
C GLY V 70 14.53 59.89 -6.23
N ARG V 71 14.35 59.02 -5.24
CA ARG V 71 14.46 59.41 -3.85
C ARG V 71 15.89 59.87 -3.55
N GLY V 72 16.00 60.86 -2.66
CA GLY V 72 17.29 61.47 -2.40
C GLY V 72 18.03 60.92 -1.20
N LEU V 73 17.32 60.29 -0.27
CA LEU V 73 17.91 59.81 0.97
C LEU V 73 18.29 58.33 0.85
N ASP V 74 19.16 58.06 -0.11
CA ASP V 74 19.64 56.70 -0.39
C ASP V 74 20.73 56.78 -1.45
N VAL V 75 21.61 55.77 -1.45
CA VAL V 75 22.72 55.72 -2.40
C VAL V 75 23.26 54.29 -2.41
N ALA V 76 23.77 53.86 -3.56
CA ALA V 76 24.27 52.50 -3.72
C ALA V 76 25.68 52.53 -4.28
N ILE V 77 26.53 51.61 -3.78
CA ILE V 77 27.88 51.50 -4.30
C ILE V 77 27.85 50.80 -5.67
N SER V 78 28.83 51.14 -6.51
CA SER V 78 28.93 50.55 -7.84
C SER V 78 30.08 49.55 -7.98
N GLN V 79 31.04 49.54 -7.06
CA GLN V 79 32.16 48.61 -7.11
C GLN V 79 32.38 48.02 -5.72
N ASN V 80 33.53 47.36 -5.53
CA ASN V 80 33.83 46.77 -4.24
C ASN V 80 33.82 47.83 -3.13
N GLY V 81 33.11 47.54 -2.06
CA GLY V 81 32.97 48.47 -0.96
C GLY V 81 31.78 48.10 -0.10
N PHE V 82 31.74 48.73 1.08
CA PHE V 82 30.70 48.43 2.06
C PHE V 82 30.33 49.68 2.83
N PHE V 83 29.03 49.90 3.02
CA PHE V 83 28.59 50.92 3.95
C PHE V 83 28.88 50.49 5.38
N ARG V 84 29.35 51.44 6.20
CA ARG V 84 29.73 51.19 7.58
C ARG V 84 28.65 51.74 8.50
N LEU V 85 28.30 50.98 9.53
CA LEU V 85 27.20 51.35 10.42
C LEU V 85 27.60 51.01 11.85
N VAL V 86 27.01 51.72 12.81
CA VAL V 86 27.27 51.49 14.22
C VAL V 86 25.96 51.30 14.96
N ASP V 87 25.89 50.28 15.79
CA ASP V 87 24.67 49.92 16.49
C ASP V 87 24.56 50.71 17.79
N SER V 88 23.44 50.57 18.49
CA SER V 88 23.29 51.16 19.81
C SER V 88 24.20 50.50 20.83
N ASN V 89 24.48 49.20 20.66
CA ASN V 89 25.40 48.52 21.55
C ASN V 89 26.82 49.04 21.40
N GLY V 90 27.13 49.63 20.26
CA GLY V 90 28.48 50.08 19.95
C GLY V 90 29.22 49.19 18.98
N SER V 91 28.69 48.00 18.68
CA SER V 91 29.30 47.13 17.70
C SER V 91 29.13 47.71 16.30
N VAL V 92 30.13 47.51 15.46
CA VAL V 92 30.14 48.06 14.10
C VAL V 92 29.74 46.96 13.13
N PHE V 93 28.82 47.29 12.22
CA PHE V 93 28.34 46.38 11.20
C PHE V 93 28.61 46.95 9.83
N TYR V 94 28.51 46.10 8.81
CA TYR V 94 28.70 46.50 7.44
C TYR V 94 27.52 46.03 6.60
N SER V 95 27.07 46.90 5.70
CA SER V 95 25.90 46.61 4.89
C SER V 95 25.94 47.44 3.62
N ARG V 96 25.28 46.92 2.59
CA ARG V 96 25.16 47.62 1.32
C ARG V 96 23.77 48.19 1.08
N ASN V 97 22.84 48.00 2.01
CA ASN V 97 21.51 48.57 1.87
C ASN V 97 21.58 50.08 2.04
N GLY V 98 21.47 50.81 0.94
CA GLY V 98 21.61 52.25 0.95
C GLY V 98 20.38 53.03 1.36
N GLN V 99 19.28 52.36 1.68
CA GLN V 99 18.03 53.04 2.02
C GLN V 99 18.13 53.60 3.43
N PHE V 100 18.57 54.85 3.53
CA PHE V 100 18.68 55.53 4.81
C PHE V 100 17.41 56.34 5.09
N LYS V 101 17.29 56.76 6.35
CA LYS V 101 16.17 57.58 6.78
C LYS V 101 16.62 58.51 7.90
N LEU V 102 15.83 59.55 8.11
CA LEU V 102 15.99 60.41 9.27
C LEU V 102 15.33 59.79 10.49
N ASP V 103 15.87 60.08 11.65
CA ASP V 103 15.36 59.57 12.92
C ASP V 103 14.51 60.64 13.59
N GLU V 104 13.83 60.24 14.67
CA GLU V 104 13.06 61.21 15.45
C GLU V 104 13.99 62.20 16.14
N ASN V 105 15.21 61.76 16.47
CA ASN V 105 16.21 62.62 17.08
C ASN V 105 17.10 63.31 16.06
N ARG V 106 16.63 63.45 14.83
CA ARG V 106 17.37 64.17 13.77
C ARG V 106 18.73 63.53 13.53
N ASN V 107 18.70 62.29 13.06
CA ASN V 107 19.90 61.51 12.76
C ASN V 107 19.75 60.84 11.40
N LEU V 108 20.77 60.09 11.01
CA LEU V 108 20.74 59.28 9.80
C LEU V 108 20.94 57.81 10.17
N VAL V 109 19.93 56.99 9.93
CA VAL V 109 19.97 55.58 10.23
C VAL V 109 19.45 54.80 9.02
N ASN V 110 19.34 53.49 9.17
CA ASN V 110 18.68 52.69 8.15
C ASN V 110 17.18 52.62 8.45
N MET V 111 16.46 51.85 7.64
CA MET V 111 15.02 51.69 7.86
C MET V 111 14.71 50.86 9.09
N GLN V 112 15.71 50.47 9.88
CA GLN V 112 15.49 49.61 11.04
C GLN V 112 16.06 50.18 12.33
N GLY V 113 16.96 51.16 12.26
CA GLY V 113 17.51 51.77 13.46
C GLY V 113 19.00 51.54 13.63
N MET V 114 19.70 51.36 12.51
CA MET V 114 21.13 51.09 12.49
C MET V 114 21.82 52.39 12.07
N GLN V 115 22.61 52.97 12.97
CA GLN V 115 23.09 54.33 12.79
C GLN V 115 24.13 54.42 11.69
N LEU V 116 23.94 55.37 10.78
CA LEU V 116 24.94 55.67 9.76
C LEU V 116 26.11 56.42 10.40
N THR V 117 27.31 56.13 9.90
CA THR V 117 28.52 56.74 10.44
C THR V 117 29.42 57.19 9.29
N GLY V 118 30.58 57.71 9.66
CA GLY V 118 31.51 58.24 8.69
C GLY V 118 32.42 59.26 9.34
N TYR V 119 33.21 59.93 8.51
CA TYR V 119 34.12 60.95 9.00
C TYR V 119 33.34 62.11 9.62
N PRO V 120 33.85 62.69 10.70
CA PRO V 120 33.29 63.94 11.20
C PRO V 120 33.91 65.14 10.52
N ALA V 121 33.20 66.27 10.59
CA ALA V 121 33.65 67.52 10.01
C ALA V 121 33.70 68.59 11.08
N THR V 122 34.87 69.20 11.26
CA THR V 122 35.05 70.30 12.21
C THR V 122 35.84 71.41 11.54
N GLY V 123 35.71 72.62 12.08
CA GLY V 123 36.42 73.78 11.58
C GLY V 123 35.46 74.90 11.22
N THR V 124 36.05 75.98 10.70
CA THR V 124 35.28 77.16 10.29
C THR V 124 35.98 77.79 9.09
N PRO V 125 35.56 77.44 7.86
CA PRO V 125 34.51 76.46 7.55
C PRO V 125 34.96 75.03 7.84
N PRO V 126 34.03 74.17 8.24
CA PRO V 126 34.40 72.80 8.63
C PRO V 126 35.14 72.04 7.54
N THR V 127 36.41 71.73 7.80
CA THR V 127 37.20 70.90 6.89
C THR V 127 36.90 69.43 7.18
N ILE V 128 37.69 68.54 6.59
CA ILE V 128 37.49 67.10 6.74
C ILE V 128 38.74 66.50 7.38
N GLN V 129 38.56 65.83 8.52
CA GLN V 129 39.63 65.06 9.15
C GLN V 129 39.75 63.75 8.39
N GLN V 130 40.62 63.75 7.37
CA GLN V 130 40.70 62.65 6.42
C GLN V 130 41.19 61.34 7.05
N GLY V 131 41.82 61.38 8.22
CA GLY V 131 42.33 60.17 8.82
C GLY V 131 41.71 59.82 10.14
N ALA V 132 40.70 60.58 10.57
CA ALA V 132 40.11 60.39 11.88
C ALA V 132 39.20 59.16 11.89
N ASN V 133 38.88 58.72 13.09
CA ASN V 133 37.97 57.60 13.27
C ASN V 133 36.55 58.00 12.85
N PRO V 134 35.73 57.04 12.42
CA PRO V 134 34.36 57.37 12.04
C PRO V 134 33.53 57.84 13.22
N ALA V 135 32.58 58.72 12.91
CA ALA V 135 31.67 59.28 13.90
C ALA V 135 30.25 59.22 13.34
N PRO V 136 29.25 59.04 14.19
CA PRO V 136 27.87 58.99 13.68
C PRO V 136 27.44 60.31 13.07
N ILE V 137 27.23 60.31 11.75
CA ILE V 137 26.87 61.53 11.05
C ILE V 137 25.44 61.92 11.39
N THR V 138 25.25 63.19 11.73
CA THR V 138 23.92 63.73 11.96
C THR V 138 23.83 65.09 11.26
N ILE V 139 22.60 65.47 10.92
CA ILE V 139 22.38 66.74 10.22
C ILE V 139 21.61 67.65 11.17
N PRO V 140 22.29 68.50 11.92
CA PRO V 140 21.60 69.33 12.91
C PRO V 140 20.74 70.41 12.28
N ASN V 141 19.65 70.73 12.98
CA ASN V 141 18.76 71.82 12.58
C ASN V 141 19.11 73.14 13.26
N THR V 142 20.35 73.26 13.76
CA THR V 142 20.74 74.44 14.50
C THR V 142 20.93 75.65 13.57
N LEU V 143 20.97 76.82 14.18
CA LEU V 143 21.26 78.04 13.45
C LEU V 143 22.76 78.25 13.36
N MET V 144 23.26 78.42 12.14
CA MET V 144 24.69 78.60 11.94
C MET V 144 25.08 80.03 12.28
N ALA V 145 26.24 80.17 12.93
CA ALA V 145 26.68 81.43 13.52
C ALA V 145 27.47 82.24 12.49
N ALA V 146 27.00 83.46 12.24
CA ALA V 146 27.65 84.33 11.27
C ALA V 146 29.09 84.65 11.71
N LYS V 147 29.85 85.20 10.77
CA LYS V 147 31.26 85.50 10.98
C LYS V 147 31.56 86.90 10.49
N SER V 148 32.29 87.67 11.30
CA SER V 148 32.75 88.99 10.89
C SER V 148 33.79 88.85 9.79
N THR V 149 33.79 89.81 8.87
CA THR V 149 34.73 89.78 7.75
C THR V 149 36.16 89.86 8.24
N THR V 150 36.92 88.77 8.11
CA THR V 150 38.31 88.73 8.53
C THR V 150 39.28 88.84 7.37
N THR V 151 38.88 88.46 6.16
CA THR V 151 39.71 88.58 4.98
C THR V 151 38.84 88.98 3.79
N ALA V 152 39.37 89.89 2.97
CA ALA V 152 38.65 90.39 1.82
C ALA V 152 39.67 90.81 0.77
N SER V 153 39.18 90.96 -0.46
CA SER V 153 40.05 91.35 -1.56
C SER V 153 39.20 92.02 -2.63
N MET V 154 39.88 92.79 -3.49
CA MET V 154 39.22 93.53 -4.55
C MET V 154 40.27 93.81 -5.62
N GLN V 155 40.03 93.27 -6.81
CA GLN V 155 40.94 93.40 -7.94
C GLN V 155 40.22 94.05 -9.11
N ILE V 156 40.84 95.06 -9.69
CA ILE V 156 40.29 95.79 -10.82
C ILE V 156 41.43 96.11 -11.78
N ASN V 157 41.18 95.95 -13.07
CA ASN V 157 42.21 96.21 -14.08
C ASN V 157 42.37 97.71 -14.27
N LEU V 158 43.60 98.18 -14.14
CA LEU V 158 43.93 99.59 -14.25
C LEU V 158 44.30 99.94 -15.69
N ASN V 159 44.34 101.24 -15.97
CA ASN V 159 44.66 101.73 -17.30
C ASN V 159 45.96 102.52 -17.25
N SER V 160 46.88 102.19 -18.16
CA SER V 160 48.12 102.96 -18.27
C SER V 160 47.89 104.32 -18.91
N THR V 161 46.78 104.49 -19.63
CA THR V 161 46.45 105.74 -20.28
C THR V 161 45.53 106.62 -19.45
N ASP V 162 45.21 106.21 -18.22
CA ASP V 162 44.29 106.95 -17.39
C ASP V 162 44.90 108.28 -16.98
N PRO V 163 44.30 109.42 -17.32
CA PRO V 163 44.85 110.71 -16.87
C PRO V 163 44.54 110.98 -15.41
N VAL V 164 45.39 111.79 -14.80
CA VAL V 164 45.13 112.24 -13.43
C VAL V 164 43.88 113.10 -13.42
N PRO V 165 42.94 112.89 -12.49
CA PRO V 165 41.72 113.69 -12.48
C PRO V 165 42.02 115.18 -12.30
N SER V 166 41.24 116.00 -12.99
CA SER V 166 41.46 117.44 -12.99
C SER V 166 41.25 118.05 -11.61
N LYS V 167 40.21 117.61 -10.90
CA LYS V 167 39.89 118.16 -9.57
C LYS V 167 40.89 117.61 -8.55
N THR V 168 41.99 118.35 -8.39
CA THR V 168 42.97 117.97 -7.40
C THR V 168 42.41 117.94 -5.97
N PRO V 169 41.61 118.91 -5.50
CA PRO V 169 40.95 118.73 -4.19
C PRO V 169 40.02 117.53 -4.20
N PHE V 170 40.31 116.55 -3.35
CA PHE V 170 39.61 115.28 -3.36
C PHE V 170 38.46 115.29 -2.35
N SER V 171 37.32 114.76 -2.78
CA SER V 171 36.19 114.52 -1.88
C SER V 171 35.39 113.35 -2.47
N VAL V 172 34.22 113.11 -1.89
CA VAL V 172 33.32 112.05 -2.35
C VAL V 172 32.05 112.60 -2.97
N SER V 173 31.91 113.93 -3.08
CA SER V 173 30.76 114.54 -3.70
C SER V 173 31.01 114.99 -5.13
N ASP V 174 32.20 115.46 -5.44
CA ASP V 174 32.55 115.84 -6.81
C ASP V 174 32.98 114.60 -7.59
N ALA V 175 32.45 114.45 -8.80
CA ALA V 175 32.76 113.29 -9.63
C ALA V 175 34.13 113.38 -10.29
N ASP V 176 34.82 114.51 -10.20
CA ASP V 176 36.12 114.68 -10.84
C ASP V 176 37.28 114.53 -9.85
N SER V 177 36.99 114.12 -8.60
CA SER V 177 38.05 114.04 -7.60
C SER V 177 38.88 112.77 -7.77
N TYR V 178 38.22 111.60 -7.82
CA TYR V 178 38.91 110.32 -7.89
C TYR V 178 38.97 109.83 -9.33
N ASN V 179 39.91 108.93 -9.58
CA ASN V 179 39.87 108.14 -10.81
C ASN V 179 38.80 107.07 -10.74
N LYS V 180 38.66 106.40 -9.60
CA LYS V 180 37.73 105.29 -9.47
C LYS V 180 37.12 105.26 -8.07
N LYS V 181 35.89 104.74 -8.00
CA LYS V 181 35.19 104.52 -6.73
C LYS V 181 34.53 103.15 -6.79
N GLY V 182 35.05 102.22 -5.97
CA GLY V 182 34.47 100.89 -5.84
C GLY V 182 33.98 100.65 -4.43
N THR V 183 33.29 99.52 -4.25
CA THR V 183 32.67 99.18 -2.99
C THR V 183 33.00 97.74 -2.59
N VAL V 184 33.07 97.52 -1.27
CA VAL V 184 33.12 96.17 -0.71
C VAL V 184 32.10 96.10 0.42
N THR V 185 31.41 94.98 0.52
CA THR V 185 30.34 94.79 1.50
C THR V 185 30.82 93.77 2.54
N VAL V 186 31.16 94.26 3.72
CA VAL V 186 31.65 93.40 4.79
C VAL V 186 30.57 93.29 5.86
N TYR V 187 30.78 92.39 6.82
CA TYR V 187 29.77 92.06 7.81
C TYR V 187 30.33 92.20 9.22
N ASP V 188 29.44 92.54 10.16
CA ASP V 188 29.81 92.69 11.56
C ASP V 188 29.59 91.37 12.31
N SER V 189 29.63 91.42 13.63
CA SER V 189 29.40 90.26 14.49
C SER V 189 27.92 90.09 14.85
N GLN V 190 27.04 90.89 14.25
CA GLN V 190 25.60 90.73 14.48
C GLN V 190 24.79 90.79 13.19
N GLY V 191 25.41 90.65 12.02
CA GLY V 191 24.69 90.64 10.77
C GLY V 191 24.50 91.98 10.10
N ASN V 192 25.15 93.04 10.60
CA ASN V 192 25.07 94.35 9.98
C ASN V 192 26.02 94.41 8.80
N ALA V 193 25.64 95.16 7.78
CA ALA V 193 26.43 95.29 6.57
C ALA V 193 27.14 96.64 6.54
N HIS V 194 28.46 96.60 6.34
CA HIS V 194 29.27 97.79 6.18
C HIS V 194 29.65 97.93 4.72
N ASP V 195 29.44 99.13 4.17
CA ASP V 195 29.80 99.44 2.79
C ASP V 195 31.11 100.23 2.82
N MET V 196 32.23 99.53 2.69
CA MET V 196 33.54 100.16 2.71
C MET V 196 33.88 100.59 1.28
N ASN V 197 34.02 101.89 1.07
CA ASN V 197 34.25 102.44 -0.26
C ASN V 197 35.74 102.67 -0.48
N VAL V 198 36.24 102.19 -1.61
CA VAL V 198 37.65 102.31 -1.98
C VAL V 198 37.75 103.30 -3.13
N TYR V 199 38.72 104.21 -3.04
CA TYR V 199 38.88 105.26 -4.03
C TYR V 199 40.28 105.24 -4.61
N PHE V 200 40.38 105.34 -5.93
CA PHE V 200 41.66 105.28 -6.63
C PHE V 200 41.91 106.60 -7.33
N VAL V 201 43.12 107.14 -7.14
CA VAL V 201 43.56 108.36 -7.82
C VAL V 201 44.97 108.14 -8.33
N LYS V 202 45.15 108.17 -9.64
CA LYS V 202 46.49 108.07 -10.20
C LYS V 202 47.24 109.39 -10.03
N THR V 203 48.54 109.29 -9.79
CA THR V 203 49.38 110.48 -9.66
C THR V 203 50.28 110.68 -10.86
N LYS V 204 51.04 109.68 -11.26
CA LYS V 204 51.78 109.68 -12.51
C LYS V 204 52.02 108.22 -12.90
N ASP V 205 52.90 107.99 -13.86
CA ASP V 205 53.12 106.66 -14.40
C ASP V 205 53.48 105.67 -13.30
N ASN V 206 52.57 104.73 -13.04
CA ASN V 206 52.76 103.62 -12.09
C ASN V 206 52.71 104.06 -10.64
N GLU V 207 51.82 104.99 -10.30
CA GLU V 207 51.51 105.29 -8.91
C GLU V 207 50.03 105.61 -8.76
N TRP V 208 49.37 104.88 -7.88
CA TRP V 208 47.93 105.00 -7.67
C TRP V 208 47.68 105.08 -6.15
N ALA V 209 47.31 106.26 -5.67
CA ALA V 209 46.91 106.39 -4.28
C ALA V 209 45.52 105.81 -4.07
N VAL V 210 45.36 105.04 -3.01
CA VAL V 210 44.11 104.35 -2.72
C VAL V 210 43.64 104.74 -1.32
N TYR V 211 42.38 105.16 -1.23
CA TYR V 211 41.76 105.72 -0.05
C TYR V 211 40.65 104.79 0.42
N THR V 212 40.47 104.72 1.74
CA THR V 212 39.40 103.95 2.33
C THR V 212 38.40 104.88 3.03
N HIS V 213 37.11 104.60 2.85
CA HIS V 213 36.06 105.42 3.42
C HIS V 213 34.96 104.51 3.95
N ASP V 214 34.31 104.95 5.02
CA ASP V 214 33.24 104.18 5.66
C ASP V 214 31.92 104.92 5.47
N SER V 215 30.95 104.24 4.86
CA SER V 215 29.60 104.77 4.68
C SER V 215 28.56 103.91 5.39
N SER V 216 28.93 103.29 6.51
CA SER V 216 28.08 102.30 7.17
C SER V 216 27.14 102.95 8.18
N ASP V 217 27.70 103.62 9.17
CA ASP V 217 26.88 104.27 10.18
C ASP V 217 26.75 105.77 9.90
N PRO V 218 25.64 106.40 10.29
CA PRO V 218 25.49 107.84 10.04
C PRO V 218 26.53 108.70 10.76
N ALA V 219 27.15 108.18 11.82
CA ALA V 219 28.17 108.92 12.55
C ALA V 219 29.57 108.77 11.94
N ALA V 220 29.65 108.34 10.68
CA ALA V 220 30.95 108.15 10.04
C ALA V 220 31.63 109.49 9.78
N THR V 221 32.96 109.44 9.73
CA THR V 221 33.77 110.63 9.47
C THR V 221 33.89 110.84 7.96
N ALA V 222 34.78 111.75 7.56
CA ALA V 222 34.99 112.03 6.16
C ALA V 222 36.34 111.47 5.69
N PRO V 223 36.43 110.99 4.46
CA PRO V 223 37.68 110.38 3.98
C PRO V 223 38.67 111.44 3.52
N THR V 224 39.76 111.57 4.27
CA THR V 224 40.82 112.52 3.94
C THR V 224 42.17 111.85 3.73
N THR V 225 42.56 110.92 4.60
CA THR V 225 43.89 110.34 4.61
C THR V 225 44.01 109.25 3.55
N ALA V 226 45.26 108.85 3.30
CA ALA V 226 45.54 107.81 2.31
C ALA V 226 45.73 106.47 2.97
N SER V 227 44.94 105.48 2.53
CA SER V 227 45.08 104.14 3.07
C SER V 227 46.37 103.49 2.58
N THR V 228 46.63 103.56 1.28
CA THR V 228 47.83 102.93 0.72
C THR V 228 48.18 103.64 -0.59
N THR V 229 49.34 103.30 -1.14
CA THR V 229 49.71 103.73 -2.48
C THR V 229 50.32 102.55 -3.21
N LEU V 230 49.91 102.35 -4.46
CA LEU V 230 50.35 101.23 -5.29
C LEU V 230 51.37 101.74 -6.29
N LYS V 231 52.55 101.13 -6.29
CA LYS V 231 53.61 101.44 -7.24
C LYS V 231 53.71 100.29 -8.23
N PHE V 232 53.58 100.59 -9.52
CA PHE V 232 53.51 99.56 -10.55
C PHE V 232 54.81 99.51 -11.35
N ASN V 233 54.90 98.49 -12.20
CA ASN V 233 56.04 98.28 -13.07
C ASN V 233 55.78 98.90 -14.44
N GLU V 234 56.84 98.91 -15.26
CA GLU V 234 56.72 99.43 -16.61
C GLU V 234 55.71 98.65 -17.45
N ASN V 235 55.47 97.39 -17.12
CA ASN V 235 54.53 96.54 -17.85
C ASN V 235 53.29 96.21 -17.02
N GLY V 236 53.07 96.91 -15.91
CA GLY V 236 51.84 96.81 -15.16
C GLY V 236 51.77 95.76 -14.08
N ILE V 237 52.80 95.66 -13.23
CA ILE V 237 52.77 94.74 -12.09
C ILE V 237 53.10 95.52 -10.84
N LEU V 238 52.34 95.28 -9.78
CA LEU V 238 52.48 95.98 -8.51
C LEU V 238 53.84 95.67 -7.87
N GLU V 239 54.35 96.65 -7.13
CA GLU V 239 55.65 96.54 -6.46
C GLU V 239 55.57 96.63 -4.95
N SER V 240 54.68 97.46 -4.40
CA SER V 240 54.57 97.68 -2.97
C SER V 240 53.14 97.42 -2.53
N GLY V 241 52.85 97.75 -1.26
CA GLY V 241 51.52 97.58 -0.73
C GLY V 241 51.19 96.13 -0.38
N GLY V 242 51.91 95.57 0.59
CA GLY V 242 51.75 94.17 0.94
C GLY V 242 50.42 93.83 1.57
N THR V 243 50.17 94.32 2.78
CA THR V 243 48.94 94.03 3.50
C THR V 243 48.57 95.21 4.39
N VAL V 244 47.28 95.49 4.50
CA VAL V 244 46.78 96.58 5.33
C VAL V 244 45.57 96.08 6.12
N ASN V 245 45.56 96.36 7.42
CA ASN V 245 44.43 95.99 8.27
C ASN V 245 43.40 97.11 8.24
N ILE V 246 42.29 96.86 7.54
CA ILE V 246 41.23 97.86 7.37
C ILE V 246 40.13 97.56 8.37
N THR V 247 39.69 98.60 9.07
CA THR V 247 38.72 98.49 10.15
C THR V 247 37.53 99.40 9.86
N THR V 248 36.33 98.84 9.90
CA THR V 248 35.11 99.61 9.65
C THR V 248 34.64 100.25 10.96
N GLY V 249 33.48 100.90 10.91
CA GLY V 249 32.95 101.58 12.08
C GLY V 249 32.20 100.67 13.04
N THR V 250 31.08 101.16 13.57
CA THR V 250 30.28 100.40 14.52
C THR V 250 28.81 100.72 14.30
N ILE V 251 28.00 99.70 14.14
CA ILE V 251 26.56 99.84 13.94
C ILE V 251 25.84 98.99 14.98
N ASN V 252 24.97 99.64 15.76
CA ASN V 252 24.05 98.95 16.68
C ASN V 252 24.79 98.08 17.69
N GLY V 253 25.64 98.74 18.48
CA GLY V 253 26.28 98.08 19.61
C GLY V 253 27.23 96.96 19.27
N ALA V 254 27.65 96.85 18.01
CA ALA V 254 28.59 95.81 17.60
C ALA V 254 30.02 96.31 17.74
N THR V 255 30.98 95.46 17.37
CA THR V 255 32.37 95.86 17.34
C THR V 255 32.76 96.23 15.90
N ALA V 256 34.04 96.52 15.71
CA ALA V 256 34.56 96.85 14.39
C ALA V 256 35.19 95.62 13.76
N ALA V 257 35.06 95.51 12.44
CA ALA V 257 35.58 94.38 11.69
C ALA V 257 36.94 94.76 11.11
N THR V 258 38.00 94.17 11.66
CA THR V 258 39.37 94.42 11.22
C THR V 258 39.80 93.28 10.31
N PHE V 259 39.80 93.54 9.00
CA PHE V 259 40.16 92.53 8.02
C PHE V 259 41.47 92.90 7.33
N SER V 260 42.30 91.88 7.10
CA SER V 260 43.62 92.07 6.50
C SER V 260 43.46 92.15 4.97
N LEU V 261 43.06 93.33 4.52
CA LEU V 261 42.91 93.56 3.08
C LEU V 261 44.27 93.53 2.41
N SER V 262 44.34 92.86 1.26
CA SER V 262 45.59 92.69 0.52
C SER V 262 45.29 92.79 -0.97
N PHE V 263 45.64 93.93 -1.57
CA PHE V 263 45.46 94.13 -3.00
C PHE V 263 46.51 93.33 -3.75
N LEU V 264 46.08 92.41 -4.62
CA LEU V 264 46.98 91.53 -5.34
C LEU V 264 46.59 91.44 -6.81
N ASN V 265 47.56 91.02 -7.62
CA ASN V 265 47.39 90.66 -9.03
C ASN V 265 46.52 91.66 -9.79
N SER V 266 46.82 92.94 -9.64
CA SER V 266 46.22 93.99 -10.44
C SER V 266 47.22 94.43 -11.49
N MET V 267 46.72 94.78 -12.68
CA MET V 267 47.58 95.09 -13.81
C MET V 267 47.13 96.39 -14.48
N GLN V 268 48.09 97.09 -15.09
CA GLN V 268 47.81 98.34 -15.79
C GLN V 268 48.63 98.37 -17.08
N GLN V 269 47.96 98.10 -18.19
CA GLN V 269 48.55 98.25 -19.52
C GLN V 269 47.51 98.79 -20.50
N ASN V 270 46.77 99.81 -20.08
CA ASN V 270 45.68 100.40 -20.86
C ASN V 270 44.63 99.35 -21.19
N THR V 271 43.98 98.89 -20.12
CA THR V 271 42.93 97.87 -20.25
C THR V 271 41.62 98.53 -20.65
N GLY V 272 41.63 99.29 -21.73
CA GLY V 272 40.45 100.00 -22.18
C GLY V 272 39.90 100.95 -21.13
N ALA V 273 38.72 100.66 -20.61
CA ALA V 273 38.14 101.41 -19.52
C ALA V 273 38.33 100.63 -18.22
N ASN V 274 37.98 101.25 -17.10
CA ASN V 274 38.14 100.62 -15.80
C ASN V 274 36.94 99.72 -15.53
N ASN V 275 37.22 98.52 -15.02
CA ASN V 275 36.17 97.53 -14.81
C ASN V 275 36.47 96.68 -13.58
N ILE V 276 35.53 96.66 -12.63
CA ILE V 276 35.65 95.84 -11.43
C ILE V 276 35.71 94.39 -11.86
N VAL V 277 36.83 93.72 -11.58
CA VAL V 277 37.03 92.34 -11.97
C VAL V 277 36.59 91.38 -10.88
N ALA V 278 37.08 91.56 -9.66
CA ALA V 278 36.72 90.70 -8.54
C ALA V 278 36.57 91.55 -7.29
N THR V 279 35.64 91.14 -6.43
CA THR V 279 35.41 91.81 -5.16
C THR V 279 34.75 90.81 -4.22
N ASN V 280 35.45 90.43 -3.16
CA ASN V 280 34.96 89.33 -2.34
C ASN V 280 35.46 89.48 -0.91
N GLN V 281 34.82 88.73 -0.01
CA GLN V 281 35.17 88.70 1.40
C GLN V 281 34.72 87.35 1.96
N ASN V 282 35.25 87.01 3.14
CA ASN V 282 34.87 85.78 3.82
C ASN V 282 34.00 86.10 5.03
N GLY V 283 33.37 87.26 5.01
CA GLY V 283 32.39 87.62 6.03
C GLY V 283 30.99 87.49 5.48
N TYR V 284 30.03 87.21 6.35
CA TYR V 284 28.71 86.80 5.89
C TYR V 284 27.69 86.89 7.02
N LYS V 285 26.46 87.18 6.62
CA LYS V 285 25.33 87.27 7.53
C LYS V 285 24.89 85.86 7.95
N PRO V 286 24.15 85.74 9.04
CA PRO V 286 23.64 84.43 9.45
C PRO V 286 22.45 84.00 8.62
N GLY V 287 22.14 82.70 8.73
CA GLY V 287 21.02 82.13 8.00
C GLY V 287 20.48 80.91 8.72
N ASP V 288 19.40 80.36 8.16
CA ASP V 288 18.73 79.20 8.71
C ASP V 288 18.76 78.05 7.71
N LEU V 289 18.56 76.84 8.24
CA LEU V 289 18.66 75.63 7.43
C LEU V 289 17.45 75.49 6.53
N VAL V 290 17.69 75.13 5.27
CA VAL V 290 16.64 74.95 4.27
C VAL V 290 16.64 73.52 3.71
N SER V 291 17.81 73.01 3.34
CA SER V 291 17.88 71.70 2.71
C SER V 291 19.28 71.13 2.86
N TYR V 292 19.39 69.82 2.65
CA TYR V 292 20.66 69.11 2.72
C TYR V 292 20.78 68.18 1.51
N GLN V 293 22.02 67.94 1.10
CA GLN V 293 22.29 67.10 -0.06
C GLN V 293 23.60 66.34 0.16
N ILE V 294 23.82 65.34 -0.69
CA ILE V 294 25.03 64.52 -0.65
C ILE V 294 25.68 64.56 -2.02
N ASN V 295 26.96 64.89 -2.06
CA ASN V 295 27.69 64.88 -3.32
C ASN V 295 28.05 63.45 -3.71
N ASN V 296 28.44 63.28 -4.97
CA ASN V 296 28.87 61.98 -5.48
C ASN V 296 30.20 61.53 -4.89
N ASP V 297 30.79 62.32 -4.00
CA ASP V 297 32.03 61.96 -3.33
C ASP V 297 31.79 61.55 -1.88
N GLY V 298 30.53 61.46 -1.46
CA GLY V 298 30.20 61.06 -0.12
C GLY V 298 30.29 62.16 0.92
N THR V 299 30.54 63.40 0.52
CA THR V 299 30.62 64.52 1.45
C THR V 299 29.25 65.14 1.59
N VAL V 300 28.61 64.93 2.75
CA VAL V 300 27.30 65.50 3.01
C VAL V 300 27.43 67.00 3.23
N VAL V 301 26.64 67.79 2.51
CA VAL V 301 26.64 69.24 2.64
C VAL V 301 25.21 69.72 2.83
N GLY V 302 25.09 70.97 3.26
CA GLY V 302 23.79 71.56 3.50
C GLY V 302 23.71 73.01 3.05
N ASN V 303 22.61 73.36 2.39
CA ASN V 303 22.38 74.72 1.92
C ASN V 303 21.71 75.56 3.00
N TYR V 304 21.76 76.87 2.82
CA TYR V 304 21.19 77.81 3.75
C TYR V 304 20.64 79.01 2.99
N SER V 305 19.89 79.85 3.70
CA SER V 305 19.37 81.09 3.12
C SER V 305 20.40 82.19 3.05
N ASN V 306 21.64 81.92 3.49
CA ASN V 306 22.70 82.93 3.52
C ASN V 306 23.73 82.73 2.41
N GLU V 307 23.36 82.02 1.35
CA GLU V 307 24.28 81.69 0.25
C GLU V 307 25.59 81.10 0.76
N GLN V 308 25.50 80.22 1.75
CA GLN V 308 26.66 79.52 2.27
C GLN V 308 26.30 78.06 2.51
N GLU V 309 27.23 77.16 2.18
CA GLU V 309 27.06 75.74 2.39
C GLU V 309 27.86 75.29 3.60
N GLN V 310 27.35 74.26 4.27
CA GLN V 310 27.99 73.73 5.47
C GLN V 310 28.30 72.26 5.26
N VAL V 311 29.38 71.79 5.90
CA VAL V 311 29.83 70.41 5.82
C VAL V 311 29.56 69.73 7.15
N LEU V 312 29.02 68.51 7.09
CA LEU V 312 28.66 67.76 8.30
C LEU V 312 29.30 66.38 8.35
N GLY V 313 30.29 66.12 7.51
CA GLY V 313 30.99 64.86 7.50
C GLY V 313 31.04 64.22 6.13
N GLN V 314 31.69 63.07 6.09
CA GLN V 314 31.88 62.31 4.86
C GLN V 314 31.41 60.87 5.04
N ILE V 315 30.97 60.27 3.94
CA ILE V 315 30.58 58.87 3.92
C ILE V 315 31.82 58.01 3.75
N VAL V 316 31.92 56.95 4.55
CA VAL V 316 33.09 56.10 4.59
C VAL V 316 32.79 54.79 3.89
N LEU V 317 33.73 54.33 3.06
CA LEU V 317 33.66 53.04 2.39
C LEU V 317 34.83 52.18 2.84
N ALA V 318 34.53 50.95 3.25
CA ALA V 318 35.53 50.01 3.73
C ALA V 318 35.86 49.00 2.64
N ASN V 319 36.95 48.27 2.87
CA ASN V 319 37.40 47.26 1.89
C ASN V 319 38.23 46.23 2.63
N PHE V 320 37.75 45.00 2.70
CA PHE V 320 38.43 43.94 3.41
C PHE V 320 39.40 43.21 2.49
N ALA V 321 40.41 42.59 3.09
CA ALA V 321 41.36 41.78 2.34
C ALA V 321 40.73 40.51 1.79
N ASN V 322 39.53 40.15 2.25
CA ASN V 322 38.86 38.94 1.79
C ASN V 322 37.36 39.09 2.07
N ASN V 323 36.55 38.94 1.02
CA ASN V 323 35.11 38.89 1.20
C ASN V 323 34.71 37.47 1.60
N GLU V 324 33.40 37.21 1.69
CA GLU V 324 32.82 35.94 2.10
C GLU V 324 33.24 35.51 3.50
N GLY V 325 34.02 36.33 4.20
CA GLY V 325 34.34 36.05 5.59
C GLY V 325 33.46 36.86 6.52
N LEU V 326 32.74 37.81 5.94
CA LEU V 326 31.84 38.69 6.68
C LEU V 326 30.63 37.88 7.12
N ALA V 327 30.56 37.54 8.40
CA ALA V 327 29.49 36.67 8.86
C ALA V 327 28.18 37.44 8.94
N SER V 328 27.18 37.00 8.18
CA SER V 328 25.88 37.64 8.16
C SER V 328 25.18 37.46 9.50
N GLN V 329 24.52 38.53 9.99
CA GLN V 329 23.81 38.45 11.25
C GLN V 329 22.44 39.11 11.09
N GLY V 330 21.38 38.33 11.30
CA GLY V 330 20.04 38.89 11.38
C GLY V 330 19.61 39.68 10.17
N ASP V 331 19.52 41.00 10.33
CA ASP V 331 19.20 41.90 9.24
C ASP V 331 20.26 41.83 8.15
N ASN V 332 20.02 42.52 7.04
CA ASN V 332 20.94 42.47 5.92
C ASN V 332 22.23 43.19 6.26
N VAL V 333 22.97 42.65 7.24
CA VAL V 333 24.21 43.22 7.70
C VAL V 333 25.20 42.09 7.94
N TRP V 334 26.47 42.35 7.66
CA TRP V 334 27.53 41.39 7.87
C TRP V 334 28.55 41.95 8.85
N ALA V 335 28.86 41.17 9.87
CA ALA V 335 29.84 41.52 10.88
C ALA V 335 31.21 41.05 10.44
N ALA V 336 32.21 41.92 10.59
CA ALA V 336 33.58 41.57 10.27
C ALA V 336 34.16 40.63 11.32
N THR V 337 35.00 39.70 10.89
CA THR V 337 35.64 38.73 11.76
C THR V 337 36.88 38.23 11.03
N GLN V 338 37.43 37.10 11.49
CA GLN V 338 38.52 36.45 10.76
C GLN V 338 38.07 36.16 9.34
N ALA V 339 39.02 36.08 8.41
CA ALA V 339 38.80 35.99 6.97
C ALA V 339 38.17 37.26 6.40
N SER V 340 38.03 38.32 7.20
CA SER V 340 37.68 39.64 6.72
C SER V 340 38.77 40.66 7.01
N GLY V 341 39.22 40.75 8.25
CA GLY V 341 40.34 41.60 8.61
C GLY V 341 39.98 43.06 8.82
N VAL V 342 40.98 43.94 8.65
CA VAL V 342 40.76 45.37 8.86
C VAL V 342 39.79 45.90 7.81
N ALA V 343 39.00 46.90 8.21
CA ALA V 343 38.06 47.53 7.30
C ALA V 343 38.78 48.28 6.18
N LEU V 344 39.92 48.88 6.48
CA LEU V 344 40.71 49.66 5.53
C LEU V 344 39.83 50.74 4.87
N LEU V 345 39.42 51.68 5.71
CA LEU V 345 38.53 52.75 5.32
C LEU V 345 39.11 53.53 4.12
N GLY V 346 38.21 54.19 3.40
CA GLY V 346 38.65 54.92 2.21
C GLY V 346 37.57 55.85 1.71
N THR V 347 37.93 56.59 0.66
CA THR V 347 37.07 57.59 0.06
C THR V 347 36.52 57.09 -1.28
N ALA V 348 35.34 57.57 -1.64
CA ALA V 348 34.66 57.16 -2.85
C ALA V 348 35.32 57.72 -4.11
N GLY V 349 36.02 58.85 -3.98
CA GLY V 349 36.61 59.52 -5.14
C GLY V 349 37.58 58.69 -5.95
N SER V 350 38.73 58.36 -5.37
CA SER V 350 39.78 57.63 -6.05
C SER V 350 40.13 56.36 -5.27
N GLY V 351 41.16 55.67 -5.74
CA GLY V 351 41.60 54.44 -5.11
C GLY V 351 40.92 53.22 -5.71
N ASN V 352 40.75 52.17 -4.90
CA ASN V 352 40.07 50.96 -5.32
C ASN V 352 38.58 50.99 -5.03
N PHE V 353 38.06 52.10 -4.52
CA PHE V 353 36.64 52.26 -4.24
C PHE V 353 35.96 52.93 -5.43
N GLY V 354 34.84 52.36 -5.86
CA GLY V 354 34.07 52.96 -6.93
C GLY V 354 33.23 54.13 -6.45
N LYS V 355 32.80 54.95 -7.40
CA LYS V 355 32.01 56.13 -7.08
C LYS V 355 30.58 55.72 -6.70
N LEU V 356 29.80 56.70 -6.29
CA LEU V 356 28.42 56.51 -5.85
C LEU V 356 27.49 57.23 -6.82
N THR V 357 26.18 57.05 -6.58
CA THR V 357 25.17 57.67 -7.44
C THR V 357 23.93 57.98 -6.62
N ASN V 358 23.47 59.22 -6.70
CA ASN V 358 22.29 59.64 -5.96
C ASN V 358 21.05 58.90 -6.45
N GLY V 359 20.18 58.57 -5.52
CA GLY V 359 18.94 57.88 -5.86
C GLY V 359 19.14 56.51 -6.46
N ALA V 360 20.19 55.80 -6.05
CA ALA V 360 20.52 54.50 -6.62
C ALA V 360 20.41 53.43 -5.54
N LEU V 361 19.78 52.32 -5.88
CA LEU V 361 19.75 51.12 -5.07
C LEU V 361 20.29 49.94 -5.87
N GLU V 362 20.69 48.89 -5.16
CA GLU V 362 21.24 47.69 -5.78
C GLU V 362 20.22 46.57 -5.66
N ALA V 363 20.09 45.79 -6.74
CA ALA V 363 19.14 44.69 -6.75
C ALA V 363 19.69 43.52 -5.94
N SER V 364 18.87 42.46 -5.84
CA SER V 364 19.24 41.29 -5.06
C SER V 364 20.29 40.42 -5.74
N ASN V 365 20.59 40.67 -7.00
CA ASN V 365 21.47 39.86 -7.86
C ASN V 365 21.14 38.37 -7.81
N VAL V 366 19.90 38.02 -7.49
CA VAL V 366 19.45 36.63 -7.47
C VAL V 366 18.53 36.42 -8.67
N ASP V 367 18.80 35.36 -9.43
CA ASP V 367 17.99 35.01 -10.58
C ASP V 367 17.09 33.82 -10.25
N LEU V 368 15.79 33.99 -10.51
CA LEU V 368 14.82 32.96 -10.16
C LEU V 368 15.03 31.67 -10.94
N SER V 369 15.31 31.79 -12.24
CA SER V 369 15.44 30.59 -13.07
C SER V 369 16.62 29.73 -12.63
N LYS V 370 17.71 30.36 -12.20
CA LYS V 370 18.91 29.62 -11.85
C LYS V 370 18.73 28.77 -10.58
N GLU V 371 17.69 29.03 -9.79
CA GLU V 371 17.48 28.32 -8.53
C GLU V 371 16.39 27.27 -8.63
N LEU V 372 15.36 27.52 -9.45
CA LEU V 372 14.28 26.56 -9.61
C LEU V 372 14.76 25.27 -10.26
N VAL V 373 15.90 25.33 -10.97
CA VAL V 373 16.48 24.12 -11.55
C VAL V 373 17.36 23.36 -10.57
N ASN V 374 18.02 24.06 -9.63
CA ASN V 374 18.80 23.40 -8.60
C ASN V 374 17.93 22.79 -7.51
N MET V 375 16.74 23.36 -7.29
CA MET V 375 15.82 22.81 -6.30
C MET V 375 15.46 21.36 -6.63
N ILE V 376 15.23 21.07 -7.91
CA ILE V 376 14.87 19.72 -8.33
C ILE V 376 16.02 18.75 -8.07
N VAL V 377 17.25 19.17 -8.38
CA VAL V 377 18.41 18.30 -8.16
C VAL V 377 18.58 18.00 -6.68
N ALA V 378 18.43 19.03 -5.84
CA ALA V 378 18.51 18.82 -4.40
C ALA V 378 17.42 17.89 -3.91
N GLN V 379 16.20 18.07 -4.41
CA GLN V 379 15.11 17.16 -4.05
C GLN V 379 15.44 15.72 -4.44
N ARG V 380 15.97 15.53 -5.65
CA ARG V 380 16.30 14.19 -6.13
C ARG V 380 17.32 13.51 -5.23
N ASN V 381 18.39 14.26 -4.90
CA ASN V 381 19.36 13.79 -3.93
C ASN V 381 18.69 13.43 -2.62
N TYR V 382 17.70 14.22 -2.23
CA TYR V 382 17.03 14.01 -0.95
C TYR V 382 16.32 12.65 -0.91
N GLN V 383 15.52 12.32 -1.94
CA GLN V 383 14.86 11.02 -1.82
C GLN V 383 15.84 9.87 -2.06
N SER V 384 16.94 10.11 -2.79
CA SER V 384 17.96 9.05 -2.88
C SER V 384 18.53 8.74 -1.50
N ASN V 385 18.89 9.77 -0.74
CA ASN V 385 19.35 9.56 0.63
C ASN V 385 18.26 8.96 1.50
N ALA V 386 16.99 9.28 1.20
CA ALA V 386 15.88 8.66 1.93
C ALA V 386 15.79 7.17 1.63
N GLN V 387 16.02 6.79 0.37
CA GLN V 387 16.05 5.38 0.01
C GLN V 387 17.17 4.66 0.73
N THR V 388 18.29 5.35 0.95
CA THR V 388 19.35 4.76 1.77
C THR V 388 18.85 4.48 3.19
N ILE V 389 18.10 5.41 3.78
CA ILE V 389 17.46 5.15 5.07
C ILE V 389 16.54 3.93 4.98
N LYS V 390 15.76 3.84 3.91
CA LYS V 390 14.81 2.74 3.77
C LYS V 390 15.53 1.40 3.79
N THR V 391 16.59 1.26 2.98
CA THR V 391 17.28 -0.02 2.92
C THR V 391 18.05 -0.29 4.21
N GLN V 392 18.66 0.73 4.81
CA GLN V 392 19.35 0.54 6.07
C GLN V 392 18.39 0.26 7.22
N ASP V 393 17.10 0.52 7.01
CA ASP V 393 16.10 0.13 7.98
C ASP V 393 15.68 -1.32 7.77
N GLN V 394 15.42 -1.70 6.52
CA GLN V 394 15.01 -3.08 6.24
C GLN V 394 16.10 -4.08 6.61
N ILE V 395 17.38 -3.72 6.45
CA ILE V 395 18.44 -4.66 6.79
C ILE V 395 18.42 -4.98 8.28
N LEU V 396 18.29 -3.96 9.12
CA LEU V 396 18.17 -4.19 10.56
C LEU V 396 16.88 -4.92 10.89
N ASN V 397 15.79 -4.58 10.20
CA ASN V 397 14.51 -5.22 10.46
C ASN V 397 14.59 -6.73 10.24
N THR V 398 15.19 -7.14 9.13
CA THR V 398 15.34 -8.57 8.88
C THR V 398 16.44 -9.19 9.72
N LEU V 399 17.37 -8.39 10.24
CA LEU V 399 18.43 -8.95 11.09
C LEU V 399 17.91 -9.26 12.49
N VAL V 400 17.04 -8.42 13.04
CA VAL V 400 16.70 -8.51 14.46
C VAL V 400 15.63 -9.55 14.78
N ASN V 401 14.88 -10.03 13.80
CA ASN V 401 13.78 -10.95 14.07
C ASN V 401 14.05 -12.36 13.59
N LEU V 402 15.32 -12.74 13.43
CA LEU V 402 15.65 -14.10 13.02
C LEU V 402 15.68 -15.03 14.22
#